data_7Z31
#
_entry.id   7Z31
#
_cell.length_a   1.00
_cell.length_b   1.00
_cell.length_c   1.00
_cell.angle_alpha   90.00
_cell.angle_beta   90.00
_cell.angle_gamma   90.00
#
_symmetry.space_group_name_H-M   'P 1'
#
loop_
_entity.id
_entity.type
_entity.pdbx_description
1 polymer 'DNA-directed RNA polymerase III subunit RPC1'
2 polymer 'DNA-directed RNA polymerase III subunit RPC2'
3 polymer 'DNA-directed RNA polymerases I and III subunit RPAC1'
4 polymer 'DNA-directed RNA polymerase III subunit RPC9'
5 polymer 'DNA-directed RNA polymerases I, II, and III subunit RPABC1'
6 polymer 'DNA-directed RNA polymerases I, II, and III subunit RPABC2'
7 polymer 'DNA-directed RNA polymerase III subunit RPC8'
8 polymer 'DNA-directed RNA polymerases I, II, and III subunit RPABC3'
9 polymer 'DNA-directed RNA polymerase III subunit RPC10'
10 polymer 'DNA-directed RNA polymerases I, II, and III subunit RPABC5'
11 polymer 'DNA-directed RNA polymerases I and III subunit RPAC2'
12 polymer 'DNA-directed RNA polymerases I, II, and III subunit RPABC4'
13 polymer 'DNA-directed RNA polymerase III subunit RPC5'
14 polymer 'DNA-directed RNA polymerase III subunit RPC4'
15 polymer 'DNA-directed RNA polymerase III subunit RPC3'
16 polymer 'DNA-directed RNA polymerase III subunit RPC6'
17 polymer 'DNA-directed RNA polymerase III subunit RPC7'
18 polymer Integrase
19 polymer 'Unknown RNA polymerase III chain'
20 non-polymer 'ZINC ION'
21 non-polymer 'MAGNESIUM ION'
22 water water
#
loop_
_entity_poly.entity_id
_entity_poly.type
_entity_poly.pdbx_seq_one_letter_code
_entity_poly.pdbx_strand_id
1 'polypeptide(L)'
;MKEVVVSETPKRIKGLEFSALSAADIVAQSEVEVSTRDLFDLEKDRAPKANGALDPKMGVSSSSLECATCHGNLASCHGH
FGHLKLALPVFHIGYFKATIQILQGICKNCSAILLSETDKRQFLHELRRPGVDNLRRMGILKKILDQCKKQRRCLHCGAL
NGVVKKAAAGAGSAALKIIHDTFRWVGKKSAPEKDIWVGEWKEVLAHNPELERYVKRCMDDLNPLKTLNLFKQIKSADCE
LLGIDATVPSGRPETYIWRYLPAPPVCIRPSVMMQDSPASNEDDLTVKLTEIVWTSSLIKAGLDKGISINNMMEHWDYLQ
LTVAMYINSDSVNPAMLPGSSNGGGKVKPIRGFCQRLKGKQGRFRGNLSGKRVDFSGRTVISPDPNLSIDEVAVPDRVAK
VLTYPEKVTRYNRHKLQELIVNGPNVHPGANYLLKRNEDARRNLRYGDRMKLAKNLQIGDVVERHLEDGDVVLFNRQPSL
HRLSILSHYAKIRPWRTFRLNECVCTPYNADFDGDEMNLHVPQTEEARAEAINLMGVKNNLLTPKSGEPIIAATQDFITG
SYLISHKDSFYDRATLTQLLSMMSDGIEHFDIPPPAIMKPYYLWTGKQVFSLLIKPNHNSPVVINLDAKNKVFVPPKSKS
LPNEMSQNDGFVIIRGSQILSGVMDKSVLGDGKKHSVFYTILRDYGPQEAANAMNRMAKLCARFLGNRGFSIGINDVTPA
DDLKQKKEELVEIAYHKCDELITLFNKGELETQPGCNEEQTLEAKIGGLLSKVREEVGDVCINELDNWNAPLIMATCGSK
GSTLNVSQMVAVVGQQIISGNRVPDGFQDRSLPHFPKNSKTPQSKGFVRNSFFSGLSPPEFLFHAISGREGLVDTAVKTA
ETGYMSRRLMKSLEDLSCQYDNTVRTSANGIVQFTYGGDGLDPLEMEGNAQPVNFNRSWDHAYNITFNNQDKGLLPYAIM
ETANEILGPLEERLVRYDNSGCLVKREDLNKAEYVDQYDAERDFYHSLREYINGKATALANLRKSRGMLGLLEPPAKELQ
GIDPDETVPDNVKTSVSQLYRISEKSVRKFLEIALFKYRKARLEPGTAIGAIGAQSIGEPGTQMTLKTFHFAGVASMNVT
LGVPRIKEIINASKVISTPIINAVLVNDNDERAARVVKGRVEKTLLSDVAFYVQDVYKDNLSFIQVRIDLGTIDKLQLEL
TIEDIAVAITRASKLKIQASDVNIIGKDRIAINVFPEGYKAKSISTSAKEPSENDVFYRMQQLRRALPDVVVKGLPDISR
AVINIRDDGKRELLVEGYGLRDVMCTDGVIGSRTTTNHVLEVFSVLGIEAARYSIIREINYTMSNHGMSVDPRHIQLLGD
VMTYKGEVLGITRFGLSKMRDSVLQLASFEKTTDHLFDAAFYMKKDAVEGVSECIILGQTMSIGTGSFKVVKGTNISEKD
LVPKRCLFESLSNEAALKAN
;
A
2 'polypeptide(L)'
;MVAATKRRKTHIHKHVKDEAFDDLLKPVYKGKKLTDEINTAQDKWHLLPAFLKVKGLVKQHLDSFNYFVDTDLKKIIKAN
QLILSDVDPEFYLKYVDIRVGKKSSSSTKDYLTPPHECRLRDMTYSAPIYVDIEYTRGRNIIMHKDVEIGRMPIMLRSNK
CILYDADESKMAKLNECPLDPGGYFIVNGTEKVILVQEQLSKNRIIVEADEKKGIVQASVTSSTHERKSKTYVITKNGKI
YLKHNSIAEEIPIAIVLKACGILSDLEIMQLVCGNDSSYQDIFAVNLEESSKLDIYTQQQALEYIGAKVKTMRRQKLTIL
QEGIEAIATTVIAHLTVEALDFREKALYIAMMTRRVVMAMYNPKMIDDRDYVGNKRLELAGQLISLLFEDLFKKFNNDFK
LSIDKVLKKPNRAMEYDALLSINVHSNNITSGLNRAISTGNWSLKRFKMERAGVTHVLSRLSYISALGMMTRISSQFEKS
RKVSGPRALQPSQFGMLCTADTPEGEACGLVKNLALMTHITTDDEEEPIKKLCYVLGVEDITLIDSASLHLNYGVYLNGT
LIGSIRFPTKFVTQFRHLRRTGKVSEFISIYSNSHQMAVHIATDGGRICRPLIIVSDGQSRVKDIHLRKLLDGELDFDDF
LKLGLVEYLDVNEENDSYIALYEKDIVPSMTHLEIEPFTILGAVAGLIPYPHHNQSPRNTYQCAMGKQAIGAIAYNQFKR
IDTLLYLMTYPQQPMVKTKTIELIDYDKLPAGQNATVAVMSYSGYDIEDALVLNKSSIDRGFGRCETRRKTTTVLKRYAN
HTQDIIGGMRVDENGDPIWQHQSLGPDGLGEVGMKVQSGQIYINKSVPTNSADAPNPNNVNVQTQYREAPVIYRGPEPSH
IDQVMMSVSDNDQALIKVLLRQNRRPELGDKFSSRHGQKGVCGIIVKQEDMPFNDQGIVPDIIMNPHGFPSRMTVGKMIE
LISGKAGVLNGTLEYGTCFGGSKLEDMSKILVDQGFNYSGKDMLYSGITGECLQAYIFFGPIYYQKLKHMVLDKMHARAR
GPRAVLTRQPTEGRSRDGGLRLGEMERDCVIAYGASQLLLERLMISSDAFEVDVCDKCGLMGYSGWCTTCKSAENIIKMT
IPYAAKLLFQELLSMNIAPRLRLEDIFQQ
;
B
3 'polypeptide(L)'
;MSNIVGIEYNRVTNTTSTDFPGFSKDAENEWNVEKFKKDFEVNISSLDAREANFDLINIDTSIANAFRRIMISEVPSVAA
EYVYFFNNTSVIQDEVLAHRIGLVPLKVDPDMLTWVDSNLPDDEKFTDENTIVLSLNVKCTRNPDAPKGSTDPKELYNNA
HVYARDLKFEPQGRQSTTFADCPVVPADPDILLAKLRPGQEISLKAHCILGIGGDHAKFSPVSTASYRLLPQINILQPIK
GESARRFQKCFPPGVIGIDEGSDEAYVKDARKDTVSREVLRYEEFADKVKLGRVRNHFIFNVESAGAMTPEEIFFKSVRI
LKNKAEYLKNCPITQ
;
C
4 'polypeptide(L)'
;MKVLEERNAFLSDYEVLKFLTDLEKKHLWDQKSLAALKKSRSKGKQNRPYNHPELQGITRNVVNYLSINKNFINQEDEGE
ERESSGAKDAEKSGISKMSDESFAELMTKLNSFKLFKAEKLQIVNQLPANMVHLYSIVEECDARFDEKTIEEMLEIISGY
A
;
D
5 'polypeptide(L)'
;MDQENERNISRLWRAFRTVKEMVKDRGYFITQEEVELPLEDFKAKYCDSMGRPQRKMMSFQANPTEESISKFPDMGSLWV
EFCDEPSVGVKTMKTFVIHIQEKNFQTGIFVYQNNITPSAMKLVPSIPPATIETFNEAALVVNITHHELVPKHIRLSSDE
KRELLKRYRLKESQLPRIQRADPVALYLGLKRGEVVKIIRKSETSGRYASYRICM
;
E
6 'polypeptide(L)'
;MSDYEEAFNDGNENFEDFDVEHFSDEETYEEKPQFKDGETTDANGKTIVTGGNGPEDFQQHEQIRRKTLKEKAIPKDQRA
TTPYMTKYERARILGTRALQISMNAPVFVDLEGETDPLRIAMKELAEKKIPLVIRRYLPDGSFEDWSVEELIVDL
;
F
7 'polypeptide(L)'
;MFILSKIADLVRIPPDQFHRDTISAITHQLNNKFANKIIPNVGLCITIYDLLTVEEGQLKPGDGSSYINVTFRAVVFKPF
LGEIVTGWISKCTAEGIKVSLLGIFDDIFIPQNMLFEGCYYTPEESAWIWPMDEETKLYFDVNEKIRFRIEREVFVDVKP
KSPKERELEERAQLENEIEGKNEETPQNEKPPAYALLGSCQTDGMGLVSWWE
;
G
8 'polypeptide(L)'
;MSNTLFDDIFQVSEVDPGRYNKVCRIEAASTTQDQCKLTLDINVELFPVAAQDSLTVTIASSLNLEDTPANDSSATRSWR
PPQAGDRSLADDYDYVMYGTAYKFEEVSKDLIAVYYSFGGLLMRLEGNYRNLNNLKQENAYLLIRR
;
H
9 'polypeptide(L)'
;MLSFCPSCNNMLLITSGDSGVYTLACRSCPYEFPIEGIEIYDRKKLPRKEVDDVLGGGWDNVDQTKTQCPNYDTCGGESA
YFFQLQIRSADEPMTTFYKCVNCGHRWKEN
;
I
10 'polypeptide(L)' MIVPVRCFSCGKVVGDKWESYLNLLQEDELDEGTALSRLGLKRYCCRRMILTHVDLIEKFLRYNPLEKRD J
11 'polypeptide(L)'
;MTEDIEQKKTATEVTPQEPKHIQEEEEQDVDMTGDEEQEEEPDREKIKLLTQATSEDGTSASFQIVEEDHTLGNALRYVI
MKNPDVEFCGYSIPHPSENLLNIRIQTYGETTAVDALQKGLKDLMDLCDVVESKFTEKIKSM
;
K
12 'polypeptide(L)'
;(UNK)(UNK)(UNK)(UNK)(UNK)(UNK)(UNK)(UNK)(UNK)(UNK)(UNK)(UNK)(UNK)(UNK)(UNK)(UNK)
(UNK)(UNK)(UNK)(UNK)(UNK)(UNK)(UNK)(UNK)(UNK)(UNK)LKYICAECSSKLSLSRTDAVRCKDCGHRIL
LKARTKRLVQFEAR
;
L
13 'polypeptide(L)'
;MSIDNKLFVTEEDEEDRTQDRADVEDESNDIDMIADENGTNSAIANEQEEKSEEVKAEDDTGEEEEDDPVIEEFPLKISG
EEESLHVFQYANRPRLVGRKPAEHPFISAARYKPKSHLWEIDIPLDEQAFYNKDKAESEWNGVNVQTLKGVGVENNGQYA
AFVKDMQVYLVPIERVAQLKPFFKYIDDANVTRKQEDARRNPNPSSQRAQVVTMSVKSVNDPSQNRLTGSLLAHKVADEE
ANIELTWAEGTFEQFKDTIVKEAEDKTLVALEKQEDYIDNLV
;
M
14 'polypeptide(L)'
;(UNK)(UNK)(UNK)(UNK)(UNK)(UNK)(UNK)(UNK)(UNK)(UNK)(UNK)(UNK)(UNK)(UNK)(UNK)(UNK)
(UNK)(UNK)(UNK)(UNK)(UNK)(UNK)(UNK)(UNK)(UNK)(UNK)(UNK)(UNK)(UNK)(UNK)(UNK)(UNK)
(UNK)(UNK)(UNK)(UNK)(UNK)(UNK)(UNK)(UNK)(UNK)(UNK)(UNK)(UNK)(UNK)(UNK)(UNK)(UNK)
(UNK)(UNK)(UNK)(UNK)(UNK)(UNK)(UNK)(UNK)(UNK)(UNK)(UNK)(UNK)(UNK)(UNK)(UNK)(UNK)
(UNK)(UNK)(UNK)(UNK)(UNK)(UNK)(UNK)(UNK)(UNK)(UNK)(UNK)(UNK)(UNK)(UNK)(UNK)(UNK)
(UNK)(UNK)(UNK)(UNK)(UNK)(UNK)(UNK)(UNK)(UNK)(UNK)(UNK)(UNK)(UNK)(UNK)(UNK)(UNK)
(UNK)(UNK)(UNK)(UNK)(UNK)(UNK)(UNK)(UNK)(UNK)(UNK)(UNK)(UNK)(UNK)(UNK)(UNK)(UNK)
(UNK)(UNK)(UNK)(UNK)(UNK)(UNK)(UNK)(UNK)(UNK)(UNK)(UNK)(UNK)(UNK)(UNK)(UNK)(UNK)
(UNK)(UNK)(UNK)(UNK)(UNK)(UNK)(UNK)(UNK)(UNK)(UNK)(UNK)(UNK)(UNK)(UNK)(UNK)(UNK)
(UNK)(UNK)(UNK)(UNK)(UNK)(UNK)(UNK)(UNK)(UNK)(UNK)(UNK)(UNK)(UNK)(UNK)(UNK)(UNK)
(UNK)(UNK)(UNK)(UNK)(UNK)(UNK)(UNK)(UNK)(UNK)(UNK)(UNK)(UNK)(UNK)(UNK)(UNK)(UNK)
(UNK)(UNK)(UNK)(UNK)(UNK)(UNK)(UNK)(UNK)(UNK)(UNK)(UNK)(UNK)(UNK)(UNK)(UNK)(UNK)
(UNK)(UNK)RIEQLFPVRPVRVRHEDVETVKREIQEALSEKPTREPTPSVKTEPVGTGLQSYLEERERQVNEKLADLGL
EKEFQSVDGKEAAAELELLNADHQHILRKLKKMNNKPERFMVFQLPTRLPAFERPAVKEEKEDMETQASDPSKKKKNIKK
KDTKDALSTRELAGKVGSIRVHKSGKLSVKIGNVVMDIGKGAETTFLQDVIALSIADDASSAELLGRVDGKIVVTPQI
;
N
15 'polypeptide(L)'
;MDELLGEALSAENQTGESTVESEKLVTPEDVMTISSLEQRTLNPDLFLYKELVKAHLGERAASVIGMLVALGRLSVRELV
EKIDGMDVDSVKTTLVSLTQLRCVKYLQETAISGKKTTYYYYNEEGIHILLYSGLIIDEIITQMRVNDEEEHKQLVAEIV
QNVISLGSLTVEDYLSSVTSDSMKYTISSLFVQLCEMGYLIQISKLHYTPIEDLWQFLYEKHYKNIPRNSPLSDLKKRSQ
AKMNAKTDFAKIINKPNELSQILTVDPKTSLRIVKPTVSLTINLDRFMKGRRSKQLINLAKTRVGSVTAQVYKIALRLTE
QKSPKIRDPLTQTGLLQDLEEAKSFQDEAELVEEKTPGLTFNAIDLARHLPAELDLRGSLLSRKPSDNKKRSGSNAAASL
PSKKLKTEDGFVIPALPAAVSKSLQESGDTQEEDEEEEDLDADTEDPHSASLINSHLKILASSNFPFLNETKPGVYYVPY
SKLMPVLKSSVYEYVIASTLGPSAMRLSRCIRDNKLVSEKIINSTALMKEKDIRSTLASLIRYNSVEIQEVPRTADRSAS
RAVFLFRCKETHSYNFMRQNLEWNMANLLFKKEKLKQENSTLLKKANRDDVKGRENELLLPSELNQLKMVNERELNVFAR
LSRLLSLWEVFQMA
;
O
16 'polypeptide(L)'
;MSGMIENGLQLSDNAKTLHSQMMSKGIGALFTQQELQKQMGIGSLTDLMSIVQELLDKNLIKLVKQNDELKFQGVLESEA
QKKATMSAEEALVYSYIEASGREGIWSKTIKARTNLHQHVVLKCLKSLESQRYVKSVKSVKFPTRKIYMLYSLQPSVDIT
GGPWFTDGELDIEFINSLLTIVWRFISENTFPNGFKNFENGPKKNVFYAPNVKNYSTTQEILEFITAAQVANVELTPSNI
RSLCEVLVYDDKLEKVTHDCYRVTLESILQMNQGEGEPEAGNKALEDEEEFSIFNYFKMFPASKHDKEVVYFDEWTI
;
P
17 'polypeptide(L)'
;MSSYRGGSRGGGSNYMSNLPFGLGYGDVGKNHITEFPSIPLPINGPITNKERSLAVKYINFGKTVKDGPFYTGSMSLIID
QQENSKSGKRKPNIILDEDDTNDGIERYSDKYLKKRKIGISIDDHPYNLNLFPNELYNVMGINKKKLLAISKFNNADDVF
TGTGLQDENIGLSMLAKLKELAEDVDDASTGDGAAKGSKTGEGEDDDLADDDFEEDEDEEDDDDYNAEKYFNNGDDDDYG
DEEDPNEEAAF(UNK)(UNK)(UNK)(UNK)(UNK)(UNK)(UNK)(UNK)(UNK)(UNK)(UNK)(UNK)(UNK)
(UNK)(UNK)(UNK)(UNK)
;
Q
18 'polypeptide(L)'
;NVHTSESTRKYPYPFIHRMLAHANAQTIRYSLKNNTITYFNESDVDWSSAIDYQCPDCLIGKSTKHRHIKGSRLKYQNSY
EPFQYLHTDIFGPVHNLPNSAPSYFISFTDETTKFRWVYPLHDRREDSILDVFTTILAFIKNQFQASVLVIQMDRGSEYT
NRTLHKFLEKNGITPCYTTTADSRAHGVAERLNRTLLDDCRTQLQCSGLPNHLWFSAIEFSTIVRNSLASPKSKKSARQH
AGLAGLDISTLLPFGQPVIVNDHNPNSKIHPRGIPGYALHPSRNSYGYIIYLPSLKKTVDTTNYVILQGKESRLDQFNYD
ALTFDEDLNRLTASYHSFIASNEIQESNDLNIESDHDFQSDIELHPEQPRNVLSKAVSPTDSTPPSTHTEDSKRVSKTNI
RAPREVDPNISESNILPSKKRSSTPQISNIESTGSGGMHKLNVPLLAPMSQSNTHESSHASKSKDFRHSDSYSENETNHT
NVPISSTGGTNNKTVPQISDQETEKRIIHRSPSIDASPPENNSSHNIVPIKTPTTVSEQNTEESIIADLPLPDLPPESPT
EFPDPFKELPPINSRQTNSSLGGIGDSNAYTTINSKKRSLEDNETEIKVSRDTWNTKNMRSLEPPRSKKRIHLIA
;
W
19 'polypeptide(L)' (UNK)(UNK)(UNK)(UNK)(UNK)(UNK)(UNK)(UNK)(UNK)(UNK)(UNK)(UNK)(UNK) X
#
loop_
_chem_comp.id
_chem_comp.type
_chem_comp.name
_chem_comp.formula
MG non-polymer 'MAGNESIUM ION' 'Mg 2'
ZN non-polymer 'ZINC ION' 'Zn 2'
#
# COMPACT_ATOMS: atom_id res chain seq x y z
N LYS A 2 56.54 18.52 3.87
CA LYS A 2 55.60 17.43 3.62
C LYS A 2 54.17 17.97 3.57
N GLU A 3 53.26 17.28 4.26
CA GLU A 3 51.87 17.70 4.48
C GLU A 3 51.24 18.32 3.23
N VAL A 4 51.17 17.51 2.17
CA VAL A 4 50.46 17.94 0.97
C VAL A 4 49.02 18.30 1.33
N VAL A 5 48.45 19.25 0.58
CA VAL A 5 47.17 19.85 0.94
C VAL A 5 46.04 18.85 0.77
N VAL A 6 45.22 18.69 1.80
CA VAL A 6 44.02 17.87 1.76
C VAL A 6 42.83 18.80 1.51
N SER A 7 42.03 18.46 0.51
CA SER A 7 40.91 19.30 0.09
C SER A 7 39.62 18.49 0.15
N GLU A 8 38.54 19.14 0.58
CA GLU A 8 37.21 18.54 0.60
C GLU A 8 36.23 19.49 -0.06
N THR A 9 35.26 18.93 -0.77
CA THR A 9 34.26 19.71 -1.48
C THR A 9 32.88 19.22 -1.08
N PRO A 10 31.95 20.10 -0.72
CA PRO A 10 30.58 19.66 -0.44
C PRO A 10 29.87 19.27 -1.72
N LYS A 11 29.41 18.03 -1.78
CA LYS A 11 28.79 17.48 -2.98
C LYS A 11 27.43 16.89 -2.64
N ARG A 12 26.53 16.99 -3.61
CA ARG A 12 25.21 16.36 -3.53
C ARG A 12 25.09 15.31 -4.61
N ILE A 13 24.22 14.33 -4.35
CA ILE A 13 23.89 13.34 -5.37
C ILE A 13 23.15 14.03 -6.50
N LYS A 14 23.69 13.94 -7.70
CA LYS A 14 23.11 14.58 -8.88
C LYS A 14 22.16 13.63 -9.63
N GLY A 15 22.50 12.36 -9.69
CA GLY A 15 21.66 11.39 -10.37
C GLY A 15 22.20 9.99 -10.15
N LEU A 16 21.51 9.03 -10.77
CA LEU A 16 21.90 7.62 -10.70
C LEU A 16 22.05 7.06 -12.10
N GLU A 17 23.16 6.38 -12.35
CA GLU A 17 23.37 5.60 -13.56
C GLU A 17 23.11 4.14 -13.22
N PHE A 18 21.96 3.63 -13.62
CA PHE A 18 21.67 2.22 -13.43
C PHE A 18 22.30 1.39 -14.54
N SER A 19 22.87 0.25 -14.17
CA SER A 19 23.43 -0.68 -15.13
C SER A 19 23.65 -2.01 -14.42
N ALA A 20 24.00 -3.03 -15.19
CA ALA A 20 24.38 -4.31 -14.63
C ALA A 20 25.89 -4.37 -14.50
N LEU A 21 26.36 -4.98 -13.42
CA LEU A 21 27.79 -5.12 -13.21
C LEU A 21 28.35 -6.16 -14.18
N SER A 22 29.43 -5.82 -14.85
CA SER A 22 30.10 -6.79 -15.71
C SER A 22 30.73 -7.88 -14.84
N ALA A 23 31.26 -8.91 -15.49
CA ALA A 23 31.98 -9.94 -14.75
C ALA A 23 33.16 -9.34 -14.00
N ALA A 24 33.90 -8.45 -14.66
CA ALA A 24 35.06 -7.85 -14.03
C ALA A 24 34.70 -7.05 -12.80
N ASP A 25 33.60 -6.28 -12.88
CA ASP A 25 33.22 -5.42 -11.76
C ASP A 25 32.77 -6.23 -10.54
N ILE A 26 32.13 -7.39 -10.77
CA ILE A 26 31.70 -8.22 -9.67
C ILE A 26 32.89 -8.73 -8.86
N VAL A 27 33.95 -9.15 -9.54
CA VAL A 27 35.16 -9.56 -8.84
C VAL A 27 35.86 -8.35 -8.23
N ALA A 28 35.86 -7.22 -8.95
CA ALA A 28 36.61 -6.05 -8.50
C ALA A 28 36.04 -5.48 -7.21
N GLN A 29 34.71 -5.41 -7.10
CA GLN A 29 34.12 -4.90 -5.87
C GLN A 29 34.28 -5.89 -4.72
N SER A 30 34.26 -7.18 -5.02
CA SER A 30 34.38 -8.20 -3.99
C SER A 30 35.77 -8.16 -3.37
N GLU A 31 35.83 -8.54 -2.10
CA GLU A 31 37.08 -8.55 -1.36
C GLU A 31 37.52 -9.94 -0.94
N VAL A 32 36.65 -10.95 -1.01
CA VAL A 32 37.04 -12.32 -0.75
C VAL A 32 36.12 -13.22 -1.58
N GLU A 33 36.62 -14.41 -1.90
CA GLU A 33 35.95 -15.32 -2.80
C GLU A 33 35.24 -16.40 -2.01
N VAL A 34 33.92 -16.47 -2.15
CA VAL A 34 33.11 -17.50 -1.53
C VAL A 34 33.12 -18.69 -2.49
N SER A 35 33.77 -19.78 -2.08
CA SER A 35 33.89 -20.96 -2.90
C SER A 35 33.54 -22.26 -2.19
N THR A 36 33.59 -22.29 -0.86
CA THR A 36 33.30 -23.49 -0.10
C THR A 36 31.86 -23.46 0.38
N ARG A 37 31.26 -24.64 0.52
CA ARG A 37 29.91 -24.75 1.05
C ARG A 37 29.86 -24.64 2.57
N ASP A 38 31.01 -24.56 3.23
CA ASP A 38 31.08 -24.51 4.69
C ASP A 38 31.09 -23.07 5.17
N LEU A 39 30.49 -22.85 6.34
CA LEU A 39 30.61 -21.61 7.08
C LEU A 39 31.28 -21.84 8.43
N PHE A 40 30.83 -22.85 9.17
CA PHE A 40 31.45 -23.28 10.41
C PHE A 40 31.96 -24.70 10.27
N ASP A 41 33.09 -24.98 10.92
CA ASP A 41 33.61 -26.33 11.02
C ASP A 41 33.83 -26.67 12.48
N LEU A 42 33.66 -27.95 12.82
CA LEU A 42 33.97 -28.42 14.17
C LEU A 42 35.46 -28.26 14.45
N GLU A 43 36.31 -28.56 13.45
CA GLU A 43 37.75 -28.49 13.65
C GLU A 43 38.23 -27.08 13.94
N LYS A 44 37.41 -26.07 13.66
CA LYS A 44 37.72 -24.70 14.02
C LYS A 44 36.81 -24.15 15.11
N ASP A 45 36.13 -25.04 15.85
CA ASP A 45 35.31 -24.67 17.01
C ASP A 45 34.25 -23.62 16.63
N ARG A 46 33.58 -23.85 15.50
CA ARG A 46 32.52 -22.97 15.02
C ARG A 46 33.00 -21.53 14.93
N ALA A 47 34.23 -21.34 14.45
CA ALA A 47 34.78 -20.02 14.21
C ALA A 47 34.89 -19.79 12.71
N PRO A 48 34.11 -18.88 12.15
CA PRO A 48 34.18 -18.67 10.69
C PRO A 48 35.57 -18.25 10.25
N LYS A 49 36.00 -18.80 9.13
CA LYS A 49 37.34 -18.54 8.59
C LYS A 49 37.23 -18.15 7.13
N ALA A 50 38.38 -18.10 6.44
CA ALA A 50 38.40 -17.62 5.07
C ALA A 50 37.63 -18.54 4.13
N ASN A 51 37.13 -17.94 3.04
CA ASN A 51 36.51 -18.59 1.88
C ASN A 51 35.16 -19.22 2.16
N GLY A 52 34.64 -19.15 3.39
CA GLY A 52 33.30 -19.65 3.65
C GLY A 52 32.23 -18.64 3.31
N ALA A 53 30.97 -19.09 3.40
CA ALA A 53 29.85 -18.18 3.14
C ALA A 53 29.78 -17.07 4.18
N LEU A 54 29.97 -17.41 5.46
CA LEU A 54 30.00 -16.43 6.54
C LEU A 54 31.38 -15.87 6.76
N ASP A 55 32.18 -15.79 5.71
CA ASP A 55 33.54 -15.31 5.82
C ASP A 55 33.53 -13.92 6.46
N PRO A 56 34.30 -13.70 7.53
CA PRO A 56 34.29 -12.38 8.16
C PRO A 56 34.77 -11.27 7.24
N LYS A 57 35.54 -11.61 6.21
CA LYS A 57 36.08 -10.61 5.30
C LYS A 57 35.01 -9.92 4.49
N MET A 58 33.78 -10.43 4.51
CA MET A 58 32.63 -9.77 3.92
C MET A 58 31.74 -9.10 4.95
N GLY A 59 32.20 -9.01 6.20
CA GLY A 59 31.45 -8.40 7.28
C GLY A 59 31.37 -9.29 8.50
N VAL A 60 30.81 -8.72 9.56
CA VAL A 60 30.63 -9.41 10.83
C VAL A 60 29.17 -9.27 11.26
N SER A 61 28.72 -10.20 12.09
CA SER A 61 27.34 -10.22 12.58
C SER A 61 27.19 -9.73 14.01
N SER A 62 28.28 -9.32 14.67
CA SER A 62 28.19 -8.84 16.04
C SER A 62 29.38 -7.95 16.34
N SER A 63 29.26 -7.17 17.42
CA SER A 63 30.31 -6.21 17.79
C SER A 63 31.54 -6.90 18.37
N SER A 64 31.45 -8.20 18.66
CA SER A 64 32.52 -8.93 19.32
C SER A 64 33.58 -9.41 18.34
N LEU A 65 33.36 -9.22 17.05
CA LEU A 65 34.20 -9.80 16.01
C LEU A 65 35.01 -8.73 15.30
N GLU A 66 35.73 -9.17 14.27
CA GLU A 66 36.51 -8.28 13.40
C GLU A 66 36.19 -8.62 11.96
N CYS A 67 35.97 -7.59 11.14
CA CYS A 67 35.74 -7.83 9.72
C CYS A 67 36.98 -8.40 9.06
N ALA A 68 38.15 -7.90 9.42
CA ALA A 68 39.46 -8.21 8.85
C ALA A 68 39.59 -7.65 7.44
N THR A 69 38.54 -7.05 6.89
CA THR A 69 38.65 -6.19 5.72
C THR A 69 38.79 -4.73 6.14
N CYS A 70 37.97 -4.30 7.09
CA CYS A 70 38.11 -2.99 7.71
C CYS A 70 38.47 -3.08 9.19
N HIS A 71 38.54 -4.29 9.75
CA HIS A 71 38.84 -4.50 11.16
C HIS A 71 37.88 -3.71 12.05
N GLY A 72 36.61 -3.67 11.64
CA GLY A 72 35.61 -2.96 12.39
C GLY A 72 34.52 -3.90 12.87
N ASN A 73 33.83 -3.47 13.91
CA ASN A 73 32.73 -4.22 14.47
C ASN A 73 31.49 -4.08 13.59
N LEU A 74 30.45 -4.84 13.92
CA LEU A 74 29.17 -4.70 13.22
C LEU A 74 28.66 -3.27 13.27
N ALA A 75 28.99 -2.53 14.34
CA ALA A 75 28.51 -1.17 14.49
C ALA A 75 29.14 -0.22 13.48
N SER A 76 30.37 -0.46 13.04
CA SER A 76 31.09 0.46 12.16
C SER A 76 31.54 -0.14 10.84
N CYS A 77 31.31 -1.42 10.61
CA CYS A 77 31.68 -2.01 9.33
C CYS A 77 30.58 -1.72 8.29
N HIS A 78 30.98 -1.17 7.15
CA HIS A 78 30.05 -0.79 6.10
C HIS A 78 29.56 -1.96 5.27
N GLY A 79 30.09 -3.16 5.48
CA GLY A 79 29.71 -4.29 4.65
C GLY A 79 30.61 -4.44 3.44
N HIS A 80 31.00 -5.67 3.13
CA HIS A 80 31.91 -5.94 2.04
C HIS A 80 31.39 -7.11 1.22
N PHE A 81 31.70 -7.09 -0.07
CA PHE A 81 31.10 -8.02 -1.01
C PHE A 81 31.96 -9.26 -1.23
N GLY A 82 31.29 -10.38 -1.47
CA GLY A 82 31.92 -11.57 -1.98
C GLY A 82 31.55 -11.74 -3.44
N HIS A 83 32.08 -12.81 -4.04
CA HIS A 83 31.73 -13.19 -5.40
C HIS A 83 31.71 -14.70 -5.52
N LEU A 84 30.96 -15.20 -6.49
CA LEU A 84 30.89 -16.62 -6.79
C LEU A 84 31.41 -16.89 -8.19
N LYS A 85 32.26 -17.91 -8.31
CA LYS A 85 32.63 -18.47 -9.60
C LYS A 85 31.59 -19.54 -9.96
N LEU A 86 30.97 -19.40 -11.12
CA LEU A 86 29.99 -20.38 -11.60
C LEU A 86 30.54 -21.08 -12.83
N ALA A 87 30.66 -22.40 -12.75
CA ALA A 87 30.86 -23.22 -13.94
C ALA A 87 29.51 -23.50 -14.60
N LEU A 88 29.52 -23.58 -15.93
CA LEU A 88 28.31 -23.75 -16.70
C LEU A 88 27.32 -22.65 -16.31
N PRO A 89 27.53 -21.43 -16.78
CA PRO A 89 26.78 -20.26 -16.29
C PRO A 89 25.28 -20.42 -16.46
N VAL A 90 24.55 -19.43 -15.93
CA VAL A 90 23.10 -19.50 -15.77
C VAL A 90 22.46 -18.26 -16.36
N PHE A 91 21.14 -18.33 -16.55
CA PHE A 91 20.35 -17.17 -16.95
C PHE A 91 20.10 -16.27 -15.75
N HIS A 92 19.44 -15.14 -16.02
CA HIS A 92 19.10 -14.15 -15.00
C HIS A 92 17.59 -13.95 -14.98
N ILE A 93 17.00 -14.07 -13.78
CA ILE A 93 15.56 -14.01 -13.63
C ILE A 93 15.05 -12.59 -13.85
N GLY A 94 15.78 -11.59 -13.32
CA GLY A 94 15.35 -10.22 -13.46
C GLY A 94 15.31 -9.76 -14.90
N TYR A 95 16.30 -10.17 -15.70
CA TYR A 95 16.40 -9.77 -17.10
C TYR A 95 15.98 -10.89 -18.05
N PHE A 96 14.98 -11.69 -17.68
CA PHE A 96 14.53 -12.76 -18.55
C PHE A 96 13.87 -12.20 -19.80
N LYS A 97 12.90 -11.30 -19.64
CA LYS A 97 12.28 -10.66 -20.79
C LYS A 97 13.29 -9.77 -21.52
N ALA A 98 14.27 -9.24 -20.80
CA ALA A 98 15.33 -8.48 -21.46
C ALA A 98 16.10 -9.36 -22.43
N THR A 99 16.55 -10.53 -21.97
CA THR A 99 17.26 -11.47 -22.83
C THR A 99 16.40 -11.90 -24.00
N ILE A 100 15.11 -12.16 -23.72
CA ILE A 100 14.16 -12.48 -24.80
C ILE A 100 14.22 -11.41 -25.87
N GLN A 101 13.86 -10.17 -25.51
CA GLN A 101 13.78 -9.11 -26.51
C GLN A 101 15.10 -8.85 -27.19
N ILE A 102 16.21 -9.10 -26.49
CA ILE A 102 17.53 -9.01 -27.12
C ILE A 102 17.67 -10.06 -28.20
N LEU A 103 17.09 -11.25 -27.98
CA LEU A 103 17.17 -12.31 -29.00
C LEU A 103 16.23 -12.05 -30.18
N GLN A 104 15.08 -11.41 -29.94
CA GLN A 104 14.16 -11.14 -31.04
C GLN A 104 14.72 -10.12 -32.03
N GLY A 105 15.82 -9.46 -31.69
CA GLY A 105 16.44 -8.50 -32.58
C GLY A 105 17.56 -9.01 -33.45
N ILE A 106 18.24 -10.09 -33.04
CA ILE A 106 19.36 -10.62 -33.78
C ILE A 106 19.06 -12.04 -34.20
N CYS A 107 19.42 -12.38 -35.45
CA CYS A 107 19.37 -13.77 -35.88
C CYS A 107 20.41 -14.57 -35.10
N LYS A 108 20.02 -15.77 -34.67
CA LYS A 108 20.87 -16.58 -33.81
C LYS A 108 21.91 -17.38 -34.58
N ASN A 109 21.93 -17.30 -35.91
CA ASN A 109 22.94 -18.01 -36.69
C ASN A 109 24.23 -17.21 -36.79
N CYS A 110 24.16 -16.01 -37.35
CA CYS A 110 25.32 -15.14 -37.50
C CYS A 110 25.45 -14.14 -36.36
N SER A 111 24.45 -14.11 -35.48
CA SER A 111 24.46 -13.14 -34.33
C SER A 111 24.40 -11.71 -34.85
N ALA A 112 23.77 -11.50 -36.02
CA ALA A 112 23.61 -10.12 -36.57
C ALA A 112 22.17 -9.67 -36.33
N ILE A 113 21.95 -8.35 -36.23
CA ILE A 113 20.62 -7.84 -35.92
C ILE A 113 19.66 -8.06 -37.10
N LEU A 114 18.39 -8.33 -36.76
CA LEU A 114 17.34 -8.59 -37.75
C LEU A 114 16.85 -7.29 -38.40
N LEU A 115 17.78 -6.55 -38.98
CA LEU A 115 17.44 -5.34 -39.69
C LEU A 115 18.41 -5.13 -40.84
N SER A 116 17.92 -4.50 -41.90
CA SER A 116 18.78 -4.07 -42.99
C SER A 116 19.73 -2.99 -42.50
N GLU A 117 20.87 -2.89 -43.18
CA GLU A 117 21.85 -1.87 -42.80
C GLU A 117 21.38 -0.45 -43.13
N THR A 118 20.12 -0.29 -43.54
CA THR A 118 19.47 1.00 -43.64
C THR A 118 18.01 0.97 -43.19
N ASP A 119 17.54 -0.10 -42.56
CA ASP A 119 16.12 -0.24 -42.27
C ASP A 119 15.69 0.71 -41.15
N LYS A 120 16.28 0.56 -39.96
CA LYS A 120 15.92 1.38 -38.82
C LYS A 120 17.04 2.32 -38.40
N ARG A 121 18.05 2.54 -39.26
CA ARG A 121 19.02 3.58 -38.97
C ARG A 121 18.36 4.95 -38.97
N GLN A 122 17.26 5.11 -39.72
CA GLN A 122 16.55 6.39 -39.67
C GLN A 122 15.83 6.57 -38.34
N PHE A 123 15.18 5.52 -37.84
CA PHE A 123 14.59 5.61 -36.50
C PHE A 123 15.67 5.76 -35.44
N LEU A 124 16.87 5.24 -35.69
CA LEU A 124 17.99 5.49 -34.80
C LEU A 124 18.39 6.95 -34.83
N HIS A 125 18.40 7.56 -36.02
CA HIS A 125 18.68 8.99 -36.12
C HIS A 125 17.58 9.80 -35.45
N GLU A 126 16.35 9.29 -35.45
CA GLU A 126 15.27 9.93 -34.71
C GLU A 126 15.40 9.66 -33.21
N LEU A 127 16.12 8.62 -32.83
CA LEU A 127 16.26 8.24 -31.42
C LEU A 127 17.21 9.15 -30.67
N ARG A 128 18.04 9.92 -31.37
CA ARG A 128 18.95 10.87 -30.74
C ARG A 128 18.39 12.28 -30.73
N ARG A 129 17.09 12.43 -30.96
CA ARG A 129 16.45 13.73 -30.92
C ARG A 129 16.49 14.27 -29.48
N PRO A 130 16.66 15.58 -29.32
CA PRO A 130 16.62 16.15 -27.97
C PRO A 130 15.29 15.94 -27.26
N GLY A 131 14.20 15.78 -28.00
CA GLY A 131 12.93 15.49 -27.36
C GLY A 131 12.62 14.01 -27.30
N VAL A 132 12.95 13.38 -26.17
CA VAL A 132 12.60 12.00 -25.89
C VAL A 132 12.29 11.89 -24.40
N ASP A 133 11.29 11.09 -24.06
CA ASP A 133 10.99 10.72 -22.69
C ASP A 133 11.05 9.21 -22.55
N ASN A 134 10.66 8.72 -21.37
CA ASN A 134 10.51 7.28 -21.20
C ASN A 134 9.44 6.73 -22.14
N LEU A 135 8.35 7.47 -22.32
CA LEU A 135 7.31 7.04 -23.24
C LEU A 135 7.83 6.93 -24.67
N ARG A 136 8.47 7.99 -25.16
CA ARG A 136 8.97 7.98 -26.53
C ARG A 136 10.05 6.91 -26.71
N ARG A 137 10.91 6.76 -25.71
CA ARG A 137 11.94 5.73 -25.78
C ARG A 137 11.33 4.34 -25.87
N MET A 138 10.38 4.03 -24.98
CA MET A 138 9.72 2.74 -25.01
C MET A 138 8.97 2.54 -26.32
N GLY A 139 8.40 3.62 -26.87
CA GLY A 139 7.70 3.50 -28.14
C GLY A 139 8.62 3.17 -29.30
N ILE A 140 9.77 3.85 -29.38
CA ILE A 140 10.71 3.55 -30.46
C ILE A 140 11.28 2.15 -30.31
N LEU A 141 11.57 1.74 -29.06
CA LEU A 141 12.05 0.39 -28.83
C LEU A 141 10.98 -0.64 -29.18
N LYS A 142 9.72 -0.32 -28.90
CA LYS A 142 8.63 -1.19 -29.32
C LYS A 142 8.56 -1.29 -30.83
N LYS A 143 8.76 -0.16 -31.52
CA LYS A 143 8.74 -0.16 -32.97
C LYS A 143 9.83 -1.05 -33.54
N ILE A 144 11.06 -0.90 -33.07
CA ILE A 144 12.14 -1.70 -33.61
C ILE A 144 11.96 -3.17 -33.25
N LEU A 145 11.45 -3.45 -32.05
CA LEU A 145 11.16 -4.84 -31.69
C LEU A 145 10.11 -5.45 -32.60
N ASP A 146 9.02 -4.72 -32.84
CA ASP A 146 7.96 -5.22 -33.71
C ASP A 146 8.48 -5.45 -35.12
N GLN A 147 9.32 -4.54 -35.62
CA GLN A 147 9.85 -4.68 -36.96
C GLN A 147 10.80 -5.87 -37.07
N CYS A 148 11.72 -6.02 -36.12
CA CYS A 148 12.66 -7.13 -36.19
C CYS A 148 11.97 -8.46 -35.91
N LYS A 149 10.83 -8.44 -35.21
CA LYS A 149 10.03 -9.64 -35.06
C LYS A 149 9.32 -9.98 -36.37
N LYS A 150 8.80 -8.95 -37.05
CA LYS A 150 8.16 -9.14 -38.34
C LYS A 150 9.13 -9.72 -39.36
N GLN A 151 10.34 -9.18 -39.42
CA GLN A 151 11.35 -9.66 -40.37
C GLN A 151 11.67 -11.11 -40.11
N ARG A 152 11.80 -11.89 -41.18
CA ARG A 152 12.09 -13.32 -41.08
C ARG A 152 13.50 -13.69 -41.51
N ARG A 153 14.03 -13.05 -42.55
CA ARG A 153 15.35 -13.39 -43.08
C ARG A 153 16.37 -12.36 -42.61
N CYS A 154 17.41 -12.86 -41.93
CA CYS A 154 18.56 -12.03 -41.61
C CYS A 154 19.29 -11.63 -42.88
N LEU A 155 19.62 -10.35 -43.01
CA LEU A 155 20.26 -9.87 -44.23
C LEU A 155 21.61 -10.54 -44.45
N HIS A 156 22.39 -10.71 -43.39
CA HIS A 156 23.63 -11.45 -43.54
C HIS A 156 23.36 -12.89 -43.98
N CYS A 157 22.50 -13.60 -43.25
CA CYS A 157 22.17 -14.98 -43.60
C CYS A 157 20.77 -15.28 -43.08
N GLY A 158 19.78 -15.20 -43.98
CA GLY A 158 18.39 -15.39 -43.60
C GLY A 158 18.06 -16.81 -43.15
N ALA A 159 17.73 -16.96 -41.86
CA ALA A 159 17.47 -18.27 -41.29
C ALA A 159 16.06 -18.40 -40.73
N LEU A 160 15.12 -17.56 -41.16
CA LEU A 160 13.71 -17.71 -40.82
C LEU A 160 13.49 -17.71 -39.31
N ASN A 161 13.82 -16.57 -38.71
CA ASN A 161 13.53 -16.39 -37.29
C ASN A 161 12.03 -16.30 -37.08
N GLY A 162 11.56 -16.85 -35.96
CA GLY A 162 10.14 -16.86 -35.67
C GLY A 162 9.85 -16.34 -34.27
N VAL A 163 9.17 -17.16 -33.46
CA VAL A 163 8.92 -16.81 -32.07
C VAL A 163 10.04 -17.40 -31.21
N VAL A 164 10.39 -16.70 -30.14
CA VAL A 164 11.47 -17.12 -29.27
C VAL A 164 10.93 -17.28 -27.85
N LYS A 165 9.69 -17.74 -27.75
CA LYS A 165 8.97 -17.80 -26.48
C LYS A 165 9.67 -18.74 -25.49
N LYS A 166 9.18 -18.70 -24.26
CA LYS A 166 9.67 -19.54 -23.18
C LYS A 166 8.79 -20.78 -23.03
N ALA A 167 9.31 -21.75 -22.28
CA ALA A 167 8.60 -23.00 -22.07
C ALA A 167 7.38 -22.78 -21.16
N ALA A 168 6.51 -23.78 -21.15
CA ALA A 168 5.31 -23.74 -20.31
C ALA A 168 5.62 -24.25 -18.90
N ALA A 175 9.79 -25.13 -15.49
CA ALA A 175 10.54 -25.22 -16.73
C ALA A 175 11.67 -24.19 -16.76
N LEU A 176 11.33 -22.98 -17.21
CA LEU A 176 12.26 -21.86 -17.31
C LEU A 176 13.37 -22.13 -18.33
N LYS A 177 12.95 -22.34 -19.59
CA LYS A 177 13.85 -22.37 -20.72
C LYS A 177 13.21 -21.61 -21.88
N ILE A 178 14.05 -21.14 -22.80
CA ILE A 178 13.62 -20.31 -23.93
C ILE A 178 13.75 -21.13 -25.21
N ILE A 179 12.70 -21.11 -26.04
CA ILE A 179 12.66 -21.89 -27.28
C ILE A 179 12.35 -20.98 -28.46
N HIS A 180 13.08 -21.16 -29.54
CA HIS A 180 12.81 -20.45 -30.79
C HIS A 180 12.41 -21.42 -31.87
N ASP A 181 11.32 -21.12 -32.57
CA ASP A 181 10.87 -21.94 -33.68
C ASP A 181 11.73 -21.61 -34.89
N THR A 182 12.72 -22.46 -35.15
CA THR A 182 13.58 -22.27 -36.33
C THR A 182 12.77 -22.40 -37.61
N PHE A 183 11.77 -23.27 -37.61
CA PHE A 183 11.03 -23.65 -38.81
C PHE A 183 9.54 -23.41 -38.61
N ARG A 184 9.20 -22.20 -38.14
CA ARG A 184 7.80 -21.85 -37.96
C ARG A 184 7.12 -21.49 -39.27
N TRP A 185 7.73 -20.62 -40.06
CA TRP A 185 7.08 -20.04 -41.24
C TRP A 185 7.49 -20.75 -42.53
N VAL A 186 7.69 -22.05 -42.49
CA VAL A 186 8.13 -22.81 -43.65
C VAL A 186 7.13 -23.93 -43.92
N GLY A 187 6.52 -23.90 -45.10
CA GLY A 187 5.49 -24.85 -45.46
C GLY A 187 5.11 -24.74 -46.92
N LYS A 188 5.00 -25.88 -47.60
CA LYS A 188 4.82 -25.92 -49.06
C LYS A 188 5.94 -25.18 -49.78
N LYS A 189 7.14 -25.27 -49.21
CA LYS A 189 8.32 -24.60 -49.74
C LYS A 189 9.54 -25.48 -49.47
N SER A 190 10.64 -25.20 -50.19
CA SER A 190 11.85 -25.98 -50.06
C SER A 190 13.02 -25.08 -49.69
N ALA A 191 13.95 -25.64 -48.92
CA ALA A 191 15.14 -24.91 -48.49
C ALA A 191 16.30 -25.90 -48.41
N PRO A 192 17.52 -25.46 -48.70
CA PRO A 192 18.68 -26.35 -48.45
C PRO A 192 18.81 -26.68 -46.98
N GLU A 193 18.55 -25.71 -46.10
CA GLU A 193 18.45 -26.03 -44.68
C GLU A 193 17.34 -27.03 -44.42
N LYS A 194 16.30 -27.04 -45.25
CA LYS A 194 15.17 -27.94 -45.06
C LYS A 194 15.53 -29.37 -45.44
N ASP A 195 16.24 -29.54 -46.56
CA ASP A 195 16.77 -30.87 -46.88
C ASP A 195 17.75 -31.32 -45.81
N ILE A 196 18.55 -30.40 -45.28
CA ILE A 196 19.45 -30.72 -44.18
C ILE A 196 18.67 -31.26 -42.98
N TRP A 197 17.62 -30.53 -42.60
CA TRP A 197 16.80 -30.94 -41.44
C TRP A 197 16.18 -32.31 -41.65
N VAL A 198 15.61 -32.53 -42.84
CA VAL A 198 14.94 -33.80 -43.11
C VAL A 198 15.94 -34.96 -43.05
N GLY A 199 17.11 -34.78 -43.67
CA GLY A 199 18.12 -35.84 -43.64
C GLY A 199 18.64 -36.08 -42.24
N GLU A 200 18.80 -35.00 -41.46
CA GLU A 200 19.28 -35.13 -40.10
C GLU A 200 18.29 -35.93 -39.26
N TRP A 201 17.00 -35.73 -39.48
CA TRP A 201 16.02 -36.54 -38.76
C TRP A 201 15.84 -37.92 -39.37
N LYS A 202 16.34 -38.14 -40.59
CA LYS A 202 16.44 -39.50 -41.11
C LYS A 202 17.59 -40.25 -40.46
N GLU A 203 18.65 -39.54 -40.07
CA GLU A 203 19.77 -40.20 -39.40
C GLU A 203 19.36 -40.74 -38.03
N VAL A 204 18.37 -40.12 -37.40
CA VAL A 204 17.90 -40.57 -36.09
C VAL A 204 16.62 -41.39 -36.18
N LEU A 205 15.74 -41.09 -37.15
CA LEU A 205 14.56 -41.93 -37.34
C LEU A 205 14.90 -43.32 -37.84
N ALA A 206 16.15 -43.56 -38.25
CA ALA A 206 16.62 -44.88 -38.64
C ALA A 206 17.47 -45.55 -37.56
N HIS A 207 17.53 -44.97 -36.36
CA HIS A 207 18.34 -45.53 -35.29
C HIS A 207 17.56 -45.83 -34.01
N ASN A 208 16.31 -45.38 -33.91
CA ASN A 208 15.49 -45.58 -32.72
C ASN A 208 14.07 -45.95 -33.15
N PRO A 209 13.42 -46.88 -32.46
CA PRO A 209 12.06 -47.30 -32.85
C PRO A 209 10.93 -46.57 -32.12
N GLU A 210 11.23 -45.50 -31.38
CA GLU A 210 10.22 -44.83 -30.58
C GLU A 210 10.18 -43.33 -30.74
N LEU A 211 11.26 -42.69 -31.19
CA LEU A 211 11.23 -41.24 -31.40
C LEU A 211 10.34 -40.83 -32.58
N GLU A 212 9.64 -41.78 -33.21
CA GLU A 212 8.80 -41.44 -34.35
C GLU A 212 7.70 -40.46 -33.97
N ARG A 213 7.10 -40.64 -32.80
CA ARG A 213 6.13 -39.67 -32.31
C ARG A 213 6.81 -38.41 -31.78
N TYR A 214 8.01 -38.55 -31.21
CA TYR A 214 8.66 -37.46 -30.48
C TYR A 214 9.48 -36.53 -31.37
N VAL A 215 9.64 -36.81 -32.67
CA VAL A 215 10.32 -35.87 -33.56
C VAL A 215 9.57 -34.55 -33.69
N LYS A 216 8.40 -34.44 -33.09
CA LYS A 216 7.69 -33.18 -33.00
C LYS A 216 8.44 -32.21 -32.08
N ARG A 217 8.13 -30.92 -32.22
CA ARG A 217 8.68 -29.85 -31.39
C ARG A 217 10.20 -29.87 -31.58
N CYS A 218 11.00 -29.89 -30.50
CA CYS A 218 12.45 -29.94 -30.60
C CYS A 218 12.99 -28.83 -31.49
N MET A 219 12.53 -27.61 -31.22
CA MET A 219 12.97 -26.44 -31.96
C MET A 219 14.31 -25.97 -31.40
N ASP A 220 14.79 -24.83 -31.85
CA ASP A 220 16.09 -24.31 -31.41
C ASP A 220 15.96 -23.82 -29.97
N ASP A 221 16.33 -24.66 -29.02
CA ASP A 221 16.24 -24.29 -27.61
C ASP A 221 17.45 -23.47 -27.21
N LEU A 222 17.23 -22.45 -26.38
CA LEU A 222 18.26 -21.50 -25.98
C LEU A 222 18.54 -21.67 -24.49
N ASN A 223 19.65 -22.31 -24.17
CA ASN A 223 20.08 -22.48 -22.79
C ASN A 223 20.93 -21.28 -22.36
N PRO A 224 21.27 -21.18 -21.07
CA PRO A 224 22.25 -20.16 -20.67
C PRO A 224 23.55 -20.22 -21.46
N LEU A 225 24.14 -21.41 -21.63
CA LEU A 225 25.42 -21.48 -22.32
C LEU A 225 25.28 -21.08 -23.79
N LYS A 226 24.25 -21.61 -24.46
CA LYS A 226 24.06 -21.30 -25.87
C LYS A 226 23.79 -19.82 -26.08
N THR A 227 22.91 -19.24 -25.27
CA THR A 227 22.62 -17.81 -25.40
C THR A 227 23.83 -16.95 -25.07
N LEU A 228 24.60 -17.34 -24.04
CA LEU A 228 25.74 -16.55 -23.61
C LEU A 228 26.83 -16.54 -24.66
N ASN A 229 27.22 -17.72 -25.16
CA ASN A 229 28.25 -17.78 -26.18
C ASN A 229 27.79 -17.11 -27.46
N LEU A 230 26.48 -17.19 -27.74
CA LEU A 230 25.93 -16.42 -28.86
C LEU A 230 26.00 -14.93 -28.59
N PHE A 231 25.83 -14.50 -27.33
CA PHE A 231 25.87 -13.09 -27.01
C PHE A 231 27.26 -12.50 -27.27
N LYS A 232 28.31 -13.25 -26.95
CA LYS A 232 29.66 -12.77 -27.21
C LYS A 232 29.95 -12.64 -28.71
N GLN A 233 29.18 -13.30 -29.57
CA GLN A 233 29.39 -13.12 -31.00
C GLN A 233 28.88 -11.76 -31.48
N ILE A 234 27.90 -11.18 -30.78
CA ILE A 234 27.31 -9.92 -31.22
C ILE A 234 28.36 -8.83 -31.28
N LYS A 235 28.34 -8.07 -32.37
CA LYS A 235 29.21 -6.91 -32.51
C LYS A 235 28.66 -5.74 -31.71
N SER A 236 29.36 -4.61 -31.75
CA SER A 236 29.02 -3.47 -30.91
C SER A 236 28.14 -2.44 -31.61
N ALA A 237 28.22 -2.36 -32.94
CA ALA A 237 27.54 -1.28 -33.65
C ALA A 237 26.02 -1.38 -33.58
N ASP A 238 25.49 -2.52 -33.14
CA ASP A 238 24.04 -2.72 -33.08
C ASP A 238 23.47 -2.65 -31.67
N CYS A 239 24.32 -2.51 -30.65
CA CYS A 239 23.84 -2.54 -29.27
C CYS A 239 22.88 -1.39 -28.98
N GLU A 240 23.08 -0.25 -29.64
CA GLU A 240 22.14 0.85 -29.50
C GLU A 240 20.74 0.44 -29.95
N LEU A 241 20.66 -0.31 -31.05
CA LEU A 241 19.37 -0.83 -31.50
C LEU A 241 18.77 -1.78 -30.49
N LEU A 242 19.61 -2.63 -29.89
CA LEU A 242 19.17 -3.43 -28.75
C LEU A 242 18.99 -2.59 -27.49
N GLY A 243 19.44 -1.34 -27.50
CA GLY A 243 19.14 -0.41 -26.43
C GLY A 243 20.11 -0.40 -25.27
N ILE A 244 21.34 -0.86 -25.47
CA ILE A 244 22.33 -0.94 -24.40
C ILE A 244 23.55 -0.12 -24.83
N ASP A 245 23.83 0.96 -24.11
CA ASP A 245 24.93 1.85 -24.47
C ASP A 245 26.26 1.12 -24.32
N ALA A 246 26.95 0.90 -25.43
CA ALA A 246 28.16 0.11 -25.45
C ALA A 246 29.43 0.94 -25.33
N THR A 247 29.30 2.22 -24.98
CA THR A 247 30.48 3.06 -24.75
C THR A 247 31.30 2.53 -23.58
N VAL A 248 30.63 2.15 -22.50
CA VAL A 248 31.34 1.77 -21.28
C VAL A 248 31.35 0.25 -21.14
N PRO A 249 32.36 -0.33 -20.50
CA PRO A 249 32.30 -1.76 -20.21
C PRO A 249 31.11 -2.06 -19.33
N SER A 250 30.54 -3.26 -19.52
CA SER A 250 29.27 -3.76 -19.01
C SER A 250 28.10 -3.25 -19.83
N GLY A 251 28.32 -2.39 -20.80
CA GLY A 251 27.28 -2.09 -21.76
C GLY A 251 27.05 -3.20 -22.75
N ARG A 252 27.89 -4.22 -22.71
CA ARG A 252 27.72 -5.38 -23.56
C ARG A 252 26.43 -6.12 -23.19
N PRO A 253 25.76 -6.77 -24.15
CA PRO A 253 24.56 -7.53 -23.81
C PRO A 253 24.85 -8.87 -23.18
N GLU A 254 26.12 -9.27 -23.07
CA GLU A 254 26.44 -10.54 -22.42
C GLU A 254 26.57 -10.41 -20.91
N THR A 255 26.56 -9.20 -20.37
CA THR A 255 26.66 -9.01 -18.92
C THR A 255 25.35 -9.31 -18.20
N TYR A 256 24.24 -9.30 -18.92
CA TYR A 256 22.93 -9.60 -18.35
C TYR A 256 22.70 -11.08 -18.13
N ILE A 257 23.68 -11.92 -18.48
CA ILE A 257 23.63 -13.35 -18.26
C ILE A 257 24.41 -13.65 -16.99
N TRP A 258 23.78 -14.38 -16.06
CA TRP A 258 24.44 -14.72 -14.80
C TRP A 258 25.68 -15.55 -15.11
N ARG A 259 26.85 -14.95 -14.93
CA ARG A 259 28.11 -15.65 -15.06
C ARG A 259 28.94 -15.59 -13.79
N TYR A 260 28.80 -14.53 -13.01
CA TYR A 260 29.39 -14.43 -11.69
C TYR A 260 28.31 -13.98 -10.72
N LEU A 261 28.19 -14.68 -9.61
CA LEU A 261 27.24 -14.31 -8.56
C LEU A 261 27.97 -13.50 -7.50
N PRO A 262 27.58 -12.25 -7.24
CA PRO A 262 28.20 -11.52 -6.14
C PRO A 262 27.57 -11.90 -4.80
N ALA A 263 28.41 -12.20 -3.82
CA ALA A 263 27.90 -12.59 -2.52
C ALA A 263 27.71 -11.36 -1.66
N PRO A 264 26.48 -11.04 -1.25
CA PRO A 264 26.22 -9.79 -0.55
C PRO A 264 26.89 -9.75 0.81
N PRO A 265 27.16 -8.56 1.35
CA PRO A 265 27.74 -8.47 2.69
C PRO A 265 26.82 -9.09 3.71
N VAL A 266 27.43 -9.73 4.72
CA VAL A 266 26.62 -10.41 5.73
C VAL A 266 25.73 -9.42 6.47
N CYS A 267 26.04 -8.13 6.42
CA CYS A 267 25.15 -7.13 6.96
C CYS A 267 23.81 -7.13 6.23
N ILE A 268 23.83 -7.40 4.92
CA ILE A 268 22.60 -7.51 4.16
C ILE A 268 21.79 -8.74 4.59
N ARG A 269 22.48 -9.78 5.06
CA ARG A 269 21.87 -11.06 5.42
C ARG A 269 22.38 -11.47 6.79
N PRO A 270 22.00 -10.74 7.85
CA PRO A 270 22.66 -10.90 9.14
C PRO A 270 22.35 -12.25 9.79
N SER A 271 23.29 -12.70 10.63
CA SER A 271 23.13 -13.91 11.42
C SER A 271 22.65 -13.52 12.81
N VAL A 272 21.49 -14.04 13.21
CA VAL A 272 20.86 -13.63 14.46
C VAL A 272 21.39 -14.47 15.61
N MET A 273 21.86 -13.78 16.66
CA MET A 273 22.36 -14.47 17.85
C MET A 273 21.22 -14.98 18.71
N MET A 274 21.43 -16.14 19.32
CA MET A 274 20.57 -16.71 20.35
C MET A 274 19.12 -16.79 19.85
N GLN A 275 18.94 -17.62 18.83
CA GLN A 275 17.63 -18.01 18.33
C GLN A 275 17.52 -19.52 18.43
N ASP A 276 16.46 -19.99 19.11
CA ASP A 276 16.26 -21.41 19.40
C ASP A 276 17.45 -22.01 20.15
N SER A 277 18.31 -22.72 19.43
CA SER A 277 19.40 -23.45 20.06
C SER A 277 20.55 -22.50 20.42
N PRO A 278 21.40 -22.90 21.38
CA PRO A 278 22.61 -22.10 21.65
C PRO A 278 23.51 -21.95 20.45
N ALA A 279 23.56 -22.93 19.55
CA ALA A 279 24.27 -22.76 18.29
C ALA A 279 23.65 -21.63 17.48
N SER A 280 24.50 -20.85 16.83
CA SER A 280 24.05 -19.70 16.06
C SER A 280 23.27 -20.15 14.82
N ASN A 281 22.23 -19.40 14.49
CA ASN A 281 21.39 -19.66 13.32
C ASN A 281 21.73 -18.69 12.21
N GLU A 282 21.57 -19.13 10.97
CA GLU A 282 21.80 -18.33 9.77
C GLU A 282 20.46 -17.90 9.16
N ASP A 283 20.51 -17.30 7.98
CA ASP A 283 19.32 -16.74 7.34
C ASP A 283 19.19 -17.25 5.91
N ASP A 284 18.05 -16.90 5.30
CA ASP A 284 17.61 -17.54 4.06
C ASP A 284 18.56 -17.29 2.92
N LEU A 285 18.96 -16.03 2.70
CA LEU A 285 19.82 -15.72 1.57
C LEU A 285 21.16 -16.41 1.70
N THR A 286 21.70 -16.48 2.91
CA THR A 286 22.97 -17.19 3.09
C THR A 286 22.82 -18.67 2.81
N VAL A 287 21.75 -19.30 3.31
CA VAL A 287 21.54 -20.71 3.03
C VAL A 287 21.44 -20.94 1.52
N LYS A 288 20.69 -20.09 0.84
CA LYS A 288 20.53 -20.23 -0.60
C LYS A 288 21.87 -20.10 -1.33
N LEU A 289 22.69 -19.11 -0.95
CA LEU A 289 23.96 -18.98 -1.64
C LEU A 289 24.89 -20.14 -1.32
N THR A 290 24.79 -20.73 -0.13
CA THR A 290 25.57 -21.93 0.17
C THR A 290 25.16 -23.08 -0.75
N GLU A 291 23.86 -23.22 -0.99
CA GLU A 291 23.40 -24.20 -1.96
C GLU A 291 23.97 -23.93 -3.35
N ILE A 292 23.96 -22.65 -3.74
CA ILE A 292 24.47 -22.28 -5.06
C ILE A 292 25.94 -22.65 -5.18
N VAL A 293 26.72 -22.35 -4.13
CA VAL A 293 28.15 -22.68 -4.15
C VAL A 293 28.37 -24.18 -4.22
N TRP A 294 27.59 -24.94 -3.45
CA TRP A 294 27.75 -26.39 -3.44
C TRP A 294 27.48 -26.98 -4.82
N THR A 295 26.40 -26.53 -5.45
CA THR A 295 26.10 -27.00 -6.80
C THR A 295 27.19 -26.59 -7.78
N SER A 296 27.71 -25.36 -7.65
CA SER A 296 28.76 -24.90 -8.54
C SER A 296 30.00 -25.76 -8.43
N SER A 297 30.42 -26.09 -7.20
CA SER A 297 31.60 -26.92 -7.02
C SER A 297 31.36 -28.33 -7.54
N LEU A 298 30.16 -28.86 -7.31
CA LEU A 298 29.82 -30.17 -7.84
C LEU A 298 29.99 -30.19 -9.36
N ILE A 299 29.43 -29.20 -10.04
CA ILE A 299 29.55 -29.15 -11.50
C ILE A 299 30.99 -28.90 -11.92
N LYS A 300 31.74 -28.13 -11.13
CA LYS A 300 33.14 -27.88 -11.44
C LYS A 300 33.95 -29.17 -11.44
N ALA A 301 33.71 -30.04 -10.47
CA ALA A 301 34.38 -31.34 -10.47
C ALA A 301 33.82 -32.26 -11.55
N GLY A 302 32.52 -32.20 -11.81
CA GLY A 302 31.90 -33.04 -12.81
C GLY A 302 32.35 -32.75 -14.22
N LEU A 303 33.00 -31.61 -14.45
CA LEU A 303 33.61 -31.37 -15.75
C LEU A 303 34.78 -32.32 -15.99
N ASP A 304 35.44 -32.75 -14.91
CA ASP A 304 36.65 -33.56 -15.03
C ASP A 304 36.41 -35.04 -14.78
N LYS A 305 35.32 -35.41 -14.14
CA LYS A 305 34.98 -36.82 -13.92
C LYS A 305 33.96 -37.34 -14.91
N GLY A 306 33.36 -36.46 -15.70
CA GLY A 306 32.40 -36.89 -16.71
C GLY A 306 31.11 -37.41 -16.10
N ILE A 307 30.38 -36.54 -15.41
CA ILE A 307 29.08 -36.94 -14.88
C ILE A 307 28.13 -37.24 -16.02
N SER A 308 27.13 -38.07 -15.72
CA SER A 308 26.13 -38.41 -16.72
C SER A 308 25.48 -37.14 -17.25
N ILE A 309 25.48 -37.00 -18.58
CA ILE A 309 25.08 -35.75 -19.20
C ILE A 309 23.63 -35.42 -18.86
N ASN A 310 22.82 -36.44 -18.55
CA ASN A 310 21.44 -36.18 -18.12
C ASN A 310 21.41 -35.50 -16.77
N ASN A 311 22.16 -36.03 -15.79
CA ASN A 311 22.13 -35.49 -14.44
C ASN A 311 22.67 -34.06 -14.39
N MET A 312 23.71 -33.76 -15.17
CA MET A 312 24.24 -32.41 -15.17
C MET A 312 23.19 -31.42 -15.65
N MET A 313 22.46 -31.76 -16.71
CA MET A 313 21.35 -30.92 -17.16
C MET A 313 20.30 -30.76 -16.08
N GLU A 314 20.04 -31.82 -15.30
CA GLU A 314 19.15 -31.69 -14.16
C GLU A 314 19.71 -30.72 -13.14
N HIS A 315 21.01 -30.84 -12.84
CA HIS A 315 21.65 -29.91 -11.91
C HIS A 315 21.73 -28.51 -12.49
N TRP A 316 22.10 -28.41 -13.77
CA TRP A 316 22.15 -27.11 -14.44
C TRP A 316 20.79 -26.43 -14.41
N ASP A 317 19.71 -27.21 -14.40
CA ASP A 317 18.38 -26.62 -14.25
C ASP A 317 18.12 -26.22 -12.81
N TYR A 318 18.73 -26.92 -11.85
CA TYR A 318 18.61 -26.53 -10.45
C TYR A 318 19.30 -25.20 -10.19
N LEU A 319 20.53 -25.03 -10.71
CA LEU A 319 21.24 -23.78 -10.52
C LEU A 319 20.46 -22.61 -11.11
N GLN A 320 19.66 -22.87 -12.13
CA GLN A 320 18.76 -21.86 -12.66
C GLN A 320 17.54 -21.66 -11.79
N LEU A 321 17.29 -22.58 -10.85
CA LEU A 321 16.14 -22.49 -9.96
C LEU A 321 16.49 -21.91 -8.59
N THR A 322 17.63 -22.30 -8.02
CA THR A 322 18.05 -21.74 -6.74
C THR A 322 18.23 -20.22 -6.84
N VAL A 323 18.78 -19.75 -7.95
CA VAL A 323 18.98 -18.32 -8.13
C VAL A 323 17.65 -17.59 -8.28
N ALA A 324 16.63 -18.25 -8.83
CA ALA A 324 15.31 -17.63 -8.92
C ALA A 324 14.79 -17.27 -7.53
N MET A 325 14.77 -18.24 -6.62
CA MET A 325 14.41 -17.95 -5.25
C MET A 325 15.34 -16.92 -4.64
N TYR A 326 16.64 -17.05 -4.88
CA TYR A 326 17.61 -16.11 -4.34
C TYR A 326 17.34 -14.69 -4.84
N ILE A 327 16.83 -14.55 -6.05
CA ILE A 327 16.53 -13.22 -6.60
C ILE A 327 15.06 -12.88 -6.40
N ASN A 328 14.15 -13.77 -6.74
CA ASN A 328 12.72 -13.47 -6.69
C ASN A 328 11.96 -14.75 -6.44
N SER A 329 11.47 -14.93 -5.21
CA SER A 329 10.66 -16.10 -4.88
C SER A 329 9.27 -15.90 -5.45
N ASP A 330 9.12 -16.14 -6.75
CA ASP A 330 7.84 -16.09 -7.43
C ASP A 330 7.31 -17.45 -7.85
N SER A 331 8.15 -18.49 -7.87
CA SER A 331 7.80 -19.75 -8.49
C SER A 331 7.47 -20.80 -7.44
N VAL A 332 6.29 -21.40 -7.56
CA VAL A 332 5.86 -22.49 -6.70
C VAL A 332 6.67 -23.75 -7.00
N LYS A 348 5.59 -21.76 0.62
CA LYS A 348 6.71 -21.12 -0.07
C LYS A 348 7.18 -19.88 0.70
N PRO A 349 7.95 -20.10 1.75
CA PRO A 349 8.39 -19.00 2.61
C PRO A 349 9.74 -18.39 2.26
N ILE A 350 10.47 -18.98 1.29
CA ILE A 350 11.82 -18.51 0.98
C ILE A 350 11.78 -17.02 0.65
N ARG A 351 12.66 -16.26 1.30
CA ARG A 351 12.65 -14.81 1.20
C ARG A 351 13.80 -14.37 0.30
N GLY A 352 13.46 -13.87 -0.89
CA GLY A 352 14.46 -13.40 -1.83
C GLY A 352 14.63 -11.89 -1.80
N PHE A 353 15.54 -11.41 -2.65
CA PHE A 353 15.79 -9.98 -2.74
C PHE A 353 14.57 -9.23 -3.26
N CYS A 354 13.80 -9.83 -4.15
CA CYS A 354 12.60 -9.15 -4.63
C CYS A 354 11.49 -9.14 -3.59
N GLN A 355 11.65 -9.84 -2.47
CA GLN A 355 10.69 -9.75 -1.38
C GLN A 355 11.16 -8.83 -0.26
N ARG A 356 12.46 -8.55 -0.18
CA ARG A 356 12.93 -7.53 0.73
C ARG A 356 12.54 -6.15 0.24
N LEU A 357 12.39 -5.99 -1.08
CA LEU A 357 12.06 -4.69 -1.66
C LEU A 357 10.56 -4.47 -1.76
N LYS A 358 9.82 -5.53 -2.07
CA LYS A 358 8.40 -5.42 -2.42
C LYS A 358 7.54 -5.44 -1.16
N GLY A 359 6.54 -4.56 -1.12
CA GLY A 359 5.46 -4.65 -0.15
C GLY A 359 5.34 -3.41 0.71
N LYS A 360 4.43 -3.52 1.68
CA LYS A 360 4.23 -2.44 2.65
C LYS A 360 5.40 -2.36 3.62
N GLN A 361 5.84 -3.52 4.15
CA GLN A 361 6.96 -3.59 5.06
C GLN A 361 8.25 -4.00 4.36
N GLY A 362 8.34 -3.81 3.05
CA GLY A 362 9.53 -4.17 2.32
C GLY A 362 10.63 -3.15 2.50
N ARG A 363 11.35 -2.83 1.43
CA ARG A 363 12.47 -1.89 1.53
C ARG A 363 12.03 -0.45 1.27
N PHE A 364 11.48 -0.17 0.09
CA PHE A 364 11.07 1.20 -0.19
C PHE A 364 9.99 1.67 0.78
N ARG A 365 8.79 1.08 0.68
CA ARG A 365 7.67 1.58 1.47
C ARG A 365 7.81 1.32 2.95
N GLY A 366 8.78 0.50 3.35
CA GLY A 366 8.99 0.21 4.75
C GLY A 366 10.12 0.98 5.41
N ASN A 367 11.13 1.40 4.64
CA ASN A 367 12.28 2.05 5.24
C ASN A 367 12.65 3.37 4.58
N LEU A 368 12.39 3.53 3.28
CA LEU A 368 13.05 4.60 2.54
C LEU A 368 12.30 5.92 2.60
N SER A 369 10.97 5.90 2.45
CA SER A 369 10.14 7.08 2.62
C SER A 369 9.05 6.71 3.63
N GLY A 370 9.37 6.88 4.90
CA GLY A 370 8.52 6.39 5.97
C GLY A 370 9.24 5.38 6.83
N LYS A 371 9.60 5.77 8.06
CA LYS A 371 10.40 4.92 8.91
C LYS A 371 10.20 5.31 10.36
N ARG A 372 10.73 4.47 11.25
CA ARG A 372 10.73 4.74 12.68
C ARG A 372 11.73 5.85 12.99
N VAL A 373 11.36 6.73 13.91
CA VAL A 373 12.15 7.90 14.21
C VAL A 373 12.48 7.94 15.69
N ASP A 374 13.57 8.63 16.00
CA ASP A 374 14.00 8.91 17.35
C ASP A 374 13.31 10.17 17.86
N PHE A 375 13.39 10.38 19.18
CA PHE A 375 12.85 11.58 19.82
C PHE A 375 11.37 11.77 19.50
N SER A 376 10.61 10.71 19.71
CA SER A 376 9.18 10.70 19.48
C SER A 376 8.51 10.06 20.68
N GLY A 377 7.21 10.30 20.80
CA GLY A 377 6.46 9.77 21.92
C GLY A 377 5.02 9.53 21.53
N ARG A 378 4.31 8.81 22.39
CA ARG A 378 2.93 8.47 22.12
C ARG A 378 2.24 8.17 23.44
N THR A 379 1.07 8.75 23.64
CA THR A 379 0.24 8.40 24.78
C THR A 379 -1.19 8.83 24.51
N VAL A 380 -2.07 8.52 25.45
CA VAL A 380 -3.46 8.97 25.38
C VAL A 380 -3.52 10.48 25.41
N ILE A 381 -4.47 11.05 24.69
CA ILE A 381 -4.72 12.49 24.72
C ILE A 381 -5.89 12.78 25.65
N SER A 382 -5.82 13.92 26.32
CA SER A 382 -6.87 14.47 27.17
C SER A 382 -7.09 15.92 26.77
N PRO A 383 -8.23 16.50 27.13
CA PRO A 383 -8.46 17.92 26.84
C PRO A 383 -7.75 18.83 27.83
N ASP A 384 -7.53 20.06 27.39
CA ASP A 384 -7.09 21.12 28.29
C ASP A 384 -7.54 22.47 27.75
N PRO A 385 -8.64 23.03 28.26
CA PRO A 385 -9.13 24.31 27.74
C PRO A 385 -8.31 25.51 28.18
N ASN A 386 -7.37 25.33 29.11
CA ASN A 386 -6.54 26.43 29.56
C ASN A 386 -5.27 26.57 28.75
N LEU A 387 -4.90 25.54 28.00
CA LEU A 387 -3.81 25.66 27.04
C LEU A 387 -4.19 26.62 25.93
N SER A 388 -3.21 27.35 25.44
CA SER A 388 -3.38 28.06 24.18
C SER A 388 -3.56 27.05 23.07
N ILE A 389 -4.34 27.44 22.05
CA ILE A 389 -4.58 26.52 20.95
C ILE A 389 -3.29 26.13 20.26
N ASP A 390 -2.24 26.94 20.36
CA ASP A 390 -0.97 26.63 19.74
C ASP A 390 0.02 25.96 20.69
N GLU A 391 -0.48 25.36 21.77
CA GLU A 391 0.35 24.65 22.73
C GLU A 391 -0.13 23.21 22.85
N VAL A 392 0.71 22.38 23.43
CA VAL A 392 0.32 21.02 23.83
C VAL A 392 0.93 20.76 25.19
N ALA A 393 0.14 20.20 26.10
CA ALA A 393 0.66 19.82 27.40
C ALA A 393 1.38 18.49 27.27
N VAL A 394 2.62 18.44 27.74
CA VAL A 394 3.47 17.26 27.60
C VAL A 394 3.79 16.77 28.99
N PRO A 395 3.61 15.48 29.29
CA PRO A 395 3.98 14.96 30.60
C PRO A 395 5.43 15.26 30.92
N ASP A 396 5.69 15.63 32.17
CA ASP A 396 7.07 15.80 32.62
C ASP A 396 7.83 14.49 32.52
N ARG A 397 7.13 13.36 32.64
CA ARG A 397 7.78 12.06 32.50
C ARG A 397 8.35 11.87 31.10
N VAL A 398 7.64 12.31 30.07
CA VAL A 398 8.19 12.16 28.73
C VAL A 398 9.08 13.34 28.37
N ALA A 399 8.90 14.49 29.03
CA ALA A 399 9.86 15.57 28.84
C ALA A 399 11.22 15.22 29.40
N LYS A 400 11.28 14.35 30.40
CA LYS A 400 12.57 13.94 30.93
C LYS A 400 13.29 12.93 30.06
N VAL A 401 12.61 12.31 29.10
CA VAL A 401 13.28 11.46 28.13
C VAL A 401 13.40 12.12 26.76
N LEU A 402 12.40 12.87 26.32
CA LEU A 402 12.48 13.57 25.05
C LEU A 402 13.29 14.85 25.24
N THR A 403 14.48 14.88 24.66
CA THR A 403 15.40 16.00 24.85
C THR A 403 15.54 16.81 23.56
N TYR A 404 16.10 18.00 23.71
CA TYR A 404 16.53 18.81 22.59
C TYR A 404 18.02 19.07 22.71
N PRO A 405 18.79 18.91 21.65
CA PRO A 405 20.26 19.07 21.73
C PRO A 405 20.71 20.52 21.58
N GLU A 406 20.69 21.25 22.68
CA GLU A 406 20.97 22.68 22.67
C GLU A 406 22.48 22.92 22.70
N LYS A 407 22.99 23.64 21.71
CA LYS A 407 24.41 23.96 21.65
C LYS A 407 24.72 25.19 22.50
N VAL A 408 25.82 25.12 23.24
CA VAL A 408 26.16 26.19 24.17
C VAL A 408 26.67 27.39 23.38
N THR A 409 26.08 28.55 23.62
CA THR A 409 26.54 29.81 23.06
C THR A 409 26.92 30.74 24.19
N ARG A 410 27.30 31.96 23.83
CA ARG A 410 27.49 33.01 24.81
C ARG A 410 26.16 33.51 25.36
N TYR A 411 25.04 33.09 24.78
CA TYR A 411 23.73 33.54 25.20
C TYR A 411 23.03 32.60 26.17
N ASN A 412 23.33 31.30 26.12
CA ASN A 412 22.61 30.34 26.94
C ASN A 412 23.53 29.50 27.82
N ARG A 413 24.79 29.91 28.00
CA ARG A 413 25.72 29.08 28.74
C ARG A 413 25.30 28.91 30.20
N HIS A 414 24.87 29.99 30.84
CA HIS A 414 24.45 29.91 32.24
C HIS A 414 23.24 29.00 32.40
N LYS A 415 22.27 29.13 31.50
CA LYS A 415 21.11 28.24 31.53
C LYS A 415 21.51 26.79 31.37
N LEU A 416 22.40 26.51 30.42
CA LEU A 416 22.78 25.12 30.20
C LEU A 416 23.59 24.57 31.36
N GLN A 417 24.40 25.41 32.02
CA GLN A 417 25.07 24.95 33.24
C GLN A 417 24.06 24.61 34.32
N GLU A 418 23.03 25.44 34.48
CA GLU A 418 22.00 25.15 35.47
C GLU A 418 21.27 23.85 35.15
N LEU A 419 20.97 23.62 33.87
CA LEU A 419 20.32 22.38 33.49
C LEU A 419 21.22 21.18 33.74
N ILE A 420 22.52 21.31 33.49
CA ILE A 420 23.46 20.24 33.78
C ILE A 420 23.48 19.94 35.26
N VAL A 421 23.49 20.99 36.08
CA VAL A 421 23.50 20.79 37.53
C VAL A 421 22.24 20.07 37.97
N ASN A 422 21.07 20.48 37.46
CA ASN A 422 19.83 19.77 37.77
C ASN A 422 19.93 18.30 37.38
N GLY A 423 20.44 18.02 36.20
CA GLY A 423 20.72 16.67 35.80
C GLY A 423 19.52 15.96 35.21
N PRO A 424 19.66 14.64 35.04
CA PRO A 424 18.66 13.88 34.27
C PRO A 424 17.34 13.63 34.97
N ASN A 425 17.22 13.93 36.26
CA ASN A 425 16.04 13.55 37.04
C ASN A 425 15.15 14.73 37.42
N VAL A 426 15.72 15.86 37.78
CA VAL A 426 14.94 17.07 37.99
C VAL A 426 14.57 17.65 36.64
N HIS A 427 13.29 17.90 36.41
CA HIS A 427 12.82 18.08 35.03
C HIS A 427 13.53 19.18 34.28
N PRO A 428 13.65 20.40 34.80
CA PRO A 428 14.48 21.38 34.07
C PRO A 428 15.93 20.98 34.18
N GLY A 429 16.29 19.88 33.51
CA GLY A 429 17.60 19.32 33.64
C GLY A 429 18.18 18.94 32.29
N ALA A 430 19.11 18.00 32.29
CA ALA A 430 19.78 17.56 31.08
C ALA A 430 20.18 16.11 31.23
N ASN A 431 20.19 15.39 30.12
CA ASN A 431 20.54 13.98 30.15
C ASN A 431 21.93 13.68 29.62
N TYR A 432 22.38 14.38 28.59
CA TYR A 432 23.65 14.07 27.97
C TYR A 432 24.41 15.35 27.68
N LEU A 433 25.74 15.24 27.71
CA LEU A 433 26.63 16.31 27.33
C LEU A 433 27.60 15.79 26.29
N LEU A 434 27.64 16.44 25.13
CA LEU A 434 28.60 16.15 24.08
C LEU A 434 29.60 17.29 24.04
N LYS A 435 30.84 17.00 24.43
CA LYS A 435 31.86 18.03 24.46
C LYS A 435 32.22 18.47 23.04
N ARG A 436 32.80 19.68 22.94
CA ARG A 436 33.08 20.25 21.63
C ARG A 436 34.03 19.38 20.82
N ASN A 437 35.07 18.85 21.46
CA ASN A 437 36.15 18.15 20.78
C ASN A 437 36.25 16.69 21.20
N GLU A 438 35.12 16.02 21.33
CA GLU A 438 35.07 14.60 21.65
C GLU A 438 34.08 13.92 20.74
N ASP A 439 34.10 12.59 20.72
CA ASP A 439 33.33 11.81 19.76
C ASP A 439 32.08 11.16 20.35
N ALA A 440 31.89 11.23 21.66
CA ALA A 440 30.76 10.57 22.30
C ALA A 440 30.25 11.46 23.42
N ARG A 441 29.02 11.21 23.82
CA ARG A 441 28.38 12.03 24.84
C ARG A 441 28.65 11.46 26.22
N ARG A 442 28.74 12.35 27.20
CA ARG A 442 28.87 11.96 28.59
C ARG A 442 27.48 11.82 29.18
N ASN A 443 27.10 10.60 29.54
CA ASN A 443 25.85 10.37 30.24
C ASN A 443 25.88 11.09 31.58
N LEU A 444 24.87 11.91 31.83
CA LEU A 444 24.85 12.79 32.99
C LEU A 444 24.25 12.14 34.22
N ARG A 445 23.89 10.85 34.16
CA ARG A 445 23.51 10.14 35.37
C ARG A 445 24.68 9.98 36.33
N TYR A 446 25.91 10.06 35.82
CA TYR A 446 27.11 9.92 36.63
C TYR A 446 28.15 10.92 36.17
N GLY A 447 29.00 11.34 37.10
CA GLY A 447 30.16 12.13 36.74
C GLY A 447 30.30 13.49 37.40
N ASP A 448 29.57 13.74 38.49
CA ASP A 448 29.60 15.02 39.18
C ASP A 448 29.30 16.18 38.22
N ARG A 449 28.03 16.23 37.82
CA ARG A 449 27.56 17.29 36.94
C ARG A 449 28.03 18.67 37.35
N MET A 450 28.39 18.87 38.62
CA MET A 450 28.84 20.18 39.08
C MET A 450 30.12 20.60 38.38
N LYS A 451 31.01 19.65 38.08
CA LYS A 451 32.22 19.99 37.33
C LYS A 451 31.91 20.22 35.86
N LEU A 452 31.06 19.37 35.28
CA LEU A 452 30.76 19.48 33.85
C LEU A 452 30.14 20.83 33.52
N ALA A 453 29.27 21.33 34.41
CA ALA A 453 28.68 22.65 34.20
C ALA A 453 29.76 23.72 34.21
N LYS A 454 30.73 23.62 35.11
CA LYS A 454 31.80 24.61 35.16
C LYS A 454 32.64 24.58 33.90
N ASN A 455 32.97 23.40 33.42
CA ASN A 455 33.83 23.25 32.25
C ASN A 455 33.08 23.35 30.94
N LEU A 456 31.76 23.57 30.99
CA LEU A 456 30.98 23.71 29.77
C LEU A 456 31.56 24.80 28.87
N GLN A 457 31.76 24.46 27.59
CA GLN A 457 32.39 25.33 26.61
C GLN A 457 31.36 25.80 25.58
N ILE A 458 31.83 26.49 24.55
CA ILE A 458 30.96 27.12 23.57
C ILE A 458 30.68 26.17 22.40
N GLY A 459 31.36 25.04 22.38
CA GLY A 459 31.07 24.10 21.31
C GLY A 459 30.18 22.96 21.76
N ASP A 460 29.90 22.91 23.05
CA ASP A 460 29.27 21.74 23.64
C ASP A 460 27.79 21.69 23.28
N VAL A 461 27.30 20.46 23.11
CA VAL A 461 25.89 20.20 22.95
C VAL A 461 25.38 19.57 24.23
N VAL A 462 24.37 20.19 24.83
CA VAL A 462 23.70 19.65 26.01
C VAL A 462 22.35 19.14 25.55
N GLU A 463 22.12 17.84 25.71
CA GLU A 463 20.82 17.25 25.40
C GLU A 463 19.92 17.45 26.62
N ARG A 464 19.29 18.61 26.67
CA ARG A 464 18.49 18.99 27.81
C ARG A 464 17.04 18.62 27.61
N HIS A 465 16.31 18.54 28.72
CA HIS A 465 14.92 18.12 28.70
C HIS A 465 14.07 19.06 27.85
N LEU A 466 12.98 18.53 27.34
CA LEU A 466 11.97 19.35 26.68
C LEU A 466 11.37 20.33 27.67
N GLU A 467 11.35 21.61 27.31
CA GLU A 467 10.93 22.65 28.22
C GLU A 467 9.75 23.42 27.65
N ASP A 468 9.23 24.35 28.44
CA ASP A 468 8.14 25.19 27.99
C ASP A 468 8.56 25.98 26.75
N GLY A 469 7.68 26.01 25.75
CA GLY A 469 7.96 26.70 24.52
C GLY A 469 8.76 25.92 23.50
N ASP A 470 9.11 24.68 23.79
CA ASP A 470 9.78 23.86 22.81
C ASP A 470 8.85 23.52 21.66
N VAL A 471 9.42 23.46 20.47
CA VAL A 471 8.66 23.16 19.26
C VAL A 471 8.53 21.65 19.14
N VAL A 472 7.31 21.16 19.12
CA VAL A 472 7.04 19.74 18.93
C VAL A 472 6.08 19.58 17.78
N LEU A 473 6.19 18.46 17.08
CA LEU A 473 5.19 18.07 16.12
C LEU A 473 4.17 17.17 16.81
N PHE A 474 2.91 17.35 16.46
CA PHE A 474 1.82 16.62 17.06
C PHE A 474 1.02 15.98 15.93
N ASN A 475 0.83 14.67 16.00
CA ASN A 475 0.30 13.92 14.87
C ASN A 475 -0.71 12.91 15.36
N ARG A 476 -1.89 12.89 14.73
CA ARG A 476 -2.86 11.83 14.93
C ARG A 476 -2.98 11.05 13.63
N GLN A 477 -2.81 9.74 13.73
CA GLN A 477 -2.94 8.84 12.60
C GLN A 477 -4.34 8.22 12.58
N PRO A 478 -4.95 8.05 11.41
CA PRO A 478 -4.43 8.27 10.06
C PRO A 478 -4.33 9.73 9.68
N SER A 479 -3.40 10.07 8.80
CA SER A 479 -3.14 11.44 8.39
C SER A 479 -3.91 11.70 7.10
N LEU A 480 -5.10 12.29 7.24
CA LEU A 480 -5.92 12.56 6.05
C LEU A 480 -5.38 13.76 5.28
N HIS A 481 -5.40 14.92 5.91
CA HIS A 481 -4.94 16.15 5.31
C HIS A 481 -3.67 16.60 6.03
N ARG A 482 -3.14 17.75 5.63
CA ARG A 482 -1.87 18.17 6.21
C ARG A 482 -2.03 18.66 7.64
N LEU A 483 -3.22 19.10 8.03
CA LEU A 483 -3.52 19.45 9.40
C LEU A 483 -3.60 18.24 10.31
N SER A 484 -3.40 17.03 9.78
CA SER A 484 -3.25 15.88 10.65
C SER A 484 -1.93 15.89 11.40
N ILE A 485 -0.99 16.76 11.03
CA ILE A 485 0.18 17.02 11.84
C ILE A 485 0.37 18.52 11.96
N LEU A 486 0.53 19.01 13.18
CA LEU A 486 0.76 20.41 13.44
C LEU A 486 1.87 20.56 14.45
N SER A 487 2.50 21.72 14.46
CA SER A 487 3.54 22.03 15.43
C SER A 487 2.94 22.84 16.57
N HIS A 488 3.26 22.46 17.80
CA HIS A 488 2.79 23.16 18.98
C HIS A 488 3.98 23.53 19.85
N TYR A 489 3.77 24.53 20.71
CA TYR A 489 4.73 24.84 21.76
C TYR A 489 4.49 23.91 22.94
N ALA A 490 5.53 23.20 23.37
CA ALA A 490 5.39 22.27 24.48
C ALA A 490 5.10 23.00 25.78
N LYS A 491 4.21 22.43 26.58
CA LYS A 491 3.92 22.88 27.93
C LYS A 491 4.02 21.68 28.85
N ILE A 492 4.97 21.71 29.77
CA ILE A 492 5.23 20.58 30.64
C ILE A 492 4.20 20.55 31.75
N ARG A 493 3.56 19.39 31.95
CA ARG A 493 2.46 19.24 32.89
C ARG A 493 2.60 17.91 33.62
N PRO A 494 1.96 17.77 34.78
CA PRO A 494 2.23 16.60 35.64
C PRO A 494 1.70 15.26 35.17
N TRP A 495 0.54 15.18 34.51
CA TRP A 495 -0.06 13.87 34.28
C TRP A 495 0.54 13.21 33.04
N ARG A 496 0.06 12.01 32.72
CA ARG A 496 0.68 11.15 31.72
C ARG A 496 0.09 11.28 30.33
N THR A 497 -0.78 12.26 30.09
CA THR A 497 -1.41 12.41 28.79
C THR A 497 -0.85 13.62 28.06
N PHE A 498 -0.84 13.53 26.73
CA PHE A 498 -0.76 14.73 25.92
C PHE A 498 -2.09 15.46 26.02
N ARG A 499 -2.06 16.74 26.32
CA ARG A 499 -3.28 17.52 26.38
C ARG A 499 -3.26 18.60 25.31
N LEU A 500 -4.40 18.80 24.69
CA LEU A 500 -4.55 19.81 23.65
C LEU A 500 -5.81 20.60 23.93
N ASN A 501 -5.81 21.86 23.52
CA ASN A 501 -7.01 22.67 23.58
C ASN A 501 -8.02 22.11 22.58
N GLU A 502 -9.30 22.07 22.99
CA GLU A 502 -10.30 21.38 22.19
C GLU A 502 -10.56 22.03 20.84
N CYS A 503 -10.23 23.31 20.69
CA CYS A 503 -10.42 23.96 19.40
C CYS A 503 -9.61 23.26 18.31
N VAL A 504 -8.51 22.61 18.67
CA VAL A 504 -7.63 22.00 17.68
C VAL A 504 -7.88 20.50 17.61
N CYS A 505 -9.02 20.04 18.13
CA CYS A 505 -9.40 18.66 17.93
C CYS A 505 -9.88 18.41 16.51
N THR A 506 -10.54 19.39 15.90
CA THR A 506 -11.07 19.21 14.54
C THR A 506 -9.99 18.87 13.52
N PRO A 507 -8.87 19.59 13.42
CA PRO A 507 -7.86 19.21 12.42
C PRO A 507 -7.30 17.82 12.65
N TYR A 508 -7.18 17.41 13.90
CA TYR A 508 -6.68 16.09 14.21
C TYR A 508 -7.76 15.02 14.13
N ASN A 509 -9.04 15.42 14.15
CA ASN A 509 -10.15 14.48 14.23
C ASN A 509 -10.03 13.57 15.45
N ALA A 510 -9.77 14.20 16.59
CA ALA A 510 -9.53 13.51 17.85
C ALA A 510 -10.71 13.71 18.80
N ASP A 511 -10.99 12.69 19.61
CA ASP A 511 -12.21 12.74 20.43
C ASP A 511 -12.07 12.16 21.84
N PHE A 512 -10.88 12.12 22.42
CA PHE A 512 -10.69 11.91 23.88
C PHE A 512 -11.46 10.70 24.42
N ASP A 513 -11.57 9.64 23.65
CA ASP A 513 -12.16 8.40 24.14
C ASP A 513 -11.15 7.27 24.15
N GLY A 514 -9.89 7.58 24.42
CA GLY A 514 -8.81 6.64 24.25
C GLY A 514 -7.98 6.88 23.03
N ASP A 515 -8.25 7.93 22.27
CA ASP A 515 -7.42 8.32 21.15
C ASP A 515 -6.00 8.59 21.63
N GLU A 516 -5.04 8.13 20.85
CA GLU A 516 -3.63 8.42 21.12
C GLU A 516 -3.06 9.24 19.97
N MET A 517 -2.10 10.08 20.30
CA MET A 517 -1.44 10.91 19.30
C MET A 517 0.06 10.82 19.49
N ASN A 518 0.78 11.11 18.42
CA ASN A 518 2.22 10.98 18.38
C ASN A 518 2.87 12.35 18.50
N LEU A 519 3.88 12.45 19.34
CA LEU A 519 4.64 13.67 19.52
C LEU A 519 6.02 13.48 18.92
N HIS A 520 6.44 14.44 18.10
CA HIS A 520 7.78 14.44 17.52
C HIS A 520 8.50 15.71 17.95
N VAL A 521 9.72 15.56 18.44
CA VAL A 521 10.59 16.69 18.77
C VAL A 521 11.59 16.86 17.62
N PRO A 522 11.49 17.91 16.82
CA PRO A 522 12.58 18.22 15.89
C PRO A 522 13.86 18.49 16.65
N GLN A 523 14.99 18.10 16.06
CA GLN A 523 16.26 18.14 16.76
C GLN A 523 17.24 19.17 16.22
N THR A 524 16.93 19.83 15.11
CA THR A 524 17.81 20.84 14.55
C THR A 524 17.11 22.19 14.58
N GLU A 525 17.91 23.25 14.57
CA GLU A 525 17.36 24.60 14.55
C GLU A 525 16.53 24.84 13.29
N GLU A 526 17.03 24.38 12.14
CA GLU A 526 16.31 24.60 10.89
C GLU A 526 14.97 23.89 10.90
N ALA A 527 14.95 22.61 11.31
CA ALA A 527 13.70 21.87 11.35
C ALA A 527 12.74 22.47 12.37
N ARG A 528 13.26 22.92 13.50
CA ARG A 528 12.42 23.53 14.52
C ARG A 528 11.76 24.80 14.00
N ALA A 529 12.53 25.66 13.33
CA ALA A 529 11.97 26.89 12.79
C ALA A 529 10.96 26.60 11.69
N GLU A 530 11.27 25.65 10.80
CA GLU A 530 10.32 25.27 9.77
C GLU A 530 9.03 24.77 10.38
N ALA A 531 9.14 23.88 11.37
CA ALA A 531 7.95 23.33 12.00
C ALA A 531 7.08 24.44 12.57
N ILE A 532 7.65 25.31 13.39
CA ILE A 532 6.79 26.28 14.06
C ILE A 532 6.36 27.41 13.14
N ASN A 533 7.01 27.61 12.00
CA ASN A 533 6.59 28.72 11.15
C ASN A 533 5.71 28.29 9.99
N LEU A 534 5.82 27.06 9.52
CA LEU A 534 4.95 26.57 8.45
C LEU A 534 3.84 25.70 8.97
N MET A 535 4.11 24.82 9.93
CA MET A 535 3.13 23.90 10.46
C MET A 535 2.53 24.37 11.78
N GLY A 536 2.88 25.56 12.23
CA GLY A 536 2.36 26.04 13.49
C GLY A 536 0.85 26.18 13.46
N VAL A 537 0.24 26.00 14.63
CA VAL A 537 -1.22 25.98 14.73
C VAL A 537 -1.81 27.30 14.29
N LYS A 538 -1.23 28.42 14.73
CA LYS A 538 -1.75 29.71 14.35
C LYS A 538 -1.59 29.98 12.86
N ASN A 539 -0.58 29.38 12.23
CA ASN A 539 -0.40 29.55 10.80
C ASN A 539 -1.32 28.65 9.98
N ASN A 540 -2.07 27.78 10.63
CA ASN A 540 -2.88 26.79 9.96
C ASN A 540 -4.28 26.76 10.55
N LEU A 541 -4.87 27.93 10.77
CA LEU A 541 -6.25 27.98 11.22
C LEU A 541 -7.24 27.68 10.12
N LEU A 542 -6.80 27.68 8.87
CA LEU A 542 -7.67 27.43 7.73
C LEU A 542 -7.23 26.16 7.02
N THR A 543 -8.17 25.46 6.45
CA THR A 543 -7.79 24.32 5.64
C THR A 543 -7.42 24.79 4.24
N PRO A 544 -6.38 24.22 3.63
CA PRO A 544 -5.98 24.66 2.28
C PRO A 544 -6.92 24.22 1.19
N LYS A 545 -7.83 23.28 1.45
CA LYS A 545 -8.69 22.79 0.39
C LYS A 545 -9.77 23.79 0.02
N SER A 546 -10.20 24.63 0.96
CA SER A 546 -11.24 25.60 0.67
C SER A 546 -10.96 26.97 1.25
N GLY A 547 -10.01 27.12 2.17
CA GLY A 547 -9.79 28.37 2.85
C GLY A 547 -10.68 28.60 4.05
N GLU A 548 -11.57 27.68 4.35
CA GLU A 548 -12.48 27.80 5.48
C GLU A 548 -11.74 27.48 6.77
N PRO A 549 -12.09 28.17 7.87
CA PRO A 549 -11.46 27.85 9.16
C PRO A 549 -11.74 26.42 9.59
N ILE A 550 -10.75 25.80 10.23
CA ILE A 550 -10.90 24.43 10.68
C ILE A 550 -10.61 24.35 12.16
N ILE A 551 -9.82 25.28 12.68
CA ILE A 551 -9.59 25.42 14.11
C ILE A 551 -10.54 26.49 14.60
N ALA A 552 -11.48 26.10 15.44
CA ALA A 552 -12.53 27.00 15.93
C ALA A 552 -13.26 26.29 17.06
N ALA A 553 -14.28 26.94 17.59
CA ALA A 553 -14.98 26.44 18.77
C ALA A 553 -15.63 25.10 18.49
N THR A 554 -15.45 24.17 19.42
CA THR A 554 -16.09 22.87 19.40
C THR A 554 -17.32 22.88 20.29
N GLN A 555 -17.87 21.71 20.57
CA GLN A 555 -19.26 21.60 21.03
C GLN A 555 -19.54 22.45 22.26
N ASP A 556 -18.94 22.11 23.40
CA ASP A 556 -19.29 22.80 24.63
C ASP A 556 -18.92 24.28 24.57
N PHE A 557 -17.86 24.62 23.82
CA PHE A 557 -17.53 26.03 23.62
C PHE A 557 -18.65 26.74 22.86
N ILE A 558 -19.18 26.10 21.82
CA ILE A 558 -20.30 26.67 21.07
C ILE A 558 -21.52 26.83 21.96
N THR A 559 -21.84 25.82 22.76
CA THR A 559 -23.03 25.90 23.60
C THR A 559 -22.87 26.96 24.68
N GLY A 560 -21.69 27.05 25.30
CA GLY A 560 -21.47 28.09 26.28
C GLY A 560 -21.58 29.49 25.67
N SER A 561 -21.00 29.66 24.49
CA SER A 561 -21.12 30.94 23.80
C SER A 561 -22.58 31.25 23.48
N TYR A 562 -23.33 30.25 23.05
CA TYR A 562 -24.75 30.45 22.76
C TYR A 562 -25.51 30.83 24.02
N LEU A 563 -25.23 30.17 25.13
CA LEU A 563 -25.94 30.47 26.37
C LEU A 563 -25.57 31.83 26.92
N ILE A 564 -24.35 32.30 26.67
CA ILE A 564 -23.99 33.65 27.09
C ILE A 564 -24.68 34.69 26.22
N SER A 565 -24.63 34.53 24.90
CA SER A 565 -25.18 35.53 24.01
C SER A 565 -26.68 35.40 23.82
N HIS A 566 -27.30 34.40 24.42
CA HIS A 566 -28.75 34.24 24.31
C HIS A 566 -29.45 35.49 24.82
N LYS A 567 -30.50 35.89 24.12
CA LYS A 567 -31.10 37.20 24.34
C LYS A 567 -31.61 37.40 25.77
N ASP A 568 -31.84 36.32 26.51
CA ASP A 568 -32.30 36.38 27.88
C ASP A 568 -31.17 36.53 28.90
N SER A 569 -29.93 36.65 28.46
CA SER A 569 -28.81 36.74 29.38
C SER A 569 -28.56 38.20 29.74
N PHE A 570 -28.64 38.51 31.03
CA PHE A 570 -28.31 39.82 31.57
C PHE A 570 -27.41 39.63 32.76
N TYR A 571 -26.50 40.57 32.97
CA TYR A 571 -25.50 40.43 34.02
C TYR A 571 -25.30 41.76 34.72
N ASP A 572 -25.22 41.71 36.05
CA ASP A 572 -24.83 42.90 36.78
C ASP A 572 -23.31 43.05 36.72
N ARG A 573 -22.80 44.14 37.29
CA ARG A 573 -21.38 44.46 37.18
C ARG A 573 -20.52 43.37 37.79
N ALA A 574 -20.93 42.83 38.93
CA ALA A 574 -20.14 41.80 39.61
C ALA A 574 -20.01 40.55 38.76
N THR A 575 -21.14 40.05 38.25
CA THR A 575 -21.12 38.86 37.40
C THR A 575 -20.37 39.12 36.11
N LEU A 576 -20.56 40.30 35.52
CA LEU A 576 -19.88 40.63 34.28
C LEU A 576 -18.36 40.61 34.46
N THR A 577 -17.87 41.24 35.52
CA THR A 577 -16.42 41.29 35.72
C THR A 577 -15.87 39.92 36.09
N GLN A 578 -16.64 39.10 36.81
CA GLN A 578 -16.17 37.73 37.04
C GLN A 578 -16.08 36.95 35.73
N LEU A 579 -17.06 37.14 34.84
CA LEU A 579 -17.00 36.51 33.53
C LEU A 579 -15.76 36.95 32.76
N LEU A 580 -15.46 38.25 32.80
CA LEU A 580 -14.31 38.76 32.08
C LEU A 580 -13.00 38.26 32.67
N SER A 581 -12.94 38.10 33.99
CA SER A 581 -11.77 37.52 34.63
C SER A 581 -11.60 36.05 34.26
N MET A 582 -12.70 35.30 34.17
CA MET A 582 -12.62 33.92 33.67
C MET A 582 -12.11 33.90 32.24
N MET A 583 -12.61 34.81 31.41
CA MET A 583 -12.23 34.88 30.01
C MET A 583 -10.73 35.12 29.85
N SER A 584 -10.20 36.08 30.61
CA SER A 584 -8.75 36.23 30.70
C SER A 584 -8.25 35.29 31.79
N ASP A 585 -7.02 35.47 32.23
CA ASP A 585 -6.54 34.77 33.43
C ASP A 585 -6.63 35.65 34.66
N GLY A 586 -7.32 36.78 34.56
CA GLY A 586 -7.21 37.82 35.56
C GLY A 586 -6.07 38.78 35.33
N ILE A 587 -5.43 38.72 34.17
CA ILE A 587 -4.27 39.54 33.85
C ILE A 587 -4.53 40.44 32.64
N GLU A 588 -5.79 40.70 32.33
CA GLU A 588 -6.16 41.55 31.20
C GLU A 588 -7.00 42.71 31.68
N HIS A 589 -6.68 43.90 31.20
CA HIS A 589 -7.49 45.07 31.50
C HIS A 589 -8.72 45.09 30.60
N PHE A 590 -9.86 45.41 31.19
CA PHE A 590 -11.12 45.52 30.46
C PHE A 590 -11.69 46.91 30.63
N ASP A 591 -12.03 47.54 29.52
CA ASP A 591 -12.82 48.77 29.52
C ASP A 591 -14.28 48.37 29.58
N ILE A 592 -14.92 48.60 30.72
CA ILE A 592 -16.31 48.20 30.88
C ILE A 592 -17.20 49.18 30.12
N PRO A 593 -17.97 48.73 29.15
CA PRO A 593 -18.84 49.63 28.42
C PRO A 593 -20.03 50.04 29.27
N PRO A 594 -20.79 51.04 28.85
CA PRO A 594 -22.03 51.34 29.55
C PRO A 594 -22.97 50.15 29.50
N PRO A 595 -23.73 49.93 30.56
CA PRO A 595 -24.66 48.80 30.55
C PRO A 595 -25.76 48.99 29.52
N ALA A 596 -26.23 47.88 28.95
CA ALA A 596 -27.33 47.95 28.01
C ALA A 596 -28.59 48.47 28.67
N ILE A 597 -28.82 48.08 29.92
CA ILE A 597 -29.99 48.49 30.68
C ILE A 597 -29.51 49.34 31.83
N MET A 598 -29.99 50.58 31.90
CA MET A 598 -29.53 51.50 32.92
C MET A 598 -30.57 51.74 34.00
N LYS A 599 -31.79 51.28 33.81
CA LYS A 599 -32.84 51.45 34.80
C LYS A 599 -33.88 50.37 34.54
N PRO A 600 -34.39 49.72 35.58
CA PRO A 600 -34.16 49.95 37.02
C PRO A 600 -32.81 49.49 37.55
N TYR A 601 -32.03 48.72 36.80
CA TYR A 601 -30.78 48.17 37.27
C TYR A 601 -29.72 48.34 36.19
N TYR A 602 -28.46 48.24 36.60
CA TYR A 602 -27.34 48.30 35.67
C TYR A 602 -27.05 46.89 35.21
N LEU A 603 -27.45 46.55 33.98
CA LEU A 603 -27.33 45.20 33.48
C LEU A 603 -26.64 45.19 32.12
N TRP A 604 -25.79 44.21 31.91
CA TRP A 604 -25.11 43.99 30.66
C TRP A 604 -25.67 42.75 29.99
N THR A 605 -25.89 42.82 28.69
CA THR A 605 -26.31 41.64 27.96
C THR A 605 -25.10 40.75 27.68
N GLY A 606 -25.37 39.52 27.25
CA GLY A 606 -24.29 38.60 26.95
C GLY A 606 -23.54 38.97 25.69
N LYS A 607 -24.20 39.65 24.76
CA LYS A 607 -23.52 40.12 23.57
C LYS A 607 -22.45 41.14 23.92
N GLN A 608 -22.67 41.95 24.95
CA GLN A 608 -21.63 42.86 25.41
C GLN A 608 -20.46 42.10 26.01
N VAL A 609 -20.75 41.01 26.70
CA VAL A 609 -19.69 40.13 27.20
C VAL A 609 -18.84 39.63 26.04
N PHE A 610 -19.49 39.19 24.97
CA PHE A 610 -18.71 38.68 23.84
C PHE A 610 -18.03 39.79 23.04
N SER A 611 -18.59 40.99 23.04
CA SER A 611 -17.89 42.12 22.46
C SER A 611 -16.61 42.42 23.21
N LEU A 612 -16.65 42.34 24.54
CA LEU A 612 -15.44 42.48 25.32
C LEU A 612 -14.49 41.31 25.09
N LEU A 613 -15.02 40.13 24.80
CA LEU A 613 -14.15 39.01 24.44
C LEU A 613 -13.38 39.31 23.16
N ILE A 614 -14.05 39.87 22.16
CA ILE A 614 -13.39 40.21 20.91
C ILE A 614 -12.39 41.34 21.12
N LYS A 615 -12.78 42.38 21.86
CA LYS A 615 -11.94 43.57 22.03
C LYS A 615 -12.04 44.08 23.45
N PRO A 616 -11.19 43.60 24.34
CA PRO A 616 -11.32 43.94 25.76
C PRO A 616 -11.17 45.42 26.09
N ASN A 617 -10.07 46.04 25.70
CA ASN A 617 -9.81 47.43 26.04
C ASN A 617 -9.48 48.20 24.77
N HIS A 618 -9.34 49.52 24.91
CA HIS A 618 -9.07 50.37 23.76
C HIS A 618 -7.71 50.10 23.13
N ASN A 619 -6.76 49.51 23.88
CA ASN A 619 -5.48 49.17 23.31
C ASN A 619 -5.55 47.95 22.40
N SER A 620 -6.59 47.16 22.49
CA SER A 620 -6.74 46.03 21.60
C SER A 620 -6.96 46.53 20.17
N PRO A 621 -6.16 46.08 19.21
CA PRO A 621 -6.32 46.57 17.83
C PRO A 621 -7.47 45.94 17.07
N VAL A 622 -8.14 44.93 17.64
CA VAL A 622 -9.10 44.11 16.92
C VAL A 622 -10.41 44.88 16.82
N VAL A 623 -10.69 45.44 15.65
CA VAL A 623 -11.96 46.10 15.35
C VAL A 623 -12.61 45.31 14.23
N ILE A 624 -13.66 44.58 14.55
CA ILE A 624 -14.23 43.56 13.68
C ILE A 624 -15.58 44.04 13.19
N ASN A 625 -15.83 43.86 11.91
CA ASN A 625 -17.13 44.14 11.28
C ASN A 625 -17.57 42.91 10.52
N LEU A 626 -18.81 42.49 10.73
CA LEU A 626 -19.21 41.17 10.30
C LEU A 626 -20.72 41.12 10.20
N ASP A 627 -21.22 40.44 9.16
CA ASP A 627 -22.62 40.06 9.05
C ASP A 627 -22.66 38.56 8.86
N ALA A 628 -23.57 37.89 9.55
CA ALA A 628 -23.62 36.45 9.45
C ALA A 628 -25.03 35.95 9.72
N LYS A 629 -25.39 34.89 9.02
CA LYS A 629 -26.64 34.20 9.24
C LYS A 629 -26.36 33.02 10.15
N ASN A 630 -27.02 32.99 11.31
CA ASN A 630 -26.85 31.86 12.21
C ASN A 630 -27.42 30.60 11.57
N LYS A 631 -26.93 29.46 12.06
CA LYS A 631 -27.28 28.18 11.46
C LYS A 631 -28.78 27.89 11.53
N VAL A 632 -29.48 28.48 12.47
CA VAL A 632 -30.94 28.43 12.52
C VAL A 632 -31.42 29.87 12.43
N PHE A 633 -31.75 30.29 11.22
CA PHE A 633 -32.19 31.65 10.93
C PHE A 633 -33.61 31.58 10.43
N VAL A 634 -34.56 32.06 11.23
CA VAL A 634 -35.92 32.23 10.74
C VAL A 634 -36.02 33.68 10.30
N PRO A 635 -36.65 33.98 9.18
CA PRO A 635 -36.62 35.34 8.64
C PRO A 635 -37.47 36.28 9.47
N PRO A 636 -37.38 37.59 9.24
CA PRO A 636 -38.29 38.52 9.91
C PRO A 636 -39.74 38.27 9.50
N LYS A 637 -40.65 38.86 10.27
CA LYS A 637 -42.08 38.68 10.00
C LYS A 637 -42.48 39.28 8.66
N SER A 638 -41.71 40.24 8.15
CA SER A 638 -42.02 40.92 6.91
C SER A 638 -40.87 40.71 5.93
N LYS A 639 -41.22 40.46 4.68
CA LYS A 639 -40.21 40.19 3.66
C LYS A 639 -39.35 41.40 3.36
N SER A 640 -39.76 42.58 3.78
CA SER A 640 -39.00 43.81 3.54
C SER A 640 -38.11 44.21 4.71
N LEU A 641 -38.20 43.53 5.84
CA LEU A 641 -37.37 43.89 6.98
C LEU A 641 -35.94 43.39 6.79
N PRO A 642 -34.97 44.07 7.39
CA PRO A 642 -33.58 43.60 7.30
C PRO A 642 -33.37 42.32 8.11
N ASN A 643 -32.34 41.58 7.73
CA ASN A 643 -32.14 40.24 8.26
C ASN A 643 -31.96 40.22 9.76
N GLU A 644 -31.38 41.29 10.34
CA GLU A 644 -31.21 41.31 11.78
C GLU A 644 -32.54 41.40 12.52
N MET A 645 -33.64 41.69 11.82
CA MET A 645 -34.98 41.61 12.40
C MET A 645 -35.53 40.20 12.39
N SER A 646 -34.67 39.19 12.31
CA SER A 646 -35.13 37.81 12.38
C SER A 646 -35.91 37.58 13.66
N GLN A 647 -36.90 36.70 13.58
CA GLN A 647 -37.77 36.49 14.73
C GLN A 647 -37.01 35.87 15.90
N ASN A 648 -35.96 35.13 15.61
CA ASN A 648 -35.02 34.68 16.63
C ASN A 648 -33.77 35.53 16.54
N ASP A 649 -32.73 35.17 17.29
CA ASP A 649 -31.44 35.81 17.08
C ASP A 649 -30.71 35.14 15.91
N GLY A 650 -31.34 35.15 14.75
CA GLY A 650 -30.80 34.41 13.64
C GLY A 650 -29.75 35.11 12.82
N PHE A 651 -29.40 36.34 13.15
CA PHE A 651 -28.52 37.14 12.31
C PHE A 651 -27.54 37.92 13.19
N VAL A 652 -26.25 37.76 12.94
CA VAL A 652 -25.22 38.40 13.72
C VAL A 652 -24.76 39.65 12.99
N ILE A 653 -24.93 40.80 13.63
CA ILE A 653 -24.36 42.07 13.17
C ILE A 653 -23.27 42.45 14.14
N ILE A 654 -22.05 42.64 13.63
CA ILE A 654 -20.93 43.11 14.42
C ILE A 654 -20.40 44.37 13.77
N ARG A 655 -20.33 45.45 14.55
CA ARG A 655 -19.85 46.73 14.07
C ARG A 655 -18.85 47.28 15.06
N GLY A 656 -17.60 47.41 14.62
CA GLY A 656 -16.57 47.93 15.51
C GLY A 656 -16.34 47.04 16.71
N SER A 657 -16.33 45.73 16.52
CA SER A 657 -16.17 44.70 17.54
C SER A 657 -17.34 44.64 18.50
N GLN A 658 -18.45 45.29 18.19
CA GLN A 658 -19.64 45.27 19.04
C GLN A 658 -20.69 44.37 18.40
N ILE A 659 -21.15 43.39 19.15
CA ILE A 659 -22.17 42.45 18.64
C ILE A 659 -23.52 43.09 18.83
N LEU A 660 -24.15 43.50 17.73
CA LEU A 660 -25.37 44.27 17.80
C LEU A 660 -26.63 43.41 17.66
N SER A 661 -26.48 42.14 17.30
CA SER A 661 -27.61 41.22 17.28
C SER A 661 -27.09 39.81 17.08
N GLY A 662 -27.97 38.84 17.24
CA GLY A 662 -27.67 37.47 16.90
C GLY A 662 -26.85 36.72 17.93
N VAL A 663 -27.19 35.47 18.14
CA VAL A 663 -26.47 34.63 19.10
C VAL A 663 -25.17 34.14 18.47
N MET A 664 -24.26 33.71 19.34
CA MET A 664 -22.98 33.15 18.90
C MET A 664 -23.16 31.65 18.68
N ASP A 665 -23.35 31.26 17.43
CA ASP A 665 -23.65 29.89 17.05
C ASP A 665 -22.41 29.19 16.53
N LYS A 666 -22.61 27.99 15.99
CA LYS A 666 -21.55 27.32 15.25
C LYS A 666 -21.19 28.09 14.00
N SER A 667 -22.18 28.66 13.31
CA SER A 667 -21.93 29.30 12.02
C SER A 667 -21.05 30.54 12.17
N VAL A 668 -20.95 31.11 13.36
CA VAL A 668 -20.17 32.32 13.57
C VAL A 668 -18.99 32.10 14.49
N LEU A 669 -18.86 30.94 15.12
CA LEU A 669 -17.69 30.60 15.92
C LEU A 669 -17.08 29.26 15.57
N GLY A 670 -17.66 28.51 14.63
CA GLY A 670 -17.18 27.19 14.33
C GLY A 670 -16.43 27.11 13.01
N ASP A 671 -16.46 25.94 12.40
CA ASP A 671 -15.70 25.67 11.18
C ASP A 671 -16.56 25.86 9.94
N GLY A 672 -15.88 25.94 8.80
CA GLY A 672 -16.52 25.83 7.52
C GLY A 672 -17.18 27.07 6.99
N LYS A 673 -17.18 28.17 7.73
CA LYS A 673 -17.81 29.40 7.30
C LYS A 673 -16.79 30.53 7.32
N LYS A 674 -16.79 31.35 6.28
CA LYS A 674 -15.87 32.47 6.20
C LYS A 674 -16.46 33.76 6.76
N HIS A 675 -17.67 33.71 7.30
CA HIS A 675 -18.19 34.80 8.11
C HIS A 675 -18.01 34.52 9.60
N SER A 676 -17.10 33.63 9.94
CA SER A 676 -16.78 33.35 11.33
C SER A 676 -16.16 34.59 11.99
N VAL A 677 -16.37 34.71 13.29
CA VAL A 677 -15.73 35.78 14.04
C VAL A 677 -14.22 35.61 14.02
N PHE A 678 -13.75 34.40 14.28
CA PHE A 678 -12.32 34.13 14.32
C PHE A 678 -11.71 34.22 12.92
N TYR A 679 -12.46 33.82 11.89
CA TYR A 679 -11.96 33.99 10.54
C TYR A 679 -11.76 35.45 10.18
N THR A 680 -12.72 36.30 10.54
CA THR A 680 -12.60 37.73 10.25
C THR A 680 -11.47 38.37 11.04
N ILE A 681 -11.32 37.97 12.32
CA ILE A 681 -10.18 38.45 13.10
C ILE A 681 -8.88 38.02 12.44
N LEU A 682 -8.79 36.76 12.03
CA LEU A 682 -7.59 36.29 11.33
C LEU A 682 -7.30 37.16 10.12
N ARG A 683 -8.25 37.24 9.19
CA ARG A 683 -8.03 37.94 7.93
C ARG A 683 -7.70 39.41 8.12
N ASP A 684 -8.15 40.04 9.21
CA ASP A 684 -7.89 41.46 9.36
C ASP A 684 -6.72 41.79 10.29
N TYR A 685 -6.37 40.91 11.22
CA TYR A 685 -5.39 41.28 12.23
C TYR A 685 -4.36 40.22 12.54
N GLY A 686 -4.41 39.04 11.93
CA GLY A 686 -3.35 38.09 12.12
C GLY A 686 -3.68 36.93 13.04
N PRO A 687 -2.90 35.85 12.88
CA PRO A 687 -3.12 34.64 13.67
C PRO A 687 -2.97 34.85 15.15
N GLN A 688 -2.10 35.75 15.60
CA GLN A 688 -1.92 35.94 17.03
C GLN A 688 -3.19 36.47 17.68
N GLU A 689 -3.82 37.47 17.08
CA GLU A 689 -5.05 38.00 17.66
C GLU A 689 -6.21 37.04 17.49
N ALA A 690 -6.27 36.34 16.36
CA ALA A 690 -7.31 35.32 16.21
C ALA A 690 -7.19 34.27 17.32
N ALA A 691 -5.97 33.81 17.58
CA ALA A 691 -5.76 32.82 18.62
C ALA A 691 -5.99 33.38 20.01
N ASN A 692 -5.68 34.65 20.23
CA ASN A 692 -5.98 35.28 21.51
C ASN A 692 -7.48 35.27 21.78
N ALA A 693 -8.28 35.64 20.79
CA ALA A 693 -9.72 35.62 20.95
C ALA A 693 -10.22 34.20 21.19
N MET A 694 -9.66 33.23 20.45
CA MET A 694 -10.10 31.85 20.64
C MET A 694 -9.73 31.33 22.02
N ASN A 695 -8.56 31.70 22.53
CA ASN A 695 -8.17 31.31 23.88
C ASN A 695 -9.09 31.92 24.91
N ARG A 696 -9.45 33.19 24.73
CA ARG A 696 -10.40 33.81 25.64
C ARG A 696 -11.71 33.05 25.63
N MET A 697 -12.20 32.68 24.45
CA MET A 697 -13.47 31.97 24.38
C MET A 697 -13.39 30.61 25.06
N ALA A 698 -12.28 29.89 24.84
CA ALA A 698 -12.13 28.57 25.45
C ALA A 698 -12.12 28.66 26.97
N LYS A 699 -11.30 29.56 27.52
CA LYS A 699 -11.25 29.69 28.98
C LYS A 699 -12.59 30.16 29.55
N LEU A 700 -13.23 31.12 28.89
CA LEU A 700 -14.51 31.62 29.37
C LEU A 700 -15.56 30.52 29.41
N CYS A 701 -15.71 29.77 28.32
CA CYS A 701 -16.72 28.71 28.31
C CYS A 701 -16.39 27.63 29.32
N ALA A 702 -15.11 27.23 29.40
CA ALA A 702 -14.71 26.20 30.33
C ALA A 702 -15.02 26.56 31.77
N ARG A 703 -15.02 27.85 32.10
CA ARG A 703 -15.39 28.21 33.45
C ARG A 703 -16.87 28.55 33.61
N PHE A 704 -17.53 29.05 32.56
CA PHE A 704 -18.89 29.55 32.64
C PHE A 704 -19.93 28.43 32.62
N LEU A 705 -19.74 27.43 31.77
CA LEU A 705 -20.80 26.42 31.62
C LEU A 705 -20.99 25.62 32.91
N GLY A 706 -19.90 25.29 33.58
CA GLY A 706 -20.01 24.52 34.81
C GLY A 706 -20.77 25.24 35.90
N ASN A 707 -20.62 26.56 35.98
CA ASN A 707 -21.29 27.33 37.02
C ASN A 707 -22.67 27.81 36.59
N ARG A 708 -22.96 27.81 35.30
CA ARG A 708 -24.32 28.12 34.87
C ARG A 708 -25.23 26.91 34.93
N GLY A 709 -24.73 25.76 34.50
CA GLY A 709 -25.53 24.56 34.47
C GLY A 709 -26.15 24.31 33.12
N PHE A 710 -25.86 23.14 32.53
CA PHE A 710 -26.48 22.76 31.25
C PHE A 710 -26.60 21.23 31.26
N SER A 711 -27.84 20.71 31.34
CA SER A 711 -28.00 19.24 31.49
C SER A 711 -29.03 18.69 30.52
N ILE A 712 -28.88 17.42 30.12
CA ILE A 712 -29.91 16.76 29.27
C ILE A 712 -30.56 15.68 30.14
N GLY A 713 -31.87 15.47 30.00
CA GLY A 713 -32.57 14.51 30.84
C GLY A 713 -33.63 13.78 30.06
N ILE A 714 -34.31 12.85 30.74
CA ILE A 714 -35.39 12.11 30.11
C ILE A 714 -36.53 13.03 29.69
N ASN A 715 -36.75 14.11 30.43
CA ASN A 715 -37.81 15.05 30.08
C ASN A 715 -37.48 15.84 28.83
N ASP A 716 -36.21 15.90 28.45
CA ASP A 716 -35.80 16.56 27.22
C ASP A 716 -36.15 15.73 25.99
N VAL A 717 -36.30 14.42 26.13
CA VAL A 717 -36.67 13.53 25.03
C VAL A 717 -38.04 12.90 25.24
N THR A 718 -38.78 13.33 26.24
CA THR A 718 -40.15 12.86 26.42
C THR A 718 -41.10 13.66 25.54
N PRO A 719 -41.84 13.03 24.64
CA PRO A 719 -42.86 13.78 23.88
C PRO A 719 -43.99 14.24 24.76
N ALA A 720 -44.54 15.40 24.42
CA ALA A 720 -45.71 15.89 25.13
C ALA A 720 -46.91 15.01 24.81
N ASP A 721 -47.93 15.10 25.68
CA ASP A 721 -49.05 14.17 25.58
C ASP A 721 -49.86 14.41 24.32
N ASP A 722 -49.89 15.64 23.80
CA ASP A 722 -50.62 15.90 22.57
C ASP A 722 -49.93 15.24 21.37
N LEU A 723 -48.60 15.25 21.36
CA LEU A 723 -47.87 14.66 20.24
C LEU A 723 -48.08 13.16 20.16
N LYS A 724 -48.29 12.50 21.29
CA LYS A 724 -48.60 11.08 21.25
C LYS A 724 -49.82 10.81 20.37
N GLN A 725 -50.92 11.49 20.67
CA GLN A 725 -52.16 11.30 19.92
C GLN A 725 -52.02 11.78 18.48
N LYS A 726 -51.36 12.93 18.29
CA LYS A 726 -51.18 13.48 16.95
C LYS A 726 -50.39 12.53 16.06
N LYS A 727 -49.23 12.08 16.53
CA LYS A 727 -48.42 11.16 15.76
C LYS A 727 -49.15 9.85 15.53
N GLU A 728 -49.89 9.36 16.53
CA GLU A 728 -50.62 8.11 16.33
C GLU A 728 -51.58 8.24 15.16
N GLU A 729 -52.46 9.24 15.21
CA GLU A 729 -53.48 9.35 14.16
C GLU A 729 -52.84 9.71 12.83
N LEU A 730 -51.73 10.46 12.86
CA LEU A 730 -51.07 10.87 11.63
C LEU A 730 -50.43 9.68 10.92
N VAL A 731 -49.71 8.83 11.65
CA VAL A 731 -49.16 7.62 11.08
C VAL A 731 -50.28 6.69 10.65
N GLU A 732 -51.42 6.73 11.35
CA GLU A 732 -52.55 5.91 10.92
C GLU A 732 -53.07 6.35 9.56
N ILE A 733 -53.15 7.66 9.31
CA ILE A 733 -53.59 8.08 7.98
C ILE A 733 -52.53 7.74 6.93
N ALA A 734 -51.28 7.54 7.35
CA ALA A 734 -50.24 7.13 6.40
C ALA A 734 -50.14 5.62 6.28
N TYR A 735 -50.39 4.88 7.37
CA TYR A 735 -50.40 3.42 7.27
C TYR A 735 -51.53 2.94 6.37
N HIS A 736 -52.71 3.53 6.51
CA HIS A 736 -53.83 3.15 5.66
C HIS A 736 -53.53 3.43 4.19
N LYS A 737 -52.85 4.55 3.92
CA LYS A 737 -52.47 4.87 2.55
C LYS A 737 -51.54 3.81 1.98
N CYS A 738 -50.50 3.44 2.73
CA CYS A 738 -49.57 2.43 2.25
C CYS A 738 -50.28 1.09 2.07
N ASP A 739 -51.17 0.72 2.99
CA ASP A 739 -51.87 -0.54 2.90
C ASP A 739 -52.82 -0.57 1.69
N GLU A 740 -53.49 0.54 1.40
CA GLU A 740 -54.36 0.56 0.23
C GLU A 740 -53.56 0.56 -1.06
N LEU A 741 -52.36 1.16 -1.04
CA LEU A 741 -51.44 0.98 -2.16
C LEU A 741 -51.04 -0.48 -2.32
N ILE A 742 -50.82 -1.18 -1.20
CA ILE A 742 -50.50 -2.60 -1.25
C ILE A 742 -51.66 -3.38 -1.86
N THR A 743 -52.88 -3.05 -1.44
CA THR A 743 -54.07 -3.74 -1.95
C THR A 743 -54.26 -3.47 -3.44
N LEU A 744 -53.95 -2.25 -3.89
CA LEU A 744 -53.98 -1.93 -5.32
C LEU A 744 -52.95 -2.77 -6.08
N PHE A 745 -51.70 -2.73 -5.65
CA PHE A 745 -50.62 -3.45 -6.31
C PHE A 745 -50.86 -4.94 -6.32
N ASN A 746 -51.55 -5.47 -5.31
CA ASN A 746 -51.80 -6.91 -5.26
C ASN A 746 -53.01 -7.29 -6.09
N LYS A 747 -54.21 -6.85 -5.68
CA LYS A 747 -55.42 -7.36 -6.31
C LYS A 747 -55.65 -6.73 -7.68
N GLY A 748 -55.35 -5.44 -7.84
CA GLY A 748 -55.61 -4.80 -9.11
C GLY A 748 -54.34 -4.49 -9.86
N GLU A 749 -54.13 -3.21 -10.16
CA GLU A 749 -52.90 -2.78 -10.79
C GLU A 749 -52.76 -1.28 -10.58
N LEU A 750 -51.65 -0.89 -9.95
CA LEU A 750 -51.40 0.51 -9.67
C LEU A 750 -50.56 1.12 -10.78
N GLU A 751 -50.72 2.41 -10.98
CA GLU A 751 -50.13 3.09 -12.13
C GLU A 751 -48.61 3.06 -12.06
N THR A 752 -47.98 2.26 -12.89
CA THR A 752 -46.54 2.13 -12.87
C THR A 752 -45.88 3.44 -13.29
N GLN A 753 -44.82 3.81 -12.58
CA GLN A 753 -44.11 5.03 -12.90
C GLN A 753 -43.39 4.91 -14.23
N PRO A 754 -43.14 6.03 -14.91
CA PRO A 754 -42.39 5.96 -16.18
C PRO A 754 -41.02 5.32 -16.05
N GLY A 755 -40.35 5.52 -14.92
CA GLY A 755 -39.03 4.94 -14.75
C GLY A 755 -39.02 3.70 -13.89
N CYS A 756 -40.17 3.35 -13.31
CA CYS A 756 -40.26 2.28 -12.33
C CYS A 756 -41.43 1.38 -12.67
N ASN A 757 -41.18 0.06 -12.67
CA ASN A 757 -42.23 -0.92 -12.92
C ASN A 757 -43.02 -1.14 -11.63
N GLU A 758 -43.86 -2.18 -11.60
CA GLU A 758 -44.81 -2.33 -10.50
C GLU A 758 -44.11 -2.48 -9.16
N GLU A 759 -42.99 -3.21 -9.11
CA GLU A 759 -42.28 -3.38 -7.86
C GLU A 759 -41.56 -2.11 -7.46
N GLN A 760 -40.89 -1.47 -8.40
CA GLN A 760 -40.17 -0.23 -8.10
C GLN A 760 -41.12 0.93 -7.88
N THR A 761 -42.24 0.96 -8.60
CA THR A 761 -43.22 2.02 -8.38
C THR A 761 -43.73 1.98 -6.95
N LEU A 762 -44.16 0.82 -6.48
CA LEU A 762 -44.67 0.71 -5.12
C LEU A 762 -43.58 1.04 -4.10
N GLU A 763 -42.37 0.56 -4.34
CA GLU A 763 -41.28 0.83 -3.39
C GLU A 763 -41.01 2.32 -3.27
N ALA A 764 -40.85 3.00 -4.40
CA ALA A 764 -40.61 4.44 -4.38
C ALA A 764 -41.80 5.19 -3.81
N LYS A 765 -43.02 4.74 -4.13
CA LYS A 765 -44.22 5.42 -3.67
C LYS A 765 -44.30 5.41 -2.15
N ILE A 766 -44.26 4.22 -1.55
CA ILE A 766 -44.43 4.20 -0.11
C ILE A 766 -43.15 4.59 0.61
N GLY A 767 -41.99 4.55 -0.04
CA GLY A 767 -40.81 5.16 0.55
C GLY A 767 -40.97 6.66 0.70
N GLY A 768 -41.44 7.32 -0.37
CA GLY A 768 -41.74 8.74 -0.26
C GLY A 768 -42.81 9.03 0.77
N LEU A 769 -43.83 8.18 0.83
CA LEU A 769 -44.86 8.31 1.84
C LEU A 769 -44.28 8.27 3.25
N LEU A 770 -43.47 7.25 3.55
CA LEU A 770 -42.93 7.09 4.89
C LEU A 770 -41.96 8.21 5.23
N SER A 771 -41.17 8.66 4.25
CA SER A 771 -40.30 9.80 4.52
C SER A 771 -41.09 11.05 4.84
N LYS A 772 -42.17 11.31 4.10
CA LYS A 772 -42.99 12.47 4.37
C LYS A 772 -43.65 12.39 5.74
N VAL A 773 -44.14 11.21 6.12
CA VAL A 773 -44.80 11.09 7.42
C VAL A 773 -43.80 11.28 8.55
N ARG A 774 -42.58 10.74 8.39
CA ARG A 774 -41.56 11.00 9.40
C ARG A 774 -41.22 12.48 9.48
N GLU A 775 -41.18 13.15 8.32
CA GLU A 775 -40.91 14.59 8.30
C GLU A 775 -41.98 15.35 9.05
N GLU A 776 -43.25 15.03 8.82
CA GLU A 776 -44.34 15.74 9.49
C GLU A 776 -44.30 15.53 11.00
N VAL A 777 -44.09 14.28 11.43
CA VAL A 777 -44.04 14.01 12.86
C VAL A 777 -42.84 14.71 13.48
N GLY A 778 -41.72 14.76 12.77
CA GLY A 778 -40.56 15.48 13.26
C GLY A 778 -40.82 16.97 13.40
N ASP A 779 -41.52 17.56 12.44
CA ASP A 779 -41.80 18.99 12.53
C ASP A 779 -42.74 19.29 13.70
N VAL A 780 -43.75 18.45 13.90
CA VAL A 780 -44.62 18.63 15.05
C VAL A 780 -43.83 18.54 16.34
N CYS A 781 -42.92 17.56 16.42
CA CYS A 781 -42.07 17.42 17.60
C CYS A 781 -41.23 18.66 17.83
N ILE A 782 -40.57 19.16 16.79
CA ILE A 782 -39.65 20.27 16.96
C ILE A 782 -40.41 21.54 17.35
N ASN A 783 -41.55 21.78 16.73
CA ASN A 783 -42.31 22.98 17.08
C ASN A 783 -42.87 22.88 18.50
N GLU A 784 -43.25 21.67 18.94
CA GLU A 784 -43.81 21.54 20.27
C GLU A 784 -42.76 21.65 21.37
N LEU A 785 -41.49 21.39 21.07
CA LEU A 785 -40.47 21.32 22.11
C LEU A 785 -40.35 22.62 22.88
N ASP A 786 -40.16 22.49 24.19
CA ASP A 786 -40.01 23.63 25.07
C ASP A 786 -38.71 24.37 24.76
N ASN A 787 -38.69 25.66 25.08
CA ASN A 787 -37.43 26.38 25.10
C ASN A 787 -36.69 26.05 26.39
N TRP A 788 -35.36 25.94 26.29
CA TRP A 788 -34.48 25.34 27.29
C TRP A 788 -34.50 23.82 27.23
N ASN A 789 -35.14 23.25 26.21
CA ASN A 789 -34.92 21.86 25.88
C ASN A 789 -33.47 21.70 25.43
N ALA A 790 -32.73 20.82 26.12
CA ALA A 790 -31.29 20.72 25.87
C ALA A 790 -30.95 20.23 24.47
N PRO A 791 -31.53 19.14 23.96
CA PRO A 791 -31.19 18.75 22.57
C PRO A 791 -31.57 19.80 21.56
N LEU A 792 -32.68 20.50 21.78
CA LEU A 792 -33.05 21.60 20.89
C LEU A 792 -32.03 22.71 20.92
N ILE A 793 -31.53 23.06 22.11
CA ILE A 793 -30.50 24.08 22.21
C ILE A 793 -29.24 23.63 21.47
N MET A 794 -28.85 22.37 21.66
CA MET A 794 -27.64 21.88 21.03
C MET A 794 -27.78 21.81 19.51
N ALA A 795 -28.99 21.57 19.01
CA ALA A 795 -29.21 21.58 17.57
C ALA A 795 -29.29 23.01 17.03
N THR A 796 -29.82 23.94 17.82
CA THR A 796 -29.96 25.33 17.38
C THR A 796 -28.60 26.02 17.29
N CYS A 797 -27.78 25.91 18.33
CA CYS A 797 -26.46 26.51 18.26
C CYS A 797 -25.53 25.74 17.35
N GLY A 798 -25.78 24.46 17.13
CA GLY A 798 -24.94 23.65 16.28
C GLY A 798 -23.77 22.99 16.96
N SER A 799 -23.80 22.86 18.29
CA SER A 799 -22.70 22.19 18.97
C SER A 799 -22.76 20.69 18.77
N LYS A 800 -23.95 20.10 18.84
CA LYS A 800 -24.06 18.65 18.72
C LYS A 800 -25.46 18.26 18.30
N GLY A 801 -25.54 17.39 17.31
CA GLY A 801 -26.80 16.79 16.92
C GLY A 801 -27.62 17.64 15.98
N SER A 802 -28.74 17.07 15.56
CA SER A 802 -29.61 17.71 14.59
C SER A 802 -31.06 17.49 14.99
N THR A 803 -31.94 18.26 14.33
CA THR A 803 -33.37 18.07 14.56
C THR A 803 -33.82 16.67 14.16
N LEU A 804 -33.15 16.06 13.19
CA LEU A 804 -33.45 14.66 12.88
C LEU A 804 -33.18 13.76 14.07
N ASN A 805 -32.05 13.95 14.75
CA ASN A 805 -31.76 13.15 15.93
C ASN A 805 -32.78 13.41 17.04
N VAL A 806 -33.15 14.68 17.22
CA VAL A 806 -34.14 14.98 18.25
C VAL A 806 -35.48 14.32 17.94
N SER A 807 -35.90 14.37 16.67
CA SER A 807 -37.16 13.75 16.29
C SER A 807 -37.09 12.24 16.41
N GLN A 808 -35.93 11.64 16.17
CA GLN A 808 -35.83 10.20 16.35
C GLN A 808 -35.89 9.83 17.82
N MET A 809 -35.29 10.63 18.69
CA MET A 809 -35.36 10.36 20.12
C MET A 809 -36.76 10.55 20.67
N VAL A 810 -37.47 11.59 20.21
CA VAL A 810 -38.73 11.97 20.82
C VAL A 810 -39.92 11.32 20.12
N ALA A 811 -40.01 11.45 18.80
CA ALA A 811 -41.22 11.12 18.05
C ALA A 811 -41.14 9.78 17.32
N VAL A 812 -40.22 9.63 16.37
CA VAL A 812 -40.28 8.48 15.47
C VAL A 812 -38.91 8.23 14.86
N VAL A 813 -38.50 6.97 14.87
CA VAL A 813 -37.31 6.51 14.15
C VAL A 813 -37.79 6.05 12.79
N GLY A 814 -37.74 6.93 11.80
CA GLY A 814 -38.61 6.71 10.65
C GLY A 814 -38.50 5.41 9.89
N GLN A 815 -37.45 5.19 9.11
CA GLN A 815 -37.45 4.08 8.16
C GLN A 815 -36.03 3.61 7.99
N GLN A 816 -35.80 2.31 8.17
CA GLN A 816 -34.46 1.76 8.16
C GLN A 816 -34.08 1.39 6.73
N ILE A 817 -33.08 2.07 6.19
CA ILE A 817 -32.72 1.98 4.79
C ILE A 817 -31.47 1.12 4.67
N ILE A 818 -31.60 -0.03 4.02
CA ILE A 818 -30.52 -0.99 3.88
C ILE A 818 -30.10 -1.02 2.42
N SER A 819 -28.82 -0.75 2.16
CA SER A 819 -28.27 -0.72 0.81
C SER A 819 -29.02 0.24 -0.10
N GLY A 820 -29.68 1.24 0.48
CA GLY A 820 -30.38 2.25 -0.28
C GLY A 820 -31.87 2.04 -0.44
N ASN A 821 -32.47 1.04 0.21
CA ASN A 821 -33.91 0.85 0.14
C ASN A 821 -34.38 0.11 1.39
N ARG A 822 -35.69 -0.16 1.46
CA ARG A 822 -36.29 -0.75 2.63
C ARG A 822 -35.68 -2.12 2.92
N VAL A 823 -35.89 -2.60 4.15
CA VAL A 823 -35.16 -3.79 4.59
C VAL A 823 -35.54 -4.97 3.71
N PRO A 824 -34.61 -5.84 3.36
CA PRO A 824 -34.90 -6.83 2.33
C PRO A 824 -35.61 -8.04 2.90
N ASP A 825 -35.83 -9.04 2.06
CA ASP A 825 -36.44 -10.29 2.49
C ASP A 825 -35.32 -11.21 2.96
N GLY A 826 -35.27 -11.43 4.27
CA GLY A 826 -34.38 -12.44 4.81
C GLY A 826 -34.95 -13.84 4.80
N PHE A 827 -36.24 -13.96 4.53
CA PHE A 827 -36.91 -15.25 4.40
C PHE A 827 -37.61 -15.30 3.04
N GLN A 828 -38.38 -16.36 2.83
CA GLN A 828 -39.04 -16.56 1.54
C GLN A 828 -40.09 -15.46 1.33
N ASP A 829 -39.80 -14.53 0.42
CA ASP A 829 -40.65 -13.38 0.10
C ASP A 829 -41.25 -12.76 1.36
N ARG A 830 -40.40 -12.46 2.34
CA ARG A 830 -40.84 -11.98 3.64
C ARG A 830 -39.59 -11.65 4.46
N SER A 831 -39.66 -10.54 5.21
CA SER A 831 -38.48 -10.08 5.95
C SER A 831 -38.26 -10.87 7.22
N LEU A 832 -39.32 -11.10 8.00
CA LEU A 832 -39.23 -11.83 9.25
C LEU A 832 -40.38 -12.82 9.36
N PRO A 833 -40.19 -13.94 10.07
CA PRO A 833 -41.31 -14.88 10.27
C PRO A 833 -42.39 -14.34 11.17
N HIS A 834 -42.20 -13.16 11.74
CA HIS A 834 -43.17 -12.53 12.61
C HIS A 834 -44.14 -11.67 11.85
N PHE A 835 -44.07 -11.69 10.53
CA PHE A 835 -44.97 -11.00 9.63
C PHE A 835 -45.56 -11.98 8.64
N PRO A 836 -46.76 -11.72 8.12
CA PRO A 836 -47.35 -12.63 7.15
C PRO A 836 -46.48 -12.72 5.89
N LYS A 837 -46.51 -13.89 5.27
CA LYS A 837 -45.75 -14.09 4.05
C LYS A 837 -46.30 -13.18 2.95
N ASN A 838 -45.39 -12.69 2.10
CA ASN A 838 -45.73 -11.70 1.07
C ASN A 838 -46.39 -10.47 1.70
N SER A 839 -45.63 -9.80 2.54
CA SER A 839 -46.07 -8.59 3.22
C SER A 839 -45.13 -7.45 2.83
N LYS A 840 -45.71 -6.36 2.34
CA LYS A 840 -44.96 -5.16 2.03
C LYS A 840 -45.49 -3.97 2.83
N THR A 841 -46.04 -4.23 4.01
CA THR A 841 -46.45 -3.16 4.90
C THR A 841 -45.23 -2.44 5.45
N PRO A 842 -45.38 -1.16 5.83
CA PRO A 842 -44.24 -0.46 6.43
C PRO A 842 -43.71 -1.11 7.69
N GLN A 843 -44.59 -1.66 8.55
CA GLN A 843 -44.11 -2.28 9.78
C GLN A 843 -43.19 -3.44 9.48
N SER A 844 -43.52 -4.24 8.46
CA SER A 844 -42.80 -5.44 8.12
C SER A 844 -41.54 -5.19 7.31
N LYS A 845 -41.27 -3.95 6.92
CA LYS A 845 -40.18 -3.67 6.00
C LYS A 845 -39.34 -2.50 6.50
N GLY A 846 -39.26 -2.33 7.81
CA GLY A 846 -38.24 -1.49 8.40
C GLY A 846 -38.70 -0.13 8.88
N PHE A 847 -39.99 0.19 8.76
CA PHE A 847 -40.46 1.42 9.36
C PHE A 847 -40.59 1.21 10.86
N VAL A 848 -39.93 2.07 11.62
CA VAL A 848 -39.91 2.00 13.08
C VAL A 848 -40.87 3.07 13.58
N ARG A 849 -42.07 2.66 13.95
CA ARG A 849 -43.08 3.59 14.41
C ARG A 849 -42.69 4.25 15.73
N ASN A 850 -41.88 3.57 16.53
CA ASN A 850 -41.52 4.04 17.84
C ASN A 850 -40.41 5.09 17.78
N SER A 851 -40.22 5.77 18.88
CA SER A 851 -39.06 6.60 19.12
C SER A 851 -38.09 5.88 20.03
N PHE A 852 -36.86 6.40 20.10
CA PHE A 852 -35.90 5.84 21.03
C PHE A 852 -36.33 6.03 22.47
N PHE A 853 -37.21 7.00 22.74
CA PHE A 853 -37.74 7.15 24.09
C PHE A 853 -38.74 6.05 24.41
N SER A 854 -39.67 5.77 23.50
CA SER A 854 -40.68 4.74 23.74
C SER A 854 -40.13 3.33 23.62
N GLY A 855 -39.01 3.15 22.95
CA GLY A 855 -38.43 1.83 22.85
C GLY A 855 -38.92 1.08 21.63
N LEU A 856 -38.08 0.19 21.14
CA LEU A 856 -38.35 -0.53 19.91
C LEU A 856 -38.90 -1.92 20.21
N SER A 857 -39.93 -2.33 19.47
CA SER A 857 -40.39 -3.71 19.50
C SER A 857 -39.33 -4.59 18.84
N PRO A 858 -39.35 -5.90 19.08
CA PRO A 858 -38.26 -6.78 18.61
C PRO A 858 -37.99 -6.68 17.11
N PRO A 859 -39.03 -6.62 16.25
CA PRO A 859 -38.71 -6.50 14.82
C PRO A 859 -38.11 -5.16 14.44
N GLU A 860 -38.60 -4.07 15.02
CA GLU A 860 -37.95 -2.77 14.80
C GLU A 860 -36.53 -2.78 15.32
N PHE A 861 -36.30 -3.46 16.45
CA PHE A 861 -34.97 -3.56 17.01
C PHE A 861 -34.02 -4.28 16.06
N LEU A 862 -34.49 -5.36 15.44
CA LEU A 862 -33.68 -6.06 14.45
C LEU A 862 -33.43 -5.20 13.22
N PHE A 863 -34.46 -4.54 12.69
CA PHE A 863 -34.26 -3.73 11.50
C PHE A 863 -33.29 -2.58 11.76
N HIS A 864 -33.42 -1.95 12.92
CA HIS A 864 -32.50 -0.89 13.30
C HIS A 864 -31.09 -1.42 13.46
N ALA A 865 -30.93 -2.61 14.04
CA ALA A 865 -29.61 -3.19 14.15
C ALA A 865 -29.02 -3.50 12.79
N ILE A 866 -29.85 -3.88 11.82
CA ILE A 866 -29.34 -4.11 10.47
C ILE A 866 -28.82 -2.82 9.87
N SER A 867 -29.60 -1.74 10.00
CA SER A 867 -29.14 -0.46 9.45
C SER A 867 -27.88 0.04 10.15
N GLY A 868 -27.84 -0.05 11.48
CA GLY A 868 -26.67 0.41 12.20
C GLY A 868 -25.45 -0.42 11.92
N ARG A 869 -25.62 -1.74 11.78
CA ARG A 869 -24.51 -2.60 11.40
C ARG A 869 -24.01 -2.27 10.01
N GLU A 870 -24.92 -1.92 9.10
CA GLU A 870 -24.48 -1.47 7.79
C GLU A 870 -23.61 -0.22 7.91
N GLY A 871 -24.03 0.73 8.75
CA GLY A 871 -23.19 1.91 8.98
C GLY A 871 -21.84 1.58 9.59
N LEU A 872 -21.81 0.64 10.54
CA LEU A 872 -20.57 0.25 11.19
C LEU A 872 -19.62 -0.46 10.22
N VAL A 873 -20.15 -1.40 9.44
CA VAL A 873 -19.33 -2.08 8.45
C VAL A 873 -18.83 -1.08 7.41
N ASP A 874 -19.65 -0.08 7.10
CA ASP A 874 -19.24 0.96 6.18
C ASP A 874 -18.08 1.77 6.75
N THR A 875 -18.12 2.09 8.05
CA THR A 875 -16.99 2.84 8.61
C THR A 875 -15.75 1.98 8.74
N ALA A 876 -15.90 0.67 8.95
CA ALA A 876 -14.74 -0.21 8.91
C ALA A 876 -14.13 -0.24 7.52
N VAL A 877 -14.98 -0.30 6.49
CA VAL A 877 -14.52 -0.20 5.11
C VAL A 877 -13.78 1.12 4.89
N LYS A 878 -14.33 2.21 5.41
CA LYS A 878 -13.71 3.52 5.25
C LYS A 878 -12.36 3.59 5.94
N THR A 879 -12.25 2.99 7.14
CA THR A 879 -10.97 2.98 7.83
C THR A 879 -9.96 2.10 7.10
N ALA A 880 -10.44 1.06 6.41
CA ALA A 880 -9.54 0.26 5.59
C ALA A 880 -9.04 1.02 4.37
N GLU A 881 -9.91 1.79 3.74
CA GLU A 881 -9.60 2.50 2.50
C GLU A 881 -9.23 3.95 2.72
N THR A 882 -8.99 4.37 3.97
CA THR A 882 -8.54 5.73 4.22
C THR A 882 -7.16 5.97 3.64
N GLY A 883 -6.97 7.15 3.05
CA GLY A 883 -5.69 7.51 2.47
C GLY A 883 -5.28 6.65 1.30
N TYR A 884 -6.23 6.23 0.47
CA TYR A 884 -5.91 5.56 -0.78
C TYR A 884 -5.82 6.54 -1.94
N MET A 885 -6.89 7.29 -2.18
CA MET A 885 -6.85 8.32 -3.20
C MET A 885 -5.83 9.38 -2.84
N SER A 886 -5.67 9.68 -1.55
CA SER A 886 -4.66 10.63 -1.13
C SER A 886 -3.27 10.19 -1.59
N ARG A 887 -2.93 8.93 -1.33
CA ARG A 887 -1.62 8.41 -1.74
C ARG A 887 -1.46 8.38 -3.25
N ARG A 888 -2.50 7.95 -3.97
CA ARG A 888 -2.42 7.87 -5.42
C ARG A 888 -2.20 9.25 -6.03
N LEU A 889 -3.04 10.21 -5.66
CA LEU A 889 -2.87 11.58 -6.15
C LEU A 889 -1.56 12.19 -5.65
N MET A 890 -1.08 11.77 -4.48
CA MET A 890 0.21 12.28 -4.03
C MET A 890 1.31 11.85 -4.97
N LYS A 891 1.26 10.60 -5.44
CA LYS A 891 2.23 10.18 -6.44
C LYS A 891 2.06 10.96 -7.73
N SER A 892 0.83 11.31 -8.10
CA SER A 892 0.63 12.07 -9.34
C SER A 892 1.16 13.50 -9.24
N LEU A 893 0.79 14.22 -8.18
CA LEU A 893 0.99 15.67 -8.09
C LEU A 893 2.09 16.06 -7.11
N GLU A 894 2.86 15.10 -6.62
CA GLU A 894 3.75 15.33 -5.49
C GLU A 894 4.79 16.39 -5.81
N ASP A 895 5.35 16.35 -7.01
CA ASP A 895 6.46 17.20 -7.37
C ASP A 895 6.05 18.55 -7.94
N LEU A 896 4.76 18.79 -8.14
CA LEU A 896 4.33 20.08 -8.68
C LEU A 896 4.46 21.16 -7.63
N SER A 897 5.11 22.27 -7.99
CA SER A 897 5.22 23.42 -7.11
C SER A 897 5.14 24.69 -7.93
N CYS A 898 4.69 25.76 -7.29
CA CYS A 898 4.65 27.05 -7.95
C CYS A 898 6.05 27.62 -8.07
N GLN A 899 6.36 28.16 -9.24
CA GLN A 899 7.68 28.71 -9.53
C GLN A 899 7.69 30.22 -9.32
N TYR A 900 8.89 30.80 -9.35
CA TYR A 900 9.01 32.23 -9.07
C TYR A 900 8.54 33.10 -10.23
N ASP A 901 8.27 32.53 -11.40
CA ASP A 901 7.64 33.25 -12.50
C ASP A 901 6.16 32.93 -12.61
N ASN A 902 5.55 32.48 -11.52
CA ASN A 902 4.11 32.21 -11.42
C ASN A 902 3.67 31.03 -12.26
N THR A 903 4.55 30.07 -12.51
CA THR A 903 4.20 28.88 -13.26
C THR A 903 4.20 27.67 -12.34
N VAL A 904 3.35 26.70 -12.66
CA VAL A 904 3.34 25.41 -11.99
C VAL A 904 4.07 24.43 -12.89
N ARG A 905 5.08 23.77 -12.35
CA ARG A 905 5.95 22.92 -13.14
C ARG A 905 6.20 21.60 -12.44
N THR A 906 6.55 20.61 -13.24
CA THR A 906 7.00 19.32 -12.74
C THR A 906 8.43 19.47 -12.23
N SER A 907 8.95 18.41 -11.60
CA SER A 907 10.37 18.39 -11.28
C SER A 907 11.24 18.37 -12.52
N ALA A 908 10.68 17.97 -13.66
CA ALA A 908 11.36 18.02 -14.94
C ALA A 908 11.23 19.39 -15.61
N ASN A 909 10.81 20.41 -14.87
CA ASN A 909 10.70 21.78 -15.36
C ASN A 909 9.72 21.92 -16.53
N GLY A 910 8.86 20.92 -16.73
CA GLY A 910 7.83 21.02 -17.74
C GLY A 910 6.65 21.80 -17.18
N ILE A 911 6.08 22.66 -18.02
CA ILE A 911 4.97 23.50 -17.61
C ILE A 911 3.69 22.66 -17.58
N VAL A 912 3.03 22.64 -16.43
CA VAL A 912 1.69 22.07 -16.33
C VAL A 912 0.65 23.15 -16.46
N GLN A 913 0.79 24.22 -15.70
CA GLN A 913 -0.03 25.42 -15.82
C GLN A 913 0.89 26.61 -15.95
N PHE A 914 0.64 27.46 -16.93
CA PHE A 914 1.41 28.69 -17.03
C PHE A 914 1.12 29.63 -15.88
N THR A 915 0.00 29.44 -15.21
CA THR A 915 -0.32 30.14 -13.97
C THR A 915 -1.35 29.29 -13.24
N TYR A 916 -1.32 29.34 -11.91
CA TYR A 916 -2.13 28.42 -11.12
C TYR A 916 -3.61 28.78 -11.25
N GLY A 917 -4.42 27.81 -11.68
CA GLY A 917 -5.84 28.02 -11.79
C GLY A 917 -6.23 29.05 -12.80
N GLY A 918 -5.31 29.45 -13.68
CA GLY A 918 -5.57 30.55 -14.59
C GLY A 918 -5.76 31.88 -13.92
N ASP A 919 -5.48 31.98 -12.64
CA ASP A 919 -5.72 33.11 -11.77
C ASP A 919 -4.47 33.55 -11.02
N GLY A 920 -3.64 32.60 -10.59
CA GLY A 920 -2.51 32.88 -9.74
C GLY A 920 -2.86 32.99 -8.27
N LEU A 921 -4.09 32.69 -7.89
CA LEU A 921 -4.59 32.95 -6.55
C LEU A 921 -4.55 31.68 -5.71
N ASP A 922 -4.17 31.85 -4.46
CA ASP A 922 -4.10 30.74 -3.52
C ASP A 922 -5.49 30.47 -2.93
N PRO A 923 -6.00 29.25 -3.04
CA PRO A 923 -7.29 28.95 -2.40
C PRO A 923 -7.30 29.12 -0.89
N LEU A 924 -6.14 29.13 -0.24
CA LEU A 924 -6.07 29.37 1.19
C LEU A 924 -6.34 30.83 1.54
N GLU A 925 -6.30 31.74 0.58
CA GLU A 925 -6.48 33.17 0.83
C GLU A 925 -7.73 33.73 0.18
N MET A 926 -8.67 32.89 -0.22
CA MET A 926 -9.91 33.36 -0.82
C MET A 926 -10.91 33.67 0.27
N GLU A 927 -11.36 34.93 0.32
CA GLU A 927 -12.38 35.33 1.27
C GLU A 927 -13.77 35.39 0.67
N GLY A 928 -13.88 35.48 -0.64
CA GLY A 928 -15.17 35.43 -1.32
C GLY A 928 -15.58 34.02 -1.64
N ASN A 929 -16.38 33.88 -2.70
CA ASN A 929 -16.79 32.58 -3.21
C ASN A 929 -15.74 32.13 -4.22
N ALA A 930 -14.64 31.60 -3.70
CA ALA A 930 -13.44 31.28 -4.46
C ALA A 930 -12.89 32.49 -5.22
N GLN A 931 -13.23 33.68 -4.74
CA GLN A 931 -12.76 34.98 -5.18
C GLN A 931 -12.01 35.66 -4.05
N PRO A 932 -10.96 36.41 -4.36
CA PRO A 932 -10.03 36.84 -3.30
C PRO A 932 -10.63 37.75 -2.25
N VAL A 933 -11.62 38.57 -2.58
CA VAL A 933 -12.10 39.62 -1.69
C VAL A 933 -13.60 39.51 -1.51
N ASN A 934 -14.05 39.67 -0.26
CA ASN A 934 -15.47 39.80 0.06
C ASN A 934 -15.81 41.29 0.05
N PHE A 935 -16.41 41.76 -1.03
CA PHE A 935 -16.60 43.20 -1.23
C PHE A 935 -17.55 43.79 -0.20
N ASN A 936 -18.64 43.10 0.13
CA ASN A 936 -19.60 43.67 1.08
C ASN A 936 -18.98 43.82 2.45
N ARG A 937 -18.31 42.77 2.95
CA ARG A 937 -17.68 42.87 4.26
C ARG A 937 -16.55 43.89 4.25
N SER A 938 -15.78 43.93 3.17
CA SER A 938 -14.69 44.90 3.08
C SER A 938 -15.23 46.32 3.08
N TRP A 939 -16.33 46.57 2.37
CA TRP A 939 -16.92 47.90 2.37
C TRP A 939 -17.45 48.28 3.73
N ASP A 940 -18.16 47.37 4.40
CA ASP A 940 -18.66 47.66 5.74
C ASP A 940 -17.52 47.94 6.70
N HIS A 941 -16.46 47.14 6.62
CA HIS A 941 -15.31 47.33 7.49
C HIS A 941 -14.65 48.67 7.25
N ALA A 942 -14.49 49.07 5.98
CA ALA A 942 -13.89 50.37 5.67
C ALA A 942 -14.75 51.50 6.19
N TYR A 943 -16.07 51.41 5.98
CA TYR A 943 -16.97 52.43 6.47
C TYR A 943 -16.89 52.58 7.97
N ASN A 944 -16.88 51.46 8.69
CA ASN A 944 -16.85 51.52 10.15
C ASN A 944 -15.50 52.02 10.65
N ILE A 945 -14.41 51.62 10.01
CA ILE A 945 -13.08 51.96 10.51
C ILE A 945 -12.75 53.41 10.25
N THR A 946 -13.28 53.99 9.18
CA THR A 946 -13.00 55.38 8.86
C THR A 946 -14.17 56.30 9.20
N PHE A 947 -15.16 55.84 9.95
CA PHE A 947 -16.38 56.59 10.17
C PHE A 947 -16.13 57.84 11.01
N ASN A 948 -16.82 58.91 10.65
CA ASN A 948 -16.76 60.16 11.39
C ASN A 948 -17.98 60.98 11.00
N ASN A 949 -18.86 61.28 11.97
CA ASN A 949 -20.04 62.07 11.66
C ASN A 949 -19.65 63.47 11.19
N GLN A 950 -18.51 63.97 11.64
CA GLN A 950 -18.00 65.27 11.21
C GLN A 950 -17.18 65.13 9.94
N ASP A 951 -17.76 64.47 8.94
CA ASP A 951 -17.07 64.21 7.68
C ASP A 951 -18.05 64.40 6.54
N LYS A 952 -17.52 64.76 5.38
CA LYS A 952 -18.33 65.13 4.23
C LYS A 952 -18.47 63.95 3.28
N GLY A 953 -19.70 63.63 2.91
CA GLY A 953 -19.94 62.58 1.95
C GLY A 953 -19.69 63.10 0.54
N LEU A 954 -18.94 62.33 -0.23
CA LEU A 954 -18.64 62.71 -1.60
C LEU A 954 -19.89 62.60 -2.46
N LEU A 955 -19.97 63.47 -3.47
CA LEU A 955 -21.03 63.36 -4.45
C LEU A 955 -20.86 62.05 -5.22
N PRO A 956 -21.93 61.52 -5.81
CA PRO A 956 -21.82 60.22 -6.47
C PRO A 956 -20.76 60.17 -7.55
N TYR A 957 -20.51 61.28 -8.26
CA TYR A 957 -19.43 61.28 -9.24
C TYR A 957 -18.06 61.37 -8.58
N ALA A 958 -17.97 61.99 -7.40
CA ALA A 958 -16.67 62.11 -6.73
C ALA A 958 -16.20 60.79 -6.15
N ILE A 959 -17.13 59.92 -5.75
CA ILE A 959 -16.75 58.59 -5.32
C ILE A 959 -16.07 57.85 -6.45
N MET A 960 -16.65 57.91 -7.65
CA MET A 960 -16.01 57.30 -8.79
C MET A 960 -14.72 58.01 -9.17
N GLU A 961 -14.61 59.30 -8.90
CA GLU A 961 -13.35 59.99 -9.14
C GLU A 961 -12.24 59.46 -8.25
N THR A 962 -12.52 59.26 -6.96
CA THR A 962 -11.51 58.69 -6.08
C THR A 962 -11.20 57.25 -6.47
N ALA A 963 -12.24 56.49 -6.80
CA ALA A 963 -12.04 55.10 -7.21
C ALA A 963 -11.16 55.03 -8.46
N ASN A 964 -11.40 55.91 -9.43
CA ASN A 964 -10.64 55.94 -10.67
C ASN A 964 -9.30 56.66 -10.54
N GLU A 965 -9.09 57.38 -9.45
CA GLU A 965 -7.75 57.86 -9.14
C GLU A 965 -6.89 56.71 -8.61
N ILE A 966 -7.48 55.83 -7.81
CA ILE A 966 -6.73 54.66 -7.35
C ILE A 966 -6.60 53.64 -8.46
N LEU A 967 -7.72 53.11 -8.93
CA LEU A 967 -7.75 52.20 -10.06
C LEU A 967 -7.58 52.98 -11.35
N GLY A 968 -6.81 52.43 -12.26
CA GLY A 968 -6.56 53.08 -13.52
C GLY A 968 -5.08 53.28 -13.74
N PRO A 969 -4.37 53.74 -12.70
CA PRO A 969 -2.91 53.51 -12.70
C PRO A 969 -2.58 52.04 -12.74
N LEU A 970 -3.18 51.26 -11.84
CA LEU A 970 -2.98 49.82 -11.84
C LEU A 970 -3.65 49.15 -13.02
N GLU A 971 -4.67 49.77 -13.61
CA GLU A 971 -5.32 49.20 -14.78
C GLU A 971 -4.48 49.40 -16.04
N GLU A 972 -3.80 50.55 -16.15
CA GLU A 972 -2.94 50.79 -17.29
C GLU A 972 -1.57 50.19 -17.11
N ARG A 973 -1.17 49.89 -15.88
CA ARG A 973 0.07 49.16 -15.66
C ARG A 973 0.04 47.83 -16.41
N LEU A 974 -1.12 47.18 -16.45
CA LEU A 974 -1.28 45.88 -17.08
C LEU A 974 -1.58 46.08 -18.58
N VAL A 975 -0.52 46.34 -19.33
CA VAL A 975 -0.66 46.64 -20.75
C VAL A 975 -0.82 45.35 -21.53
N ARG A 976 -1.71 45.37 -22.52
CA ARG A 976 -2.05 44.18 -23.28
C ARG A 976 -1.24 44.14 -24.57
N TYR A 977 -0.57 43.02 -24.83
CA TYR A 977 0.22 42.82 -26.03
C TYR A 977 -0.37 41.72 -26.89
N ASP A 978 0.01 41.74 -28.17
CA ASP A 978 -0.35 40.65 -29.07
C ASP A 978 0.50 39.42 -28.76
N ASN A 979 0.26 38.35 -29.52
CA ASN A 979 1.07 37.15 -29.37
C ASN A 979 2.49 37.34 -29.85
N SER A 980 2.75 38.37 -30.65
CA SER A 980 4.11 38.67 -31.08
C SER A 980 4.84 39.61 -30.12
N GLY A 981 4.12 40.41 -29.34
CA GLY A 981 4.74 41.30 -28.39
C GLY A 981 4.40 42.77 -28.53
N CYS A 982 3.74 43.17 -29.61
CA CYS A 982 3.38 44.57 -29.81
C CYS A 982 2.08 44.90 -29.07
N LEU A 983 1.81 46.19 -28.93
CA LEU A 983 0.60 46.64 -28.25
C LEU A 983 -0.64 46.29 -29.06
N VAL A 984 -1.80 46.71 -28.55
CA VAL A 984 -3.09 46.41 -29.16
C VAL A 984 -3.80 47.72 -29.47
N LYS A 985 -4.68 47.69 -30.49
CA LYS A 985 -5.31 48.83 -31.16
C LYS A 985 -6.44 49.53 -30.37
N ARG A 986 -6.76 49.25 -29.10
CA ARG A 986 -7.84 49.92 -28.37
C ARG A 986 -9.20 49.64 -29.00
N GLU A 987 -9.21 48.93 -30.12
CA GLU A 987 -10.43 48.46 -30.74
C GLU A 987 -10.58 46.95 -30.65
N ASP A 988 -9.56 46.26 -30.16
CA ASP A 988 -9.54 44.81 -30.10
C ASP A 988 -8.82 44.34 -28.83
N LEU A 989 -8.98 45.08 -27.74
CA LEU A 989 -8.39 44.64 -26.48
C LEU A 989 -9.07 43.38 -25.96
N ASN A 990 -10.39 43.29 -26.11
CA ASN A 990 -11.13 42.09 -25.73
C ASN A 990 -11.44 41.22 -26.95
N LYS A 991 -10.52 41.17 -27.91
CA LYS A 991 -10.68 40.49 -29.19
C LYS A 991 -10.60 38.97 -29.07
N ALA A 992 -10.56 38.46 -27.84
CA ALA A 992 -10.71 37.05 -27.51
C ALA A 992 -9.49 36.21 -27.88
N GLU A 993 -8.51 36.81 -28.54
CA GLU A 993 -7.26 36.14 -28.82
C GLU A 993 -6.06 36.84 -28.20
N TYR A 994 -6.22 38.10 -27.82
CA TYR A 994 -5.21 38.84 -27.08
C TYR A 994 -5.37 38.67 -25.58
N VAL A 995 -6.29 37.82 -25.15
CA VAL A 995 -6.33 37.39 -23.76
C VAL A 995 -4.97 36.88 -23.36
N ASP A 996 -4.54 37.21 -22.15
CA ASP A 996 -3.27 36.73 -21.65
C ASP A 996 -3.40 36.60 -20.13
N GLN A 997 -2.26 36.52 -19.45
CA GLN A 997 -2.26 36.70 -18.01
C GLN A 997 -2.68 38.12 -17.71
N TYR A 998 -2.81 38.48 -16.44
CA TYR A 998 -3.24 39.79 -15.99
C TYR A 998 -4.71 40.07 -16.29
N ASP A 999 -5.41 39.16 -16.98
CA ASP A 999 -6.82 39.37 -17.24
C ASP A 999 -7.67 39.13 -15.99
N ALA A 1000 -7.24 38.23 -15.11
CA ALA A 1000 -7.93 38.09 -13.84
C ALA A 1000 -7.80 39.35 -13.01
N GLU A 1001 -6.61 39.96 -13.02
CA GLU A 1001 -6.41 41.21 -12.31
C GLU A 1001 -7.18 42.35 -12.96
N ARG A 1002 -7.26 42.36 -14.29
CA ARG A 1002 -8.06 43.37 -14.96
C ARG A 1002 -9.53 43.24 -14.59
N ASP A 1003 -10.04 42.01 -14.53
CA ASP A 1003 -11.44 41.82 -14.15
C ASP A 1003 -11.68 42.12 -12.68
N PHE A 1004 -10.68 41.89 -11.83
CA PHE A 1004 -10.80 42.28 -10.43
C PHE A 1004 -10.90 43.79 -10.29
N TYR A 1005 -10.05 44.53 -11.00
CA TYR A 1005 -10.13 45.98 -10.97
C TYR A 1005 -11.47 46.47 -11.53
N HIS A 1006 -11.94 45.83 -12.60
CA HIS A 1006 -13.23 46.21 -13.16
C HIS A 1006 -14.36 45.96 -12.17
N SER A 1007 -14.33 44.82 -11.47
CA SER A 1007 -15.39 44.51 -10.52
C SER A 1007 -15.33 45.42 -9.30
N LEU A 1008 -14.13 45.85 -8.89
CA LEU A 1008 -14.02 46.88 -7.87
C LEU A 1008 -14.68 48.17 -8.32
N ARG A 1009 -14.40 48.59 -9.55
CA ARG A 1009 -15.02 49.80 -10.07
C ARG A 1009 -16.52 49.66 -10.13
N GLU A 1010 -17.00 48.49 -10.53
CA GLU A 1010 -18.45 48.26 -10.64
C GLU A 1010 -19.12 48.26 -9.26
N TYR A 1011 -18.47 47.68 -8.26
CA TYR A 1011 -19.02 47.71 -6.90
C TYR A 1011 -19.12 49.15 -6.39
N ILE A 1012 -18.05 49.92 -6.55
CA ILE A 1012 -18.10 51.31 -6.11
C ILE A 1012 -19.13 52.08 -6.93
N ASN A 1013 -19.29 51.74 -8.20
CA ASN A 1013 -20.31 52.38 -9.02
C ASN A 1013 -21.70 52.08 -8.49
N GLY A 1014 -21.94 50.84 -8.05
CA GLY A 1014 -23.22 50.52 -7.45
C GLY A 1014 -23.49 51.31 -6.19
N LYS A 1015 -22.46 51.49 -5.37
CA LYS A 1015 -22.61 52.33 -4.18
C LYS A 1015 -22.93 53.78 -4.56
N ALA A 1016 -22.23 54.31 -5.56
CA ALA A 1016 -22.46 55.68 -5.97
C ALA A 1016 -23.84 55.85 -6.60
N THR A 1017 -24.30 54.83 -7.32
CA THR A 1017 -25.63 54.88 -7.91
C THR A 1017 -26.72 54.79 -6.84
N ALA A 1018 -26.50 54.01 -5.78
CA ALA A 1018 -27.42 54.02 -4.66
C ALA A 1018 -27.52 55.43 -4.06
N LEU A 1019 -26.38 56.07 -3.85
CA LEU A 1019 -26.40 57.44 -3.33
C LEU A 1019 -27.09 58.39 -4.29
N ALA A 1020 -26.81 58.26 -5.59
CA ALA A 1020 -27.40 59.15 -6.58
C ALA A 1020 -28.91 59.00 -6.65
N ASN A 1021 -29.40 57.77 -6.55
CA ASN A 1021 -30.85 57.57 -6.60
C ASN A 1021 -31.52 58.09 -5.34
N LEU A 1022 -30.85 57.95 -4.18
CA LEU A 1022 -31.38 58.62 -3.00
C LEU A 1022 -31.43 60.13 -3.21
N ARG A 1023 -30.38 60.70 -3.79
CA ARG A 1023 -30.35 62.14 -4.02
C ARG A 1023 -31.49 62.57 -4.93
N LYS A 1024 -31.71 61.83 -6.02
CA LYS A 1024 -32.79 62.16 -6.93
C LYS A 1024 -34.14 62.07 -6.24
N SER A 1025 -34.34 61.02 -5.43
CA SER A 1025 -35.62 60.85 -4.74
C SER A 1025 -35.86 61.98 -3.74
N ARG A 1026 -34.82 62.45 -3.06
CA ARG A 1026 -34.94 63.54 -2.10
C ARG A 1026 -34.98 64.91 -2.78
N GLY A 1027 -35.18 64.94 -4.10
CA GLY A 1027 -35.40 66.18 -4.82
C GLY A 1027 -34.15 66.85 -5.35
N MET A 1028 -32.99 66.55 -4.80
CA MET A 1028 -31.77 67.17 -5.33
C MET A 1028 -31.30 66.43 -6.57
N LEU A 1029 -30.23 66.93 -7.16
CA LEU A 1029 -29.71 66.35 -8.39
C LEU A 1029 -28.91 65.09 -8.10
N GLY A 1030 -29.06 64.08 -8.97
CA GLY A 1030 -28.25 62.90 -8.87
C GLY A 1030 -26.96 63.09 -9.64
N LEU A 1031 -25.90 63.48 -8.93
CA LEU A 1031 -24.63 63.81 -9.57
C LEU A 1031 -23.78 62.56 -9.79
N LEU A 1032 -24.30 61.65 -10.63
CA LEU A 1032 -23.54 60.46 -10.96
C LEU A 1032 -22.52 60.72 -12.04
N GLU A 1033 -22.72 61.76 -12.85
CA GLU A 1033 -21.81 62.16 -13.91
C GLU A 1033 -21.21 63.52 -13.60
N PRO A 1034 -19.95 63.74 -13.91
CA PRO A 1034 -19.32 65.03 -13.67
C PRO A 1034 -20.05 66.13 -14.41
N PRO A 1035 -20.20 67.32 -13.81
CA PRO A 1035 -20.99 68.38 -14.43
C PRO A 1035 -20.16 69.29 -15.32
N ALA A 1036 -20.63 69.45 -16.57
CA ALA A 1036 -19.95 70.26 -17.58
C ALA A 1036 -20.85 71.44 -17.93
N LYS A 1037 -20.70 72.53 -17.19
CA LYS A 1037 -21.43 73.76 -17.44
C LYS A 1037 -20.71 74.89 -16.72
N GLU A 1038 -21.24 76.11 -16.85
CA GLU A 1038 -20.62 77.25 -16.18
C GLU A 1038 -20.74 77.15 -14.66
N LEU A 1039 -21.85 76.59 -14.17
CA LEU A 1039 -22.18 76.61 -12.75
C LEU A 1039 -21.62 75.39 -12.01
N GLN A 1040 -20.52 74.81 -12.47
CA GLN A 1040 -19.98 73.63 -11.82
C GLN A 1040 -19.24 73.99 -10.52
N GLY A 1041 -18.55 75.13 -10.49
CA GLY A 1041 -17.67 75.43 -9.38
C GLY A 1041 -18.41 75.58 -8.06
N ILE A 1042 -19.55 76.28 -8.08
CA ILE A 1042 -20.35 76.41 -6.88
C ILE A 1042 -20.97 75.07 -6.54
N ASP A 1043 -21.23 74.86 -5.25
CA ASP A 1043 -21.80 73.61 -4.79
C ASP A 1043 -23.17 73.40 -5.44
N PRO A 1044 -23.42 72.23 -6.05
CA PRO A 1044 -24.69 71.99 -6.72
C PRO A 1044 -25.87 71.75 -5.77
N ASP A 1045 -25.68 71.92 -4.47
CA ASP A 1045 -26.73 71.68 -3.48
C ASP A 1045 -27.00 72.93 -2.64
N GLU A 1046 -26.58 74.10 -3.11
CA GLU A 1046 -26.66 75.30 -2.27
C GLU A 1046 -28.10 75.64 -1.92
N THR A 1047 -29.01 75.53 -2.89
CA THR A 1047 -30.42 75.86 -2.65
C THR A 1047 -31.12 74.83 -1.77
N VAL A 1048 -30.58 73.63 -1.67
CA VAL A 1048 -31.29 72.53 -0.97
C VAL A 1048 -31.49 72.91 0.49
N PRO A 1049 -32.71 72.82 1.02
CA PRO A 1049 -33.05 73.52 2.27
C PRO A 1049 -32.59 72.86 3.56
N ASP A 1050 -31.36 72.35 3.59
CA ASP A 1050 -30.73 71.91 4.83
C ASP A 1050 -31.49 70.79 5.54
N ASN A 1051 -32.58 70.31 4.95
CA ASN A 1051 -33.36 69.21 5.51
C ASN A 1051 -33.23 67.95 4.68
N VAL A 1052 -33.51 68.03 3.38
CA VAL A 1052 -33.22 66.90 2.52
C VAL A 1052 -31.72 66.64 2.47
N LYS A 1053 -30.91 67.69 2.60
CA LYS A 1053 -29.46 67.52 2.64
C LYS A 1053 -29.03 66.65 3.81
N THR A 1054 -29.49 66.99 5.01
CA THR A 1054 -29.11 66.21 6.18
C THR A 1054 -29.78 64.84 6.18
N SER A 1055 -30.95 64.70 5.56
CA SER A 1055 -31.55 63.37 5.45
C SER A 1055 -30.70 62.47 4.55
N VAL A 1056 -30.21 63.02 3.44
CA VAL A 1056 -29.33 62.24 2.56
C VAL A 1056 -28.05 61.89 3.28
N SER A 1057 -27.46 62.85 4.00
CA SER A 1057 -26.24 62.54 4.74
C SER A 1057 -26.52 61.53 5.86
N GLN A 1058 -27.76 61.49 6.34
CA GLN A 1058 -28.17 60.50 7.33
C GLN A 1058 -28.23 59.11 6.72
N LEU A 1059 -28.78 59.00 5.51
CA LEU A 1059 -28.98 57.70 4.89
C LEU A 1059 -27.72 57.15 4.23
N TYR A 1060 -27.13 57.92 3.32
CA TYR A 1060 -25.89 57.53 2.64
C TYR A 1060 -24.84 58.61 2.84
N ARG A 1061 -23.68 58.23 3.37
CA ARG A 1061 -22.61 59.19 3.64
C ARG A 1061 -21.28 58.48 3.40
N ILE A 1062 -20.71 58.68 2.22
CA ILE A 1062 -19.52 57.97 1.77
C ILE A 1062 -18.38 58.97 1.70
N SER A 1063 -17.49 58.94 2.68
CA SER A 1063 -16.37 59.87 2.71
C SER A 1063 -15.25 59.37 1.81
N GLU A 1064 -14.35 60.29 1.43
CA GLU A 1064 -13.20 59.89 0.65
C GLU A 1064 -12.32 58.93 1.43
N LYS A 1065 -12.17 59.16 2.73
CA LYS A 1065 -11.42 58.23 3.55
C LYS A 1065 -11.98 56.82 3.45
N SER A 1066 -13.30 56.70 3.39
CA SER A 1066 -13.93 55.39 3.27
C SER A 1066 -13.61 54.72 1.93
N VAL A 1067 -13.71 55.46 0.83
CA VAL A 1067 -13.43 54.88 -0.48
C VAL A 1067 -11.97 54.48 -0.59
N ARG A 1068 -11.06 55.33 -0.11
CA ARG A 1068 -9.65 55.03 -0.17
C ARG A 1068 -9.29 53.84 0.72
N LYS A 1069 -9.86 53.77 1.92
CA LYS A 1069 -9.63 52.62 2.78
C LYS A 1069 -10.18 51.35 2.17
N PHE A 1070 -11.36 51.42 1.54
CA PHE A 1070 -11.92 50.24 0.90
C PHE A 1070 -11.03 49.75 -0.22
N LEU A 1071 -10.55 50.67 -1.07
CA LEU A 1071 -9.66 50.27 -2.14
C LEU A 1071 -8.35 49.72 -1.61
N GLU A 1072 -7.80 50.33 -0.56
CA GLU A 1072 -6.58 49.82 0.02
C GLU A 1072 -6.76 48.41 0.56
N ILE A 1073 -7.85 48.16 1.27
CA ILE A 1073 -8.11 46.83 1.81
C ILE A 1073 -8.27 45.81 0.70
N ALA A 1074 -9.08 46.15 -0.31
CA ALA A 1074 -9.34 45.20 -1.39
C ALA A 1074 -8.07 44.89 -2.17
N LEU A 1075 -7.28 45.90 -2.50
CA LEU A 1075 -6.04 45.67 -3.23
C LEU A 1075 -5.03 44.90 -2.40
N PHE A 1076 -4.91 45.23 -1.12
CA PHE A 1076 -3.99 44.52 -0.24
C PHE A 1076 -4.37 43.06 -0.12
N LYS A 1077 -5.67 42.77 -0.01
CA LYS A 1077 -6.11 41.37 0.07
C LYS A 1077 -5.90 40.66 -1.25
N TYR A 1078 -6.12 41.35 -2.38
CA TYR A 1078 -5.86 40.71 -3.66
C TYR A 1078 -4.40 40.34 -3.81
N ARG A 1079 -3.51 41.23 -3.39
CA ARG A 1079 -2.09 40.93 -3.41
C ARG A 1079 -1.77 39.73 -2.51
N LYS A 1080 -2.34 39.70 -1.32
CA LYS A 1080 -2.11 38.58 -0.41
C LYS A 1080 -2.60 37.26 -1.00
N ALA A 1081 -3.63 37.32 -1.85
CA ALA A 1081 -4.21 36.07 -2.35
C ALA A 1081 -3.30 35.32 -3.30
N ARG A 1082 -2.28 35.97 -3.86
CA ARG A 1082 -1.47 35.34 -4.90
C ARG A 1082 -0.70 34.15 -4.35
N LEU A 1083 -0.63 33.09 -5.17
CA LEU A 1083 0.02 31.87 -4.74
C LEU A 1083 1.52 32.09 -4.58
N GLU A 1084 2.04 31.77 -3.41
CA GLU A 1084 3.44 32.06 -3.14
C GLU A 1084 4.34 31.03 -3.82
N PRO A 1085 5.40 31.47 -4.48
CA PRO A 1085 6.34 30.52 -5.09
C PRO A 1085 6.99 29.64 -4.04
N GLY A 1086 7.25 28.41 -4.43
CA GLY A 1086 7.73 27.40 -3.51
C GLY A 1086 6.63 26.53 -2.94
N THR A 1087 5.38 26.94 -3.05
CA THR A 1087 4.25 26.19 -2.52
C THR A 1087 4.19 24.81 -3.15
N ALA A 1088 4.04 23.78 -2.31
CA ALA A 1088 3.79 22.43 -2.78
C ALA A 1088 2.32 22.29 -3.17
N ILE A 1089 1.95 23.07 -4.18
CA ILE A 1089 0.55 23.19 -4.55
C ILE A 1089 0.01 21.89 -5.10
N GLY A 1090 0.85 21.09 -5.74
CA GLY A 1090 0.40 19.79 -6.21
C GLY A 1090 0.06 18.84 -5.07
N ALA A 1091 0.93 18.77 -4.05
CA ALA A 1091 0.65 17.93 -2.90
C ALA A 1091 -0.56 18.45 -2.13
N ILE A 1092 -0.69 19.76 -2.02
CA ILE A 1092 -1.86 20.36 -1.37
C ILE A 1092 -3.13 19.99 -2.12
N GLY A 1093 -3.10 20.06 -3.46
CA GLY A 1093 -4.26 19.65 -4.24
C GLY A 1093 -4.56 18.18 -4.10
N ALA A 1094 -3.52 17.35 -4.00
CA ALA A 1094 -3.73 15.92 -3.79
C ALA A 1094 -4.48 15.66 -2.50
N GLN A 1095 -4.04 16.29 -1.41
CA GLN A 1095 -4.75 16.11 -0.15
C GLN A 1095 -6.10 16.79 -0.15
N SER A 1096 -6.27 17.84 -0.94
CA SER A 1096 -7.55 18.55 -0.97
C SER A 1096 -8.60 17.76 -1.75
N ILE A 1097 -8.18 16.97 -2.72
CA ILE A 1097 -9.11 16.11 -3.45
C ILE A 1097 -9.25 14.75 -2.78
N GLY A 1098 -8.26 14.31 -1.99
CA GLY A 1098 -8.36 13.02 -1.31
C GLY A 1098 -8.81 13.04 0.12
N GLU A 1099 -8.94 14.21 0.74
CA GLU A 1099 -9.45 14.29 2.11
C GLU A 1099 -10.98 14.17 2.12
N PRO A 1100 -11.71 15.01 1.39
CA PRO A 1100 -13.18 14.86 1.42
C PRO A 1100 -13.64 13.52 0.90
N GLY A 1101 -12.82 12.86 0.08
CA GLY A 1101 -13.13 11.52 -0.37
C GLY A 1101 -13.07 10.47 0.73
N THR A 1102 -12.39 10.74 1.83
CA THR A 1102 -12.29 9.81 2.94
C THR A 1102 -13.51 9.85 3.85
N GLN A 1103 -14.60 10.48 3.39
CA GLN A 1103 -15.87 10.45 4.12
C GLN A 1103 -17.05 10.00 3.28
N MET A 1104 -16.83 9.49 2.08
CA MET A 1104 -17.92 9.02 1.22
C MET A 1104 -17.86 7.51 1.07
N THR A 1105 -19.03 6.88 1.09
CA THR A 1105 -19.13 5.42 1.14
C THR A 1105 -18.53 4.78 -0.11
N LEU A 1106 -17.88 3.62 0.08
CA LEU A 1106 -17.37 2.86 -1.06
C LEU A 1106 -18.51 2.23 -1.86
N LYS A 1107 -19.54 1.75 -1.17
CA LYS A 1107 -20.72 1.23 -1.86
C LYS A 1107 -21.69 2.37 -2.13
N THR A 1108 -22.48 2.21 -3.20
CA THR A 1108 -23.42 3.25 -3.61
C THR A 1108 -24.61 3.27 -2.66
N PHE A 1109 -24.78 4.38 -1.95
CA PHE A 1109 -25.97 4.68 -1.18
C PHE A 1109 -26.63 5.93 -1.76
N HIS A 1110 -27.95 5.88 -1.90
CA HIS A 1110 -28.71 6.97 -2.47
C HIS A 1110 -29.84 7.37 -1.54
N PHE A 1111 -30.24 8.63 -1.63
CA PHE A 1111 -31.39 9.11 -0.88
C PHE A 1111 -32.64 8.32 -1.27
N ALA A 1112 -33.48 8.03 -0.28
CA ALA A 1112 -34.68 7.24 -0.50
C ALA A 1112 -35.74 8.07 -1.22
N GLY A 1113 -36.28 7.52 -2.32
CA GLY A 1113 -37.26 8.19 -3.13
C GLY A 1113 -36.70 8.82 -4.40
N VAL A 1114 -35.38 8.87 -4.56
CA VAL A 1114 -34.80 9.48 -5.75
C VAL A 1114 -35.10 8.65 -6.99
N ALA A 1115 -34.95 7.33 -6.87
CA ALA A 1115 -35.31 6.37 -7.93
C ALA A 1115 -34.68 6.74 -9.27
N SER A 1116 -33.44 7.20 -9.22
CA SER A 1116 -32.75 7.61 -10.43
C SER A 1116 -32.04 6.41 -11.05
N MET A 1117 -31.17 6.67 -12.03
CA MET A 1117 -30.31 5.62 -12.54
C MET A 1117 -29.21 5.32 -11.54
N ASN A 1118 -28.85 4.05 -11.43
CA ASN A 1118 -27.91 3.62 -10.39
C ASN A 1118 -26.52 4.13 -10.74
N VAL A 1119 -26.29 5.42 -10.56
CA VAL A 1119 -25.06 6.06 -10.99
C VAL A 1119 -24.03 5.98 -9.87
N THR A 1120 -22.82 5.59 -10.24
CA THR A 1120 -21.70 5.70 -9.32
C THR A 1120 -21.32 7.18 -9.21
N LEU A 1121 -21.57 7.77 -8.05
CA LEU A 1121 -21.50 9.22 -7.88
C LEU A 1121 -20.73 9.57 -6.61
N GLY A 1122 -19.57 8.94 -6.42
CA GLY A 1122 -18.77 9.23 -5.26
C GLY A 1122 -17.30 8.91 -5.44
N VAL A 1123 -16.73 8.30 -4.39
CA VAL A 1123 -15.33 7.86 -4.47
C VAL A 1123 -15.11 6.90 -5.64
N PRO A 1124 -15.99 5.92 -5.92
CA PRO A 1124 -15.79 5.12 -7.15
C PRO A 1124 -15.76 5.94 -8.42
N ARG A 1125 -16.62 6.96 -8.53
CA ARG A 1125 -16.61 7.79 -9.73
C ARG A 1125 -15.30 8.54 -9.85
N ILE A 1126 -14.81 9.11 -8.75
CA ILE A 1126 -13.53 9.80 -8.80
C ILE A 1126 -12.40 8.83 -9.10
N LYS A 1127 -12.47 7.61 -8.55
CA LYS A 1127 -11.48 6.59 -8.83
C LYS A 1127 -11.43 6.25 -10.31
N GLU A 1128 -12.61 6.10 -10.93
CA GLU A 1128 -12.66 5.81 -12.35
C GLU A 1128 -12.07 6.97 -13.16
N ILE A 1129 -12.41 8.20 -12.79
CA ILE A 1129 -11.92 9.36 -13.53
C ILE A 1129 -10.40 9.43 -13.45
N ILE A 1130 -9.85 9.27 -12.25
CA ILE A 1130 -8.41 9.43 -12.11
C ILE A 1130 -7.66 8.25 -12.70
N ASN A 1131 -8.25 7.06 -12.69
CA ASN A 1131 -7.60 5.95 -13.36
C ASN A 1131 -7.72 6.05 -14.87
N ALA A 1132 -8.64 6.88 -15.37
CA ALA A 1132 -8.85 7.03 -16.80
C ALA A 1132 -9.24 5.70 -17.44
N SER A 1133 -10.26 5.07 -16.87
CA SER A 1133 -10.68 3.76 -17.34
C SER A 1133 -11.43 3.89 -18.66
N LYS A 1134 -10.98 3.14 -19.66
CA LYS A 1134 -11.61 3.18 -20.98
C LYS A 1134 -13.03 2.66 -20.95
N VAL A 1135 -13.38 1.86 -19.94
CA VAL A 1135 -14.74 1.38 -19.75
C VAL A 1135 -15.15 1.74 -18.33
N ILE A 1136 -16.32 2.36 -18.19
CA ILE A 1136 -16.81 2.78 -16.89
C ILE A 1136 -18.19 2.19 -16.67
N SER A 1137 -18.55 2.03 -15.40
CA SER A 1137 -19.90 1.62 -15.04
C SER A 1137 -20.82 2.83 -15.11
N THR A 1138 -21.95 2.68 -15.77
CA THR A 1138 -22.96 3.71 -15.97
C THR A 1138 -22.40 4.93 -16.69
N PRO A 1139 -22.09 4.83 -17.98
CA PRO A 1139 -21.89 6.03 -18.80
C PRO A 1139 -23.21 6.58 -19.28
N ILE A 1140 -23.30 7.90 -19.34
CA ILE A 1140 -24.52 8.61 -19.71
C ILE A 1140 -24.16 9.68 -20.72
N ILE A 1141 -24.97 9.80 -21.77
CA ILE A 1141 -24.78 10.80 -22.80
C ILE A 1141 -25.98 11.73 -22.76
N ASN A 1142 -25.76 12.98 -22.41
CA ASN A 1142 -26.84 13.94 -22.20
C ASN A 1142 -27.04 14.72 -23.49
N ALA A 1143 -27.84 14.15 -24.40
CA ALA A 1143 -28.03 14.71 -25.73
C ALA A 1143 -29.29 15.57 -25.73
N VAL A 1144 -29.10 16.89 -25.75
CA VAL A 1144 -30.21 17.80 -25.90
C VAL A 1144 -30.78 17.67 -27.31
N LEU A 1145 -31.99 18.19 -27.51
CA LEU A 1145 -32.69 18.06 -28.77
C LEU A 1145 -32.86 19.41 -29.44
N VAL A 1146 -33.44 19.38 -30.62
CA VAL A 1146 -33.77 20.60 -31.37
C VAL A 1146 -35.24 20.94 -31.30
N ASN A 1147 -36.08 20.05 -30.79
CA ASN A 1147 -37.52 20.26 -30.73
C ASN A 1147 -38.03 19.89 -29.34
N ASP A 1148 -39.12 20.56 -28.95
CA ASP A 1148 -39.73 20.40 -27.62
C ASP A 1148 -41.12 19.79 -27.79
N ASN A 1149 -41.18 18.46 -27.73
CA ASN A 1149 -42.44 17.71 -27.73
C ASN A 1149 -42.11 16.24 -27.54
N ASP A 1150 -43.06 15.50 -26.97
CA ASP A 1150 -42.91 14.05 -26.93
C ASP A 1150 -43.32 13.42 -28.26
N GLU A 1151 -44.58 13.60 -28.63
CA GLU A 1151 -45.14 12.90 -29.79
C GLU A 1151 -44.40 13.32 -31.05
N ARG A 1152 -43.68 12.37 -31.66
CA ARG A 1152 -43.01 12.51 -32.94
C ARG A 1152 -41.94 13.60 -32.94
N ALA A 1153 -41.51 14.07 -31.76
CA ALA A 1153 -40.38 14.97 -31.67
C ALA A 1153 -39.23 14.38 -30.88
N ALA A 1154 -39.49 13.92 -29.65
CA ALA A 1154 -38.47 13.24 -28.88
C ALA A 1154 -38.39 11.76 -29.22
N ARG A 1155 -39.54 11.10 -29.39
CA ARG A 1155 -39.57 9.67 -29.64
C ARG A 1155 -38.94 9.30 -30.97
N VAL A 1156 -38.96 10.21 -31.95
CA VAL A 1156 -38.29 9.93 -33.22
C VAL A 1156 -36.79 9.77 -33.02
N VAL A 1157 -36.18 10.71 -32.30
CA VAL A 1157 -34.76 10.61 -31.98
C VAL A 1157 -34.50 9.39 -31.11
N LYS A 1158 -35.36 9.16 -30.12
CA LYS A 1158 -35.20 7.99 -29.25
C LYS A 1158 -35.19 6.70 -30.06
N GLY A 1159 -36.07 6.61 -31.06
CA GLY A 1159 -36.01 5.50 -31.99
C GLY A 1159 -34.72 5.49 -32.78
N ARG A 1160 -34.19 6.66 -33.10
CA ARG A 1160 -32.90 6.72 -33.79
C ARG A 1160 -31.76 6.19 -32.93
N VAL A 1161 -31.94 6.11 -31.61
CA VAL A 1161 -30.89 5.60 -30.72
C VAL A 1161 -31.48 4.51 -29.81
N GLU A 1162 -31.32 3.24 -30.19
CA GLU A 1162 -31.83 2.14 -29.39
C GLU A 1162 -31.02 0.87 -29.67
N LYS A 1163 -31.13 -0.11 -28.76
CA LYS A 1163 -30.18 -1.20 -28.70
C LYS A 1163 -30.47 -2.28 -29.73
N THR A 1164 -31.62 -2.95 -29.61
CA THR A 1164 -31.99 -4.04 -30.50
C THR A 1164 -33.49 -3.95 -30.74
N LEU A 1165 -33.88 -4.15 -31.99
CA LEU A 1165 -35.28 -3.98 -32.34
C LEU A 1165 -35.89 -5.12 -33.14
N LEU A 1166 -35.11 -6.07 -33.67
CA LEU A 1166 -35.73 -7.14 -34.44
C LEU A 1166 -36.64 -7.99 -33.56
N SER A 1167 -36.20 -8.33 -32.35
CA SER A 1167 -37.10 -9.00 -31.43
C SER A 1167 -38.28 -8.12 -31.06
N ASP A 1168 -38.08 -6.80 -31.07
CA ASP A 1168 -39.16 -5.88 -30.72
C ASP A 1168 -40.20 -5.76 -31.82
N VAL A 1169 -39.83 -6.03 -33.07
CA VAL A 1169 -40.70 -5.75 -34.21
C VAL A 1169 -41.08 -7.01 -34.97
N ALA A 1170 -40.59 -8.17 -34.55
CA ALA A 1170 -40.89 -9.39 -35.29
C ALA A 1170 -42.26 -9.96 -34.95
N PHE A 1171 -42.56 -10.10 -33.65
CA PHE A 1171 -43.81 -10.63 -33.14
C PHE A 1171 -43.91 -12.14 -33.38
N TYR A 1172 -42.93 -12.69 -34.10
CA TYR A 1172 -42.56 -14.11 -34.10
C TYR A 1172 -41.45 -14.29 -35.12
N VAL A 1173 -40.66 -15.34 -34.92
CA VAL A 1173 -39.68 -15.80 -35.89
C VAL A 1173 -40.00 -17.26 -36.18
N GLN A 1174 -40.16 -17.57 -37.47
CA GLN A 1174 -40.61 -18.89 -37.87
C GLN A 1174 -39.43 -19.74 -38.32
N ASP A 1175 -39.70 -21.02 -38.52
CA ASP A 1175 -38.72 -22.01 -38.99
C ASP A 1175 -39.53 -22.91 -39.92
N VAL A 1176 -39.52 -22.56 -41.21
CA VAL A 1176 -40.37 -23.21 -42.20
C VAL A 1176 -39.55 -24.23 -42.97
N TYR A 1177 -40.08 -25.43 -43.09
CA TYR A 1177 -39.51 -26.48 -43.93
C TYR A 1177 -40.54 -26.92 -44.95
N LYS A 1178 -40.03 -27.47 -46.06
CA LYS A 1178 -40.86 -27.94 -47.16
C LYS A 1178 -40.27 -29.26 -47.61
N ASP A 1179 -40.70 -29.73 -48.77
CA ASP A 1179 -40.10 -30.94 -49.32
C ASP A 1179 -38.60 -30.77 -49.52
N ASN A 1180 -38.19 -29.61 -50.02
CA ASN A 1180 -36.79 -29.40 -50.35
C ASN A 1180 -36.22 -28.05 -49.93
N LEU A 1181 -37.03 -27.14 -49.37
CA LEU A 1181 -36.61 -25.78 -49.09
C LEU A 1181 -36.85 -25.44 -47.63
N SER A 1182 -35.86 -24.76 -47.03
CA SER A 1182 -35.90 -24.38 -45.62
C SER A 1182 -35.95 -22.86 -45.51
N PHE A 1183 -37.06 -22.32 -45.02
CA PHE A 1183 -37.21 -20.85 -44.98
C PHE A 1183 -37.27 -20.32 -43.55
N ILE A 1184 -36.39 -19.37 -43.19
CA ILE A 1184 -36.50 -18.72 -41.85
C ILE A 1184 -37.37 -17.49 -42.06
N GLN A 1185 -38.62 -17.51 -41.58
CA GLN A 1185 -39.55 -16.38 -41.88
C GLN A 1185 -39.76 -15.52 -40.63
N VAL A 1186 -40.04 -14.22 -40.83
CA VAL A 1186 -40.34 -13.32 -39.69
C VAL A 1186 -41.39 -12.31 -40.16
N ARG A 1187 -42.63 -12.45 -39.68
CA ARG A 1187 -43.71 -11.55 -40.12
C ARG A 1187 -43.69 -10.32 -39.23
N ILE A 1188 -42.98 -9.29 -39.70
CA ILE A 1188 -42.87 -8.04 -38.96
C ILE A 1188 -44.25 -7.41 -38.81
N ASP A 1189 -44.45 -6.70 -37.71
CA ASP A 1189 -45.69 -5.96 -37.48
C ASP A 1189 -45.45 -4.48 -37.67
N LEU A 1190 -46.37 -3.81 -38.37
CA LEU A 1190 -46.34 -2.37 -38.51
C LEU A 1190 -46.86 -1.66 -37.27
N GLY A 1191 -47.59 -2.36 -36.40
CA GLY A 1191 -48.14 -1.72 -35.22
C GLY A 1191 -47.07 -1.25 -34.26
N THR A 1192 -46.08 -2.08 -34.01
CA THR A 1192 -44.96 -1.67 -33.16
C THR A 1192 -44.20 -0.49 -33.78
N ILE A 1193 -43.92 -0.58 -35.08
CA ILE A 1193 -43.16 0.45 -35.77
C ILE A 1193 -43.91 1.78 -35.82
N ASP A 1194 -45.23 1.76 -35.76
CA ASP A 1194 -45.97 3.01 -35.77
C ASP A 1194 -46.25 3.55 -34.37
N LYS A 1195 -46.55 2.67 -33.41
CA LYS A 1195 -46.71 3.11 -32.03
C LYS A 1195 -45.38 3.68 -31.53
N LEU A 1196 -44.37 2.82 -31.39
CA LEU A 1196 -43.02 3.33 -31.16
C LEU A 1196 -42.53 3.93 -32.46
N GLN A 1197 -42.42 5.25 -32.52
CA GLN A 1197 -42.20 5.93 -33.79
C GLN A 1197 -40.79 5.63 -34.28
N LEU A 1198 -40.67 4.51 -34.99
CA LEU A 1198 -39.44 4.14 -35.68
C LEU A 1198 -39.59 4.45 -37.16
N GLU A 1199 -38.48 4.34 -37.89
CA GLU A 1199 -38.45 4.61 -39.33
C GLU A 1199 -37.72 3.44 -40.01
N LEU A 1200 -38.43 2.35 -40.22
CA LEU A 1200 -37.94 1.19 -40.96
C LEU A 1200 -39.09 0.25 -41.24
N THR A 1201 -39.25 -0.22 -42.48
CA THR A 1201 -40.39 -1.08 -42.80
C THR A 1201 -39.99 -2.50 -43.18
N ILE A 1202 -39.22 -2.69 -44.25
CA ILE A 1202 -38.78 -4.04 -44.61
C ILE A 1202 -37.28 -4.07 -44.89
N GLU A 1203 -36.85 -3.24 -45.84
CA GLU A 1203 -35.51 -3.39 -46.39
C GLU A 1203 -34.42 -3.01 -45.39
N ASP A 1204 -34.71 -2.06 -44.49
CA ASP A 1204 -33.76 -1.76 -43.42
C ASP A 1204 -33.56 -2.99 -42.54
N ILE A 1205 -34.65 -3.67 -42.17
CA ILE A 1205 -34.55 -4.91 -41.41
C ILE A 1205 -33.74 -5.93 -42.19
N ALA A 1206 -33.98 -6.02 -43.50
CA ALA A 1206 -33.28 -7.00 -44.32
C ALA A 1206 -31.78 -6.75 -44.32
N VAL A 1207 -31.37 -5.51 -44.56
CA VAL A 1207 -29.91 -5.21 -44.68
C VAL A 1207 -29.25 -5.44 -43.30
N ALA A 1208 -29.92 -5.02 -42.23
CA ALA A 1208 -29.38 -5.24 -40.87
C ALA A 1208 -29.21 -6.74 -40.65
N ILE A 1209 -30.20 -7.53 -41.06
CA ILE A 1209 -30.13 -9.01 -40.88
C ILE A 1209 -28.91 -9.52 -41.64
N THR A 1210 -28.70 -9.05 -42.88
CA THR A 1210 -27.55 -9.55 -43.69
C THR A 1210 -26.24 -9.41 -42.89
N ARG A 1211 -25.87 -8.19 -42.49
CA ARG A 1211 -24.57 -7.98 -41.79
C ARG A 1211 -24.54 -8.85 -40.53
N ALA A 1212 -25.60 -8.79 -39.72
CA ALA A 1212 -25.65 -9.58 -38.47
C ALA A 1212 -25.45 -11.06 -38.80
N SER A 1213 -26.25 -11.61 -39.71
CA SER A 1213 -26.17 -13.06 -40.03
C SER A 1213 -24.79 -13.37 -40.63
N LYS A 1214 -24.29 -12.50 -41.51
CA LYS A 1214 -22.92 -12.70 -42.08
C LYS A 1214 -21.91 -12.72 -40.93
N LEU A 1215 -22.12 -11.85 -39.92
CA LEU A 1215 -21.20 -11.78 -38.76
C LEU A 1215 -21.20 -13.12 -38.03
N LYS A 1216 -22.38 -13.69 -37.75
CA LYS A 1216 -22.45 -14.96 -36.98
C LYS A 1216 -22.09 -16.14 -37.89
N ILE A 1217 -22.92 -16.42 -38.89
CA ILE A 1217 -22.63 -17.54 -39.85
C ILE A 1217 -22.37 -16.94 -41.23
N GLN A 1218 -23.38 -16.29 -41.83
CA GLN A 1218 -23.24 -15.69 -43.19
C GLN A 1218 -24.61 -15.20 -43.67
N ALA A 1219 -24.66 -14.57 -44.85
CA ALA A 1219 -25.91 -14.06 -45.40
C ALA A 1219 -25.73 -13.93 -46.91
N SER A 1220 -26.15 -14.95 -47.65
CA SER A 1220 -25.94 -14.96 -49.10
C SER A 1220 -27.10 -14.30 -49.83
N ASP A 1221 -28.31 -14.82 -49.67
CA ASP A 1221 -29.47 -14.31 -50.38
C ASP A 1221 -30.66 -14.27 -49.41
N VAL A 1222 -30.85 -13.11 -48.79
CA VAL A 1222 -32.07 -12.82 -48.06
C VAL A 1222 -33.13 -12.39 -49.06
N ASN A 1223 -34.36 -12.82 -48.86
CA ASN A 1223 -35.46 -12.50 -49.75
C ASN A 1223 -36.58 -11.82 -48.97
N ILE A 1224 -37.44 -11.13 -49.71
CA ILE A 1224 -38.69 -10.58 -49.17
C ILE A 1224 -39.83 -11.21 -49.94
N ILE A 1225 -40.78 -11.79 -49.23
CA ILE A 1225 -41.97 -12.33 -49.87
C ILE A 1225 -43.14 -11.36 -49.86
N GLY A 1226 -42.94 -10.16 -49.32
CA GLY A 1226 -44.00 -9.18 -49.20
C GLY A 1226 -44.87 -9.42 -47.98
N LYS A 1227 -45.80 -8.49 -47.77
CA LYS A 1227 -46.70 -8.52 -46.61
C LYS A 1227 -45.91 -8.58 -45.30
N ASP A 1228 -44.82 -7.81 -45.23
CA ASP A 1228 -44.01 -7.69 -44.03
C ASP A 1228 -43.44 -9.02 -43.56
N ARG A 1229 -43.07 -9.90 -44.49
CA ARG A 1229 -42.46 -11.18 -44.15
C ARG A 1229 -41.14 -11.32 -44.90
N ILE A 1230 -40.05 -11.00 -44.21
CA ILE A 1230 -38.74 -11.21 -44.79
C ILE A 1230 -38.33 -12.65 -44.56
N ALA A 1231 -37.96 -13.34 -45.64
CA ALA A 1231 -37.64 -14.76 -45.59
C ALA A 1231 -36.17 -14.98 -45.92
N ILE A 1232 -35.48 -15.72 -45.05
CA ILE A 1232 -34.05 -15.98 -45.18
C ILE A 1232 -33.87 -17.40 -45.67
N ASN A 1233 -33.15 -17.56 -46.78
CA ASN A 1233 -32.88 -18.88 -47.35
C ASN A 1233 -31.66 -19.49 -46.68
N VAL A 1234 -31.74 -20.79 -46.37
CA VAL A 1234 -30.65 -21.53 -45.75
C VAL A 1234 -30.46 -22.82 -46.53
N PHE A 1235 -29.26 -23.03 -47.06
CA PHE A 1235 -28.98 -24.18 -47.90
C PHE A 1235 -27.53 -24.59 -47.70
N PRO A 1236 -27.20 -25.88 -47.91
CA PRO A 1236 -25.81 -26.35 -47.77
C PRO A 1236 -24.87 -25.78 -48.82
N SER A 1252 -20.33 -34.78 -41.87
CA SER A 1252 -20.64 -33.96 -43.05
C SER A 1252 -22.14 -33.70 -43.14
N GLU A 1253 -22.89 -34.31 -42.24
CA GLU A 1253 -24.34 -34.28 -42.24
C GLU A 1253 -24.84 -33.45 -41.06
N ASN A 1254 -26.12 -33.08 -41.13
CA ASN A 1254 -26.85 -32.32 -40.11
C ASN A 1254 -26.36 -30.89 -39.98
N ASP A 1255 -25.45 -30.45 -40.84
CA ASP A 1255 -25.00 -29.07 -40.80
C ASP A 1255 -26.15 -28.11 -41.10
N VAL A 1256 -27.05 -28.49 -42.01
CA VAL A 1256 -28.20 -27.64 -42.32
C VAL A 1256 -29.07 -27.47 -41.07
N PHE A 1257 -29.34 -28.57 -40.35
CA PHE A 1257 -30.16 -28.46 -39.14
C PHE A 1257 -29.44 -27.65 -38.06
N TYR A 1258 -28.14 -27.87 -37.89
CA TYR A 1258 -27.42 -27.12 -36.86
C TYR A 1258 -27.43 -25.63 -37.16
N ARG A 1259 -27.18 -25.26 -38.41
CA ARG A 1259 -27.20 -23.86 -38.80
C ARG A 1259 -28.59 -23.28 -38.65
N MET A 1260 -29.63 -24.06 -38.97
CA MET A 1260 -31.00 -23.58 -38.80
C MET A 1260 -31.33 -23.36 -37.33
N GLN A 1261 -30.89 -24.25 -36.45
CA GLN A 1261 -31.16 -24.08 -35.03
C GLN A 1261 -30.48 -22.84 -34.49
N GLN A 1262 -29.17 -22.71 -34.73
CA GLN A 1262 -28.46 -21.55 -34.24
C GLN A 1262 -28.96 -20.28 -34.89
N LEU A 1263 -29.47 -20.36 -36.12
CA LEU A 1263 -30.00 -19.19 -36.79
C LEU A 1263 -31.31 -18.74 -36.17
N ARG A 1264 -32.23 -19.68 -35.93
CA ARG A 1264 -33.49 -19.29 -35.31
C ARG A 1264 -33.28 -18.83 -33.88
N ARG A 1265 -32.15 -19.20 -33.27
CA ARG A 1265 -31.83 -18.64 -31.96
C ARG A 1265 -31.26 -17.22 -32.08
N ALA A 1266 -30.22 -17.05 -32.89
CA ALA A 1266 -29.47 -15.81 -32.95
C ALA A 1266 -30.10 -14.76 -33.85
N LEU A 1267 -31.22 -15.06 -34.50
CA LEU A 1267 -31.83 -14.12 -35.42
C LEU A 1267 -32.63 -13.03 -34.71
N PRO A 1268 -33.41 -13.33 -33.67
CA PRO A 1268 -34.17 -12.26 -33.01
C PRO A 1268 -33.30 -11.20 -32.36
N ASP A 1269 -32.09 -11.54 -31.92
CA ASP A 1269 -31.24 -10.59 -31.18
C ASP A 1269 -30.26 -9.91 -32.13
N VAL A 1270 -30.81 -9.15 -33.08
CA VAL A 1270 -30.01 -8.35 -33.99
C VAL A 1270 -30.57 -6.94 -34.02
N VAL A 1271 -29.70 -6.00 -34.39
CA VAL A 1271 -30.01 -4.57 -34.35
C VAL A 1271 -30.49 -4.16 -35.73
N VAL A 1272 -31.79 -3.87 -35.84
CA VAL A 1272 -32.32 -3.35 -37.10
C VAL A 1272 -32.43 -1.84 -37.11
N LYS A 1273 -32.48 -1.21 -35.94
CA LYS A 1273 -32.50 0.26 -35.87
C LYS A 1273 -31.77 0.69 -34.61
N GLY A 1274 -31.24 1.91 -34.65
CA GLY A 1274 -30.55 2.45 -33.50
C GLY A 1274 -29.06 2.15 -33.49
N LEU A 1275 -28.45 2.46 -32.35
CA LEU A 1275 -26.99 2.34 -32.34
C LEU A 1275 -26.55 1.07 -31.63
N PRO A 1276 -25.58 0.36 -32.18
CA PRO A 1276 -25.16 -0.90 -31.54
C PRO A 1276 -24.15 -0.69 -30.43
N ASP A 1277 -24.41 0.28 -29.57
CA ASP A 1277 -23.63 0.47 -28.36
C ASP A 1277 -24.44 1.05 -27.21
N ILE A 1278 -25.67 1.50 -27.46
CA ILE A 1278 -26.49 2.17 -26.44
C ILE A 1278 -27.19 1.12 -25.60
N SER A 1279 -27.01 1.19 -24.28
CA SER A 1279 -27.71 0.29 -23.39
C SER A 1279 -29.22 0.54 -23.42
N ARG A 1280 -29.63 1.79 -23.26
CA ARG A 1280 -31.03 2.17 -23.38
C ARG A 1280 -31.08 3.69 -23.55
N ALA A 1281 -32.28 4.21 -23.71
CA ALA A 1281 -32.50 5.63 -23.88
C ALA A 1281 -33.68 6.07 -23.02
N VAL A 1282 -33.49 7.18 -22.31
CA VAL A 1282 -34.54 7.73 -21.44
C VAL A 1282 -34.69 9.20 -21.76
N ILE A 1283 -35.93 9.65 -21.91
CA ILE A 1283 -36.25 11.05 -22.13
C ILE A 1283 -36.59 11.66 -20.77
N ASN A 1284 -35.96 12.78 -20.45
CA ASN A 1284 -35.93 13.27 -19.07
C ASN A 1284 -36.35 14.73 -18.97
N ILE A 1285 -36.48 15.18 -17.73
CA ILE A 1285 -36.85 16.54 -17.38
C ILE A 1285 -35.84 17.06 -16.35
N ARG A 1286 -35.20 18.18 -16.66
CA ARG A 1286 -34.21 18.76 -15.75
C ARG A 1286 -34.86 19.71 -14.74
N ASP A 1287 -35.90 19.23 -14.06
CA ASP A 1287 -36.66 20.02 -13.10
C ASP A 1287 -37.18 21.31 -13.74
N ASP A 1288 -37.55 21.21 -15.00
CA ASP A 1288 -38.01 22.34 -15.80
C ASP A 1288 -38.93 21.82 -16.90
N GLY A 1289 -39.08 22.57 -17.98
CA GLY A 1289 -40.04 22.25 -19.03
C GLY A 1289 -39.51 21.72 -20.34
N LYS A 1290 -38.19 21.74 -20.56
CA LYS A 1290 -37.61 21.24 -21.79
C LYS A 1290 -37.23 19.77 -21.60
N ARG A 1291 -37.34 18.98 -22.66
CA ARG A 1291 -37.14 17.53 -22.58
C ARG A 1291 -35.88 17.16 -23.34
N GLU A 1292 -34.98 16.43 -22.68
CA GLU A 1292 -33.78 15.88 -23.28
C GLU A 1292 -33.75 14.37 -23.05
N LEU A 1293 -32.91 13.68 -23.81
CA LEU A 1293 -32.69 12.26 -23.61
C LEU A 1293 -31.30 12.01 -23.06
N LEU A 1294 -31.23 11.37 -21.90
CA LEU A 1294 -29.98 10.85 -21.37
C LEU A 1294 -29.87 9.39 -21.76
N VAL A 1295 -28.93 9.07 -22.62
CA VAL A 1295 -28.72 7.73 -23.16
C VAL A 1295 -27.58 7.08 -22.40
N GLU A 1296 -27.59 5.76 -22.34
CA GLU A 1296 -26.65 5.01 -21.52
C GLU A 1296 -25.58 4.29 -22.33
N GLY A 1297 -25.22 4.82 -23.49
CA GLY A 1297 -24.35 4.12 -24.41
C GLY A 1297 -22.90 4.55 -24.33
N TYR A 1298 -22.13 4.06 -25.31
CA TYR A 1298 -20.72 4.38 -25.45
C TYR A 1298 -20.40 5.01 -26.79
N GLY A 1299 -21.39 5.62 -27.45
CA GLY A 1299 -21.10 6.33 -28.68
C GLY A 1299 -21.50 7.77 -28.61
N LEU A 1300 -20.52 8.68 -28.59
CA LEU A 1300 -20.81 10.11 -28.54
C LEU A 1300 -20.79 10.75 -29.92
N ARG A 1301 -19.86 10.33 -30.78
CA ARG A 1301 -19.86 10.82 -32.15
C ARG A 1301 -21.17 10.51 -32.84
N ASP A 1302 -21.67 9.28 -32.67
CA ASP A 1302 -22.91 8.88 -33.31
C ASP A 1302 -24.10 9.68 -32.79
N VAL A 1303 -24.16 9.91 -31.48
CA VAL A 1303 -25.29 10.65 -30.92
C VAL A 1303 -25.22 12.11 -31.34
N MET A 1304 -24.02 12.68 -31.41
CA MET A 1304 -23.90 14.05 -31.92
C MET A 1304 -24.30 14.13 -33.38
N CYS A 1305 -23.99 13.09 -34.16
CA CYS A 1305 -24.32 13.07 -35.57
C CYS A 1305 -25.77 12.68 -35.85
N THR A 1306 -26.50 12.16 -34.88
CA THR A 1306 -27.88 11.79 -35.14
C THR A 1306 -28.75 13.03 -35.25
N ASP A 1307 -29.73 12.94 -36.15
CA ASP A 1307 -30.59 14.08 -36.45
C ASP A 1307 -31.57 14.31 -35.30
N GLY A 1308 -31.87 15.58 -35.06
CA GLY A 1308 -32.70 15.97 -33.94
C GLY A 1308 -31.96 16.17 -32.65
N VAL A 1309 -30.65 15.90 -32.63
CA VAL A 1309 -29.80 16.15 -31.48
C VAL A 1309 -28.84 17.28 -31.84
N ILE A 1310 -28.68 18.23 -30.92
CA ILE A 1310 -27.64 19.24 -31.09
C ILE A 1310 -26.30 18.57 -30.79
N GLY A 1311 -25.46 18.44 -31.81
CA GLY A 1311 -24.13 17.90 -31.60
C GLY A 1311 -23.23 18.87 -30.86
N SER A 1312 -23.53 20.16 -30.94
CA SER A 1312 -22.74 21.16 -30.23
C SER A 1312 -22.89 21.01 -28.72
N ARG A 1313 -24.10 20.72 -28.25
CA ARG A 1313 -24.38 20.62 -26.81
C ARG A 1313 -24.78 19.18 -26.51
N THR A 1314 -23.79 18.33 -26.34
CA THR A 1314 -24.01 16.91 -26.08
C THR A 1314 -22.80 16.42 -25.30
N THR A 1315 -23.01 16.09 -24.02
CA THR A 1315 -21.91 15.84 -23.11
C THR A 1315 -22.08 14.46 -22.47
N THR A 1316 -21.10 13.61 -22.66
CA THR A 1316 -21.10 12.32 -21.98
C THR A 1316 -20.41 12.44 -20.62
N ASN A 1317 -20.54 11.38 -19.83
CA ASN A 1317 -19.80 11.22 -18.60
C ASN A 1317 -18.40 10.69 -18.82
N HIS A 1318 -18.06 10.32 -20.05
CA HIS A 1318 -16.88 9.50 -20.31
C HIS A 1318 -15.74 10.38 -20.79
N VAL A 1319 -14.73 10.55 -19.95
CA VAL A 1319 -13.58 11.38 -20.27
C VAL A 1319 -12.84 10.84 -21.48
N LEU A 1320 -12.63 9.52 -21.53
CA LEU A 1320 -11.91 8.94 -22.66
C LEU A 1320 -12.72 9.01 -23.95
N GLU A 1321 -14.03 9.08 -23.85
CA GLU A 1321 -14.86 9.28 -25.04
C GLU A 1321 -14.82 10.73 -25.50
N VAL A 1322 -14.76 11.67 -24.56
CA VAL A 1322 -14.62 13.07 -24.93
C VAL A 1322 -13.27 13.31 -25.60
N PHE A 1323 -12.21 12.68 -25.08
CA PHE A 1323 -10.88 12.91 -25.61
C PHE A 1323 -10.75 12.40 -27.05
N SER A 1324 -11.31 11.23 -27.34
CA SER A 1324 -11.21 10.70 -28.70
C SER A 1324 -12.01 11.51 -29.69
N VAL A 1325 -13.11 12.10 -29.25
CA VAL A 1325 -14.04 12.80 -30.13
C VAL A 1325 -13.75 14.28 -30.20
N LEU A 1326 -13.55 14.93 -29.05
CA LEU A 1326 -13.47 16.38 -28.99
C LEU A 1326 -12.05 16.91 -28.79
N GLY A 1327 -11.16 16.15 -28.18
CA GLY A 1327 -9.78 16.56 -28.02
C GLY A 1327 -9.37 16.67 -26.56
N ILE A 1328 -8.14 17.13 -26.36
CA ILE A 1328 -7.55 17.10 -25.03
C ILE A 1328 -8.08 18.22 -24.15
N GLU A 1329 -8.36 19.39 -24.73
CA GLU A 1329 -8.87 20.49 -23.92
C GLU A 1329 -10.30 20.22 -23.46
N ALA A 1330 -11.15 19.73 -24.36
CA ALA A 1330 -12.49 19.35 -23.94
C ALA A 1330 -12.45 18.18 -22.96
N ALA A 1331 -11.48 17.28 -23.12
CA ALA A 1331 -11.32 16.20 -22.16
C ALA A 1331 -10.96 16.74 -20.78
N ARG A 1332 -10.08 17.73 -20.70
CA ARG A 1332 -9.73 18.26 -19.39
C ARG A 1332 -10.90 19.05 -18.79
N TYR A 1333 -11.68 19.73 -19.64
CA TYR A 1333 -12.93 20.31 -19.19
C TYR A 1333 -13.84 19.26 -18.59
N SER A 1334 -13.95 18.11 -19.25
CA SER A 1334 -14.78 17.02 -18.75
C SER A 1334 -14.26 16.49 -17.42
N ILE A 1335 -12.94 16.34 -17.28
CA ILE A 1335 -12.39 15.87 -16.02
C ILE A 1335 -12.74 16.83 -14.90
N ILE A 1336 -12.52 18.12 -15.14
CA ILE A 1336 -12.82 19.14 -14.15
C ILE A 1336 -14.30 19.09 -13.78
N ARG A 1337 -15.18 19.09 -14.78
CA ARG A 1337 -16.61 19.16 -14.52
C ARG A 1337 -17.12 17.92 -13.81
N GLU A 1338 -16.61 16.73 -14.17
CA GLU A 1338 -17.09 15.52 -13.53
C GLU A 1338 -16.61 15.41 -12.10
N ILE A 1339 -15.37 15.81 -11.82
CA ILE A 1339 -14.91 15.80 -10.44
C ILE A 1339 -15.67 16.83 -9.61
N ASN A 1340 -15.94 18.00 -10.18
CA ASN A 1340 -16.74 18.99 -9.48
C ASN A 1340 -18.15 18.47 -9.21
N TYR A 1341 -18.75 17.79 -10.18
CA TYR A 1341 -20.08 17.22 -9.98
C TYR A 1341 -20.05 16.18 -8.87
N THR A 1342 -19.04 15.32 -8.86
CA THR A 1342 -18.97 14.29 -7.82
C THR A 1342 -18.74 14.90 -6.44
N MET A 1343 -18.03 16.03 -6.38
CA MET A 1343 -17.76 16.66 -5.09
C MET A 1343 -18.83 17.66 -4.66
N SER A 1344 -19.76 18.01 -5.54
CA SER A 1344 -20.85 18.91 -5.19
C SER A 1344 -22.15 18.20 -4.84
N ASN A 1345 -22.32 16.95 -5.29
CA ASN A 1345 -23.45 16.16 -4.86
C ASN A 1345 -23.31 15.66 -3.44
N HIS A 1346 -22.08 15.58 -2.93
CA HIS A 1346 -21.82 15.13 -1.58
C HIS A 1346 -21.73 16.28 -0.59
N GLY A 1347 -21.77 17.52 -1.06
CA GLY A 1347 -21.64 18.64 -0.15
C GLY A 1347 -20.22 18.90 0.30
N MET A 1348 -19.23 18.30 -0.35
CA MET A 1348 -17.83 18.60 -0.11
C MET A 1348 -17.52 19.98 -0.68
N SER A 1349 -16.61 20.69 -0.05
CA SER A 1349 -16.20 22.01 -0.49
C SER A 1349 -14.72 21.96 -0.83
N VAL A 1350 -14.41 21.79 -2.11
CA VAL A 1350 -13.04 21.79 -2.60
C VAL A 1350 -12.89 22.94 -3.58
N ASP A 1351 -11.87 23.77 -3.39
CA ASP A 1351 -11.66 24.89 -4.28
C ASP A 1351 -11.46 24.38 -5.70
N PRO A 1352 -12.11 24.99 -6.68
CA PRO A 1352 -11.98 24.49 -8.05
C PRO A 1352 -10.57 24.56 -8.61
N ARG A 1353 -9.68 25.35 -8.01
CA ARG A 1353 -8.31 25.39 -8.51
C ARG A 1353 -7.58 24.08 -8.27
N HIS A 1354 -7.92 23.36 -7.20
CA HIS A 1354 -7.36 22.02 -6.99
C HIS A 1354 -7.80 21.08 -8.11
N ILE A 1355 -9.07 21.14 -8.49
CA ILE A 1355 -9.59 20.28 -9.55
C ILE A 1355 -8.97 20.66 -10.89
N GLN A 1356 -8.82 21.96 -11.15
CA GLN A 1356 -8.17 22.39 -12.38
C GLN A 1356 -6.73 21.92 -12.44
N LEU A 1357 -6.02 21.97 -11.30
CA LEU A 1357 -4.66 21.44 -11.28
C LEU A 1357 -4.64 19.94 -11.55
N LEU A 1358 -5.60 19.19 -11.00
CA LEU A 1358 -5.66 17.75 -11.27
C LEU A 1358 -5.90 17.46 -12.75
N GLY A 1359 -6.87 18.16 -13.36
CA GLY A 1359 -7.11 17.98 -14.78
C GLY A 1359 -5.89 18.34 -15.62
N ASP A 1360 -5.22 19.42 -15.26
CA ASP A 1360 -4.02 19.81 -15.99
C ASP A 1360 -2.92 18.77 -15.88
N VAL A 1361 -2.70 18.23 -14.68
CA VAL A 1361 -1.64 17.25 -14.54
C VAL A 1361 -2.00 15.97 -15.28
N MET A 1362 -3.30 15.67 -15.39
CA MET A 1362 -3.70 14.49 -16.14
C MET A 1362 -3.56 14.67 -17.64
N THR A 1363 -3.71 15.89 -18.15
CA THR A 1363 -3.80 16.08 -19.59
C THR A 1363 -2.73 16.99 -20.19
N TYR A 1364 -1.66 17.31 -19.47
CA TYR A 1364 -0.66 18.21 -20.02
C TYR A 1364 0.31 17.53 -20.97
N LYS A 1365 0.43 16.20 -20.92
CA LYS A 1365 1.30 15.48 -21.85
C LYS A 1365 0.66 15.28 -23.21
N GLY A 1366 -0.59 15.70 -23.39
CA GLY A 1366 -1.29 15.56 -24.65
C GLY A 1366 -2.29 14.41 -24.67
N GLU A 1367 -2.21 13.50 -23.73
CA GLU A 1367 -3.12 12.36 -23.65
C GLU A 1367 -3.61 12.25 -22.22
N VAL A 1368 -4.84 11.77 -22.06
CA VAL A 1368 -5.38 11.60 -20.72
C VAL A 1368 -4.65 10.44 -20.04
N LEU A 1369 -3.78 10.78 -19.09
CA LEU A 1369 -2.99 9.80 -18.36
C LEU A 1369 -3.60 9.58 -16.99
N GLY A 1370 -3.78 8.32 -16.62
CA GLY A 1370 -4.33 7.99 -15.34
C GLY A 1370 -3.35 8.23 -14.21
N ILE A 1371 -3.80 7.93 -13.00
CA ILE A 1371 -2.99 8.09 -11.81
C ILE A 1371 -2.58 6.68 -11.40
N THR A 1372 -2.50 5.79 -12.37
CA THR A 1372 -2.20 4.39 -12.13
C THR A 1372 -0.73 4.09 -12.40
N ARG A 1373 -0.35 2.84 -12.12
CA ARG A 1373 1.03 2.40 -12.35
C ARG A 1373 1.39 2.43 -13.82
N PHE A 1374 0.40 2.49 -14.71
CA PHE A 1374 0.69 2.65 -16.13
C PHE A 1374 0.66 4.12 -16.53
N GLY A 1375 -0.33 4.87 -16.06
CA GLY A 1375 -0.41 6.28 -16.41
C GLY A 1375 0.78 7.08 -15.90
N LEU A 1376 1.30 6.73 -14.73
CA LEU A 1376 2.45 7.45 -14.17
C LEU A 1376 3.71 7.28 -14.98
N SER A 1377 3.81 6.22 -15.80
CA SER A 1377 4.96 6.01 -16.68
C SER A 1377 4.80 6.86 -17.93
N LYS A 1378 4.69 8.17 -17.70
CA LYS A 1378 4.42 9.14 -18.73
C LYS A 1378 5.72 9.70 -19.32
N MET A 1379 6.42 10.49 -18.53
CA MET A 1379 7.68 11.09 -18.95
C MET A 1379 8.71 11.05 -17.84
N ARG A 1380 8.41 10.40 -16.72
CA ARG A 1380 9.21 10.55 -15.51
C ARG A 1380 10.62 10.00 -15.69
N ASP A 1381 10.73 8.78 -16.21
CA ASP A 1381 11.96 7.99 -16.14
C ASP A 1381 12.41 7.77 -14.70
N SER A 1382 11.57 8.12 -13.74
CA SER A 1382 11.90 8.09 -12.32
C SER A 1382 11.78 6.66 -11.83
N VAL A 1383 12.89 5.93 -11.94
CA VAL A 1383 12.89 4.54 -11.50
C VAL A 1383 12.61 4.45 -10.00
N LEU A 1384 13.18 5.35 -9.20
CA LEU A 1384 12.98 5.28 -7.77
C LEU A 1384 11.57 5.72 -7.36
N GLN A 1385 11.03 6.75 -8.01
CA GLN A 1385 9.66 7.13 -7.72
C GLN A 1385 8.68 6.02 -8.08
N LEU A 1386 8.88 5.41 -9.24
CA LEU A 1386 8.02 4.30 -9.64
C LEU A 1386 8.15 3.14 -8.66
N ALA A 1387 9.38 2.83 -8.22
CA ALA A 1387 9.56 1.77 -7.24
C ALA A 1387 8.82 2.08 -5.95
N SER A 1388 8.98 3.30 -5.44
CA SER A 1388 8.33 3.67 -4.19
C SER A 1388 6.82 3.74 -4.31
N PHE A 1389 6.29 3.88 -5.53
CA PHE A 1389 4.85 3.78 -5.67
C PHE A 1389 4.39 2.33 -5.75
N GLU A 1390 4.81 1.60 -6.79
CA GLU A 1390 4.34 0.24 -6.99
C GLU A 1390 5.20 -0.43 -8.04
N LYS A 1391 5.13 -1.76 -8.08
CA LYS A 1391 5.80 -2.57 -9.10
C LYS A 1391 7.31 -2.30 -9.10
N THR A 1392 7.92 -2.70 -7.98
CA THR A 1392 9.29 -2.29 -7.69
C THR A 1392 10.32 -3.02 -8.55
N THR A 1393 10.30 -4.36 -8.51
CA THR A 1393 11.41 -5.10 -9.12
C THR A 1393 11.37 -5.03 -10.65
N ASP A 1394 10.18 -5.05 -11.24
CA ASP A 1394 10.10 -4.91 -12.70
C ASP A 1394 10.68 -3.59 -13.17
N HIS A 1395 10.28 -2.49 -12.52
CA HIS A 1395 10.81 -1.19 -12.87
C HIS A 1395 12.31 -1.12 -12.65
N LEU A 1396 12.78 -1.71 -11.54
CA LEU A 1396 14.21 -1.65 -11.23
C LEU A 1396 15.04 -2.38 -12.27
N PHE A 1397 14.64 -3.61 -12.62
CA PHE A 1397 15.38 -4.36 -13.62
C PHE A 1397 15.26 -3.72 -15.00
N ASP A 1398 14.12 -3.11 -15.31
CA ASP A 1398 13.98 -2.41 -16.57
C ASP A 1398 14.96 -1.24 -16.66
N ALA A 1399 15.04 -0.44 -15.59
CA ALA A 1399 15.94 0.70 -15.57
C ALA A 1399 17.40 0.25 -15.63
N ALA A 1400 17.72 -0.87 -14.99
CA ALA A 1400 19.07 -1.38 -15.09
C ALA A 1400 19.37 -1.89 -16.48
N PHE A 1401 18.39 -2.51 -17.14
CA PHE A 1401 18.62 -3.12 -18.43
C PHE A 1401 18.82 -2.07 -19.52
N TYR A 1402 17.92 -1.07 -19.58
CA TYR A 1402 18.10 -0.01 -20.56
C TYR A 1402 19.12 1.03 -20.12
N MET A 1403 19.69 0.86 -18.93
CA MET A 1403 20.71 1.75 -18.38
C MET A 1403 20.19 3.19 -18.31
N LYS A 1404 19.08 3.35 -17.59
CA LYS A 1404 18.47 4.66 -17.45
C LYS A 1404 19.27 5.54 -16.52
N LYS A 1405 19.43 6.81 -16.91
CA LYS A 1405 20.32 7.73 -16.21
C LYS A 1405 19.52 8.85 -15.56
N ASP A 1406 18.44 8.49 -14.87
CA ASP A 1406 17.51 9.49 -14.36
C ASP A 1406 18.19 10.47 -13.41
N ALA A 1407 17.83 11.74 -13.55
CA ALA A 1407 18.24 12.74 -12.59
C ALA A 1407 17.43 12.58 -11.31
N VAL A 1408 17.98 13.13 -10.23
CA VAL A 1408 17.33 13.12 -8.93
C VAL A 1408 16.65 14.47 -8.76
N GLU A 1409 15.35 14.52 -9.05
CA GLU A 1409 14.63 15.78 -9.00
C GLU A 1409 13.33 15.62 -8.21
N GLY A 1410 12.75 14.42 -8.21
CA GLY A 1410 11.54 14.20 -7.48
C GLY A 1410 11.75 14.32 -5.98
N VAL A 1411 10.71 14.76 -5.28
CA VAL A 1411 10.82 14.84 -3.83
C VAL A 1411 10.93 13.46 -3.21
N SER A 1412 10.34 12.45 -3.85
CA SER A 1412 10.47 11.08 -3.36
C SER A 1412 11.93 10.61 -3.43
N GLU A 1413 12.61 10.89 -4.55
CA GLU A 1413 14.01 10.55 -4.67
C GLU A 1413 14.87 11.36 -3.72
N CYS A 1414 14.54 12.64 -3.55
CA CYS A 1414 15.27 13.46 -2.59
C CYS A 1414 15.16 12.88 -1.18
N ILE A 1415 13.96 12.45 -0.79
CA ILE A 1415 13.76 11.85 0.53
C ILE A 1415 14.50 10.53 0.64
N ILE A 1416 14.42 9.70 -0.39
CA ILE A 1416 15.07 8.39 -0.37
C ILE A 1416 16.58 8.55 -0.23
N LEU A 1417 17.15 9.51 -0.92
CA LEU A 1417 18.59 9.75 -0.85
C LEU A 1417 18.99 10.70 0.26
N GLY A 1418 18.04 11.21 1.04
CA GLY A 1418 18.39 12.14 2.09
C GLY A 1418 18.77 13.51 1.57
N GLN A 1419 18.34 13.85 0.37
CA GLN A 1419 18.64 15.15 -0.21
C GLN A 1419 17.57 16.15 0.19
N THR A 1420 17.86 17.42 -0.07
CA THR A 1420 16.90 18.48 0.17
C THR A 1420 15.98 18.57 -1.04
N MET A 1421 14.67 18.53 -0.81
CA MET A 1421 13.73 18.71 -1.91
C MET A 1421 13.72 20.17 -2.35
N SER A 1422 13.29 20.38 -3.60
CA SER A 1422 13.31 21.69 -4.24
C SER A 1422 11.96 22.40 -4.10
N ILE A 1423 11.24 22.15 -3.02
CA ILE A 1423 9.90 22.65 -2.79
C ILE A 1423 9.88 23.40 -1.48
N GLY A 1424 9.11 24.47 -1.42
CA GLY A 1424 8.96 25.20 -0.18
C GLY A 1424 10.22 25.91 0.25
N THR A 1425 10.72 25.57 1.43
CA THR A 1425 11.92 26.21 1.95
C THR A 1425 13.18 25.74 1.23
N GLY A 1426 13.08 24.71 0.40
CA GLY A 1426 14.17 24.28 -0.45
C GLY A 1426 14.10 24.75 -1.89
N SER A 1427 13.24 25.71 -2.20
CA SER A 1427 13.06 26.18 -3.57
C SER A 1427 13.87 27.43 -3.89
N PHE A 1428 14.69 27.89 -2.96
CA PHE A 1428 15.52 29.07 -3.16
C PHE A 1428 16.83 28.84 -2.44
N LYS A 1429 17.74 29.80 -2.55
CA LYS A 1429 19.03 29.71 -1.90
C LYS A 1429 19.18 30.85 -0.91
N VAL A 1430 19.92 30.59 0.15
CA VAL A 1430 20.24 31.60 1.15
C VAL A 1430 21.71 31.93 1.00
N VAL A 1431 22.01 33.22 0.87
CA VAL A 1431 23.35 33.72 0.57
C VAL A 1431 23.73 34.75 1.61
N LYS A 1432 24.96 34.69 2.10
CA LYS A 1432 25.46 35.66 3.05
C LYS A 1432 26.48 36.57 2.35
N GLY A 1433 26.11 37.84 2.18
CA GLY A 1433 26.99 38.79 1.53
C GLY A 1433 28.30 39.02 2.27
N THR A 1434 29.41 39.08 1.51
CA THR A 1434 30.71 39.29 2.13
C THR A 1434 30.88 40.71 2.65
N ASN A 1435 30.21 41.67 2.04
CA ASN A 1435 30.41 43.09 2.35
C ASN A 1435 31.89 43.46 2.21
N ILE A 1436 32.52 42.94 1.17
CA ILE A 1436 33.89 43.25 0.83
C ILE A 1436 33.89 44.04 -0.47
N SER A 1437 34.53 45.19 -0.46
CA SER A 1437 34.42 46.15 -1.55
C SER A 1437 35.34 45.77 -2.71
N GLU A 1438 35.45 46.68 -3.68
CA GLU A 1438 36.37 46.52 -4.80
C GLU A 1438 37.70 47.19 -4.54
N LYS A 1439 37.78 48.08 -3.56
CA LYS A 1439 39.03 48.76 -3.23
C LYS A 1439 39.96 47.91 -2.37
N ASP A 1440 39.48 46.78 -1.85
CA ASP A 1440 40.32 45.87 -1.08
C ASP A 1440 40.71 44.62 -1.86
N LEU A 1441 40.12 44.39 -3.03
CA LEU A 1441 40.49 43.29 -3.89
C LEU A 1441 41.51 43.70 -4.96
N VAL A 1442 42.22 44.80 -4.75
CA VAL A 1442 43.19 45.28 -5.72
C VAL A 1442 44.57 44.69 -5.44
N PRO A 1443 45.22 44.07 -6.42
CA PRO A 1443 46.59 43.61 -6.23
C PRO A 1443 47.51 44.80 -5.98
N LYS A 1444 48.52 44.59 -5.14
CA LYS A 1444 49.31 45.70 -4.63
C LYS A 1444 50.79 45.34 -4.62
N ARG A 1445 51.62 46.38 -4.51
CA ARG A 1445 53.06 46.23 -4.31
C ARG A 1445 53.69 45.36 -5.39
N CYS A 1446 53.28 45.58 -6.63
CA CYS A 1446 53.83 44.86 -7.77
C CYS A 1446 54.55 45.85 -8.67
N LEU A 1447 55.86 45.76 -8.71
CA LEU A 1447 56.73 46.53 -9.60
C LEU A 1447 57.61 45.64 -10.45
N PHE A 1448 58.06 44.51 -9.91
CA PHE A 1448 59.04 43.66 -10.59
C PHE A 1448 58.61 43.29 -12.00
N GLU A 1449 57.32 42.98 -12.21
CA GLU A 1449 56.88 42.53 -13.53
C GLU A 1449 57.09 43.62 -14.59
N SER A 1450 56.57 44.82 -14.33
CA SER A 1450 56.74 45.91 -15.29
C SER A 1450 58.20 46.32 -15.40
N LEU A 1451 58.93 46.31 -14.29
CA LEU A 1451 60.34 46.71 -14.32
C LEU A 1451 61.13 45.76 -15.21
N SER A 1452 60.91 44.45 -15.07
CA SER A 1452 61.62 43.49 -15.92
C SER A 1452 61.18 43.61 -17.37
N ASN A 1453 59.88 43.81 -17.61
CA ASN A 1453 59.39 43.93 -18.98
C ASN A 1453 60.02 45.13 -19.68
N GLU A 1454 60.14 46.26 -18.98
CA GLU A 1454 60.81 47.41 -19.57
C GLU A 1454 62.32 47.22 -19.61
N ALA A 1455 62.86 46.35 -18.77
CA ALA A 1455 64.26 45.98 -18.89
C ALA A 1455 64.52 45.09 -20.09
N ALA A 1456 63.48 44.45 -20.62
CA ALA A 1456 63.61 43.62 -21.82
C ALA A 1456 63.69 44.48 -23.07
N ASP B 36 -50.51 -16.23 44.45
CA ASP B 36 -50.92 -15.37 43.34
C ASP B 36 -50.77 -16.12 42.03
N GLU B 37 -51.86 -16.18 41.26
CA GLU B 37 -51.96 -17.12 40.15
C GLU B 37 -51.00 -16.76 39.02
N ILE B 38 -50.53 -17.79 38.33
CA ILE B 38 -49.58 -17.61 37.23
C ILE B 38 -50.29 -16.93 36.06
N ASN B 39 -49.67 -15.89 35.53
CA ASN B 39 -50.15 -15.20 34.34
C ASN B 39 -49.25 -15.59 33.17
N THR B 40 -49.74 -16.50 32.33
CA THR B 40 -48.90 -17.10 31.30
C THR B 40 -48.35 -16.09 30.30
N ALA B 41 -48.99 -14.92 30.17
CA ALA B 41 -48.46 -13.91 29.27
C ALA B 41 -47.17 -13.30 29.79
N GLN B 42 -46.83 -13.56 31.05
CA GLN B 42 -45.59 -13.07 31.64
C GLN B 42 -44.75 -14.17 32.29
N ASP B 43 -45.33 -15.32 32.60
CA ASP B 43 -44.56 -16.40 33.20
C ASP B 43 -44.03 -17.39 32.17
N LYS B 44 -44.34 -17.21 30.89
CA LYS B 44 -43.76 -18.10 29.89
C LYS B 44 -42.27 -17.88 29.70
N TRP B 45 -41.74 -16.77 30.19
CA TRP B 45 -40.29 -16.56 30.11
C TRP B 45 -39.53 -17.53 30.99
N HIS B 46 -40.20 -18.18 31.95
CA HIS B 46 -39.52 -19.14 32.81
C HIS B 46 -39.07 -20.37 32.05
N LEU B 47 -39.61 -20.59 30.86
CA LEU B 47 -39.06 -21.61 29.99
C LEU B 47 -37.59 -21.33 29.68
N LEU B 48 -37.17 -20.07 29.73
CA LEU B 48 -35.77 -19.77 29.45
C LEU B 48 -34.83 -20.18 30.58
N PRO B 49 -35.06 -19.83 31.85
CA PRO B 49 -34.23 -20.42 32.91
C PRO B 49 -34.35 -21.94 32.97
N ALA B 50 -35.53 -22.50 32.71
CA ALA B 50 -35.63 -23.96 32.70
C ALA B 50 -34.80 -24.56 31.59
N PHE B 51 -34.72 -23.88 30.44
CA PHE B 51 -33.91 -24.32 29.33
C PHE B 51 -32.43 -24.25 29.67
N LEU B 52 -31.99 -23.12 30.21
CA LEU B 52 -30.57 -22.96 30.51
C LEU B 52 -30.12 -23.83 31.68
N LYS B 53 -31.04 -24.27 32.53
CA LYS B 53 -30.67 -25.15 33.63
C LYS B 53 -30.17 -26.50 33.12
N VAL B 54 -30.61 -26.93 31.95
CA VAL B 54 -30.22 -28.22 31.39
C VAL B 54 -29.42 -28.09 30.10
N LYS B 55 -29.42 -26.93 29.47
CA LYS B 55 -28.69 -26.71 28.21
C LYS B 55 -28.04 -25.34 28.35
N GLY B 56 -26.84 -25.32 28.90
CA GLY B 56 -26.22 -24.08 29.29
C GLY B 56 -25.69 -23.28 28.12
N LEU B 57 -25.10 -22.13 28.46
CA LEU B 57 -24.52 -21.27 27.42
C LEU B 57 -23.34 -21.96 26.75
N VAL B 58 -22.47 -22.59 27.54
CA VAL B 58 -21.43 -23.47 27.00
C VAL B 58 -22.03 -24.87 26.98
N LYS B 59 -22.79 -25.14 25.93
CA LYS B 59 -23.29 -26.48 25.68
C LYS B 59 -22.94 -27.00 24.31
N GLN B 60 -22.72 -26.11 23.34
CA GLN B 60 -22.19 -26.54 22.06
C GLN B 60 -20.90 -27.32 22.26
N HIS B 61 -19.96 -26.72 22.99
CA HIS B 61 -18.68 -27.36 23.23
C HIS B 61 -18.83 -28.63 24.05
N LEU B 62 -19.57 -28.56 25.15
CA LEU B 62 -19.66 -29.72 26.04
C LEU B 62 -20.34 -30.89 25.34
N ASP B 63 -21.45 -30.64 24.65
CA ASP B 63 -22.15 -31.70 23.94
C ASP B 63 -21.29 -32.28 22.84
N SER B 64 -20.59 -31.45 22.08
CA SER B 64 -19.75 -31.97 21.01
C SER B 64 -18.61 -32.82 21.56
N PHE B 65 -17.97 -32.38 22.64
CA PHE B 65 -16.88 -33.18 23.18
C PHE B 65 -17.40 -34.47 23.79
N ASN B 66 -18.55 -34.42 24.46
CA ASN B 66 -19.14 -35.63 25.00
C ASN B 66 -19.48 -36.62 23.89
N TYR B 67 -20.10 -36.14 22.81
CA TYR B 67 -20.42 -37.01 21.69
C TYR B 67 -19.17 -37.60 21.09
N PHE B 68 -18.12 -36.79 20.92
CA PHE B 68 -16.85 -37.32 20.43
C PHE B 68 -16.38 -38.46 21.31
N VAL B 69 -16.07 -38.18 22.58
CA VAL B 69 -15.51 -39.20 23.47
C VAL B 69 -16.47 -40.32 23.81
N ASP B 70 -17.72 -40.26 23.36
CA ASP B 70 -18.67 -41.33 23.67
C ASP B 70 -19.09 -42.15 22.45
N THR B 71 -19.09 -41.60 21.26
CA THR B 71 -19.43 -42.37 20.06
C THR B 71 -18.37 -42.29 18.97
N ASP B 72 -17.75 -41.12 18.77
CA ASP B 72 -16.87 -40.97 17.63
C ASP B 72 -15.56 -41.74 17.82
N LEU B 73 -15.09 -41.86 19.05
CA LEU B 73 -13.91 -42.69 19.29
C LEU B 73 -14.21 -44.15 18.95
N LYS B 74 -15.38 -44.64 19.33
CA LYS B 74 -15.77 -45.99 18.94
C LYS B 74 -15.89 -46.11 17.43
N LYS B 75 -16.42 -45.08 16.77
CA LYS B 75 -16.57 -45.13 15.31
C LYS B 75 -15.22 -45.13 14.61
N ILE B 76 -14.28 -44.32 15.09
CA ILE B 76 -12.93 -44.32 14.52
C ILE B 76 -12.26 -45.68 14.73
N ILE B 77 -12.41 -46.25 15.92
CA ILE B 77 -11.81 -47.57 16.17
C ILE B 77 -12.42 -48.61 15.26
N LYS B 78 -13.75 -48.61 15.11
CA LYS B 78 -14.39 -49.57 14.23
C LYS B 78 -13.93 -49.39 12.78
N ALA B 79 -13.79 -48.13 12.33
CA ALA B 79 -13.33 -47.89 10.98
C ALA B 79 -11.93 -48.45 10.77
N ASN B 80 -10.99 -48.09 11.66
CA ASN B 80 -9.64 -48.65 11.60
C ASN B 80 -9.50 -49.78 12.63
N GLN B 81 -10.33 -50.81 12.45
CA GLN B 81 -10.38 -51.90 13.42
C GLN B 81 -9.16 -52.80 13.34
N LEU B 82 -8.71 -53.09 12.13
CA LEU B 82 -7.62 -54.02 11.91
C LEU B 82 -6.54 -53.33 11.09
N ILE B 83 -5.28 -53.57 11.46
CA ILE B 83 -4.14 -53.12 10.69
C ILE B 83 -3.30 -54.36 10.34
N LEU B 84 -2.94 -54.48 9.07
CA LEU B 84 -2.37 -55.71 8.52
C LEU B 84 -1.02 -55.43 7.88
N SER B 85 -0.25 -56.50 7.69
CA SER B 85 1.03 -56.46 7.02
C SER B 85 0.99 -57.36 5.80
N ASP B 86 1.84 -57.03 4.82
CA ASP B 86 1.89 -57.84 3.61
C ASP B 86 2.42 -59.23 3.90
N VAL B 87 3.50 -59.34 4.68
CA VAL B 87 4.05 -60.63 5.07
C VAL B 87 3.34 -61.13 6.32
N ASP B 88 3.47 -62.44 6.59
CA ASP B 88 2.89 -63.09 7.76
C ASP B 88 1.38 -62.99 7.81
N PRO B 89 0.66 -63.73 6.96
CA PRO B 89 -0.81 -63.78 7.10
C PRO B 89 -1.30 -64.41 8.39
N GLU B 90 -0.44 -65.07 9.16
CA GLU B 90 -0.83 -65.61 10.47
C GLU B 90 -0.65 -64.54 11.54
N PHE B 91 -1.18 -63.35 11.25
CA PHE B 91 -0.97 -62.20 12.11
C PHE B 91 -2.01 -61.12 11.84
N TYR B 92 -2.88 -60.85 12.81
CA TYR B 92 -3.84 -59.77 12.69
C TYR B 92 -3.94 -59.04 14.03
N LEU B 93 -3.83 -57.72 13.97
CA LEU B 93 -3.86 -56.87 15.16
C LEU B 93 -5.17 -56.10 15.17
N LYS B 94 -6.02 -56.40 16.16
CA LYS B 94 -7.39 -55.94 16.19
C LYS B 94 -7.57 -54.80 17.19
N TYR B 95 -8.50 -53.90 16.89
CA TYR B 95 -8.89 -52.79 17.78
C TYR B 95 -10.34 -53.05 18.16
N VAL B 96 -10.54 -53.63 19.34
CA VAL B 96 -11.85 -54.13 19.74
C VAL B 96 -12.62 -53.13 20.57
N ASP B 97 -11.95 -52.37 21.45
CA ASP B 97 -12.64 -51.39 22.27
C ASP B 97 -11.71 -50.23 22.59
N ILE B 98 -12.31 -49.04 22.70
CA ILE B 98 -11.59 -47.83 23.10
C ILE B 98 -12.35 -47.14 24.21
N ARG B 99 -11.60 -46.43 25.05
CA ARG B 99 -12.16 -45.69 26.16
C ARG B 99 -11.25 -44.51 26.46
N VAL B 100 -11.80 -43.52 27.15
CA VAL B 100 -11.04 -42.35 27.59
C VAL B 100 -11.14 -42.27 29.10
N GLY B 101 -9.99 -42.28 29.77
CA GLY B 101 -9.91 -41.94 31.17
C GLY B 101 -10.33 -43.01 32.15
N LYS B 102 -10.68 -44.21 31.69
CA LYS B 102 -11.12 -45.25 32.61
C LYS B 102 -10.66 -46.61 32.12
N LYS B 103 -10.04 -47.37 33.02
CA LYS B 103 -9.70 -48.78 32.80
C LYS B 103 -10.85 -49.66 33.26
N SER B 104 -10.77 -50.94 32.87
CA SER B 104 -11.68 -51.96 33.40
C SER B 104 -11.08 -52.72 34.58
N SER B 105 -9.85 -52.42 34.97
CA SER B 105 -9.27 -52.99 36.18
C SER B 105 -9.97 -52.48 37.43
N SER B 106 -10.33 -51.20 37.48
CA SER B 106 -11.03 -50.62 38.60
C SER B 106 -12.34 -49.99 38.14
N SER B 107 -13.38 -50.17 38.95
CA SER B 107 -14.67 -49.59 38.62
C SER B 107 -14.60 -48.06 38.58
N THR B 108 -13.88 -47.47 39.53
CA THR B 108 -13.72 -46.03 39.56
C THR B 108 -12.84 -45.55 38.40
N LYS B 109 -12.95 -44.27 38.09
CA LYS B 109 -12.20 -43.67 37.00
C LYS B 109 -10.74 -43.49 37.41
N ASP B 110 -9.90 -43.18 36.43
CA ASP B 110 -8.51 -42.90 36.71
C ASP B 110 -8.36 -41.55 37.41
N TYR B 111 -7.25 -41.39 38.12
CA TYR B 111 -6.94 -40.12 38.73
C TYR B 111 -6.41 -39.16 37.69
N LEU B 112 -7.10 -38.04 37.52
CA LEU B 112 -6.65 -36.96 36.66
C LEU B 112 -6.08 -35.86 37.53
N THR B 113 -5.00 -35.26 37.06
CA THR B 113 -4.50 -34.05 37.69
C THR B 113 -5.55 -32.95 37.53
N PRO B 114 -5.92 -32.26 38.60
CA PRO B 114 -6.98 -31.27 38.47
C PRO B 114 -6.61 -30.19 37.48
N PRO B 115 -7.59 -29.62 36.80
CA PRO B 115 -7.27 -28.60 35.78
C PRO B 115 -6.53 -27.40 36.31
N HIS B 116 -6.78 -26.97 37.54
CA HIS B 116 -6.04 -25.83 38.04
C HIS B 116 -4.60 -26.19 38.35
N GLU B 117 -4.36 -27.44 38.77
CA GLU B 117 -2.99 -27.90 38.90
C GLU B 117 -2.30 -27.93 37.55
N CYS B 118 -3.03 -28.30 36.49
CA CYS B 118 -2.48 -28.24 35.15
C CYS B 118 -2.17 -26.80 34.75
N ARG B 119 -3.05 -25.87 35.13
CA ARG B 119 -2.80 -24.45 34.84
C ARG B 119 -1.56 -23.96 35.56
N LEU B 120 -1.37 -24.38 36.80
CA LEU B 120 -0.21 -23.93 37.57
C LEU B 120 1.09 -24.51 37.02
N ARG B 121 1.12 -25.82 36.77
CA ARG B 121 2.36 -26.47 36.40
C ARG B 121 2.62 -26.46 34.91
N ASP B 122 1.79 -25.78 34.13
CA ASP B 122 1.91 -25.72 32.67
C ASP B 122 1.91 -27.13 32.08
N MET B 123 0.91 -27.91 32.46
CA MET B 123 0.67 -29.23 31.89
C MET B 123 -0.63 -29.22 31.11
N THR B 124 -0.81 -30.27 30.31
CA THR B 124 -2.06 -30.49 29.60
C THR B 124 -3.03 -31.23 30.50
N TYR B 125 -4.25 -30.75 30.58
CA TYR B 125 -5.31 -31.46 31.31
C TYR B 125 -5.85 -32.53 30.38
N SER B 126 -5.44 -33.78 30.63
CA SER B 126 -5.68 -34.85 29.68
C SER B 126 -5.99 -36.14 30.41
N ALA B 127 -6.65 -37.05 29.70
CA ALA B 127 -6.96 -38.38 30.17
C ALA B 127 -6.36 -39.41 29.23
N PRO B 128 -5.97 -40.57 29.73
CA PRO B 128 -5.38 -41.60 28.86
C PRO B 128 -6.43 -42.18 27.92
N ILE B 129 -5.95 -42.69 26.79
CA ILE B 129 -6.80 -43.30 25.78
C ILE B 129 -6.55 -44.81 25.83
N TYR B 130 -7.45 -45.54 26.48
CA TYR B 130 -7.27 -46.97 26.71
C TYR B 130 -7.98 -47.77 25.62
N VAL B 131 -7.25 -48.73 25.04
CA VAL B 131 -7.82 -49.66 24.07
C VAL B 131 -7.56 -51.08 24.54
N ASP B 132 -8.36 -52.00 24.02
CA ASP B 132 -8.17 -53.43 24.19
C ASP B 132 -7.69 -54.00 22.87
N ILE B 133 -6.78 -54.98 22.93
CA ILE B 133 -6.06 -55.45 21.76
C ILE B 133 -6.20 -56.96 21.63
N GLU B 134 -6.51 -57.42 20.41
CA GLU B 134 -6.39 -58.82 20.03
C GLU B 134 -5.18 -58.96 19.10
N TYR B 135 -4.04 -59.34 19.66
CA TYR B 135 -2.85 -59.60 18.87
C TYR B 135 -2.44 -61.06 19.09
N THR B 136 -2.25 -61.80 18.00
CA THR B 136 -2.06 -63.23 18.09
C THR B 136 -0.65 -63.59 18.52
N ARG B 137 -0.55 -64.58 19.40
CA ARG B 137 0.72 -65.21 19.74
C ARG B 137 1.06 -66.29 18.72
N GLY B 138 2.35 -66.64 18.66
CA GLY B 138 2.78 -67.65 17.71
C GLY B 138 2.17 -69.01 17.97
N ARG B 139 2.09 -69.42 19.24
CA ARG B 139 1.57 -70.73 19.58
C ARG B 139 0.05 -70.70 19.78
N ASN B 140 -0.65 -70.13 18.81
CA ASN B 140 -2.11 -70.17 18.72
C ASN B 140 -2.77 -69.67 20.00
N ILE B 141 -2.42 -68.45 20.39
CA ILE B 141 -2.97 -67.84 21.60
C ILE B 141 -3.70 -66.56 21.22
N ILE B 142 -4.91 -66.40 21.76
CA ILE B 142 -5.77 -65.25 21.56
C ILE B 142 -6.07 -64.65 22.93
N MET B 143 -5.85 -63.34 23.08
CA MET B 143 -5.98 -62.72 24.39
C MET B 143 -6.37 -61.25 24.24
N HIS B 144 -6.91 -60.71 25.33
CA HIS B 144 -7.25 -59.30 25.47
C HIS B 144 -6.13 -58.57 26.20
N LYS B 145 -6.35 -57.27 26.46
CA LYS B 145 -5.51 -56.45 27.32
C LYS B 145 -6.23 -55.12 27.50
N ASP B 146 -5.59 -54.16 28.19
CA ASP B 146 -6.11 -52.79 28.29
C ASP B 146 -4.92 -51.84 28.25
N VAL B 147 -4.54 -51.40 27.06
CA VAL B 147 -3.31 -50.65 26.86
C VAL B 147 -3.64 -49.21 26.56
N GLU B 148 -2.67 -48.33 26.84
CA GLU B 148 -2.84 -46.90 26.70
C GLU B 148 -2.10 -46.42 25.45
N ILE B 149 -2.78 -45.63 24.62
CA ILE B 149 -2.22 -45.20 23.35
C ILE B 149 -2.09 -43.68 23.29
N GLY B 150 -2.00 -43.05 24.45
CA GLY B 150 -1.77 -41.62 24.51
C GLY B 150 -2.69 -40.97 25.52
N ARG B 151 -2.74 -39.64 25.45
CA ARG B 151 -3.54 -38.82 26.34
C ARG B 151 -4.45 -37.93 25.52
N MET B 152 -5.74 -37.94 25.86
CA MET B 152 -6.69 -37.06 25.20
C MET B 152 -6.90 -35.82 26.05
N PRO B 153 -6.60 -34.62 25.56
CA PRO B 153 -6.97 -33.41 26.31
C PRO B 153 -8.47 -33.37 26.55
N ILE B 154 -8.84 -33.07 27.79
CA ILE B 154 -10.22 -33.13 28.23
C ILE B 154 -10.76 -31.72 28.32
N MET B 155 -11.84 -31.46 27.59
CA MET B 155 -12.57 -30.21 27.72
C MET B 155 -13.09 -30.08 29.15
N LEU B 156 -12.95 -28.88 29.72
CA LEU B 156 -13.38 -28.64 31.09
C LEU B 156 -14.89 -28.81 31.21
N ARG B 157 -15.30 -29.52 32.27
CA ARG B 157 -16.70 -29.79 32.56
C ARG B 157 -17.37 -30.67 31.50
N SER B 158 -16.61 -31.57 30.91
CA SER B 158 -17.17 -32.59 30.04
C SER B 158 -17.47 -33.83 30.86
N ASN B 159 -17.93 -34.90 30.21
CA ASN B 159 -18.22 -36.15 30.91
C ASN B 159 -16.99 -36.67 31.65
N LYS B 160 -15.83 -36.54 31.03
CA LYS B 160 -14.59 -37.07 31.56
C LYS B 160 -13.90 -36.13 32.54
N CYS B 161 -14.36 -34.90 32.66
CA CYS B 161 -13.71 -33.92 33.50
C CYS B 161 -14.03 -34.19 34.97
N ILE B 162 -13.02 -33.99 35.82
CA ILE B 162 -13.22 -34.15 37.27
C ILE B 162 -14.22 -33.13 37.78
N LEU B 163 -14.37 -32.00 37.09
CA LEU B 163 -15.31 -30.96 37.49
C LEU B 163 -16.76 -31.29 37.18
N TYR B 164 -17.01 -32.36 36.45
CA TYR B 164 -18.38 -32.79 36.16
C TYR B 164 -19.08 -33.17 37.45
N ASP B 165 -20.19 -32.49 37.75
CA ASP B 165 -20.99 -32.73 38.95
C ASP B 165 -20.16 -32.55 40.22
N ALA B 166 -19.71 -31.32 40.42
CA ALA B 166 -19.10 -30.87 41.66
C ALA B 166 -19.95 -29.76 42.24
N ASP B 167 -20.06 -29.70 43.57
CA ASP B 167 -21.04 -28.86 44.24
C ASP B 167 -20.41 -27.70 45.00
N GLU B 168 -19.38 -27.09 44.42
CA GLU B 168 -18.72 -25.88 44.91
C GLU B 168 -17.88 -26.15 46.16
N SER B 169 -18.11 -27.29 46.81
CA SER B 169 -17.19 -27.73 47.85
C SER B 169 -16.08 -28.56 47.25
N LYS B 170 -16.44 -29.48 46.34
CA LYS B 170 -15.45 -30.10 45.48
C LYS B 170 -14.74 -29.06 44.64
N MET B 171 -15.47 -28.03 44.17
CA MET B 171 -14.84 -26.97 43.40
C MET B 171 -13.82 -26.21 44.24
N ALA B 172 -14.18 -25.87 45.49
CA ALA B 172 -13.22 -25.20 46.35
C ALA B 172 -12.00 -26.08 46.61
N LYS B 173 -12.23 -27.37 46.89
CA LYS B 173 -11.12 -28.28 47.16
C LYS B 173 -10.22 -28.43 45.93
N LEU B 174 -10.80 -28.36 44.73
CA LEU B 174 -10.03 -28.44 43.50
C LEU B 174 -9.51 -27.10 43.03
N ASN B 175 -9.80 -26.00 43.74
CA ASN B 175 -9.35 -24.66 43.37
C ASN B 175 -9.93 -24.23 42.03
N GLU B 176 -11.21 -24.52 41.84
CA GLU B 176 -11.92 -24.15 40.64
C GLU B 176 -13.06 -23.21 40.98
N CYS B 177 -13.33 -22.27 40.09
CA CYS B 177 -14.48 -21.41 40.25
C CYS B 177 -15.74 -22.16 39.81
N PRO B 178 -16.81 -22.14 40.61
CA PRO B 178 -18.05 -22.79 40.18
C PRO B 178 -18.73 -22.06 39.04
N LEU B 179 -18.40 -20.81 38.80
CA LEU B 179 -19.01 -20.02 37.72
C LEU B 179 -18.17 -20.03 36.45
N ASP B 180 -17.09 -20.78 36.41
CA ASP B 180 -16.32 -20.89 35.19
C ASP B 180 -17.17 -21.60 34.14
N PRO B 181 -17.20 -21.12 32.90
CA PRO B 181 -18.06 -21.75 31.89
C PRO B 181 -17.69 -23.19 31.57
N GLY B 182 -16.41 -23.52 31.58
CA GLY B 182 -15.98 -24.77 31.00
C GLY B 182 -16.01 -24.63 29.48
N GLY B 183 -15.85 -25.77 28.81
CA GLY B 183 -15.90 -25.78 27.37
C GLY B 183 -14.61 -25.47 26.66
N TYR B 184 -13.50 -25.40 27.38
CA TYR B 184 -12.21 -25.12 26.78
C TYR B 184 -11.20 -26.15 27.29
N PHE B 185 -10.03 -26.14 26.69
CA PHE B 185 -8.97 -27.08 27.03
C PHE B 185 -7.84 -26.36 27.76
N ILE B 186 -7.11 -27.10 28.56
CA ILE B 186 -5.86 -26.64 29.15
C ILE B 186 -4.75 -27.48 28.55
N VAL B 187 -4.01 -26.91 27.60
CA VAL B 187 -2.83 -27.55 27.03
C VAL B 187 -1.64 -26.69 27.35
N ASN B 188 -0.65 -27.27 28.03
CA ASN B 188 0.54 -26.57 28.48
C ASN B 188 0.19 -25.40 29.40
N GLY B 189 -0.85 -25.57 30.21
CA GLY B 189 -1.26 -24.55 31.14
C GLY B 189 -2.03 -23.40 30.55
N THR B 190 -2.31 -23.43 29.25
CA THR B 190 -2.99 -22.35 28.56
C THR B 190 -4.41 -22.77 28.25
N GLU B 191 -5.36 -21.88 28.50
CA GLU B 191 -6.77 -22.15 28.28
C GLU B 191 -7.11 -21.90 26.83
N LYS B 192 -7.35 -22.96 26.07
CA LYS B 192 -7.61 -22.87 24.66
C LYS B 192 -9.05 -23.28 24.38
N VAL B 193 -9.79 -22.41 23.72
CA VAL B 193 -11.13 -22.70 23.25
C VAL B 193 -11.05 -22.99 21.76
N ILE B 194 -11.68 -24.07 21.32
CA ILE B 194 -11.88 -24.32 19.91
C ILE B 194 -13.15 -23.58 19.51
N LEU B 195 -12.99 -22.44 18.84
CA LEU B 195 -14.13 -21.60 18.52
C LEU B 195 -15.08 -22.30 17.56
N VAL B 196 -16.37 -22.04 17.73
CA VAL B 196 -17.38 -22.56 16.81
C VAL B 196 -17.09 -22.03 15.43
N GLN B 197 -16.98 -22.93 14.45
CA GLN B 197 -16.72 -22.53 13.08
C GLN B 197 -18.01 -22.59 12.26
N GLU B 198 -18.23 -21.56 11.46
CA GLU B 198 -19.40 -21.48 10.60
C GLU B 198 -18.99 -21.72 9.17
N GLN B 199 -19.60 -22.72 8.52
CA GLN B 199 -19.30 -23.03 7.13
C GLN B 199 -20.60 -23.19 6.36
N LEU B 200 -20.48 -23.23 5.04
CA LEU B 200 -21.62 -23.55 4.20
C LEU B 200 -22.08 -24.97 4.44
N SER B 201 -23.38 -25.20 4.23
CA SER B 201 -23.88 -26.55 4.32
C SER B 201 -23.19 -27.44 3.29
N LYS B 202 -22.70 -28.58 3.76
CA LYS B 202 -22.15 -29.58 2.87
C LYS B 202 -23.29 -30.36 2.22
N ASN B 203 -23.00 -30.94 1.06
CA ASN B 203 -23.94 -31.80 0.34
C ASN B 203 -25.24 -31.06 -0.01
N ARG B 204 -25.15 -29.76 -0.26
CA ARG B 204 -26.32 -28.97 -0.64
C ARG B 204 -25.98 -28.08 -1.82
N ILE B 205 -26.97 -27.88 -2.68
CA ILE B 205 -26.80 -27.13 -3.94
C ILE B 205 -27.04 -25.65 -3.68
N ILE B 206 -26.10 -24.82 -4.11
CA ILE B 206 -26.24 -23.37 -4.06
C ILE B 206 -26.21 -22.85 -5.49
N VAL B 207 -27.32 -22.28 -5.94
CA VAL B 207 -27.40 -21.63 -7.24
C VAL B 207 -26.96 -20.19 -7.06
N GLU B 208 -26.09 -19.72 -7.96
CA GLU B 208 -25.55 -18.37 -7.87
C GLU B 208 -25.33 -17.84 -9.28
N ALA B 209 -26.07 -16.80 -9.63
CA ALA B 209 -25.96 -16.20 -10.95
C ALA B 209 -24.84 -15.19 -10.96
N ASP B 210 -24.78 -14.35 -12.01
CA ASP B 210 -23.73 -13.36 -12.12
C ASP B 210 -24.18 -12.29 -13.11
N GLU B 211 -23.49 -11.14 -13.05
CA GLU B 211 -23.72 -10.04 -13.96
C GLU B 211 -22.45 -9.76 -14.77
N LYS B 212 -22.63 -9.05 -15.88
CA LYS B 212 -21.60 -8.85 -16.90
C LYS B 212 -21.20 -10.19 -17.50
N LYS B 213 -20.58 -11.05 -16.69
CA LYS B 213 -20.22 -12.37 -17.18
C LYS B 213 -21.46 -13.14 -17.64
N GLY B 214 -22.56 -13.00 -16.92
CA GLY B 214 -23.80 -13.68 -17.28
C GLY B 214 -23.73 -15.19 -17.18
N ILE B 215 -23.01 -15.72 -16.20
CA ILE B 215 -23.02 -17.15 -15.94
C ILE B 215 -23.99 -17.42 -14.81
N VAL B 216 -24.49 -18.65 -14.76
CA VAL B 216 -25.22 -19.17 -13.62
C VAL B 216 -24.51 -20.44 -13.20
N GLN B 217 -24.14 -20.52 -11.92
CA GLN B 217 -23.29 -21.58 -11.42
C GLN B 217 -23.96 -22.21 -10.20
N ALA B 218 -24.29 -23.49 -10.31
CA ALA B 218 -24.82 -24.26 -9.19
C ALA B 218 -23.74 -25.24 -8.73
N SER B 219 -23.40 -25.18 -7.45
CA SER B 219 -22.32 -25.98 -6.92
C SER B 219 -22.79 -26.71 -5.67
N VAL B 220 -22.32 -27.94 -5.51
CA VAL B 220 -22.52 -28.70 -4.29
C VAL B 220 -21.17 -29.15 -3.78
N THR B 221 -20.90 -28.88 -2.51
CA THR B 221 -19.68 -29.36 -1.86
C THR B 221 -19.99 -30.71 -1.23
N SER B 222 -19.51 -31.77 -1.86
CA SER B 222 -19.78 -33.14 -1.42
C SER B 222 -18.71 -33.53 -0.42
N SER B 223 -19.02 -33.42 0.86
CA SER B 223 -18.07 -33.74 1.92
C SER B 223 -18.45 -35.08 2.53
N THR B 224 -18.01 -36.15 1.87
CA THR B 224 -18.13 -37.48 2.43
C THR B 224 -17.01 -37.70 3.45
N HIS B 225 -17.02 -38.88 4.08
CA HIS B 225 -16.01 -39.16 5.09
C HIS B 225 -14.61 -39.22 4.53
N GLU B 226 -14.42 -39.82 3.36
CA GLU B 226 -13.10 -40.00 2.77
C GLU B 226 -12.72 -38.95 1.75
N ARG B 227 -13.68 -38.23 1.18
CA ARG B 227 -13.40 -37.26 0.12
C ARG B 227 -14.28 -36.03 0.27
N LYS B 228 -13.77 -34.91 -0.21
CA LYS B 228 -14.52 -33.65 -0.28
C LYS B 228 -14.22 -33.00 -1.63
N SER B 229 -15.23 -32.94 -2.49
CA SER B 229 -15.08 -32.43 -3.84
C SER B 229 -16.26 -31.54 -4.19
N LYS B 230 -16.04 -30.64 -5.14
CA LYS B 230 -17.06 -29.70 -5.58
C LYS B 230 -17.47 -30.00 -7.02
N THR B 231 -18.77 -30.10 -7.24
CA THR B 231 -19.33 -30.46 -8.54
C THR B 231 -20.14 -29.28 -9.05
N TYR B 232 -19.52 -28.49 -9.94
CA TYR B 232 -20.16 -27.32 -10.53
C TYR B 232 -21.07 -27.72 -11.68
N VAL B 233 -22.09 -26.89 -11.90
CA VAL B 233 -22.91 -26.97 -13.11
C VAL B 233 -22.96 -25.54 -13.67
N ILE B 234 -22.02 -25.22 -14.55
CA ILE B 234 -21.84 -23.88 -15.07
C ILE B 234 -22.82 -23.60 -16.20
N THR B 235 -22.86 -22.36 -16.64
CA THR B 235 -23.47 -21.96 -17.90
C THR B 235 -22.40 -21.28 -18.75
N LYS B 236 -22.22 -21.74 -19.98
CA LYS B 236 -21.23 -21.16 -20.88
C LYS B 236 -21.82 -21.08 -22.27
N ASN B 237 -21.83 -19.87 -22.83
CA ASN B 237 -22.37 -19.62 -24.16
C ASN B 237 -23.79 -20.16 -24.29
N GLY B 238 -24.61 -19.91 -23.27
CA GLY B 238 -25.98 -20.33 -23.28
C GLY B 238 -26.20 -21.81 -23.04
N LYS B 239 -25.13 -22.58 -22.88
CA LYS B 239 -25.22 -24.02 -22.71
C LYS B 239 -24.80 -24.41 -21.31
N ILE B 240 -25.57 -25.29 -20.69
CA ILE B 240 -25.26 -25.80 -19.36
C ILE B 240 -24.17 -26.86 -19.48
N TYR B 241 -23.14 -26.73 -18.64
CA TYR B 241 -22.05 -27.68 -18.58
C TYR B 241 -21.90 -28.19 -17.16
N LEU B 242 -21.13 -29.27 -17.00
CA LEU B 242 -20.72 -29.75 -15.68
C LEU B 242 -19.22 -29.61 -15.54
N LYS B 243 -18.78 -29.11 -14.40
CA LYS B 243 -17.36 -28.90 -14.11
C LYS B 243 -17.01 -29.62 -12.81
N HIS B 244 -15.93 -30.41 -12.84
CA HIS B 244 -15.48 -31.13 -11.67
C HIS B 244 -13.96 -31.04 -11.58
N ASN B 245 -13.45 -31.05 -10.35
CA ASN B 245 -12.01 -30.95 -10.16
C ASN B 245 -11.28 -32.15 -10.74
N SER B 246 -11.85 -33.35 -10.59
CA SER B 246 -11.23 -34.54 -11.13
C SER B 246 -11.28 -34.54 -12.65
N ILE B 247 -12.45 -34.24 -13.23
CA ILE B 247 -12.59 -34.23 -14.67
C ILE B 247 -11.71 -33.15 -15.27
N ALA B 248 -11.13 -33.44 -16.44
CA ALA B 248 -10.21 -32.50 -17.06
C ALA B 248 -10.97 -31.38 -17.78
N GLU B 249 -12.13 -31.69 -18.35
CA GLU B 249 -12.87 -30.74 -19.17
C GLU B 249 -14.29 -30.59 -18.65
N GLU B 250 -14.88 -29.43 -18.90
CA GLU B 250 -16.29 -29.23 -18.61
C GLU B 250 -17.14 -30.00 -19.61
N ILE B 251 -18.08 -30.79 -19.10
CA ILE B 251 -18.80 -31.76 -19.92
C ILE B 251 -20.19 -31.22 -20.26
N PRO B 252 -20.65 -31.40 -21.50
CA PRO B 252 -22.04 -31.02 -21.82
C PRO B 252 -23.00 -31.78 -20.93
N ILE B 253 -24.06 -31.10 -20.51
CA ILE B 253 -24.90 -31.64 -19.43
C ILE B 253 -25.74 -32.81 -19.93
N ALA B 254 -26.22 -32.75 -21.17
CA ALA B 254 -27.01 -33.85 -21.70
C ALA B 254 -26.17 -35.12 -21.83
N ILE B 255 -24.88 -34.98 -22.10
CA ILE B 255 -23.98 -36.13 -22.08
C ILE B 255 -23.97 -36.76 -20.70
N VAL B 256 -23.92 -35.94 -19.64
CA VAL B 256 -23.88 -36.47 -18.28
C VAL B 256 -25.21 -37.11 -17.91
N LEU B 257 -26.32 -36.52 -18.36
CA LEU B 257 -27.62 -37.09 -18.07
C LEU B 257 -27.82 -38.42 -18.79
N LYS B 258 -27.25 -38.57 -19.99
CA LYS B 258 -27.26 -39.87 -20.66
C LYS B 258 -26.36 -40.85 -19.92
N ALA B 259 -25.16 -40.42 -19.54
CA ALA B 259 -24.26 -41.28 -18.78
C ALA B 259 -24.90 -41.75 -17.48
N CYS B 260 -25.80 -40.96 -16.93
CA CYS B 260 -26.57 -41.37 -15.76
C CYS B 260 -27.91 -41.98 -16.15
N GLY B 261 -27.89 -42.94 -17.07
CA GLY B 261 -29.06 -43.74 -17.37
C GLY B 261 -30.27 -43.04 -17.94
N ILE B 262 -30.22 -41.71 -18.09
CA ILE B 262 -31.35 -40.95 -18.64
C ILE B 262 -30.97 -40.63 -20.08
N LEU B 263 -31.35 -41.51 -21.00
CA LEU B 263 -30.93 -41.40 -22.39
C LEU B 263 -32.08 -41.13 -23.36
N SER B 264 -33.32 -41.13 -22.89
CA SER B 264 -34.44 -40.95 -23.80
C SER B 264 -34.43 -39.60 -24.50
N ASP B 265 -33.69 -38.62 -23.96
CA ASP B 265 -33.49 -37.32 -24.60
C ASP B 265 -34.78 -36.53 -24.65
N LEU B 266 -35.89 -37.15 -24.25
CA LEU B 266 -37.14 -36.48 -24.01
C LEU B 266 -37.42 -36.29 -22.53
N GLU B 267 -37.12 -37.31 -21.73
CA GLU B 267 -37.25 -37.16 -20.29
C GLU B 267 -36.20 -36.22 -19.73
N ILE B 268 -35.05 -36.10 -20.41
CA ILE B 268 -34.08 -35.07 -20.04
C ILE B 268 -34.74 -33.71 -20.07
N MET B 269 -35.48 -33.43 -21.15
CA MET B 269 -36.30 -32.23 -21.21
C MET B 269 -37.38 -32.25 -20.14
N GLN B 270 -37.99 -33.42 -19.88
CA GLN B 270 -39.00 -33.51 -18.84
C GLN B 270 -38.42 -33.47 -17.43
N LEU B 271 -37.13 -33.73 -17.28
CA LEU B 271 -36.49 -33.61 -15.99
C LEU B 271 -35.96 -32.22 -15.69
N VAL B 272 -35.48 -31.48 -16.69
CA VAL B 272 -34.91 -30.17 -16.45
C VAL B 272 -35.81 -29.03 -16.87
N CYS B 273 -36.94 -29.30 -17.50
CA CYS B 273 -37.86 -28.23 -17.81
C CYS B 273 -39.30 -28.56 -17.44
N GLY B 274 -39.67 -29.83 -17.52
CA GLY B 274 -41.07 -30.15 -17.37
C GLY B 274 -41.87 -29.53 -18.50
N ASN B 275 -43.08 -29.12 -18.17
CA ASN B 275 -43.96 -28.45 -19.13
C ASN B 275 -43.85 -26.95 -18.88
N ASP B 276 -42.94 -26.31 -19.60
CA ASP B 276 -42.78 -24.86 -19.53
C ASP B 276 -42.13 -24.40 -20.83
N SER B 277 -42.80 -23.53 -21.56
CA SER B 277 -42.29 -23.10 -22.87
C SER B 277 -40.94 -22.42 -22.75
N SER B 278 -40.76 -21.60 -21.70
CA SER B 278 -39.50 -20.87 -21.55
C SER B 278 -38.34 -21.79 -21.23
N TYR B 279 -38.51 -22.69 -20.26
CA TYR B 279 -37.41 -23.53 -19.82
C TYR B 279 -36.97 -24.49 -20.92
N GLN B 280 -37.94 -25.09 -21.62
CA GLN B 280 -37.63 -25.97 -22.74
C GLN B 280 -36.84 -25.22 -23.80
N ASP B 281 -37.25 -23.98 -24.09
CA ASP B 281 -36.52 -23.16 -25.06
C ASP B 281 -35.08 -22.93 -24.60
N ILE B 282 -34.88 -22.66 -23.32
CA ILE B 282 -33.53 -22.42 -22.82
C ILE B 282 -32.68 -23.69 -22.96
N PHE B 283 -33.25 -24.84 -22.64
CA PHE B 283 -32.45 -26.07 -22.57
C PHE B 283 -32.32 -26.79 -23.91
N ALA B 284 -33.09 -26.40 -24.93
CA ALA B 284 -33.02 -27.09 -26.22
C ALA B 284 -31.63 -27.04 -26.83
N VAL B 285 -30.85 -26.01 -26.52
CA VAL B 285 -29.50 -25.91 -27.06
C VAL B 285 -28.64 -27.06 -26.58
N ASN B 286 -28.69 -27.36 -25.29
CA ASN B 286 -27.92 -28.49 -24.76
C ASN B 286 -28.48 -29.81 -25.26
N LEU B 287 -29.80 -29.89 -25.37
CA LEU B 287 -30.39 -31.10 -25.93
C LEU B 287 -29.84 -31.38 -27.31
N GLU B 288 -29.75 -30.35 -28.16
CA GLU B 288 -29.21 -30.51 -29.51
C GLU B 288 -27.71 -30.72 -29.53
N GLU B 289 -26.97 -30.12 -28.59
CA GLU B 289 -25.53 -30.33 -28.55
C GLU B 289 -25.18 -31.74 -28.14
N SER B 290 -26.08 -32.43 -27.44
CA SER B 290 -25.87 -33.86 -27.22
C SER B 290 -25.62 -34.58 -28.55
N SER B 291 -26.47 -34.33 -29.55
CA SER B 291 -26.30 -34.94 -30.86
C SER B 291 -25.26 -34.24 -31.73
N LYS B 292 -24.99 -32.95 -31.48
CA LYS B 292 -24.07 -32.22 -32.34
C LYS B 292 -22.72 -32.89 -32.41
N LEU B 293 -22.26 -33.46 -31.30
CA LEU B 293 -21.14 -34.39 -31.38
C LEU B 293 -21.53 -35.62 -32.18
N ASP B 294 -22.51 -36.36 -31.69
CA ASP B 294 -23.01 -37.57 -32.32
C ASP B 294 -24.21 -38.04 -31.51
N ILE B 295 -24.99 -38.96 -32.09
CA ILE B 295 -26.06 -39.59 -31.33
C ILE B 295 -25.45 -40.55 -30.32
N TYR B 296 -26.16 -40.77 -29.23
CA TYR B 296 -25.53 -41.36 -28.05
C TYR B 296 -26.40 -42.45 -27.44
N THR B 297 -25.71 -43.43 -26.86
CA THR B 297 -26.27 -44.40 -25.93
C THR B 297 -25.69 -44.13 -24.56
N GLN B 298 -26.07 -44.95 -23.58
CA GLN B 298 -25.50 -44.79 -22.25
C GLN B 298 -24.01 -45.08 -22.23
N GLN B 299 -23.60 -46.21 -22.81
CA GLN B 299 -22.19 -46.60 -22.73
C GLN B 299 -21.31 -45.63 -23.50
N GLN B 300 -21.81 -45.10 -24.62
CA GLN B 300 -21.05 -44.09 -25.35
C GLN B 300 -20.81 -42.84 -24.50
N ALA B 301 -21.86 -42.37 -23.81
CA ALA B 301 -21.70 -41.21 -22.94
C ALA B 301 -20.75 -41.51 -21.79
N LEU B 302 -20.82 -42.73 -21.26
CA LEU B 302 -19.87 -43.14 -20.24
C LEU B 302 -18.44 -43.09 -20.75
N GLU B 303 -18.21 -43.55 -21.98
CA GLU B 303 -16.88 -43.49 -22.57
C GLU B 303 -16.42 -42.04 -22.73
N TYR B 304 -17.32 -41.16 -23.17
CA TYR B 304 -16.97 -39.76 -23.28
C TYR B 304 -16.61 -39.16 -21.91
N ILE B 305 -17.32 -39.57 -20.86
CA ILE B 305 -16.95 -39.14 -19.51
C ILE B 305 -15.59 -39.68 -19.12
N GLY B 306 -15.34 -40.95 -19.41
CA GLY B 306 -14.14 -41.61 -18.95
C GLY B 306 -12.88 -41.19 -19.69
N ALA B 307 -13.03 -40.62 -20.89
CA ALA B 307 -11.86 -40.19 -21.64
C ALA B 307 -11.16 -38.99 -21.02
N LYS B 308 -11.75 -38.35 -20.01
CA LYS B 308 -11.17 -37.14 -19.43
C LYS B 308 -10.87 -37.26 -17.94
N VAL B 309 -11.19 -38.37 -17.30
CA VAL B 309 -10.85 -38.53 -15.89
C VAL B 309 -9.33 -38.58 -15.78
N LYS B 310 -8.75 -37.62 -15.06
CA LYS B 310 -7.33 -37.31 -15.18
C LYS B 310 -6.43 -38.53 -14.92
N THR B 311 -6.34 -38.96 -13.67
CA THR B 311 -5.52 -40.12 -13.32
C THR B 311 -5.78 -40.47 -11.85
N MET B 312 -5.09 -41.49 -11.37
CA MET B 312 -5.17 -41.96 -9.99
C MET B 312 -3.78 -42.30 -9.46
N ARG B 313 -2.81 -41.42 -9.74
CA ARG B 313 -1.42 -41.57 -9.27
C ARG B 313 -0.79 -42.87 -9.78
N ARG B 314 -1.26 -43.37 -10.93
CA ARG B 314 -0.67 -44.51 -11.63
C ARG B 314 -0.74 -45.79 -10.78
N GLN B 315 -1.90 -46.05 -10.20
CA GLN B 315 -2.18 -47.31 -9.52
C GLN B 315 -3.45 -47.91 -10.10
N LYS B 316 -3.50 -49.24 -10.15
CA LYS B 316 -4.58 -49.96 -10.81
C LYS B 316 -4.72 -49.53 -12.27
N LEU B 317 -3.58 -49.39 -12.95
CA LEU B 317 -3.55 -48.85 -14.31
C LEU B 317 -4.32 -49.73 -15.30
N THR B 318 -4.63 -50.96 -14.94
CA THR B 318 -5.36 -51.83 -15.85
C THR B 318 -6.85 -51.45 -16.00
N ILE B 319 -7.34 -50.32 -15.48
CA ILE B 319 -8.76 -50.01 -15.49
C ILE B 319 -9.10 -48.87 -16.46
N LEU B 320 -8.10 -48.33 -17.17
CA LEU B 320 -8.36 -47.21 -18.09
C LEU B 320 -9.14 -47.75 -19.29
N GLN B 321 -10.46 -47.80 -19.11
CA GLN B 321 -11.37 -48.27 -20.14
C GLN B 321 -12.70 -47.57 -19.92
N GLU B 322 -13.77 -48.14 -20.49
CA GLU B 322 -15.11 -47.71 -20.11
C GLU B 322 -15.38 -47.94 -18.63
N GLY B 323 -14.59 -48.80 -17.98
CA GLY B 323 -14.71 -49.09 -16.56
C GLY B 323 -14.20 -48.02 -15.63
N ILE B 324 -13.71 -46.91 -16.16
CA ILE B 324 -13.32 -45.79 -15.31
C ILE B 324 -14.48 -44.83 -15.09
N GLU B 325 -15.48 -44.85 -15.99
CA GLU B 325 -16.65 -44.00 -15.82
C GLU B 325 -17.36 -44.27 -14.52
N ALA B 326 -17.26 -45.50 -14.00
CA ALA B 326 -18.02 -45.84 -12.80
C ALA B 326 -17.54 -45.01 -11.62
N ILE B 327 -16.22 -44.96 -11.42
CA ILE B 327 -15.72 -44.13 -10.32
C ILE B 327 -15.73 -42.66 -10.72
N ALA B 328 -15.75 -42.36 -12.03
CA ALA B 328 -15.97 -40.98 -12.44
C ALA B 328 -17.33 -40.47 -11.99
N THR B 329 -18.36 -41.31 -12.09
CA THR B 329 -19.72 -40.91 -11.75
C THR B 329 -19.99 -41.07 -10.25
N THR B 330 -19.38 -42.06 -9.61
CA THR B 330 -19.50 -42.20 -8.17
C THR B 330 -18.55 -41.28 -7.42
N VAL B 331 -17.68 -40.57 -8.12
CA VAL B 331 -16.93 -39.47 -7.52
C VAL B 331 -17.51 -38.11 -7.88
N ILE B 332 -18.54 -38.08 -8.73
CA ILE B 332 -19.08 -36.82 -9.22
C ILE B 332 -19.90 -36.10 -8.15
N ALA B 333 -20.26 -36.77 -7.06
CA ALA B 333 -21.07 -36.15 -6.01
C ALA B 333 -20.88 -36.95 -4.73
N HIS B 334 -21.74 -36.68 -3.75
CA HIS B 334 -21.78 -37.36 -2.46
C HIS B 334 -22.75 -38.52 -2.42
N LEU B 335 -23.42 -38.80 -3.53
CA LEU B 335 -24.39 -39.88 -3.63
C LEU B 335 -23.69 -41.10 -4.20
N THR B 336 -23.35 -42.05 -3.34
CA THR B 336 -22.66 -43.25 -3.78
C THR B 336 -23.65 -44.19 -4.46
N VAL B 337 -23.46 -44.41 -5.76
CA VAL B 337 -24.24 -45.40 -6.50
C VAL B 337 -23.39 -46.66 -6.61
N GLU B 338 -23.93 -47.78 -6.12
CA GLU B 338 -23.21 -49.04 -6.05
C GLU B 338 -23.95 -50.16 -6.77
N ALA B 339 -24.59 -49.86 -7.89
CA ALA B 339 -25.39 -50.86 -8.57
C ALA B 339 -25.58 -50.44 -10.03
N LEU B 340 -26.55 -51.07 -10.69
CA LEU B 340 -26.87 -50.81 -12.09
C LEU B 340 -28.01 -49.81 -12.23
N ASP B 341 -28.28 -49.02 -11.19
CA ASP B 341 -29.30 -48.00 -11.24
C ASP B 341 -28.70 -46.65 -10.94
N PHE B 342 -29.06 -45.65 -11.74
CA PHE B 342 -28.55 -44.29 -11.58
C PHE B 342 -29.71 -43.32 -11.37
N ARG B 343 -30.82 -43.80 -10.81
CA ARG B 343 -31.98 -42.95 -10.63
C ARG B 343 -31.68 -41.78 -9.70
N GLU B 344 -31.05 -42.07 -8.56
CA GLU B 344 -30.80 -41.04 -7.56
C GLU B 344 -29.86 -39.97 -8.11
N LYS B 345 -28.71 -40.38 -8.64
CA LYS B 345 -27.72 -39.44 -9.13
C LYS B 345 -28.22 -38.71 -10.37
N ALA B 346 -28.92 -39.42 -11.26
CA ALA B 346 -29.45 -38.79 -12.47
C ALA B 346 -30.45 -37.71 -12.13
N LEU B 347 -31.35 -37.99 -11.19
CA LEU B 347 -32.33 -37.00 -10.81
C LEU B 347 -31.70 -35.87 -10.01
N TYR B 348 -30.63 -36.16 -9.27
CA TYR B 348 -29.91 -35.08 -8.59
C TYR B 348 -29.32 -34.10 -9.60
N ILE B 349 -28.63 -34.63 -10.61
CA ILE B 349 -28.06 -33.79 -11.65
C ILE B 349 -29.16 -33.06 -12.39
N ALA B 350 -30.27 -33.73 -12.65
CA ALA B 350 -31.37 -33.08 -13.37
C ALA B 350 -31.97 -31.95 -12.55
N MET B 351 -32.13 -32.13 -11.25
CA MET B 351 -32.65 -31.06 -10.41
C MET B 351 -31.68 -29.89 -10.35
N MET B 352 -30.38 -30.18 -10.24
CA MET B 352 -29.39 -29.11 -10.27
C MET B 352 -29.44 -28.32 -11.58
N THR B 353 -29.54 -29.04 -12.70
CA THR B 353 -29.67 -28.40 -14.00
C THR B 353 -30.95 -27.59 -14.10
N ARG B 354 -32.05 -28.11 -13.53
CA ARG B 354 -33.30 -27.35 -13.54
C ARG B 354 -33.14 -26.07 -12.74
N ARG B 355 -32.43 -26.13 -11.62
CA ARG B 355 -32.17 -24.92 -10.84
C ARG B 355 -31.39 -23.91 -11.65
N VAL B 356 -30.36 -24.36 -12.37
CA VAL B 356 -29.59 -23.46 -13.22
C VAL B 356 -30.47 -22.85 -14.30
N VAL B 357 -31.38 -23.64 -14.86
CA VAL B 357 -32.26 -23.15 -15.92
C VAL B 357 -33.26 -22.15 -15.37
N MET B 358 -33.79 -22.41 -14.18
CA MET B 358 -34.72 -21.46 -13.56
C MET B 358 -34.02 -20.16 -13.21
N ALA B 359 -32.75 -20.23 -12.79
CA ALA B 359 -31.98 -19.02 -12.56
C ALA B 359 -31.71 -18.27 -13.86
N MET B 360 -31.43 -19.00 -14.93
CA MET B 360 -31.22 -18.36 -16.23
C MET B 360 -32.47 -17.62 -16.69
N TYR B 361 -33.63 -18.26 -16.57
CA TYR B 361 -34.86 -17.61 -17.01
C TYR B 361 -35.24 -16.46 -16.10
N ASN B 362 -35.21 -16.70 -14.78
CA ASN B 362 -35.66 -15.72 -13.80
C ASN B 362 -34.57 -15.56 -12.75
N PRO B 363 -33.72 -14.54 -12.88
CA PRO B 363 -32.85 -14.18 -11.76
C PRO B 363 -33.68 -13.76 -10.56
N LYS B 364 -33.04 -13.77 -9.40
CA LYS B 364 -33.60 -13.75 -8.04
C LYS B 364 -34.03 -15.16 -7.65
N MET B 365 -33.97 -16.13 -8.56
CA MET B 365 -34.16 -17.52 -8.20
C MET B 365 -32.86 -18.19 -7.81
N ILE B 366 -31.89 -17.43 -7.30
CA ILE B 366 -30.62 -17.96 -6.85
C ILE B 366 -30.58 -17.94 -5.33
N ASP B 367 -29.76 -18.80 -4.76
CA ASP B 367 -29.63 -18.87 -3.32
C ASP B 367 -28.74 -17.75 -2.80
N ASP B 368 -29.06 -17.27 -1.60
CA ASP B 368 -28.26 -16.25 -0.93
C ASP B 368 -27.23 -16.93 -0.04
N ARG B 369 -25.95 -16.73 -0.33
CA ARG B 369 -24.91 -17.41 0.42
C ARG B 369 -24.84 -16.97 1.87
N ASP B 370 -25.40 -15.81 2.22
CA ASP B 370 -25.35 -15.30 3.58
C ASP B 370 -26.65 -15.55 4.33
N TYR B 371 -27.46 -16.49 3.86
CA TYR B 371 -28.68 -16.86 4.55
C TYR B 371 -28.36 -17.89 5.63
N VAL B 372 -28.85 -17.67 6.84
CA VAL B 372 -28.47 -18.50 7.98
C VAL B 372 -28.97 -19.93 7.84
N GLY B 373 -29.92 -20.18 6.94
CA GLY B 373 -30.29 -21.55 6.63
C GLY B 373 -29.25 -22.29 5.82
N ASN B 374 -28.39 -21.57 5.11
CA ASN B 374 -27.33 -22.19 4.31
C ASN B 374 -26.05 -22.39 5.09
N LYS B 375 -26.02 -22.06 6.39
CA LYS B 375 -24.82 -22.16 7.19
C LYS B 375 -24.92 -23.33 8.15
N ARG B 376 -23.81 -24.03 8.33
CA ARG B 376 -23.68 -25.07 9.34
C ARG B 376 -22.55 -24.71 10.28
N LEU B 377 -22.73 -24.98 11.56
CA LEU B 377 -21.72 -24.72 12.57
C LEU B 377 -21.04 -26.02 12.95
N GLU B 378 -19.76 -26.15 12.62
CA GLU B 378 -18.99 -27.28 13.08
C GLU B 378 -18.40 -26.97 14.45
N LEU B 379 -18.26 -28.00 15.27
CA LEU B 379 -18.04 -27.81 16.68
C LEU B 379 -16.74 -28.50 17.12
N ALA B 380 -16.40 -28.29 18.39
CA ALA B 380 -15.14 -28.80 18.91
C ALA B 380 -15.06 -30.31 18.80
N GLY B 381 -16.18 -30.99 19.02
CA GLY B 381 -16.18 -32.45 18.94
C GLY B 381 -15.89 -32.96 17.54
N GLN B 382 -16.53 -32.36 16.54
CA GLN B 382 -16.26 -32.77 15.16
C GLN B 382 -14.83 -32.44 14.76
N LEU B 383 -14.34 -31.25 15.14
CA LEU B 383 -12.96 -30.91 14.84
C LEU B 383 -12.02 -31.95 15.44
N ILE B 384 -12.15 -32.21 16.74
CA ILE B 384 -11.27 -33.15 17.40
C ILE B 384 -11.43 -34.54 16.83
N SER B 385 -12.62 -34.89 16.36
CA SER B 385 -12.82 -36.19 15.74
C SER B 385 -12.00 -36.32 14.47
N LEU B 386 -12.06 -35.32 13.60
CA LEU B 386 -11.24 -35.37 12.39
C LEU B 386 -9.76 -35.44 12.73
N LEU B 387 -9.33 -34.63 13.69
CA LEU B 387 -7.94 -34.60 14.10
C LEU B 387 -7.49 -35.95 14.65
N PHE B 388 -8.31 -36.55 15.50
CA PHE B 388 -7.95 -37.84 16.09
C PHE B 388 -7.92 -38.93 15.03
N GLU B 389 -8.87 -38.92 14.10
CA GLU B 389 -8.87 -39.95 13.07
C GLU B 389 -7.62 -39.87 12.22
N ASP B 390 -7.19 -38.65 11.88
CA ASP B 390 -5.96 -38.53 11.10
C ASP B 390 -4.73 -38.93 11.90
N LEU B 391 -4.65 -38.51 13.16
CA LEU B 391 -3.51 -38.90 13.98
C LEU B 391 -3.50 -40.41 14.21
N PHE B 392 -4.68 -41.02 14.29
CA PHE B 392 -4.77 -42.45 14.49
C PHE B 392 -4.36 -43.21 13.23
N LYS B 393 -4.71 -42.68 12.06
CA LYS B 393 -4.24 -43.28 10.82
C LYS B 393 -2.72 -43.22 10.73
N LYS B 394 -2.13 -42.07 11.06
CA LYS B 394 -0.67 -41.98 11.05
C LYS B 394 -0.06 -42.93 12.07
N PHE B 395 -0.67 -43.03 13.25
CA PHE B 395 -0.22 -43.96 14.28
C PHE B 395 -0.25 -45.40 13.76
N ASN B 396 -1.32 -45.77 13.06
CA ASN B 396 -1.45 -47.15 12.60
C ASN B 396 -0.49 -47.45 11.46
N ASN B 397 -0.28 -46.50 10.55
CA ASN B 397 0.72 -46.70 9.50
C ASN B 397 2.10 -46.93 10.10
N ASP B 398 2.51 -46.05 11.02
CA ASP B 398 3.83 -46.21 11.64
C ASP B 398 3.91 -47.50 12.44
N PHE B 399 2.83 -47.89 13.11
CA PHE B 399 2.85 -49.11 13.89
C PHE B 399 2.98 -50.34 13.00
N LYS B 400 2.28 -50.35 11.86
CA LYS B 400 2.43 -51.45 10.92
C LYS B 400 3.86 -51.54 10.41
N LEU B 401 4.46 -50.41 10.07
CA LEU B 401 5.85 -50.44 9.59
C LEU B 401 6.79 -50.97 10.66
N SER B 402 6.60 -50.55 11.91
CA SER B 402 7.44 -51.06 13.00
C SER B 402 7.26 -52.57 13.16
N ILE B 403 6.01 -53.05 13.06
CA ILE B 403 5.76 -54.48 13.11
C ILE B 403 6.52 -55.20 12.01
N ASP B 404 6.48 -54.65 10.79
CA ASP B 404 7.24 -55.23 9.68
C ASP B 404 8.72 -55.33 10.00
N LYS B 405 9.29 -54.24 10.52
CA LYS B 405 10.71 -54.25 10.85
C LYS B 405 11.02 -55.32 11.89
N VAL B 406 10.16 -55.47 12.88
CA VAL B 406 10.42 -56.44 13.94
C VAL B 406 10.34 -57.87 13.39
N LEU B 407 9.39 -58.14 12.51
CA LEU B 407 9.19 -59.49 12.00
C LEU B 407 9.99 -59.80 10.73
N LYS B 408 10.80 -58.86 10.24
CA LYS B 408 11.51 -59.07 9.00
C LYS B 408 12.85 -59.78 9.19
N LYS B 409 13.01 -60.55 10.27
CA LYS B 409 14.27 -61.27 10.39
C LYS B 409 14.07 -62.75 10.10
N PRO B 410 15.05 -63.41 9.47
CA PRO B 410 14.92 -64.84 9.18
C PRO B 410 14.69 -65.67 10.43
N ASN B 411 15.59 -65.56 11.42
CA ASN B 411 15.50 -66.32 12.65
C ASN B 411 15.17 -65.41 13.82
N ARG B 412 15.02 -66.03 14.99
CA ARG B 412 14.72 -65.37 16.27
C ARG B 412 13.65 -64.30 16.10
N ALA B 413 12.47 -64.74 15.67
CA ALA B 413 11.35 -63.84 15.40
C ALA B 413 10.18 -64.07 16.37
N MET B 414 10.48 -64.22 17.66
CA MET B 414 9.44 -64.50 18.64
C MET B 414 8.43 -63.36 18.71
N GLU B 415 7.15 -63.74 18.75
CA GLU B 415 6.04 -62.79 18.82
C GLU B 415 5.95 -62.10 20.18
N TYR B 416 6.71 -62.54 21.17
CA TYR B 416 6.55 -62.07 22.54
C TYR B 416 6.73 -60.56 22.63
N ASP B 417 5.72 -59.88 23.19
CA ASP B 417 5.70 -58.43 23.36
C ASP B 417 5.79 -57.70 22.01
N ALA B 418 4.73 -57.87 21.22
CA ALA B 418 4.53 -57.02 20.06
C ALA B 418 4.10 -55.61 20.43
N LEU B 419 3.78 -55.35 21.69
CA LEU B 419 3.21 -54.09 22.13
C LEU B 419 4.25 -53.06 22.58
N LEU B 420 5.54 -53.39 22.53
CA LEU B 420 6.53 -52.39 22.91
C LEU B 420 6.51 -51.20 21.96
N SER B 421 6.43 -51.49 20.65
CA SER B 421 6.33 -50.42 19.66
C SER B 421 5.06 -49.61 19.84
N ILE B 422 4.08 -50.12 20.57
CA ILE B 422 2.90 -49.32 20.92
C ILE B 422 3.15 -48.56 22.22
N ASN B 423 4.00 -49.08 23.11
CA ASN B 423 4.37 -48.35 24.30
C ASN B 423 5.22 -47.13 23.96
N VAL B 424 5.89 -47.15 22.81
CA VAL B 424 6.82 -46.07 22.48
C VAL B 424 6.23 -45.17 21.39
N HIS B 425 5.34 -45.70 20.56
CA HIS B 425 4.75 -44.87 19.52
C HIS B 425 3.45 -44.22 19.93
N SER B 426 2.99 -44.44 21.17
CA SER B 426 1.77 -43.83 21.65
C SER B 426 1.90 -42.33 21.89
N ASN B 427 3.12 -41.82 22.02
CA ASN B 427 3.31 -40.41 22.35
C ASN B 427 2.95 -39.50 21.18
N ASN B 428 2.86 -40.05 19.97
CA ASN B 428 2.56 -39.21 18.82
C ASN B 428 1.10 -38.76 18.81
N ILE B 429 0.20 -39.60 19.32
CA ILE B 429 -1.20 -39.17 19.46
C ILE B 429 -1.29 -38.00 20.43
N THR B 430 -0.68 -38.15 21.61
CA THR B 430 -0.68 -37.08 22.59
C THR B 430 -0.06 -35.82 22.04
N SER B 431 1.09 -35.95 21.38
CA SER B 431 1.80 -34.81 20.84
C SER B 431 0.98 -34.10 19.77
N GLY B 432 0.36 -34.85 18.88
CA GLY B 432 -0.41 -34.24 17.82
C GLY B 432 -1.63 -33.51 18.34
N LEU B 433 -2.37 -34.14 19.27
CA LEU B 433 -3.51 -33.48 19.85
C LEU B 433 -3.11 -32.21 20.58
N ASN B 434 -2.05 -32.29 21.41
CA ASN B 434 -1.59 -31.12 22.13
C ASN B 434 -1.15 -30.01 21.18
N ARG B 435 -0.39 -30.36 20.14
CA ARG B 435 0.12 -29.37 19.23
C ARG B 435 -1.00 -28.69 18.46
N ALA B 436 -1.98 -29.46 18.00
CA ALA B 436 -3.08 -28.86 17.25
C ALA B 436 -3.90 -27.92 18.12
N ILE B 437 -4.21 -28.34 19.36
CA ILE B 437 -4.99 -27.46 20.22
C ILE B 437 -4.18 -26.25 20.64
N SER B 438 -2.88 -26.43 20.85
CA SER B 438 -2.03 -25.34 21.33
C SER B 438 -1.83 -24.27 20.27
N THR B 439 -1.50 -24.69 19.05
CA THR B 439 -1.20 -23.71 18.01
C THR B 439 -2.44 -23.28 17.22
N GLY B 440 -3.50 -24.08 17.21
CA GLY B 440 -4.61 -23.77 16.36
C GLY B 440 -4.42 -24.13 14.91
N ASN B 441 -3.28 -24.70 14.56
CA ASN B 441 -3.03 -25.20 13.21
C ASN B 441 -3.46 -26.64 13.13
N TRP B 442 -4.22 -26.99 12.10
CA TRP B 442 -4.77 -28.32 11.94
C TRP B 442 -4.31 -28.88 10.60
N SER B 443 -3.23 -29.66 10.64
CA SER B 443 -2.69 -30.28 9.44
C SER B 443 -3.36 -31.63 9.27
N LEU B 444 -4.46 -31.65 8.51
CA LEU B 444 -5.18 -32.87 8.18
C LEU B 444 -4.79 -33.26 6.76
N LYS B 445 -4.15 -34.41 6.61
CA LYS B 445 -3.70 -34.83 5.29
C LYS B 445 -4.81 -35.51 4.50
N ARG B 446 -5.70 -36.25 5.17
CA ARG B 446 -6.74 -36.99 4.46
C ARG B 446 -7.66 -36.05 3.70
N PHE B 447 -8.20 -35.05 4.40
CA PHE B 447 -8.99 -34.01 3.74
C PHE B 447 -8.09 -32.98 3.06
N LYS B 448 -6.80 -33.02 3.35
CA LYS B 448 -5.78 -32.23 2.65
C LYS B 448 -6.08 -30.74 2.71
N MET B 449 -6.21 -30.23 3.93
CA MET B 449 -6.32 -28.79 4.14
C MET B 449 -5.52 -28.40 5.38
N GLU B 450 -4.95 -27.21 5.33
CA GLU B 450 -4.14 -26.66 6.42
C GLU B 450 -4.82 -25.37 6.87
N ARG B 451 -5.60 -25.48 7.95
CA ARG B 451 -6.30 -24.35 8.51
C ARG B 451 -5.66 -23.93 9.82
N ALA B 452 -5.68 -22.63 10.08
CA ALA B 452 -5.15 -22.07 11.31
C ALA B 452 -6.26 -21.31 12.04
N GLY B 453 -5.95 -20.85 13.23
CA GLY B 453 -6.90 -20.08 14.00
C GLY B 453 -8.07 -20.88 14.53
N VAL B 454 -7.98 -22.21 14.51
CA VAL B 454 -9.05 -23.03 15.02
C VAL B 454 -9.27 -22.78 16.51
N THR B 455 -8.19 -22.70 17.27
CA THR B 455 -8.27 -22.48 18.71
C THR B 455 -7.75 -21.09 19.05
N HIS B 456 -8.35 -20.48 20.06
CA HIS B 456 -7.91 -19.20 20.57
C HIS B 456 -7.70 -19.29 22.07
N VAL B 457 -6.84 -18.42 22.59
CA VAL B 457 -6.63 -18.37 24.03
C VAL B 457 -7.87 -17.79 24.68
N LEU B 458 -8.32 -18.42 25.76
CA LEU B 458 -9.51 -17.97 26.48
C LEU B 458 -9.23 -16.63 27.13
N SER B 459 -9.90 -15.58 26.65
CA SER B 459 -9.69 -14.23 27.16
C SER B 459 -10.20 -14.11 28.57
N ARG B 460 -9.32 -13.70 29.48
CA ARG B 460 -9.64 -13.59 30.89
C ARG B 460 -9.70 -12.14 31.35
N LEU B 461 -10.03 -11.22 30.44
CA LEU B 461 -10.16 -9.83 30.83
C LEU B 461 -11.28 -9.65 31.85
N SER B 462 -12.37 -10.38 31.68
CA SER B 462 -13.49 -10.31 32.60
C SER B 462 -14.25 -11.62 32.54
N TYR B 463 -15.13 -11.81 33.53
CA TYR B 463 -16.01 -12.96 33.54
C TYR B 463 -16.83 -13.03 32.26
N ILE B 464 -17.44 -11.90 31.89
CA ILE B 464 -18.21 -11.86 30.65
C ILE B 464 -17.30 -12.00 29.45
N SER B 465 -16.04 -11.59 29.56
CA SER B 465 -15.09 -11.80 28.47
C SER B 465 -14.93 -13.29 28.18
N ALA B 466 -14.72 -14.10 29.21
CA ALA B 466 -14.62 -15.53 29.00
C ALA B 466 -15.92 -16.10 28.47
N LEU B 467 -17.05 -15.68 29.06
CA LEU B 467 -18.34 -16.24 28.64
C LEU B 467 -18.62 -15.91 27.17
N GLY B 468 -18.36 -14.68 26.74
CA GLY B 468 -18.56 -14.31 25.35
C GLY B 468 -17.52 -14.83 24.40
N MET B 469 -16.33 -15.16 24.89
CA MET B 469 -15.39 -15.94 24.09
C MET B 469 -15.99 -17.28 23.75
N MET B 470 -16.58 -17.95 24.74
CA MET B 470 -17.46 -19.05 24.37
C MET B 470 -18.72 -18.46 23.71
N THR B 471 -19.44 -19.29 22.98
CA THR B 471 -20.57 -18.84 22.14
C THR B 471 -20.13 -17.91 21.02
N ARG B 472 -18.83 -17.84 20.76
CA ARG B 472 -18.30 -17.09 19.62
C ARG B 472 -18.26 -17.99 18.40
N ILE B 473 -18.51 -17.42 17.23
CA ILE B 473 -18.52 -18.16 15.97
C ILE B 473 -17.66 -17.43 14.96
N SER B 474 -16.68 -18.12 14.41
CA SER B 474 -15.83 -17.57 13.37
C SER B 474 -16.35 -18.00 12.00
N SER B 475 -16.51 -17.05 11.09
CA SER B 475 -17.03 -17.32 9.77
C SER B 475 -15.96 -17.91 8.86
N GLN B 476 -16.40 -18.59 7.81
CA GLN B 476 -15.49 -19.25 6.88
C GLN B 476 -14.66 -18.23 6.12
N PHE B 477 -13.41 -18.60 5.85
CA PHE B 477 -12.46 -17.75 5.13
C PHE B 477 -12.85 -17.68 3.65
N GLU B 478 -12.03 -16.99 2.85
CA GLU B 478 -12.17 -16.84 1.40
C GLU B 478 -13.53 -16.26 1.03
N LYS B 479 -14.07 -15.43 1.92
CA LYS B 479 -15.36 -14.78 1.75
C LYS B 479 -15.32 -13.59 0.80
N SER B 480 -14.15 -13.28 0.22
CA SER B 480 -13.93 -12.06 -0.55
C SER B 480 -14.21 -10.82 0.30
N ARG B 481 -13.38 -10.64 1.33
CA ARG B 481 -13.61 -9.64 2.37
C ARG B 481 -13.71 -8.22 1.85
N LYS B 482 -13.42 -7.99 0.57
CA LYS B 482 -13.57 -6.65 -0.01
C LYS B 482 -14.99 -6.14 0.10
N VAL B 483 -15.97 -7.04 0.25
CA VAL B 483 -17.37 -6.70 0.22
C VAL B 483 -17.96 -6.88 1.62
N SER B 484 -19.18 -6.35 1.79
CA SER B 484 -19.93 -6.42 3.05
C SER B 484 -21.15 -7.31 2.95
N GLY B 485 -21.17 -8.24 1.99
CA GLY B 485 -22.24 -9.20 1.89
C GLY B 485 -22.39 -10.04 3.15
N PRO B 486 -21.37 -10.83 3.48
CA PRO B 486 -21.41 -11.58 4.74
C PRO B 486 -21.34 -10.71 5.97
N ARG B 487 -20.66 -9.55 5.91
CA ARG B 487 -20.63 -8.64 7.04
C ARG B 487 -21.99 -8.10 7.40
N ALA B 488 -22.94 -8.13 6.47
CA ALA B 488 -24.28 -7.61 6.73
C ALA B 488 -24.98 -8.46 7.78
N LEU B 489 -25.85 -7.81 8.55
CA LEU B 489 -26.66 -8.50 9.53
C LEU B 489 -27.89 -9.09 8.85
N GLN B 490 -28.11 -10.38 9.04
CA GLN B 490 -29.21 -10.93 8.26
C GLN B 490 -30.48 -10.96 9.08
N PRO B 491 -31.64 -10.67 8.47
CA PRO B 491 -32.89 -10.86 9.20
C PRO B 491 -33.11 -12.29 9.63
N SER B 492 -32.53 -13.25 8.90
CA SER B 492 -32.69 -14.66 9.22
C SER B 492 -31.89 -15.12 10.42
N GLN B 493 -31.04 -14.26 10.99
CA GLN B 493 -30.32 -14.60 12.20
C GLN B 493 -31.08 -14.24 13.46
N PHE B 494 -32.29 -13.70 13.32
CA PHE B 494 -33.16 -13.36 14.45
C PHE B 494 -33.31 -14.52 15.42
N GLY B 495 -32.87 -14.30 16.66
CA GLY B 495 -32.97 -15.29 17.69
C GLY B 495 -32.01 -16.45 17.56
N MET B 496 -31.16 -16.45 16.54
CA MET B 496 -30.13 -17.46 16.35
C MET B 496 -28.74 -16.96 16.67
N LEU B 497 -28.42 -15.75 16.24
CA LEU B 497 -27.16 -15.11 16.52
C LEU B 497 -27.43 -13.75 17.12
N CYS B 498 -26.60 -13.36 18.09
CA CYS B 498 -26.81 -12.09 18.78
C CYS B 498 -26.79 -10.94 17.78
N THR B 499 -27.76 -10.04 17.90
CA THR B 499 -27.89 -8.95 16.96
C THR B 499 -26.93 -7.81 17.25
N ALA B 500 -26.38 -7.74 18.46
CA ALA B 500 -25.47 -6.67 18.83
C ALA B 500 -24.04 -7.12 19.03
N ASP B 501 -23.81 -8.39 19.34
CA ASP B 501 -22.47 -8.86 19.68
C ASP B 501 -21.72 -9.20 18.39
N THR B 502 -21.20 -8.16 17.76
CA THR B 502 -20.26 -8.29 16.68
C THR B 502 -19.10 -7.33 16.93
N PRO B 503 -17.88 -7.69 16.57
CA PRO B 503 -16.74 -6.82 16.87
C PRO B 503 -16.70 -5.60 15.97
N GLU B 504 -15.90 -4.62 16.38
CA GLU B 504 -15.50 -3.53 15.52
C GLU B 504 -14.15 -3.87 14.90
N GLY B 505 -13.54 -2.90 14.25
CA GLY B 505 -12.31 -3.17 13.53
C GLY B 505 -12.60 -3.91 12.23
N GLU B 506 -11.61 -4.69 11.79
CA GLU B 506 -11.75 -5.43 10.54
C GLU B 506 -12.87 -6.45 10.63
N ALA B 507 -12.84 -7.29 11.66
CA ALA B 507 -13.89 -8.27 11.88
C ALA B 507 -15.15 -7.53 12.31
N CYS B 508 -16.18 -7.57 11.45
CA CYS B 508 -17.45 -6.93 11.77
C CYS B 508 -18.52 -7.68 10.96
N GLY B 509 -19.20 -8.62 11.62
CA GLY B 509 -20.03 -9.58 10.95
C GLY B 509 -19.30 -10.86 10.58
N LEU B 510 -17.97 -10.84 10.58
CA LEU B 510 -17.21 -12.06 10.36
C LEU B 510 -17.14 -12.88 11.63
N VAL B 511 -17.13 -12.21 12.78
CA VAL B 511 -17.29 -12.87 14.07
C VAL B 511 -18.73 -12.66 14.53
N LYS B 512 -19.41 -13.75 14.84
CA LYS B 512 -20.78 -13.71 15.29
C LYS B 512 -20.89 -14.50 16.58
N ASN B 513 -21.88 -14.17 17.38
CA ASN B 513 -22.06 -14.80 18.67
C ASN B 513 -23.42 -15.49 18.71
N LEU B 514 -23.49 -16.60 19.42
CA LEU B 514 -24.77 -17.28 19.60
C LEU B 514 -25.73 -16.43 20.39
N ALA B 515 -27.00 -16.46 19.99
CA ALA B 515 -28.04 -15.83 20.79
C ALA B 515 -28.27 -16.63 22.07
N LEU B 516 -29.11 -16.09 22.94
CA LEU B 516 -29.18 -16.61 24.30
C LEU B 516 -29.76 -18.02 24.33
N MET B 517 -30.87 -18.24 23.66
CA MET B 517 -31.61 -19.50 23.74
C MET B 517 -31.57 -20.14 22.35
N THR B 518 -30.53 -20.93 22.09
CA THR B 518 -30.36 -21.59 20.81
C THR B 518 -29.91 -23.02 21.05
N HIS B 519 -29.85 -23.78 19.96
CA HIS B 519 -29.41 -25.16 20.00
C HIS B 519 -28.83 -25.50 18.64
N ILE B 520 -27.77 -26.28 18.62
CA ILE B 520 -27.11 -26.70 17.39
C ILE B 520 -27.42 -28.18 17.20
N THR B 521 -28.14 -28.51 16.13
CA THR B 521 -28.64 -29.85 15.95
C THR B 521 -27.50 -30.85 15.78
N THR B 522 -27.83 -32.12 15.95
CA THR B 522 -26.90 -33.22 15.79
C THR B 522 -27.29 -34.06 14.59
N ASP B 523 -26.30 -34.72 14.01
CA ASP B 523 -26.55 -35.63 12.90
C ASP B 523 -27.51 -36.73 13.33
N ASP B 524 -28.65 -36.81 12.67
CA ASP B 524 -29.59 -37.89 12.87
C ASP B 524 -29.63 -38.74 11.61
N GLU B 525 -29.80 -40.05 11.80
CA GLU B 525 -29.70 -40.98 10.68
C GLU B 525 -30.86 -40.75 9.72
N GLU B 526 -30.52 -40.65 8.44
CA GLU B 526 -31.53 -40.38 7.41
C GLU B 526 -32.25 -41.62 6.94
N GLU B 527 -31.78 -42.81 7.33
CA GLU B 527 -32.40 -44.04 6.84
C GLU B 527 -33.80 -44.27 7.42
N PRO B 528 -34.00 -44.32 8.73
CA PRO B 528 -35.36 -44.50 9.24
C PRO B 528 -36.30 -43.39 8.84
N ILE B 529 -35.78 -42.18 8.60
CA ILE B 529 -36.63 -41.07 8.22
C ILE B 529 -37.11 -41.23 6.79
N LYS B 530 -36.25 -41.73 5.91
CA LYS B 530 -36.67 -42.02 4.54
C LYS B 530 -37.73 -43.13 4.50
N LYS B 531 -37.55 -44.17 5.31
CA LYS B 531 -38.58 -45.21 5.42
C LYS B 531 -39.89 -44.64 5.92
N LEU B 532 -39.83 -43.74 6.90
CA LEU B 532 -41.04 -43.11 7.40
C LEU B 532 -41.71 -42.26 6.33
N CYS B 533 -40.91 -41.58 5.51
CA CYS B 533 -41.47 -40.82 4.39
C CYS B 533 -42.18 -41.73 3.41
N TYR B 534 -41.58 -42.89 3.11
CA TYR B 534 -42.24 -43.84 2.22
C TYR B 534 -43.54 -44.33 2.83
N VAL B 535 -43.54 -44.57 4.14
CA VAL B 535 -44.75 -44.97 4.83
C VAL B 535 -45.82 -43.89 4.72
N LEU B 536 -45.41 -42.62 4.77
CA LEU B 536 -46.34 -41.51 4.83
C LEU B 536 -46.87 -41.08 3.46
N GLY B 537 -46.48 -41.74 2.37
CA GLY B 537 -47.09 -41.45 1.09
C GLY B 537 -46.16 -41.03 -0.01
N VAL B 538 -44.85 -41.04 0.26
CA VAL B 538 -43.86 -40.70 -0.74
C VAL B 538 -43.60 -41.94 -1.58
N GLU B 539 -44.05 -41.94 -2.83
CA GLU B 539 -43.67 -42.99 -3.74
C GLU B 539 -42.21 -42.80 -4.15
N ASP B 540 -41.44 -43.88 -4.08
CA ASP B 540 -40.01 -43.81 -4.30
C ASP B 540 -39.70 -43.18 -5.65
N ILE B 541 -38.48 -42.68 -5.78
CA ILE B 541 -38.08 -41.87 -6.92
C ILE B 541 -37.88 -42.75 -8.14
N THR B 542 -38.04 -44.07 -7.97
CA THR B 542 -37.86 -45.01 -9.08
C THR B 542 -39.17 -45.51 -9.66
N LEU B 543 -40.29 -45.30 -8.98
CA LEU B 543 -41.60 -45.73 -9.46
C LEU B 543 -42.28 -44.69 -10.35
N ILE B 544 -41.78 -43.46 -10.39
CA ILE B 544 -42.49 -42.36 -11.03
C ILE B 544 -41.88 -42.09 -12.41
N ASP B 545 -42.68 -41.48 -13.27
CA ASP B 545 -42.25 -41.07 -14.60
C ASP B 545 -41.79 -39.63 -14.58
N SER B 546 -41.07 -39.25 -15.63
CA SER B 546 -40.52 -37.91 -15.71
C SER B 546 -41.60 -36.87 -15.98
N ALA B 547 -42.63 -37.23 -16.75
CA ALA B 547 -43.62 -36.24 -17.16
C ALA B 547 -44.33 -35.62 -15.97
N SER B 548 -44.67 -36.44 -14.97
CA SER B 548 -45.40 -35.98 -13.80
C SER B 548 -44.48 -35.60 -12.65
N LEU B 549 -43.16 -35.62 -12.87
CA LEU B 549 -42.22 -35.33 -11.79
C LEU B 549 -42.42 -33.93 -11.25
N HIS B 550 -42.61 -32.95 -12.14
CA HIS B 550 -42.84 -31.58 -11.75
C HIS B 550 -44.31 -31.23 -11.69
N LEU B 551 -45.18 -32.23 -11.57
CA LEU B 551 -46.60 -32.01 -11.37
C LEU B 551 -46.99 -32.00 -9.90
N ASN B 552 -46.27 -32.76 -9.08
CA ASN B 552 -46.51 -32.79 -7.64
C ASN B 552 -45.24 -32.35 -6.93
N TYR B 553 -45.38 -32.06 -5.64
CA TYR B 553 -44.22 -31.72 -4.82
C TYR B 553 -43.31 -32.92 -4.67
N GLY B 554 -42.01 -32.69 -4.79
CA GLY B 554 -41.02 -33.72 -4.57
C GLY B 554 -40.43 -33.59 -3.18
N VAL B 555 -40.34 -34.72 -2.49
CA VAL B 555 -39.84 -34.76 -1.13
C VAL B 555 -38.33 -34.95 -1.16
N TYR B 556 -37.62 -34.11 -0.42
CA TYR B 556 -36.17 -34.16 -0.37
C TYR B 556 -35.74 -34.67 1.00
N LEU B 557 -34.48 -35.07 1.08
CA LEU B 557 -33.90 -35.56 2.32
C LEU B 557 -32.43 -35.18 2.31
N ASN B 558 -32.08 -34.16 3.09
CA ASN B 558 -30.76 -33.56 3.07
C ASN B 558 -30.38 -33.08 1.67
N GLY B 559 -31.35 -32.51 0.96
CA GLY B 559 -31.14 -31.99 -0.37
C GLY B 559 -31.29 -32.99 -1.49
N THR B 560 -31.51 -34.26 -1.18
CA THR B 560 -31.56 -35.33 -2.17
C THR B 560 -33.01 -35.76 -2.39
N LEU B 561 -33.42 -35.79 -3.65
CA LEU B 561 -34.80 -36.14 -3.99
C LEU B 561 -35.02 -37.64 -3.78
N ILE B 562 -36.03 -37.98 -2.99
CA ILE B 562 -36.32 -39.37 -2.65
C ILE B 562 -37.74 -39.76 -3.06
N GLY B 563 -38.38 -38.96 -3.89
CA GLY B 563 -39.74 -39.26 -4.31
C GLY B 563 -40.64 -38.06 -4.35
N SER B 564 -41.81 -38.21 -4.97
CA SER B 564 -42.80 -37.15 -4.99
C SER B 564 -43.89 -37.47 -3.98
N ILE B 565 -44.67 -36.45 -3.66
CA ILE B 565 -45.73 -36.59 -2.65
C ILE B 565 -46.99 -35.94 -3.18
N ARG B 566 -48.11 -36.64 -3.01
CA ARG B 566 -49.43 -36.03 -3.17
C ARG B 566 -49.88 -35.49 -1.83
N PHE B 567 -50.46 -34.29 -1.86
CA PHE B 567 -50.84 -33.56 -0.65
C PHE B 567 -49.59 -33.27 0.18
N PRO B 568 -48.70 -32.43 -0.34
CA PRO B 568 -47.49 -32.10 0.42
C PRO B 568 -47.77 -31.46 1.76
N THR B 569 -48.80 -30.61 1.86
CA THR B 569 -49.06 -29.96 3.14
C THR B 569 -49.54 -30.96 4.17
N LYS B 570 -50.38 -31.92 3.76
CA LYS B 570 -50.78 -32.98 4.68
C LYS B 570 -49.58 -33.83 5.09
N PHE B 571 -48.68 -34.11 4.15
CA PHE B 571 -47.47 -34.85 4.51
C PHE B 571 -46.64 -34.09 5.54
N VAL B 572 -46.45 -32.79 5.32
CA VAL B 572 -45.67 -31.96 6.24
C VAL B 572 -46.34 -31.93 7.61
N THR B 573 -47.66 -31.79 7.63
CA THR B 573 -48.39 -31.74 8.89
C THR B 573 -48.25 -33.05 9.65
N GLN B 574 -48.37 -34.19 8.96
CA GLN B 574 -48.22 -35.47 9.63
C GLN B 574 -46.80 -35.66 10.15
N PHE B 575 -45.81 -35.21 9.38
CA PHE B 575 -44.43 -35.30 9.83
C PHE B 575 -44.19 -34.47 11.07
N ARG B 576 -44.76 -33.26 11.12
CA ARG B 576 -44.62 -32.44 12.32
C ARG B 576 -45.36 -33.04 13.50
N HIS B 577 -46.51 -33.68 13.26
CA HIS B 577 -47.18 -34.38 14.35
C HIS B 577 -46.32 -35.52 14.88
N LEU B 578 -45.66 -36.25 13.99
CA LEU B 578 -44.77 -37.31 14.42
C LEU B 578 -43.60 -36.76 15.21
N ARG B 579 -43.08 -35.59 14.82
CA ARG B 579 -41.99 -35.00 15.57
C ARG B 579 -42.44 -34.51 16.94
N ARG B 580 -43.64 -33.94 17.01
CA ARG B 580 -44.14 -33.43 18.29
C ARG B 580 -44.48 -34.56 19.25
N THR B 581 -44.98 -35.68 18.73
CA THR B 581 -45.31 -36.82 19.59
C THR B 581 -44.11 -37.67 19.92
N GLY B 582 -42.92 -37.31 19.43
CA GLY B 582 -41.70 -38.00 19.79
C GLY B 582 -41.36 -39.20 18.93
N LYS B 583 -42.06 -39.43 17.82
CA LYS B 583 -41.75 -40.57 16.98
C LYS B 583 -40.49 -40.33 16.17
N VAL B 584 -40.31 -39.13 15.62
CA VAL B 584 -39.06 -38.75 14.97
C VAL B 584 -38.32 -37.77 15.88
N SER B 585 -37.03 -37.62 15.61
CA SER B 585 -36.19 -36.76 16.43
C SER B 585 -36.62 -35.30 16.32
N GLU B 586 -36.47 -34.56 17.41
CA GLU B 586 -36.99 -33.20 17.45
C GLU B 586 -36.10 -32.21 16.72
N PHE B 587 -34.88 -32.59 16.38
CA PHE B 587 -33.99 -31.72 15.62
C PHE B 587 -34.12 -31.92 14.13
N ILE B 588 -35.02 -32.80 13.70
CA ILE B 588 -35.31 -32.98 12.28
C ILE B 588 -36.31 -31.91 11.85
N SER B 589 -35.95 -31.15 10.83
CA SER B 589 -36.78 -30.05 10.36
C SER B 589 -37.42 -30.41 9.03
N ILE B 590 -38.69 -30.09 8.88
CA ILE B 590 -39.39 -30.23 7.62
C ILE B 590 -39.95 -28.88 7.23
N TYR B 591 -39.82 -28.53 5.96
CA TYR B 591 -40.39 -27.29 5.45
C TYR B 591 -40.74 -27.50 3.99
N SER B 592 -41.81 -26.86 3.56
CA SER B 592 -42.29 -26.96 2.20
C SER B 592 -42.00 -25.66 1.47
N ASN B 593 -41.26 -25.76 0.37
CA ASN B 593 -40.93 -24.63 -0.47
C ASN B 593 -41.96 -24.55 -1.58
N SER B 594 -42.53 -23.37 -1.81
CA SER B 594 -43.63 -23.24 -2.73
C SER B 594 -43.20 -22.81 -4.13
N HIS B 595 -42.21 -21.92 -4.23
CA HIS B 595 -41.69 -21.54 -5.54
C HIS B 595 -41.09 -22.75 -6.23
N GLN B 596 -40.01 -23.28 -5.68
CA GLN B 596 -39.55 -24.61 -6.02
C GLN B 596 -40.44 -25.60 -5.29
N MET B 597 -41.30 -26.31 -6.04
CA MET B 597 -42.28 -27.17 -5.41
C MET B 597 -41.61 -28.35 -4.74
N ALA B 598 -41.34 -28.23 -3.44
CA ALA B 598 -40.52 -29.22 -2.76
C ALA B 598 -40.90 -29.26 -1.28
N VAL B 599 -40.72 -30.43 -0.68
CA VAL B 599 -40.81 -30.61 0.75
C VAL B 599 -39.45 -31.10 1.23
N HIS B 600 -38.74 -30.27 1.98
CA HIS B 600 -37.39 -30.56 2.41
C HIS B 600 -37.40 -31.11 3.82
N ILE B 601 -36.59 -32.14 4.06
CA ILE B 601 -36.38 -32.68 5.40
C ILE B 601 -34.89 -32.68 5.68
N ALA B 602 -34.49 -32.01 6.75
CA ALA B 602 -33.09 -31.91 7.13
C ALA B 602 -32.84 -32.71 8.40
N THR B 603 -31.78 -33.50 8.40
CA THR B 603 -31.42 -34.33 9.53
C THR B 603 -29.99 -34.14 10.00
N ASP B 604 -29.18 -33.37 9.27
CA ASP B 604 -27.78 -33.20 9.58
C ASP B 604 -27.59 -32.33 10.81
N GLY B 605 -26.40 -32.40 11.38
CA GLY B 605 -26.04 -31.54 12.48
C GLY B 605 -25.57 -30.18 11.98
N GLY B 606 -25.27 -29.31 12.93
CA GLY B 606 -24.77 -28.00 12.60
C GLY B 606 -25.83 -26.98 12.23
N ARG B 607 -27.09 -27.34 12.29
CA ARG B 607 -28.16 -26.38 12.08
C ARG B 607 -28.47 -25.67 13.39
N ILE B 608 -28.60 -24.36 13.34
CA ILE B 608 -28.94 -23.57 14.51
C ILE B 608 -30.45 -23.53 14.64
N CYS B 609 -30.95 -23.76 15.85
CA CYS B 609 -32.37 -23.80 16.08
C CYS B 609 -32.66 -23.26 17.47
N ARG B 610 -33.89 -22.81 17.66
CA ARG B 610 -34.31 -22.28 18.95
C ARG B 610 -35.68 -22.81 19.30
N PRO B 611 -35.97 -22.99 20.58
CA PRO B 611 -37.29 -23.47 20.97
C PRO B 611 -38.34 -22.38 20.81
N LEU B 612 -39.53 -22.78 20.38
CA LEU B 612 -40.66 -21.88 20.24
C LEU B 612 -41.90 -22.57 20.77
N ILE B 613 -42.80 -21.79 21.36
CA ILE B 613 -44.06 -22.34 21.85
C ILE B 613 -44.98 -22.59 20.67
N ILE B 614 -45.48 -23.82 20.54
CA ILE B 614 -46.38 -24.16 19.46
C ILE B 614 -47.73 -23.50 19.69
N VAL B 615 -48.25 -22.84 18.66
CA VAL B 615 -49.59 -22.24 18.68
C VAL B 615 -50.49 -23.08 17.79
N SER B 616 -51.57 -23.60 18.37
CA SER B 616 -52.52 -24.42 17.63
C SER B 616 -53.92 -23.85 17.78
N ASP B 617 -54.61 -23.69 16.65
CA ASP B 617 -56.00 -23.23 16.64
C ASP B 617 -56.15 -21.84 17.23
N GLY B 618 -55.13 -21.00 17.08
CA GLY B 618 -55.14 -19.68 17.65
C GLY B 618 -54.84 -19.61 19.13
N GLN B 619 -54.51 -20.73 19.76
CA GLN B 619 -54.17 -20.80 21.17
C GLN B 619 -52.72 -21.23 21.33
N SER B 620 -52.05 -20.66 22.32
CA SER B 620 -50.75 -21.16 22.74
C SER B 620 -50.92 -22.41 23.60
N ARG B 621 -50.03 -23.37 23.43
CA ARG B 621 -50.17 -24.68 24.05
C ARG B 621 -49.63 -24.74 25.47
N VAL B 622 -49.11 -23.66 26.02
CA VAL B 622 -48.53 -23.71 27.36
C VAL B 622 -49.58 -23.47 28.44
N LYS B 623 -50.45 -22.47 28.26
CA LYS B 623 -51.71 -22.28 29.00
C LYS B 623 -51.55 -22.35 30.53
N ASP B 624 -50.35 -22.10 31.05
CA ASP B 624 -50.08 -21.74 32.44
C ASP B 624 -50.33 -22.82 33.48
N ILE B 625 -50.97 -23.94 33.12
CA ILE B 625 -50.93 -25.09 34.01
C ILE B 625 -49.58 -25.77 33.93
N HIS B 626 -49.04 -25.88 32.72
CA HIS B 626 -47.68 -26.36 32.55
C HIS B 626 -46.69 -25.39 33.17
N LEU B 627 -46.99 -24.09 33.12
CA LEU B 627 -46.14 -23.12 33.80
C LEU B 627 -46.20 -23.30 35.31
N ARG B 628 -47.39 -23.58 35.85
CA ARG B 628 -47.50 -23.86 37.28
C ARG B 628 -46.67 -25.07 37.67
N LYS B 629 -46.76 -26.14 36.88
CA LYS B 629 -45.97 -27.34 37.16
C LYS B 629 -44.48 -27.06 37.03
N LEU B 630 -44.09 -26.26 36.03
CA LEU B 630 -42.68 -25.91 35.84
C LEU B 630 -42.14 -25.14 37.02
N LEU B 631 -42.91 -24.17 37.53
CA LEU B 631 -42.49 -23.42 38.69
C LEU B 631 -42.48 -24.28 39.95
N ASP B 632 -43.35 -25.30 40.02
CA ASP B 632 -43.35 -26.19 41.16
C ASP B 632 -42.11 -27.06 41.24
N GLY B 633 -41.42 -27.27 40.12
CA GLY B 633 -40.20 -28.04 40.15
C GLY B 633 -40.22 -29.25 39.24
N GLU B 634 -41.34 -29.96 39.20
CA GLU B 634 -41.52 -31.00 38.21
C GLU B 634 -41.66 -30.36 36.83
N LEU B 635 -41.82 -31.20 35.82
CA LEU B 635 -42.07 -30.72 34.46
C LEU B 635 -40.96 -29.75 34.01
N ASP B 636 -39.76 -30.29 33.88
CA ASP B 636 -38.64 -29.50 33.40
C ASP B 636 -38.85 -29.15 31.92
N PHE B 637 -37.87 -28.48 31.33
CA PHE B 637 -38.04 -27.99 29.96
C PHE B 637 -38.23 -29.13 28.97
N ASP B 638 -37.43 -30.20 29.09
CA ASP B 638 -37.56 -31.29 28.13
C ASP B 638 -38.91 -31.99 28.20
N ASP B 639 -39.65 -31.82 29.30
CA ASP B 639 -41.03 -32.27 29.32
C ASP B 639 -41.91 -31.43 28.41
N PHE B 640 -41.56 -30.17 28.20
CA PHE B 640 -42.31 -29.34 27.26
C PHE B 640 -42.12 -29.81 25.82
N LEU B 641 -41.04 -30.52 25.53
CA LEU B 641 -40.89 -31.20 24.24
C LEU B 641 -41.55 -32.58 24.25
N LYS B 642 -41.39 -33.33 25.34
CA LYS B 642 -41.99 -34.66 25.43
C LYS B 642 -43.51 -34.61 25.52
N LEU B 643 -44.09 -33.43 25.72
CA LEU B 643 -45.53 -33.23 25.61
C LEU B 643 -45.92 -32.42 24.39
N GLY B 644 -44.96 -32.04 23.55
CA GLY B 644 -45.26 -31.28 22.35
C GLY B 644 -45.83 -29.91 22.60
N LEU B 645 -45.39 -29.23 23.65
CA LEU B 645 -45.78 -27.85 23.91
C LEU B 645 -44.83 -26.85 23.27
N VAL B 646 -43.56 -27.21 23.16
CA VAL B 646 -42.56 -26.40 22.47
C VAL B 646 -41.87 -27.30 21.47
N GLU B 647 -41.28 -26.68 20.44
CA GLU B 647 -40.47 -27.43 19.50
C GLU B 647 -39.35 -26.54 18.99
N TYR B 648 -38.25 -27.17 18.58
CA TYR B 648 -37.16 -26.44 17.97
C TYR B 648 -37.46 -26.16 16.51
N LEU B 649 -37.24 -24.93 16.10
CA LEU B 649 -37.31 -24.53 14.69
C LEU B 649 -35.93 -24.09 14.25
N ASP B 650 -35.43 -24.66 13.18
CA ASP B 650 -34.25 -24.09 12.56
C ASP B 650 -34.68 -22.94 11.64
N VAL B 651 -33.72 -22.37 10.91
CA VAL B 651 -34.04 -21.18 10.13
C VAL B 651 -34.99 -21.52 8.99
N ASN B 652 -34.85 -22.69 8.39
CA ASN B 652 -35.67 -23.04 7.24
C ASN B 652 -37.12 -23.29 7.63
N GLU B 653 -37.35 -23.88 8.81
CA GLU B 653 -38.72 -24.08 9.26
C GLU B 653 -39.42 -22.77 9.56
N GLU B 654 -38.66 -21.77 10.01
CA GLU B 654 -39.24 -20.46 10.20
C GLU B 654 -39.67 -19.83 8.88
N ASN B 655 -39.12 -20.29 7.76
CA ASN B 655 -39.60 -19.84 6.47
C ASN B 655 -41.06 -20.23 6.26
N ASP B 656 -41.54 -21.25 6.95
CA ASP B 656 -42.91 -21.69 6.85
C ASP B 656 -43.75 -21.30 8.06
N SER B 657 -43.13 -21.01 9.19
CA SER B 657 -43.88 -20.68 10.39
C SER B 657 -44.48 -19.27 10.29
N TYR B 658 -45.22 -18.90 11.33
CA TYR B 658 -45.77 -17.55 11.47
C TYR B 658 -45.77 -17.27 12.98
N ILE B 659 -44.72 -16.64 13.45
CA ILE B 659 -44.40 -16.59 14.87
C ILE B 659 -45.00 -15.34 15.50
N ALA B 660 -45.54 -15.49 16.71
CA ALA B 660 -46.09 -14.39 17.48
C ALA B 660 -45.08 -13.93 18.52
N LEU B 661 -44.85 -12.62 18.56
CA LEU B 661 -43.93 -12.07 19.55
C LEU B 661 -44.49 -12.21 20.97
N TYR B 662 -45.79 -11.96 21.13
CA TYR B 662 -46.43 -12.04 22.43
C TYR B 662 -47.75 -12.77 22.29
N GLU B 663 -48.25 -13.29 23.41
CA GLU B 663 -49.53 -13.98 23.38
C GLU B 663 -50.68 -13.02 23.12
N LYS B 664 -50.49 -11.75 23.43
CA LYS B 664 -51.54 -10.75 23.23
C LYS B 664 -51.76 -10.40 21.77
N ASP B 665 -50.97 -10.95 20.84
CA ASP B 665 -51.16 -10.66 19.42
C ASP B 665 -51.09 -11.93 18.60
N ILE B 666 -51.63 -13.03 19.11
CA ILE B 666 -51.76 -14.27 18.35
C ILE B 666 -53.02 -14.19 17.50
N VAL B 667 -52.89 -14.49 16.22
CA VAL B 667 -54.02 -14.55 15.30
C VAL B 667 -54.15 -16.00 14.86
N PRO B 668 -55.31 -16.45 14.36
CA PRO B 668 -55.46 -17.87 14.03
C PRO B 668 -54.51 -18.37 12.96
N SER B 669 -54.00 -17.48 12.10
CA SER B 669 -53.05 -17.87 11.06
C SER B 669 -51.67 -18.21 11.61
N MET B 670 -51.39 -17.96 12.88
CA MET B 670 -50.06 -18.13 13.43
C MET B 670 -49.79 -19.57 13.80
N THR B 671 -48.49 -19.92 13.85
CA THR B 671 -48.07 -21.27 14.16
C THR B 671 -47.28 -21.40 15.44
N HIS B 672 -46.54 -20.37 15.84
CA HIS B 672 -45.67 -20.46 17.00
C HIS B 672 -45.73 -19.18 17.80
N LEU B 673 -45.28 -19.26 19.05
CA LEU B 673 -45.20 -18.15 19.98
C LEU B 673 -43.78 -18.02 20.47
N GLU B 674 -43.29 -16.79 20.58
CA GLU B 674 -41.98 -16.57 21.16
C GLU B 674 -42.01 -16.94 22.63
N ILE B 675 -40.98 -17.64 23.08
CA ILE B 675 -40.83 -17.88 24.51
C ILE B 675 -40.47 -16.59 25.22
N GLU B 676 -39.45 -15.90 24.72
CA GLU B 676 -39.07 -14.62 25.30
C GLU B 676 -38.29 -13.79 24.28
N PRO B 677 -38.85 -12.67 23.81
CA PRO B 677 -38.22 -11.94 22.70
C PRO B 677 -36.85 -11.35 23.00
N PHE B 678 -36.44 -11.16 24.25
CA PHE B 678 -35.11 -10.60 24.46
C PHE B 678 -34.01 -11.61 24.21
N THR B 679 -34.34 -12.89 24.02
CA THR B 679 -33.32 -13.90 23.77
C THR B 679 -32.63 -13.70 22.43
N ILE B 680 -33.09 -12.74 21.63
CA ILE B 680 -32.39 -12.40 20.40
C ILE B 680 -31.02 -11.81 20.66
N LEU B 681 -30.75 -11.34 21.87
CA LEU B 681 -29.43 -10.88 22.24
C LEU B 681 -28.69 -12.02 22.94
N GLY B 682 -27.38 -12.03 22.77
CA GLY B 682 -26.56 -13.05 23.37
C GLY B 682 -26.30 -12.80 24.84
N ALA B 683 -25.26 -13.45 25.36
CA ALA B 683 -24.88 -13.27 26.74
C ALA B 683 -24.30 -11.89 26.99
N VAL B 684 -23.40 -11.43 26.11
CA VAL B 684 -22.68 -10.18 26.35
C VAL B 684 -23.60 -8.98 26.20
N ALA B 685 -24.43 -8.96 25.16
CA ALA B 685 -25.36 -7.85 24.98
C ALA B 685 -26.43 -7.81 26.07
N GLY B 686 -26.56 -8.88 26.86
CA GLY B 686 -27.51 -8.89 27.95
C GLY B 686 -27.09 -8.06 29.14
N LEU B 687 -25.89 -7.49 29.11
CA LEU B 687 -25.48 -6.53 30.12
C LEU B 687 -26.13 -5.17 29.94
N ILE B 688 -26.48 -4.81 28.71
CA ILE B 688 -26.98 -3.46 28.42
C ILE B 688 -28.36 -3.29 29.04
N PRO B 689 -28.58 -2.28 29.88
CA PRO B 689 -29.94 -2.00 30.35
C PRO B 689 -30.67 -1.15 29.33
N TYR B 690 -31.92 -1.51 29.06
CA TYR B 690 -32.74 -0.84 28.07
C TYR B 690 -32.05 -0.71 26.70
N PRO B 691 -31.60 -1.83 26.11
CA PRO B 691 -30.91 -1.71 24.81
C PRO B 691 -31.83 -1.31 23.69
N HIS B 692 -33.14 -1.42 23.85
CA HIS B 692 -34.09 -1.03 22.84
C HIS B 692 -34.36 0.46 22.82
N HIS B 693 -33.82 1.22 23.78
CA HIS B 693 -33.91 2.66 23.75
C HIS B 693 -32.64 3.31 23.20
N ASN B 694 -31.64 2.52 22.84
CA ASN B 694 -30.38 3.03 22.31
C ASN B 694 -30.33 2.90 20.80
N GLN B 695 -29.56 3.76 20.18
CA GLN B 695 -29.18 3.55 18.79
C GLN B 695 -28.23 2.37 18.71
N SER B 696 -28.44 1.49 17.72
CA SER B 696 -27.80 0.18 17.72
C SER B 696 -26.27 0.19 17.73
N PRO B 697 -25.56 1.09 17.03
CA PRO B 697 -24.10 1.08 17.16
C PRO B 697 -23.62 1.23 18.58
N ARG B 698 -24.38 1.93 19.43
CA ARG B 698 -24.00 2.04 20.83
C ARG B 698 -24.10 0.69 21.54
N ASN B 699 -25.10 -0.12 21.19
CA ASN B 699 -25.20 -1.46 21.76
C ASN B 699 -24.04 -2.33 21.32
N THR B 700 -23.65 -2.25 20.04
CA THR B 700 -22.48 -3.01 19.59
C THR B 700 -21.20 -2.55 20.30
N TYR B 701 -21.05 -1.24 20.48
CA TYR B 701 -19.89 -0.72 21.19
C TYR B 701 -19.85 -1.23 22.61
N GLN B 702 -21.00 -1.30 23.29
CA GLN B 702 -21.00 -1.87 24.62
C GLN B 702 -20.64 -3.36 24.59
N CYS B 703 -21.08 -4.08 23.57
CA CYS B 703 -20.64 -5.47 23.46
C CYS B 703 -19.13 -5.56 23.41
N ALA B 704 -18.49 -4.61 22.73
CA ALA B 704 -17.02 -4.59 22.73
C ALA B 704 -16.45 -4.18 24.09
N MET B 705 -17.03 -3.17 24.73
CA MET B 705 -16.45 -2.60 25.95
C MET B 705 -16.61 -3.52 27.16
N GLY B 706 -17.75 -4.20 27.26
CA GLY B 706 -17.99 -5.07 28.41
C GLY B 706 -16.96 -6.17 28.52
N LYS B 707 -16.52 -6.71 27.37
CA LYS B 707 -15.44 -7.69 27.38
C LYS B 707 -14.14 -7.12 27.90
N GLN B 708 -13.96 -5.80 27.85
CA GLN B 708 -12.76 -5.17 28.37
C GLN B 708 -12.94 -4.54 29.74
N ALA B 709 -14.14 -4.63 30.30
CA ALA B 709 -14.37 -4.09 31.63
C ALA B 709 -13.53 -4.82 32.68
N ILE B 710 -12.95 -4.05 33.59
CA ILE B 710 -12.21 -4.60 34.72
C ILE B 710 -13.18 -4.91 35.84
N GLY B 711 -13.06 -6.10 36.42
CA GLY B 711 -13.93 -6.45 37.51
C GLY B 711 -13.44 -7.65 38.29
N ALA B 712 -14.35 -8.54 38.63
CA ALA B 712 -14.01 -9.81 39.24
C ALA B 712 -13.92 -10.89 38.16
N ILE B 713 -12.92 -11.75 38.27
CA ILE B 713 -12.67 -12.79 37.28
C ILE B 713 -13.32 -14.10 37.69
N ALA B 714 -13.02 -14.58 38.88
CA ALA B 714 -13.52 -15.86 39.35
C ALA B 714 -13.35 -15.91 40.86
N TYR B 715 -14.03 -16.88 41.49
CA TYR B 715 -13.89 -17.06 42.93
C TYR B 715 -12.50 -17.52 43.31
N ASN B 716 -11.74 -18.09 42.38
CA ASN B 716 -10.36 -18.52 42.63
C ASN B 716 -9.35 -17.59 41.96
N GLN B 717 -9.75 -16.35 41.67
CA GLN B 717 -8.90 -15.45 40.91
C GLN B 717 -7.62 -15.11 41.64
N PHE B 718 -7.58 -15.32 42.95
CA PHE B 718 -6.35 -15.10 43.71
C PHE B 718 -5.48 -16.34 43.79
N LYS B 719 -6.06 -17.53 43.63
CA LYS B 719 -5.29 -18.74 43.45
C LYS B 719 -4.72 -18.87 42.04
N ARG B 720 -5.29 -18.17 41.07
CA ARG B 720 -4.75 -18.23 39.73
C ARG B 720 -3.42 -17.48 39.65
N ILE B 721 -2.57 -17.92 38.74
CA ILE B 721 -1.33 -17.24 38.38
C ILE B 721 -1.36 -17.07 36.87
N ASP B 722 -1.84 -15.92 36.42
CA ASP B 722 -2.14 -15.70 35.01
C ASP B 722 -1.20 -14.68 34.40
N THR B 723 -1.02 -14.78 33.09
CA THR B 723 -0.11 -13.88 32.38
C THR B 723 -0.48 -12.42 32.56
N LEU B 724 -1.79 -12.13 32.67
CA LEU B 724 -2.25 -10.76 32.89
C LEU B 724 -3.65 -10.83 33.46
N LEU B 725 -3.91 -10.05 34.49
CA LEU B 725 -5.21 -10.08 35.17
C LEU B 725 -5.51 -8.72 35.76
N TYR B 726 -6.59 -8.09 35.31
CA TYR B 726 -7.05 -6.83 35.86
C TYR B 726 -8.21 -7.09 36.80
N LEU B 727 -8.07 -6.67 38.05
CA LEU B 727 -9.08 -6.90 39.06
C LEU B 727 -9.50 -5.56 39.66
N MET B 728 -10.81 -5.36 39.77
CA MET B 728 -11.34 -4.20 40.47
C MET B 728 -11.37 -4.50 41.96
N THR B 729 -11.00 -3.50 42.77
CA THR B 729 -10.92 -3.70 44.21
C THR B 729 -12.29 -3.86 44.83
N TYR B 730 -13.22 -2.96 44.51
CA TYR B 730 -14.55 -2.95 45.09
C TYR B 730 -15.58 -3.05 43.96
N PRO B 731 -15.75 -4.23 43.37
CA PRO B 731 -16.81 -4.40 42.37
C PRO B 731 -18.17 -4.19 42.99
N GLN B 732 -19.05 -3.57 42.23
CA GLN B 732 -20.45 -3.41 42.61
C GLN B 732 -21.32 -4.01 41.52
N GLN B 733 -22.41 -4.61 41.92
CA GLN B 733 -23.34 -5.07 40.90
C GLN B 733 -24.20 -3.91 40.41
N PRO B 734 -24.61 -3.92 39.15
CA PRO B 734 -25.35 -2.78 38.61
C PRO B 734 -26.66 -2.54 39.36
N MET B 735 -27.02 -1.27 39.49
CA MET B 735 -28.31 -0.92 40.07
C MET B 735 -29.44 -1.34 39.16
N VAL B 736 -29.22 -1.29 37.85
CA VAL B 736 -30.21 -1.66 36.86
C VAL B 736 -29.62 -2.84 36.10
N LYS B 737 -30.00 -4.05 36.48
CA LYS B 737 -29.56 -5.24 35.76
C LYS B 737 -30.62 -5.61 34.73
N THR B 738 -30.46 -6.78 34.12
CA THR B 738 -31.42 -7.34 33.19
C THR B 738 -31.63 -8.81 33.57
N LYS B 739 -32.55 -9.47 32.89
CA LYS B 739 -32.75 -10.91 33.13
C LYS B 739 -31.50 -11.70 32.77
N THR B 740 -30.85 -11.32 31.66
CA THR B 740 -29.65 -12.03 31.23
C THR B 740 -28.54 -11.95 32.26
N ILE B 741 -28.41 -10.80 32.94
CA ILE B 741 -27.35 -10.63 33.92
C ILE B 741 -27.45 -11.68 35.01
N GLU B 742 -28.65 -11.92 35.51
CA GLU B 742 -28.79 -12.93 36.54
C GLU B 742 -28.86 -14.35 35.97
N LEU B 743 -29.24 -14.50 34.71
CA LEU B 743 -29.18 -15.82 34.09
C LEU B 743 -27.73 -16.30 33.96
N ILE B 744 -26.84 -15.41 33.54
CA ILE B 744 -25.46 -15.79 33.26
C ILE B 744 -24.57 -15.54 34.47
N ASP B 745 -25.19 -15.11 35.57
CA ASP B 745 -24.49 -14.90 36.85
C ASP B 745 -23.47 -13.77 36.78
N TYR B 746 -23.75 -12.72 36.01
CA TYR B 746 -22.89 -11.56 36.01
C TYR B 746 -23.05 -10.75 37.29
N ASP B 747 -24.19 -10.88 37.96
CA ASP B 747 -24.37 -10.22 39.25
C ASP B 747 -23.52 -10.84 40.35
N LYS B 748 -22.90 -12.00 40.11
CA LYS B 748 -22.03 -12.61 41.09
C LYS B 748 -20.57 -12.23 40.89
N LEU B 749 -20.17 -11.89 39.68
CA LEU B 749 -18.82 -11.42 39.38
C LEU B 749 -18.93 -10.17 38.51
N PRO B 750 -19.40 -9.06 39.06
CA PRO B 750 -19.64 -7.86 38.27
C PRO B 750 -18.34 -7.13 37.95
N ALA B 751 -18.39 -6.34 36.88
CA ALA B 751 -17.26 -5.54 36.44
C ALA B 751 -17.71 -4.09 36.34
N GLY B 752 -17.63 -3.37 37.44
CA GLY B 752 -17.98 -1.97 37.43
C GLY B 752 -18.44 -1.50 38.79
N GLN B 753 -18.78 -0.22 38.84
CA GLN B 753 -19.24 0.44 40.04
C GLN B 753 -20.32 1.43 39.68
N ASN B 754 -21.23 1.66 40.61
CA ASN B 754 -22.37 2.54 40.40
C ASN B 754 -21.93 3.95 40.74
N ALA B 755 -21.50 4.70 39.74
CA ALA B 755 -21.00 6.04 39.97
C ALA B 755 -22.17 6.99 40.10
N THR B 756 -22.11 7.87 41.09
CA THR B 756 -23.02 8.99 41.15
C THR B 756 -22.66 9.94 40.01
N VAL B 757 -23.57 10.12 39.07
CA VAL B 757 -23.28 10.81 37.83
C VAL B 757 -24.18 12.04 37.75
N ALA B 758 -23.59 13.17 37.40
CA ALA B 758 -24.31 14.39 37.06
C ALA B 758 -24.05 14.69 35.59
N VAL B 759 -25.12 14.69 34.80
CA VAL B 759 -24.98 14.90 33.33
C VAL B 759 -24.99 16.40 33.06
N MET B 760 -23.82 17.05 33.09
CA MET B 760 -23.76 18.52 32.91
C MET B 760 -22.41 18.90 32.30
N SER B 761 -22.35 20.01 31.56
CA SER B 761 -21.04 20.49 31.04
C SER B 761 -20.28 21.04 32.25
N TYR B 762 -18.99 20.72 32.37
CA TYR B 762 -18.30 21.18 33.61
C TYR B 762 -16.79 21.32 33.46
N SER B 763 -16.26 22.53 33.72
CA SER B 763 -14.82 22.79 33.80
C SER B 763 -14.13 22.80 32.44
N GLY B 764 -14.83 22.40 31.39
CA GLY B 764 -14.24 22.37 30.07
C GLY B 764 -13.21 21.29 29.82
N TYR B 765 -13.02 20.37 30.75
CA TYR B 765 -12.19 19.20 30.52
C TYR B 765 -13.02 17.97 30.22
N ASP B 766 -14.31 18.15 29.93
CA ASP B 766 -15.22 17.06 29.60
C ASP B 766 -15.78 17.19 28.19
N ILE B 767 -15.01 17.70 27.28
CA ILE B 767 -15.46 17.89 25.90
C ILE B 767 -14.97 16.73 25.07
N GLU B 768 -15.80 16.29 24.12
CA GLU B 768 -15.54 15.13 23.28
C GLU B 768 -15.24 13.90 24.14
N ASP B 769 -16.23 13.50 24.93
CA ASP B 769 -16.30 12.23 25.64
C ASP B 769 -15.41 12.16 26.87
N ALA B 770 -14.57 13.17 27.11
CA ALA B 770 -13.75 13.16 28.32
C ALA B 770 -14.62 13.24 29.57
N LEU B 771 -14.19 12.57 30.63
CA LEU B 771 -14.94 12.50 31.87
C LEU B 771 -14.32 13.36 32.95
N VAL B 772 -15.15 13.81 33.88
CA VAL B 772 -14.71 14.50 35.07
C VAL B 772 -14.84 13.52 36.23
N LEU B 773 -13.74 13.18 36.86
CA LEU B 773 -13.75 12.26 37.98
C LEU B 773 -13.60 13.03 39.29
N ASN B 774 -14.30 12.57 40.30
CA ASN B 774 -14.23 13.18 41.62
C ASN B 774 -13.01 12.63 42.35
N LYS B 775 -12.03 13.49 42.60
CA LYS B 775 -11.09 13.18 43.64
C LYS B 775 -11.85 13.04 44.94
N SER B 776 -11.37 12.17 45.81
CA SER B 776 -11.98 11.75 47.06
C SER B 776 -13.12 10.76 46.84
N SER B 777 -13.62 10.59 45.64
CA SER B 777 -14.25 9.32 45.31
C SER B 777 -13.18 8.30 44.98
N ILE B 778 -12.20 8.75 44.19
CA ILE B 778 -10.99 7.98 43.92
C ILE B 778 -10.23 7.71 45.20
N ASP B 779 -10.15 8.70 46.09
CA ASP B 779 -9.45 8.52 47.35
C ASP B 779 -10.11 7.46 48.21
N ARG B 780 -11.43 7.33 48.13
CA ARG B 780 -12.19 6.36 48.91
C ARG B 780 -12.29 5.01 48.22
N GLY B 781 -11.69 4.84 47.05
CA GLY B 781 -11.64 3.56 46.41
C GLY B 781 -12.51 3.41 45.18
N PHE B 782 -13.09 4.49 44.67
CA PHE B 782 -13.81 4.42 43.43
C PHE B 782 -12.84 4.21 42.28
N GLY B 783 -13.12 3.21 41.45
CA GLY B 783 -12.29 2.95 40.29
C GLY B 783 -10.95 2.35 40.58
N ARG B 784 -10.70 1.89 41.80
CA ARG B 784 -9.42 1.31 42.13
C ARG B 784 -9.33 -0.10 41.56
N CYS B 785 -8.14 -0.47 41.10
CA CYS B 785 -7.94 -1.75 40.45
C CYS B 785 -6.48 -2.17 40.64
N GLU B 786 -6.22 -3.43 40.40
CA GLU B 786 -4.85 -3.93 40.44
C GLU B 786 -4.57 -4.75 39.18
N THR B 787 -3.32 -4.68 38.74
CA THR B 787 -2.78 -5.51 37.69
C THR B 787 -2.01 -6.64 38.35
N ARG B 788 -2.16 -7.85 37.82
CA ARG B 788 -1.36 -8.99 38.24
C ARG B 788 -0.73 -9.60 37.00
N ARG B 789 0.61 -9.65 36.99
CA ARG B 789 1.35 -10.20 35.85
C ARG B 789 2.21 -11.36 36.31
N LYS B 790 2.32 -12.36 35.44
CA LYS B 790 3.10 -13.55 35.72
C LYS B 790 4.36 -13.58 34.88
N THR B 791 5.46 -14.00 35.49
CA THR B 791 6.68 -14.31 34.78
C THR B 791 7.06 -15.76 35.06
N THR B 792 7.31 -16.51 34.00
CA THR B 792 7.62 -17.94 34.08
C THR B 792 9.06 -18.15 33.66
N THR B 793 9.82 -18.86 34.48
CA THR B 793 11.14 -19.33 34.07
C THR B 793 11.20 -20.84 34.28
N VAL B 794 12.03 -21.47 33.47
CA VAL B 794 12.31 -22.90 33.59
C VAL B 794 13.79 -23.07 33.85
N LEU B 795 14.12 -23.76 34.94
CA LEU B 795 15.49 -24.21 35.19
C LEU B 795 15.71 -25.48 34.39
N LYS B 796 16.04 -25.29 33.11
CA LYS B 796 16.09 -26.41 32.19
C LYS B 796 17.36 -27.22 32.40
N ARG B 797 17.35 -28.43 31.84
CA ARG B 797 18.46 -29.37 31.94
C ARG B 797 19.17 -29.48 30.59
N TYR B 798 20.43 -29.90 30.64
CA TYR B 798 21.32 -29.80 29.49
C TYR B 798 22.01 -31.13 29.19
N ALA B 799 22.44 -31.25 27.94
CA ALA B 799 23.00 -32.51 27.45
C ALA B 799 24.25 -32.91 28.22
N ASN B 800 25.00 -31.94 28.73
CA ASN B 800 26.20 -32.22 29.50
C ASN B 800 25.92 -32.31 30.99
N HIS B 801 24.87 -33.03 31.34
CA HIS B 801 24.49 -33.31 32.73
C HIS B 801 24.53 -32.04 33.60
N THR B 802 24.04 -30.93 33.05
CA THR B 802 24.07 -29.64 33.72
C THR B 802 22.68 -29.01 33.72
N GLN B 803 22.47 -28.10 34.66
CA GLN B 803 21.18 -27.44 34.79
C GLN B 803 21.39 -26.02 35.29
N ASP B 804 20.38 -25.18 35.06
CA ASP B 804 20.40 -23.82 35.58
C ASP B 804 20.19 -23.83 37.10
N ILE B 805 20.53 -22.70 37.72
CA ILE B 805 20.39 -22.55 39.16
C ILE B 805 19.77 -21.20 39.47
N ILE B 806 19.29 -21.06 40.71
CA ILE B 806 18.74 -19.79 41.19
C ILE B 806 19.61 -19.29 42.33
N GLY B 807 20.91 -19.58 42.28
CA GLY B 807 21.80 -19.05 43.30
C GLY B 807 21.92 -17.55 43.21
N GLY B 808 22.02 -16.90 44.38
CA GLY B 808 22.26 -15.47 44.37
C GLY B 808 22.04 -14.81 45.72
N MET B 809 21.53 -13.59 45.67
CA MET B 809 21.46 -12.66 46.80
C MET B 809 22.85 -12.39 47.36
N ARG B 810 23.66 -11.73 46.54
CA ARG B 810 24.96 -11.27 46.99
C ARG B 810 24.83 -9.94 47.73
N VAL B 811 25.86 -9.62 48.52
CA VAL B 811 25.83 -8.49 49.43
C VAL B 811 27.02 -7.57 49.14
N ASP B 812 27.07 -6.44 49.83
CA ASP B 812 28.21 -5.56 49.83
C ASP B 812 29.04 -5.74 51.10
N GLU B 813 30.00 -4.84 51.33
CA GLU B 813 31.00 -5.04 52.38
C GLU B 813 30.36 -5.21 53.76
N ASN B 814 29.30 -4.46 54.06
CA ASN B 814 28.67 -4.53 55.37
C ASN B 814 27.96 -5.86 55.62
N GLY B 815 27.77 -6.68 54.60
CA GLY B 815 26.84 -7.78 54.68
C GLY B 815 25.43 -7.41 54.25
N ASP B 816 25.24 -6.17 53.76
CA ASP B 816 23.96 -5.63 53.29
C ASP B 816 23.73 -6.01 51.82
N PRO B 817 22.54 -6.50 51.49
CA PRO B 817 22.28 -6.86 50.09
C PRO B 817 22.38 -5.65 49.18
N ILE B 818 22.92 -5.88 48.00
CA ILE B 818 23.06 -4.79 47.03
C ILE B 818 21.68 -4.36 46.57
N TRP B 819 21.57 -3.20 45.95
CA TRP B 819 20.26 -2.65 45.64
C TRP B 819 19.49 -3.55 44.68
N GLN B 820 20.16 -4.10 43.67
CA GLN B 820 19.48 -4.95 42.71
C GLN B 820 18.93 -6.22 43.34
N HIS B 821 19.47 -6.63 44.49
CA HIS B 821 18.98 -7.80 45.21
C HIS B 821 18.24 -7.41 46.49
N GLN B 822 17.71 -6.19 46.55
CA GLN B 822 17.18 -5.68 47.81
C GLN B 822 16.00 -6.51 48.29
N SER B 823 15.12 -6.92 47.38
CA SER B 823 13.99 -7.78 47.72
C SER B 823 14.20 -9.07 46.96
N LEU B 824 15.06 -9.93 47.47
CA LEU B 824 15.35 -11.17 46.77
C LEU B 824 15.14 -12.38 47.65
N GLY B 825 15.67 -12.36 48.85
CA GLY B 825 15.56 -13.51 49.72
C GLY B 825 16.64 -14.53 49.41
N PRO B 826 16.95 -15.39 50.40
CA PRO B 826 18.10 -16.29 50.25
C PRO B 826 18.03 -17.21 49.05
N ASP B 827 16.84 -17.69 48.71
CA ASP B 827 16.73 -18.64 47.61
C ASP B 827 17.03 -18.02 46.25
N GLY B 828 17.05 -16.70 46.16
CA GLY B 828 17.21 -16.04 44.88
C GLY B 828 15.91 -15.79 44.14
N LEU B 829 14.78 -15.94 44.80
CA LEU B 829 13.46 -15.67 44.23
C LEU B 829 12.81 -14.58 45.08
N GLY B 830 12.45 -13.47 44.45
CA GLY B 830 11.89 -12.31 45.13
C GLY B 830 10.94 -12.64 46.25
N GLU B 831 11.14 -12.03 47.40
CA GLU B 831 10.33 -12.33 48.58
C GLU B 831 8.88 -11.95 48.36
N VAL B 832 7.97 -12.73 48.93
CA VAL B 832 6.55 -12.50 48.78
C VAL B 832 6.12 -11.40 49.75
N GLY B 833 5.51 -10.35 49.22
CA GLY B 833 5.12 -9.19 49.98
C GLY B 833 5.96 -7.96 49.72
N MET B 834 7.15 -8.12 49.18
CA MET B 834 8.08 -7.02 49.01
C MET B 834 7.83 -6.26 47.73
N LYS B 835 8.12 -4.97 47.76
CA LYS B 835 8.05 -4.14 46.58
C LYS B 835 9.29 -4.34 45.71
N VAL B 836 9.07 -4.43 44.41
CA VAL B 836 10.16 -4.51 43.44
C VAL B 836 10.07 -3.27 42.55
N GLN B 837 11.17 -2.54 42.44
CA GLN B 837 11.23 -1.33 41.65
C GLN B 837 11.92 -1.61 40.31
N SER B 838 11.89 -0.62 39.43
CA SER B 838 12.48 -0.78 38.11
C SER B 838 13.99 -0.92 38.23
N GLY B 839 14.52 -2.06 37.77
CA GLY B 839 15.93 -2.38 37.87
C GLY B 839 16.24 -3.48 38.84
N GLN B 840 15.29 -3.86 39.69
CA GLN B 840 15.55 -4.85 40.72
C GLN B 840 15.28 -6.26 40.21
N ILE B 841 15.97 -7.22 40.81
CA ILE B 841 15.93 -8.62 40.39
C ILE B 841 15.00 -9.38 41.32
N TYR B 842 14.10 -10.18 40.75
CA TYR B 842 13.23 -11.03 41.53
C TYR B 842 13.32 -12.51 41.18
N ILE B 843 14.03 -12.87 40.11
CA ILE B 843 14.46 -14.24 39.84
C ILE B 843 15.92 -14.19 39.45
N ASN B 844 16.77 -14.88 40.21
CA ASN B 844 18.22 -14.83 40.01
C ASN B 844 18.66 -16.08 39.27
N LYS B 845 18.45 -16.07 37.95
CA LYS B 845 18.70 -17.24 37.14
C LYS B 845 20.12 -17.21 36.59
N SER B 846 20.92 -18.21 36.97
CA SER B 846 22.27 -18.37 36.46
C SER B 846 22.28 -19.53 35.47
N VAL B 847 22.84 -19.29 34.29
CA VAL B 847 22.90 -20.29 33.23
C VAL B 847 24.34 -20.75 33.07
N PRO B 848 24.60 -22.06 32.92
CA PRO B 848 25.98 -22.52 32.74
C PRO B 848 26.61 -21.93 31.49
N THR B 849 27.89 -21.56 31.61
CA THR B 849 28.63 -20.99 30.49
C THR B 849 29.01 -22.01 29.43
N ASN B 850 28.78 -23.30 29.70
CA ASN B 850 29.14 -24.35 28.75
C ASN B 850 28.02 -25.36 28.57
N SER B 851 26.78 -24.91 28.68
CA SER B 851 25.62 -25.80 28.56
C SER B 851 25.56 -26.43 27.17
N THR B 864 29.90 -25.82 35.43
CA THR B 864 30.81 -25.27 36.44
C THR B 864 30.56 -23.78 36.62
N GLN B 865 30.95 -22.99 35.62
CA GLN B 865 30.79 -21.54 35.67
C GLN B 865 29.38 -21.17 35.21
N TYR B 866 28.84 -20.11 35.80
CA TYR B 866 27.46 -19.71 35.56
C TYR B 866 27.40 -18.25 35.15
N ARG B 867 27.10 -18.01 33.88
CA ARG B 867 26.76 -16.67 33.44
C ARG B 867 25.44 -16.23 34.06
N GLU B 868 25.37 -14.97 34.47
CA GLU B 868 24.15 -14.45 35.06
C GLU B 868 23.12 -14.13 33.99
N ALA B 869 21.90 -14.58 34.20
CA ALA B 869 20.73 -14.19 33.41
C ALA B 869 19.60 -13.84 34.35
N PRO B 870 19.75 -12.77 35.13
CA PRO B 870 18.72 -12.43 36.10
C PRO B 870 17.46 -11.90 35.40
N VAL B 871 16.33 -12.12 36.06
CA VAL B 871 15.05 -11.58 35.60
C VAL B 871 14.87 -10.22 36.25
N ILE B 872 15.02 -9.17 35.46
CA ILE B 872 14.91 -7.81 35.96
C ILE B 872 13.49 -7.33 35.80
N TYR B 873 13.00 -6.62 36.80
CA TYR B 873 11.73 -5.92 36.69
C TYR B 873 11.98 -4.61 35.94
N ARG B 874 11.37 -4.46 34.77
CA ARG B 874 11.45 -3.22 34.00
C ARG B 874 10.04 -2.66 33.94
N GLY B 875 9.68 -1.89 34.96
CA GLY B 875 8.38 -1.28 34.98
C GLY B 875 8.46 0.19 35.33
N PRO B 876 7.63 1.02 34.69
CA PRO B 876 7.63 2.44 35.05
C PRO B 876 7.26 2.68 36.50
N GLU B 877 6.39 1.83 37.04
CA GLU B 877 5.86 1.96 38.39
C GLU B 877 6.19 0.71 39.19
N PRO B 878 6.42 0.83 40.49
CA PRO B 878 6.79 -0.34 41.28
C PRO B 878 5.66 -1.35 41.37
N SER B 879 6.05 -2.61 41.54
CA SER B 879 5.12 -3.71 41.72
C SER B 879 5.39 -4.35 43.07
N HIS B 880 4.50 -5.25 43.47
CA HIS B 880 4.69 -6.04 44.66
C HIS B 880 4.64 -7.51 44.29
N ILE B 881 5.40 -8.30 45.03
CA ILE B 881 5.41 -9.74 44.84
C ILE B 881 4.38 -10.35 45.77
N ASP B 882 3.37 -10.99 45.21
CA ASP B 882 2.34 -11.60 46.05
C ASP B 882 2.30 -13.11 45.95
N GLN B 883 2.84 -13.72 44.90
CA GLN B 883 2.91 -15.17 44.82
C GLN B 883 4.23 -15.56 44.16
N VAL B 884 4.96 -16.47 44.78
CA VAL B 884 6.07 -17.16 44.12
C VAL B 884 5.79 -18.64 44.23
N MET B 885 5.59 -19.28 43.09
CA MET B 885 5.22 -20.69 43.01
C MET B 885 6.41 -21.47 42.47
N MET B 886 6.90 -22.40 43.27
CA MET B 886 7.97 -23.30 42.85
C MET B 886 7.37 -24.65 42.55
N SER B 887 7.69 -25.21 41.39
CA SER B 887 7.10 -26.47 40.97
C SER B 887 7.94 -27.09 39.88
N VAL B 888 7.50 -28.25 39.43
CA VAL B 888 8.12 -28.95 38.32
C VAL B 888 7.08 -29.11 37.23
N SER B 889 7.55 -29.12 35.99
CA SER B 889 6.68 -29.37 34.85
C SER B 889 6.55 -30.87 34.63
N ASP B 890 5.74 -31.25 33.64
CA ASP B 890 5.56 -32.67 33.34
C ASP B 890 6.88 -33.31 32.94
N ASN B 891 7.63 -32.69 32.05
CA ASN B 891 9.00 -33.11 31.78
C ASN B 891 9.86 -32.66 32.95
N ASP B 892 10.57 -33.60 33.56
CA ASP B 892 11.15 -33.33 34.88
C ASP B 892 12.18 -32.22 34.81
N GLN B 893 11.79 -31.04 35.28
CA GLN B 893 12.63 -29.84 35.38
C GLN B 893 11.84 -28.79 36.14
N ALA B 894 12.55 -27.96 36.90
CA ALA B 894 11.90 -27.03 37.80
C ALA B 894 11.22 -25.89 37.04
N LEU B 895 10.07 -25.46 37.56
CA LEU B 895 9.29 -24.37 36.98
C LEU B 895 9.09 -23.31 38.04
N ILE B 896 9.37 -22.06 37.70
CA ILE B 896 9.21 -20.93 38.61
C ILE B 896 8.19 -19.97 38.00
N LYS B 897 7.20 -19.59 38.82
CA LYS B 897 6.27 -18.53 38.45
C LYS B 897 6.23 -17.51 39.56
N VAL B 898 6.41 -16.24 39.21
CA VAL B 898 6.32 -15.14 40.16
C VAL B 898 5.23 -14.20 39.68
N LEU B 899 4.23 -13.97 40.54
CA LEU B 899 3.13 -13.08 40.23
C LEU B 899 3.42 -11.71 40.82
N LEU B 900 3.38 -10.68 39.98
CA LEU B 900 3.62 -9.31 40.40
C LEU B 900 2.30 -8.55 40.37
N ARG B 901 1.93 -7.95 41.49
CA ARG B 901 0.69 -7.20 41.60
C ARG B 901 1.00 -5.71 41.65
N GLN B 902 0.18 -4.92 40.97
CA GLN B 902 0.40 -3.48 40.89
C GLN B 902 -0.94 -2.79 41.08
N ASN B 903 -1.14 -2.21 42.26
CA ASN B 903 -2.34 -1.43 42.52
C ASN B 903 -2.33 -0.15 41.70
N ARG B 904 -3.47 0.15 41.07
CA ARG B 904 -3.60 1.27 40.15
C ARG B 904 -4.65 2.23 40.67
N ARG B 905 -4.34 3.47 40.67
CA ARG B 905 -5.29 4.53 41.02
C ARG B 905 -5.68 5.29 39.76
N PRO B 906 -6.97 5.52 39.51
CA PRO B 906 -7.36 6.20 38.28
C PRO B 906 -6.76 7.59 38.14
N GLU B 907 -6.36 7.91 36.92
CA GLU B 907 -5.66 9.16 36.63
C GLU B 907 -6.20 9.73 35.33
N LEU B 908 -5.61 10.83 34.88
CA LEU B 908 -6.02 11.42 33.62
C LEU B 908 -5.65 10.51 32.46
N GLY B 909 -6.60 10.26 31.58
CA GLY B 909 -6.39 9.36 30.47
C GLY B 909 -6.84 7.94 30.69
N ASP B 910 -7.29 7.59 31.90
CA ASP B 910 -7.87 6.28 32.13
C ASP B 910 -9.28 6.23 31.57
N LYS B 911 -9.66 5.06 31.07
CA LYS B 911 -10.84 4.91 30.23
C LYS B 911 -11.99 4.29 31.03
N PHE B 912 -13.17 4.87 30.90
CA PHE B 912 -14.37 4.43 31.58
C PHE B 912 -15.51 4.36 30.58
N SER B 913 -16.48 3.48 30.86
CA SER B 913 -17.63 3.30 29.97
C SER B 913 -18.85 2.96 30.81
N SER B 914 -20.04 3.19 30.23
CA SER B 914 -21.28 3.20 30.99
C SER B 914 -22.33 2.22 30.46
N ARG B 915 -21.92 1.14 29.80
CA ARG B 915 -22.80 0.10 29.25
C ARG B 915 -23.63 0.58 28.07
N HIS B 916 -23.38 1.77 27.56
CA HIS B 916 -24.16 2.30 26.45
C HIS B 916 -23.26 2.80 25.33
N GLY B 917 -22.01 2.37 25.30
CA GLY B 917 -21.09 2.79 24.28
C GLY B 917 -20.57 4.19 24.43
N GLN B 918 -20.81 4.83 25.58
CA GLN B 918 -20.31 6.17 25.85
C GLN B 918 -19.04 6.04 26.68
N LYS B 919 -17.96 5.67 26.00
CA LYS B 919 -16.65 5.63 26.64
C LYS B 919 -16.00 7.00 26.60
N GLY B 920 -14.91 7.13 27.34
CA GLY B 920 -14.20 8.38 27.40
C GLY B 920 -13.17 8.37 28.51
N VAL B 921 -12.08 9.07 28.32
CA VAL B 921 -11.01 9.07 29.30
C VAL B 921 -11.33 10.05 30.40
N CYS B 922 -10.68 9.88 31.54
CA CYS B 922 -10.72 10.87 32.60
C CYS B 922 -9.96 12.11 32.13
N GLY B 923 -10.63 13.25 32.09
CA GLY B 923 -10.04 14.46 31.57
C GLY B 923 -9.57 15.40 32.64
N ILE B 924 -10.16 15.28 33.82
CA ILE B 924 -9.75 16.07 34.97
C ILE B 924 -10.22 15.35 36.22
N ILE B 925 -9.43 15.44 37.27
CA ILE B 925 -9.78 14.96 38.61
C ILE B 925 -9.89 16.19 39.49
N VAL B 926 -11.11 16.49 39.95
CA VAL B 926 -11.35 17.70 40.73
C VAL B 926 -11.64 17.32 42.17
N LYS B 927 -11.33 18.23 43.08
CA LYS B 927 -11.62 18.03 44.49
C LYS B 927 -13.13 18.08 44.74
N GLN B 928 -13.55 17.36 45.78
CA GLN B 928 -14.97 17.21 46.05
C GLN B 928 -15.67 18.55 46.20
N GLU B 929 -15.02 19.52 46.83
CA GLU B 929 -15.68 20.81 47.08
C GLU B 929 -15.94 21.57 45.78
N ASP B 930 -15.15 21.31 44.74
CA ASP B 930 -15.41 21.93 43.44
C ASP B 930 -16.58 21.31 42.71
N MET B 931 -16.94 20.09 43.03
CA MET B 931 -18.07 19.43 42.43
C MET B 931 -19.37 20.09 42.86
N PRO B 932 -20.40 20.08 42.00
CA PRO B 932 -21.71 20.55 42.43
C PRO B 932 -22.30 19.60 43.44
N PHE B 933 -23.20 20.12 44.27
CA PHE B 933 -23.80 19.35 45.33
C PHE B 933 -25.30 19.60 45.34
N ASN B 934 -26.04 18.62 45.84
CA ASN B 934 -27.48 18.76 45.96
C ASN B 934 -27.83 19.20 47.38
N ASP B 935 -29.13 19.16 47.70
CA ASP B 935 -29.59 19.61 49.01
C ASP B 935 -29.03 18.76 50.14
N GLN B 936 -28.73 17.50 49.87
CA GLN B 936 -28.20 16.59 50.88
C GLN B 936 -26.69 16.54 50.90
N GLY B 937 -26.02 17.29 50.03
CA GLY B 937 -24.58 17.26 49.99
C GLY B 937 -23.98 16.15 49.17
N ILE B 938 -24.81 15.37 48.48
CA ILE B 938 -24.31 14.38 47.54
C ILE B 938 -23.58 15.08 46.41
N VAL B 939 -22.41 14.56 46.05
CA VAL B 939 -21.66 15.09 44.92
C VAL B 939 -21.49 13.96 43.91
N PRO B 940 -21.45 14.26 42.61
CA PRO B 940 -21.17 13.20 41.64
C PRO B 940 -19.78 12.63 41.80
N ASP B 941 -19.67 11.32 41.55
CA ASP B 941 -18.37 10.69 41.37
C ASP B 941 -17.84 10.94 39.96
N ILE B 942 -18.73 11.07 38.99
CA ILE B 942 -18.36 11.30 37.60
C ILE B 942 -19.31 12.36 37.07
N ILE B 943 -18.82 13.20 36.16
CA ILE B 943 -19.68 14.11 35.43
C ILE B 943 -19.62 13.73 33.96
N MET B 944 -20.75 13.33 33.42
CA MET B 944 -20.90 12.93 32.03
C MET B 944 -21.40 14.13 31.24
N ASN B 945 -20.65 14.52 30.21
CA ASN B 945 -21.01 15.70 29.47
C ASN B 945 -22.33 15.49 28.73
N PRO B 946 -23.24 16.46 28.75
CA PRO B 946 -24.54 16.28 28.11
C PRO B 946 -24.49 16.24 26.60
N HIS B 947 -23.40 16.68 25.97
CA HIS B 947 -23.33 16.68 24.52
C HIS B 947 -23.13 15.29 23.95
N GLY B 948 -22.79 14.31 24.77
CA GLY B 948 -22.68 12.96 24.26
C GLY B 948 -24.00 12.28 24.01
N PHE B 949 -25.10 12.82 24.52
CA PHE B 949 -26.41 12.23 24.30
C PHE B 949 -27.10 12.59 22.99
N PRO B 950 -27.19 13.86 22.59
CA PRO B 950 -28.08 14.19 21.47
C PRO B 950 -27.73 13.50 20.16
N SER B 951 -26.45 13.27 19.89
CA SER B 951 -26.06 12.64 18.63
C SER B 951 -26.02 11.13 18.73
N ARG B 952 -25.61 10.59 19.87
CA ARG B 952 -25.53 9.15 20.04
C ARG B 952 -26.88 8.51 20.31
N MET B 953 -27.84 9.29 20.79
CA MET B 953 -29.22 8.87 21.01
C MET B 953 -29.31 7.63 21.88
N THR B 954 -28.58 7.64 22.99
CA THR B 954 -28.69 6.57 23.99
C THR B 954 -29.69 7.02 25.05
N VAL B 955 -30.97 6.84 24.74
CA VAL B 955 -32.00 7.14 25.72
C VAL B 955 -32.05 6.08 26.81
N GLY B 956 -31.53 4.90 26.53
CA GLY B 956 -31.45 3.86 27.54
C GLY B 956 -30.57 4.25 28.70
N LYS B 957 -29.56 5.09 28.46
CA LYS B 957 -28.71 5.58 29.54
C LYS B 957 -29.48 6.49 30.50
N MET B 958 -30.32 7.38 29.95
CA MET B 958 -31.16 8.21 30.80
C MET B 958 -32.16 7.38 31.59
N ILE B 959 -32.81 6.43 30.91
CA ILE B 959 -33.76 5.57 31.59
C ILE B 959 -33.06 4.75 32.67
N GLU B 960 -31.82 4.35 32.40
CA GLU B 960 -31.05 3.65 33.42
C GLU B 960 -30.76 4.55 34.61
N LEU B 961 -30.41 5.82 34.36
CA LEU B 961 -30.16 6.72 35.48
C LEU B 961 -31.40 6.84 36.36
N ILE B 962 -32.56 7.02 35.75
CA ILE B 962 -33.79 7.17 36.53
C ILE B 962 -34.16 5.86 37.24
N SER B 963 -34.04 4.73 36.54
CA SER B 963 -34.36 3.44 37.15
C SER B 963 -33.43 3.14 38.31
N GLY B 964 -32.13 3.39 38.16
CA GLY B 964 -31.21 3.15 39.25
C GLY B 964 -31.44 4.07 40.42
N LYS B 965 -31.80 5.32 40.16
CA LYS B 965 -32.09 6.26 41.23
C LYS B 965 -33.31 5.82 42.02
N ALA B 966 -34.40 5.53 41.32
CA ALA B 966 -35.59 5.01 41.99
C ALA B 966 -35.28 3.70 42.69
N GLY B 967 -34.40 2.88 42.12
CA GLY B 967 -34.06 1.62 42.75
C GLY B 967 -33.32 1.78 44.06
N VAL B 968 -32.32 2.66 44.10
CA VAL B 968 -31.61 2.87 45.37
C VAL B 968 -32.54 3.49 46.40
N LEU B 969 -33.36 4.45 45.98
CA LEU B 969 -34.27 5.09 46.93
C LEU B 969 -35.26 4.09 47.50
N ASN B 970 -35.81 3.21 46.66
CA ASN B 970 -36.78 2.22 47.07
C ASN B 970 -36.16 1.00 47.73
N GLY B 971 -34.86 0.81 47.60
CA GLY B 971 -34.20 -0.34 48.16
C GLY B 971 -34.12 -1.55 47.26
N THR B 972 -34.48 -1.44 45.99
CA THR B 972 -34.59 -2.58 45.10
C THR B 972 -33.71 -2.39 43.88
N LEU B 973 -33.10 -3.48 43.42
CA LEU B 973 -32.44 -3.46 42.11
C LEU B 973 -33.50 -3.51 41.02
N GLU B 974 -33.36 -2.64 40.03
CA GLU B 974 -34.32 -2.55 38.94
C GLU B 974 -33.84 -3.34 37.74
N TYR B 975 -34.70 -3.40 36.71
CA TYR B 975 -34.47 -4.23 35.54
C TYR B 975 -34.55 -3.39 34.28
N GLY B 976 -33.59 -3.60 33.38
CA GLY B 976 -33.57 -2.90 32.12
C GLY B 976 -33.62 -3.90 30.98
N THR B 977 -34.34 -4.99 31.20
CA THR B 977 -34.40 -6.09 30.25
C THR B 977 -34.88 -5.60 28.90
N CYS B 978 -34.30 -6.13 27.83
CA CYS B 978 -34.67 -5.73 26.48
C CYS B 978 -36.15 -6.02 26.24
N PHE B 979 -36.81 -5.07 25.58
CA PHE B 979 -38.25 -5.12 25.32
C PHE B 979 -39.05 -5.21 26.60
N GLY B 980 -38.55 -4.58 27.67
CA GLY B 980 -39.20 -4.64 28.95
C GLY B 980 -38.47 -3.83 30.01
N GLY B 981 -38.30 -4.41 31.17
CA GLY B 981 -37.65 -3.71 32.26
C GLY B 981 -38.63 -2.89 33.08
N SER B 982 -38.07 -2.20 34.06
CA SER B 982 -38.86 -1.39 34.96
C SER B 982 -39.45 -0.20 34.23
N LYS B 983 -40.74 0.01 34.38
CA LYS B 983 -41.42 1.03 33.61
C LYS B 983 -41.06 2.42 34.11
N LEU B 984 -40.88 3.35 33.16
CA LEU B 984 -40.37 4.67 33.50
C LEU B 984 -41.33 5.42 34.41
N GLU B 985 -42.63 5.24 34.23
CA GLU B 985 -43.60 5.96 35.05
C GLU B 985 -43.62 5.44 36.48
N ASP B 986 -43.41 4.13 36.67
CA ASP B 986 -43.32 3.59 38.02
C ASP B 986 -42.07 4.11 38.74
N MET B 987 -40.97 4.22 38.02
CA MET B 987 -39.77 4.81 38.59
C MET B 987 -39.99 6.28 38.93
N SER B 988 -40.71 7.00 38.07
CA SER B 988 -41.04 8.39 38.37
C SER B 988 -41.91 8.50 39.61
N LYS B 989 -42.85 7.56 39.78
CA LYS B 989 -43.67 7.55 40.98
C LYS B 989 -42.81 7.34 42.21
N ILE B 990 -41.84 6.42 42.15
CA ILE B 990 -40.93 6.24 43.28
C ILE B 990 -40.15 7.52 43.56
N LEU B 991 -39.64 8.16 42.51
CA LEU B 991 -38.85 9.37 42.70
C LEU B 991 -39.67 10.47 43.37
N VAL B 992 -40.91 10.67 42.92
CA VAL B 992 -41.76 11.70 43.51
C VAL B 992 -42.09 11.33 44.96
N ASP B 993 -42.43 10.06 45.21
CA ASP B 993 -42.74 9.63 46.56
C ASP B 993 -41.56 9.80 47.51
N GLN B 994 -40.33 9.75 47.01
CA GLN B 994 -39.15 9.95 47.83
C GLN B 994 -38.77 11.42 47.97
N GLY B 995 -39.47 12.32 47.28
CA GLY B 995 -39.20 13.73 47.37
C GLY B 995 -38.42 14.31 46.21
N PHE B 996 -38.08 13.53 45.21
CA PHE B 996 -37.28 13.98 44.09
C PHE B 996 -38.15 14.30 42.89
N ASN B 997 -37.61 15.08 41.96
CA ASN B 997 -38.30 15.35 40.72
C ASN B 997 -38.48 14.06 39.93
N TYR B 998 -39.62 13.96 39.24
CA TYR B 998 -39.95 12.75 38.51
C TYR B 998 -38.96 12.46 37.40
N SER B 999 -38.37 13.49 36.80
CA SER B 999 -37.50 13.33 35.66
C SER B 999 -36.05 13.12 36.04
N GLY B 1000 -35.74 13.02 37.32
CA GLY B 1000 -34.37 12.80 37.75
C GLY B 1000 -33.51 14.03 37.78
N LYS B 1001 -34.07 15.21 37.54
CA LYS B 1001 -33.32 16.46 37.53
C LYS B 1001 -33.45 17.11 38.90
N ASP B 1002 -32.36 17.06 39.66
CA ASP B 1002 -32.27 17.75 40.93
C ASP B 1002 -31.75 19.16 40.71
N MET B 1003 -32.15 20.07 41.58
CA MET B 1003 -31.55 21.39 41.60
C MET B 1003 -30.25 21.34 42.38
N LEU B 1004 -29.16 21.73 41.75
CA LEU B 1004 -27.83 21.62 42.32
C LEU B 1004 -27.26 22.99 42.64
N TYR B 1005 -26.29 23.00 43.53
CA TYR B 1005 -25.51 24.20 43.83
C TYR B 1005 -24.14 24.04 43.20
N SER B 1006 -23.60 25.12 42.67
CA SER B 1006 -22.24 25.09 42.16
C SER B 1006 -21.26 24.90 43.30
N GLY B 1007 -20.27 24.06 43.08
CA GLY B 1007 -19.25 23.86 44.09
C GLY B 1007 -18.28 25.02 44.22
N ILE B 1008 -18.04 25.75 43.14
CA ILE B 1008 -17.01 26.78 43.16
C ILE B 1008 -17.60 28.13 43.53
N THR B 1009 -18.87 28.37 43.20
CA THR B 1009 -19.53 29.60 43.63
C THR B 1009 -20.52 29.41 44.75
N GLY B 1010 -21.16 28.26 44.84
CA GLY B 1010 -22.18 28.01 45.84
C GLY B 1010 -23.57 28.37 45.41
N GLU B 1011 -23.72 29.05 44.28
CA GLU B 1011 -25.02 29.46 43.80
C GLU B 1011 -25.76 28.29 43.19
N CYS B 1012 -27.09 28.38 43.20
CA CYS B 1012 -27.90 27.43 42.47
C CYS B 1012 -27.55 27.49 40.98
N LEU B 1013 -27.32 26.33 40.38
CA LEU B 1013 -27.20 26.28 38.94
C LEU B 1013 -28.54 26.62 38.30
N GLN B 1014 -28.50 27.39 37.22
CA GLN B 1014 -29.72 27.88 36.59
C GLN B 1014 -30.46 26.80 35.81
N ALA B 1015 -29.84 25.67 35.57
CA ALA B 1015 -30.50 24.52 34.97
C ALA B 1015 -30.59 23.42 36.00
N TYR B 1016 -31.67 22.65 35.96
CA TYR B 1016 -31.72 21.43 36.75
C TYR B 1016 -30.84 20.38 36.11
N ILE B 1017 -30.14 19.62 36.94
CA ILE B 1017 -29.11 18.69 36.48
C ILE B 1017 -29.65 17.27 36.61
N PHE B 1018 -29.61 16.53 35.50
CA PHE B 1018 -29.89 15.10 35.51
C PHE B 1018 -28.86 14.38 36.37
N PHE B 1019 -29.30 13.74 37.44
CA PHE B 1019 -28.43 13.42 38.55
C PHE B 1019 -28.85 12.09 39.17
N GLY B 1020 -27.96 11.11 39.15
CA GLY B 1020 -28.26 9.82 39.72
C GLY B 1020 -27.21 8.77 39.44
N PRO B 1021 -27.47 7.54 39.89
CA PRO B 1021 -26.47 6.47 39.72
C PRO B 1021 -26.48 5.90 38.30
N ILE B 1022 -25.29 5.67 37.79
CA ILE B 1022 -25.07 5.02 36.50
C ILE B 1022 -23.97 4.00 36.68
N TYR B 1023 -24.13 2.83 36.07
CA TYR B 1023 -23.10 1.82 36.17
C TYR B 1023 -21.94 2.15 35.27
N TYR B 1024 -20.74 2.17 35.82
CA TYR B 1024 -19.55 2.54 35.07
C TYR B 1024 -18.52 1.44 35.17
N GLN B 1025 -17.87 1.17 34.04
CA GLN B 1025 -16.85 0.16 33.93
C GLN B 1025 -15.52 0.86 33.70
N LYS B 1026 -14.49 0.44 34.42
CA LYS B 1026 -13.13 0.88 34.14
C LYS B 1026 -12.55 -0.10 33.13
N LEU B 1027 -12.22 0.42 31.95
CA LEU B 1027 -11.72 -0.46 30.90
C LEU B 1027 -10.24 -0.75 31.13
N LYS B 1028 -9.79 -1.85 30.53
CA LYS B 1028 -8.40 -2.28 30.71
C LYS B 1028 -7.41 -1.26 30.17
N HIS B 1029 -7.84 -0.35 29.31
CA HIS B 1029 -6.94 0.60 28.65
C HIS B 1029 -6.59 1.72 29.62
N MET B 1030 -5.42 1.61 30.23
CA MET B 1030 -4.95 2.59 31.19
C MET B 1030 -3.70 3.28 30.65
N VAL B 1031 -3.70 4.62 30.70
CA VAL B 1031 -2.62 5.42 30.12
C VAL B 1031 -1.27 5.05 30.70
N LEU B 1032 -1.24 4.44 31.88
CA LEU B 1032 0.03 3.98 32.45
C LEU B 1032 0.70 2.95 31.55
N ASP B 1033 -0.08 2.12 30.85
CA ASP B 1033 0.44 1.12 29.94
C ASP B 1033 0.60 1.64 28.52
N LYS B 1034 0.18 2.86 28.25
CA LYS B 1034 0.25 3.43 26.91
C LYS B 1034 1.32 4.48 26.75
N MET B 1035 1.68 5.20 27.81
CA MET B 1035 2.69 6.24 27.71
C MET B 1035 4.01 5.66 27.27
N HIS B 1036 4.58 6.23 26.22
CA HIS B 1036 5.83 5.75 25.67
C HIS B 1036 6.59 6.94 25.09
N ALA B 1037 7.88 7.00 25.37
CA ALA B 1037 8.72 8.08 24.86
C ALA B 1037 10.10 7.53 24.57
N ARG B 1038 10.58 7.75 23.36
CA ARG B 1038 11.88 7.27 22.94
C ARG B 1038 12.72 8.43 22.47
N ALA B 1039 13.90 8.60 23.04
CA ALA B 1039 14.87 9.54 22.51
C ALA B 1039 15.88 8.85 21.61
N ARG B 1040 16.67 7.94 22.18
CA ARG B 1040 17.53 7.05 21.42
C ARG B 1040 17.55 5.72 22.15
N GLY B 1041 17.60 4.65 21.39
CA GLY B 1041 17.61 3.34 21.98
C GLY B 1041 18.06 2.29 20.98
N PRO B 1042 17.52 1.09 21.10
CA PRO B 1042 17.89 0.02 20.17
C PRO B 1042 17.49 0.38 18.75
N ARG B 1043 18.31 -0.07 17.81
CA ARG B 1043 18.01 0.04 16.39
C ARG B 1043 18.07 -1.34 15.78
N ALA B 1044 17.37 -1.52 14.67
CA ALA B 1044 17.40 -2.80 13.97
C ALA B 1044 18.79 -3.06 13.42
N VAL B 1045 19.23 -4.32 13.49
CA VAL B 1045 20.54 -4.67 12.98
C VAL B 1045 20.59 -4.48 11.47
N LEU B 1046 19.48 -4.76 10.78
CA LEU B 1046 19.47 -4.65 9.33
C LEU B 1046 19.37 -3.20 8.89
N THR B 1047 18.30 -2.51 9.26
CA THR B 1047 18.02 -1.17 8.77
C THR B 1047 18.70 -0.06 9.58
N ARG B 1048 19.23 -0.36 10.77
CA ARG B 1048 19.77 0.66 11.67
C ARG B 1048 18.71 1.68 12.07
N GLN B 1049 17.45 1.29 12.03
CA GLN B 1049 16.36 2.18 12.36
C GLN B 1049 15.79 1.82 13.72
N PRO B 1050 15.14 2.78 14.39
CA PRO B 1050 14.62 2.50 15.74
C PRO B 1050 13.67 1.31 15.72
N THR B 1051 13.71 0.54 16.80
CA THR B 1051 12.90 -0.67 16.92
C THR B 1051 11.42 -0.35 16.77
N GLU B 1052 10.63 -1.39 16.55
CA GLU B 1052 9.20 -1.25 16.26
C GLU B 1052 8.30 -1.55 17.45
N GLY B 1053 8.86 -1.87 18.61
CA GLY B 1053 8.08 -2.32 19.74
C GLY B 1053 8.13 -1.36 20.90
N ARG B 1054 6.96 -1.05 21.46
CA ARG B 1054 6.91 -0.23 22.67
C ARG B 1054 7.65 -0.90 23.82
N SER B 1055 7.66 -2.24 23.83
CA SER B 1055 8.43 -2.95 24.84
C SER B 1055 9.92 -2.87 24.55
N ARG B 1056 10.31 -2.88 23.28
CA ARG B 1056 11.70 -2.72 22.87
C ARG B 1056 12.10 -1.27 22.72
N ASP B 1057 11.43 -0.36 23.43
CA ASP B 1057 11.77 1.07 23.40
C ASP B 1057 11.74 1.61 21.97
N GLY B 1058 10.77 1.15 21.19
CA GLY B 1058 10.72 1.50 19.80
C GLY B 1058 10.33 2.95 19.56
N GLY B 1059 10.67 3.43 18.37
CA GLY B 1059 10.27 4.76 17.97
C GLY B 1059 8.96 4.77 17.23
N LEU B 1060 8.38 5.96 17.12
CA LEU B 1060 7.08 6.13 16.49
C LEU B 1060 7.25 6.35 14.99
N ARG B 1061 6.66 5.48 14.19
CA ARG B 1061 6.84 5.53 12.76
C ARG B 1061 6.27 6.82 12.18
N LEU B 1062 7.00 7.41 11.22
CA LEU B 1062 6.52 8.55 10.46
C LEU B 1062 6.22 8.05 9.05
N GLY B 1063 4.96 7.72 8.80
CA GLY B 1063 4.58 6.99 7.61
C GLY B 1063 4.50 7.84 6.36
N GLU B 1064 4.00 7.22 5.29
CA GLU B 1064 3.94 7.88 3.99
C GLU B 1064 2.93 9.02 4.00
N MET B 1065 1.86 8.89 4.78
CA MET B 1065 0.88 9.97 4.85
C MET B 1065 1.41 11.15 5.65
N GLU B 1066 2.13 10.90 6.74
CA GLU B 1066 2.77 12.01 7.45
C GLU B 1066 3.83 12.66 6.57
N ARG B 1067 4.54 11.86 5.78
CA ARG B 1067 5.48 12.41 4.82
C ARG B 1067 4.77 13.29 3.81
N ASP B 1068 3.60 12.87 3.32
CA ASP B 1068 2.84 13.68 2.40
C ASP B 1068 2.41 15.00 3.05
N CYS B 1069 2.01 14.96 4.32
CA CYS B 1069 1.63 16.18 5.01
C CYS B 1069 2.81 17.14 5.11
N VAL B 1070 3.97 16.62 5.48
CA VAL B 1070 5.14 17.48 5.64
C VAL B 1070 5.58 18.06 4.30
N ILE B 1071 5.46 17.28 3.23
CA ILE B 1071 5.75 17.81 1.89
C ILE B 1071 4.76 18.92 1.54
N ALA B 1072 3.48 18.70 1.84
CA ALA B 1072 2.46 19.71 1.56
C ALA B 1072 2.71 20.99 2.36
N TYR B 1073 3.31 20.88 3.53
CA TYR B 1073 3.73 22.10 4.22
C TYR B 1073 4.92 22.76 3.55
N GLY B 1074 5.66 22.04 2.72
CA GLY B 1074 6.89 22.56 2.16
C GLY B 1074 7.99 22.75 3.18
N ALA B 1075 8.10 21.82 4.13
CA ALA B 1075 9.12 21.87 5.17
C ALA B 1075 10.22 20.89 4.81
N SER B 1076 11.17 21.35 4.00
CA SER B 1076 12.20 20.47 3.48
C SER B 1076 13.18 20.07 4.58
N GLN B 1077 13.64 21.03 5.37
CA GLN B 1077 14.59 20.72 6.43
C GLN B 1077 13.96 19.83 7.49
N LEU B 1078 12.67 20.02 7.77
CA LEU B 1078 12.00 19.12 8.69
C LEU B 1078 11.89 17.72 8.09
N LEU B 1079 11.64 17.62 6.80
CA LEU B 1079 11.68 16.33 6.13
C LEU B 1079 13.02 15.64 6.34
N LEU B 1080 14.12 16.36 6.11
CA LEU B 1080 15.43 15.79 6.31
C LEU B 1080 15.65 15.38 7.76
N GLU B 1081 15.26 16.23 8.70
CA GLU B 1081 15.50 15.95 10.11
C GLU B 1081 14.72 14.72 10.58
N ARG B 1082 13.43 14.67 10.26
CA ARG B 1082 12.62 13.55 10.74
C ARG B 1082 12.99 12.25 10.04
N LEU B 1083 13.16 12.29 8.72
CA LEU B 1083 13.33 11.03 8.01
C LEU B 1083 14.77 10.51 8.04
N MET B 1084 15.76 11.33 7.70
CA MET B 1084 17.14 10.86 7.62
C MET B 1084 17.90 11.07 8.92
N ILE B 1085 17.98 12.31 9.38
CA ILE B 1085 18.91 12.65 10.46
C ILE B 1085 18.53 11.94 11.75
N SER B 1086 17.25 11.92 12.09
CA SER B 1086 16.79 11.36 13.36
C SER B 1086 16.21 9.96 13.23
N SER B 1087 16.39 9.29 12.09
CA SER B 1087 16.10 7.87 12.00
C SER B 1087 17.34 7.05 11.69
N ASP B 1088 18.01 7.33 10.57
CA ASP B 1088 19.20 6.58 10.19
C ASP B 1088 20.01 7.47 9.26
N ALA B 1089 21.02 8.12 9.80
CA ALA B 1089 21.93 8.93 9.01
C ALA B 1089 23.27 8.20 8.97
N PHE B 1090 23.73 7.90 7.77
CA PHE B 1090 24.96 7.14 7.59
C PHE B 1090 25.94 7.95 6.78
N GLU B 1091 27.13 8.15 7.33
CA GLU B 1091 28.20 8.89 6.67
C GLU B 1091 28.96 7.89 5.80
N VAL B 1092 28.50 7.75 4.55
CA VAL B 1092 29.10 6.81 3.61
C VAL B 1092 30.25 7.49 2.86
N ASP B 1093 31.08 6.68 2.21
CA ASP B 1093 32.14 7.16 1.33
C ASP B 1093 31.74 6.80 -0.10
N VAL B 1094 31.63 7.80 -0.95
CA VAL B 1094 31.15 7.61 -2.32
C VAL B 1094 32.28 7.98 -3.27
N CYS B 1095 32.58 7.07 -4.19
CA CYS B 1095 33.58 7.36 -5.21
C CYS B 1095 32.97 8.23 -6.30
N ASP B 1096 33.73 9.22 -6.74
CA ASP B 1096 33.26 10.12 -7.79
C ASP B 1096 33.55 9.61 -9.19
N LYS B 1097 34.32 8.54 -9.34
CA LYS B 1097 34.52 7.91 -10.64
C LYS B 1097 33.48 6.83 -10.90
N CYS B 1098 33.43 5.83 -10.03
CA CYS B 1098 32.36 4.85 -10.01
C CYS B 1098 31.36 5.27 -8.95
N GLY B 1099 30.09 5.26 -9.28
CA GLY B 1099 29.11 5.68 -8.30
C GLY B 1099 28.83 4.64 -7.24
N LEU B 1100 29.89 4.01 -6.73
CA LEU B 1100 29.76 2.86 -5.85
C LEU B 1100 30.32 3.22 -4.49
N MET B 1101 29.56 2.91 -3.44
CA MET B 1101 30.01 3.17 -2.08
C MET B 1101 31.21 2.31 -1.74
N GLY B 1102 32.19 2.91 -1.11
CA GLY B 1102 33.41 2.25 -0.68
C GLY B 1102 33.44 2.00 0.81
N TYR B 1103 34.60 2.26 1.42
CA TYR B 1103 34.77 2.17 2.86
C TYR B 1103 36.12 2.76 3.24
N SER B 1104 36.17 3.46 4.36
CA SER B 1104 37.41 4.01 4.90
C SER B 1104 38.09 4.93 3.90
N GLY B 1105 37.30 5.60 3.08
CA GLY B 1105 37.87 6.39 2.01
C GLY B 1105 38.64 5.54 1.02
N TRP B 1106 38.07 4.42 0.59
CA TRP B 1106 38.74 3.51 -0.32
C TRP B 1106 37.73 2.99 -1.33
N CYS B 1107 37.94 3.32 -2.61
CA CYS B 1107 36.95 2.99 -3.63
C CYS B 1107 36.78 1.49 -3.81
N THR B 1108 37.82 0.71 -3.50
CA THR B 1108 37.84 -0.77 -3.55
C THR B 1108 37.33 -1.33 -4.87
N THR B 1109 37.19 -0.49 -5.87
CA THR B 1109 37.04 -0.85 -7.26
C THR B 1109 37.99 -0.07 -8.15
N CYS B 1110 38.23 1.20 -7.83
CA CYS B 1110 39.34 1.94 -8.40
C CYS B 1110 40.60 1.82 -7.55
N LYS B 1111 40.44 1.42 -6.29
CA LYS B 1111 41.56 1.22 -5.36
C LYS B 1111 42.48 2.43 -5.34
N SER B 1112 41.86 3.61 -5.23
CA SER B 1112 42.58 4.87 -5.35
C SER B 1112 42.63 5.67 -4.07
N ALA B 1113 41.48 5.84 -3.40
CA ALA B 1113 41.27 6.83 -2.36
C ALA B 1113 41.39 8.25 -2.88
N GLU B 1114 41.35 8.42 -4.21
CA GLU B 1114 41.42 9.76 -4.77
C GLU B 1114 40.03 10.37 -4.88
N ASN B 1115 39.10 9.66 -5.52
CA ASN B 1115 37.80 10.18 -5.86
C ASN B 1115 36.74 9.86 -4.80
N ILE B 1116 37.16 9.59 -3.57
CA ILE B 1116 36.22 9.21 -2.52
C ILE B 1116 35.66 10.46 -1.87
N ILE B 1117 34.37 10.71 -2.07
CA ILE B 1117 33.65 11.80 -1.44
C ILE B 1117 33.00 11.25 -0.17
N LYS B 1118 32.83 12.11 0.82
CA LYS B 1118 32.19 11.74 2.08
C LYS B 1118 30.85 12.45 2.15
N MET B 1119 29.77 11.69 2.34
CA MET B 1119 28.45 12.28 2.39
C MET B 1119 27.54 11.44 3.27
N THR B 1120 26.41 12.03 3.63
CA THR B 1120 25.44 11.42 4.53
C THR B 1120 24.21 11.04 3.74
N ILE B 1121 23.82 9.78 3.81
CA ILE B 1121 22.60 9.28 3.17
C ILE B 1121 21.88 8.39 4.18
N PRO B 1122 20.59 8.16 3.98
CA PRO B 1122 19.89 7.23 4.86
C PRO B 1122 20.52 5.84 4.80
N TYR B 1123 20.67 5.21 5.97
CA TYR B 1123 21.20 3.86 5.96
C TYR B 1123 20.29 2.94 5.15
N ALA B 1124 18.99 3.24 5.11
CA ALA B 1124 18.11 2.48 4.24
C ALA B 1124 18.51 2.63 2.77
N ALA B 1125 18.95 3.82 2.38
CA ALA B 1125 19.45 4.00 1.01
C ALA B 1125 20.73 3.23 0.78
N LYS B 1126 21.65 3.25 1.75
CA LYS B 1126 22.86 2.44 1.64
C LYS B 1126 22.53 0.96 1.52
N LEU B 1127 21.56 0.50 2.30
CA LEU B 1127 21.10 -0.87 2.24
C LEU B 1127 20.50 -1.20 0.89
N LEU B 1128 19.70 -0.28 0.33
CA LEU B 1128 19.12 -0.51 -0.99
C LEU B 1128 20.21 -0.62 -2.05
N PHE B 1129 21.23 0.22 -1.99
CA PHE B 1129 22.31 0.14 -2.96
C PHE B 1129 23.05 -1.19 -2.84
N GLN B 1130 23.34 -1.62 -1.62
CA GLN B 1130 24.05 -2.88 -1.45
C GLN B 1130 23.19 -4.07 -1.85
N GLU B 1131 21.88 -3.95 -1.75
CA GLU B 1131 21.00 -5.03 -2.21
C GLU B 1131 20.90 -5.05 -3.72
N LEU B 1132 20.89 -3.87 -4.35
CA LEU B 1132 20.88 -3.81 -5.81
C LEU B 1132 22.16 -4.39 -6.39
N LEU B 1133 23.31 -4.07 -5.77
CA LEU B 1133 24.55 -4.66 -6.25
C LEU B 1133 24.55 -6.17 -6.11
N SER B 1134 23.80 -6.71 -5.16
CA SER B 1134 23.70 -8.16 -5.00
C SER B 1134 23.07 -8.79 -6.23
N MET B 1135 21.97 -8.20 -6.69
CA MET B 1135 21.28 -8.70 -7.92
C MET B 1135 22.08 -8.27 -9.15
N ASN B 1136 23.31 -7.78 -8.95
CA ASN B 1136 24.20 -7.38 -10.09
C ASN B 1136 23.80 -5.98 -10.61
N ILE B 1137 22.62 -5.48 -10.24
CA ILE B 1137 22.23 -4.09 -10.64
C ILE B 1137 23.25 -3.13 -10.02
N ALA B 1138 23.81 -2.22 -10.82
CA ALA B 1138 24.80 -1.25 -10.30
C ALA B 1138 24.17 0.14 -10.27
N PRO B 1139 23.54 0.58 -9.15
CA PRO B 1139 22.98 1.94 -9.06
C PRO B 1139 24.08 2.96 -8.76
N ARG B 1140 24.76 3.38 -9.81
CA ARG B 1140 25.92 4.26 -9.65
C ARG B 1140 25.47 5.69 -9.38
N LEU B 1141 26.00 6.28 -8.31
CA LEU B 1141 25.67 7.62 -7.91
C LEU B 1141 26.56 8.63 -8.62
N ARG B 1142 25.94 9.64 -9.22
CA ARG B 1142 26.65 10.74 -9.85
C ARG B 1142 26.52 11.95 -8.95
N LEU B 1143 27.63 12.56 -8.61
CA LEU B 1143 27.67 13.65 -7.64
C LEU B 1143 27.92 14.97 -8.35
N GLU B 1144 27.90 16.05 -7.57
CA GLU B 1144 28.23 17.37 -8.06
C GLU B 1144 28.38 18.30 -6.86
N ASP B 1145 29.20 19.33 -7.04
CA ASP B 1145 29.41 20.28 -5.94
C ASP B 1145 28.11 21.00 -5.61
N ILE B 1146 27.83 21.12 -4.31
CA ILE B 1146 26.65 21.85 -3.88
C ILE B 1146 26.76 23.32 -4.27
N PHE B 1147 27.94 23.89 -4.08
CA PHE B 1147 28.23 25.28 -4.38
C PHE B 1147 28.77 25.40 -5.81
N GLN B 1148 29.41 26.51 -6.12
CA GLN B 1148 30.01 26.86 -7.42
C GLN B 1148 28.92 27.34 -8.37
N GLN B 1149 27.68 27.42 -7.90
CA GLN B 1149 26.61 28.12 -8.59
C GLN B 1149 26.31 27.52 -9.96
N MET C 1 -37.97 37.58 42.19
CA MET C 1 -36.74 38.36 42.23
C MET C 1 -36.56 38.96 43.62
N SER C 2 -35.54 39.80 43.78
CA SER C 2 -35.27 40.52 45.03
C SER C 2 -35.06 39.53 46.18
N ASN C 3 -33.89 38.88 46.14
CA ASN C 3 -33.37 37.96 47.16
C ASN C 3 -33.97 36.57 47.04
N ILE C 4 -34.92 36.34 46.15
CA ILE C 4 -35.60 35.06 46.04
C ILE C 4 -35.14 34.40 44.75
N VAL C 5 -34.57 33.21 44.87
CA VAL C 5 -34.25 32.39 43.71
C VAL C 5 -35.55 31.86 43.14
N GLY C 6 -35.78 32.08 41.85
CA GLY C 6 -37.03 31.66 41.25
C GLY C 6 -36.94 30.22 40.76
N ILE C 7 -37.86 29.39 41.19
CA ILE C 7 -37.91 27.99 40.79
C ILE C 7 -38.99 27.88 39.73
N GLU C 8 -38.58 27.80 38.47
CA GLU C 8 -39.51 27.64 37.37
C GLU C 8 -39.56 26.18 36.95
N TYR C 9 -40.46 25.89 36.01
CA TYR C 9 -40.65 24.51 35.58
C TYR C 9 -39.48 24.01 34.74
N ASN C 10 -38.75 24.91 34.08
CA ASN C 10 -37.66 24.49 33.21
C ASN C 10 -36.33 25.17 33.52
N ARG C 11 -36.25 25.99 34.57
CA ARG C 11 -35.03 26.72 34.83
C ARG C 11 -35.04 27.26 36.25
N VAL C 12 -33.89 27.79 36.65
CA VAL C 12 -33.70 28.45 37.93
C VAL C 12 -33.25 29.87 37.63
N THR C 13 -33.85 30.84 38.31
CA THR C 13 -33.61 32.23 38.00
C THR C 13 -33.15 32.99 39.23
N ASN C 14 -32.50 34.13 38.98
CA ASN C 14 -32.17 35.10 40.01
C ASN C 14 -31.26 34.50 41.09
N THR C 15 -30.19 33.87 40.64
CA THR C 15 -29.30 33.14 41.53
C THR C 15 -28.11 33.94 42.00
N THR C 16 -27.90 35.15 41.47
CA THR C 16 -26.75 35.97 41.84
C THR C 16 -27.15 37.03 42.84
N SER C 17 -26.17 37.48 43.62
CA SER C 17 -26.44 38.23 44.84
C SER C 17 -27.09 39.58 44.57
N THR C 18 -26.50 40.38 43.70
CA THR C 18 -26.98 41.74 43.38
C THR C 18 -27.13 42.61 44.63
N ASP C 19 -26.15 42.53 45.53
CA ASP C 19 -26.14 43.35 46.75
C ASP C 19 -24.85 44.14 46.86
N PHE C 20 -24.49 44.86 45.80
CA PHE C 20 -23.27 45.64 45.75
C PHE C 20 -23.55 47.01 45.15
N PRO C 21 -22.73 48.01 45.46
CA PRO C 21 -22.87 49.31 44.79
C PRO C 21 -22.37 49.23 43.37
N GLY C 22 -23.19 49.71 42.44
CA GLY C 22 -22.95 49.46 41.04
C GLY C 22 -23.91 48.48 40.44
N PHE C 23 -24.81 47.93 41.26
CA PHE C 23 -25.96 47.22 40.74
C PHE C 23 -26.99 48.19 40.19
N SER C 24 -27.18 49.33 40.85
CA SER C 24 -28.22 50.28 40.49
C SER C 24 -27.69 51.69 40.72
N LYS C 25 -28.49 52.68 40.33
CA LYS C 25 -28.05 54.06 40.45
C LYS C 25 -27.84 54.45 41.91
N ASP C 26 -28.69 53.97 42.82
CA ASP C 26 -28.42 54.13 44.24
C ASP C 26 -27.28 53.20 44.61
N ALA C 27 -26.07 53.75 44.71
CA ALA C 27 -24.92 52.90 45.00
C ALA C 27 -25.01 52.44 46.44
N GLU C 28 -26.04 51.68 46.77
CA GLU C 28 -26.27 51.17 48.10
C GLU C 28 -25.60 49.80 48.26
N ASN C 29 -25.77 49.20 49.43
CA ASN C 29 -25.14 47.93 49.78
C ASN C 29 -23.62 48.01 49.75
N GLU C 30 -23.06 49.16 50.10
CA GLU C 30 -21.64 49.19 50.42
C GLU C 30 -21.39 48.28 51.62
N TRP C 31 -20.21 47.69 51.67
CA TRP C 31 -19.88 46.89 52.84
C TRP C 31 -19.80 47.77 54.08
N ASN C 32 -20.35 47.27 55.18
CA ASN C 32 -20.07 47.81 56.50
C ASN C 32 -20.58 46.84 57.54
N VAL C 33 -19.73 46.54 58.52
CA VAL C 33 -20.17 45.89 59.74
C VAL C 33 -21.10 46.89 60.43
N GLU C 34 -21.88 46.41 61.40
CA GLU C 34 -22.91 47.17 62.10
C GLU C 34 -24.13 47.36 61.22
N LYS C 35 -24.03 46.97 59.95
CA LYS C 35 -25.20 46.67 59.14
C LYS C 35 -25.30 45.17 58.89
N PHE C 36 -24.20 44.56 58.43
CA PHE C 36 -24.13 43.12 58.36
C PHE C 36 -24.18 42.50 59.74
N LYS C 37 -23.60 43.15 60.73
CA LYS C 37 -23.62 42.59 62.09
C LYS C 37 -25.03 42.55 62.64
N LYS C 38 -25.83 43.58 62.36
CA LYS C 38 -27.19 43.60 62.88
C LYS C 38 -28.17 42.80 62.03
N ASP C 39 -27.87 42.59 60.75
CA ASP C 39 -28.78 41.81 59.92
C ASP C 39 -28.46 40.32 59.95
N PHE C 40 -27.20 39.95 60.08
CA PHE C 40 -26.83 38.54 60.14
C PHE C 40 -27.42 37.88 61.38
N GLU C 41 -27.77 36.61 61.25
CA GLU C 41 -28.41 35.89 62.33
C GLU C 41 -28.12 34.40 62.19
N VAL C 42 -28.02 33.72 63.32
CA VAL C 42 -27.83 32.26 63.35
C VAL C 42 -28.97 31.65 64.14
N ASN C 43 -29.62 30.65 63.55
CA ASN C 43 -30.66 29.87 64.22
C ASN C 43 -30.23 28.41 64.20
N ILE C 44 -29.86 27.88 65.35
CA ILE C 44 -29.47 26.48 65.46
C ILE C 44 -30.73 25.63 65.64
N SER C 45 -30.86 24.59 64.82
CA SER C 45 -32.01 23.70 64.90
C SER C 45 -31.74 22.49 65.76
N SER C 46 -30.57 21.88 65.64
CA SER C 46 -30.28 20.66 66.39
C SER C 46 -28.78 20.54 66.60
N LEU C 47 -28.42 19.74 67.60
CA LEU C 47 -27.02 19.49 67.93
C LEU C 47 -26.89 18.07 68.46
N ASP C 48 -25.94 17.34 67.90
CA ASP C 48 -25.62 16.00 68.38
C ASP C 48 -24.14 15.95 68.68
N ALA C 49 -23.60 14.75 68.91
CA ALA C 49 -22.16 14.59 68.90
C ALA C 49 -21.63 14.45 67.48
N ARG C 50 -22.50 14.16 66.52
CA ARG C 50 -22.07 13.86 65.16
C ARG C 50 -22.81 14.63 64.08
N GLU C 51 -23.81 15.43 64.43
CA GLU C 51 -24.56 16.17 63.42
C GLU C 51 -25.04 17.49 63.99
N ALA C 52 -25.00 18.53 63.17
CA ALA C 52 -25.54 19.83 63.53
C ALA C 52 -26.34 20.35 62.36
N ASN C 53 -27.32 21.19 62.66
CA ASN C 53 -28.18 21.76 61.63
C ASN C 53 -28.52 23.17 62.07
N PHE C 54 -28.02 24.15 61.34
CA PHE C 54 -28.16 25.54 61.73
C PHE C 54 -28.40 26.40 60.50
N ASP C 55 -28.96 27.57 60.72
CA ASP C 55 -29.31 28.49 59.66
C ASP C 55 -28.45 29.73 59.75
N LEU C 56 -27.53 29.89 58.81
CA LEU C 56 -26.86 31.15 58.58
C LEU C 56 -27.81 32.02 57.76
N ILE C 57 -28.34 33.05 58.37
CA ILE C 57 -29.35 33.90 57.74
C ILE C 57 -28.73 35.24 57.40
N ASN C 58 -29.03 35.76 56.21
CA ASN C 58 -28.62 37.09 55.76
C ASN C 58 -27.11 37.16 55.57
N ILE C 59 -26.56 36.17 54.88
CA ILE C 59 -25.15 36.11 54.53
C ILE C 59 -25.07 35.76 53.05
N ASP C 60 -23.93 36.08 52.44
CA ASP C 60 -23.82 35.86 51.02
C ASP C 60 -23.38 34.44 50.69
N THR C 61 -23.72 34.03 49.47
CA THR C 61 -23.42 32.69 49.01
C THR C 61 -21.93 32.43 49.01
N SER C 62 -21.12 33.43 48.66
CA SER C 62 -19.68 33.23 48.61
C SER C 62 -19.12 32.88 49.98
N ILE C 63 -19.59 33.56 51.03
CA ILE C 63 -19.11 33.27 52.38
C ILE C 63 -19.64 31.93 52.87
N ALA C 64 -20.92 31.64 52.63
CA ALA C 64 -21.46 30.35 53.06
C ALA C 64 -20.74 29.21 52.36
N ASN C 65 -20.50 29.34 51.07
CA ASN C 65 -19.81 28.30 50.34
C ASN C 65 -18.34 28.23 50.71
N ALA C 66 -17.75 29.36 51.13
CA ALA C 66 -16.39 29.33 51.64
C ALA C 66 -16.30 28.49 52.90
N PHE C 67 -17.25 28.68 53.82
CA PHE C 67 -17.29 27.84 55.02
C PHE C 67 -17.48 26.37 54.66
N ARG C 68 -18.41 26.09 53.75
CA ARG C 68 -18.67 24.71 53.36
C ARG C 68 -17.42 24.06 52.75
N ARG C 69 -16.75 24.78 51.85
CA ARG C 69 -15.55 24.25 51.21
C ARG C 69 -14.44 24.05 52.22
N ILE C 70 -14.27 24.98 53.16
CA ILE C 70 -13.24 24.83 54.18
C ILE C 70 -13.51 23.59 55.03
N MET C 71 -14.76 23.42 55.46
CA MET C 71 -15.10 22.23 56.24
C MET C 71 -14.77 20.96 55.48
N ILE C 72 -15.21 20.86 54.23
CA ILE C 72 -15.00 19.63 53.48
C ILE C 72 -13.51 19.36 53.26
N SER C 73 -12.76 20.38 52.87
CA SER C 73 -11.43 20.15 52.31
C SER C 73 -10.27 20.71 53.11
N GLU C 74 -10.47 21.72 53.96
CA GLU C 74 -9.34 22.41 54.56
C GLU C 74 -9.24 22.30 56.08
N VAL C 75 -10.30 21.88 56.78
CA VAL C 75 -10.21 21.66 58.21
C VAL C 75 -9.39 20.40 58.46
N PRO C 76 -8.33 20.46 59.25
CA PRO C 76 -7.49 19.27 59.46
C PRO C 76 -8.13 18.25 60.39
N SER C 77 -7.87 16.98 60.08
CA SER C 77 -8.21 15.89 60.99
C SER C 77 -7.08 14.88 60.95
N VAL C 78 -7.21 13.84 61.76
CA VAL C 78 -6.15 12.84 61.94
C VAL C 78 -6.61 11.54 61.31
N ALA C 79 -5.73 10.95 60.49
CA ALA C 79 -6.00 9.66 59.89
C ALA C 79 -4.68 8.94 59.69
N ALA C 80 -4.78 7.62 59.60
CA ALA C 80 -3.58 6.81 59.38
C ALA C 80 -2.97 7.12 58.02
N GLU C 81 -1.66 7.29 57.99
CA GLU C 81 -0.96 7.62 56.76
C GLU C 81 -0.04 6.52 56.27
N TYR C 82 0.69 5.87 57.18
CA TYR C 82 1.63 4.82 56.83
C TYR C 82 1.30 3.58 57.63
N VAL C 83 1.22 2.45 56.94
CA VAL C 83 0.92 1.16 57.56
C VAL C 83 2.12 0.26 57.32
N TYR C 84 2.66 -0.29 58.41
CA TYR C 84 3.81 -1.18 58.35
C TYR C 84 3.31 -2.58 58.64
N PHE C 85 3.49 -3.49 57.68
CA PHE C 85 2.94 -4.82 57.76
C PHE C 85 4.02 -5.79 58.23
N PHE C 86 3.90 -6.25 59.46
CA PHE C 86 4.79 -7.31 59.92
C PHE C 86 4.38 -8.64 59.33
N ASN C 87 3.08 -8.91 59.27
CA ASN C 87 2.58 -10.16 58.73
C ASN C 87 1.16 -9.93 58.23
N ASN C 88 0.89 -10.38 57.02
CA ASN C 88 -0.45 -10.27 56.45
C ASN C 88 -0.69 -11.49 55.57
N THR C 89 -1.34 -12.50 56.14
CA THR C 89 -1.64 -13.73 55.41
C THR C 89 -3.10 -13.85 55.06
N SER C 90 -3.86 -12.77 55.10
CA SER C 90 -5.25 -12.78 54.68
C SER C 90 -5.35 -12.66 53.16
N VAL C 91 -6.57 -12.85 52.65
CA VAL C 91 -6.82 -12.71 51.23
C VAL C 91 -6.82 -11.25 50.81
N ILE C 92 -7.07 -10.33 51.75
CA ILE C 92 -7.07 -8.91 51.40
C ILE C 92 -5.63 -8.45 51.19
N GLN C 93 -5.37 -7.82 50.03
CA GLN C 93 -4.04 -7.37 49.73
C GLN C 93 -3.58 -6.32 50.74
N ASP C 94 -2.25 -6.18 50.83
CA ASP C 94 -1.67 -5.27 51.81
C ASP C 94 -2.07 -3.83 51.56
N GLU C 95 -2.01 -3.39 50.31
CA GLU C 95 -2.34 -1.99 50.02
C GLU C 95 -3.83 -1.74 50.16
N VAL C 96 -4.65 -2.71 49.81
CA VAL C 96 -6.09 -2.59 50.01
C VAL C 96 -6.40 -2.42 51.49
N LEU C 97 -5.78 -3.27 52.32
CA LEU C 97 -5.99 -3.17 53.76
C LEU C 97 -5.46 -1.85 54.31
N ALA C 98 -4.30 -1.40 53.81
CA ALA C 98 -3.75 -0.13 54.26
C ALA C 98 -4.65 1.04 53.90
N HIS C 99 -5.22 1.02 52.70
CA HIS C 99 -6.17 2.05 52.30
C HIS C 99 -7.41 2.05 53.18
N ARG C 100 -7.92 0.85 53.50
CA ARG C 100 -9.07 0.76 54.40
C ARG C 100 -8.75 1.33 55.77
N ILE C 101 -7.58 0.98 56.32
CA ILE C 101 -7.19 1.50 57.63
C ILE C 101 -7.04 3.01 57.57
N GLY C 102 -6.53 3.53 56.46
CA GLY C 102 -6.51 4.97 56.28
C GLY C 102 -7.89 5.59 56.31
N LEU C 103 -8.87 4.88 55.73
CA LEU C 103 -10.23 5.40 55.71
C LEU C 103 -10.94 5.26 57.06
N VAL C 104 -10.39 4.48 57.99
CA VAL C 104 -10.95 4.43 59.35
C VAL C 104 -10.78 5.79 60.03
N PRO C 105 -11.85 6.44 60.48
CA PRO C 105 -11.73 7.75 61.12
C PRO C 105 -11.41 7.60 62.60
N LEU C 106 -10.34 8.27 63.04
CA LEU C 106 -9.88 8.12 64.42
C LEU C 106 -10.53 9.17 65.31
N LYS C 107 -10.85 8.75 66.54
CA LYS C 107 -11.37 9.66 67.55
C LYS C 107 -10.22 10.27 68.36
N VAL C 108 -9.35 10.97 67.65
CA VAL C 108 -8.31 11.78 68.27
C VAL C 108 -8.57 13.23 67.87
N ASP C 109 -8.69 14.06 68.83
CA ASP C 109 -8.93 15.47 68.56
C ASP C 109 -7.67 16.09 67.99
N PRO C 110 -7.74 16.76 66.84
CA PRO C 110 -6.61 17.56 66.40
C PRO C 110 -6.34 18.66 67.41
N ASP C 111 -5.25 19.38 67.22
CA ASP C 111 -4.70 20.31 68.20
C ASP C 111 -4.09 19.57 69.38
N MET C 112 -4.23 18.25 69.45
CA MET C 112 -3.38 17.44 70.30
C MET C 112 -2.11 17.02 69.59
N LEU C 113 -2.11 17.05 68.27
CA LEU C 113 -0.96 16.71 67.46
C LEU C 113 -0.48 17.94 66.70
N THR C 114 0.81 17.98 66.45
CA THR C 114 1.40 19.01 65.60
C THR C 114 1.53 18.48 64.18
N TRP C 115 1.52 19.40 63.22
CA TRP C 115 1.74 19.03 61.84
C TRP C 115 3.12 18.41 61.66
N VAL C 116 3.17 17.36 60.86
CA VAL C 116 4.43 16.71 60.54
C VAL C 116 5.19 17.56 59.54
N ASP C 117 6.47 17.77 59.79
CA ASP C 117 7.35 18.43 58.83
C ASP C 117 7.96 17.37 57.92
N SER C 118 7.64 17.42 56.63
CA SER C 118 8.12 16.43 55.67
C SER C 118 9.46 16.81 55.08
N ASN C 119 10.06 17.92 55.50
CA ASN C 119 11.42 18.24 55.10
C ASN C 119 12.46 17.51 55.94
N LEU C 120 12.06 16.93 57.07
CA LEU C 120 12.96 16.22 57.95
C LEU C 120 13.28 14.84 57.42
N PRO C 121 14.36 14.21 57.91
CA PRO C 121 14.66 12.84 57.50
C PRO C 121 13.55 11.88 57.92
N ASP C 122 13.57 10.70 57.30
CA ASP C 122 12.59 9.68 57.64
C ASP C 122 12.76 9.21 59.08
N ASP C 123 13.99 9.12 59.55
CA ASP C 123 14.26 8.76 60.95
C ASP C 123 13.88 9.86 61.92
N GLU C 124 13.62 11.08 61.44
CA GLU C 124 13.40 12.24 62.29
C GLU C 124 12.11 12.98 61.93
N LYS C 125 11.19 12.31 61.25
CA LYS C 125 9.96 12.96 60.84
C LYS C 125 8.81 12.76 61.82
N PHE C 126 8.74 11.61 62.49
CA PHE C 126 7.62 11.27 63.35
C PHE C 126 8.05 11.33 64.80
N THR C 127 7.27 12.03 65.61
CA THR C 127 7.58 12.25 67.01
C THR C 127 6.36 11.88 67.85
N ASP C 128 6.49 12.03 69.17
CA ASP C 128 5.35 11.81 70.04
C ASP C 128 4.37 12.98 69.99
N GLU C 129 4.70 14.05 69.27
CA GLU C 129 3.82 15.19 69.08
C GLU C 129 3.22 15.26 67.70
N ASN C 130 3.69 14.42 66.77
CA ASN C 130 3.27 14.45 65.39
C ASN C 130 2.40 13.26 65.00
N THR C 131 2.49 12.15 65.72
CA THR C 131 2.03 10.87 65.22
C THR C 131 1.26 10.12 66.29
N ILE C 132 0.20 9.44 65.87
CA ILE C 132 -0.47 8.42 66.66
C ILE C 132 -0.10 7.08 66.07
N VAL C 133 0.32 6.15 66.91
CA VAL C 133 0.71 4.82 66.46
C VAL C 133 -0.36 3.83 66.88
N LEU C 134 -1.02 3.23 65.91
CA LEU C 134 -2.05 2.22 66.13
C LEU C 134 -1.53 0.88 65.65
N SER C 135 -1.62 -0.14 66.49
CA SER C 135 -1.24 -1.48 66.09
C SER C 135 -2.48 -2.31 65.82
N LEU C 136 -2.27 -3.46 65.19
CA LEU C 136 -3.35 -4.39 64.89
C LEU C 136 -2.72 -5.78 64.82
N ASN C 137 -3.07 -6.65 65.76
CA ASN C 137 -2.55 -8.01 65.79
C ASN C 137 -3.71 -8.98 65.93
N VAL C 138 -4.06 -9.64 64.84
CA VAL C 138 -5.14 -10.61 64.82
C VAL C 138 -4.62 -11.88 64.19
N LYS C 139 -4.87 -13.01 64.85
CA LYS C 139 -4.62 -14.33 64.28
C LYS C 139 -5.91 -15.12 64.33
N CYS C 140 -6.32 -15.67 63.20
CA CYS C 140 -7.56 -16.43 63.11
C CYS C 140 -7.26 -17.90 63.30
N THR C 141 -8.01 -18.54 64.20
CA THR C 141 -7.88 -19.95 64.51
C THR C 141 -9.27 -20.56 64.57
N ARG C 142 -9.34 -21.86 64.33
CA ARG C 142 -10.62 -22.56 64.46
C ARG C 142 -11.11 -22.51 65.89
N ASN C 143 -12.41 -22.35 66.05
CA ASN C 143 -12.99 -22.38 67.38
C ASN C 143 -12.84 -23.78 67.95
N PRO C 144 -12.23 -23.93 69.13
CA PRO C 144 -12.14 -25.26 69.74
C PRO C 144 -13.49 -25.71 70.25
N ASP C 145 -14.46 -25.78 69.34
CA ASP C 145 -15.85 -26.13 69.74
C ASP C 145 -16.47 -27.01 68.65
N ALA C 146 -17.78 -27.26 68.73
CA ALA C 146 -18.48 -28.08 67.72
C ALA C 146 -19.95 -27.66 67.63
N PRO C 147 -20.28 -26.52 66.98
CA PRO C 147 -21.68 -26.14 66.78
C PRO C 147 -22.25 -26.86 65.55
N LYS C 148 -23.41 -26.41 65.05
CA LYS C 148 -24.00 -27.03 63.83
C LYS C 148 -22.99 -26.95 62.69
N GLY C 149 -22.88 -28.02 61.89
CA GLY C 149 -21.92 -28.04 60.77
C GLY C 149 -22.14 -26.88 59.82
N SER C 150 -21.06 -26.27 59.33
CA SER C 150 -21.16 -25.15 58.34
C SER C 150 -22.09 -24.04 58.87
N THR C 151 -21.82 -23.55 60.08
CA THR C 151 -22.63 -22.44 60.66
C THR C 151 -22.01 -21.09 60.27
N ASP C 152 -22.52 -20.00 60.85
CA ASP C 152 -21.96 -18.65 60.57
C ASP C 152 -20.50 -18.62 61.05
N PRO C 153 -19.57 -17.92 60.37
CA PRO C 153 -18.15 -17.94 60.77
C PRO C 153 -17.85 -17.33 62.13
N LYS C 154 -18.81 -16.69 62.79
CA LYS C 154 -18.50 -16.08 64.09
C LYS C 154 -18.22 -17.11 65.17
N GLU C 155 -18.60 -18.38 64.97
CA GLU C 155 -18.36 -19.41 65.96
C GLU C 155 -17.69 -20.64 65.37
N LEU C 156 -17.47 -20.69 64.06
CA LEU C 156 -16.59 -21.72 63.52
C LEU C 156 -15.14 -21.40 63.79
N TYR C 157 -14.81 -20.13 63.87
CA TYR C 157 -13.43 -19.68 64.04
C TYR C 157 -13.36 -18.72 65.21
N ASN C 158 -12.15 -18.27 65.50
CA ASN C 158 -11.90 -17.18 66.43
C ASN C 158 -11.22 -16.06 65.66
N ASN C 159 -11.63 -14.83 65.95
CA ASN C 159 -11.12 -13.65 65.27
C ASN C 159 -11.38 -13.72 63.77
N ALA C 160 -12.54 -14.24 63.39
CA ALA C 160 -12.88 -14.39 61.98
C ALA C 160 -13.12 -13.05 61.30
N HIS C 161 -13.43 -12.00 62.05
CA HIS C 161 -13.61 -10.66 61.53
C HIS C 161 -12.65 -9.71 62.24
N VAL C 162 -12.06 -8.80 61.47
CA VAL C 162 -11.19 -7.76 62.00
C VAL C 162 -11.94 -6.45 61.95
N TYR C 163 -12.25 -5.89 63.11
CA TYR C 163 -12.97 -4.64 63.21
C TYR C 163 -12.00 -3.49 63.44
N ALA C 164 -12.50 -2.27 63.22
CA ALA C 164 -11.66 -1.11 63.50
C ALA C 164 -11.31 -1.02 64.98
N ARG C 165 -12.21 -1.48 65.85
CA ARG C 165 -11.95 -1.43 67.29
C ARG C 165 -10.74 -2.28 67.68
N ASP C 166 -10.37 -3.24 66.85
CA ASP C 166 -9.16 -4.01 67.08
C ASP C 166 -7.89 -3.19 66.91
N LEU C 167 -7.98 -2.00 66.32
CA LEU C 167 -6.84 -1.11 66.25
C LEU C 167 -6.56 -0.55 67.64
N LYS C 168 -5.35 -0.76 68.13
CA LYS C 168 -5.00 -0.43 69.51
C LYS C 168 -4.12 0.81 69.54
N PHE C 169 -4.47 1.75 70.41
CA PHE C 169 -3.64 2.93 70.61
C PHE C 169 -2.39 2.58 71.37
N GLU C 170 -1.24 2.91 70.79
CA GLU C 170 0.07 2.66 71.41
C GLU C 170 0.71 4.01 71.73
N PRO C 171 0.64 4.47 72.97
CA PRO C 171 1.30 5.73 73.34
C PRO C 171 2.80 5.63 73.08
N GLN C 172 3.37 6.67 72.51
CA GLN C 172 4.80 6.77 72.30
C GLN C 172 5.31 7.97 73.08
N GLY C 173 6.45 7.80 73.74
CA GLY C 173 7.04 8.92 74.45
C GLY C 173 6.14 9.45 75.54
N ARG C 174 5.77 10.72 75.43
CA ARG C 174 4.98 11.40 76.45
C ARG C 174 3.49 11.33 76.18
N GLN C 175 3.06 10.67 75.10
CA GLN C 175 1.64 10.47 74.87
C GLN C 175 0.99 9.65 75.96
N SER C 176 1.78 8.91 76.74
CA SER C 176 1.24 8.09 77.82
C SER C 176 0.55 8.94 78.88
N THR C 177 1.00 10.19 79.04
CA THR C 177 0.34 11.12 79.93
C THR C 177 -0.58 12.09 79.21
N THR C 178 -0.20 12.53 78.02
CA THR C 178 -1.03 13.44 77.25
C THR C 178 -2.36 12.82 76.89
N PHE C 179 -2.35 11.56 76.47
CA PHE C 179 -3.54 10.87 76.01
C PHE C 179 -4.12 9.92 77.05
N ALA C 180 -3.71 10.02 78.31
CA ALA C 180 -4.16 9.07 79.32
C ALA C 180 -5.67 9.14 79.53
N ASP C 181 -6.23 10.34 79.46
CA ASP C 181 -7.65 10.53 79.69
C ASP C 181 -8.49 10.45 78.42
N CYS C 182 -7.87 10.51 77.25
CA CYS C 182 -8.57 10.41 75.97
C CYS C 182 -7.84 9.43 75.07
N PRO C 183 -7.90 8.13 75.38
CA PRO C 183 -7.20 7.15 74.55
C PRO C 183 -7.75 7.13 73.14
N VAL C 184 -6.87 6.90 72.18
CA VAL C 184 -7.22 6.98 70.77
C VAL C 184 -7.99 5.73 70.36
N VAL C 185 -9.23 5.92 69.95
CA VAL C 185 -10.08 4.81 69.50
C VAL C 185 -10.67 5.19 68.15
N PRO C 186 -11.13 4.20 67.38
CA PRO C 186 -11.89 4.51 66.17
C PRO C 186 -13.18 5.25 66.49
N ALA C 187 -13.52 6.20 65.60
CA ALA C 187 -14.81 6.86 65.72
C ALA C 187 -15.95 5.87 65.48
N ASP C 188 -15.77 4.97 64.52
CA ASP C 188 -16.73 3.89 64.26
C ASP C 188 -16.03 2.55 64.48
N PRO C 189 -16.21 1.93 65.66
CA PRO C 189 -15.40 0.75 65.98
C PRO C 189 -15.88 -0.53 65.34
N ASP C 190 -17.07 -0.54 64.74
CA ASP C 190 -17.60 -1.73 64.09
C ASP C 190 -17.27 -1.79 62.61
N ILE C 191 -16.41 -0.89 62.14
CA ILE C 191 -16.01 -0.89 60.74
C ILE C 191 -15.31 -2.20 60.43
N LEU C 192 -15.81 -2.93 59.45
CA LEU C 192 -15.25 -4.21 59.09
C LEU C 192 -14.02 -4.00 58.22
N LEU C 193 -12.84 -4.32 58.76
CA LEU C 193 -11.58 -4.07 58.02
C LEU C 193 -11.22 -5.28 57.16
N ALA C 194 -11.30 -6.48 57.73
CA ALA C 194 -10.89 -7.69 56.97
C ALA C 194 -11.56 -8.94 57.53
N LYS C 195 -11.79 -9.95 56.68
CA LYS C 195 -12.34 -11.25 57.14
C LYS C 195 -11.24 -12.28 56.89
N LEU C 196 -10.96 -13.15 57.86
CA LEU C 196 -9.82 -14.10 57.69
C LEU C 196 -10.21 -15.50 58.14
N ARG C 197 -9.67 -16.53 57.48
CA ARG C 197 -9.99 -17.94 57.82
C ARG C 197 -8.87 -18.51 58.69
N PRO C 198 -9.04 -19.69 59.34
CA PRO C 198 -8.01 -20.23 60.24
C PRO C 198 -6.65 -20.31 59.57
N GLY C 199 -5.59 -19.90 60.28
CA GLY C 199 -4.22 -19.94 59.72
C GLY C 199 -3.83 -18.61 59.13
N GLN C 200 -4.79 -17.69 58.97
CA GLN C 200 -4.51 -16.34 58.41
C GLN C 200 -4.31 -15.35 59.56
N GLU C 201 -3.41 -14.38 59.41
CA GLU C 201 -3.13 -13.41 60.49
C GLU C 201 -2.85 -12.03 59.90
N ILE C 202 -3.18 -10.96 60.63
CA ILE C 202 -2.86 -9.58 60.17
C ILE C 202 -2.12 -8.85 61.29
N SER C 203 -0.82 -8.59 61.12
CA SER C 203 -0.04 -7.89 62.12
C SER C 203 0.51 -6.62 61.50
N LEU C 204 0.24 -5.47 62.12
CA LEU C 204 0.65 -4.21 61.53
C LEU C 204 0.71 -3.12 62.59
N LYS C 205 1.36 -2.02 62.24
CA LYS C 205 1.28 -0.77 62.98
C LYS C 205 1.03 0.34 61.98
N ALA C 206 0.29 1.37 62.40
CA ALA C 206 -0.09 2.46 61.53
C ALA C 206 0.22 3.78 62.18
N HIS C 207 0.89 4.67 61.45
CA HIS C 207 1.21 6.01 61.91
C HIS C 207 0.14 6.97 61.41
N CYS C 208 -0.47 7.72 62.32
CA CYS C 208 -1.57 8.61 62.01
C CYS C 208 -1.16 10.05 62.26
N ILE C 209 -1.37 10.91 61.28
CA ILE C 209 -0.88 12.28 61.32
C ILE C 209 -2.01 13.23 60.93
N LEU C 210 -1.77 14.52 61.14
CA LEU C 210 -2.71 15.54 60.69
C LEU C 210 -2.69 15.65 59.17
N GLY C 211 -3.86 15.88 58.59
CA GLY C 211 -3.95 16.03 57.16
C GLY C 211 -5.08 16.93 56.78
N ILE C 212 -5.22 17.14 55.48
CA ILE C 212 -6.17 18.08 54.90
C ILE C 212 -7.03 17.32 53.89
N GLY C 213 -8.34 17.54 53.96
CA GLY C 213 -9.23 16.82 53.07
C GLY C 213 -8.95 17.06 51.59
N GLY C 214 -8.37 18.21 51.26
CA GLY C 214 -7.90 18.42 49.91
C GLY C 214 -6.75 17.52 49.54
N ASP C 215 -5.90 17.18 50.51
CA ASP C 215 -4.80 16.25 50.24
C ASP C 215 -5.31 14.84 50.05
N HIS C 216 -6.25 14.40 50.87
CA HIS C 216 -6.85 13.09 50.72
C HIS C 216 -8.19 13.08 51.44
N ALA C 217 -9.13 12.33 50.88
CA ALA C 217 -10.48 12.26 51.44
C ALA C 217 -10.47 11.76 52.87
N LYS C 218 -9.55 10.86 53.22
CA LYS C 218 -9.52 10.28 54.55
C LYS C 218 -9.34 11.32 55.64
N PHE C 219 -8.78 12.48 55.31
CA PHE C 219 -8.56 13.53 56.30
C PHE C 219 -9.76 14.42 56.52
N SER C 220 -10.75 14.36 55.64
CA SER C 220 -11.91 15.22 55.78
C SER C 220 -12.63 14.90 57.08
N PRO C 221 -12.97 15.91 57.89
CA PRO C 221 -13.61 15.64 59.17
C PRO C 221 -15.12 15.46 59.10
N VAL C 222 -15.72 15.70 57.95
CA VAL C 222 -17.17 15.72 57.80
C VAL C 222 -17.59 14.61 56.85
N SER C 223 -18.51 13.76 57.31
CA SER C 223 -19.05 12.73 56.43
C SER C 223 -19.97 13.33 55.39
N THR C 224 -20.51 14.52 55.66
CA THR C 224 -20.86 15.50 54.65
C THR C 224 -21.15 16.81 55.36
N ALA C 225 -20.55 17.89 54.89
CA ALA C 225 -20.94 19.23 55.28
C ALA C 225 -21.45 19.91 54.03
N SER C 226 -22.68 20.39 54.08
CA SER C 226 -23.25 21.13 52.96
C SER C 226 -24.34 22.01 53.51
N TYR C 227 -24.91 22.82 52.63
CA TYR C 227 -26.04 23.65 52.98
C TYR C 227 -27.13 23.46 51.95
N ARG C 228 -28.21 24.21 52.12
CA ARG C 228 -29.23 24.34 51.10
C ARG C 228 -30.00 25.61 51.39
N LEU C 229 -30.45 26.26 50.33
CA LEU C 229 -31.29 27.44 50.51
C LEU C 229 -32.62 27.04 51.12
N LEU C 230 -33.20 27.98 51.85
CA LEU C 230 -34.49 27.73 52.48
C LEU C 230 -35.60 27.75 51.44
N PRO C 231 -36.35 26.66 51.29
CA PRO C 231 -37.47 26.67 50.35
C PRO C 231 -38.51 27.71 50.71
N GLN C 232 -39.15 28.27 49.69
CA GLN C 232 -40.22 29.24 49.88
C GLN C 232 -41.34 28.91 48.90
N ILE C 233 -42.53 28.65 49.44
CA ILE C 233 -43.71 28.34 48.64
C ILE C 233 -44.73 29.44 48.88
N ASN C 234 -45.16 30.11 47.82
CA ASN C 234 -46.12 31.20 47.91
C ASN C 234 -47.38 30.78 47.16
N ILE C 235 -48.46 30.55 47.90
CA ILE C 235 -49.73 30.16 47.34
C ILE C 235 -50.44 31.45 46.91
N LEU C 236 -50.44 31.71 45.61
CA LEU C 236 -50.91 33.00 45.12
C LEU C 236 -52.41 33.18 45.31
N GLN C 237 -53.18 32.13 45.06
CA GLN C 237 -54.62 32.17 45.17
C GLN C 237 -55.09 31.00 46.03
N PRO C 238 -56.24 31.13 46.69
CA PRO C 238 -56.70 30.04 47.54
C PRO C 238 -56.87 28.75 46.76
N ILE C 239 -56.46 27.64 47.36
CA ILE C 239 -56.69 26.31 46.85
C ILE C 239 -57.64 25.61 47.81
N LYS C 240 -58.73 25.07 47.29
CA LYS C 240 -59.78 24.49 48.12
C LYS C 240 -60.34 23.24 47.47
N GLY C 241 -61.07 22.46 48.27
CA GLY C 241 -61.68 21.26 47.75
C GLY C 241 -60.67 20.14 47.63
N GLU C 242 -60.96 19.24 46.69
CA GLU C 242 -60.01 18.16 46.41
C GLU C 242 -58.75 18.68 45.73
N SER C 243 -58.87 19.79 45.01
CA SER C 243 -57.70 20.40 44.40
C SER C 243 -56.67 20.78 45.45
N ALA C 244 -57.12 21.19 46.63
CA ALA C 244 -56.19 21.47 47.71
C ALA C 244 -55.48 20.21 48.18
N ARG C 245 -56.19 19.08 48.24
CA ARG C 245 -55.52 17.83 48.63
C ARG C 245 -54.50 17.39 47.57
N ARG C 246 -54.82 17.56 46.29
CA ARG C 246 -53.84 17.25 45.25
C ARG C 246 -52.62 18.16 45.37
N PHE C 247 -52.86 19.45 45.59
CA PHE C 247 -51.77 20.39 45.84
C PHE C 247 -50.93 19.94 47.02
N GLN C 248 -51.57 19.45 48.07
CA GLN C 248 -50.86 18.94 49.23
C GLN C 248 -50.00 17.74 48.87
N LYS C 249 -50.55 16.85 48.02
CA LYS C 249 -49.81 15.67 47.61
C LYS C 249 -48.60 16.01 46.76
N CYS C 250 -48.63 17.16 46.08
CA CYS C 250 -47.48 17.57 45.27
C CYS C 250 -46.21 17.79 46.09
N PHE C 251 -46.32 17.93 47.40
CA PHE C 251 -45.20 18.20 48.28
C PHE C 251 -45.02 17.07 49.29
N PRO C 252 -43.87 16.99 49.94
CA PRO C 252 -43.68 16.00 51.01
C PRO C 252 -44.73 16.15 52.10
N PRO C 253 -44.92 15.11 52.93
CA PRO C 253 -46.03 15.09 53.91
C PRO C 253 -46.31 16.38 54.68
N GLY C 254 -45.33 16.89 55.41
CA GLY C 254 -45.63 17.98 56.31
C GLY C 254 -45.54 19.37 55.73
N VAL C 255 -45.20 19.50 54.46
CA VAL C 255 -44.84 20.81 53.91
C VAL C 255 -46.02 21.77 53.94
N ILE C 256 -47.18 21.32 53.45
CA ILE C 256 -48.37 22.15 53.45
C ILE C 256 -49.53 21.36 54.04
N GLY C 257 -50.49 22.08 54.62
CA GLY C 257 -51.63 21.46 55.24
C GLY C 257 -52.92 22.15 54.83
N ILE C 258 -54.03 21.53 55.19
CA ILE C 258 -55.36 22.04 54.84
C ILE C 258 -55.98 22.62 56.10
N ASP C 259 -56.28 23.91 56.06
CA ASP C 259 -56.89 24.57 57.21
C ASP C 259 -58.28 24.00 57.48
N GLU C 260 -58.56 23.77 58.75
CA GLU C 260 -59.86 23.26 59.17
C GLU C 260 -60.86 24.41 59.20
N GLY C 261 -62.01 24.19 58.57
CA GLY C 261 -63.01 25.23 58.42
C GLY C 261 -62.89 25.95 57.09
N SER C 262 -61.77 26.64 56.87
CA SER C 262 -61.56 27.33 55.61
C SER C 262 -61.31 26.35 54.46
N ASP C 263 -60.83 25.15 54.76
CA ASP C 263 -60.51 24.11 53.78
C ASP C 263 -59.53 24.59 52.72
N GLU C 264 -58.86 25.70 52.96
CA GLU C 264 -57.82 26.17 52.07
C GLU C 264 -56.48 25.58 52.45
N ALA C 265 -55.66 25.33 51.45
CA ALA C 265 -54.32 24.80 51.64
C ALA C 265 -53.38 25.95 51.98
N TYR C 266 -52.66 25.82 53.08
CA TYR C 266 -51.68 26.81 53.48
C TYR C 266 -50.33 26.13 53.66
N VAL C 267 -49.26 26.91 53.52
CA VAL C 267 -47.91 26.40 53.67
C VAL C 267 -47.68 26.16 55.16
N LYS C 268 -47.52 24.90 55.55
CA LYS C 268 -47.38 24.57 56.96
C LYS C 268 -45.92 24.59 57.40
N ASP C 269 -45.03 24.00 56.59
CA ASP C 269 -43.60 23.98 56.95
C ASP C 269 -42.79 23.83 55.67
N ALA C 270 -42.26 24.94 55.15
CA ALA C 270 -41.49 24.93 53.92
C ALA C 270 -40.09 24.36 54.11
N ARG C 271 -39.56 24.32 55.33
CA ARG C 271 -38.24 23.74 55.54
C ARG C 271 -38.22 22.27 55.15
N LYS C 272 -39.26 21.54 55.50
CA LYS C 272 -39.33 20.12 55.18
C LYS C 272 -39.47 19.86 53.70
N ASP C 273 -39.54 20.90 52.88
CA ASP C 273 -39.78 20.75 51.46
C ASP C 273 -38.49 20.43 50.73
N THR C 274 -38.55 19.39 49.90
CA THR C 274 -37.57 19.19 48.85
C THR C 274 -38.15 19.78 47.59
N VAL C 275 -37.33 20.52 46.84
CA VAL C 275 -37.84 21.23 45.66
C VAL C 275 -37.76 20.25 44.51
N SER C 276 -38.75 19.36 44.45
CA SER C 276 -38.96 18.52 43.28
C SER C 276 -39.80 19.23 42.23
N ARG C 277 -40.35 20.39 42.57
CA ARG C 277 -41.33 21.12 41.76
C ARG C 277 -42.29 20.18 41.07
N GLU C 278 -42.87 19.27 41.85
CA GLU C 278 -43.93 18.42 41.35
C GLU C 278 -45.17 19.23 40.99
N VAL C 279 -45.49 20.24 41.79
CA VAL C 279 -46.68 21.03 41.53
C VAL C 279 -46.58 21.79 40.22
N LEU C 280 -45.37 22.04 39.74
CA LEU C 280 -45.15 22.86 38.56
C LEU C 280 -45.31 22.09 37.26
N ARG C 281 -45.98 20.95 37.29
CA ARG C 281 -46.17 20.15 36.08
C ARG C 281 -47.64 19.88 35.77
N TYR C 282 -48.58 20.53 36.47
CA TYR C 282 -49.98 20.14 36.39
C TYR C 282 -50.87 21.13 35.67
N GLU C 283 -50.44 22.39 35.50
CA GLU C 283 -51.17 23.36 34.70
C GLU C 283 -52.50 23.71 35.35
N GLU C 284 -52.82 23.03 36.45
CA GLU C 284 -53.94 23.42 37.30
C GLU C 284 -53.51 24.44 38.33
N PHE C 285 -52.31 24.28 38.89
CA PHE C 285 -51.73 25.20 39.85
C PHE C 285 -50.72 26.13 39.20
N ALA C 286 -50.75 26.27 37.88
CA ALA C 286 -49.69 26.98 37.17
C ALA C 286 -49.55 28.41 37.66
N ASP C 287 -50.66 29.09 37.91
CA ASP C 287 -50.66 30.47 38.37
C ASP C 287 -51.10 30.61 39.82
N LYS C 288 -51.36 29.50 40.51
CA LYS C 288 -51.80 29.54 41.90
C LYS C 288 -50.66 29.35 42.88
N VAL C 289 -49.44 29.16 42.41
CA VAL C 289 -48.29 28.93 43.28
C VAL C 289 -47.05 29.51 42.63
N LYS C 290 -46.13 29.98 43.47
CA LYS C 290 -44.80 30.36 43.05
C LYS C 290 -43.82 29.64 43.96
N LEU C 291 -42.93 28.86 43.36
CA LEU C 291 -41.86 28.23 44.13
C LEU C 291 -40.63 29.12 44.11
N GLY C 292 -39.87 29.06 45.19
CA GLY C 292 -38.67 29.87 45.31
C GLY C 292 -37.80 29.31 46.39
N ARG C 293 -36.62 29.92 46.53
CA ARG C 293 -35.72 29.65 47.63
C ARG C 293 -35.11 30.96 48.06
N VAL C 294 -35.01 31.19 49.36
CA VAL C 294 -34.39 32.40 49.87
C VAL C 294 -32.89 32.31 49.60
N ARG C 295 -32.35 33.27 48.87
CA ARG C 295 -30.99 33.13 48.37
C ARG C 295 -29.94 33.32 49.44
N ASN C 296 -30.27 34.01 50.54
CA ASN C 296 -29.31 34.27 51.60
C ASN C 296 -29.72 33.60 52.91
N HIS C 297 -30.58 32.60 52.86
CA HIS C 297 -30.97 31.83 54.03
C HIS C 297 -30.49 30.42 53.81
N PHE C 298 -29.42 30.05 54.49
CA PHE C 298 -28.73 28.78 54.27
C PHE C 298 -29.00 27.85 55.44
N ILE C 299 -29.46 26.65 55.14
CA ILE C 299 -29.72 25.64 56.16
C ILE C 299 -28.53 24.68 56.12
N PHE C 300 -27.55 24.94 56.97
CA PHE C 300 -26.36 24.11 57.02
C PHE C 300 -26.66 22.80 57.73
N ASN C 301 -26.22 21.70 57.15
CA ASN C 301 -26.21 20.41 57.81
C ASN C 301 -24.77 19.92 57.80
N VAL C 302 -24.19 19.76 58.99
CA VAL C 302 -22.80 19.39 59.14
C VAL C 302 -22.76 18.11 59.96
N GLU C 303 -22.49 16.99 59.32
CA GLU C 303 -22.40 15.71 60.01
C GLU C 303 -20.94 15.30 60.06
N SER C 304 -20.42 15.13 61.27
CA SER C 304 -19.00 14.91 61.45
C SER C 304 -18.67 13.42 61.43
N ALA C 305 -17.49 13.10 60.93
CA ALA C 305 -17.04 11.72 60.92
C ALA C 305 -16.93 11.15 62.32
N GLY C 306 -16.52 11.97 63.28
CA GLY C 306 -16.51 11.54 64.66
C GLY C 306 -15.38 12.08 65.51
N ALA C 307 -14.34 12.63 64.88
CA ALA C 307 -13.19 13.10 65.63
C ALA C 307 -13.50 14.37 66.40
N MET C 308 -14.39 15.21 65.88
CA MET C 308 -14.75 16.44 66.56
C MET C 308 -16.21 16.78 66.29
N THR C 309 -16.77 17.63 67.14
CA THR C 309 -18.16 17.98 67.04
C THR C 309 -18.42 18.86 65.82
N PRO C 310 -19.61 18.77 65.24
CA PRO C 310 -19.90 19.59 64.05
C PRO C 310 -19.84 21.09 64.28
N GLU C 311 -20.25 21.57 65.46
CA GLU C 311 -20.13 23.00 65.72
C GLU C 311 -18.67 23.41 65.80
N GLU C 312 -17.82 22.55 66.36
CA GLU C 312 -16.39 22.81 66.35
C GLU C 312 -15.85 22.84 64.94
N ILE C 313 -16.31 21.93 64.08
CA ILE C 313 -15.84 21.93 62.70
C ILE C 313 -16.21 23.23 62.01
N PHE C 314 -17.44 23.69 62.21
CA PHE C 314 -17.86 24.94 61.58
C PHE C 314 -17.08 26.13 62.12
N PHE C 315 -16.88 26.20 63.43
CA PHE C 315 -16.11 27.30 63.99
C PHE C 315 -14.68 27.28 63.45
N LYS C 316 -14.08 26.09 63.36
CA LYS C 316 -12.74 25.98 62.78
C LYS C 316 -12.74 26.46 61.34
N SER C 317 -13.81 26.21 60.60
CA SER C 317 -13.85 26.68 59.22
C SER C 317 -13.90 28.21 59.16
N VAL C 318 -14.71 28.83 60.03
CA VAL C 318 -14.76 30.28 60.05
C VAL C 318 -13.41 30.86 60.45
N ARG C 319 -12.77 30.24 61.44
CA ARG C 319 -11.44 30.68 61.87
C ARG C 319 -10.41 30.49 60.77
N ILE C 320 -10.54 29.43 59.97
CA ILE C 320 -9.61 29.22 58.86
C ILE C 320 -9.78 30.28 57.80
N LEU C 321 -11.02 30.63 57.46
CA LEU C 321 -11.24 31.70 56.50
C LEU C 321 -10.66 33.02 57.00
N LYS C 322 -10.94 33.35 58.27
CA LYS C 322 -10.40 34.59 58.83
C LYS C 322 -8.89 34.57 58.81
N ASN C 323 -8.28 33.44 59.17
CA ASN C 323 -6.83 33.34 59.22
C ASN C 323 -6.21 33.52 57.84
N LYS C 324 -6.83 32.97 56.79
CA LYS C 324 -6.20 33.14 55.49
C LYS C 324 -6.35 34.58 54.99
N ALA C 325 -7.50 35.22 55.26
CA ALA C 325 -7.61 36.63 54.94
C ALA C 325 -6.57 37.46 55.68
N GLU C 326 -6.34 37.15 56.96
CA GLU C 326 -5.39 37.91 57.76
C GLU C 326 -3.96 37.66 57.32
N TYR C 327 -3.63 36.42 56.98
CA TYR C 327 -2.31 36.10 56.46
C TYR C 327 -2.02 36.87 55.18
N LEU C 328 -3.00 36.91 54.27
CA LEU C 328 -2.82 37.72 53.06
C LEU C 328 -2.64 39.18 53.42
N LYS C 329 -3.43 39.68 54.37
CA LYS C 329 -3.31 41.09 54.75
C LYS C 329 -1.92 41.42 55.26
N ASN C 330 -1.35 40.54 56.08
CA ASN C 330 -0.03 40.80 56.64
C ASN C 330 1.08 40.61 55.62
N CYS C 331 0.87 39.75 54.62
CA CYS C 331 1.92 39.50 53.64
C CYS C 331 2.21 40.76 52.83
N PRO C 332 3.48 41.05 52.55
CA PRO C 332 3.80 42.16 51.64
C PRO C 332 3.64 41.73 50.19
N ILE C 333 3.33 42.70 49.35
CA ILE C 333 3.07 42.46 47.95
C ILE C 333 4.36 42.67 47.17
N THR C 334 4.81 41.64 46.49
CA THR C 334 6.11 41.64 45.83
C THR C 334 5.94 41.81 44.32
N GLN C 335 6.82 42.62 43.74
CA GLN C 335 6.72 43.00 42.34
C GLN C 335 6.87 41.79 41.42
N MET D 1 39.76 23.70 -5.84
CA MET D 1 41.16 23.64 -5.43
C MET D 1 42.06 23.76 -6.65
N LYS D 2 41.47 23.99 -7.82
CA LYS D 2 42.24 23.99 -9.04
C LYS D 2 43.13 25.22 -9.13
N VAL D 3 44.39 25.01 -9.51
CA VAL D 3 45.34 26.10 -9.66
C VAL D 3 45.07 26.77 -11.00
N LEU D 4 44.65 28.05 -10.95
CA LEU D 4 44.24 28.72 -12.17
C LEU D 4 45.39 28.85 -13.15
N GLU D 5 46.57 29.17 -12.65
CA GLU D 5 47.79 29.13 -13.44
C GLU D 5 48.94 28.82 -12.50
N GLU D 6 50.04 28.32 -13.08
CA GLU D 6 51.16 27.81 -12.30
C GLU D 6 52.15 28.90 -11.87
N ARG D 7 52.45 29.85 -12.75
CA ARG D 7 53.47 30.86 -12.50
C ARG D 7 52.88 32.23 -12.74
N ASN D 8 52.77 33.03 -11.68
CA ASN D 8 52.31 34.40 -11.76
C ASN D 8 53.53 35.33 -11.69
N ALA D 9 53.26 36.63 -11.56
CA ALA D 9 54.32 37.63 -11.64
C ALA D 9 55.46 37.32 -10.68
N PHE D 10 56.69 37.39 -11.19
CA PHE D 10 57.88 37.05 -10.41
C PHE D 10 57.99 37.94 -9.18
N LEU D 11 58.61 37.39 -8.14
CA LEU D 11 58.87 38.12 -6.90
C LEU D 11 60.37 38.21 -6.68
N SER D 12 60.87 39.43 -6.49
CA SER D 12 62.23 39.62 -6.03
C SER D 12 62.30 39.37 -4.53
N ASP D 13 63.49 38.99 -4.06
CA ASP D 13 63.65 38.72 -2.64
C ASP D 13 63.89 40.00 -1.85
N TYR D 14 63.01 40.99 -2.04
CA TYR D 14 62.89 42.10 -1.10
C TYR D 14 61.42 42.32 -0.78
N GLU D 15 60.56 42.16 -1.78
CA GLU D 15 59.13 42.27 -1.55
C GLU D 15 58.65 41.16 -0.62
N VAL D 16 59.17 39.95 -0.81
CA VAL D 16 58.80 38.85 0.07
C VAL D 16 59.22 39.14 1.50
N LEU D 17 60.42 39.69 1.69
CA LEU D 17 60.88 39.97 3.04
C LEU D 17 60.09 41.10 3.68
N LYS D 18 59.79 42.16 2.92
CA LYS D 18 58.98 43.22 3.50
C LYS D 18 57.59 42.73 3.83
N PHE D 19 57.05 41.82 3.01
CA PHE D 19 55.73 41.24 3.31
C PHE D 19 55.78 40.40 4.59
N LEU D 20 56.82 39.59 4.76
CA LEU D 20 56.90 38.77 5.96
C LEU D 20 57.15 39.62 7.20
N THR D 21 57.92 40.70 7.05
CA THR D 21 58.10 41.66 8.13
C THR D 21 56.77 42.30 8.51
N ASP D 22 55.99 42.68 7.51
CA ASP D 22 54.66 43.23 7.75
C ASP D 22 53.77 42.21 8.47
N LEU D 23 53.85 40.94 8.07
CA LEU D 23 53.02 39.92 8.68
C LEU D 23 53.37 39.75 10.16
N GLU D 24 54.67 39.67 10.47
CA GLU D 24 55.09 39.55 11.86
C GLU D 24 54.74 40.82 12.66
N LYS D 25 54.83 41.99 12.03
CA LYS D 25 54.50 43.23 12.74
C LYS D 25 53.00 43.45 12.89
N LYS D 26 52.19 42.79 12.07
CA LYS D 26 50.74 42.94 12.13
C LYS D 26 50.09 41.92 13.05
N HIS D 27 50.60 40.69 13.09
CA HIS D 27 50.07 39.68 14.00
C HIS D 27 51.11 38.60 14.19
N LEU D 28 50.72 37.53 14.88
CA LEU D 28 51.59 36.42 15.28
C LEU D 28 52.98 36.89 15.67
N TRP D 29 53.01 37.85 16.60
CA TRP D 29 54.27 38.43 17.06
C TRP D 29 55.16 37.37 17.70
N ASP D 30 56.46 37.46 17.43
CA ASP D 30 57.42 36.58 18.07
C ASP D 30 57.92 37.12 19.40
N GLN D 31 58.04 38.44 19.53
CA GLN D 31 58.54 39.01 20.78
C GLN D 31 57.56 38.79 21.92
N LYS D 32 56.26 38.83 21.65
CA LYS D 32 55.23 38.67 22.67
C LYS D 32 54.81 37.22 22.86
N SER D 33 54.99 36.38 21.85
CA SER D 33 54.84 34.94 22.03
C SER D 33 55.91 34.36 22.94
N LEU D 34 56.99 35.10 23.17
CA LEU D 34 58.03 34.71 24.12
C LEU D 34 57.70 35.11 25.55
N ALA D 35 56.45 35.45 25.84
CA ALA D 35 56.00 35.77 27.18
C ALA D 35 54.77 34.93 27.52
N ALA D 36 54.69 34.51 28.78
CA ALA D 36 53.65 33.59 29.21
C ALA D 36 52.28 34.26 29.15
N LEU D 37 51.28 33.51 28.67
CA LEU D 37 49.92 34.05 28.58
C LEU D 37 49.16 33.46 27.40
N LYS D 38 49.03 32.12 27.38
CA LYS D 38 48.29 31.47 26.30
C LYS D 38 46.79 31.74 26.42
N LYS D 39 46.28 31.91 27.65
CA LYS D 39 44.85 32.11 27.85
C LYS D 39 44.37 33.37 27.13
N SER D 40 44.87 34.53 27.56
CA SER D 40 44.69 35.78 26.83
C SER D 40 43.24 36.10 26.50
N ARG D 41 42.83 35.77 25.28
CA ARG D 41 41.50 36.15 24.80
C ARG D 41 40.39 35.56 25.66
N SER D 42 40.60 34.34 26.19
CA SER D 42 39.65 33.69 27.08
C SER D 42 38.28 33.51 26.42
N LYS D 43 38.26 33.35 25.11
CA LYS D 43 37.03 33.15 24.37
C LYS D 43 36.66 31.67 24.23
N GLY D 44 37.48 30.77 24.77
CA GLY D 44 37.19 29.35 24.75
C GLY D 44 38.29 28.49 24.17
N LYS D 45 39.07 29.04 23.22
CA LYS D 45 40.14 28.27 22.57
C LYS D 45 41.42 29.08 22.46
N GLN D 46 41.71 29.92 23.46
CA GLN D 46 42.88 30.79 23.41
C GLN D 46 42.49 32.19 22.98
N ASN D 47 43.44 32.92 22.37
CA ASN D 47 43.22 34.31 22.01
C ASN D 47 42.19 34.40 20.89
N ARG D 48 41.00 34.92 21.21
CA ARG D 48 39.91 35.09 20.27
C ARG D 48 39.67 33.83 19.43
N PRO D 49 39.20 32.74 20.07
CA PRO D 49 39.19 31.41 19.45
C PRO D 49 39.99 31.22 18.16
N TYR D 50 41.30 31.42 18.22
CA TYR D 50 42.19 31.09 17.12
C TYR D 50 43.60 30.89 17.65
N ASN D 51 44.44 30.32 16.80
CA ASN D 51 45.86 30.13 17.04
C ASN D 51 46.52 29.98 15.68
N HIS D 52 47.82 30.28 15.62
CA HIS D 52 48.56 30.24 14.35
C HIS D 52 49.79 29.36 14.47
N PRO D 53 49.62 28.04 14.51
CA PRO D 53 50.74 27.14 14.26
C PRO D 53 50.83 26.80 12.78
N GLU D 54 52.01 26.33 12.39
CA GLU D 54 52.36 25.90 11.04
C GLU D 54 52.42 27.05 10.04
N LEU D 55 52.02 28.27 10.43
CA LEU D 55 52.30 29.48 9.67
C LEU D 55 53.39 30.31 10.29
N GLN D 56 53.40 30.41 11.63
CA GLN D 56 54.48 31.11 12.32
C GLN D 56 55.82 30.43 12.04
N GLY D 57 55.83 29.10 11.98
CA GLY D 57 57.08 28.40 11.73
C GLY D 57 57.71 28.77 10.41
N ILE D 58 56.95 28.66 9.32
CA ILE D 58 57.51 28.94 8.01
C ILE D 58 57.74 30.44 7.81
N THR D 59 56.88 31.29 8.38
CA THR D 59 57.09 32.72 8.30
C THR D 59 58.26 33.19 9.16
N ARG D 60 58.72 32.37 10.09
CA ARG D 60 59.96 32.62 10.80
C ARG D 60 61.17 32.09 10.04
N ASN D 61 61.04 30.93 9.41
CA ASN D 61 62.16 30.36 8.67
C ASN D 61 62.52 31.21 7.46
N VAL D 62 61.51 31.68 6.71
CA VAL D 62 61.81 32.46 5.52
C VAL D 62 62.49 33.78 5.90
N VAL D 63 61.96 34.47 6.92
CA VAL D 63 62.56 35.72 7.33
C VAL D 63 63.94 35.50 7.95
N ASN D 64 64.15 34.36 8.63
CA ASN D 64 65.48 34.07 9.16
C ASN D 64 66.49 33.89 8.03
N TYR D 65 66.10 33.15 6.99
CA TYR D 65 67.00 32.96 5.86
C TYR D 65 67.31 34.28 5.16
N LEU D 66 66.30 35.12 4.96
CA LEU D 66 66.58 36.39 4.29
C LEU D 66 67.30 37.37 5.20
N SER D 67 67.19 37.21 6.52
CA SER D 67 67.79 38.16 7.45
C SER D 67 69.21 37.77 7.86
N ILE D 68 69.61 36.52 7.63
CA ILE D 68 71.04 36.24 7.75
C ILE D 68 71.78 37.05 6.69
N ASN D 69 73.04 37.36 6.97
CA ASN D 69 73.81 38.24 6.09
C ASN D 69 73.83 37.70 4.67
N LYS D 70 73.73 38.60 3.70
CA LYS D 70 73.89 38.20 2.32
C LYS D 70 75.27 37.61 2.12
N ASN D 71 75.32 36.40 1.56
CA ASN D 71 76.54 35.63 1.54
C ASN D 71 77.48 36.04 0.41
N PHE D 72 77.84 37.32 0.35
CA PHE D 72 78.92 37.73 -0.54
C PHE D 72 80.28 37.37 0.05
N ILE D 73 80.43 37.49 1.38
CA ILE D 73 81.64 37.11 2.07
C ILE D 73 81.25 36.20 3.23
N ASN D 74 82.17 35.30 3.60
CA ASN D 74 81.94 34.37 4.69
C ASN D 74 81.74 35.11 6.02
N GLU D 91 78.14 43.04 6.90
CA GLU D 91 77.90 43.16 8.34
C GLU D 91 76.43 43.41 8.63
N LYS D 92 75.72 44.00 7.67
CA LYS D 92 74.30 44.24 7.82
C LYS D 92 73.51 42.98 7.51
N SER D 93 72.18 43.08 7.63
CA SER D 93 71.33 41.93 7.35
C SER D 93 71.40 41.53 5.88
N GLY D 94 71.36 42.51 4.99
CA GLY D 94 71.49 42.24 3.57
C GLY D 94 70.33 42.74 2.73
N ILE D 95 69.13 42.63 3.28
CA ILE D 95 67.93 43.08 2.57
C ILE D 95 67.12 44.08 3.38
N SER D 96 67.29 44.16 4.70
CA SER D 96 66.40 44.96 5.52
C SER D 96 66.57 46.45 5.27
N LYS D 97 67.81 46.93 5.29
CA LYS D 97 68.04 48.37 5.29
C LYS D 97 67.73 49.03 3.95
N MET D 98 67.71 48.27 2.86
CA MET D 98 67.29 48.86 1.59
C MET D 98 65.80 49.18 1.64
N SER D 99 65.44 50.27 0.99
CA SER D 99 64.07 50.76 0.99
C SER D 99 63.50 50.68 -0.41
N ASP D 100 62.24 51.11 -0.54
CA ASP D 100 61.59 51.13 -1.84
C ASP D 100 62.33 52.06 -2.79
N GLU D 101 62.76 53.22 -2.30
CA GLU D 101 63.52 54.13 -3.16
C GLU D 101 64.95 53.64 -3.37
N SER D 102 65.51 52.91 -2.41
CA SER D 102 66.83 52.31 -2.61
C SER D 102 66.81 51.28 -3.74
N PHE D 103 65.63 50.77 -4.08
CA PHE D 103 65.48 49.89 -5.24
C PHE D 103 64.96 50.65 -6.46
N ALA D 104 64.26 51.75 -6.25
CA ALA D 104 63.75 52.54 -7.37
C ALA D 104 64.85 53.32 -8.07
N GLU D 105 65.85 53.79 -7.32
CA GLU D 105 66.92 54.59 -7.91
C GLU D 105 67.79 53.79 -8.86
N LEU D 106 67.67 52.46 -8.87
CA LEU D 106 68.48 51.61 -9.72
C LEU D 106 67.90 51.41 -11.11
N MET D 107 66.77 52.05 -11.42
CA MET D 107 66.09 51.82 -12.70
C MET D 107 66.97 52.20 -13.89
N THR D 108 67.62 53.38 -13.81
CA THR D 108 68.35 53.94 -14.93
C THR D 108 69.60 53.16 -15.30
N LYS D 109 70.01 52.20 -14.47
CA LYS D 109 71.06 51.25 -14.79
C LYS D 109 70.55 49.84 -15.03
N LEU D 110 69.50 49.43 -14.30
CA LEU D 110 68.92 48.12 -14.49
C LEU D 110 68.39 47.96 -15.91
N ASN D 111 67.77 49.02 -16.44
CA ASN D 111 67.37 48.98 -17.84
C ASN D 111 68.49 49.42 -18.77
N SER D 112 69.58 49.98 -18.25
CA SER D 112 70.74 50.29 -19.06
C SER D 112 71.46 49.02 -19.51
N PHE D 113 71.71 48.10 -18.57
CA PHE D 113 72.30 46.81 -18.93
C PHE D 113 71.27 45.95 -19.65
N LYS D 114 71.78 45.07 -20.53
CA LYS D 114 70.94 44.19 -21.32
C LYS D 114 71.28 42.73 -21.00
N LEU D 115 70.23 41.93 -20.81
CA LEU D 115 70.38 40.49 -20.60
C LEU D 115 69.40 39.65 -21.40
N PHE D 116 68.25 40.21 -21.80
CA PHE D 116 67.22 39.47 -22.53
C PHE D 116 66.79 38.21 -21.77
N LYS D 117 66.59 38.37 -20.47
CA LYS D 117 66.30 37.25 -19.59
C LYS D 117 65.82 37.79 -18.24
N ALA D 118 64.86 37.07 -17.63
CA ALA D 118 64.31 37.46 -16.33
C ALA D 118 65.27 37.23 -15.17
N GLU D 119 66.53 36.91 -15.45
CA GLU D 119 67.53 36.65 -14.42
C GLU D 119 67.93 37.90 -13.66
N LYS D 120 67.18 39.00 -13.78
CA LYS D 120 67.33 40.10 -12.85
C LYS D 120 67.18 39.63 -11.41
N LEU D 121 66.25 38.69 -11.17
CA LEU D 121 65.96 38.28 -9.79
C LEU D 121 67.11 37.52 -9.14
N GLN D 122 67.96 36.87 -9.94
CA GLN D 122 69.08 36.14 -9.37
C GLN D 122 70.06 37.07 -8.66
N ILE D 123 70.36 38.22 -9.28
CA ILE D 123 71.39 39.12 -8.74
C ILE D 123 70.83 40.17 -7.79
N VAL D 124 69.50 40.26 -7.63
CA VAL D 124 68.94 41.27 -6.74
C VAL D 124 68.93 40.84 -5.29
N ASN D 125 69.35 39.62 -4.97
CA ASN D 125 69.45 39.21 -3.56
C ASN D 125 70.71 38.44 -3.20
N GLN D 126 71.49 37.92 -4.15
CA GLN D 126 72.58 37.03 -3.76
C GLN D 126 73.74 37.14 -4.75
N LEU D 127 74.85 36.51 -4.36
CA LEU D 127 76.05 36.32 -5.15
C LEU D 127 76.75 37.62 -5.56
N PRO D 128 77.04 38.55 -4.64
CA PRO D 128 77.88 39.69 -5.01
C PRO D 128 79.36 39.43 -4.76
N ALA D 129 80.20 40.41 -5.12
CA ALA D 129 81.63 40.40 -4.82
C ALA D 129 82.36 39.22 -5.47
N ASN D 130 81.95 38.84 -6.68
CA ASN D 130 82.68 37.83 -7.44
C ASN D 130 82.17 37.81 -8.88
N MET D 131 83.10 37.71 -9.83
CA MET D 131 82.71 37.58 -11.24
C MET D 131 82.09 36.22 -11.51
N VAL D 132 82.65 35.16 -10.92
CA VAL D 132 82.22 33.80 -11.25
C VAL D 132 80.79 33.56 -10.80
N HIS D 133 80.35 34.25 -9.75
CA HIS D 133 78.95 34.15 -9.32
C HIS D 133 78.02 34.52 -10.46
N LEU D 134 78.23 35.69 -11.07
CA LEU D 134 77.45 36.08 -12.24
C LEU D 134 77.75 35.17 -13.42
N TYR D 135 78.96 34.61 -13.50
CA TYR D 135 79.29 33.67 -14.56
C TYR D 135 78.46 32.39 -14.46
N SER D 136 77.89 32.11 -13.28
CA SER D 136 76.89 31.07 -13.14
C SER D 136 75.47 31.60 -13.23
N ILE D 137 75.26 32.86 -12.84
CA ILE D 137 73.94 33.48 -12.92
C ILE D 137 73.46 33.56 -14.36
N VAL D 138 74.31 34.08 -15.24
CA VAL D 138 74.04 34.09 -16.67
C VAL D 138 74.97 33.07 -17.33
N GLU D 139 74.38 32.04 -17.91
CA GLU D 139 75.15 31.07 -18.67
C GLU D 139 75.81 31.76 -19.86
N GLU D 140 77.08 31.43 -20.09
CA GLU D 140 77.87 32.04 -21.17
C GLU D 140 77.86 33.55 -21.11
N CYS D 141 78.15 34.12 -19.94
CA CYS D 141 78.34 35.56 -19.88
C CYS D 141 79.55 35.98 -20.69
N ASP D 142 80.66 35.24 -20.58
CA ASP D 142 81.90 35.62 -21.26
C ASP D 142 81.71 35.63 -22.77
N ALA D 143 81.03 34.62 -23.32
CA ALA D 143 80.80 34.57 -24.75
C ALA D 143 79.94 35.75 -25.20
N ARG D 144 78.90 36.07 -24.43
CA ARG D 144 78.05 37.21 -24.77
C ARG D 144 78.79 38.53 -24.55
N PHE D 145 79.42 38.70 -23.38
CA PHE D 145 80.13 39.94 -23.11
C PHE D 145 81.12 39.74 -21.98
N ASP D 146 82.41 39.95 -22.26
CA ASP D 146 83.46 39.92 -21.26
C ASP D 146 84.49 41.03 -21.50
N GLU D 147 84.04 42.19 -21.99
CA GLU D 147 84.98 43.22 -22.43
C GLU D 147 85.28 44.24 -21.32
N LYS D 148 84.28 45.03 -20.93
CA LYS D 148 84.48 46.02 -19.88
C LYS D 148 83.36 45.95 -18.85
N THR D 149 82.16 45.58 -19.31
CA THR D 149 80.99 45.56 -18.44
C THR D 149 80.95 44.30 -17.58
N ILE D 150 82.05 44.01 -16.90
CA ILE D 150 82.11 42.88 -15.98
C ILE D 150 82.49 43.30 -14.57
N GLU D 151 82.85 44.56 -14.36
CA GLU D 151 83.19 45.08 -13.04
C GLU D 151 82.23 46.16 -12.55
N GLU D 152 81.69 46.97 -13.46
CA GLU D 152 80.76 48.03 -13.03
C GLU D 152 79.49 47.42 -12.43
N MET D 153 78.97 46.35 -13.04
CA MET D 153 77.79 45.69 -12.48
C MET D 153 78.08 45.15 -11.09
N LEU D 154 79.28 44.58 -10.91
CA LEU D 154 79.68 44.08 -9.60
C LEU D 154 79.73 45.21 -8.58
N GLU D 155 80.31 46.35 -8.97
CA GLU D 155 80.37 47.49 -8.06
C GLU D 155 78.98 47.98 -7.71
N ILE D 156 78.07 47.99 -8.67
CA ILE D 156 76.70 48.41 -8.41
C ILE D 156 76.04 47.48 -7.41
N ILE D 157 76.11 46.17 -7.67
CA ILE D 157 75.38 45.22 -6.84
C ILE D 157 75.97 45.16 -5.44
N SER D 158 77.29 45.31 -5.30
CA SER D 158 77.90 45.35 -3.98
C SER D 158 77.77 46.72 -3.32
N GLY D 159 77.11 47.68 -3.97
CA GLY D 159 76.98 49.01 -3.41
C GLY D 159 76.26 49.01 -2.07
N TYR D 160 75.26 48.14 -1.90
CA TYR D 160 74.62 48.01 -0.60
C TYR D 160 75.61 47.52 0.46
N ALA D 161 76.47 46.58 0.10
CA ALA D 161 77.44 46.02 1.02
C ALA D 161 78.54 47.03 1.36
N MET E 1 -36.19 3.70 -52.15
CA MET E 1 -36.08 4.42 -50.89
C MET E 1 -35.81 5.90 -51.09
N ASP E 2 -36.53 6.74 -50.35
CA ASP E 2 -36.29 8.17 -50.34
C ASP E 2 -35.81 8.70 -48.99
N GLN E 3 -36.12 8.00 -47.89
CA GLN E 3 -35.65 8.44 -46.58
C GLN E 3 -34.14 8.38 -46.49
N GLU E 4 -33.54 7.27 -46.95
CA GLU E 4 -32.08 7.15 -46.92
C GLU E 4 -31.42 8.17 -47.83
N ASN E 5 -32.02 8.42 -49.00
CA ASN E 5 -31.50 9.46 -49.89
C ASN E 5 -31.53 10.83 -49.21
N GLU E 6 -32.66 11.17 -48.59
CA GLU E 6 -32.77 12.47 -47.92
C GLU E 6 -31.78 12.59 -46.77
N ARG E 7 -31.61 11.51 -46.00
CA ARG E 7 -30.67 11.53 -44.89
C ARG E 7 -29.24 11.71 -45.37
N ASN E 8 -28.86 11.01 -46.44
CA ASN E 8 -27.51 11.16 -46.98
C ASN E 8 -27.32 12.56 -47.55
N ILE E 9 -28.36 13.13 -48.15
CA ILE E 9 -28.26 14.49 -48.67
C ILE E 9 -27.99 15.46 -47.54
N SER E 10 -28.76 15.35 -46.45
CA SER E 10 -28.57 16.25 -45.32
C SER E 10 -27.20 16.07 -44.70
N ARG E 11 -26.76 14.81 -44.52
CA ARG E 11 -25.48 14.56 -43.89
C ARG E 11 -24.33 15.10 -44.73
N LEU E 12 -24.40 14.93 -46.05
CA LEU E 12 -23.36 15.47 -46.91
C LEU E 12 -23.38 16.99 -46.92
N TRP E 13 -24.58 17.59 -46.88
CA TRP E 13 -24.66 19.04 -46.79
C TRP E 13 -24.01 19.56 -45.52
N ARG E 14 -24.28 18.90 -44.39
CA ARG E 14 -23.66 19.31 -43.14
C ARG E 14 -22.16 19.11 -43.17
N ALA E 15 -21.68 18.01 -43.77
CA ALA E 15 -20.24 17.80 -43.86
C ALA E 15 -19.58 18.85 -44.76
N PHE E 16 -20.24 19.22 -45.85
CA PHE E 16 -19.72 20.28 -46.70
C PHE E 16 -19.63 21.59 -45.93
N ARG E 17 -20.65 21.90 -45.13
CA ARG E 17 -20.60 23.09 -44.30
C ARG E 17 -19.45 23.02 -43.30
N THR E 18 -19.26 21.86 -42.67
CA THR E 18 -18.16 21.69 -41.75
C THR E 18 -16.82 21.95 -42.42
N VAL E 19 -16.62 21.43 -43.62
CA VAL E 19 -15.35 21.64 -44.31
C VAL E 19 -15.21 23.10 -44.73
N LYS E 20 -16.33 23.75 -45.06
CA LYS E 20 -16.28 25.17 -45.38
C LYS E 20 -15.81 25.99 -44.18
N GLU E 21 -16.39 25.73 -43.01
CA GLU E 21 -15.95 26.41 -41.79
C GLU E 21 -14.50 26.08 -41.47
N MET E 22 -14.10 24.83 -41.64
CA MET E 22 -12.76 24.40 -41.28
C MET E 22 -11.72 25.05 -42.19
N VAL E 23 -12.04 25.23 -43.46
CA VAL E 23 -11.18 25.99 -44.35
C VAL E 23 -11.19 27.47 -43.96
N LYS E 24 -12.36 27.98 -43.55
CA LYS E 24 -12.47 29.40 -43.21
C LYS E 24 -11.60 29.77 -42.01
N ASP E 25 -11.54 28.91 -41.01
CA ASP E 25 -10.71 29.25 -39.85
C ASP E 25 -9.30 28.68 -39.91
N ARG E 26 -9.03 27.71 -40.79
CA ARG E 26 -7.65 27.41 -41.11
C ARG E 26 -7.00 28.53 -41.91
N GLY E 27 -7.79 29.46 -42.43
CA GLY E 27 -7.36 30.70 -43.03
C GLY E 27 -7.32 30.63 -44.53
N TYR E 28 -8.40 31.04 -45.18
CA TYR E 28 -8.59 30.95 -46.62
C TYR E 28 -9.82 31.78 -46.97
N PHE E 29 -9.90 32.21 -48.23
CA PHE E 29 -10.99 33.08 -48.65
C PHE E 29 -12.24 32.23 -48.85
N ILE E 30 -13.00 32.08 -47.76
CA ILE E 30 -14.31 31.46 -47.78
C ILE E 30 -15.26 32.37 -47.03
N THR E 31 -16.32 32.82 -47.69
CA THR E 31 -17.21 33.81 -47.13
C THR E 31 -18.50 33.18 -46.64
N GLN E 32 -19.22 33.94 -45.81
CA GLN E 32 -20.46 33.44 -45.23
C GLN E 32 -21.48 33.03 -46.28
N GLU E 33 -21.41 33.60 -47.48
CA GLU E 33 -22.31 33.16 -48.54
C GLU E 33 -22.12 31.69 -48.86
N GLU E 34 -20.88 31.27 -49.13
CA GLU E 34 -20.62 29.89 -49.47
C GLU E 34 -20.49 29.00 -48.24
N VAL E 35 -20.48 29.59 -47.04
CA VAL E 35 -20.58 28.77 -45.83
C VAL E 35 -22.03 28.42 -45.57
N GLU E 36 -22.90 29.42 -45.43
CA GLU E 36 -24.32 29.20 -45.20
C GLU E 36 -24.96 28.77 -46.51
N LEU E 37 -25.34 27.51 -46.60
CA LEU E 37 -25.97 26.96 -47.81
C LEU E 37 -27.14 26.10 -47.36
N PRO E 38 -28.37 26.46 -47.70
CA PRO E 38 -29.52 25.64 -47.28
C PRO E 38 -29.49 24.27 -47.94
N LEU E 39 -30.26 23.35 -47.36
CA LEU E 39 -30.31 21.99 -47.90
C LEU E 39 -30.90 21.99 -49.32
N GLU E 40 -31.93 22.82 -49.55
CA GLU E 40 -32.52 22.90 -50.88
C GLU E 40 -31.53 23.47 -51.89
N ASP E 41 -30.74 24.48 -51.49
CA ASP E 41 -29.73 25.04 -52.39
C ASP E 41 -28.63 24.03 -52.68
N PHE E 42 -28.20 23.30 -51.65
CA PHE E 42 -27.19 22.27 -51.84
C PHE E 42 -27.69 21.19 -52.79
N LYS E 43 -28.96 20.80 -52.68
CA LYS E 43 -29.53 19.86 -53.64
C LYS E 43 -29.58 20.46 -55.03
N ALA E 44 -29.97 21.74 -55.12
CA ALA E 44 -30.09 22.40 -56.42
C ALA E 44 -28.76 22.43 -57.15
N LYS E 45 -27.65 22.46 -56.41
CA LYS E 45 -26.33 22.46 -57.05
C LYS E 45 -25.75 21.06 -57.21
N TYR E 46 -25.49 20.38 -56.10
CA TYR E 46 -24.66 19.17 -56.08
C TYR E 46 -25.48 17.88 -56.08
N CYS E 47 -26.40 17.73 -57.04
CA CYS E 47 -27.20 16.51 -57.15
C CYS E 47 -27.63 16.32 -58.59
N ASP E 48 -28.06 15.10 -58.91
CA ASP E 48 -28.69 14.79 -60.18
C ASP E 48 -30.19 14.60 -59.98
N SER E 49 -30.90 14.37 -61.09
CA SER E 49 -32.36 14.30 -61.04
C SER E 49 -32.85 13.05 -60.31
N MET E 50 -31.99 12.05 -60.10
CA MET E 50 -32.38 10.91 -59.27
C MET E 50 -32.19 11.17 -57.78
N GLY E 51 -31.44 12.20 -57.41
CA GLY E 51 -31.24 12.54 -56.02
C GLY E 51 -29.99 11.98 -55.39
N ARG E 52 -29.22 11.17 -56.12
CA ARG E 52 -27.99 10.61 -55.55
C ARG E 52 -26.93 11.70 -55.46
N PRO E 53 -26.42 12.02 -54.27
CA PRO E 53 -25.45 13.10 -54.15
C PRO E 53 -24.13 12.74 -54.83
N GLN E 54 -23.69 13.62 -55.73
CA GLN E 54 -22.41 13.47 -56.40
C GLN E 54 -21.32 14.11 -55.55
N ARG E 55 -20.13 13.53 -55.63
CA ARG E 55 -19.00 13.99 -54.83
C ARG E 55 -17.82 14.37 -55.72
N LYS E 56 -18.10 14.76 -56.95
CA LYS E 56 -17.07 15.10 -57.92
C LYS E 56 -16.88 16.60 -58.08
N MET E 57 -17.94 17.35 -58.36
CA MET E 57 -17.80 18.77 -58.55
C MET E 57 -18.02 19.57 -57.27
N MET E 58 -18.29 18.90 -56.15
CA MET E 58 -18.35 19.60 -54.88
C MET E 58 -16.97 20.10 -54.47
N SER E 59 -15.92 19.40 -54.90
CA SER E 59 -14.56 19.79 -54.59
C SER E 59 -14.28 21.21 -55.05
N PHE E 60 -13.67 22.01 -54.19
CA PHE E 60 -13.39 23.41 -54.48
C PHE E 60 -11.96 23.72 -54.09
N GLN E 61 -11.42 24.77 -54.68
CA GLN E 61 -10.10 25.28 -54.33
C GLN E 61 -10.26 26.62 -53.63
N ALA E 62 -9.61 26.77 -52.48
CA ALA E 62 -9.59 28.02 -51.74
C ALA E 62 -8.15 28.45 -51.54
N ASN E 63 -7.96 29.75 -51.39
CA ASN E 63 -6.64 30.36 -51.29
C ASN E 63 -6.53 31.18 -50.02
N PRO E 64 -5.31 31.34 -49.49
CA PRO E 64 -5.16 32.12 -48.25
C PRO E 64 -5.58 33.56 -48.44
N THR E 65 -6.05 34.16 -47.35
CA THR E 65 -6.44 35.57 -47.36
C THR E 65 -5.25 36.47 -47.11
N GLU E 66 -5.47 37.77 -47.28
CA GLU E 66 -4.41 38.75 -47.07
C GLU E 66 -3.91 38.74 -45.62
N GLU E 67 -4.83 38.71 -44.66
CA GLU E 67 -4.45 38.64 -43.26
C GLU E 67 -3.72 37.33 -42.98
N SER E 68 -4.28 36.22 -43.47
CA SER E 68 -3.66 34.91 -43.25
C SER E 68 -2.28 34.84 -43.87
N ILE E 69 -2.12 35.32 -45.10
CA ILE E 69 -0.83 35.27 -45.77
C ILE E 69 0.16 36.20 -45.08
N SER E 70 -0.31 37.34 -44.55
CA SER E 70 0.55 38.23 -43.79
C SER E 70 1.09 37.54 -42.55
N LYS E 71 0.23 36.81 -41.85
CA LYS E 71 0.70 36.00 -40.73
C LYS E 71 1.69 34.93 -41.20
N PHE E 72 1.21 34.00 -42.02
CA PHE E 72 2.02 32.88 -42.53
C PHE E 72 2.29 33.13 -44.00
N PRO E 73 3.53 33.46 -44.38
CA PRO E 73 3.80 33.73 -45.80
C PRO E 73 3.80 32.47 -46.67
N ASP E 74 4.27 31.35 -46.15
CA ASP E 74 4.43 30.14 -46.95
C ASP E 74 3.18 29.26 -46.88
N MET E 75 2.03 29.87 -47.10
CA MET E 75 0.80 29.10 -47.23
C MET E 75 0.20 29.36 -48.60
N GLY E 76 -0.16 28.29 -49.29
CA GLY E 76 -0.71 28.40 -50.62
C GLY E 76 -2.11 27.85 -50.71
N SER E 77 -2.54 27.50 -51.91
CA SER E 77 -3.92 27.10 -52.13
C SER E 77 -4.23 25.80 -51.42
N LEU E 78 -5.51 25.60 -51.13
CA LEU E 78 -6.02 24.37 -50.55
C LEU E 78 -6.99 23.74 -51.52
N TRP E 79 -6.83 22.44 -51.75
CA TRP E 79 -7.72 21.66 -52.61
C TRP E 79 -8.29 20.52 -51.80
N VAL E 80 -9.62 20.45 -51.70
CA VAL E 80 -10.30 19.43 -50.92
C VAL E 80 -11.12 18.58 -51.88
N GLU E 81 -10.82 17.28 -51.93
CA GLU E 81 -11.46 16.36 -52.84
C GLU E 81 -12.22 15.30 -52.06
N PHE E 82 -13.48 15.08 -52.44
CA PHE E 82 -14.34 14.08 -51.83
C PHE E 82 -14.25 12.77 -52.60
N CYS E 83 -14.40 11.66 -51.88
CA CYS E 83 -14.42 10.33 -52.46
C CYS E 83 -15.84 9.76 -52.40
N ASP E 84 -16.06 8.67 -53.16
CA ASP E 84 -17.42 8.13 -53.29
C ASP E 84 -17.46 6.60 -53.23
N GLU E 85 -16.65 5.97 -52.38
CA GLU E 85 -16.65 4.53 -52.24
C GLU E 85 -16.66 4.13 -50.78
N PRO E 86 -17.18 2.94 -50.45
CA PRO E 86 -17.11 2.47 -49.05
C PRO E 86 -15.67 2.41 -48.57
N SER E 87 -14.86 1.64 -49.28
CA SER E 87 -13.42 1.62 -49.07
C SER E 87 -12.77 2.07 -50.38
N VAL E 88 -11.92 3.09 -50.31
CA VAL E 88 -11.28 3.64 -51.49
C VAL E 88 -10.09 2.78 -51.86
N GLY E 89 -9.52 3.01 -53.05
CA GLY E 89 -8.50 2.16 -53.60
C GLY E 89 -7.15 2.84 -53.81
N VAL E 90 -6.19 2.04 -54.25
CA VAL E 90 -4.83 2.51 -54.47
C VAL E 90 -4.75 3.42 -55.70
N LYS E 91 -5.58 3.16 -56.73
CA LYS E 91 -5.48 3.93 -57.95
C LYS E 91 -5.93 5.37 -57.74
N THR E 92 -7.11 5.56 -57.13
CA THR E 92 -7.64 6.90 -56.91
C THR E 92 -6.72 7.72 -56.01
N MET E 93 -6.07 7.06 -55.05
CA MET E 93 -5.12 7.77 -54.20
C MET E 93 -3.96 8.32 -55.02
N LYS E 94 -3.43 7.51 -55.94
CA LYS E 94 -2.36 8.00 -56.81
C LYS E 94 -2.85 9.13 -57.69
N THR E 95 -4.06 9.01 -58.23
CA THR E 95 -4.59 10.07 -59.08
C THR E 95 -4.66 11.39 -58.32
N PHE E 96 -5.23 11.36 -57.10
CA PHE E 96 -5.37 12.59 -56.35
C PHE E 96 -4.02 13.14 -55.90
N VAL E 97 -3.09 12.26 -55.49
CA VAL E 97 -1.77 12.72 -55.09
C VAL E 97 -1.07 13.43 -56.25
N ILE E 98 -1.09 12.80 -57.44
CA ILE E 98 -0.48 13.41 -58.61
C ILE E 98 -1.19 14.71 -58.96
N HIS E 99 -2.51 14.74 -58.82
CA HIS E 99 -3.28 15.94 -59.09
C HIS E 99 -2.82 17.09 -58.19
N ILE E 100 -2.70 16.83 -56.89
CA ILE E 100 -2.24 17.86 -55.96
C ILE E 100 -0.84 18.32 -56.33
N GLN E 101 0.05 17.36 -56.60
CA GLN E 101 1.44 17.70 -56.89
C GLN E 101 1.55 18.54 -58.16
N GLU E 102 0.81 18.19 -59.21
CA GLU E 102 0.91 18.91 -60.47
C GLU E 102 0.19 20.25 -60.43
N LYS E 103 -0.94 20.36 -59.72
CA LYS E 103 -1.57 21.64 -59.52
C LYS E 103 -0.81 22.52 -58.55
N ASN E 104 0.20 21.96 -57.86
CA ASN E 104 1.12 22.72 -57.03
C ASN E 104 0.39 23.35 -55.84
N PHE E 105 -0.28 22.48 -55.09
CA PHE E 105 -0.99 22.87 -53.87
C PHE E 105 -0.14 22.54 -52.67
N GLN E 106 -0.12 23.46 -51.69
CA GLN E 106 0.66 23.23 -50.49
C GLN E 106 0.16 22.04 -49.69
N THR E 107 -1.14 21.77 -49.73
CA THR E 107 -1.69 20.59 -49.08
C THR E 107 -3.03 20.26 -49.72
N GLY E 108 -3.48 19.03 -49.48
CA GLY E 108 -4.75 18.58 -50.01
C GLY E 108 -5.56 17.79 -48.99
N ILE E 109 -6.88 17.97 -49.01
CA ILE E 109 -7.77 17.36 -48.04
C ILE E 109 -8.50 16.22 -48.73
N PHE E 110 -8.30 15.00 -48.26
CA PHE E 110 -8.97 13.82 -48.81
C PHE E 110 -10.08 13.40 -47.86
N VAL E 111 -11.31 13.41 -48.34
CA VAL E 111 -12.47 13.04 -47.54
C VAL E 111 -13.06 11.78 -48.15
N TYR E 112 -13.02 10.68 -47.41
CA TYR E 112 -13.59 9.43 -47.89
C TYR E 112 -14.93 9.18 -47.22
N GLN E 113 -15.70 8.25 -47.79
CA GLN E 113 -17.05 8.02 -47.29
C GLN E 113 -17.05 7.15 -46.05
N ASN E 114 -16.60 5.92 -46.16
CA ASN E 114 -16.70 4.97 -45.05
C ASN E 114 -15.35 4.61 -44.45
N ASN E 115 -14.41 4.10 -45.24
CA ASN E 115 -13.11 3.71 -44.70
C ASN E 115 -12.07 3.75 -45.82
N ILE E 116 -10.82 3.56 -45.44
CA ILE E 116 -9.69 3.57 -46.36
C ILE E 116 -8.85 2.31 -46.12
N THR E 117 -8.07 1.96 -47.15
CA THR E 117 -7.23 0.78 -47.25
C THR E 117 -6.06 0.84 -46.26
N PRO E 118 -5.57 -0.32 -45.80
CA PRO E 118 -4.38 -0.32 -44.94
C PRO E 118 -3.11 0.10 -45.66
N SER E 119 -2.98 -0.23 -46.95
CA SER E 119 -1.80 0.17 -47.71
C SER E 119 -1.73 1.67 -47.91
N ALA E 120 -2.81 2.40 -47.62
CA ALA E 120 -2.82 3.85 -47.72
C ALA E 120 -1.94 4.51 -46.67
N MET E 121 -1.62 3.83 -45.57
CA MET E 121 -0.72 4.39 -44.58
C MET E 121 0.67 4.63 -45.15
N LYS E 122 1.07 3.81 -46.13
CA LYS E 122 2.41 3.89 -46.71
C LYS E 122 2.52 4.93 -47.82
N LEU E 123 1.42 5.25 -48.50
CA LEU E 123 1.47 6.10 -49.69
C LEU E 123 1.22 7.57 -49.41
N VAL E 124 0.42 7.88 -48.39
CA VAL E 124 0.05 9.26 -48.10
C VAL E 124 1.20 10.12 -47.60
N PRO E 125 2.23 9.60 -46.91
CA PRO E 125 3.33 10.48 -46.50
C PRO E 125 4.26 10.91 -47.63
N SER E 126 4.37 10.12 -48.70
CA SER E 126 5.40 10.34 -49.71
C SER E 126 5.06 11.51 -50.63
N ILE E 127 5.27 12.73 -50.14
CA ILE E 127 5.04 13.95 -50.93
C ILE E 127 5.83 15.08 -50.30
N PRO E 128 7.02 15.38 -50.81
CA PRO E 128 7.91 16.35 -50.15
C PRO E 128 7.30 17.75 -50.05
N PRO E 129 6.82 18.35 -51.14
CA PRO E 129 6.38 19.75 -51.04
C PRO E 129 5.05 19.93 -50.32
N ALA E 130 4.20 18.91 -50.27
CA ALA E 130 2.86 19.08 -49.76
C ALA E 130 2.56 18.13 -48.60
N THR E 131 1.31 18.07 -48.17
CA THR E 131 0.86 17.09 -47.21
C THR E 131 -0.62 16.84 -47.45
N ILE E 132 -1.05 15.60 -47.20
CA ILE E 132 -2.42 15.19 -47.49
C ILE E 132 -3.08 14.82 -46.17
N GLU E 133 -4.15 15.53 -45.83
CA GLU E 133 -4.93 15.26 -44.64
C GLU E 133 -6.17 14.47 -45.04
N THR E 134 -6.31 13.27 -44.50
CA THR E 134 -7.43 12.40 -44.82
C THR E 134 -8.42 12.42 -43.67
N PHE E 135 -9.70 12.59 -44.00
CA PHE E 135 -10.77 12.56 -43.01
C PHE E 135 -11.72 11.41 -43.30
N ASN E 136 -12.70 11.26 -42.42
CA ASN E 136 -13.86 10.41 -42.66
C ASN E 136 -15.07 11.33 -42.79
N GLU E 137 -15.88 11.09 -43.81
CA GLU E 137 -17.05 11.93 -44.05
C GLU E 137 -17.92 12.05 -42.80
N ALA E 138 -18.00 10.97 -42.01
CA ALA E 138 -18.70 11.05 -40.74
C ALA E 138 -17.96 11.91 -39.73
N ALA E 139 -16.63 11.86 -39.73
CA ALA E 139 -15.84 12.60 -38.75
C ALA E 139 -15.96 14.10 -38.91
N LEU E 140 -16.52 14.58 -40.03
CA LEU E 140 -16.83 15.99 -40.17
C LEU E 140 -18.31 16.20 -40.45
N VAL E 141 -19.17 15.41 -39.83
CA VAL E 141 -20.61 15.69 -39.91
C VAL E 141 -20.93 16.95 -39.12
N VAL E 142 -20.42 17.05 -37.90
CA VAL E 142 -20.56 18.26 -37.09
C VAL E 142 -19.17 18.62 -36.56
N ASN E 143 -18.76 19.86 -36.77
CA ASN E 143 -17.39 20.24 -36.44
C ASN E 143 -17.23 20.40 -34.94
N ILE E 144 -16.12 19.86 -34.42
CA ILE E 144 -15.90 19.83 -32.98
C ILE E 144 -15.62 21.20 -32.38
N THR E 145 -15.17 22.17 -33.18
CA THR E 145 -14.85 23.49 -32.65
C THR E 145 -16.08 24.31 -32.28
N HIS E 146 -17.29 23.85 -32.61
CA HIS E 146 -18.49 24.53 -32.18
C HIS E 146 -19.07 23.93 -30.90
N HIS E 147 -18.47 22.88 -30.37
CA HIS E 147 -18.97 22.24 -29.16
C HIS E 147 -18.68 23.10 -27.94
N GLU E 148 -19.59 23.05 -26.97
CA GLU E 148 -19.44 23.87 -25.77
C GLU E 148 -18.22 23.49 -24.96
N LEU E 149 -17.72 22.26 -25.10
CA LEU E 149 -16.57 21.80 -24.35
C LEU E 149 -15.24 22.16 -25.02
N VAL E 150 -15.24 22.53 -26.29
CA VAL E 150 -14.01 22.85 -27.01
C VAL E 150 -13.77 24.35 -26.86
N PRO E 151 -12.66 24.77 -26.28
CA PRO E 151 -12.31 26.19 -26.26
C PRO E 151 -11.52 26.59 -27.49
N LYS E 152 -11.49 27.90 -27.74
CA LYS E 152 -10.88 28.42 -28.96
C LYS E 152 -9.39 28.10 -28.99
N HIS E 153 -9.00 27.23 -29.92
CA HIS E 153 -7.60 26.99 -30.23
C HIS E 153 -7.20 27.93 -31.35
N ILE E 154 -6.05 28.58 -31.19
CA ILE E 154 -5.57 29.58 -32.14
C ILE E 154 -4.14 29.22 -32.52
N ARG E 155 -3.90 29.05 -33.82
CA ARG E 155 -2.56 28.72 -34.30
C ARG E 155 -1.67 29.95 -34.24
N LEU E 156 -0.46 29.77 -33.71
CA LEU E 156 0.50 30.85 -33.56
C LEU E 156 1.55 30.79 -34.66
N SER E 157 1.89 31.94 -35.23
CA SER E 157 2.94 32.00 -36.24
C SER E 157 4.28 31.63 -35.62
N SER E 158 5.29 31.53 -36.48
CA SER E 158 6.64 31.26 -35.99
C SER E 158 7.13 32.40 -35.10
N ASP E 159 6.86 33.64 -35.50
CA ASP E 159 7.25 34.79 -34.69
C ASP E 159 6.54 34.80 -33.36
N GLU E 160 5.24 34.47 -33.35
CA GLU E 160 4.49 34.40 -32.10
C GLU E 160 5.02 33.30 -31.19
N LYS E 161 5.34 32.14 -31.76
CA LYS E 161 5.94 31.07 -30.97
C LYS E 161 7.28 31.50 -30.38
N ARG E 162 8.09 32.18 -31.18
CA ARG E 162 9.39 32.65 -30.69
C ARG E 162 9.21 33.61 -29.53
N GLU E 163 8.26 34.55 -29.65
CA GLU E 163 8.03 35.49 -28.56
C GLU E 163 7.52 34.78 -27.31
N LEU E 164 6.60 33.83 -27.47
CA LEU E 164 6.09 33.09 -26.32
C LEU E 164 7.21 32.37 -25.60
N LEU E 165 8.01 31.60 -26.33
CA LEU E 165 9.10 30.86 -25.72
C LEU E 165 10.16 31.77 -25.14
N LYS E 166 10.25 33.02 -25.61
CA LYS E 166 11.20 33.98 -25.06
C LYS E 166 10.62 34.72 -23.86
N ARG E 167 9.34 35.06 -23.92
CA ARG E 167 8.68 35.74 -22.80
C ARG E 167 8.67 34.87 -21.56
N TYR E 168 8.42 33.58 -21.72
CA TYR E 168 8.46 32.63 -20.61
C TYR E 168 9.81 31.97 -20.42
N ARG E 169 10.76 32.23 -21.32
CA ARG E 169 12.12 31.70 -21.24
C ARG E 169 12.11 30.17 -21.21
N LEU E 170 11.37 29.59 -22.14
CA LEU E 170 11.19 28.15 -22.22
C LEU E 170 11.93 27.59 -23.42
N LYS E 171 11.90 26.27 -23.52
CA LYS E 171 12.24 25.54 -24.74
C LYS E 171 11.06 24.66 -25.09
N GLU E 172 10.90 24.37 -26.38
CA GLU E 172 9.68 23.73 -26.85
C GLU E 172 9.36 22.46 -26.09
N SER E 173 10.37 21.77 -25.56
CA SER E 173 10.13 20.54 -24.83
C SER E 173 9.37 20.79 -23.53
N GLN E 174 9.42 22.00 -23.00
CA GLN E 174 8.77 22.29 -21.73
C GLN E 174 7.31 22.69 -21.87
N LEU E 175 6.85 23.02 -23.07
CA LEU E 175 5.46 23.42 -23.25
C LEU E 175 4.54 22.21 -23.09
N PRO E 176 3.31 22.43 -22.65
CA PRO E 176 2.31 21.35 -22.71
C PRO E 176 2.09 20.91 -24.14
N ARG E 177 1.76 19.64 -24.31
CA ARG E 177 1.72 19.00 -25.61
C ARG E 177 0.28 18.75 -26.04
N ILE E 178 0.05 18.87 -27.34
CA ILE E 178 -1.18 18.43 -27.98
C ILE E 178 -0.81 17.39 -29.03
N GLN E 179 -1.50 16.26 -29.03
CA GLN E 179 -1.12 15.14 -29.87
C GLN E 179 -1.41 15.41 -31.33
N ARG E 180 -0.74 14.65 -32.19
CA ARG E 180 -1.17 14.54 -33.58
C ARG E 180 -2.31 13.54 -33.67
N ALA E 181 -3.32 13.89 -34.47
CA ALA E 181 -4.63 13.24 -34.51
C ALA E 181 -5.49 13.60 -33.31
N ASP E 182 -5.11 14.65 -32.57
CA ASP E 182 -6.06 15.28 -31.67
C ASP E 182 -7.16 15.93 -32.50
N PRO E 183 -8.43 15.64 -32.19
CA PRO E 183 -9.53 16.11 -33.05
C PRO E 183 -9.51 17.60 -33.36
N VAL E 184 -8.69 18.38 -32.67
CA VAL E 184 -8.59 19.82 -32.93
C VAL E 184 -7.28 20.10 -33.64
N ALA E 185 -6.26 19.28 -33.39
CA ALA E 185 -5.02 19.40 -34.15
C ALA E 185 -5.26 19.05 -35.61
N LEU E 186 -6.19 18.13 -35.87
CA LEU E 186 -6.54 17.79 -37.26
C LEU E 186 -7.38 18.88 -37.89
N TYR E 187 -8.33 19.44 -37.14
CA TYR E 187 -9.20 20.48 -37.68
C TYR E 187 -8.40 21.71 -38.08
N LEU E 188 -7.39 22.05 -37.30
CA LEU E 188 -6.57 23.22 -37.58
C LEU E 188 -5.38 22.90 -38.47
N GLY E 189 -5.18 21.64 -38.83
CA GLY E 189 -4.04 21.28 -39.66
C GLY E 189 -2.71 21.62 -39.03
N LEU E 190 -2.56 21.35 -37.74
CA LEU E 190 -1.31 21.64 -37.06
C LEU E 190 -0.23 20.65 -37.49
N LYS E 191 1.00 21.14 -37.61
CA LYS E 191 2.15 20.32 -37.91
C LYS E 191 2.99 20.17 -36.66
N ARG E 192 3.88 19.18 -36.67
CA ARG E 192 4.74 18.94 -35.52
C ARG E 192 5.54 20.18 -35.18
N GLY E 193 5.54 20.54 -33.90
CA GLY E 193 6.25 21.71 -33.42
C GLY E 193 5.46 22.99 -33.43
N GLU E 194 4.26 23.01 -33.98
CA GLU E 194 3.44 24.21 -33.99
C GLU E 194 2.84 24.46 -32.61
N VAL E 195 2.77 25.73 -32.23
CA VAL E 195 2.24 26.14 -30.94
C VAL E 195 0.86 26.75 -31.15
N VAL E 196 -0.12 26.26 -30.40
CA VAL E 196 -1.49 26.74 -30.47
C VAL E 196 -1.85 27.37 -29.12
N LYS E 197 -2.53 28.49 -29.16
CA LYS E 197 -2.94 29.22 -27.97
C LYS E 197 -4.41 28.91 -27.68
N ILE E 198 -4.69 28.40 -26.49
CA ILE E 198 -6.02 27.92 -26.13
C ILE E 198 -6.66 28.93 -25.19
N ILE E 199 -7.73 29.56 -25.64
CA ILE E 199 -8.48 30.53 -24.84
C ILE E 199 -9.55 29.72 -24.11
N ARG E 200 -9.21 29.22 -22.93
CA ARG E 200 -10.16 28.45 -22.17
C ARG E 200 -10.80 29.32 -21.10
N LYS E 201 -12.00 28.92 -20.69
CA LYS E 201 -12.80 29.67 -19.73
C LYS E 201 -13.06 28.81 -18.51
N SER E 202 -12.89 29.39 -17.34
CA SER E 202 -13.24 28.75 -16.07
C SER E 202 -14.40 29.50 -15.43
N GLU E 203 -14.80 29.02 -14.25
CA GLU E 203 -15.86 29.68 -13.50
C GLU E 203 -15.33 30.61 -12.43
N THR E 204 -14.24 30.25 -11.76
CA THR E 204 -13.67 31.06 -10.69
C THR E 204 -12.38 31.75 -11.12
N SER E 205 -12.05 31.74 -12.41
CA SER E 205 -10.88 32.48 -12.87
C SER E 205 -11.13 33.15 -14.21
N GLY E 206 -12.39 33.31 -14.63
CA GLY E 206 -12.70 34.05 -15.82
C GLY E 206 -12.09 33.44 -17.07
N ARG E 207 -11.69 34.32 -17.98
CA ARG E 207 -11.11 33.92 -19.26
C ARG E 207 -9.59 34.06 -19.19
N TYR E 208 -8.89 32.96 -19.39
CA TYR E 208 -7.44 32.95 -19.41
C TYR E 208 -6.98 32.11 -20.58
N ALA E 209 -5.66 32.10 -20.82
CA ALA E 209 -5.10 31.43 -21.97
C ALA E 209 -4.05 30.42 -21.55
N SER E 210 -4.07 29.26 -22.19
CA SER E 210 -3.00 28.28 -22.08
C SER E 210 -2.42 28.02 -23.45
N TYR E 211 -1.38 27.21 -23.50
CA TYR E 211 -0.67 26.92 -24.73
C TYR E 211 -0.35 25.45 -24.80
N ARG E 212 -0.33 24.92 -26.02
CA ARG E 212 0.13 23.56 -26.25
C ARG E 212 0.96 23.55 -27.52
N ILE E 213 1.87 22.59 -27.60
CA ILE E 213 2.72 22.42 -28.77
C ILE E 213 2.47 21.04 -29.34
N CYS E 214 2.45 20.95 -30.67
CA CYS E 214 2.03 19.72 -31.32
C CYS E 214 3.19 18.74 -31.41
N MET E 215 2.96 17.53 -30.93
CA MET E 215 3.96 16.46 -31.00
C MET E 215 3.48 15.33 -31.89
N GLU F 71 23.25 30.18 -15.61
CA GLU F 71 23.81 30.83 -14.44
C GLU F 71 24.12 32.30 -14.76
N LYS F 72 23.21 33.19 -14.41
CA LYS F 72 23.40 34.62 -14.58
C LYS F 72 22.61 35.36 -13.52
N ALA F 73 23.21 36.41 -12.95
CA ALA F 73 22.55 37.20 -11.92
C ALA F 73 21.76 38.34 -12.55
N ILE F 74 20.46 38.37 -12.30
CA ILE F 74 19.63 39.46 -12.82
C ILE F 74 19.89 40.72 -12.01
N PRO F 75 20.17 41.85 -12.64
CA PRO F 75 20.52 43.06 -11.88
C PRO F 75 19.37 43.55 -11.02
N LYS F 76 19.73 44.21 -9.91
CA LYS F 76 18.73 44.67 -8.95
C LYS F 76 17.74 45.65 -9.58
N ASP F 77 18.12 46.29 -10.70
CA ASP F 77 17.24 47.24 -11.35
C ASP F 77 15.97 46.56 -11.87
N GLN F 78 16.11 45.41 -12.50
CA GLN F 78 14.99 44.73 -13.14
C GLN F 78 14.81 43.36 -12.50
N ARG F 79 13.90 43.27 -11.54
CA ARG F 79 13.64 42.03 -10.83
C ARG F 79 12.17 41.72 -10.96
N ALA F 80 11.85 40.53 -11.46
CA ALA F 80 10.48 40.19 -11.78
C ALA F 80 9.73 39.51 -10.66
N THR F 81 10.43 38.93 -9.69
CA THR F 81 9.77 38.15 -8.66
C THR F 81 9.13 39.08 -7.63
N THR F 82 8.41 38.48 -6.69
CA THR F 82 7.63 39.24 -5.72
C THR F 82 8.55 40.04 -4.80
N PRO F 83 8.18 41.25 -4.46
CA PRO F 83 8.95 42.01 -3.46
C PRO F 83 8.52 41.67 -2.04
N TYR F 84 7.82 40.55 -1.88
CA TYR F 84 7.28 40.12 -0.60
C TYR F 84 7.92 38.82 -0.20
N MET F 85 8.40 38.75 1.05
CA MET F 85 8.96 37.52 1.57
C MET F 85 7.86 36.47 1.68
N THR F 86 8.10 35.30 1.11
CA THR F 86 7.09 34.25 1.19
C THR F 86 7.20 33.54 2.54
N LYS F 87 6.18 32.76 2.88
CA LYS F 87 6.20 32.05 4.15
C LYS F 87 7.38 31.10 4.22
N TYR F 88 7.70 30.45 3.10
CA TYR F 88 8.84 29.54 3.04
C TYR F 88 10.15 30.28 3.23
N GLU F 89 10.27 31.45 2.60
CA GLU F 89 11.50 32.24 2.79
C GLU F 89 11.64 32.70 4.22
N ARG F 90 10.54 33.07 4.86
CA ARG F 90 10.61 33.48 6.26
C ARG F 90 11.04 32.32 7.15
N ALA F 91 10.42 31.15 6.96
CA ALA F 91 10.77 30.00 7.78
C ALA F 91 12.23 29.59 7.58
N ARG F 92 12.69 29.59 6.33
CA ARG F 92 14.09 29.23 6.07
C ARG F 92 15.04 30.27 6.62
N ILE F 93 14.72 31.56 6.49
CA ILE F 93 15.59 32.61 7.03
C ILE F 93 15.71 32.48 8.53
N LEU F 94 14.57 32.28 9.21
CA LEU F 94 14.61 32.09 10.66
C LEU F 94 15.43 30.86 11.03
N GLY F 95 15.24 29.76 10.31
CA GLY F 95 15.99 28.56 10.64
C GLY F 95 17.48 28.72 10.43
N THR F 96 17.88 29.31 9.31
CA THR F 96 19.29 29.52 9.04
C THR F 96 19.90 30.47 10.05
N ARG F 97 19.22 31.58 10.35
CA ARG F 97 19.77 32.55 11.28
C ARG F 97 19.86 31.97 12.69
N ALA F 98 18.84 31.21 13.11
CA ALA F 98 18.90 30.54 14.40
C ALA F 98 20.02 29.51 14.46
N LEU F 99 20.25 28.79 13.36
CA LEU F 99 21.37 27.85 13.32
C LEU F 99 22.69 28.59 13.47
N GLN F 100 22.86 29.69 12.74
CA GLN F 100 24.07 30.50 12.87
C GLN F 100 24.26 30.97 14.31
N ILE F 101 23.18 31.44 14.94
CA ILE F 101 23.27 31.94 16.31
C ILE F 101 23.63 30.81 17.27
N SER F 102 23.03 29.64 17.07
CA SER F 102 23.37 28.49 17.89
C SER F 102 24.81 28.06 17.69
N MET F 103 25.40 28.42 16.56
CA MET F 103 26.84 28.28 16.35
C MET F 103 27.61 29.53 16.77
N ASN F 104 27.07 30.29 17.71
CA ASN F 104 27.77 31.39 18.37
C ASN F 104 28.00 32.59 17.44
N ALA F 105 27.17 32.73 16.41
CA ALA F 105 27.28 33.91 15.57
C ALA F 105 26.88 35.15 16.37
N PRO F 106 27.56 36.28 16.16
CA PRO F 106 27.15 37.51 16.83
C PRO F 106 25.75 37.94 16.40
N VAL F 107 25.03 38.57 17.32
CA VAL F 107 23.68 39.04 17.06
C VAL F 107 23.67 40.56 17.06
N PHE F 108 22.67 41.13 16.40
CA PHE F 108 22.58 42.57 16.19
C PHE F 108 21.31 43.15 16.82
N VAL F 109 20.78 42.49 17.86
CA VAL F 109 19.66 43.02 18.61
C VAL F 109 19.97 42.88 20.09
N ASP F 110 19.17 43.59 20.90
CA ASP F 110 19.31 43.51 22.35
C ASP F 110 18.53 42.31 22.85
N LEU F 111 19.24 41.33 23.41
CA LEU F 111 18.61 40.06 23.76
C LEU F 111 17.53 40.25 24.80
N GLU F 112 17.80 41.04 25.84
CA GLU F 112 16.89 41.23 26.97
C GLU F 112 16.51 39.89 27.57
N GLY F 113 17.52 39.13 27.96
CA GLY F 113 17.32 37.88 28.66
C GLY F 113 17.03 36.67 27.80
N GLU F 114 16.87 36.86 26.49
CA GLU F 114 16.58 35.74 25.61
C GLU F 114 17.84 34.89 25.43
N THR F 115 17.69 33.57 25.55
CA THR F 115 18.78 32.65 25.32
C THR F 115 18.55 31.68 24.17
N ASP F 116 17.36 31.66 23.59
CA ASP F 116 17.01 30.69 22.55
C ASP F 116 17.31 31.26 21.18
N PRO F 117 18.05 30.53 20.33
CA PRO F 117 18.42 31.07 19.02
C PRO F 117 17.23 31.40 18.12
N LEU F 118 16.16 30.61 18.17
CA LEU F 118 15.02 30.91 17.31
C LEU F 118 14.32 32.19 17.74
N ARG F 119 14.21 32.43 19.04
CA ARG F 119 13.58 33.67 19.51
C ARG F 119 14.49 34.87 19.26
N ILE F 120 15.80 34.70 19.39
CA ILE F 120 16.72 35.77 19.01
C ILE F 120 16.56 36.10 17.53
N ALA F 121 16.49 35.08 16.69
CA ALA F 121 16.36 35.29 15.25
C ALA F 121 15.03 35.93 14.90
N MET F 122 13.96 35.56 15.61
CA MET F 122 12.68 36.22 15.40
C MET F 122 12.76 37.71 15.75
N LYS F 123 13.48 38.04 16.83
CA LYS F 123 13.67 39.45 17.16
C LYS F 123 14.46 40.17 16.07
N GLU F 124 15.50 39.54 15.56
CA GLU F 124 16.29 40.15 14.50
C GLU F 124 15.45 40.37 13.24
N LEU F 125 14.59 39.40 12.92
CA LEU F 125 13.69 39.56 11.79
C LEU F 125 12.70 40.69 12.03
N ALA F 126 12.22 40.83 13.27
CA ALA F 126 11.30 41.92 13.58
C ALA F 126 11.99 43.27 13.45
N GLU F 127 13.28 43.34 13.77
CA GLU F 127 14.05 44.57 13.58
C GLU F 127 14.64 44.68 12.17
N LYS F 128 14.42 43.67 11.32
CA LYS F 128 14.99 43.63 9.97
C LYS F 128 16.51 43.77 10.01
N LYS F 129 17.15 43.00 10.90
CA LYS F 129 18.59 43.07 11.07
C LYS F 129 19.29 41.76 10.72
N ILE F 130 18.58 40.80 10.14
CA ILE F 130 19.21 39.55 9.74
C ILE F 130 20.06 39.78 8.50
N PRO F 131 21.35 39.46 8.55
CA PRO F 131 22.24 39.67 7.39
C PRO F 131 22.33 38.44 6.48
N LEU F 132 21.25 38.17 5.76
CA LEU F 132 21.21 37.08 4.80
C LEU F 132 20.55 37.59 3.54
N VAL F 133 20.81 36.89 2.43
CA VAL F 133 20.27 37.25 1.13
C VAL F 133 19.51 36.06 0.57
N ILE F 134 18.32 36.32 0.06
CA ILE F 134 17.53 35.29 -0.63
C ILE F 134 17.94 35.29 -2.09
N ARG F 135 18.31 34.13 -2.59
CA ARG F 135 18.65 33.95 -4.00
C ARG F 135 17.52 33.18 -4.65
N ARG F 136 16.75 33.85 -5.49
CA ARG F 136 15.53 33.29 -6.07
C ARG F 136 15.85 32.80 -7.46
N TYR F 137 16.06 31.50 -7.61
CA TYR F 137 16.35 30.95 -8.91
C TYR F 137 15.09 30.82 -9.74
N LEU F 138 15.13 31.38 -10.93
CA LEU F 138 14.07 31.20 -11.90
C LEU F 138 14.20 29.83 -12.53
N PRO F 139 13.12 29.31 -13.11
CA PRO F 139 13.19 27.97 -13.72
C PRO F 139 14.13 27.91 -14.91
N ASP F 140 14.49 29.04 -15.51
CA ASP F 140 15.44 29.03 -16.61
C ASP F 140 16.88 28.90 -16.17
N GLY F 141 17.18 29.15 -14.88
CA GLY F 141 18.52 29.07 -14.34
C GLY F 141 19.03 30.38 -13.76
N SER F 142 18.49 31.50 -14.23
CA SER F 142 18.85 32.80 -13.68
C SER F 142 18.30 32.95 -12.27
N PHE F 143 18.88 33.88 -11.53
CA PHE F 143 18.47 34.13 -10.16
C PHE F 143 18.48 35.62 -9.90
N GLU F 144 17.82 36.01 -8.81
CA GLU F 144 17.92 37.39 -8.35
C GLU F 144 18.03 37.39 -6.83
N ASP F 145 18.77 38.36 -6.32
CA ASP F 145 19.11 38.43 -4.91
C ASP F 145 18.25 39.46 -4.21
N TRP F 146 17.59 39.05 -3.14
CA TRP F 146 16.76 39.91 -2.32
C TRP F 146 17.29 39.84 -0.90
N SER F 147 17.87 40.93 -0.42
CA SER F 147 18.28 40.96 0.97
C SER F 147 17.05 40.88 1.86
N VAL F 148 17.24 40.34 3.06
CA VAL F 148 16.09 40.14 3.94
C VAL F 148 15.49 41.48 4.34
N GLU F 149 16.31 42.52 4.46
CA GLU F 149 15.81 43.84 4.81
C GLU F 149 14.82 44.36 3.78
N GLU F 150 15.13 44.19 2.49
CA GLU F 150 14.27 44.79 1.47
C GLU F 150 13.00 43.98 1.21
N LEU F 151 13.06 42.66 1.34
CA LEU F 151 11.84 41.85 1.23
C LEU F 151 10.83 42.31 2.27
N ILE F 152 9.67 42.76 1.83
CA ILE F 152 8.69 43.31 2.76
C ILE F 152 7.80 42.19 3.28
N VAL F 153 7.45 42.27 4.56
CA VAL F 153 6.68 41.24 5.22
C VAL F 153 5.27 41.75 5.56
N PHE G 2 60.93 31.66 -5.28
CA PHE G 2 59.89 32.37 -4.56
C PHE G 2 59.05 33.22 -5.51
N ILE G 3 57.97 32.62 -6.03
CA ILE G 3 57.05 33.29 -6.92
C ILE G 3 55.63 33.02 -6.46
N LEU G 4 54.70 33.83 -6.99
CA LEU G 4 53.29 33.73 -6.63
C LEU G 4 52.59 32.67 -7.47
N SER G 5 51.28 32.54 -7.26
CA SER G 5 50.45 31.58 -7.96
C SER G 5 49.00 31.89 -7.66
N LYS G 6 48.14 31.76 -8.67
CA LYS G 6 46.73 32.11 -8.57
C LYS G 6 45.92 30.83 -8.39
N ILE G 7 45.23 30.72 -7.26
CA ILE G 7 44.48 29.52 -6.92
C ILE G 7 43.02 29.90 -6.71
N ALA G 8 42.14 28.94 -6.95
CA ALA G 8 40.70 29.09 -6.71
C ALA G 8 40.29 28.08 -5.65
N ASP G 9 39.58 28.54 -4.63
CA ASP G 9 39.23 27.65 -3.53
C ASP G 9 37.89 28.04 -2.96
N LEU G 10 37.32 27.11 -2.21
CA LEU G 10 36.07 27.30 -1.49
C LEU G 10 36.37 27.27 0.00
N VAL G 11 36.05 28.35 0.70
CA VAL G 11 36.45 28.55 2.09
C VAL G 11 35.21 28.56 2.97
N ARG G 12 35.21 27.71 4.00
CA ARG G 12 34.09 27.60 4.92
C ARG G 12 34.35 28.51 6.12
N ILE G 13 33.55 29.57 6.25
CA ILE G 13 33.71 30.56 7.32
C ILE G 13 32.70 30.23 8.42
N PRO G 14 33.13 29.82 9.60
CA PRO G 14 32.19 29.48 10.67
C PRO G 14 31.45 30.71 11.15
N PRO G 15 30.24 30.54 11.71
CA PRO G 15 29.57 31.69 12.31
C PRO G 15 30.32 32.29 13.49
N ASP G 16 31.23 31.53 14.11
CA ASP G 16 32.15 32.11 15.08
C ASP G 16 32.87 33.31 14.50
N GLN G 17 33.28 33.23 13.24
CA GLN G 17 34.14 34.22 12.61
C GLN G 17 33.37 35.26 11.81
N PHE G 18 32.05 35.32 11.98
CA PHE G 18 31.30 36.36 11.29
C PHE G 18 31.52 37.73 11.90
N HIS G 19 32.15 37.82 13.07
CA HIS G 19 32.37 39.10 13.74
C HIS G 19 33.64 39.78 13.25
N ARG G 20 34.71 39.02 13.03
CA ARG G 20 35.92 39.57 12.47
C ARG G 20 35.71 39.92 11.00
N ASP G 21 36.53 40.83 10.50
CA ASP G 21 36.38 41.28 9.13
C ASP G 21 36.57 40.12 8.16
N THR G 22 35.77 40.13 7.09
CA THR G 22 35.65 38.95 6.24
C THR G 22 36.95 38.61 5.54
N ILE G 23 37.70 39.62 5.13
CA ILE G 23 38.99 39.37 4.49
C ILE G 23 39.93 38.69 5.46
N SER G 24 39.96 39.16 6.71
CA SER G 24 40.78 38.53 7.73
C SER G 24 40.37 37.08 7.96
N ALA G 25 39.07 36.82 8.03
CA ALA G 25 38.61 35.45 8.24
C ALA G 25 38.97 34.54 7.08
N ILE G 26 38.80 35.04 5.85
CA ILE G 26 39.12 34.23 4.67
C ILE G 26 40.60 33.92 4.64
N THR G 27 41.46 34.92 4.90
CA THR G 27 42.89 34.65 4.84
C THR G 27 43.32 33.77 6.01
N HIS G 28 42.62 33.84 7.15
CA HIS G 28 42.91 32.90 8.22
C HIS G 28 42.60 31.46 7.80
N GLN G 29 41.46 31.23 7.15
CA GLN G 29 41.16 29.89 6.69
C GLN G 29 42.13 29.42 5.62
N LEU G 30 42.49 30.30 4.69
CA LEU G 30 43.45 29.93 3.66
C LEU G 30 44.81 29.62 4.27
N ASN G 31 45.24 30.39 5.26
CA ASN G 31 46.48 30.07 5.97
C ASN G 31 46.38 28.72 6.64
N ASN G 32 45.25 28.44 7.29
CA ASN G 32 45.02 27.13 7.86
C ASN G 32 45.22 26.03 6.83
N LYS G 33 44.74 26.25 5.61
CA LYS G 33 44.81 25.20 4.60
C LYS G 33 46.16 25.12 3.89
N PHE G 34 46.92 26.22 3.84
CA PHE G 34 48.15 26.28 3.05
C PHE G 34 49.29 26.92 3.85
N ALA G 35 49.43 26.55 5.13
CA ALA G 35 50.44 27.19 5.97
C ALA G 35 51.85 26.67 5.67
N ASN G 36 52.09 25.40 5.97
CA ASN G 36 53.33 24.74 5.60
C ASN G 36 53.10 23.71 4.52
N LYS G 37 51.87 23.63 4.02
CA LYS G 37 51.49 22.56 3.11
C LYS G 37 51.97 22.85 1.70
N ILE G 38 52.25 21.79 0.95
CA ILE G 38 52.70 21.89 -0.43
C ILE G 38 51.53 21.51 -1.33
N ILE G 39 51.31 22.29 -2.38
CA ILE G 39 50.27 21.93 -3.35
C ILE G 39 50.77 20.76 -4.19
N PRO G 40 49.91 19.81 -4.56
CA PRO G 40 50.34 18.77 -5.50
C PRO G 40 50.85 19.39 -6.79
N ASN G 41 52.02 18.90 -7.24
CA ASN G 41 52.71 19.30 -8.47
C ASN G 41 52.62 20.79 -8.77
N VAL G 42 52.73 21.63 -7.75
CA VAL G 42 52.88 23.06 -7.96
C VAL G 42 54.12 23.53 -7.22
N GLY G 43 54.16 23.29 -5.92
CA GLY G 43 55.30 23.69 -5.12
C GLY G 43 54.94 23.65 -3.64
N LEU G 44 55.69 24.43 -2.88
CA LEU G 44 55.46 24.59 -1.45
C LEU G 44 54.83 25.95 -1.21
N CYS G 45 53.66 25.97 -0.57
CA CYS G 45 53.01 27.23 -0.25
C CYS G 45 53.59 27.81 1.04
N ILE G 46 54.25 28.97 0.93
CA ILE G 46 54.72 29.65 2.13
C ILE G 46 53.55 30.19 2.93
N THR G 47 52.78 31.10 2.33
CA THR G 47 51.58 31.66 2.94
C THR G 47 50.74 32.29 1.83
N ILE G 48 49.71 33.03 2.22
CA ILE G 48 48.82 33.69 1.27
C ILE G 48 49.28 35.13 1.13
N TYR G 49 49.41 35.59 -0.10
CA TYR G 49 49.86 36.96 -0.35
C TYR G 49 48.70 37.95 -0.27
N ASP G 50 47.68 37.75 -1.10
CA ASP G 50 46.54 38.65 -1.13
C ASP G 50 45.33 37.89 -1.64
N LEU G 51 44.22 38.61 -1.85
CA LEU G 51 42.98 38.03 -2.33
C LEU G 51 42.55 38.73 -3.61
N LEU G 52 42.06 37.97 -4.58
CA LEU G 52 41.67 38.52 -5.87
C LEU G 52 40.17 38.54 -6.08
N THR G 53 39.51 37.38 -6.05
CA THR G 53 38.08 37.29 -6.32
C THR G 53 37.39 36.70 -5.09
N VAL G 54 36.40 37.41 -4.57
CA VAL G 54 35.59 36.95 -3.44
C VAL G 54 34.13 37.00 -3.86
N GLU G 55 33.48 35.83 -3.88
CA GLU G 55 32.09 35.71 -4.24
C GLU G 55 31.23 35.77 -2.99
N GLU G 56 29.96 36.15 -3.16
CA GLU G 56 29.01 36.14 -2.05
C GLU G 56 28.95 34.75 -1.44
N GLY G 57 29.17 34.68 -0.13
CA GLY G 57 29.22 33.38 0.53
C GLY G 57 27.87 32.68 0.49
N GLN G 58 27.91 31.38 0.30
CA GLN G 58 26.70 30.58 0.20
C GLN G 58 26.55 29.71 1.44
N LEU G 59 25.31 29.28 1.68
CA LEU G 59 24.98 28.41 2.79
C LEU G 59 24.29 27.16 2.28
N LYS G 60 24.77 26.01 2.70
CA LYS G 60 24.04 24.78 2.50
C LYS G 60 22.94 24.68 3.57
N PRO G 61 21.86 23.95 3.29
CA PRO G 61 20.71 23.95 4.21
C PRO G 61 20.98 23.37 5.58
N GLY G 62 22.19 22.88 5.85
CA GLY G 62 22.42 22.22 7.12
C GLY G 62 23.59 22.68 7.95
N ASP G 63 24.47 23.52 7.40
CA ASP G 63 25.69 23.87 8.12
C ASP G 63 25.53 25.16 8.94
N GLY G 64 25.09 26.23 8.28
CA GLY G 64 25.09 27.54 8.90
C GLY G 64 26.33 28.37 8.65
N SER G 65 27.43 27.73 8.26
CA SER G 65 28.63 28.44 7.88
C SER G 65 28.48 29.09 6.51
N SER G 66 29.35 30.04 6.23
CA SER G 66 29.37 30.73 4.95
C SER G 66 30.51 30.17 4.12
N TYR G 67 30.18 29.61 2.96
CA TYR G 67 31.16 29.06 2.04
C TYR G 67 31.41 30.06 0.92
N ILE G 68 32.64 30.53 0.80
CA ILE G 68 32.99 31.57 -0.16
C ILE G 68 33.91 30.98 -1.23
N ASN G 69 33.54 31.20 -2.49
CA ASN G 69 34.45 30.91 -3.60
C ASN G 69 35.46 32.05 -3.70
N VAL G 70 36.74 31.72 -3.58
CA VAL G 70 37.77 32.73 -3.46
C VAL G 70 38.90 32.44 -4.42
N THR G 71 39.45 33.49 -5.01
CA THR G 71 40.64 33.41 -5.85
C THR G 71 41.70 34.31 -5.25
N PHE G 72 42.91 33.77 -5.07
CA PHE G 72 43.94 34.44 -4.31
C PHE G 72 45.30 34.09 -4.89
N ARG G 73 46.30 34.87 -4.48
CA ARG G 73 47.69 34.62 -4.83
C ARG G 73 48.44 34.15 -3.58
N ALA G 74 49.18 33.05 -3.73
CA ALA G 74 49.89 32.43 -2.62
C ALA G 74 51.36 32.32 -2.97
N VAL G 75 52.23 32.73 -2.04
CA VAL G 75 53.68 32.70 -2.28
C VAL G 75 54.18 31.28 -2.16
N VAL G 76 54.82 30.80 -3.22
CA VAL G 76 55.36 29.44 -3.27
C VAL G 76 56.81 29.47 -3.73
N PHE G 77 57.60 28.54 -3.22
CA PHE G 77 59.00 28.42 -3.63
C PHE G 77 59.06 27.63 -4.94
N LYS G 78 59.60 28.26 -5.97
CA LYS G 78 59.67 27.64 -7.30
C LYS G 78 60.97 28.00 -8.03
N PRO G 79 62.05 27.27 -7.74
CA PRO G 79 63.20 27.30 -8.65
C PRO G 79 62.85 26.62 -9.98
N PHE G 80 63.44 27.11 -11.07
CA PHE G 80 63.11 26.56 -12.38
C PHE G 80 64.28 25.88 -13.08
N LEU G 81 65.36 26.61 -13.41
CA LEU G 81 66.51 26.00 -14.07
C LEU G 81 67.86 26.57 -13.62
N GLY G 82 67.93 27.76 -13.05
CA GLY G 82 69.22 28.31 -12.67
C GLY G 82 69.25 29.11 -11.40
N GLU G 83 68.38 28.81 -10.44
CA GLU G 83 68.21 29.62 -9.25
C GLU G 83 69.27 29.26 -8.22
N ILE G 84 69.75 30.28 -7.50
CA ILE G 84 70.79 30.12 -6.49
C ILE G 84 70.16 30.00 -5.11
N VAL G 85 70.66 29.07 -4.31
CA VAL G 85 70.23 28.91 -2.93
C VAL G 85 71.42 28.38 -2.12
N THR G 86 71.73 29.08 -1.03
CA THR G 86 72.83 28.69 -0.15
C THR G 86 72.32 27.62 0.82
N GLY G 87 72.60 26.37 0.50
CA GLY G 87 72.15 25.28 1.35
C GLY G 87 72.86 25.24 2.69
N TRP G 88 72.14 24.74 3.69
CA TRP G 88 72.66 24.52 5.05
C TRP G 88 72.38 23.08 5.39
N ILE G 89 73.25 22.17 4.96
CA ILE G 89 72.96 20.74 5.10
C ILE G 89 72.97 20.35 6.57
N SER G 90 72.27 19.24 6.86
CA SER G 90 72.19 18.72 8.22
C SER G 90 72.37 17.21 8.29
N LYS G 91 72.60 16.53 7.18
CA LYS G 91 72.83 15.10 7.16
C LYS G 91 73.62 14.76 5.91
N CYS G 92 74.51 13.77 6.03
CA CYS G 92 75.30 13.31 4.91
C CYS G 92 75.39 11.80 4.95
N THR G 93 74.85 11.15 3.91
CA THR G 93 75.02 9.73 3.69
C THR G 93 76.06 9.51 2.59
N ALA G 94 76.46 8.26 2.40
CA ALA G 94 77.40 7.94 1.34
C ALA G 94 76.65 7.57 0.04
N GLU G 95 75.66 8.38 -0.29
CA GLU G 95 74.96 8.28 -1.56
C GLU G 95 74.58 9.64 -2.12
N GLY G 96 75.14 10.71 -1.57
CA GLY G 96 74.69 12.06 -1.88
C GLY G 96 74.31 12.79 -0.61
N ILE G 97 74.85 13.98 -0.41
CA ILE G 97 74.58 14.76 0.78
C ILE G 97 73.12 15.21 0.77
N LYS G 98 72.58 15.49 1.95
CA LYS G 98 71.21 15.95 2.09
C LYS G 98 71.22 17.48 2.14
N VAL G 99 71.02 18.09 0.98
CA VAL G 99 71.04 19.56 0.88
C VAL G 99 69.85 20.08 1.67
N SER G 100 70.11 20.68 2.81
CA SER G 100 69.07 21.07 3.75
C SER G 100 68.97 22.59 3.86
N LEU G 101 67.78 23.04 4.26
CA LEU G 101 67.50 24.44 4.54
C LEU G 101 67.14 24.58 6.02
N LEU G 102 66.93 25.83 6.45
CA LEU G 102 66.69 26.14 7.86
C LEU G 102 65.26 25.79 8.27
N GLY G 103 64.91 24.52 8.06
CA GLY G 103 63.60 24.00 8.43
C GLY G 103 62.51 24.17 7.40
N ILE G 104 62.80 24.76 6.24
CA ILE G 104 61.77 24.98 5.24
C ILE G 104 61.39 23.66 4.55
N PHE G 105 62.35 23.05 3.86
CA PHE G 105 62.22 21.66 3.43
C PHE G 105 63.61 21.13 3.13
N ASP G 106 63.91 19.92 3.61
CA ASP G 106 65.26 19.39 3.62
C ASP G 106 65.35 17.98 3.03
N ASP G 107 64.42 17.62 2.17
CA ASP G 107 64.33 16.25 1.65
C ASP G 107 64.81 16.15 0.21
N ILE G 108 65.89 16.87 -0.12
CA ILE G 108 66.42 16.92 -1.47
C ILE G 108 67.82 16.35 -1.48
N PHE G 109 68.17 15.69 -2.60
CA PHE G 109 69.48 15.08 -2.78
C PHE G 109 70.10 15.60 -4.08
N ILE G 110 71.42 15.46 -4.18
CA ILE G 110 72.13 15.81 -5.40
C ILE G 110 72.92 14.60 -5.88
N PRO G 111 72.77 14.20 -7.14
CA PRO G 111 73.35 12.92 -7.59
C PRO G 111 74.86 13.01 -7.73
N GLN G 112 75.53 11.95 -7.27
CA GLN G 112 76.99 11.94 -7.29
C GLN G 112 77.54 11.94 -8.71
N ASN G 113 76.90 11.20 -9.62
CA ASN G 113 77.37 11.17 -11.00
C ASN G 113 77.38 12.57 -11.61
N MET G 114 76.36 13.36 -11.30
CA MET G 114 76.31 14.76 -11.72
C MET G 114 77.16 15.67 -10.85
N LEU G 115 77.43 15.27 -9.61
CA LEU G 115 78.21 16.09 -8.69
C LEU G 115 79.65 16.21 -9.21
N PHE G 116 80.47 17.00 -8.50
CA PHE G 116 81.85 17.17 -8.89
C PHE G 116 82.54 15.83 -9.03
N GLU G 117 83.27 15.64 -10.12
CA GLU G 117 83.87 14.34 -10.41
C GLU G 117 84.83 13.92 -9.31
N GLY G 118 85.74 14.81 -8.92
CA GLY G 118 86.65 14.50 -7.83
C GLY G 118 85.93 14.21 -6.53
N CYS G 119 84.84 14.95 -6.27
CA CYS G 119 84.08 14.79 -5.04
C CYS G 119 83.58 13.35 -4.88
N TYR G 120 84.15 12.60 -3.95
CA TYR G 120 83.82 11.20 -3.76
C TYR G 120 83.63 10.87 -2.29
N TYR G 121 82.81 9.84 -2.04
CA TYR G 121 82.54 9.35 -0.71
C TYR G 121 83.28 8.05 -0.46
N THR G 122 83.61 7.81 0.80
CA THR G 122 84.32 6.62 1.22
C THR G 122 83.58 6.01 2.42
N PRO G 123 83.56 4.68 2.52
CA PRO G 123 82.78 4.06 3.60
C PRO G 123 83.29 4.39 5.00
N GLU G 124 84.58 4.69 5.17
CA GLU G 124 85.14 4.99 6.48
C GLU G 124 85.01 6.46 6.86
N GLU G 125 84.13 7.20 6.20
CA GLU G 125 83.88 8.62 6.49
C GLU G 125 85.16 9.44 6.36
N SER G 126 85.68 9.49 5.12
CA SER G 126 86.66 10.49 4.72
C SER G 126 85.99 11.40 3.71
N ALA G 127 86.04 12.72 3.96
CA ALA G 127 85.13 13.65 3.32
C ALA G 127 85.25 13.70 1.79
N TRP G 128 86.39 14.17 1.28
CA TRP G 128 86.52 14.35 -0.15
C TRP G 128 87.97 14.20 -0.58
N ILE G 129 88.16 13.88 -1.86
CA ILE G 129 89.46 13.89 -2.51
C ILE G 129 89.34 14.72 -3.78
N TRP G 130 90.24 15.68 -3.94
CA TRP G 130 90.24 16.54 -5.13
C TRP G 130 91.64 16.61 -5.71
N PRO G 131 91.77 16.55 -7.04
CA PRO G 131 93.08 16.53 -7.71
C PRO G 131 93.86 17.83 -7.55
N LYS G 137 92.48 19.37 -4.12
CA LYS G 137 93.33 19.56 -2.96
C LYS G 137 92.60 20.31 -1.86
N LEU G 138 91.35 20.67 -2.14
CA LEU G 138 90.49 21.36 -1.19
C LEU G 138 89.10 20.75 -1.25
N TYR G 139 88.36 20.87 -0.16
CA TYR G 139 87.07 20.19 -0.02
C TYR G 139 86.16 21.04 0.86
N PHE G 140 85.09 20.42 1.34
CA PHE G 140 84.12 21.03 2.25
C PHE G 140 83.63 19.98 3.22
N ASP G 141 83.14 20.43 4.36
CA ASP G 141 82.66 19.53 5.40
C ASP G 141 81.14 19.66 5.56
N VAL G 142 80.61 19.00 6.57
CA VAL G 142 79.17 19.02 6.83
C VAL G 142 78.79 20.32 7.52
N ASN G 143 77.53 20.72 7.33
CA ASN G 143 76.95 21.89 7.99
C ASN G 143 77.75 23.16 7.68
N GLU G 144 77.77 23.49 6.38
CA GLU G 144 78.40 24.71 5.90
C GLU G 144 77.52 25.24 4.76
N LYS G 145 78.07 26.15 3.96
CA LYS G 145 77.33 26.80 2.90
C LYS G 145 77.66 26.17 1.55
N ILE G 146 76.62 25.75 0.83
CA ILE G 146 76.78 25.03 -0.42
C ILE G 146 76.05 25.79 -1.52
N ARG G 147 76.71 25.94 -2.67
CA ARG G 147 76.12 26.57 -3.84
C ARG G 147 75.95 25.53 -4.94
N PHE G 148 74.77 25.50 -5.53
CA PHE G 148 74.44 24.52 -6.57
C PHE G 148 73.43 25.16 -7.52
N ARG G 149 72.77 24.33 -8.32
CA ARG G 149 71.81 24.80 -9.31
C ARG G 149 70.53 23.97 -9.22
N ILE G 150 69.64 24.18 -10.19
CA ILE G 150 68.38 23.46 -10.29
C ILE G 150 68.22 22.99 -11.73
N GLU G 151 67.84 21.75 -11.93
CA GLU G 151 67.68 21.36 -13.33
C GLU G 151 66.34 20.72 -13.63
N ARG G 152 65.83 19.87 -12.74
CA ARG G 152 64.55 19.22 -12.99
C ARG G 152 63.78 19.09 -11.69
N GLU G 153 62.48 19.34 -11.76
CA GLU G 153 61.57 19.22 -10.62
C GLU G 153 60.71 17.99 -10.79
N VAL G 154 60.59 17.20 -9.73
CA VAL G 154 59.75 16.02 -9.72
C VAL G 154 58.86 16.08 -8.49
N PHE G 155 57.56 15.89 -8.69
CA PHE G 155 56.57 15.95 -7.61
C PHE G 155 56.03 14.55 -7.37
N VAL G 156 56.34 13.98 -6.20
CA VAL G 156 55.95 12.61 -5.90
C VAL G 156 54.44 12.56 -5.78
N ASP G 157 53.78 11.97 -6.78
CA ASP G 157 52.34 11.99 -6.88
C ASP G 157 51.80 10.58 -7.15
N VAL G 158 52.29 9.60 -6.40
CA VAL G 158 51.74 8.25 -6.40
C VAL G 158 51.52 7.86 -4.95
N LYS G 159 50.27 7.60 -4.58
CA LYS G 159 49.89 7.39 -3.18
C LYS G 159 48.65 6.52 -3.07
N PRO G 160 48.74 5.24 -3.44
CA PRO G 160 47.69 4.28 -3.09
C PRO G 160 48.02 3.50 -1.83
N LYS G 161 47.00 3.25 -1.02
CA LYS G 161 47.18 2.54 0.24
C LYS G 161 45.88 1.81 0.59
N SER G 162 45.97 0.50 0.72
CA SER G 162 44.78 -0.23 1.15
C SER G 162 44.59 -0.06 2.66
N PRO G 163 43.36 -0.17 3.14
CA PRO G 163 43.15 -0.08 4.59
C PRO G 163 43.92 -1.12 5.39
N LYS G 164 43.99 -2.35 4.90
CA LYS G 164 44.80 -3.37 5.57
C LYS G 164 46.28 -3.01 5.51
N GLU G 165 46.72 -2.42 4.41
CA GLU G 165 48.10 -1.95 4.36
C GLU G 165 48.37 -0.93 5.45
N ARG G 166 47.45 0.03 5.61
CA ARG G 166 47.61 1.02 6.68
C ARG G 166 47.62 0.37 8.05
N GLU G 167 46.75 -0.63 8.26
CA GLU G 167 46.71 -1.34 9.52
C GLU G 167 48.04 -2.02 9.83
N LEU G 168 48.56 -2.79 8.87
CA LEU G 168 49.84 -3.48 9.10
C LEU G 168 50.97 -2.49 9.31
N GLU G 169 50.96 -1.38 8.55
CA GLU G 169 52.01 -0.38 8.67
C GLU G 169 52.03 0.25 10.05
N GLU G 170 50.87 0.64 10.57
CA GLU G 170 50.86 1.29 11.87
C GLU G 170 50.95 0.28 13.02
N ARG G 171 50.68 -1.00 12.74
CA ARG G 171 51.04 -2.04 13.69
C ARG G 171 52.56 -2.18 13.80
N ALA G 172 53.25 -2.15 12.66
CA ALA G 172 54.70 -2.20 12.66
C ALA G 172 55.30 -0.95 13.30
N GLN G 173 54.74 0.21 12.99
CA GLN G 173 55.22 1.47 13.56
C GLN G 173 54.47 1.78 14.85
N GLU G 189 60.25 5.55 0.54
CA GLU G 189 59.15 6.06 1.34
C GLU G 189 58.61 7.36 0.76
N LYS G 190 59.50 8.11 0.11
CA LYS G 190 59.18 9.39 -0.52
C LYS G 190 58.48 10.32 0.48
N PRO G 191 59.17 10.79 1.51
CA PRO G 191 58.54 11.67 2.50
C PRO G 191 57.93 12.92 1.87
N PRO G 192 58.58 13.56 0.88
CA PRO G 192 57.94 14.75 0.29
C PRO G 192 57.18 14.45 -1.00
N ALA G 193 56.48 15.47 -1.48
CA ALA G 193 56.02 15.53 -2.85
C ALA G 193 56.68 16.69 -3.60
N TYR G 194 57.71 17.28 -3.00
CA TYR G 194 58.45 18.38 -3.62
C TYR G 194 59.93 18.13 -3.35
N ALA G 195 60.56 17.37 -4.23
CA ALA G 195 61.97 17.03 -4.11
C ALA G 195 62.79 17.90 -5.05
N LEU G 196 63.92 18.38 -4.54
CA LEU G 196 64.82 19.23 -5.31
C LEU G 196 66.11 18.47 -5.58
N LEU G 197 66.92 19.04 -6.47
CA LEU G 197 68.22 18.47 -6.82
C LEU G 197 69.06 19.56 -7.48
N GLY G 198 70.38 19.37 -7.45
CA GLY G 198 71.28 20.43 -7.87
C GLY G 198 72.52 19.88 -8.55
N SER G 199 73.21 20.81 -9.24
CA SER G 199 74.42 20.51 -9.99
C SER G 199 75.57 21.33 -9.42
N CYS G 200 76.78 20.78 -9.55
CA CYS G 200 78.00 21.43 -9.13
C CYS G 200 79.04 21.35 -10.22
N GLN G 201 78.66 21.71 -11.45
CA GLN G 201 79.57 21.61 -12.58
C GLN G 201 80.36 22.88 -12.85
N THR G 202 79.90 24.02 -12.35
CA THR G 202 80.52 25.31 -12.65
C THR G 202 81.41 25.76 -11.51
N ASP G 203 82.58 26.29 -11.86
CA ASP G 203 83.51 26.80 -10.87
C ASP G 203 82.87 27.90 -10.04
N GLY G 204 83.17 27.90 -8.74
CA GLY G 204 82.61 28.83 -7.79
C GLY G 204 81.45 28.27 -6.99
N MET G 205 80.81 27.21 -7.47
CA MET G 205 79.75 26.58 -6.69
C MET G 205 80.34 25.63 -5.66
N GLY G 206 79.80 25.68 -4.45
CA GLY G 206 80.23 24.78 -3.39
C GLY G 206 80.49 25.44 -2.06
N LEU G 207 81.01 26.67 -2.06
CA LEU G 207 81.24 27.37 -0.80
C LEU G 207 81.06 28.87 -1.01
N VAL G 208 80.66 29.54 0.07
CA VAL G 208 80.49 30.99 0.04
C VAL G 208 81.81 31.69 -0.24
N SER G 209 82.92 31.09 0.15
CA SER G 209 84.24 31.69 0.04
C SER G 209 85.26 30.60 -0.28
N TRP G 210 85.63 30.47 -1.55
CA TRP G 210 86.75 29.63 -1.93
C TRP G 210 88.08 30.39 -1.96
N TRP G 211 88.06 31.66 -2.38
CA TRP G 211 89.28 32.46 -2.45
C TRP G 211 88.98 33.86 -1.92
N GLU G 212 90.06 34.62 -1.73
CA GLU G 212 89.99 35.98 -1.19
C GLU G 212 89.33 36.02 0.17
N MET H 1 -34.24 68.65 28.21
CA MET H 1 -34.79 69.58 27.23
C MET H 1 -34.11 69.48 25.88
N SER H 2 -32.89 70.01 25.79
CA SER H 2 -32.15 70.11 24.55
C SER H 2 -31.32 68.85 24.27
N ASN H 3 -31.64 67.73 24.92
CA ASN H 3 -30.94 66.47 24.67
C ASN H 3 -31.85 65.38 24.15
N THR H 4 -33.16 65.62 24.05
CA THR H 4 -34.10 64.61 23.56
C THR H 4 -34.12 64.67 22.05
N LEU H 5 -33.43 63.73 21.41
CA LEU H 5 -33.42 63.66 19.96
C LEU H 5 -34.78 63.25 19.41
N PHE H 6 -35.58 62.57 20.22
CA PHE H 6 -36.89 62.10 19.79
C PHE H 6 -37.70 61.76 21.03
N ASP H 7 -38.97 62.12 21.02
CA ASP H 7 -39.88 61.64 22.04
C ASP H 7 -41.30 61.67 21.50
N ASP H 8 -42.06 60.63 21.82
CA ASP H 8 -43.43 60.51 21.35
C ASP H 8 -44.10 59.44 22.20
N ILE H 9 -45.44 59.48 22.20
CA ILE H 9 -46.25 58.48 22.87
C ILE H 9 -46.61 57.42 21.85
N PHE H 10 -46.55 56.16 22.28
CA PHE H 10 -46.86 55.03 21.41
C PHE H 10 -47.92 54.17 22.07
N GLN H 11 -48.75 53.54 21.23
CA GLN H 11 -49.79 52.63 21.69
C GLN H 11 -49.41 51.22 21.27
N VAL H 12 -49.11 50.38 22.25
CA VAL H 12 -48.61 49.03 21.96
C VAL H 12 -49.67 48.24 21.22
N SER H 13 -49.31 47.72 20.05
CA SER H 13 -50.19 46.86 19.28
C SER H 13 -50.12 45.42 19.75
N GLU H 14 -48.91 44.90 19.96
CA GLU H 14 -48.76 43.51 20.36
C GLU H 14 -47.44 43.32 21.10
N VAL H 15 -47.43 42.32 21.98
CA VAL H 15 -46.25 41.88 22.69
C VAL H 15 -46.17 40.37 22.50
N ASP H 16 -45.01 39.88 22.05
CA ASP H 16 -44.82 38.44 21.93
C ASP H 16 -43.44 38.06 22.43
N PRO H 17 -43.34 37.15 23.39
CA PRO H 17 -42.06 36.47 23.62
C PRO H 17 -41.87 35.31 22.66
N GLY H 18 -40.96 35.44 21.72
CA GLY H 18 -40.67 34.30 20.88
C GLY H 18 -39.58 33.45 21.47
N ARG H 19 -39.96 32.42 22.24
CA ARG H 19 -39.03 31.49 22.86
C ARG H 19 -38.08 32.18 23.83
N TYR H 20 -38.56 33.25 24.46
CA TYR H 20 -37.80 33.94 25.49
C TYR H 20 -38.64 34.03 26.76
N ASN H 21 -37.96 34.13 27.90
CA ASN H 21 -38.63 34.21 29.18
C ASN H 21 -38.46 35.55 29.88
N LYS H 22 -37.54 36.40 29.43
CA LYS H 22 -37.40 37.71 30.02
C LYS H 22 -37.36 38.84 29.00
N VAL H 23 -37.38 38.55 27.70
CA VAL H 23 -37.35 39.57 26.66
C VAL H 23 -38.53 39.37 25.73
N CYS H 24 -39.32 40.42 25.56
CA CYS H 24 -40.43 40.41 24.63
C CYS H 24 -40.24 41.50 23.58
N ARG H 25 -40.67 41.19 22.36
CA ARG H 25 -40.60 42.13 21.25
C ARG H 25 -41.98 42.78 21.11
N ILE H 26 -42.07 44.05 21.44
CA ILE H 26 -43.34 44.75 21.39
C ILE H 26 -43.40 45.60 20.14
N GLU H 27 -44.60 45.76 19.60
CA GLU H 27 -44.86 46.58 18.42
C GLU H 27 -45.84 47.66 18.80
N ALA H 28 -45.58 48.89 18.36
CA ALA H 28 -46.44 50.01 18.73
C ALA H 28 -46.47 51.02 17.59
N ALA H 29 -47.55 51.79 17.56
CA ALA H 29 -47.72 52.89 16.63
C ALA H 29 -47.91 54.17 17.42
N SER H 30 -47.44 55.28 16.86
CA SER H 30 -47.50 56.54 17.56
C SER H 30 -48.94 57.03 17.69
N THR H 31 -49.26 57.54 18.87
CA THR H 31 -50.48 58.31 19.04
C THR H 31 -50.25 59.73 18.54
N THR H 32 -50.98 60.12 17.50
CA THR H 32 -50.92 61.44 16.87
C THR H 32 -49.66 61.65 16.03
N GLN H 33 -49.09 60.58 15.48
CA GLN H 33 -48.18 60.66 14.33
C GLN H 33 -48.56 59.47 13.46
N ASP H 34 -49.34 59.73 12.41
CA ASP H 34 -49.95 58.65 11.64
C ASP H 34 -48.95 57.76 10.93
N GLN H 35 -47.65 58.03 11.01
CA GLN H 35 -46.66 57.26 10.29
C GLN H 35 -45.60 56.60 11.17
N CYS H 36 -45.53 56.94 12.45
CA CYS H 36 -44.43 56.51 13.30
C CYS H 36 -44.74 55.15 13.91
N LYS H 37 -44.07 54.11 13.42
CA LYS H 37 -44.16 52.77 13.95
C LYS H 37 -42.98 52.51 14.88
N LEU H 38 -43.09 51.43 15.66
CA LEU H 38 -42.03 51.07 16.60
C LEU H 38 -42.03 49.57 16.79
N THR H 39 -40.90 48.93 16.54
CA THR H 39 -40.65 47.55 16.94
C THR H 39 -39.53 47.58 17.96
N LEU H 40 -39.76 47.01 19.13
CA LEU H 40 -38.83 47.19 20.24
C LEU H 40 -38.73 45.93 21.07
N ASP H 41 -37.51 45.59 21.45
CA ASP H 41 -37.24 44.47 22.35
C ASP H 41 -37.14 45.03 23.77
N ILE H 42 -37.98 44.49 24.66
CA ILE H 42 -38.09 44.99 26.03
C ILE H 42 -37.83 43.82 26.97
N ASN H 43 -36.99 44.06 27.98
CA ASN H 43 -36.87 43.13 29.10
C ASN H 43 -38.10 43.29 29.97
N VAL H 44 -39.05 42.37 29.84
CA VAL H 44 -40.34 42.55 30.49
C VAL H 44 -40.36 42.11 31.94
N GLU H 45 -39.38 41.32 32.37
CA GLU H 45 -39.29 41.05 33.81
C GLU H 45 -38.82 42.27 34.58
N LEU H 46 -38.21 43.24 33.90
CA LEU H 46 -37.86 44.52 34.49
C LEU H 46 -38.95 45.55 34.28
N PHE H 47 -39.50 45.61 33.07
CA PHE H 47 -40.54 46.56 32.68
C PHE H 47 -41.66 45.78 32.04
N PRO H 48 -42.64 45.32 32.82
CA PRO H 48 -43.76 44.59 32.23
C PRO H 48 -44.57 45.47 31.28
N VAL H 49 -44.92 44.89 30.14
CA VAL H 49 -45.69 45.55 29.09
C VAL H 49 -46.86 44.65 28.73
N ALA H 50 -48.04 45.24 28.63
CA ALA H 50 -49.24 44.52 28.19
C ALA H 50 -49.74 45.11 26.89
N ALA H 51 -50.48 44.29 26.14
CA ALA H 51 -51.09 44.78 24.91
C ALA H 51 -52.04 45.93 25.21
N GLN H 52 -52.02 46.92 24.33
CA GLN H 52 -52.81 48.15 24.47
C GLN H 52 -52.52 48.85 25.78
N ASP H 53 -51.26 49.21 25.97
CA ASP H 53 -50.88 50.22 26.94
C ASP H 53 -50.06 51.28 26.22
N SER H 54 -50.15 52.51 26.72
CA SER H 54 -49.51 53.65 26.07
C SER H 54 -48.19 53.94 26.76
N LEU H 55 -47.11 53.93 25.99
CA LEU H 55 -45.77 54.13 26.50
C LEU H 55 -45.21 55.42 25.92
N THR H 56 -44.62 56.25 26.79
CA THR H 56 -43.90 57.44 26.36
C THR H 56 -42.46 57.05 26.08
N VAL H 57 -42.09 57.05 24.80
CA VAL H 57 -40.75 56.67 24.38
C VAL H 57 -39.97 57.93 24.06
N THR H 58 -38.75 58.02 24.57
CA THR H 58 -37.86 59.13 24.32
C THR H 58 -36.49 58.60 23.94
N ILE H 59 -35.88 59.23 22.94
CA ILE H 59 -34.50 58.95 22.57
C ILE H 59 -33.68 60.17 22.91
N ALA H 60 -32.63 59.97 23.71
CA ALA H 60 -31.79 61.07 24.15
C ALA H 60 -30.33 60.65 24.10
N SER H 61 -29.48 61.64 24.06
CA SER H 61 -28.07 61.50 24.36
C SER H 61 -27.79 62.27 25.63
N SER H 62 -26.86 61.78 26.44
CA SER H 62 -26.44 62.49 27.65
C SER H 62 -27.63 62.73 28.59
N LEU H 63 -27.97 61.66 29.31
CA LEU H 63 -29.02 61.70 30.33
C LEU H 63 -28.94 62.95 31.21
N ASN H 64 -27.76 63.55 31.33
CA ASN H 64 -27.62 64.80 32.06
C ASN H 64 -28.54 65.87 31.49
N LEU H 65 -29.18 66.61 32.38
CA LEU H 65 -30.16 67.62 32.01
C LEU H 65 -29.55 68.72 31.16
N SER H 74 -9.91 62.23 33.32
CA SER H 74 -9.69 61.07 34.18
C SER H 74 -9.07 59.92 33.40
N ALA H 75 -9.56 59.72 32.18
CA ALA H 75 -9.06 58.68 31.27
C ALA H 75 -9.11 57.29 31.92
N THR H 76 -10.19 57.04 32.68
CA THR H 76 -10.40 55.72 33.25
C THR H 76 -10.92 54.72 32.22
N ARG H 77 -11.78 55.17 31.30
CA ARG H 77 -12.26 54.42 30.13
C ARG H 77 -13.28 53.35 30.48
N SER H 78 -13.47 53.05 31.76
CA SER H 78 -14.53 52.16 32.19
C SER H 78 -15.71 53.00 32.62
N TRP H 79 -16.89 52.64 32.13
CA TRP H 79 -18.09 53.40 32.44
C TRP H 79 -18.33 53.42 33.95
N ARG H 80 -18.66 54.61 34.46
CA ARG H 80 -18.96 54.78 35.86
C ARG H 80 -20.39 55.28 36.01
N PRO H 81 -21.17 54.71 36.92
CA PRO H 81 -22.54 55.17 37.08
C PRO H 81 -22.57 56.60 37.62
N PRO H 82 -23.58 57.37 37.24
CA PRO H 82 -23.76 58.68 37.89
C PRO H 82 -24.11 58.48 39.36
N GLN H 83 -23.73 59.46 40.17
CA GLN H 83 -23.94 59.38 41.60
C GLN H 83 -25.44 59.31 41.93
N ALA H 84 -25.74 58.79 43.12
CA ALA H 84 -27.14 58.59 43.50
C ALA H 84 -27.89 59.90 43.62
N GLY H 85 -27.20 60.99 43.98
CA GLY H 85 -27.87 62.27 44.09
C GLY H 85 -27.83 63.10 42.81
N ASP H 86 -27.37 62.52 41.71
CA ASP H 86 -27.25 63.26 40.47
C ASP H 86 -28.61 63.41 39.82
N ARG H 87 -29.06 64.65 39.66
CA ARG H 87 -30.26 64.91 38.87
C ARG H 87 -29.96 64.62 37.41
N SER H 88 -30.79 63.78 36.80
CA SER H 88 -30.62 63.48 35.39
C SER H 88 -31.97 63.09 34.83
N LEU H 89 -32.08 63.14 33.51
CA LEU H 89 -33.13 62.39 32.85
C LEU H 89 -33.05 60.94 33.29
N ALA H 90 -34.15 60.22 33.09
CA ALA H 90 -34.45 58.89 33.61
C ALA H 90 -34.90 58.95 35.06
N ASP H 91 -34.85 60.10 35.72
CA ASP H 91 -35.45 60.20 37.05
C ASP H 91 -36.97 60.19 36.98
N ASP H 92 -37.55 60.32 35.79
CA ASP H 92 -38.99 60.17 35.60
C ASP H 92 -39.31 59.24 34.45
N TYR H 93 -38.44 58.29 34.15
CA TYR H 93 -38.72 57.23 33.18
C TYR H 93 -38.54 55.88 33.87
N ASP H 94 -39.49 54.98 33.64
CA ASP H 94 -39.48 53.69 34.33
C ASP H 94 -38.42 52.74 33.78
N TYR H 95 -38.07 52.87 32.52
CA TYR H 95 -37.18 51.94 31.83
C TYR H 95 -36.23 52.72 30.96
N VAL H 96 -34.93 52.43 31.07
CA VAL H 96 -33.92 53.16 30.31
C VAL H 96 -32.90 52.18 29.76
N MET H 97 -32.65 52.25 28.45
CA MET H 97 -31.66 51.44 27.76
C MET H 97 -30.60 52.35 27.14
N TYR H 98 -29.40 51.81 27.00
CA TYR H 98 -28.32 52.51 26.31
C TYR H 98 -27.79 51.64 25.17
N GLY H 99 -27.79 52.18 23.98
CA GLY H 99 -27.29 51.46 22.84
C GLY H 99 -26.89 52.39 21.73
N THR H 100 -26.63 51.81 20.57
CA THR H 100 -26.12 52.55 19.42
C THR H 100 -27.11 52.46 18.27
N ALA H 101 -27.16 53.53 17.49
CA ALA H 101 -27.87 53.52 16.21
C ALA H 101 -26.87 53.05 15.15
N TYR H 102 -27.18 51.94 14.49
CA TYR H 102 -26.23 51.35 13.58
C TYR H 102 -26.70 51.35 12.13
N LYS H 103 -27.95 51.70 11.87
CA LYS H 103 -28.43 51.68 10.50
C LYS H 103 -29.61 52.61 10.34
N PHE H 104 -29.57 53.39 9.26
CA PHE H 104 -30.72 54.12 8.76
C PHE H 104 -31.05 53.58 7.39
N GLU H 105 -32.30 53.20 7.18
CA GLU H 105 -32.72 52.67 5.90
C GLU H 105 -33.86 53.52 5.35
N GLU H 106 -33.98 53.50 4.03
CA GLU H 106 -35.06 54.17 3.32
C GLU H 106 -36.13 53.13 3.03
N VAL H 107 -37.38 53.46 3.39
CA VAL H 107 -38.48 52.53 3.18
C VAL H 107 -39.48 53.02 2.14
N SER H 108 -39.49 54.31 1.83
CA SER H 108 -40.32 54.86 0.77
C SER H 108 -39.91 56.32 0.56
N LYS H 109 -40.68 57.05 -0.22
CA LYS H 109 -40.54 58.49 -0.28
C LYS H 109 -40.98 59.09 1.05
N ASP H 110 -40.12 59.96 1.60
CA ASP H 110 -40.29 60.56 2.93
C ASP H 110 -40.82 59.55 3.96
N LEU H 111 -40.06 58.48 4.15
CA LEU H 111 -40.34 57.53 5.24
C LEU H 111 -39.09 56.71 5.45
N ILE H 112 -38.50 56.80 6.63
CA ILE H 112 -37.24 56.12 6.92
C ILE H 112 -37.41 55.27 8.17
N ALA H 113 -36.46 54.37 8.36
CA ALA H 113 -36.43 53.47 9.51
C ALA H 113 -35.05 53.55 10.15
N VAL H 114 -35.02 53.60 11.47
CA VAL H 114 -33.79 53.72 12.23
C VAL H 114 -33.66 52.53 13.16
N TYR H 115 -32.46 51.98 13.26
CA TYR H 115 -32.23 50.75 13.99
C TYR H 115 -31.25 51.00 15.13
N TYR H 116 -31.69 50.71 16.35
CA TYR H 116 -30.85 50.82 17.53
C TYR H 116 -30.63 49.44 18.12
N SER H 117 -29.41 49.17 18.56
CA SER H 117 -29.11 47.92 19.25
C SER H 117 -28.70 48.26 20.69
N PHE H 118 -29.49 47.78 21.65
CA PHE H 118 -29.20 48.01 23.06
C PHE H 118 -28.58 46.75 23.67
N GLY H 119 -27.37 46.46 23.20
CA GLY H 119 -26.71 45.24 23.58
C GLY H 119 -27.29 43.99 22.98
N GLY H 120 -28.00 44.11 21.86
CA GLY H 120 -28.66 43.00 21.22
C GLY H 120 -30.16 43.07 21.25
N LEU H 121 -30.74 43.97 22.04
CA LEU H 121 -32.17 44.22 22.04
C LEU H 121 -32.43 45.33 21.03
N LEU H 122 -33.10 44.99 19.93
CA LEU H 122 -33.20 45.87 18.79
C LEU H 122 -34.40 46.78 18.88
N MET H 123 -34.26 47.99 18.35
CA MET H 123 -35.37 48.90 18.17
C MET H 123 -35.40 49.35 16.72
N ARG H 124 -36.56 49.28 16.09
CA ARG H 124 -36.76 49.76 14.74
C ARG H 124 -37.80 50.86 14.78
N LEU H 125 -37.38 52.09 14.51
CA LEU H 125 -38.26 53.24 14.57
C LEU H 125 -38.53 53.72 13.15
N GLU H 126 -39.77 53.53 12.69
CA GLU H 126 -40.21 53.99 11.40
C GLU H 126 -40.78 55.39 11.52
N GLY H 127 -40.37 56.30 10.64
CA GLY H 127 -40.85 57.67 10.73
C GLY H 127 -40.74 58.44 9.44
N ASN H 128 -40.97 59.75 9.49
CA ASN H 128 -40.91 60.58 8.30
C ASN H 128 -39.77 61.59 8.34
N TYR H 129 -39.77 62.51 9.31
CA TYR H 129 -38.78 63.59 9.42
C TYR H 129 -38.19 63.55 10.82
N ARG H 130 -37.10 62.80 10.98
CA ARG H 130 -36.33 62.74 12.21
C ARG H 130 -34.85 62.75 11.90
N ASN H 131 -34.45 63.66 11.01
CA ASN H 131 -33.11 63.61 10.44
C ASN H 131 -32.13 64.53 11.17
N LEU H 132 -32.53 65.78 11.39
CA LEU H 132 -31.69 66.72 12.12
C LEU H 132 -31.45 66.30 13.56
N ASN H 133 -32.04 65.19 14.00
CA ASN H 133 -31.90 64.74 15.38
C ASN H 133 -31.32 63.34 15.50
N ASN H 134 -31.89 62.35 14.83
CA ASN H 134 -31.46 60.97 15.02
C ASN H 134 -30.19 60.73 14.20
N LEU H 135 -29.07 60.64 14.87
CA LEU H 135 -27.77 60.42 14.24
C LEU H 135 -27.30 58.99 14.45
N LYS H 136 -26.34 58.59 13.63
CA LYS H 136 -25.67 57.30 13.78
C LYS H 136 -24.55 57.47 14.79
N GLN H 137 -24.94 57.58 16.05
CA GLN H 137 -23.99 57.85 17.11
C GLN H 137 -24.24 56.90 18.26
N GLU H 138 -23.15 56.55 18.95
CA GLU H 138 -23.27 55.72 20.13
C GLU H 138 -24.21 56.35 21.15
N ASN H 139 -24.18 57.66 21.26
CA ASN H 139 -25.02 58.33 22.24
C ASN H 139 -26.46 58.13 21.82
N ALA H 140 -27.11 57.17 22.45
CA ALA H 140 -28.53 56.93 22.27
C ALA H 140 -29.03 56.31 23.56
N TYR H 141 -29.77 57.08 24.33
CA TYR H 141 -30.51 56.55 25.45
C TYR H 141 -31.95 56.38 25.01
N LEU H 142 -32.48 55.18 25.18
CA LEU H 142 -33.91 54.96 25.06
C LEU H 142 -34.53 55.07 26.43
N LEU H 143 -35.51 55.93 26.58
CA LEU H 143 -36.21 56.11 27.84
C LEU H 143 -37.68 55.78 27.63
N ILE H 144 -38.24 55.00 28.55
CA ILE H 144 -39.62 54.52 28.44
C ILE H 144 -40.27 54.65 29.81
N ARG H 145 -41.48 55.19 29.84
CA ARG H 145 -42.25 55.23 31.07
C ARG H 145 -43.70 54.85 30.77
N ARG H 146 -44.35 54.25 31.76
CA ARG H 146 -45.74 53.86 31.62
C ARG H 146 -46.61 55.08 31.41
N MET I 1 -37.17 -26.86 -33.99
CA MET I 1 -38.24 -27.84 -34.16
C MET I 1 -38.68 -28.41 -32.83
N LEU I 2 -37.71 -28.92 -32.08
CA LEU I 2 -37.97 -29.58 -30.80
C LEU I 2 -38.94 -30.75 -30.99
N SER I 3 -38.52 -31.70 -31.82
CA SER I 3 -39.31 -32.87 -32.15
C SER I 3 -38.57 -34.14 -31.73
N PHE I 4 -39.33 -35.13 -31.27
CA PHE I 4 -38.76 -36.31 -30.67
C PHE I 4 -39.25 -37.57 -31.38
N CYS I 5 -38.38 -38.57 -31.41
CA CYS I 5 -38.65 -39.78 -32.18
C CYS I 5 -39.78 -40.57 -31.56
N PRO I 6 -40.75 -41.02 -32.35
CA PRO I 6 -41.78 -41.91 -31.79
C PRO I 6 -41.23 -43.24 -31.31
N SER I 7 -40.04 -43.64 -31.75
CA SER I 7 -39.47 -44.93 -31.36
C SER I 7 -38.69 -44.84 -30.06
N CYS I 8 -37.61 -44.04 -30.03
CA CYS I 8 -36.79 -43.93 -28.84
C CYS I 8 -36.90 -42.60 -28.14
N ASN I 9 -37.82 -41.73 -28.57
CA ASN I 9 -38.03 -40.38 -28.03
C ASN I 9 -36.77 -39.54 -28.02
N ASN I 10 -35.72 -39.96 -28.72
CA ASN I 10 -34.53 -39.15 -28.89
C ASN I 10 -34.87 -37.92 -29.74
N MET I 11 -33.86 -37.09 -30.00
CA MET I 11 -34.09 -35.83 -30.69
C MET I 11 -34.15 -36.04 -32.21
N LEU I 12 -35.18 -35.49 -32.83
CA LEU I 12 -35.38 -35.60 -34.27
C LEU I 12 -34.67 -34.47 -35.01
N LEU I 13 -34.11 -34.79 -36.16
CA LEU I 13 -33.37 -33.84 -36.98
C LEU I 13 -33.82 -33.97 -38.43
N ILE I 14 -33.73 -32.88 -39.17
CA ILE I 14 -34.02 -32.93 -40.60
C ILE I 14 -32.75 -33.27 -41.36
N THR I 15 -32.91 -33.96 -42.48
CA THR I 15 -31.77 -34.44 -43.27
C THR I 15 -32.09 -34.30 -44.75
N SER I 16 -31.05 -34.11 -45.56
CA SER I 16 -31.17 -34.02 -47.01
C SER I 16 -30.63 -35.31 -47.63
N GLY I 17 -31.50 -36.28 -47.85
CA GLY I 17 -31.13 -37.56 -48.42
C GLY I 17 -31.16 -37.57 -49.93
N ASP I 18 -31.42 -38.75 -50.49
CA ASP I 18 -31.52 -38.91 -51.94
C ASP I 18 -32.64 -38.02 -52.48
N SER I 19 -32.38 -37.38 -53.62
CA SER I 19 -33.30 -36.42 -54.23
C SER I 19 -33.65 -35.27 -53.29
N GLY I 20 -32.74 -34.92 -52.40
CA GLY I 20 -32.86 -33.72 -51.59
C GLY I 20 -34.01 -33.68 -50.62
N VAL I 21 -34.66 -34.81 -50.36
CA VAL I 21 -35.87 -34.82 -49.56
C VAL I 21 -35.53 -34.40 -48.14
N TYR I 22 -36.33 -33.47 -47.58
CA TYR I 22 -36.15 -33.02 -46.20
C TYR I 22 -36.98 -33.90 -45.27
N THR I 23 -36.43 -35.07 -44.97
CA THR I 23 -37.04 -35.95 -44.00
C THR I 23 -36.62 -35.58 -42.59
N LEU I 24 -37.52 -35.84 -41.63
CA LEU I 24 -37.18 -35.78 -40.21
C LEU I 24 -36.54 -37.12 -39.87
N ALA I 25 -35.22 -37.17 -39.98
CA ALA I 25 -34.49 -38.43 -39.89
C ALA I 25 -33.92 -38.59 -38.49
N CYS I 26 -34.50 -39.48 -37.71
CA CYS I 26 -34.03 -39.79 -36.38
C CYS I 26 -32.68 -40.48 -36.46
N ARG I 27 -31.84 -40.26 -35.45
CA ARG I 27 -30.66 -41.08 -35.32
C ARG I 27 -30.88 -42.08 -34.19
N SER I 28 -29.88 -42.95 -33.98
CA SER I 28 -29.93 -43.95 -32.93
C SER I 28 -31.09 -44.93 -33.10
N CYS I 29 -31.85 -44.78 -34.17
CA CYS I 29 -33.00 -45.63 -34.41
C CYS I 29 -33.38 -45.55 -35.88
N PRO I 30 -33.91 -46.62 -36.45
CA PRO I 30 -34.37 -46.58 -37.85
C PRO I 30 -35.72 -45.87 -37.98
N TYR I 31 -35.75 -44.59 -37.66
CA TYR I 31 -36.95 -43.80 -37.84
C TYR I 31 -36.71 -42.71 -38.87
N GLU I 32 -37.77 -42.37 -39.58
CA GLU I 32 -37.72 -41.36 -40.63
C GLU I 32 -39.13 -40.88 -40.87
N PHE I 33 -39.34 -39.56 -40.82
CA PHE I 33 -40.62 -38.97 -41.20
C PHE I 33 -40.39 -38.22 -42.49
N PRO I 34 -40.80 -38.77 -43.62
CA PRO I 34 -40.65 -38.04 -44.89
C PRO I 34 -41.71 -36.96 -45.02
N ILE I 35 -41.27 -35.77 -45.41
CA ILE I 35 -42.19 -34.68 -45.72
C ILE I 35 -42.62 -34.83 -47.17
N GLU I 36 -43.92 -35.00 -47.38
CA GLU I 36 -44.51 -35.20 -48.70
C GLU I 36 -45.53 -34.09 -48.93
N GLY I 37 -45.06 -32.97 -49.48
CA GLY I 37 -45.95 -31.86 -49.75
C GLY I 37 -46.62 -31.28 -48.53
N ILE I 38 -45.91 -31.21 -47.41
CA ILE I 38 -46.44 -30.66 -46.16
C ILE I 38 -45.47 -29.62 -45.65
N GLU I 39 -45.96 -28.72 -44.79
CA GLU I 39 -45.11 -27.73 -44.15
C GLU I 39 -45.03 -28.02 -42.66
N ILE I 40 -43.82 -28.07 -42.13
CA ILE I 40 -43.58 -28.17 -40.70
C ILE I 40 -42.97 -26.84 -40.26
N TYR I 41 -43.71 -26.09 -39.46
CA TYR I 41 -43.27 -24.78 -39.00
C TYR I 41 -43.30 -24.74 -37.49
N ASP I 42 -42.19 -24.33 -36.89
CA ASP I 42 -42.10 -24.12 -35.44
C ASP I 42 -41.74 -22.66 -35.21
N ARG I 43 -42.74 -21.84 -34.91
CA ARG I 43 -42.53 -20.44 -34.60
C ARG I 43 -42.68 -20.22 -33.10
N LYS I 44 -42.15 -19.09 -32.63
CA LYS I 44 -42.26 -18.68 -31.24
C LYS I 44 -42.70 -17.23 -31.19
N LYS I 45 -43.67 -16.93 -30.34
CA LYS I 45 -44.09 -15.56 -30.12
C LYS I 45 -42.94 -14.73 -29.58
N LEU I 46 -42.90 -13.46 -29.98
CA LEU I 46 -41.93 -12.52 -29.48
C LEU I 46 -42.62 -11.26 -28.96
N PRO I 47 -42.25 -10.77 -27.77
CA PRO I 47 -42.89 -9.59 -27.19
C PRO I 47 -42.22 -8.28 -27.57
N MET J 1 -15.18 -6.81 46.95
CA MET J 1 -14.62 -7.86 47.79
C MET J 1 -15.19 -7.77 49.20
N ILE J 2 -14.69 -6.81 49.97
CA ILE J 2 -15.22 -6.50 51.28
C ILE J 2 -15.83 -5.10 51.20
N VAL J 3 -16.77 -4.82 52.09
CA VAL J 3 -17.58 -3.60 51.96
C VAL J 3 -16.68 -2.38 52.12
N PRO J 4 -16.82 -1.36 51.27
CA PRO J 4 -16.02 -0.15 51.45
C PRO J 4 -16.29 0.50 52.79
N VAL J 5 -15.26 1.12 53.36
CA VAL J 5 -15.41 1.80 54.64
C VAL J 5 -16.27 3.03 54.47
N ARG J 6 -16.11 3.75 53.36
CA ARG J 6 -16.75 5.03 53.15
C ARG J 6 -17.58 5.00 51.87
N CYS J 7 -18.72 5.69 51.91
CA CYS J 7 -19.44 5.98 50.68
C CYS J 7 -18.52 6.72 49.73
N PHE J 8 -18.46 6.25 48.48
CA PHE J 8 -17.58 6.87 47.48
C PHE J 8 -17.88 8.34 47.31
N SER J 9 -19.14 8.75 47.46
CA SER J 9 -19.54 10.11 47.12
C SER J 9 -19.50 11.05 48.33
N CYS J 10 -20.27 10.75 49.37
CA CYS J 10 -20.32 11.63 50.52
C CYS J 10 -19.15 11.42 51.47
N GLY J 11 -18.59 10.23 51.51
CA GLY J 11 -17.58 9.91 52.49
C GLY J 11 -18.10 9.38 53.80
N LYS J 12 -19.40 9.12 53.90
CA LYS J 12 -19.97 8.58 55.13
C LYS J 12 -19.47 7.16 55.37
N VAL J 13 -19.28 6.83 56.64
CA VAL J 13 -18.76 5.52 57.01
C VAL J 13 -19.88 4.50 56.86
N VAL J 14 -19.75 3.62 55.87
CA VAL J 14 -20.72 2.56 55.63
C VAL J 14 -20.17 1.18 55.93
N GLY J 15 -18.90 1.09 56.32
CA GLY J 15 -18.26 -0.18 56.58
C GLY J 15 -18.67 -0.83 57.88
N ASP J 16 -19.27 -0.07 58.80
CA ASP J 16 -19.83 -0.61 60.02
C ASP J 16 -21.31 -0.96 59.89
N LYS J 17 -21.85 -0.86 58.68
CA LYS J 17 -23.25 -1.14 58.42
C LYS J 17 -23.49 -2.48 57.73
N TRP J 18 -22.45 -3.13 57.21
CA TRP J 18 -22.68 -4.29 56.37
C TRP J 18 -23.20 -5.48 57.18
N GLU J 19 -22.56 -5.76 58.32
CA GLU J 19 -23.02 -6.89 59.13
C GLU J 19 -24.40 -6.63 59.71
N SER J 20 -24.65 -5.40 60.15
CA SER J 20 -25.96 -5.09 60.72
C SER J 20 -27.05 -5.09 59.65
N TYR J 21 -26.72 -4.68 58.43
CA TYR J 21 -27.67 -4.79 57.33
C TYR J 21 -27.97 -6.24 56.99
N LEU J 22 -26.92 -7.08 56.96
CA LEU J 22 -27.15 -8.50 56.73
C LEU J 22 -28.02 -9.09 57.82
N ASN J 23 -27.79 -8.70 59.07
CA ASN J 23 -28.58 -9.21 60.18
C ASN J 23 -30.02 -8.74 60.10
N LEU J 24 -30.23 -7.48 59.70
CA LEU J 24 -31.59 -6.98 59.55
C LEU J 24 -32.33 -7.70 58.43
N LEU J 25 -31.63 -8.06 57.36
CA LEU J 25 -32.26 -8.80 56.28
C LEU J 25 -32.57 -10.23 56.72
N GLN J 26 -31.60 -10.92 57.33
CA GLN J 26 -31.77 -12.32 57.68
C GLN J 26 -32.67 -12.49 58.91
N GLU J 27 -32.19 -12.05 60.07
CA GLU J 27 -33.04 -12.00 61.25
C GLU J 27 -34.02 -10.84 61.13
N ASP J 28 -35.16 -10.97 61.79
CA ASP J 28 -36.24 -9.99 61.76
C ASP J 28 -36.39 -9.39 60.36
N GLU J 29 -36.63 -10.29 59.41
CA GLU J 29 -36.52 -9.97 57.99
C GLU J 29 -37.33 -8.75 57.61
N LEU J 30 -36.65 -7.78 56.99
CA LEU J 30 -37.25 -6.56 56.50
C LEU J 30 -36.94 -6.42 55.01
N ASP J 31 -37.60 -5.46 54.38
CA ASP J 31 -37.25 -5.08 53.04
C ASP J 31 -35.87 -4.45 53.02
N GLU J 32 -35.22 -4.49 51.84
CA GLU J 32 -33.92 -3.85 51.72
C GLU J 32 -34.03 -2.35 51.95
N GLY J 33 -35.08 -1.71 51.43
CA GLY J 33 -35.23 -0.27 51.63
C GLY J 33 -35.38 0.11 53.09
N THR J 34 -36.24 -0.60 53.81
CA THR J 34 -36.44 -0.27 55.23
C THR J 34 -35.21 -0.61 56.05
N ALA J 35 -34.52 -1.70 55.70
CA ALA J 35 -33.28 -2.02 56.39
C ALA J 35 -32.24 -0.93 56.17
N LEU J 36 -32.14 -0.42 54.94
CA LEU J 36 -31.19 0.65 54.66
C LEU J 36 -31.54 1.91 55.41
N SER J 37 -32.82 2.28 55.46
CA SER J 37 -33.22 3.49 56.16
C SER J 37 -33.06 3.36 57.68
N ARG J 38 -33.19 2.14 58.21
CA ARG J 38 -33.02 1.93 59.65
C ARG J 38 -31.57 2.12 60.09
N LEU J 39 -30.62 2.04 59.16
CA LEU J 39 -29.22 2.21 59.47
C LEU J 39 -28.75 3.64 59.29
N GLY J 40 -29.64 4.55 58.91
CA GLY J 40 -29.27 5.93 58.68
C GLY J 40 -28.73 6.23 57.30
N LEU J 41 -28.82 5.27 56.37
CA LEU J 41 -28.39 5.49 54.99
C LEU J 41 -29.54 6.18 54.24
N LYS J 42 -29.60 7.50 54.39
CA LYS J 42 -30.63 8.29 53.75
C LYS J 42 -30.25 8.73 52.34
N ARG J 43 -29.03 9.23 52.17
CA ARG J 43 -28.57 9.65 50.85
C ARG J 43 -28.48 8.45 49.93
N TYR J 44 -28.87 8.62 48.66
CA TYR J 44 -28.93 7.47 47.78
C TYR J 44 -27.54 6.95 47.43
N CYS J 45 -26.50 7.77 47.50
CA CYS J 45 -25.14 7.27 47.31
C CYS J 45 -24.76 6.29 48.42
N CYS J 46 -25.08 6.65 49.67
CA CYS J 46 -24.83 5.76 50.79
C CYS J 46 -25.67 4.49 50.68
N ARG J 47 -26.92 4.63 50.23
CA ARG J 47 -27.76 3.45 50.02
C ARG J 47 -27.17 2.54 48.96
N ARG J 48 -26.62 3.14 47.90
CA ARG J 48 -25.99 2.36 46.83
C ARG J 48 -24.84 1.56 47.35
N MET J 49 -24.00 2.17 48.19
CA MET J 49 -22.80 1.48 48.66
C MET J 49 -23.12 0.15 49.32
N ILE J 50 -24.26 0.04 49.98
CA ILE J 50 -24.65 -1.19 50.64
C ILE J 50 -25.51 -2.07 49.75
N LEU J 51 -26.43 -1.45 49.02
CA LEU J 51 -27.39 -2.22 48.23
C LEU J 51 -26.72 -2.96 47.08
N THR J 52 -25.68 -2.37 46.49
CA THR J 52 -25.05 -2.96 45.32
C THR J 52 -23.77 -3.71 45.63
N HIS J 53 -23.33 -3.73 46.88
CA HIS J 53 -22.07 -4.39 47.20
C HIS J 53 -22.19 -5.90 47.02
N VAL J 54 -21.18 -6.49 46.39
CA VAL J 54 -21.08 -7.94 46.22
C VAL J 54 -19.96 -8.43 47.12
N ASP J 55 -20.31 -9.31 48.06
CA ASP J 55 -19.39 -9.71 49.12
C ASP J 55 -18.52 -10.87 48.64
N LEU J 56 -17.62 -10.55 47.71
CA LEU J 56 -16.77 -11.56 47.09
C LEU J 56 -15.73 -12.12 48.05
N ILE J 57 -15.46 -11.44 49.17
CA ILE J 57 -14.44 -11.96 50.08
C ILE J 57 -14.86 -13.29 50.66
N GLU J 58 -16.16 -13.49 50.89
CA GLU J 58 -16.64 -14.75 51.44
C GLU J 58 -16.45 -15.90 50.46
N LYS J 59 -16.54 -15.62 49.15
CA LYS J 59 -16.22 -16.64 48.17
C LYS J 59 -14.72 -16.85 48.06
N PHE J 60 -13.95 -15.77 48.10
CA PHE J 60 -12.49 -15.88 47.97
C PHE J 60 -11.89 -16.64 49.15
N LEU J 61 -12.56 -16.61 50.30
CA LEU J 61 -12.06 -17.29 51.49
C LEU J 61 -12.33 -18.79 51.48
N ARG J 62 -13.16 -19.28 50.56
CA ARG J 62 -13.32 -20.72 50.41
C ARG J 62 -12.08 -21.37 49.83
N TYR J 63 -11.19 -20.60 49.24
CA TYR J 63 -9.96 -21.08 48.64
C TYR J 63 -8.75 -20.76 49.51
N ASN J 64 -8.94 -20.84 50.82
CA ASN J 64 -7.90 -20.55 51.78
C ASN J 64 -6.71 -21.45 51.53
N PRO J 65 -5.52 -20.90 51.25
CA PRO J 65 -4.34 -21.74 51.00
C PRO J 65 -3.59 -22.17 52.25
N LEU J 66 -3.99 -21.72 53.43
CA LEU J 66 -3.30 -22.03 54.68
C LEU J 66 -4.21 -22.79 55.62
N GLU J 67 -5.07 -23.66 55.08
CA GLU J 67 -6.05 -24.40 55.86
C GLU J 67 -5.41 -25.21 56.99
N PRO K 42 7.90 37.09 57.56
CA PRO K 42 8.05 37.92 56.35
C PRO K 42 7.93 37.11 55.06
N ASP K 43 6.72 36.65 54.73
CA ASP K 43 6.51 35.81 53.56
C ASP K 43 6.57 36.67 52.30
N ARG K 44 7.55 36.38 51.44
CA ARG K 44 7.80 37.14 50.24
C ARG K 44 7.30 36.44 48.98
N GLU K 45 6.67 35.28 49.12
CA GLU K 45 6.20 34.51 47.98
C GLU K 45 4.69 34.40 47.89
N LYS K 46 3.96 34.76 48.94
CA LYS K 46 2.52 34.47 48.98
C LYS K 46 1.76 35.24 47.93
N ILE K 47 1.79 36.57 48.01
CA ILE K 47 1.02 37.42 47.11
C ILE K 47 1.98 38.27 46.30
N LYS K 48 1.87 38.18 44.98
CA LYS K 48 2.70 38.94 44.07
C LYS K 48 1.84 39.91 43.28
N LEU K 49 2.46 40.98 42.83
CA LEU K 49 1.81 41.92 41.93
C LEU K 49 2.29 41.61 40.52
N LEU K 50 1.35 41.35 39.62
CA LEU K 50 1.67 41.08 38.23
C LEU K 50 1.84 42.43 37.52
N THR K 51 3.06 42.73 37.10
CA THR K 51 3.35 44.06 36.58
C THR K 51 2.84 44.25 35.16
N GLN K 52 2.89 43.20 34.33
CA GLN K 52 2.37 43.32 32.98
C GLN K 52 0.88 43.65 32.98
N ALA K 53 0.15 43.22 34.00
CA ALA K 53 -1.27 43.48 34.13
C ALA K 53 -1.59 44.74 34.91
N THR K 54 -0.56 45.44 35.40
CA THR K 54 -0.74 46.61 36.24
C THR K 54 -0.72 47.87 35.38
N SER K 55 -1.53 48.85 35.76
CA SER K 55 -1.61 50.12 35.07
C SER K 55 -0.59 51.11 35.63
N GLU K 56 -0.67 52.35 35.15
CA GLU K 56 0.10 53.45 35.73
C GLU K 56 -0.67 54.02 36.91
N ASP K 57 0.03 54.28 38.01
CA ASP K 57 -0.55 54.88 39.21
C ASP K 57 -1.52 53.94 39.91
N GLY K 58 -1.35 52.64 39.67
CA GLY K 58 -2.27 51.69 40.26
C GLY K 58 -3.67 51.84 39.72
N THR K 59 -4.65 51.64 40.61
CA THR K 59 -6.08 51.70 40.31
C THR K 59 -6.51 50.55 39.42
N SER K 60 -5.56 49.74 38.97
CA SER K 60 -5.86 48.60 38.10
C SER K 60 -4.68 47.66 38.22
N ALA K 61 -4.88 46.52 38.87
CA ALA K 61 -3.78 45.63 39.13
C ALA K 61 -4.29 44.21 39.26
N SER K 62 -3.44 43.27 38.85
CA SER K 62 -3.69 41.85 39.04
C SER K 62 -2.72 41.34 40.09
N PHE K 63 -3.23 40.58 41.04
CA PHE K 63 -2.41 40.00 42.08
C PHE K 63 -2.40 38.49 41.90
N GLN K 64 -1.23 37.89 42.10
CA GLN K 64 -1.12 36.44 42.08
C GLN K 64 -0.95 35.95 43.50
N ILE K 65 -1.83 35.05 43.92
CA ILE K 65 -1.87 34.54 45.29
C ILE K 65 -1.71 33.02 45.21
N VAL K 66 -0.57 32.52 45.68
CA VAL K 66 -0.33 31.08 45.62
C VAL K 66 -0.99 30.39 46.80
N GLU K 67 -1.23 29.09 46.65
CA GLU K 67 -1.88 28.27 47.66
C GLU K 67 -3.28 28.80 47.99
N GLU K 68 -3.98 29.27 46.97
CA GLU K 68 -5.33 29.80 47.10
C GLU K 68 -6.20 29.24 45.99
N ASP K 69 -7.49 29.18 46.24
CA ASP K 69 -8.41 28.64 45.25
C ASP K 69 -9.75 29.35 45.37
N HIS K 70 -10.80 28.72 44.86
CA HIS K 70 -12.12 29.36 44.82
C HIS K 70 -12.58 29.80 46.20
N THR K 71 -12.14 29.11 47.25
CA THR K 71 -12.59 29.43 48.60
C THR K 71 -12.31 30.89 48.94
N LEU K 72 -11.04 31.27 48.97
CA LEU K 72 -10.71 32.66 49.25
C LEU K 72 -11.04 33.56 48.08
N GLY K 73 -10.87 33.08 46.85
CA GLY K 73 -11.10 33.93 45.69
C GLY K 73 -12.51 34.48 45.63
N ASN K 74 -13.51 33.64 45.87
CA ASN K 74 -14.89 34.07 45.71
C ASN K 74 -15.33 35.01 46.81
N ALA K 75 -14.97 34.69 48.06
CA ALA K 75 -15.30 35.57 49.18
C ALA K 75 -14.61 36.92 49.03
N LEU K 76 -13.34 36.91 48.65
CA LEU K 76 -12.62 38.15 48.43
C LEU K 76 -13.25 38.97 47.32
N ARG K 77 -13.62 38.34 46.21
CA ARG K 77 -14.23 39.08 45.11
C ARG K 77 -15.55 39.70 45.55
N TYR K 78 -16.37 38.95 46.27
CA TYR K 78 -17.64 39.49 46.76
C TYR K 78 -17.41 40.72 47.63
N VAL K 79 -16.54 40.59 48.63
CA VAL K 79 -16.29 41.69 49.56
C VAL K 79 -15.72 42.90 48.81
N ILE K 80 -14.86 42.65 47.83
CA ILE K 80 -14.22 43.75 47.12
C ILE K 80 -15.22 44.47 46.23
N MET K 81 -16.12 43.73 45.58
CA MET K 81 -17.18 44.38 44.81
C MET K 81 -18.08 45.20 45.70
N LYS K 82 -18.13 44.88 46.99
CA LYS K 82 -18.97 45.66 47.94
C LYS K 82 -18.31 47.01 48.25
N ASN K 83 -17.30 47.39 47.46
CA ASN K 83 -16.60 48.70 47.66
C ASN K 83 -17.01 49.65 46.54
N PRO K 84 -17.49 50.88 46.85
CA PRO K 84 -17.98 51.80 45.81
C PRO K 84 -16.91 52.16 44.76
N ASP K 85 -15.65 52.30 45.16
CA ASP K 85 -14.59 52.73 44.21
C ASP K 85 -14.23 51.58 43.26
N VAL K 86 -14.49 50.34 43.65
CA VAL K 86 -14.07 49.18 42.80
C VAL K 86 -15.02 49.07 41.60
N GLU K 87 -14.50 49.23 40.38
CA GLU K 87 -15.30 49.03 39.19
C GLU K 87 -15.23 47.63 38.62
N PHE K 88 -14.23 46.87 39.01
CA PHE K 88 -13.95 45.57 38.41
C PHE K 88 -13.29 44.71 39.47
N CYS K 89 -13.84 43.54 39.71
CA CYS K 89 -13.16 42.55 40.52
C CYS K 89 -13.55 41.17 40.05
N GLY K 90 -12.54 40.34 39.85
CA GLY K 90 -12.77 38.96 39.51
C GLY K 90 -11.48 38.20 39.64
N TYR K 91 -11.57 36.92 39.97
CA TYR K 91 -10.40 36.09 40.12
C TYR K 91 -10.41 35.04 39.02
N SER K 92 -9.31 34.30 38.93
CA SER K 92 -9.27 33.15 38.03
C SER K 92 -8.16 32.23 38.48
N ILE K 93 -8.44 30.94 38.48
CA ILE K 93 -7.41 29.93 38.68
C ILE K 93 -6.96 29.51 37.29
N PRO K 94 -5.83 30.03 36.80
CA PRO K 94 -5.50 29.81 35.38
C PRO K 94 -5.36 28.35 34.99
N HIS K 95 -4.95 27.49 35.91
CA HIS K 95 -4.83 26.08 35.60
C HIS K 95 -5.03 25.27 36.87
N PRO K 96 -5.79 24.17 36.80
CA PRO K 96 -5.94 23.31 37.99
C PRO K 96 -4.64 22.70 38.48
N SER K 97 -3.66 22.45 37.60
CA SER K 97 -2.42 21.82 38.04
C SER K 97 -1.68 22.67 39.06
N GLU K 98 -1.79 24.00 38.93
CA GLU K 98 -1.03 24.89 39.83
C GLU K 98 -1.92 25.42 40.95
N ASN K 99 -1.42 25.45 42.19
CA ASN K 99 -2.20 26.05 43.31
C ASN K 99 -1.96 27.55 43.24
N LEU K 100 -2.57 28.22 42.25
CA LEU K 100 -2.31 29.67 42.02
C LEU K 100 -3.63 30.39 41.77
N LEU K 101 -3.79 31.61 42.29
CA LEU K 101 -5.01 32.40 42.02
C LEU K 101 -4.62 33.79 41.52
N ASN K 102 -5.22 34.23 40.42
CA ASN K 102 -4.95 35.59 39.88
C ASN K 102 -6.19 36.45 40.10
N ILE K 103 -6.11 37.44 41.00
CA ILE K 103 -7.25 38.28 41.29
C ILE K 103 -7.02 39.64 40.66
N ARG K 104 -7.99 40.10 39.89
CA ARG K 104 -7.89 41.37 39.18
C ARG K 104 -8.77 42.40 39.87
N ILE K 105 -8.19 43.57 40.16
CA ILE K 105 -8.95 44.70 40.70
C ILE K 105 -8.69 45.90 39.82
N GLN K 106 -9.76 46.50 39.31
CA GLN K 106 -9.71 47.81 38.68
C GLN K 106 -10.63 48.72 39.47
N THR K 107 -10.12 49.89 39.84
CA THR K 107 -10.90 50.85 40.59
C THR K 107 -11.13 52.08 39.73
N TYR K 108 -11.95 52.99 40.25
CA TYR K 108 -11.97 54.35 39.73
C TYR K 108 -10.78 55.08 40.37
N GLY K 109 -10.69 56.39 40.17
CA GLY K 109 -9.48 57.07 40.62
C GLY K 109 -9.36 57.29 42.11
N GLU K 110 -10.44 57.06 42.87
CA GLU K 110 -10.41 57.37 44.33
C GLU K 110 -9.29 56.59 45.01
N THR K 111 -9.16 55.29 44.72
CA THR K 111 -8.16 54.45 45.43
C THR K 111 -7.34 53.61 44.44
N THR K 112 -6.33 52.91 44.94
CA THR K 112 -5.53 52.01 44.06
C THR K 112 -6.00 50.57 44.28
N ALA K 113 -5.67 49.66 43.37
CA ALA K 113 -6.11 48.25 43.48
C ALA K 113 -5.58 47.66 44.79
N VAL K 114 -4.34 48.00 45.16
CA VAL K 114 -3.73 47.47 46.42
C VAL K 114 -4.62 47.88 47.60
N ASP K 115 -5.03 49.15 47.65
CA ASP K 115 -5.87 49.64 48.77
C ASP K 115 -7.19 48.87 48.79
N ALA K 116 -7.81 48.70 47.63
CA ALA K 116 -9.09 47.95 47.55
C ALA K 116 -8.85 46.51 48.02
N LEU K 117 -7.72 45.92 47.64
CA LEU K 117 -7.39 44.55 48.10
C LEU K 117 -7.26 44.54 49.62
N GLN K 118 -6.45 45.46 50.18
CA GLN K 118 -6.27 45.50 51.62
C GLN K 118 -7.59 45.72 52.34
N LYS K 119 -8.42 46.62 51.82
CA LYS K 119 -9.74 46.82 52.41
C LYS K 119 -10.59 45.57 52.30
N GLY K 120 -10.52 44.88 51.18
CA GLY K 120 -11.26 43.63 51.04
C GLY K 120 -10.85 42.60 52.07
N LEU K 121 -9.55 42.49 52.32
CA LEU K 121 -9.08 41.53 53.33
C LEU K 121 -9.51 41.94 54.73
N LYS K 122 -9.43 43.24 55.05
CA LYS K 122 -9.90 43.70 56.34
C LYS K 122 -11.38 43.41 56.53
N ASP K 123 -12.18 43.66 55.49
CA ASP K 123 -13.62 43.46 55.60
C ASP K 123 -13.98 41.98 55.68
N LEU K 124 -13.25 41.12 54.96
CA LEU K 124 -13.47 39.69 55.10
C LEU K 124 -13.16 39.22 56.51
N MET K 125 -12.07 39.72 57.10
CA MET K 125 -11.75 39.38 58.48
C MET K 125 -12.86 39.84 59.43
N ASP K 126 -13.35 41.06 59.25
CA ASP K 126 -14.43 41.56 60.10
C ASP K 126 -15.68 40.72 59.96
N LEU K 127 -16.03 40.35 58.73
CA LEU K 127 -17.22 39.54 58.50
C LEU K 127 -17.11 38.20 59.19
N CYS K 128 -15.96 37.54 59.06
CA CYS K 128 -15.78 36.25 59.72
C CYS K 128 -15.79 36.41 61.23
N ASP K 129 -15.30 37.54 61.75
CA ASP K 129 -15.39 37.81 63.18
C ASP K 129 -16.85 37.92 63.64
N VAL K 130 -17.68 38.63 62.87
CA VAL K 130 -19.09 38.72 63.21
C VAL K 130 -19.73 37.34 63.20
N VAL K 131 -19.41 36.54 62.19
CA VAL K 131 -19.94 35.18 62.11
C VAL K 131 -19.52 34.37 63.32
N GLU K 132 -18.25 34.49 63.72
CA GLU K 132 -17.76 33.76 64.88
C GLU K 132 -18.51 34.16 66.13
N SER K 133 -18.70 35.46 66.35
CA SER K 133 -19.37 35.92 67.56
C SER K 133 -20.81 35.42 67.61
N LYS K 134 -21.54 35.57 66.50
CA LYS K 134 -22.94 35.13 66.49
C LYS K 134 -23.05 33.63 66.71
N PHE K 135 -22.18 32.86 66.04
CA PHE K 135 -22.27 31.41 66.17
C PHE K 135 -21.90 30.95 67.57
N THR K 136 -20.85 31.53 68.17
CA THR K 136 -20.48 31.13 69.51
C THR K 136 -21.55 31.52 70.52
N GLU K 137 -22.23 32.65 70.27
CA GLU K 137 -23.31 33.05 71.17
C GLU K 137 -24.48 32.09 71.09
N LYS K 138 -24.85 31.67 69.88
CA LYS K 138 -25.96 30.72 69.75
C LYS K 138 -25.57 29.35 70.29
N ILE K 139 -24.29 28.97 70.19
CA ILE K 139 -23.85 27.73 70.80
C ILE K 139 -23.98 27.80 72.31
N LYS K 140 -23.53 28.92 72.91
CA LYS K 140 -23.61 29.06 74.35
C LYS K 140 -25.07 29.07 74.82
N SER K 141 -25.93 29.81 74.14
CA SER K 141 -27.33 29.87 74.51
C SER K 141 -27.99 28.49 74.37
N MET K 142 -28.04 27.98 73.15
CA MET K 142 -28.62 26.68 72.83
C MET K 142 -29.91 26.37 73.60
N UNK L 13 11.49 12.98 71.76
CA UNK L 13 11.25 11.58 71.44
C UNK L 13 10.71 11.44 70.02
N UNK L 14 11.45 10.74 69.18
CA UNK L 14 11.09 10.59 67.77
C UNK L 14 10.59 9.17 67.49
N UNK L 15 11.12 8.55 66.43
CA UNK L 15 10.71 7.21 66.04
C UNK L 15 11.56 6.63 64.91
N UNK L 16 11.41 5.33 64.69
CA UNK L 16 11.98 4.66 63.52
C UNK L 16 10.86 4.23 62.58
N UNK L 17 10.85 2.95 62.23
CA UNK L 17 9.80 2.37 61.40
C UNK L 17 8.44 2.50 62.06
N UNK L 18 8.10 1.53 62.91
CA UNK L 18 6.83 1.55 63.61
C UNK L 18 7.00 1.42 65.12
N LEU L 27 13.99 -20.40 54.41
CA LEU L 27 13.30 -20.56 53.13
C LEU L 27 12.04 -21.38 53.29
N LYS L 28 11.06 -20.82 54.00
CA LYS L 28 9.83 -21.57 54.27
C LYS L 28 8.95 -21.64 53.03
N TYR L 29 8.32 -22.80 52.85
CA TYR L 29 7.42 -23.04 51.73
C TYR L 29 6.12 -23.61 52.25
N ILE L 30 5.04 -23.30 51.53
CA ILE L 30 3.71 -23.80 51.85
C ILE L 30 3.29 -24.71 50.71
N CYS L 31 2.87 -25.92 51.04
CA CYS L 31 2.29 -26.77 50.02
C CYS L 31 0.94 -26.20 49.61
N ALA L 32 0.70 -26.13 48.29
CA ALA L 32 -0.56 -25.60 47.81
C ALA L 32 -1.72 -26.55 48.08
N GLU L 33 -1.45 -27.77 48.52
CA GLU L 33 -2.48 -28.78 48.76
C GLU L 33 -2.86 -28.89 50.24
N CYS L 34 -1.89 -29.10 51.13
CA CYS L 34 -2.17 -29.31 52.53
C CYS L 34 -1.75 -28.15 53.42
N SER L 35 -1.10 -27.14 52.87
CA SER L 35 -0.74 -25.92 53.60
C SER L 35 0.19 -26.24 54.77
N SER L 36 1.29 -26.90 54.44
CA SER L 36 2.28 -27.33 55.44
C SER L 36 3.58 -26.58 55.25
N LYS L 37 4.22 -26.26 56.37
CA LYS L 37 5.52 -25.58 56.35
C LYS L 37 6.58 -26.58 55.91
N LEU L 38 7.38 -26.20 54.92
CA LEU L 38 8.43 -27.05 54.39
C LEU L 38 9.70 -26.24 54.26
N SER L 39 10.83 -26.94 54.29
CA SER L 39 12.13 -26.33 54.09
C SER L 39 12.85 -27.11 53.00
N LEU L 40 13.04 -26.48 51.84
CA LEU L 40 13.65 -27.14 50.71
C LEU L 40 15.15 -27.24 50.92
N SER L 41 15.68 -28.46 50.93
CA SER L 41 17.11 -28.66 51.10
C SER L 41 17.85 -28.25 49.82
N ARG L 42 19.17 -28.45 49.85
CA ARG L 42 20.00 -28.18 48.69
C ARG L 42 19.88 -29.38 47.73
N THR L 43 19.12 -29.20 46.66
CA THR L 43 19.02 -30.18 45.57
C THR L 43 18.53 -31.53 46.10
N ASP L 44 17.29 -31.54 46.58
CA ASP L 44 16.64 -32.77 47.00
C ASP L 44 15.46 -33.14 46.11
N ALA L 45 14.42 -32.31 46.07
CA ALA L 45 13.20 -32.52 45.31
C ALA L 45 12.32 -31.29 45.53
N VAL L 46 11.25 -31.19 44.73
CA VAL L 46 10.38 -30.03 44.76
C VAL L 46 8.98 -30.47 45.13
N ARG L 47 8.88 -31.48 45.99
CA ARG L 47 7.60 -32.07 46.35
C ARG L 47 7.34 -31.88 47.83
N CYS L 48 6.06 -31.90 48.20
CA CYS L 48 5.70 -31.86 49.61
C CYS L 48 6.16 -33.15 50.29
N LYS L 49 6.55 -33.03 51.55
CA LYS L 49 6.95 -34.20 52.32
C LYS L 49 5.77 -34.92 52.96
N ASP L 50 4.67 -34.21 53.23
CA ASP L 50 3.50 -34.82 53.84
C ASP L 50 2.64 -35.55 52.80
N CYS L 51 2.09 -34.81 51.85
CA CYS L 51 1.45 -35.37 50.68
C CYS L 51 2.47 -35.40 49.56
N GLY L 52 2.03 -35.84 48.38
CA GLY L 52 2.94 -35.89 47.25
C GLY L 52 2.88 -34.67 46.36
N HIS L 53 2.23 -33.61 46.85
CA HIS L 53 1.90 -32.49 45.98
C HIS L 53 3.15 -31.77 45.49
N ARG L 54 3.15 -31.43 44.20
CA ARG L 54 4.34 -30.98 43.49
C ARG L 54 4.36 -29.47 43.30
N ILE L 55 3.52 -28.73 44.01
CA ILE L 55 3.44 -27.28 43.89
C ILE L 55 3.68 -26.67 45.25
N LEU L 56 4.74 -25.88 45.37
CA LEU L 56 5.09 -25.23 46.61
C LEU L 56 5.05 -23.72 46.43
N LEU L 57 4.60 -23.02 47.46
CA LEU L 57 4.48 -21.58 47.44
C LEU L 57 5.41 -20.98 48.49
N LYS L 58 6.10 -19.92 48.13
CA LYS L 58 6.88 -19.18 49.10
C LYS L 58 5.94 -18.54 50.11
N ALA L 59 6.29 -18.64 51.39
CA ALA L 59 5.50 -17.97 52.41
C ALA L 59 5.86 -16.48 52.44
N ARG L 60 4.97 -15.69 53.04
CA ARG L 60 5.18 -14.26 53.07
C ARG L 60 6.49 -13.93 53.76
N THR L 61 7.24 -12.97 53.20
CA THR L 61 8.52 -12.61 53.77
C THR L 61 8.35 -12.11 55.20
N LYS L 62 9.41 -12.21 55.98
CA LYS L 62 9.35 -11.77 57.36
C LYS L 62 9.57 -10.28 57.51
N ARG L 63 10.27 -9.64 56.58
CA ARG L 63 10.65 -8.25 56.76
C ARG L 63 9.43 -7.33 56.67
N LEU L 64 9.66 -6.08 57.04
CA LEU L 64 8.61 -5.08 57.06
C LEU L 64 8.32 -4.57 55.66
N VAL L 65 7.04 -4.38 55.36
CA VAL L 65 6.62 -3.70 54.16
C VAL L 65 5.76 -2.52 54.57
N GLN L 66 6.11 -1.34 54.08
CA GLN L 66 5.45 -0.10 54.42
C GLN L 66 4.57 0.33 53.25
N PHE L 67 3.30 0.63 53.55
CA PHE L 67 2.38 1.13 52.56
C PHE L 67 1.82 2.47 53.01
N GLU L 68 1.70 3.38 52.07
CA GLU L 68 1.03 4.65 52.29
C GLU L 68 -0.47 4.40 52.26
N ALA L 69 -1.17 4.79 53.33
CA ALA L 69 -2.59 4.44 53.50
C ALA L 69 -3.47 5.33 52.63
N ARG L 70 -3.29 5.20 51.31
CA ARG L 70 -4.03 6.01 50.36
C ARG L 70 -4.64 5.17 49.25
N ILE M 71 -70.36 -46.68 3.69
CA ILE M 71 -70.83 -47.49 4.81
C ILE M 71 -70.68 -48.97 4.49
N GLU M 72 -70.45 -49.27 3.22
CA GLU M 72 -70.25 -50.64 2.76
C GLU M 72 -68.79 -51.06 2.94
N GLU M 73 -68.55 -52.36 2.75
CA GLU M 73 -67.25 -52.95 2.97
C GLU M 73 -66.68 -53.47 1.65
N PHE M 74 -65.35 -53.47 1.56
CA PHE M 74 -64.63 -54.07 0.45
C PHE M 74 -63.45 -54.83 1.03
N PRO M 75 -63.53 -56.15 1.13
CA PRO M 75 -62.45 -56.91 1.78
C PRO M 75 -61.13 -56.81 1.03
N LEU M 76 -60.05 -57.03 1.79
CA LEU M 76 -58.71 -57.12 1.25
C LEU M 76 -58.16 -58.52 1.50
N LYS M 77 -57.53 -59.08 0.48
CA LYS M 77 -56.88 -60.38 0.60
C LYS M 77 -55.43 -60.23 0.18
N ILE M 78 -54.53 -60.72 0.99
CA ILE M 78 -53.12 -60.76 0.64
C ILE M 78 -52.77 -62.18 0.23
N SER M 79 -52.05 -62.31 -0.89
CA SER M 79 -51.75 -63.62 -1.43
C SER M 79 -50.43 -63.58 -2.18
N GLY M 80 -49.93 -64.78 -2.51
CA GLY M 80 -48.72 -64.91 -3.31
C GLY M 80 -47.45 -64.63 -2.54
N GLU M 81 -47.25 -65.32 -1.41
CA GLU M 81 -46.01 -65.16 -0.67
C GLU M 81 -44.81 -65.67 -1.45
N GLU M 82 -44.88 -66.90 -1.95
CA GLU M 82 -43.82 -67.46 -2.77
C GLU M 82 -43.85 -66.96 -4.20
N GLU M 83 -44.99 -66.45 -4.65
CA GLU M 83 -45.10 -65.87 -5.98
C GLU M 83 -44.21 -64.64 -6.11
N SER M 84 -43.59 -64.49 -7.28
CA SER M 84 -42.72 -63.37 -7.59
C SER M 84 -43.32 -62.60 -8.76
N LEU M 85 -43.49 -61.29 -8.60
CA LEU M 85 -44.17 -60.47 -9.58
C LEU M 85 -43.31 -59.26 -9.94
N HIS M 86 -43.44 -58.79 -11.18
CA HIS M 86 -42.70 -57.62 -11.67
C HIS M 86 -43.64 -56.71 -12.42
N VAL M 87 -43.30 -55.42 -12.42
CA VAL M 87 -44.05 -54.40 -13.14
C VAL M 87 -43.09 -53.71 -14.11
N PHE M 88 -43.54 -53.55 -15.36
CA PHE M 88 -42.80 -52.84 -16.38
C PHE M 88 -43.32 -51.40 -16.47
N GLN M 89 -42.39 -50.46 -16.60
CA GLN M 89 -42.75 -49.06 -16.85
C GLN M 89 -42.08 -48.64 -18.14
N TYR M 90 -42.86 -48.55 -19.21
CA TYR M 90 -42.33 -48.18 -20.52
C TYR M 90 -42.21 -46.66 -20.56
N ALA M 91 -40.99 -46.16 -20.38
CA ALA M 91 -40.76 -44.72 -20.42
C ALA M 91 -40.86 -44.17 -21.83
N ASN M 92 -41.29 -44.98 -22.78
CA ASN M 92 -41.32 -44.62 -24.19
C ASN M 92 -42.72 -44.56 -24.77
N ARG M 93 -43.66 -45.34 -24.24
CA ARG M 93 -44.99 -45.39 -24.77
C ARG M 93 -46.00 -44.76 -23.82
N PRO M 94 -46.85 -43.87 -24.32
CA PRO M 94 -47.81 -43.20 -23.43
C PRO M 94 -48.85 -44.16 -22.91
N ARG M 95 -49.37 -43.83 -21.72
CA ARG M 95 -50.37 -44.67 -21.07
C ARG M 95 -51.65 -44.75 -21.88
N LEU M 96 -52.04 -43.67 -22.54
CA LEU M 96 -53.18 -43.67 -23.44
C LEU M 96 -53.01 -42.55 -24.45
N VAL M 97 -53.38 -42.83 -25.69
CA VAL M 97 -53.25 -41.87 -26.77
C VAL M 97 -54.60 -41.30 -27.20
N GLY M 98 -55.70 -41.89 -26.79
CA GLY M 98 -57.03 -41.36 -27.02
C GLY M 98 -57.83 -41.36 -25.73
N ARG M 99 -59.10 -41.73 -25.84
CA ARG M 99 -59.98 -41.82 -24.69
C ARG M 99 -59.95 -43.21 -24.05
N LYS M 100 -59.36 -44.19 -24.73
CA LYS M 100 -59.18 -45.56 -24.27
C LYS M 100 -57.69 -45.86 -24.16
N PRO M 101 -57.30 -46.85 -23.35
CA PRO M 101 -55.87 -47.13 -23.19
C PRO M 101 -55.21 -47.54 -24.50
N ALA M 102 -53.93 -47.18 -24.63
CA ALA M 102 -53.19 -47.48 -25.85
C ALA M 102 -52.97 -48.98 -25.99
N GLU M 103 -52.65 -49.40 -27.20
CA GLU M 103 -52.45 -50.82 -27.47
C GLU M 103 -51.21 -51.33 -26.75
N HIS M 104 -51.33 -52.53 -26.18
CA HIS M 104 -50.18 -53.14 -25.52
C HIS M 104 -49.13 -53.47 -26.57
N PRO M 105 -47.92 -52.94 -26.45
CA PRO M 105 -46.89 -53.22 -27.46
C PRO M 105 -46.66 -54.72 -27.61
N PHE M 106 -46.56 -55.15 -28.86
CA PHE M 106 -46.24 -56.54 -29.14
C PHE M 106 -44.85 -56.86 -28.60
N ILE M 107 -44.73 -57.96 -27.86
CA ILE M 107 -43.49 -58.32 -27.21
C ILE M 107 -43.06 -59.69 -27.72
N SER M 108 -41.78 -59.81 -28.05
CA SER M 108 -41.20 -61.06 -28.51
C SER M 108 -39.72 -61.10 -28.13
N ALA M 109 -39.24 -62.29 -27.80
CA ALA M 109 -37.83 -62.54 -27.50
C ALA M 109 -37.35 -61.69 -26.32
N ALA M 110 -37.89 -61.98 -25.15
CA ALA M 110 -37.49 -61.29 -23.93
C ALA M 110 -36.22 -61.90 -23.33
N ARG M 111 -35.55 -61.13 -22.47
CA ARG M 111 -34.36 -61.59 -21.78
C ARG M 111 -34.43 -61.16 -20.32
N TYR M 112 -33.58 -61.79 -19.50
CA TYR M 112 -33.48 -61.48 -18.08
C TYR M 112 -32.12 -61.94 -17.59
N LYS M 113 -31.73 -61.49 -16.41
CA LYS M 113 -30.51 -61.95 -15.75
C LYS M 113 -30.75 -62.18 -14.26
N PRO M 114 -30.56 -63.39 -13.75
CA PRO M 114 -30.64 -63.59 -12.29
C PRO M 114 -29.48 -62.91 -11.59
N LYS M 115 -29.72 -62.52 -10.34
CA LYS M 115 -28.73 -61.94 -9.43
C LYS M 115 -28.19 -60.62 -9.95
N SER M 116 -28.60 -60.20 -11.15
CA SER M 116 -28.25 -58.90 -11.70
C SER M 116 -29.47 -58.12 -12.14
N HIS M 117 -30.59 -58.79 -12.39
CA HIS M 117 -31.91 -58.17 -12.55
C HIS M 117 -31.90 -57.13 -13.68
N LEU M 118 -31.64 -57.63 -14.88
CA LEU M 118 -31.68 -56.81 -16.08
C LEU M 118 -32.78 -57.32 -17.00
N TRP M 119 -33.90 -56.59 -17.04
CA TRP M 119 -34.94 -56.85 -18.01
C TRP M 119 -34.51 -56.31 -19.36
N GLU M 120 -34.65 -57.14 -20.39
CA GLU M 120 -34.34 -56.73 -21.76
C GLU M 120 -35.45 -57.24 -22.66
N ILE M 121 -36.08 -56.33 -23.39
CA ILE M 121 -37.25 -56.63 -24.20
C ILE M 121 -37.00 -56.11 -25.61
N ASP M 122 -37.45 -56.86 -26.61
CA ASP M 122 -37.19 -56.55 -28.01
C ASP M 122 -38.53 -56.49 -28.76
N ILE M 123 -39.13 -55.32 -28.84
CA ILE M 123 -40.39 -55.12 -29.55
C ILE M 123 -40.08 -54.80 -31.01
N PRO M 124 -40.59 -55.58 -31.96
CA PRO M 124 -40.25 -55.35 -33.37
C PRO M 124 -40.95 -54.13 -33.94
N LEU M 125 -40.22 -53.38 -34.75
CA LEU M 125 -40.74 -52.12 -35.29
C LEU M 125 -41.46 -52.37 -36.60
N ASP M 126 -41.79 -51.27 -37.28
CA ASP M 126 -42.58 -51.31 -38.51
C ASP M 126 -41.68 -50.96 -39.68
N GLU M 127 -41.34 -51.96 -40.49
CA GLU M 127 -40.63 -51.71 -41.74
C GLU M 127 -41.55 -51.26 -42.85
N GLN M 128 -42.86 -51.36 -42.66
CA GLN M 128 -43.79 -50.93 -43.70
C GLN M 128 -43.69 -49.43 -43.95
N ALA M 129 -43.56 -48.63 -42.89
CA ALA M 129 -43.49 -47.19 -43.03
C ALA M 129 -42.62 -46.61 -41.93
N PHE M 130 -42.05 -45.43 -42.21
CA PHE M 130 -41.24 -44.67 -41.26
C PHE M 130 -40.08 -45.50 -40.72
N TYR M 131 -39.46 -46.29 -41.59
CA TYR M 131 -38.42 -47.19 -41.13
C TYR M 131 -37.02 -46.83 -41.58
N ASN M 132 -36.87 -46.18 -42.75
CA ASN M 132 -35.56 -45.76 -43.23
C ASN M 132 -34.63 -46.96 -43.38
N LYS M 133 -35.02 -47.84 -44.31
CA LYS M 133 -34.38 -49.15 -44.43
C LYS M 133 -32.92 -49.03 -44.85
N ASP M 134 -32.63 -48.12 -45.78
CA ASP M 134 -31.28 -48.05 -46.35
C ASP M 134 -30.25 -47.67 -45.29
N LYS M 135 -30.49 -46.57 -44.58
CA LYS M 135 -29.57 -46.18 -43.52
C LYS M 135 -29.60 -47.18 -42.37
N ALA M 136 -30.78 -47.71 -42.05
CA ALA M 136 -30.87 -48.72 -41.00
C ALA M 136 -29.92 -49.88 -41.27
N GLU M 137 -30.01 -50.47 -42.47
CA GLU M 137 -29.21 -51.64 -42.79
C GLU M 137 -27.76 -51.29 -43.09
N SER M 138 -27.49 -50.05 -43.54
CA SER M 138 -26.11 -49.66 -43.80
C SER M 138 -25.35 -49.42 -42.51
N GLU M 139 -26.01 -48.82 -41.51
CA GLU M 139 -25.37 -48.53 -40.24
C GLU M 139 -25.35 -49.73 -39.31
N TRP M 140 -26.51 -50.33 -39.04
CA TRP M 140 -26.61 -51.42 -38.08
C TRP M 140 -27.39 -52.56 -38.69
N ASN M 141 -26.80 -53.76 -38.68
CA ASN M 141 -27.33 -54.90 -39.41
C ASN M 141 -28.75 -55.26 -39.02
N GLY M 142 -28.93 -55.72 -37.78
CA GLY M 142 -30.24 -56.12 -37.32
C GLY M 142 -30.92 -55.06 -36.46
N VAL M 143 -31.85 -54.33 -37.07
CA VAL M 143 -32.56 -53.26 -36.36
C VAL M 143 -34.05 -53.45 -36.53
N ASN M 144 -34.47 -54.70 -36.72
CA ASN M 144 -35.89 -54.99 -36.78
C ASN M 144 -36.57 -54.71 -35.45
N VAL M 145 -35.93 -55.08 -34.34
CA VAL M 145 -36.56 -55.10 -33.03
C VAL M 145 -36.00 -53.95 -32.19
N GLN M 146 -36.90 -53.12 -31.69
CA GLN M 146 -36.55 -52.05 -30.75
C GLN M 146 -36.32 -52.65 -29.37
N THR M 147 -35.15 -52.42 -28.81
CA THR M 147 -34.76 -53.03 -27.55
C THR M 147 -35.07 -52.09 -26.39
N LEU M 148 -35.72 -52.62 -25.36
CA LEU M 148 -35.98 -51.89 -24.13
C LEU M 148 -35.21 -52.55 -23.00
N LYS M 149 -34.35 -51.78 -22.33
CA LYS M 149 -33.51 -52.30 -21.27
C LYS M 149 -33.78 -51.53 -19.98
N GLY M 150 -33.83 -52.25 -18.87
CA GLY M 150 -34.05 -51.64 -17.57
C GLY M 150 -33.75 -52.62 -16.46
N VAL M 151 -33.49 -52.09 -15.27
CA VAL M 151 -33.28 -52.92 -14.10
C VAL M 151 -34.55 -52.90 -13.25
N GLY M 152 -34.66 -53.88 -12.37
CA GLY M 152 -35.73 -53.90 -11.39
C GLY M 152 -35.21 -53.48 -10.04
N VAL M 153 -35.94 -52.57 -9.39
CA VAL M 153 -35.52 -51.97 -8.13
C VAL M 153 -36.39 -52.52 -7.01
N GLU M 154 -35.75 -53.03 -5.96
CA GLU M 154 -36.47 -53.44 -4.76
C GLU M 154 -37.21 -52.26 -4.16
N ASN M 155 -38.49 -52.46 -3.85
CA ASN M 155 -39.28 -51.45 -3.16
C ASN M 155 -40.37 -52.16 -2.36
N ASN M 156 -40.30 -52.05 -1.04
CA ASN M 156 -41.28 -52.71 -0.20
C ASN M 156 -42.59 -51.94 -0.22
N GLY M 157 -43.64 -52.60 0.26
CA GLY M 157 -44.95 -51.99 0.29
C GLY M 157 -45.62 -51.86 -1.05
N GLN M 158 -45.14 -52.57 -2.05
CA GLN M 158 -45.69 -52.52 -3.40
C GLN M 158 -46.55 -53.76 -3.63
N TYR M 159 -47.75 -53.56 -4.14
CA TYR M 159 -48.68 -54.65 -4.39
C TYR M 159 -49.47 -54.37 -5.66
N ALA M 160 -49.86 -55.44 -6.34
CA ALA M 160 -50.74 -55.37 -7.49
C ALA M 160 -52.11 -55.88 -7.11
N ALA M 161 -53.16 -55.26 -7.64
CA ALA M 161 -54.51 -55.51 -7.17
C ALA M 161 -55.49 -55.63 -8.32
N PHE M 162 -56.53 -56.42 -8.08
CA PHE M 162 -57.66 -56.59 -8.99
C PHE M 162 -58.87 -56.96 -8.14
N VAL M 163 -60.05 -56.97 -8.77
CA VAL M 163 -61.29 -57.32 -8.09
C VAL M 163 -61.91 -58.51 -8.79
N LYS M 164 -62.22 -59.55 -8.02
CA LYS M 164 -62.76 -60.80 -8.53
C LYS M 164 -64.22 -61.02 -8.15
N ASP M 165 -64.55 -60.96 -6.86
CA ASP M 165 -65.90 -61.15 -6.37
C ASP M 165 -66.23 -60.08 -5.33
N MET M 166 -66.04 -58.82 -5.71
CA MET M 166 -66.12 -57.64 -4.84
C MET M 166 -65.05 -57.75 -3.76
N GLN M 167 -63.90 -58.30 -4.10
CA GLN M 167 -62.77 -58.40 -3.18
C GLN M 167 -61.53 -57.90 -3.89
N VAL M 168 -60.65 -57.24 -3.15
CA VAL M 168 -59.38 -56.77 -3.71
C VAL M 168 -58.29 -57.72 -3.27
N TYR M 169 -57.52 -58.21 -4.24
CA TYR M 169 -56.47 -59.19 -3.99
C TYR M 169 -55.12 -58.57 -4.25
N LEU M 170 -54.25 -58.58 -3.25
CA LEU M 170 -52.96 -57.92 -3.32
C LEU M 170 -51.88 -58.97 -3.47
N VAL M 171 -51.05 -58.82 -4.49
CA VAL M 171 -49.89 -59.67 -4.69
C VAL M 171 -48.65 -58.81 -4.66
N PRO M 172 -47.67 -59.11 -3.82
CA PRO M 172 -46.48 -58.27 -3.73
C PRO M 172 -45.69 -58.25 -5.02
N ILE M 173 -45.17 -57.07 -5.35
CA ILE M 173 -44.35 -56.85 -6.52
C ILE M 173 -42.89 -56.92 -6.10
N GLU M 174 -42.03 -57.36 -7.01
CA GLU M 174 -40.59 -57.39 -6.77
C GLU M 174 -39.89 -56.72 -7.94
N ARG M 175 -39.08 -55.71 -7.64
CA ARG M 175 -38.14 -55.13 -8.60
C ARG M 175 -38.85 -54.57 -9.83
N VAL M 176 -39.64 -53.52 -9.59
CA VAL M 176 -40.26 -52.77 -10.67
C VAL M 176 -39.19 -52.21 -11.59
N ALA M 177 -39.49 -52.16 -12.89
CA ALA M 177 -38.51 -51.75 -13.90
C ALA M 177 -39.04 -50.61 -14.77
N GLN M 178 -38.14 -49.71 -15.16
CA GLN M 178 -38.46 -48.65 -16.12
C GLN M 178 -37.71 -48.99 -17.41
N LEU M 179 -38.46 -49.40 -18.42
CA LEU M 179 -37.87 -49.88 -19.67
C LEU M 179 -37.57 -48.71 -20.59
N LYS M 180 -36.34 -48.24 -20.57
CA LYS M 180 -35.90 -47.22 -21.48
C LYS M 180 -35.54 -47.84 -22.83
N PRO M 181 -35.59 -47.08 -23.91
CA PRO M 181 -35.09 -47.60 -25.19
C PRO M 181 -33.62 -47.99 -25.07
N PHE M 182 -33.26 -49.09 -25.72
CA PHE M 182 -31.89 -49.58 -25.72
C PHE M 182 -31.34 -49.53 -27.14
N PHE M 183 -30.03 -49.32 -27.24
CA PHE M 183 -29.35 -49.15 -28.51
C PHE M 183 -28.26 -50.19 -28.66
N LYS M 184 -28.63 -51.46 -28.44
CA LYS M 184 -27.69 -52.57 -28.56
C LYS M 184 -26.97 -52.57 -29.89
N TYR M 185 -27.69 -52.27 -30.97
CA TYR M 185 -27.05 -52.29 -32.28
C TYR M 185 -26.02 -51.17 -32.39
N ILE M 186 -26.25 -50.03 -31.72
CA ILE M 186 -25.24 -48.99 -31.70
C ILE M 186 -24.03 -49.43 -30.90
N ASP M 187 -24.26 -50.09 -29.76
CA ASP M 187 -23.14 -50.61 -28.98
C ASP M 187 -22.28 -51.54 -29.83
N ASP M 188 -22.91 -52.46 -30.55
CA ASP M 188 -22.14 -53.45 -31.31
C ASP M 188 -21.55 -52.87 -32.59
N ALA M 189 -22.26 -51.94 -33.24
CA ALA M 189 -21.71 -51.26 -34.40
C ALA M 189 -20.50 -50.42 -34.02
N ASN M 190 -20.56 -49.74 -32.87
CA ASN M 190 -19.41 -49.01 -32.40
C ASN M 190 -18.28 -49.95 -32.00
N VAL M 191 -18.62 -51.12 -31.45
CA VAL M 191 -17.58 -52.08 -31.10
C VAL M 191 -16.88 -52.59 -32.35
N THR M 192 -17.63 -52.79 -33.45
CA THR M 192 -17.01 -53.22 -34.69
C THR M 192 -16.28 -52.06 -35.38
N ARG M 193 -16.66 -50.82 -35.08
CA ARG M 193 -15.89 -49.69 -35.57
C ARG M 193 -14.57 -49.58 -34.82
N LYS M 194 -14.57 -49.83 -33.51
CA LYS M 194 -13.36 -49.73 -32.71
C LYS M 194 -12.50 -50.99 -32.78
N GLN M 195 -13.02 -52.08 -33.35
CA GLN M 195 -12.26 -53.32 -33.41
C GLN M 195 -10.98 -53.20 -34.23
N GLU M 196 -10.85 -52.15 -35.04
CA GLU M 196 -9.63 -51.91 -35.80
C GLU M 196 -9.31 -50.41 -35.80
N ASN M 225 -6.83 -56.83 -7.50
CA ASN M 225 -7.92 -56.15 -8.18
C ASN M 225 -9.26 -56.53 -7.55
N ARG M 226 -9.66 -55.75 -6.55
CA ARG M 226 -10.86 -56.06 -5.79
C ARG M 226 -12.12 -55.79 -6.62
N LEU M 227 -12.18 -54.65 -7.31
CA LEU M 227 -13.31 -54.28 -8.17
C LEU M 227 -14.60 -54.22 -7.35
N THR M 228 -14.65 -53.25 -6.46
CA THR M 228 -15.77 -53.04 -5.57
C THR M 228 -16.75 -52.04 -6.18
N GLY M 229 -17.79 -51.68 -5.44
CA GLY M 229 -18.72 -50.66 -5.86
C GLY M 229 -19.49 -51.03 -7.11
N SER M 230 -19.75 -50.01 -7.94
CA SER M 230 -20.48 -50.21 -9.19
C SER M 230 -19.58 -50.73 -10.31
N LEU M 231 -18.25 -50.69 -10.13
CA LEU M 231 -17.38 -51.37 -11.07
C LEU M 231 -17.73 -52.85 -11.15
N LEU M 232 -17.89 -53.47 -9.97
CA LEU M 232 -18.31 -54.87 -9.92
C LEU M 232 -19.64 -55.08 -10.61
N ALA M 233 -20.53 -54.09 -10.57
CA ALA M 233 -21.84 -54.26 -11.18
C ALA M 233 -21.75 -54.46 -12.69
N HIS M 234 -21.03 -53.58 -13.38
CA HIS M 234 -20.93 -53.69 -14.83
C HIS M 234 -19.97 -54.79 -15.24
N LYS M 235 -18.96 -55.08 -14.41
CA LYS M 235 -18.11 -56.24 -14.68
C LYS M 235 -18.90 -57.53 -14.59
N VAL M 236 -19.78 -57.64 -13.60
CA VAL M 236 -20.70 -58.76 -13.53
C VAL M 236 -21.61 -58.78 -14.74
N ALA M 237 -22.11 -57.60 -15.14
CA ALA M 237 -23.04 -57.53 -16.25
C ALA M 237 -22.43 -58.03 -17.55
N ASP M 238 -21.14 -57.73 -17.79
CA ASP M 238 -20.48 -58.18 -19.00
C ASP M 238 -19.60 -59.42 -18.79
N GLU M 239 -19.67 -60.05 -17.62
CA GLU M 239 -18.99 -61.33 -17.38
C GLU M 239 -19.96 -62.48 -17.16
N GLU M 240 -20.83 -62.39 -16.15
CA GLU M 240 -21.81 -63.42 -15.85
C GLU M 240 -23.16 -62.95 -16.37
N ALA M 241 -23.52 -63.39 -17.57
CA ALA M 241 -24.62 -62.81 -18.30
C ALA M 241 -25.26 -63.90 -19.15
N ASN M 242 -26.04 -63.49 -20.16
CA ASN M 242 -26.55 -64.38 -21.19
C ASN M 242 -27.45 -65.47 -20.61
N ILE M 243 -28.55 -65.03 -20.00
CA ILE M 243 -29.61 -65.93 -19.57
C ILE M 243 -30.83 -65.61 -20.42
N GLU M 244 -31.09 -66.45 -21.41
CA GLU M 244 -32.30 -66.33 -22.21
C GLU M 244 -33.52 -66.67 -21.37
N LEU M 245 -34.69 -66.22 -21.82
CA LEU M 245 -35.92 -66.37 -21.05
C LEU M 245 -37.08 -66.39 -22.02
N THR M 246 -37.89 -67.45 -21.97
CA THR M 246 -39.00 -67.60 -22.88
C THR M 246 -40.12 -66.63 -22.53
N TRP M 247 -41.12 -66.55 -23.41
CA TRP M 247 -42.24 -65.64 -23.26
C TRP M 247 -43.55 -66.40 -23.30
N ALA M 248 -44.54 -65.91 -22.54
CA ALA M 248 -45.86 -66.52 -22.54
C ALA M 248 -46.87 -65.48 -22.07
N GLU M 249 -47.59 -64.87 -23.01
CA GLU M 249 -48.61 -63.90 -22.67
C GLU M 249 -49.99 -64.54 -22.74
N GLY M 250 -50.95 -63.91 -22.04
CA GLY M 250 -52.32 -64.36 -22.05
C GLY M 250 -52.70 -65.30 -20.92
N THR M 251 -51.75 -65.99 -20.32
CA THR M 251 -52.04 -66.91 -19.21
C THR M 251 -52.22 -66.10 -17.94
N PHE M 252 -53.47 -65.76 -17.64
CA PHE M 252 -53.80 -64.96 -16.47
C PHE M 252 -54.71 -65.73 -15.52
N GLU M 253 -55.53 -66.62 -16.09
CA GLU M 253 -56.56 -67.29 -15.29
C GLU M 253 -55.95 -68.24 -14.28
N GLN M 254 -54.89 -68.97 -14.65
CA GLN M 254 -54.22 -69.85 -13.71
C GLN M 254 -53.68 -69.06 -12.52
N PHE M 255 -53.04 -67.92 -12.81
CA PHE M 255 -52.52 -67.05 -11.76
C PHE M 255 -53.64 -66.51 -10.87
N LYS M 256 -54.74 -66.05 -11.48
CA LYS M 256 -55.81 -65.48 -10.70
C LYS M 256 -56.48 -66.52 -9.81
N ASP M 257 -56.71 -67.72 -10.33
CA ASP M 257 -57.35 -68.76 -9.54
C ASP M 257 -56.40 -69.36 -8.52
N THR M 258 -55.09 -69.24 -8.73
CA THR M 258 -54.16 -69.51 -7.63
C THR M 258 -54.30 -68.45 -6.55
N ILE M 259 -54.35 -67.17 -6.95
CA ILE M 259 -54.46 -66.08 -5.98
C ILE M 259 -55.71 -66.25 -5.12
N VAL M 260 -56.85 -66.56 -5.76
CA VAL M 260 -58.08 -66.76 -5.01
C VAL M 260 -57.97 -67.98 -4.11
N LYS M 261 -57.37 -69.07 -4.60
CA LYS M 261 -57.26 -70.28 -3.79
C LYS M 261 -56.38 -70.05 -2.56
N GLU M 262 -55.28 -69.32 -2.73
CA GLU M 262 -54.37 -69.09 -1.61
C GLU M 262 -54.92 -68.10 -0.59
N ALA M 263 -56.05 -67.45 -0.88
CA ALA M 263 -56.59 -66.42 -0.03
C ALA M 263 -57.87 -66.83 0.70
N GLU M 264 -58.46 -67.98 0.37
CA GLU M 264 -59.64 -68.45 1.06
C GLU M 264 -59.34 -69.47 2.15
N ASP M 265 -58.09 -69.93 2.27
CA ASP M 265 -57.75 -70.98 3.21
C ASP M 265 -57.14 -70.48 4.51
N LYS M 266 -56.62 -69.25 4.53
CA LYS M 266 -55.95 -68.70 5.70
C LYS M 266 -56.68 -67.46 6.17
N THR M 267 -56.80 -67.31 7.50
CA THR M 267 -57.45 -66.14 8.08
C THR M 267 -57.00 -65.99 9.53
N LEU M 268 -56.62 -64.77 9.89
CA LEU M 268 -55.94 -64.51 11.16
C LEU M 268 -56.41 -63.17 11.72
N VAL M 269 -56.28 -63.01 13.03
CA VAL M 269 -56.76 -61.84 13.74
C VAL M 269 -55.59 -60.93 14.09
N ALA M 270 -55.87 -59.62 14.05
CA ALA M 270 -54.88 -58.61 14.42
C ALA M 270 -55.00 -58.32 15.90
N LEU M 271 -53.89 -58.46 16.63
CA LEU M 271 -53.88 -58.34 18.07
C LEU M 271 -52.99 -57.20 18.59
N GLU M 272 -52.22 -56.55 17.72
CA GLU M 272 -51.33 -55.48 18.18
C GLU M 272 -52.05 -54.14 18.17
N LYS M 273 -51.89 -53.39 19.26
CA LYS M 273 -52.63 -52.15 19.44
C LYS M 273 -52.15 -51.08 18.46
N GLN M 274 -53.07 -50.22 18.05
CA GLN M 274 -52.70 -49.11 17.16
C GLN M 274 -51.73 -48.15 17.83
N GLU M 275 -51.74 -48.10 19.16
CA GLU M 275 -50.80 -47.23 19.87
C GLU M 275 -49.38 -47.76 19.78
N ASP M 276 -49.20 -49.08 19.75
CA ASP M 276 -47.89 -49.66 19.51
C ASP M 276 -47.52 -49.65 18.03
N TYR M 277 -48.53 -49.57 17.15
CA TYR M 277 -48.25 -49.59 15.72
C TYR M 277 -47.58 -48.31 15.25
N ILE M 278 -47.94 -47.17 15.84
CA ILE M 278 -47.37 -45.90 15.42
C ILE M 278 -45.87 -45.85 15.72
N ASP M 279 -45.43 -46.47 16.82
CA ASP M 279 -44.01 -46.55 17.13
C ASP M 279 -43.31 -47.70 16.42
N ASN M 280 -44.05 -48.53 15.68
CA ASN M 280 -43.48 -49.61 14.90
C ASN M 280 -43.23 -49.21 13.44
N LEU M 281 -43.45 -47.94 13.10
CA LEU M 281 -43.20 -47.49 11.74
C LEU M 281 -41.71 -47.27 11.50
N UNK N 184 -52.56 -27.68 -23.58
CA UNK N 184 -51.24 -27.08 -23.46
C UNK N 184 -51.25 -25.62 -23.90
N UNK N 185 -50.43 -25.32 -24.90
CA UNK N 185 -50.34 -23.97 -25.47
C UNK N 185 -50.02 -24.04 -26.95
N UNK N 186 -49.75 -22.88 -27.56
CA UNK N 186 -49.40 -22.82 -28.98
C UNK N 186 -48.26 -23.78 -29.30
N UNK N 187 -48.62 -25.03 -29.55
CA UNK N 187 -47.65 -26.07 -29.83
C UNK N 187 -47.01 -25.84 -31.20
N UNK N 188 -45.81 -26.35 -31.39
CA UNK N 188 -45.10 -26.19 -32.65
C UNK N 188 -45.44 -27.32 -33.62
N UNK N 189 -46.09 -26.97 -34.73
CA UNK N 189 -46.43 -27.96 -35.76
C UNK N 189 -45.17 -28.43 -36.49
N ARG N 195 -50.72 -41.65 -41.48
CA ARG N 195 -51.44 -42.91 -41.55
C ARG N 195 -51.73 -43.48 -40.17
N ILE N 196 -50.72 -43.51 -39.32
CA ILE N 196 -50.81 -44.13 -37.99
C ILE N 196 -50.86 -43.03 -36.95
N GLU N 197 -51.82 -43.15 -36.02
CA GLU N 197 -51.92 -42.18 -34.92
C GLU N 197 -50.66 -42.17 -34.06
N GLN N 198 -50.13 -43.34 -33.73
CA GLN N 198 -49.13 -43.48 -32.67
C GLN N 198 -47.70 -43.56 -33.22
N LEU N 199 -47.47 -43.00 -34.40
CA LEU N 199 -46.14 -43.02 -35.02
C LEU N 199 -45.86 -41.71 -35.74
N PHE N 200 -46.15 -40.58 -35.07
CA PHE N 200 -45.94 -39.23 -35.53
C PHE N 200 -44.91 -38.55 -34.64
N PRO N 201 -44.13 -37.59 -35.16
CA PRO N 201 -43.09 -36.95 -34.33
C PRO N 201 -43.66 -36.40 -33.04
N VAL N 202 -43.25 -36.99 -31.93
CA VAL N 202 -43.84 -36.71 -30.63
C VAL N 202 -43.21 -35.43 -30.07
N ARG N 203 -44.04 -34.42 -29.91
CA ARG N 203 -43.58 -33.13 -29.41
C ARG N 203 -43.90 -32.99 -27.93
N PRO N 204 -43.08 -32.26 -27.18
CA PRO N 204 -43.37 -32.08 -25.76
C PRO N 204 -44.62 -31.24 -25.55
N VAL N 205 -45.34 -31.55 -24.48
CA VAL N 205 -46.46 -30.70 -24.08
C VAL N 205 -45.90 -29.40 -23.53
N ARG N 206 -46.23 -28.28 -24.19
CA ARG N 206 -45.60 -27.00 -23.93
C ARG N 206 -46.64 -26.00 -23.44
N VAL N 207 -46.32 -25.32 -22.34
CA VAL N 207 -47.16 -24.25 -21.80
C VAL N 207 -46.27 -23.08 -21.45
N ARG N 208 -46.84 -21.88 -21.49
CA ARG N 208 -46.11 -20.69 -21.09
C ARG N 208 -45.88 -20.70 -19.58
N HIS N 209 -45.13 -19.70 -19.12
CA HIS N 209 -44.89 -19.55 -17.69
C HIS N 209 -45.95 -18.70 -17.01
N GLU N 210 -46.78 -17.98 -17.76
CA GLU N 210 -47.74 -17.06 -17.14
C GLU N 210 -48.76 -17.82 -16.29
N ASP N 211 -49.20 -18.97 -16.75
CA ASP N 211 -50.14 -19.80 -16.00
C ASP N 211 -49.71 -21.27 -16.06
N VAL N 212 -48.43 -21.53 -15.82
CA VAL N 212 -47.93 -22.90 -15.80
C VAL N 212 -48.59 -23.73 -14.71
N GLU N 213 -49.18 -23.08 -13.71
CA GLU N 213 -49.90 -23.77 -12.64
C GLU N 213 -51.33 -24.13 -13.06
N THR N 214 -52.05 -23.20 -13.68
CA THR N 214 -53.46 -23.44 -14.00
C THR N 214 -53.62 -24.61 -14.96
N VAL N 215 -52.65 -24.80 -15.86
CA VAL N 215 -52.61 -26.01 -16.67
C VAL N 215 -52.43 -27.23 -15.77
N LYS N 216 -51.58 -27.11 -14.75
CA LYS N 216 -51.14 -28.27 -13.97
C LYS N 216 -52.30 -28.98 -13.30
N ARG N 217 -53.20 -28.22 -12.66
CA ARG N 217 -54.30 -28.86 -11.94
C ARG N 217 -55.25 -29.58 -12.89
N GLU N 218 -55.44 -29.04 -14.10
CA GLU N 218 -56.31 -29.71 -15.05
C GLU N 218 -55.64 -30.94 -15.65
N ILE N 219 -54.35 -30.85 -15.98
CA ILE N 219 -53.67 -31.92 -16.69
C ILE N 219 -53.04 -32.89 -15.70
N GLN N 220 -53.41 -32.77 -14.42
CA GLN N 220 -53.08 -33.82 -13.48
C GLN N 220 -53.93 -35.06 -13.73
N GLU N 221 -55.22 -34.86 -14.03
CA GLU N 221 -56.11 -35.96 -14.38
C GLU N 221 -56.56 -35.93 -15.83
N ALA N 222 -56.31 -34.83 -16.56
CA ALA N 222 -56.61 -34.82 -17.99
C ALA N 222 -55.76 -35.83 -18.74
N LEU N 223 -54.49 -35.99 -18.35
CA LEU N 223 -53.63 -37.03 -18.92
C LEU N 223 -54.10 -38.43 -18.58
N SER N 224 -55.25 -38.58 -17.90
CA SER N 224 -55.77 -39.89 -17.53
C SER N 224 -57.03 -40.25 -18.28
N GLU N 225 -58.09 -39.45 -18.15
CA GLU N 225 -59.42 -39.77 -18.69
C GLU N 225 -59.76 -41.24 -18.45
N LYS N 226 -59.55 -41.69 -17.22
CA LYS N 226 -59.66 -43.11 -16.91
C LYS N 226 -61.11 -43.56 -17.01
N PRO N 227 -61.35 -44.81 -17.46
CA PRO N 227 -62.71 -45.36 -17.54
C PRO N 227 -63.32 -45.65 -16.17
N LYS N 274 -55.53 -21.80 2.35
CA LYS N 274 -56.45 -22.36 1.36
C LYS N 274 -56.03 -23.78 0.99
N GLU N 275 -54.75 -24.07 1.21
CA GLU N 275 -54.16 -25.35 0.85
C GLU N 275 -54.72 -26.51 1.66
N ALA N 276 -55.36 -26.23 2.79
CA ALA N 276 -56.01 -27.24 3.62
C ALA N 276 -57.30 -27.73 3.00
N ALA N 277 -58.24 -26.81 2.78
CA ALA N 277 -59.54 -27.19 2.16
C ALA N 277 -59.30 -27.71 0.74
N ALA N 278 -58.37 -27.09 0.00
CA ALA N 278 -58.12 -27.48 -1.40
C ALA N 278 -57.68 -28.95 -1.47
N GLU N 279 -56.68 -29.34 -0.67
CA GLU N 279 -56.18 -30.73 -0.70
C GLU N 279 -57.26 -31.68 -0.18
N LEU N 280 -58.01 -31.25 0.83
CA LEU N 280 -59.12 -32.09 1.37
C LEU N 280 -60.12 -32.36 0.25
N GLU N 281 -60.51 -31.32 -0.49
CA GLU N 281 -61.45 -31.49 -1.62
C GLU N 281 -60.79 -32.42 -2.65
N LEU N 282 -59.52 -32.16 -2.98
CA LEU N 282 -58.79 -33.03 -3.94
C LEU N 282 -58.84 -34.48 -3.42
N LEU N 283 -58.52 -34.68 -2.14
CA LEU N 283 -58.47 -36.05 -1.63
C LEU N 283 -59.84 -36.71 -1.68
N ASN N 284 -60.91 -35.96 -1.38
CA ASN N 284 -62.24 -36.54 -1.46
C ASN N 284 -62.63 -36.86 -2.90
N ALA N 285 -62.29 -35.97 -3.84
CA ALA N 285 -62.54 -36.24 -5.24
C ALA N 285 -61.77 -37.48 -5.70
N ASP N 286 -60.55 -37.64 -5.21
CA ASP N 286 -59.79 -38.85 -5.50
C ASP N 286 -60.42 -40.07 -4.86
N HIS N 287 -61.03 -39.91 -3.68
CA HIS N 287 -61.74 -41.03 -3.07
C HIS N 287 -62.89 -41.49 -3.96
N GLN N 288 -63.66 -40.53 -4.48
CA GLN N 288 -64.72 -40.88 -5.41
C GLN N 288 -64.18 -41.53 -6.67
N HIS N 289 -63.05 -41.02 -7.19
CA HIS N 289 -62.46 -41.63 -8.38
C HIS N 289 -61.98 -43.06 -8.11
N ILE N 290 -61.38 -43.29 -6.95
CA ILE N 290 -60.93 -44.64 -6.59
C ILE N 290 -62.11 -45.58 -6.48
N LEU N 291 -63.20 -45.13 -5.84
CA LEU N 291 -64.38 -45.99 -5.69
C LEU N 291 -65.00 -46.29 -7.05
N ARG N 292 -65.03 -45.30 -7.94
CA ARG N 292 -65.48 -45.54 -9.30
C ARG N 292 -64.60 -46.56 -10.00
N LYS N 293 -63.28 -46.46 -9.82
CA LYS N 293 -62.37 -47.44 -10.40
C LYS N 293 -62.64 -48.85 -9.86
N LEU N 294 -62.90 -48.95 -8.57
CA LEU N 294 -63.10 -50.27 -7.95
C LEU N 294 -64.39 -50.89 -8.44
N LYS N 295 -65.49 -50.13 -8.44
CA LYS N 295 -66.73 -50.63 -9.00
C LYS N 295 -66.64 -50.82 -10.51
N LYS N 296 -65.62 -50.27 -11.15
CA LYS N 296 -65.27 -50.59 -12.52
C LYS N 296 -64.35 -51.79 -12.65
N MET N 297 -63.79 -52.27 -11.54
CA MET N 297 -62.84 -53.38 -11.52
C MET N 297 -63.50 -54.70 -11.18
N ASN N 298 -64.83 -54.72 -11.02
CA ASN N 298 -65.48 -55.77 -10.25
C ASN N 298 -65.17 -57.16 -10.79
N ASN N 299 -65.04 -57.31 -12.12
CA ASN N 299 -64.74 -58.62 -12.67
C ASN N 299 -63.78 -58.57 -13.86
N LYS N 300 -63.10 -57.45 -14.09
CA LYS N 300 -62.24 -57.34 -15.26
C LYS N 300 -61.05 -58.29 -15.13
N PRO N 301 -60.65 -58.97 -16.20
CA PRO N 301 -59.54 -59.93 -16.11
C PRO N 301 -58.17 -59.38 -16.48
N GLU N 302 -58.09 -58.17 -17.04
CA GLU N 302 -56.82 -57.64 -17.54
C GLU N 302 -56.31 -56.43 -16.78
N ARG N 303 -57.18 -55.68 -16.11
CA ARG N 303 -56.76 -54.47 -15.44
C ARG N 303 -56.03 -54.80 -14.14
N PHE N 304 -55.25 -53.83 -13.67
CA PHE N 304 -54.56 -53.92 -12.40
C PHE N 304 -54.51 -52.53 -11.80
N MET N 305 -54.23 -52.47 -10.51
CA MET N 305 -54.06 -51.18 -9.82
C MET N 305 -53.07 -51.39 -8.70
N VAL N 306 -51.89 -50.81 -8.81
CA VAL N 306 -50.85 -51.03 -7.81
C VAL N 306 -51.20 -50.28 -6.53
N PHE N 307 -51.19 -51.01 -5.41
CA PHE N 307 -51.46 -50.43 -4.11
C PHE N 307 -50.14 -50.28 -3.38
N GLN N 308 -49.87 -49.07 -2.89
CA GLN N 308 -48.73 -48.83 -2.01
C GLN N 308 -49.22 -48.96 -0.58
N LEU N 309 -48.54 -49.79 0.20
CA LEU N 309 -48.90 -50.02 1.59
C LEU N 309 -47.67 -49.83 2.45
N PRO N 310 -47.85 -49.44 3.71
CA PRO N 310 -46.69 -49.33 4.60
C PRO N 310 -45.96 -50.66 4.70
N THR N 311 -44.61 -50.58 4.65
CA THR N 311 -43.78 -51.77 4.60
C THR N 311 -43.89 -52.62 5.86
N ARG N 312 -43.84 -52.02 7.03
CA ARG N 312 -43.91 -52.73 8.31
C ARG N 312 -45.36 -52.60 8.75
N LEU N 313 -46.21 -53.47 8.20
CA LEU N 313 -47.64 -53.41 8.42
C LEU N 313 -47.97 -53.72 9.87
N PRO N 314 -49.23 -53.53 10.29
CA PRO N 314 -49.61 -53.98 11.63
C PRO N 314 -49.33 -55.46 11.81
N ALA N 315 -48.85 -55.81 13.00
CA ALA N 315 -48.36 -57.17 13.24
C ALA N 315 -49.52 -58.16 13.29
N PHE N 316 -49.36 -59.26 12.55
CA PHE N 316 -50.32 -60.35 12.56
C PHE N 316 -49.73 -61.58 13.24
N ARG N 354 -42.29 -62.75 3.90
CA ARG N 354 -43.27 -62.07 4.73
C ARG N 354 -44.09 -63.09 5.53
N GLU N 355 -44.26 -64.29 4.97
CA GLU N 355 -45.01 -65.38 5.58
C GLU N 355 -46.43 -65.00 5.95
N LEU N 356 -46.92 -63.88 5.44
CA LEU N 356 -48.22 -63.34 5.80
C LEU N 356 -49.20 -63.72 4.70
N ALA N 357 -50.39 -64.15 5.08
CA ALA N 357 -51.39 -64.58 4.13
C ALA N 357 -52.78 -64.37 4.71
N GLY N 358 -53.76 -64.39 3.83
CA GLY N 358 -55.15 -64.38 4.23
C GLY N 358 -55.78 -63.01 4.20
N LYS N 359 -56.80 -62.85 5.04
CA LYS N 359 -57.60 -61.64 5.11
C LYS N 359 -56.94 -60.69 6.09
N VAL N 360 -56.10 -59.78 5.57
CA VAL N 360 -55.50 -58.76 6.42
C VAL N 360 -56.56 -57.81 6.93
N GLY N 361 -57.42 -57.32 6.05
CA GLY N 361 -58.38 -56.30 6.39
C GLY N 361 -59.26 -55.94 5.22
N SER N 362 -59.62 -54.66 5.08
CA SER N 362 -60.64 -54.30 4.11
C SER N 362 -60.51 -52.83 3.73
N ILE N 363 -61.14 -52.49 2.61
CA ILE N 363 -61.25 -51.10 2.16
C ILE N 363 -62.70 -50.69 2.43
N ARG N 364 -62.97 -50.22 3.65
CA ARG N 364 -64.32 -49.88 4.03
C ARG N 364 -64.59 -48.41 3.75
N VAL N 365 -65.69 -48.14 3.05
CA VAL N 365 -66.03 -46.81 2.55
C VAL N 365 -66.89 -46.10 3.58
N HIS N 366 -66.42 -44.95 4.05
CA HIS N 366 -67.14 -44.20 5.06
C HIS N 366 -68.27 -43.37 4.43
N LYS N 367 -68.88 -42.52 5.26
CA LYS N 367 -69.94 -41.64 4.80
C LYS N 367 -69.36 -40.40 4.16
N SER N 368 -70.23 -39.61 3.53
CA SER N 368 -69.91 -38.43 2.73
C SER N 368 -69.14 -38.78 1.46
N GLY N 369 -68.87 -40.04 1.19
CA GLY N 369 -68.17 -40.46 0.00
C GLY N 369 -66.69 -40.72 0.15
N LYS N 370 -66.16 -40.74 1.37
CA LYS N 370 -64.74 -40.95 1.59
C LYS N 370 -64.44 -42.40 1.94
N LEU N 371 -63.26 -42.86 1.54
CA LEU N 371 -62.81 -44.22 1.77
C LEU N 371 -61.89 -44.27 2.98
N SER N 372 -61.65 -45.51 3.44
CA SER N 372 -60.73 -45.78 4.52
C SER N 372 -60.34 -47.25 4.44
N VAL N 373 -59.24 -47.60 5.11
CA VAL N 373 -58.67 -48.93 5.04
C VAL N 373 -58.30 -49.38 6.44
N LYS N 374 -58.66 -50.61 6.79
CA LYS N 374 -58.29 -51.24 8.06
C LYS N 374 -57.38 -52.42 7.73
N ILE N 375 -56.08 -52.15 7.61
CA ILE N 375 -55.15 -53.24 7.27
C ILE N 375 -55.11 -54.28 8.38
N GLY N 376 -55.27 -53.85 9.63
CA GLY N 376 -55.54 -54.76 10.72
C GLY N 376 -56.62 -54.19 11.59
N ASN N 377 -56.37 -54.12 12.90
CA ASN N 377 -57.20 -53.30 13.77
C ASN N 377 -56.97 -51.81 13.52
N VAL N 378 -55.79 -51.43 13.03
CA VAL N 378 -55.49 -50.03 12.79
C VAL N 378 -56.33 -49.52 11.62
N VAL N 379 -56.55 -48.20 11.61
CA VAL N 379 -57.38 -47.54 10.62
C VAL N 379 -56.50 -46.55 9.87
N MET N 380 -56.57 -46.58 8.53
CA MET N 380 -55.73 -45.71 7.72
C MET N 380 -56.52 -45.23 6.52
N ASP N 381 -56.11 -44.10 5.97
CA ASP N 381 -56.82 -43.45 4.88
C ASP N 381 -56.09 -43.68 3.57
N ILE N 382 -56.85 -43.64 2.49
CA ILE N 382 -56.41 -44.07 1.18
C ILE N 382 -56.13 -42.83 0.33
N GLY N 383 -55.36 -43.03 -0.74
CA GLY N 383 -55.02 -41.94 -1.62
C GLY N 383 -54.84 -42.41 -3.04
N LYS N 384 -54.97 -41.47 -3.98
CA LYS N 384 -54.95 -41.82 -5.38
C LYS N 384 -53.54 -41.85 -5.98
N GLY N 385 -52.50 -41.68 -5.16
CA GLY N 385 -51.15 -41.87 -5.65
C GLY N 385 -50.77 -40.85 -6.71
N ALA N 386 -49.66 -41.14 -7.37
CA ALA N 386 -49.16 -40.24 -8.41
C ALA N 386 -49.59 -40.72 -9.78
N GLU N 387 -49.78 -39.76 -10.69
CA GLU N 387 -50.09 -40.08 -12.08
C GLU N 387 -48.81 -40.43 -12.81
N THR N 388 -48.89 -41.46 -13.65
CA THR N 388 -47.76 -42.01 -14.37
C THR N 388 -48.18 -42.21 -15.82
N THR N 389 -48.02 -41.16 -16.63
CA THR N 389 -48.52 -41.16 -17.99
C THR N 389 -47.58 -41.94 -18.90
N PHE N 390 -47.45 -43.23 -18.59
CA PHE N 390 -46.73 -44.16 -19.45
C PHE N 390 -47.25 -45.56 -19.19
N LEU N 391 -47.03 -46.45 -20.15
CA LEU N 391 -47.59 -47.79 -20.06
C LEU N 391 -46.94 -48.55 -18.91
N GLN N 392 -47.77 -49.24 -18.13
CA GLN N 392 -47.30 -50.06 -17.02
C GLN N 392 -47.88 -51.46 -17.17
N ASP N 393 -47.00 -52.43 -17.42
CA ASP N 393 -47.40 -53.81 -17.67
C ASP N 393 -46.80 -54.71 -16.59
N VAL N 394 -47.63 -55.59 -16.04
CA VAL N 394 -47.25 -56.46 -14.94
C VAL N 394 -46.98 -57.86 -15.47
N ILE N 395 -45.82 -58.42 -15.13
CA ILE N 395 -45.42 -59.74 -15.57
C ILE N 395 -45.05 -60.59 -14.36
N ALA N 396 -45.06 -61.90 -14.56
CA ALA N 396 -44.75 -62.87 -13.51
C ALA N 396 -43.57 -63.72 -13.98
N LEU N 397 -42.37 -63.35 -13.55
CA LEU N 397 -41.19 -64.14 -13.88
C LEU N 397 -41.27 -65.49 -13.18
N SER N 398 -41.07 -66.57 -13.93
CA SER N 398 -41.13 -67.93 -13.40
C SER N 398 -39.91 -68.68 -13.91
N ILE N 399 -38.81 -68.57 -13.18
CA ILE N 399 -37.57 -69.23 -13.55
C ILE N 399 -37.44 -70.52 -12.76
N ALA N 400 -37.34 -71.64 -13.47
CA ALA N 400 -37.14 -72.95 -12.88
C ALA N 400 -36.17 -73.72 -13.76
N ASP N 401 -35.59 -74.79 -13.21
CA ASP N 401 -34.51 -75.48 -13.89
C ASP N 401 -34.96 -76.09 -15.21
N ASP N 402 -36.16 -76.68 -15.24
CA ASP N 402 -36.65 -77.28 -16.48
C ASP N 402 -36.80 -76.24 -17.58
N ALA N 403 -37.53 -75.16 -17.29
CA ALA N 403 -37.75 -74.09 -18.25
C ALA N 403 -38.22 -72.85 -17.50
N SER N 404 -38.09 -71.70 -18.16
CA SER N 404 -38.43 -70.41 -17.57
C SER N 404 -39.28 -69.62 -18.54
N SER N 405 -40.25 -68.87 -18.00
CA SER N 405 -41.19 -68.13 -18.83
C SER N 405 -41.59 -66.82 -18.16
N ALA N 406 -41.82 -65.80 -18.99
CA ALA N 406 -42.28 -64.48 -18.52
C ALA N 406 -43.79 -64.43 -18.71
N GLU N 407 -44.51 -64.84 -17.68
CA GLU N 407 -45.97 -64.86 -17.73
C GLU N 407 -46.51 -63.44 -17.60
N LEU N 408 -46.68 -62.75 -18.73
CA LEU N 408 -47.34 -61.46 -18.71
C LEU N 408 -48.80 -61.62 -18.30
N LEU N 409 -49.31 -60.64 -17.55
CA LEU N 409 -50.66 -60.78 -17.02
C LEU N 409 -51.58 -59.63 -17.40
N GLY N 410 -51.09 -58.40 -17.41
CA GLY N 410 -51.93 -57.28 -17.77
C GLY N 410 -51.21 -55.96 -17.58
N ARG N 411 -51.99 -54.89 -17.57
CA ARG N 411 -51.46 -53.54 -17.44
C ARG N 411 -52.05 -52.87 -16.21
N VAL N 412 -51.33 -51.87 -15.71
CA VAL N 412 -51.71 -51.16 -14.50
C VAL N 412 -52.53 -49.94 -14.90
N ASP N 413 -53.54 -49.63 -14.09
CA ASP N 413 -54.45 -48.53 -14.36
C ASP N 413 -54.23 -47.32 -13.46
N GLY N 414 -53.38 -47.43 -12.46
CA GLY N 414 -53.12 -46.34 -11.55
C GLY N 414 -52.59 -46.87 -10.22
N LYS N 415 -52.10 -45.95 -9.40
CA LYS N 415 -51.56 -46.34 -8.12
C LYS N 415 -52.44 -45.84 -6.98
N ILE N 416 -52.56 -46.66 -5.94
CA ILE N 416 -53.23 -46.31 -4.71
C ILE N 416 -52.18 -46.26 -3.62
N VAL N 417 -52.18 -45.19 -2.82
CA VAL N 417 -51.32 -45.05 -1.67
C VAL N 417 -52.19 -45.11 -0.42
N VAL N 418 -51.79 -45.91 0.56
CA VAL N 418 -52.47 -46.01 1.84
C VAL N 418 -51.50 -45.57 2.91
N THR N 419 -51.89 -44.54 3.66
CA THR N 419 -51.01 -43.95 4.66
C THR N 419 -51.64 -44.07 6.04
N PRO N 420 -50.85 -44.44 7.05
CA PRO N 420 -51.38 -44.47 8.42
C PRO N 420 -51.79 -43.09 8.88
N GLN N 421 -52.82 -43.05 9.72
CA GLN N 421 -53.31 -41.82 10.30
C GLN N 421 -53.17 -41.92 11.82
N ILE N 422 -53.44 -40.82 12.49
CA ILE N 422 -53.25 -40.78 13.93
C ILE N 422 -54.60 -40.73 14.65
N LEU O 25 44.62 -19.78 -2.30
CA LEU O 25 43.70 -18.83 -2.92
C LEU O 25 44.46 -17.72 -3.63
N VAL O 26 43.96 -17.31 -4.79
CA VAL O 26 44.50 -16.14 -5.49
C VAL O 26 43.66 -14.93 -5.13
N THR O 27 44.33 -13.86 -4.69
CA THR O 27 43.62 -12.72 -4.17
C THR O 27 42.88 -11.97 -5.29
N PRO O 28 41.72 -11.39 -4.99
CA PRO O 28 41.05 -10.54 -5.99
C PRO O 28 41.92 -9.37 -6.42
N GLU O 29 42.82 -8.90 -5.57
CA GLU O 29 43.86 -7.96 -5.97
C GLU O 29 44.97 -8.66 -6.75
N ASP O 30 45.33 -9.89 -6.34
CA ASP O 30 46.24 -10.70 -7.15
C ASP O 30 45.59 -11.04 -8.49
N VAL O 31 44.32 -11.44 -8.48
CA VAL O 31 43.54 -11.44 -9.72
C VAL O 31 43.44 -10.01 -10.22
N MET O 32 43.15 -9.85 -11.52
CA MET O 32 42.95 -8.54 -12.14
C MET O 32 44.25 -7.75 -12.21
N THR O 33 45.34 -8.33 -11.73
CA THR O 33 46.67 -7.76 -11.88
C THR O 33 47.51 -8.51 -12.90
N ILE O 34 47.59 -9.84 -12.77
CA ILE O 34 48.20 -10.68 -13.77
C ILE O 34 47.18 -11.55 -14.50
N SER O 35 45.95 -11.64 -14.01
CA SER O 35 44.92 -12.44 -14.66
C SER O 35 44.33 -11.75 -15.89
N SER O 36 44.17 -10.42 -15.84
CA SER O 36 43.56 -9.66 -16.92
C SER O 36 42.13 -10.14 -17.22
N LEU O 37 41.26 -9.95 -16.22
CA LEU O 37 39.84 -10.23 -16.37
C LEU O 37 39.04 -9.00 -16.78
N GLU O 38 39.60 -7.80 -16.59
CA GLU O 38 38.93 -6.59 -17.07
C GLU O 38 38.79 -6.58 -18.59
N GLN O 39 39.83 -7.00 -19.30
CA GLN O 39 39.78 -7.06 -20.77
C GLN O 39 38.94 -8.22 -21.28
N ARG O 40 38.74 -9.25 -20.45
CA ARG O 40 38.00 -10.42 -20.89
C ARG O 40 36.55 -10.10 -21.22
N THR O 41 36.02 -8.99 -20.69
CA THR O 41 34.64 -8.60 -20.89
C THR O 41 34.45 -7.67 -22.08
N LEU O 42 35.53 -7.30 -22.77
CA LEU O 42 35.43 -6.53 -23.99
C LEU O 42 34.98 -7.42 -25.14
N ASN O 43 34.27 -6.83 -26.09
CA ASN O 43 34.03 -7.52 -27.35
C ASN O 43 35.36 -7.64 -28.10
N PRO O 44 35.70 -8.82 -28.60
CA PRO O 44 37.02 -8.99 -29.23
C PRO O 44 37.25 -8.10 -30.43
N ASP O 45 36.20 -7.82 -31.21
CA ASP O 45 36.37 -7.01 -32.41
C ASP O 45 36.83 -5.60 -32.07
N LEU O 46 36.18 -4.97 -31.09
CA LEU O 46 36.57 -3.63 -30.66
C LEU O 46 37.98 -3.63 -30.08
N PHE O 47 38.31 -4.64 -29.28
CA PHE O 47 39.59 -4.68 -28.58
C PHE O 47 40.76 -4.63 -29.57
N LEU O 48 40.74 -5.51 -30.58
CA LEU O 48 41.86 -5.61 -31.51
C LEU O 48 42.03 -4.33 -32.31
N TYR O 49 40.93 -3.82 -32.87
CA TYR O 49 41.02 -2.60 -33.69
C TYR O 49 41.53 -1.44 -32.85
N LYS O 50 40.96 -1.26 -31.66
CA LYS O 50 41.37 -0.19 -30.79
C LYS O 50 42.85 -0.29 -30.45
N GLU O 51 43.33 -1.50 -30.17
CA GLU O 51 44.72 -1.65 -29.77
C GLU O 51 45.67 -1.41 -30.95
N LEU O 52 45.29 -1.87 -32.14
CA LEU O 52 46.09 -1.59 -33.33
C LEU O 52 46.23 -0.09 -33.55
N VAL O 53 45.11 0.62 -33.54
CA VAL O 53 45.14 2.06 -33.80
C VAL O 53 45.90 2.77 -32.69
N LYS O 54 45.76 2.30 -31.44
CA LYS O 54 46.48 2.92 -30.34
C LYS O 54 47.98 2.77 -30.50
N ALA O 55 48.45 1.55 -30.72
CA ALA O 55 49.89 1.32 -30.75
C ALA O 55 50.53 1.89 -32.02
N HIS O 56 49.77 2.03 -33.10
CA HIS O 56 50.34 2.57 -34.33
C HIS O 56 50.17 4.09 -34.42
N LEU O 57 48.93 4.57 -34.40
CA LEU O 57 48.64 5.98 -34.61
C LEU O 57 48.82 6.81 -33.35
N GLY O 58 48.03 6.52 -32.31
CA GLY O 58 48.05 7.33 -31.12
C GLY O 58 46.82 7.08 -30.27
N GLU O 59 46.60 7.98 -29.31
CA GLU O 59 45.55 7.82 -28.31
C GLU O 59 44.22 8.43 -28.74
N ARG O 60 44.25 9.66 -29.26
CA ARG O 60 43.01 10.27 -29.71
C ARG O 60 42.42 9.52 -30.89
N ALA O 61 43.29 9.05 -31.79
CA ALA O 61 42.83 8.21 -32.89
C ALA O 61 42.21 6.92 -32.38
N ALA O 62 42.81 6.34 -31.32
CA ALA O 62 42.24 5.15 -30.71
C ALA O 62 40.86 5.43 -30.13
N SER O 63 40.70 6.56 -29.46
CA SER O 63 39.38 6.90 -28.90
C SER O 63 38.35 7.06 -30.01
N VAL O 64 38.73 7.75 -31.09
CA VAL O 64 37.82 7.94 -32.21
C VAL O 64 37.43 6.61 -32.83
N ILE O 65 38.40 5.73 -33.07
CA ILE O 65 38.10 4.47 -33.74
C ILE O 65 37.25 3.58 -32.85
N GLY O 66 37.50 3.59 -31.53
CA GLY O 66 36.67 2.81 -30.62
C GLY O 66 35.24 3.32 -30.59
N MET O 67 35.07 4.64 -30.59
CA MET O 67 33.71 5.18 -30.67
C MET O 67 33.06 4.80 -31.99
N LEU O 68 33.83 4.77 -33.08
CA LEU O 68 33.28 4.33 -34.37
C LEU O 68 32.85 2.88 -34.31
N VAL O 69 33.63 2.03 -33.67
CA VAL O 69 33.26 0.63 -33.51
C VAL O 69 31.95 0.52 -32.73
N ALA O 70 31.82 1.31 -31.66
CA ALA O 70 30.60 1.27 -30.86
C ALA O 70 29.40 1.74 -31.66
N LEU O 71 29.49 2.91 -32.28
CA LEU O 71 28.41 3.49 -33.06
C LEU O 71 28.83 3.48 -34.53
N GLY O 72 28.17 2.64 -35.33
CA GLY O 72 28.63 2.42 -36.70
C GLY O 72 28.63 3.68 -37.55
N ARG O 73 27.59 4.50 -37.42
CA ARG O 73 27.44 5.70 -38.23
C ARG O 73 27.24 6.90 -37.32
N LEU O 74 27.95 7.98 -37.60
CA LEU O 74 27.82 9.22 -36.83
C LEU O 74 28.50 10.34 -37.59
N SER O 75 28.22 11.57 -37.17
CA SER O 75 28.78 12.76 -37.77
C SER O 75 29.87 13.32 -36.87
N VAL O 76 30.59 14.33 -37.39
CA VAL O 76 31.65 14.98 -36.62
C VAL O 76 31.06 15.64 -35.38
N ARG O 77 29.85 16.18 -35.50
CA ARG O 77 29.16 16.71 -34.33
C ARG O 77 29.01 15.65 -33.24
N GLU O 78 28.62 14.44 -33.63
CA GLU O 78 28.38 13.40 -32.64
C GLU O 78 29.68 12.91 -32.01
N LEU O 79 30.78 12.90 -32.78
CA LEU O 79 32.08 12.63 -32.18
C LEU O 79 32.45 13.71 -31.15
N VAL O 80 32.25 14.97 -31.54
CA VAL O 80 32.51 16.08 -30.62
C VAL O 80 31.71 15.91 -29.33
N GLU O 81 30.46 15.48 -29.47
CA GLU O 81 29.60 15.32 -28.30
C GLU O 81 29.98 14.11 -27.47
N LYS O 82 30.42 13.02 -28.11
CA LYS O 82 30.56 11.74 -27.41
C LYS O 82 31.93 11.51 -26.80
N ILE O 83 33.00 12.09 -27.36
CA ILE O 83 34.32 11.91 -26.78
C ILE O 83 34.67 13.14 -25.95
N ASP O 84 35.65 12.97 -25.06
CA ASP O 84 36.09 14.09 -24.23
C ASP O 84 36.63 15.24 -25.06
N GLY O 85 37.12 14.95 -26.28
CA GLY O 85 37.59 16.01 -27.14
C GLY O 85 36.45 16.68 -27.87
N MET O 86 36.09 17.88 -27.41
CA MET O 86 35.08 18.69 -28.07
C MET O 86 35.67 19.61 -29.12
N ASP O 87 36.98 19.86 -29.03
CA ASP O 87 37.65 20.75 -29.97
C ASP O 87 37.35 20.30 -31.39
N VAL O 88 36.56 21.08 -32.12
CA VAL O 88 36.05 20.66 -33.42
C VAL O 88 37.22 20.45 -34.39
N ASP O 89 38.25 21.28 -34.27
CA ASP O 89 39.41 21.13 -35.15
C ASP O 89 40.18 19.85 -34.84
N SER O 90 40.28 19.48 -33.57
CA SER O 90 41.10 18.32 -33.19
C SER O 90 40.50 17.03 -33.74
N VAL O 91 39.20 16.83 -33.52
CA VAL O 91 38.54 15.66 -34.08
C VAL O 91 38.63 15.66 -35.59
N LYS O 92 38.57 16.84 -36.22
CA LYS O 92 38.71 16.92 -37.67
C LYS O 92 40.09 16.47 -38.13
N THR O 93 41.15 16.91 -37.46
CA THR O 93 42.49 16.52 -37.90
C THR O 93 42.73 15.03 -37.67
N THR O 94 42.22 14.49 -36.56
CA THR O 94 42.36 13.06 -36.36
C THR O 94 41.53 12.30 -37.39
N LEU O 95 40.41 12.86 -37.83
CA LEU O 95 39.56 12.17 -38.79
C LEU O 95 40.19 12.18 -40.18
N VAL O 96 40.81 13.29 -40.58
CA VAL O 96 41.46 13.30 -41.88
C VAL O 96 42.68 12.38 -41.86
N SER O 97 43.38 12.33 -40.71
CA SER O 97 44.52 11.39 -40.58
C SER O 97 43.99 9.95 -40.67
N LEU O 98 42.92 9.65 -39.93
CA LEU O 98 42.34 8.27 -39.92
C LEU O 98 41.78 7.94 -41.32
N THR O 99 41.14 8.91 -41.96
CA THR O 99 40.61 8.69 -43.34
C THR O 99 41.78 8.34 -44.27
N GLN O 100 42.86 9.13 -44.21
CA GLN O 100 44.06 8.79 -45.02
C GLN O 100 44.44 7.34 -44.74
N LEU O 101 44.53 6.98 -43.47
CA LEU O 101 44.85 5.60 -43.09
C LEU O 101 43.80 4.60 -43.56
N ARG O 102 42.79 5.06 -44.29
CA ARG O 102 41.73 4.20 -44.82
C ARG O 102 40.93 3.52 -43.71
N CYS O 103 40.94 4.10 -42.51
CA CYS O 103 40.21 3.55 -41.38
C CYS O 103 38.77 4.04 -41.32
N VAL O 104 38.38 4.99 -42.16
CA VAL O 104 37.07 5.63 -42.10
C VAL O 104 36.44 5.60 -43.48
N LYS O 105 35.18 5.19 -43.54
CA LYS O 105 34.34 5.36 -44.72
C LYS O 105 33.35 6.48 -44.42
N TYR O 106 33.11 7.34 -45.40
CA TYR O 106 32.21 8.47 -45.24
C TYR O 106 31.14 8.46 -46.30
N LEU O 107 30.30 9.49 -46.26
CA LEU O 107 29.24 9.74 -47.25
C LEU O 107 28.58 11.06 -46.94
N GLN O 108 27.58 11.41 -47.73
CA GLN O 108 26.80 12.63 -47.54
C GLN O 108 25.33 12.30 -47.74
N GLU O 109 24.56 12.28 -46.65
CA GLU O 109 23.12 12.10 -46.75
C GLU O 109 22.42 13.45 -46.84
N THR O 110 21.59 13.60 -47.87
CA THR O 110 21.07 14.89 -48.27
C THR O 110 19.81 15.23 -47.46
N ALA O 111 19.96 16.12 -46.49
CA ALA O 111 18.81 16.74 -45.83
C ALA O 111 18.19 17.72 -46.81
N ILE O 112 16.88 17.59 -47.04
CA ILE O 112 16.23 18.43 -48.05
C ILE O 112 15.67 19.69 -47.41
N SER O 113 15.26 19.63 -46.15
CA SER O 113 14.54 20.74 -45.51
C SER O 113 15.47 21.68 -44.75
N GLY O 114 16.78 21.47 -44.82
CA GLY O 114 17.74 22.32 -44.15
C GLY O 114 19.14 22.07 -44.67
N LYS O 115 20.14 22.08 -43.80
CA LYS O 115 21.51 21.81 -44.22
C LYS O 115 21.76 20.30 -44.26
N LYS O 116 22.16 19.80 -45.42
CA LYS O 116 22.53 18.40 -45.54
C LYS O 116 23.92 18.16 -44.96
N THR O 117 24.06 17.08 -44.21
CA THR O 117 25.28 16.73 -43.49
C THR O 117 25.85 15.41 -43.99
N THR O 118 26.87 14.94 -43.28
CA THR O 118 27.66 13.76 -43.62
C THR O 118 27.70 12.80 -42.44
N TYR O 119 28.10 11.56 -42.72
CA TYR O 119 28.30 10.55 -41.69
C TYR O 119 29.52 9.72 -42.02
N TYR O 120 30.24 9.32 -40.97
CA TYR O 120 31.51 8.59 -41.11
C TYR O 120 31.36 7.21 -40.50
N TYR O 121 31.80 6.20 -41.23
CA TYR O 121 31.87 4.82 -40.78
C TYR O 121 33.27 4.51 -40.28
N TYR O 122 33.54 3.23 -40.04
CA TYR O 122 34.88 2.72 -39.85
C TYR O 122 35.13 1.65 -40.90
N ASN O 123 36.26 1.73 -41.59
CA ASN O 123 36.59 0.79 -42.65
C ASN O 123 37.45 -0.32 -42.08
N GLU O 124 36.90 -1.54 -42.04
CA GLU O 124 37.59 -2.67 -41.43
C GLU O 124 38.89 -2.97 -42.17
N GLU O 125 38.84 -3.03 -43.49
CA GLU O 125 40.02 -3.41 -44.26
C GLU O 125 41.11 -2.35 -44.24
N GLY O 126 40.80 -1.13 -43.80
CA GLY O 126 41.82 -0.12 -43.69
C GLY O 126 42.80 -0.33 -42.55
N ILE O 127 42.43 -1.15 -41.55
CA ILE O 127 43.34 -1.45 -40.46
C ILE O 127 44.05 -2.79 -40.66
N HIS O 128 43.52 -3.68 -41.51
CA HIS O 128 44.20 -4.92 -41.81
C HIS O 128 45.58 -4.70 -42.40
N ILE O 129 45.80 -3.54 -43.05
CA ILE O 129 47.15 -3.17 -43.47
C ILE O 129 48.04 -2.99 -42.25
N LEU O 130 47.53 -2.31 -41.23
CA LEU O 130 48.28 -2.15 -39.99
C LEU O 130 48.44 -3.48 -39.26
N LEU O 131 47.60 -4.47 -39.60
CA LEU O 131 47.72 -5.78 -38.97
C LEU O 131 48.59 -6.72 -39.81
N TYR O 132 48.44 -6.70 -41.13
CA TYR O 132 49.15 -7.62 -42.02
C TYR O 132 50.50 -7.09 -42.49
N SER O 133 50.99 -5.99 -41.92
CA SER O 133 52.10 -5.25 -42.53
C SER O 133 53.29 -6.16 -42.82
N GLY O 134 53.68 -6.97 -41.84
CA GLY O 134 54.80 -7.88 -42.07
C GLY O 134 54.55 -8.85 -43.20
N LEU O 135 53.37 -9.49 -43.18
CA LEU O 135 53.01 -10.37 -44.29
C LEU O 135 52.88 -9.59 -45.59
N ILE O 136 52.45 -8.33 -45.50
CA ILE O 136 52.29 -7.51 -46.70
C ILE O 136 53.64 -7.34 -47.40
N ILE O 137 54.64 -6.86 -46.66
CA ILE O 137 55.95 -6.69 -47.30
C ILE O 137 56.57 -8.03 -47.64
N ASP O 138 56.27 -9.08 -46.87
CA ASP O 138 56.82 -10.39 -47.19
C ASP O 138 56.31 -10.88 -48.55
N GLU O 139 55.01 -10.73 -48.80
CA GLU O 139 54.48 -11.09 -50.11
C GLU O 139 55.07 -10.21 -51.19
N ILE O 140 55.14 -8.90 -50.94
CA ILE O 140 55.67 -7.97 -51.94
C ILE O 140 57.10 -8.34 -52.31
N ILE O 141 57.91 -8.73 -51.32
CA ILE O 141 59.29 -9.13 -51.61
C ILE O 141 59.32 -10.47 -52.33
N THR O 142 58.73 -11.49 -51.73
CA THR O 142 58.97 -12.87 -52.13
C THR O 142 58.31 -13.23 -53.46
N GLN O 143 57.08 -12.76 -53.69
CA GLN O 143 56.32 -13.26 -54.84
C GLN O 143 56.90 -12.83 -56.19
N MET O 144 57.87 -11.91 -56.21
CA MET O 144 58.40 -11.40 -57.47
C MET O 144 59.32 -12.43 -58.14
N ARG O 145 59.42 -12.31 -59.46
CA ARG O 145 60.19 -13.27 -60.25
C ARG O 145 61.69 -13.12 -60.02
N VAL O 146 62.19 -11.89 -59.96
CA VAL O 146 63.62 -11.62 -59.81
C VAL O 146 63.85 -11.19 -58.36
N ASN O 147 64.62 -11.99 -57.61
CA ASN O 147 64.96 -11.64 -56.26
C ASN O 147 66.40 -11.96 -55.88
N ASP O 148 67.23 -12.43 -56.83
CA ASP O 148 68.62 -12.73 -56.49
C ASP O 148 69.41 -11.47 -56.17
N GLU O 149 69.23 -10.42 -56.96
CA GLU O 149 69.94 -9.17 -56.71
C GLU O 149 69.37 -8.51 -55.46
N GLU O 150 70.26 -7.96 -54.63
CA GLU O 150 69.85 -7.44 -53.33
C GLU O 150 69.17 -6.08 -53.42
N GLU O 151 69.64 -5.22 -54.34
CA GLU O 151 69.19 -3.84 -54.35
C GLU O 151 67.70 -3.72 -54.62
N HIS O 152 67.18 -4.55 -55.53
CA HIS O 152 65.76 -4.51 -55.84
C HIS O 152 64.91 -4.86 -54.62
N LYS O 153 65.39 -5.81 -53.81
CA LYS O 153 64.66 -6.19 -52.60
C LYS O 153 64.51 -5.01 -51.65
N GLN O 154 65.61 -4.33 -51.35
CA GLN O 154 65.55 -3.16 -50.48
C GLN O 154 64.70 -2.05 -51.10
N LEU O 155 64.83 -1.84 -52.40
CA LEU O 155 64.09 -0.79 -53.07
C LEU O 155 62.59 -1.02 -52.95
N VAL O 156 62.13 -2.22 -53.29
CA VAL O 156 60.70 -2.51 -53.23
C VAL O 156 60.21 -2.56 -51.79
N ALA O 157 61.07 -2.97 -50.84
CA ALA O 157 60.68 -2.95 -49.44
C ALA O 157 60.42 -1.53 -48.98
N GLU O 158 61.34 -0.60 -49.28
CA GLU O 158 61.15 0.78 -48.88
C GLU O 158 59.95 1.40 -49.58
N ILE O 159 59.73 1.06 -50.86
CA ILE O 159 58.60 1.65 -51.57
C ILE O 159 57.28 1.12 -51.01
N VAL O 160 57.21 -0.17 -50.68
CA VAL O 160 55.96 -0.70 -50.15
C VAL O 160 55.70 -0.18 -48.75
N GLN O 161 56.76 -0.01 -47.95
CA GLN O 161 56.58 0.59 -46.64
C GLN O 161 56.09 2.03 -46.75
N ASN O 162 56.70 2.82 -47.66
CA ASN O 162 56.25 4.18 -47.85
C ASN O 162 54.80 4.24 -48.30
N VAL O 163 54.39 3.34 -49.20
CA VAL O 163 53.02 3.41 -49.70
C VAL O 163 52.03 2.99 -48.62
N ILE O 164 52.30 1.87 -47.92
CA ILE O 164 51.36 1.41 -46.89
C ILE O 164 51.34 2.35 -45.69
N SER O 165 52.40 3.13 -45.48
CA SER O 165 52.42 4.07 -44.36
C SER O 165 51.72 5.37 -44.72
N LEU O 166 52.16 6.03 -45.78
CA LEU O 166 51.60 7.32 -46.13
C LEU O 166 50.15 7.20 -46.59
N GLY O 167 49.83 6.15 -47.36
CA GLY O 167 48.49 5.99 -47.88
C GLY O 167 48.44 6.16 -49.39
N SER O 168 47.77 7.21 -49.86
CA SER O 168 47.68 7.49 -51.29
C SER O 168 48.98 8.13 -51.74
N LEU O 169 49.81 7.37 -52.45
CA LEU O 169 51.14 7.81 -52.82
C LEU O 169 51.13 8.41 -54.22
N THR O 170 51.75 9.58 -54.34
CA THR O 170 51.75 10.34 -55.59
C THR O 170 53.13 10.25 -56.24
N VAL O 171 53.14 9.78 -57.48
CA VAL O 171 54.39 9.73 -58.24
C VAL O 171 54.89 11.15 -58.53
N GLU O 172 53.99 12.13 -58.58
CA GLU O 172 54.41 13.51 -58.77
C GLU O 172 55.36 13.93 -57.65
N ASP O 173 55.05 13.54 -56.40
CA ASP O 173 55.97 13.78 -55.30
C ASP O 173 57.15 12.81 -55.34
N TYR O 174 56.89 11.55 -55.69
CA TYR O 174 57.93 10.53 -55.54
C TYR O 174 59.09 10.77 -56.49
N LEU O 175 58.80 11.00 -57.77
CA LEU O 175 59.86 11.30 -58.74
C LEU O 175 60.57 12.60 -58.36
N SER O 176 59.82 13.58 -57.86
CA SER O 176 60.44 14.84 -57.43
C SER O 176 61.43 14.59 -56.30
N SER O 177 61.07 13.72 -55.35
CA SER O 177 61.97 13.42 -54.23
C SER O 177 63.16 12.60 -54.67
N VAL O 178 62.97 11.68 -55.61
CA VAL O 178 64.08 10.89 -56.12
C VAL O 178 65.09 11.81 -56.80
N THR O 179 66.37 11.52 -56.60
CA THR O 179 67.44 12.47 -56.89
C THR O 179 68.24 12.16 -58.16
N SER O 180 68.22 10.92 -58.63
CA SER O 180 69.06 10.50 -59.74
C SER O 180 68.20 10.13 -60.95
N ASP O 181 68.63 10.57 -62.13
CA ASP O 181 67.90 10.26 -63.35
C ASP O 181 67.91 8.76 -63.63
N SER O 182 69.06 8.11 -63.41
CA SER O 182 69.14 6.67 -63.62
C SER O 182 68.29 5.88 -62.62
N MET O 183 67.91 6.50 -61.50
CA MET O 183 67.08 5.85 -60.51
C MET O 183 65.59 6.13 -60.69
N LYS O 184 65.24 7.31 -61.22
CA LYS O 184 63.85 7.59 -61.59
C LYS O 184 63.37 6.73 -62.74
N TYR O 185 64.27 6.14 -63.52
CA TYR O 185 63.90 5.35 -64.68
C TYR O 185 63.41 3.95 -64.32
N THR O 186 63.55 3.54 -63.05
CA THR O 186 63.12 2.21 -62.62
C THR O 186 61.98 2.22 -61.62
N ILE O 187 61.87 3.26 -60.79
CA ILE O 187 60.74 3.32 -59.85
C ILE O 187 59.44 3.44 -60.62
N SER O 188 59.44 4.21 -61.70
CA SER O 188 58.29 4.26 -62.59
C SER O 188 58.03 2.90 -63.24
N SER O 189 59.08 2.08 -63.40
CA SER O 189 58.91 0.75 -63.99
C SER O 189 58.37 -0.25 -62.97
N LEU O 190 58.49 0.03 -61.67
CA LEU O 190 57.91 -0.85 -60.67
C LEU O 190 56.44 -0.56 -60.39
N PHE O 191 55.99 0.68 -60.61
CA PHE O 191 54.59 1.02 -60.36
C PHE O 191 53.66 0.32 -61.34
N VAL O 192 54.05 0.25 -62.61
CA VAL O 192 53.21 -0.42 -63.61
C VAL O 192 53.05 -1.89 -63.27
N GLN O 193 54.11 -2.51 -62.76
CA GLN O 193 54.06 -3.93 -62.40
C GLN O 193 53.09 -4.18 -61.25
N LEU O 194 53.08 -3.29 -60.25
CA LEU O 194 52.18 -3.47 -59.12
C LEU O 194 50.74 -3.17 -59.52
N CYS O 195 50.53 -2.15 -60.35
CA CYS O 195 49.18 -1.87 -60.84
C CYS O 195 48.62 -3.06 -61.62
N GLU O 196 49.40 -3.58 -62.58
CA GLU O 196 48.92 -4.70 -63.40
C GLU O 196 48.69 -5.94 -62.55
N MET O 197 49.60 -6.24 -61.62
CA MET O 197 49.44 -7.43 -60.80
C MET O 197 48.19 -7.33 -59.93
N GLY O 198 47.93 -6.16 -59.35
CA GLY O 198 46.76 -5.99 -58.51
C GLY O 198 47.08 -5.45 -57.13
N TYR O 199 48.31 -5.01 -56.93
CA TYR O 199 48.72 -4.39 -55.67
C TYR O 199 48.61 -2.87 -55.71
N LEU O 200 48.05 -2.30 -56.76
CA LEU O 200 47.97 -0.84 -56.88
C LEU O 200 46.74 -0.51 -57.72
N ILE O 201 45.64 -0.18 -57.05
CA ILE O 201 44.40 0.18 -57.72
C ILE O 201 44.11 1.65 -57.44
N GLN O 202 43.67 2.37 -58.47
CA GLN O 202 43.28 3.75 -58.31
C GLN O 202 42.24 3.88 -57.21
N ILE O 203 42.47 4.81 -56.28
CA ILE O 203 41.63 4.96 -55.10
C ILE O 203 40.51 5.95 -55.41
N SER O 204 39.30 5.65 -54.95
CA SER O 204 38.15 6.46 -55.27
C SER O 204 37.06 6.21 -54.22
N LYS O 205 35.82 6.58 -54.55
CA LYS O 205 34.69 6.43 -53.66
C LYS O 205 34.45 4.98 -53.23
N LEU O 206 34.96 4.01 -54.00
CA LEU O 206 34.63 2.62 -53.70
C LEU O 206 35.31 2.10 -52.44
N HIS O 207 36.38 2.77 -52.03
CA HIS O 207 37.11 2.37 -50.79
C HIS O 207 36.67 3.25 -49.61
N TYR O 208 35.89 4.30 -49.88
CA TYR O 208 35.52 5.24 -48.80
C TYR O 208 34.00 5.39 -48.69
N THR O 209 33.23 4.41 -49.21
CA THR O 209 31.76 4.45 -49.09
C THR O 209 31.23 3.07 -48.66
N PRO O 210 30.21 2.99 -47.78
CA PRO O 210 29.66 1.70 -47.33
C PRO O 210 28.78 1.06 -48.39
N ILE O 211 28.78 -0.28 -48.36
CA ILE O 211 28.13 -1.09 -49.38
C ILE O 211 26.62 -0.86 -49.37
N GLU O 212 26.01 -0.83 -48.17
CA GLU O 212 24.57 -0.66 -48.09
C GLU O 212 24.14 0.70 -48.60
N ASP O 213 24.94 1.74 -48.35
CA ASP O 213 24.59 3.06 -48.85
C ASP O 213 24.74 3.14 -50.36
N LEU O 214 25.79 2.51 -50.89
CA LEU O 214 25.90 2.39 -52.35
C LEU O 214 24.66 1.74 -52.93
N TRP O 215 24.23 0.62 -52.34
CA TRP O 215 23.10 -0.11 -52.90
C TRP O 215 21.79 0.66 -52.72
N GLN O 216 21.64 1.38 -51.61
CA GLN O 216 20.41 2.13 -51.38
C GLN O 216 20.38 3.40 -52.22
N PHE O 217 21.53 3.84 -52.74
CA PHE O 217 21.49 4.90 -53.73
C PHE O 217 21.36 4.38 -55.15
N LEU O 218 21.72 3.12 -55.38
CA LEU O 218 21.50 2.49 -56.67
C LEU O 218 20.19 1.71 -56.74
N TYR O 219 19.37 1.76 -55.70
CA TYR O 219 18.20 0.91 -55.59
C TYR O 219 16.87 1.66 -55.60
N GLU O 220 16.90 2.98 -55.41
CA GLU O 220 15.69 3.80 -55.45
C GLU O 220 15.59 4.66 -56.70
N LYS O 221 16.72 4.99 -57.34
CA LYS O 221 16.66 5.74 -58.59
C LYS O 221 15.91 4.97 -59.66
N HIS O 222 16.17 3.66 -59.76
CA HIS O 222 15.43 2.82 -60.70
C HIS O 222 13.94 2.80 -60.39
N TYR O 223 13.56 3.10 -59.14
CA TYR O 223 12.18 3.18 -58.72
C TYR O 223 11.59 4.58 -58.89
N LYS O 224 12.42 5.54 -59.32
CA LYS O 224 11.98 6.91 -59.59
C LYS O 224 11.72 7.18 -61.07
N ASN O 225 12.43 6.49 -61.96
CA ASN O 225 12.34 6.75 -63.39
C ASN O 225 11.32 5.87 -64.10
N ILE O 226 10.71 4.91 -63.41
CA ILE O 226 9.73 4.03 -64.03
C ILE O 226 8.49 4.86 -64.40
N PRO O 227 7.85 4.58 -65.52
CA PRO O 227 6.58 5.27 -65.83
C PRO O 227 5.44 4.72 -64.98
N ARG O 228 4.27 5.31 -65.18
CA ARG O 228 3.08 4.83 -64.48
C ARG O 228 2.23 3.97 -65.41
N ASN O 229 1.24 3.30 -64.81
CA ASN O 229 0.28 2.46 -65.55
C ASN O 229 0.98 1.33 -66.32
N SER O 230 2.15 0.91 -65.86
CA SER O 230 2.86 -0.16 -66.53
C SER O 230 2.10 -1.47 -66.35
N PRO O 231 1.84 -2.21 -67.44
CA PRO O 231 1.00 -3.42 -67.32
C PRO O 231 1.56 -4.48 -66.38
N LEU O 232 2.74 -4.26 -65.81
CA LEU O 232 3.30 -5.14 -64.79
C LEU O 232 2.74 -4.79 -63.42
N SER O 233 3.25 -5.45 -62.38
CA SER O 233 2.78 -5.30 -61.01
C SER O 233 3.95 -5.00 -60.08
N ASP O 234 3.65 -4.95 -58.78
CA ASP O 234 4.67 -4.63 -57.78
C ASP O 234 5.78 -5.67 -57.77
N LEU O 235 5.41 -6.95 -57.82
CA LEU O 235 6.43 -8.01 -57.81
C LEU O 235 7.30 -7.93 -59.06
N LYS O 236 6.69 -7.68 -60.22
CA LYS O 236 7.45 -7.62 -61.46
C LYS O 236 8.34 -6.40 -61.50
N LYS O 237 7.81 -5.23 -61.15
CA LYS O 237 8.64 -4.02 -61.16
C LYS O 237 9.76 -4.14 -60.14
N ARG O 238 9.50 -4.78 -59.00
CA ARG O 238 10.55 -4.97 -58.01
C ARG O 238 11.64 -5.91 -58.53
N SER O 239 11.26 -7.01 -59.17
CA SER O 239 12.26 -7.93 -59.71
C SER O 239 13.11 -7.25 -60.77
N GLN O 240 12.47 -6.47 -61.66
CA GLN O 240 13.26 -5.81 -62.70
C GLN O 240 14.10 -4.67 -62.13
N ALA O 241 13.63 -4.02 -61.06
CA ALA O 241 14.45 -3.03 -60.38
C ALA O 241 15.68 -3.67 -59.76
N LYS O 242 15.50 -4.82 -59.12
CA LYS O 242 16.63 -5.53 -58.54
C LYS O 242 17.61 -5.97 -59.62
N MET O 243 17.09 -6.44 -60.77
CA MET O 243 17.95 -6.81 -61.88
C MET O 243 18.76 -5.62 -62.37
N ASN O 244 18.10 -4.47 -62.56
CA ASN O 244 18.78 -3.28 -63.05
C ASN O 244 19.86 -2.83 -62.07
N ALA O 245 19.53 -2.83 -60.77
CA ALA O 245 20.49 -2.46 -59.75
C ALA O 245 21.68 -3.41 -59.75
N LYS O 246 21.43 -4.72 -59.85
CA LYS O 246 22.52 -5.69 -59.86
C LYS O 246 23.41 -5.47 -61.08
N THR O 247 22.82 -5.21 -62.24
CA THR O 247 23.63 -4.99 -63.44
C THR O 247 24.53 -3.77 -63.28
N ASP O 248 23.95 -2.63 -62.90
CA ASP O 248 24.76 -1.42 -62.82
C ASP O 248 25.80 -1.51 -61.70
N PHE O 249 25.42 -2.12 -60.56
CA PHE O 249 26.35 -2.27 -59.45
C PHE O 249 27.51 -3.19 -59.82
N ALA O 250 27.22 -4.31 -60.49
CA ALA O 250 28.27 -5.21 -60.95
C ALA O 250 29.19 -4.51 -61.94
N LYS O 251 28.61 -3.74 -62.88
CA LYS O 251 29.44 -3.02 -63.83
C LYS O 251 30.38 -2.05 -63.13
N ILE O 252 29.83 -1.20 -62.26
CA ILE O 252 30.62 -0.13 -61.65
C ILE O 252 31.55 -0.67 -60.57
N ILE O 253 31.35 -1.90 -60.10
CA ILE O 253 32.36 -2.50 -59.23
C ILE O 253 33.44 -3.19 -60.04
N ASN O 254 33.10 -3.76 -61.19
CA ASN O 254 34.13 -4.32 -62.05
C ASN O 254 35.08 -3.26 -62.57
N LYS O 255 34.54 -2.10 -62.94
CA LYS O 255 35.35 -1.05 -63.58
C LYS O 255 36.63 -0.71 -62.81
N PRO O 256 36.61 -0.48 -61.49
CA PRO O 256 37.86 -0.11 -60.82
C PRO O 256 38.59 -1.24 -60.10
N ASN O 257 38.02 -2.46 -60.03
CA ASN O 257 38.70 -3.52 -59.30
C ASN O 257 39.99 -3.94 -60.00
N GLU O 258 40.05 -3.80 -61.32
CA GLU O 258 41.24 -4.12 -62.09
C GLU O 258 41.07 -3.50 -63.46
N LEU O 259 42.04 -2.69 -63.90
CA LEU O 259 41.94 -2.04 -65.20
C LEU O 259 43.31 -1.58 -65.66
N SER O 260 43.38 -1.20 -66.93
CA SER O 260 44.57 -0.60 -67.52
C SER O 260 44.45 0.91 -67.69
N GLN O 261 43.30 1.51 -67.35
CA GLN O 261 43.08 2.93 -67.60
C GLN O 261 43.98 3.84 -66.76
N ILE O 262 44.68 3.29 -65.76
CA ILE O 262 45.69 4.08 -65.06
C ILE O 262 46.95 4.20 -65.90
N LEU O 263 47.31 3.15 -66.65
CA LEU O 263 48.54 3.13 -67.43
C LEU O 263 48.31 2.89 -68.91
N THR O 264 47.08 3.03 -69.40
CA THR O 264 46.80 2.76 -70.82
C THR O 264 47.36 3.82 -71.75
N VAL O 265 47.81 4.96 -71.22
CA VAL O 265 48.44 5.99 -72.04
C VAL O 265 49.81 5.50 -72.50
N ASP O 266 50.42 6.22 -73.44
CA ASP O 266 51.79 5.94 -73.86
C ASP O 266 52.39 7.23 -74.43
N PRO O 267 53.33 7.84 -73.71
CA PRO O 267 53.91 9.11 -74.16
C PRO O 267 54.82 8.95 -75.37
N LYS O 268 54.93 10.04 -76.12
CA LYS O 268 55.78 10.07 -77.31
C LYS O 268 57.25 9.95 -76.91
N THR O 269 58.02 9.29 -77.78
CA THR O 269 59.47 8.99 -77.59
C THR O 269 59.78 8.66 -76.13
N SER O 270 59.02 7.72 -75.59
CA SER O 270 59.20 7.30 -74.20
C SER O 270 58.50 5.98 -73.98
N LEU O 271 58.43 5.57 -72.72
CA LEU O 271 57.90 4.27 -72.34
C LEU O 271 56.47 4.38 -71.83
N ARG O 272 55.82 3.23 -71.68
CA ARG O 272 54.51 3.18 -71.06
C ARG O 272 54.63 3.55 -69.58
N ILE O 273 53.80 4.48 -69.13
CA ILE O 273 53.89 5.00 -67.76
C ILE O 273 52.49 5.28 -67.24
N VAL O 274 52.32 5.08 -65.94
CA VAL O 274 51.14 5.57 -65.24
C VAL O 274 51.13 7.09 -65.25
N LYS O 275 49.95 7.67 -65.08
CA LYS O 275 49.79 9.11 -65.13
C LYS O 275 50.52 9.76 -63.96
N PRO O 276 51.27 10.85 -64.19
CA PRO O 276 52.08 11.44 -63.12
C PRO O 276 51.29 12.20 -62.06
N THR O 277 50.08 12.65 -62.36
CA THR O 277 49.33 13.51 -61.43
C THR O 277 48.42 12.73 -60.49
N VAL O 278 48.11 11.47 -60.81
CA VAL O 278 47.17 10.67 -60.01
C VAL O 278 47.88 10.05 -58.81
N SER O 279 47.10 9.49 -57.90
CA SER O 279 47.60 8.83 -56.70
C SER O 279 47.51 7.31 -56.84
N LEU O 280 48.33 6.62 -56.04
CA LEU O 280 48.38 5.16 -56.05
C LEU O 280 48.20 4.64 -54.62
N THR O 281 47.27 3.70 -54.45
CA THR O 281 47.02 3.05 -53.17
C THR O 281 47.14 1.55 -53.33
N ILE O 282 47.75 0.91 -52.33
CA ILE O 282 48.03 -0.51 -52.41
C ILE O 282 46.84 -1.31 -51.90
N ASN O 283 46.43 -2.32 -52.67
CA ASN O 283 45.28 -3.14 -52.34
C ASN O 283 45.63 -4.15 -51.24
N LEU O 284 44.62 -4.92 -50.83
CA LEU O 284 44.83 -6.03 -49.91
C LEU O 284 44.15 -7.33 -50.35
N ASP O 285 43.17 -7.30 -51.25
CA ASP O 285 42.53 -8.53 -51.70
C ASP O 285 43.52 -9.46 -52.39
N ARG O 286 44.40 -8.89 -53.22
CA ARG O 286 45.41 -9.71 -53.89
C ARG O 286 46.34 -10.37 -52.87
N PHE O 287 46.72 -9.62 -51.84
CA PHE O 287 47.54 -10.23 -50.79
C PHE O 287 46.77 -11.28 -50.01
N MET O 288 45.46 -11.09 -49.84
CA MET O 288 44.66 -12.10 -49.16
C MET O 288 44.60 -13.39 -49.97
N LYS O 289 44.49 -13.27 -51.29
CA LYS O 289 44.56 -14.44 -52.15
C LYS O 289 45.92 -15.10 -52.06
N GLY O 290 47.00 -14.30 -52.00
CA GLY O 290 48.32 -14.87 -51.82
C GLY O 290 48.45 -15.63 -50.51
N ARG O 291 47.92 -15.06 -49.42
CA ARG O 291 47.97 -15.70 -48.12
C ARG O 291 47.14 -16.98 -48.09
N ARG O 292 45.97 -16.97 -48.73
CA ARG O 292 45.13 -18.17 -48.81
C ARG O 292 45.81 -19.27 -49.60
N SER O 293 46.44 -18.93 -50.73
CA SER O 293 47.19 -19.93 -51.49
C SER O 293 48.40 -20.42 -50.70
N LYS O 294 48.99 -19.55 -49.88
CA LYS O 294 50.07 -19.97 -48.98
C LYS O 294 49.57 -21.00 -47.98
N GLN O 295 48.37 -20.78 -47.43
CA GLN O 295 47.78 -21.74 -46.52
C GLN O 295 47.52 -23.07 -47.22
N LEU O 296 47.05 -23.01 -48.48
CA LEU O 296 46.84 -24.24 -49.23
C LEU O 296 48.15 -24.98 -49.49
N ILE O 297 49.21 -24.24 -49.83
CA ILE O 297 50.51 -24.87 -50.06
C ILE O 297 51.02 -25.51 -48.79
N ASN O 298 50.81 -24.85 -47.64
CA ASN O 298 51.24 -25.44 -46.37
C ASN O 298 50.43 -26.68 -46.04
N LEU O 299 49.13 -26.66 -46.33
CA LEU O 299 48.30 -27.84 -46.18
C LEU O 299 48.85 -28.99 -47.02
N ALA O 300 49.21 -28.72 -48.27
CA ALA O 300 49.81 -29.74 -49.12
C ALA O 300 51.14 -30.22 -48.55
N LYS O 301 51.94 -29.30 -48.01
CA LYS O 301 53.25 -29.66 -47.46
C LYS O 301 53.11 -30.60 -46.27
N THR O 302 52.05 -30.45 -45.48
CA THR O 302 51.84 -31.40 -44.39
C THR O 302 51.28 -32.72 -44.90
N ARG O 303 50.38 -32.69 -45.89
CA ARG O 303 49.66 -33.88 -46.34
C ARG O 303 50.37 -34.63 -47.44
N VAL O 304 50.83 -33.94 -48.48
CA VAL O 304 51.37 -34.58 -49.67
C VAL O 304 52.86 -34.31 -49.75
N GLY O 305 53.64 -35.36 -50.02
CA GLY O 305 55.09 -35.22 -50.07
C GLY O 305 55.51 -34.19 -51.12
N SER O 306 56.67 -33.60 -50.88
CA SER O 306 57.14 -32.46 -51.66
C SER O 306 57.50 -32.81 -53.09
N VAL O 307 57.54 -34.10 -53.47
CA VAL O 307 57.91 -34.45 -54.83
C VAL O 307 56.87 -33.91 -55.82
N THR O 308 55.59 -34.16 -55.55
CA THR O 308 54.51 -33.64 -56.37
C THR O 308 53.83 -32.44 -55.73
N ALA O 309 54.31 -31.97 -54.57
CA ALA O 309 53.74 -30.80 -53.93
C ALA O 309 54.39 -29.50 -54.40
N GLN O 310 55.62 -29.56 -54.89
CA GLN O 310 56.26 -28.35 -55.41
C GLN O 310 55.56 -27.81 -56.65
N VAL O 311 54.78 -28.65 -57.35
CA VAL O 311 53.99 -28.18 -58.48
C VAL O 311 52.86 -27.28 -58.00
N TYR O 312 52.23 -27.62 -56.88
CA TYR O 312 51.06 -26.88 -56.42
C TYR O 312 51.39 -25.45 -56.04
N LYS O 313 52.63 -25.17 -55.66
CA LYS O 313 53.03 -23.80 -55.37
C LYS O 313 52.90 -22.92 -56.62
N ILE O 314 53.31 -23.43 -57.77
CA ILE O 314 53.20 -22.66 -59.00
C ILE O 314 51.85 -22.90 -59.67
N ALA O 315 51.24 -24.06 -59.45
CA ALA O 315 49.94 -24.34 -60.06
C ALA O 315 48.90 -23.31 -59.65
N LEU O 316 48.99 -22.83 -58.40
CA LEU O 316 48.11 -21.77 -57.94
C LEU O 316 48.74 -20.39 -58.07
N ARG O 317 50.07 -20.31 -58.20
CA ARG O 317 50.72 -19.02 -58.39
C ARG O 317 50.30 -18.37 -59.69
N LEU O 318 50.09 -19.16 -60.75
CA LEU O 318 49.77 -18.64 -62.08
C LEU O 318 48.29 -18.47 -62.32
N THR O 319 47.43 -18.86 -61.37
CA THR O 319 46.00 -18.68 -61.50
C THR O 319 45.42 -17.67 -60.52
N GLU O 320 46.14 -17.35 -59.43
CA GLU O 320 45.64 -16.41 -58.45
C GLU O 320 45.49 -15.00 -59.00
N GLN O 321 46.33 -14.61 -59.95
CA GLN O 321 46.35 -13.23 -60.45
C GLN O 321 45.02 -12.79 -61.01
N LYS O 322 44.18 -13.74 -61.47
CA LYS O 322 42.83 -13.44 -61.92
C LYS O 322 41.80 -14.26 -61.15
N SER O 323 42.10 -14.64 -59.91
CA SER O 323 41.24 -15.52 -59.14
C SER O 323 39.96 -14.80 -58.71
N PRO O 324 38.86 -15.56 -58.54
CA PRO O 324 37.57 -14.93 -58.20
C PRO O 324 37.46 -14.55 -56.73
N LYS O 325 36.26 -14.12 -56.31
CA LYS O 325 36.06 -13.62 -54.96
C LYS O 325 36.18 -14.75 -53.93
N ILE O 326 36.45 -14.36 -52.69
CA ILE O 326 36.69 -15.32 -51.62
C ILE O 326 35.51 -15.44 -50.65
N ARG O 327 34.81 -14.34 -50.36
CA ARG O 327 33.64 -14.39 -49.48
C ARG O 327 32.39 -13.83 -50.12
N ASP O 328 32.47 -12.65 -50.74
CA ASP O 328 31.28 -11.93 -51.19
C ASP O 328 31.62 -11.00 -52.35
N PRO O 329 30.91 -11.10 -53.47
CA PRO O 329 31.13 -10.15 -54.57
C PRO O 329 30.56 -8.77 -54.26
N LEU O 330 30.27 -8.52 -52.99
CA LEU O 330 29.84 -7.27 -52.37
C LEU O 330 28.35 -7.00 -52.57
N THR O 331 27.62 -7.87 -53.28
CA THR O 331 26.17 -7.79 -53.34
C THR O 331 25.51 -8.54 -52.20
N GLN O 332 26.27 -9.26 -51.37
CA GLN O 332 25.72 -10.01 -50.25
C GLN O 332 25.94 -9.32 -48.92
N THR O 333 26.32 -8.05 -48.94
CA THR O 333 26.58 -7.30 -47.72
C THR O 333 25.66 -6.10 -47.56
N GLY O 334 25.33 -5.41 -48.65
CA GLY O 334 24.44 -4.27 -48.61
C GLY O 334 22.96 -4.57 -48.80
N LEU O 335 22.57 -5.83 -48.92
CA LEU O 335 21.18 -6.18 -49.16
C LEU O 335 20.95 -7.64 -48.76
N LEU O 336 19.67 -8.00 -48.61
CA LEU O 336 19.31 -9.39 -48.31
C LEU O 336 19.48 -10.27 -49.53
N GLN O 337 19.94 -11.50 -49.31
CA GLN O 337 20.02 -12.46 -50.40
C GLN O 337 18.64 -12.80 -50.96
N ASP O 338 17.83 -13.54 -50.20
CA ASP O 338 16.58 -14.06 -50.73
C ASP O 338 15.85 -14.85 -49.64
N LEU O 339 14.58 -15.16 -49.91
CA LEU O 339 13.80 -16.08 -49.10
C LEU O 339 13.31 -17.29 -49.91
N GLU O 340 12.75 -17.05 -51.10
CA GLU O 340 12.28 -18.10 -51.99
C GLU O 340 13.00 -17.98 -53.33
N GLU O 341 13.45 -19.12 -53.86
CA GLU O 341 14.48 -19.15 -54.90
C GLU O 341 15.76 -18.49 -54.39
N ALA O 342 16.19 -18.91 -53.21
CA ALA O 342 17.35 -18.33 -52.54
C ALA O 342 18.67 -18.98 -52.93
N LYS O 343 18.64 -19.93 -53.87
CA LYS O 343 19.82 -20.56 -54.42
C LYS O 343 20.46 -19.73 -55.54
N SER O 344 19.83 -18.61 -55.91
CA SER O 344 20.23 -17.86 -57.10
C SER O 344 21.66 -17.35 -57.01
N PHE O 345 22.11 -16.92 -55.84
CA PHE O 345 23.40 -16.24 -55.74
C PHE O 345 24.55 -17.23 -55.89
N GLN O 346 24.55 -18.31 -55.12
CA GLN O 346 25.57 -19.33 -55.32
C GLN O 346 25.43 -19.98 -56.69
N ASP O 347 24.20 -20.07 -57.22
CA ASP O 347 24.01 -20.61 -58.56
C ASP O 347 24.77 -19.77 -59.58
N GLU O 348 24.56 -18.45 -59.56
CA GLU O 348 25.25 -17.60 -60.51
C GLU O 348 26.75 -17.56 -60.24
N ALA O 349 27.17 -17.66 -58.97
CA ALA O 349 28.60 -17.64 -58.66
C ALA O 349 29.31 -18.85 -59.27
N GLU O 350 28.80 -20.06 -59.00
CA GLU O 350 29.38 -21.24 -59.61
C GLU O 350 29.24 -21.22 -61.12
N LEU O 351 28.14 -20.64 -61.64
CA LEU O 351 27.96 -20.55 -63.08
C LEU O 351 29.05 -19.67 -63.71
N VAL O 352 29.35 -18.54 -63.09
CA VAL O 352 30.42 -17.67 -63.57
C VAL O 352 31.77 -18.38 -63.48
N GLU O 353 32.02 -19.07 -62.36
CA GLU O 353 33.26 -19.81 -62.22
C GLU O 353 33.43 -20.84 -63.34
N GLU O 354 32.33 -21.49 -63.74
CA GLU O 354 32.37 -22.44 -64.84
C GLU O 354 32.57 -21.75 -66.18
N LYS O 355 31.88 -20.62 -66.39
CA LYS O 355 31.86 -20.01 -67.72
C LYS O 355 33.16 -19.29 -68.04
N THR O 356 33.73 -18.57 -67.08
CA THR O 356 34.90 -17.75 -67.37
C THR O 356 36.11 -18.63 -67.70
N PRO O 357 36.69 -18.49 -68.89
CA PRO O 357 37.84 -19.34 -69.27
C PRO O 357 39.19 -18.84 -68.82
N GLY O 358 39.27 -17.67 -68.18
CA GLY O 358 40.55 -17.18 -67.70
C GLY O 358 41.17 -18.10 -66.65
N LEU O 359 40.33 -18.74 -65.85
CA LEU O 359 40.82 -19.63 -64.81
C LEU O 359 41.14 -21.03 -65.33
N THR O 360 40.77 -21.35 -66.57
CA THR O 360 41.03 -22.67 -67.14
C THR O 360 42.31 -22.65 -67.96
N PHE O 361 43.14 -23.68 -67.79
CA PHE O 361 44.47 -23.73 -68.38
C PHE O 361 44.79 -25.15 -68.82
N ASN O 362 45.58 -25.26 -69.88
CA ASN O 362 45.96 -26.54 -70.46
C ASN O 362 47.41 -26.89 -70.12
N ALA O 363 47.77 -28.13 -70.42
CA ALA O 363 49.11 -28.61 -70.09
C ALA O 363 50.19 -27.85 -70.87
N ILE O 364 49.88 -27.38 -72.07
CA ILE O 364 50.86 -26.62 -72.84
C ILE O 364 51.12 -25.26 -72.19
N ASP O 365 50.06 -24.56 -71.77
CA ASP O 365 50.22 -23.21 -71.23
C ASP O 365 51.00 -23.22 -69.94
N LEU O 366 50.87 -24.27 -69.13
CA LEU O 366 51.55 -24.32 -67.84
C LEU O 366 53.05 -24.51 -67.96
N ALA O 367 53.56 -24.79 -69.16
CA ALA O 367 54.96 -25.16 -69.34
C ALA O 367 55.93 -23.99 -69.25
N ARG O 368 55.50 -22.79 -69.64
CA ARG O 368 56.44 -21.67 -69.81
C ARG O 368 56.76 -20.95 -68.51
N HIS O 369 56.20 -21.37 -67.39
CA HIS O 369 56.46 -20.74 -66.10
C HIS O 369 57.12 -21.66 -65.10
N LEU O 370 57.18 -22.96 -65.36
CA LEU O 370 57.74 -23.90 -64.41
C LEU O 370 59.26 -23.82 -64.43
N PRO O 371 59.91 -23.56 -63.29
CA PRO O 371 61.37 -23.48 -63.27
C PRO O 371 62.01 -24.85 -63.47
N ALA O 372 63.28 -24.83 -63.88
CA ALA O 372 63.99 -26.08 -64.12
C ALA O 372 64.27 -26.85 -62.84
N GLU O 373 64.37 -26.15 -61.69
CA GLU O 373 64.75 -26.81 -60.46
C GLU O 373 63.73 -27.88 -60.04
N LEU O 374 62.51 -27.78 -60.53
CA LEU O 374 61.52 -28.85 -60.39
C LEU O 374 61.66 -29.79 -61.58
N ASP O 375 62.04 -31.03 -61.31
CA ASP O 375 62.43 -31.95 -62.37
C ASP O 375 61.21 -32.47 -63.15
N LEU O 376 60.13 -32.82 -62.44
CA LEU O 376 58.92 -33.35 -63.05
C LEU O 376 59.20 -34.61 -63.87
N ARG O 377 60.05 -35.47 -63.32
CA ARG O 377 60.32 -36.77 -63.93
C ARG O 377 59.99 -37.93 -63.00
N GLY O 378 60.45 -37.88 -61.75
CA GLY O 378 60.21 -38.94 -60.79
C GLY O 378 58.97 -38.76 -59.94
N SER O 379 58.05 -37.89 -60.36
CA SER O 379 56.86 -37.60 -59.56
C SER O 379 55.70 -38.54 -59.82
N LEU O 380 55.94 -39.70 -60.43
CA LEU O 380 54.89 -40.64 -60.75
C LEU O 380 55.43 -42.07 -60.76
N LEU O 381 54.50 -43.01 -60.66
CA LEU O 381 54.81 -44.44 -60.73
C LEU O 381 53.65 -45.12 -61.45
N SER O 382 53.85 -45.48 -62.72
CA SER O 382 52.85 -46.02 -63.64
C SER O 382 52.40 -47.43 -63.31
N ARG O 383 52.80 -47.99 -62.18
CA ARG O 383 52.41 -49.32 -61.78
C ARG O 383 52.67 -49.45 -60.28
N LYS O 384 52.62 -50.69 -59.78
CA LYS O 384 52.93 -50.94 -58.39
C LYS O 384 54.44 -51.01 -58.18
N PRO O 447 60.60 -35.04 -68.43
CA PRO O 447 61.40 -33.80 -68.49
C PRO O 447 60.56 -32.59 -68.87
N HIS O 448 59.98 -31.93 -67.87
CA HIS O 448 59.06 -30.81 -68.10
C HIS O 448 57.96 -31.20 -69.07
N SER O 449 57.43 -32.41 -68.88
CA SER O 449 56.57 -33.05 -69.88
C SER O 449 55.10 -32.85 -69.55
N ALA O 450 54.33 -32.46 -70.57
CA ALA O 450 52.91 -32.18 -70.38
C ALA O 450 52.15 -33.41 -69.91
N SER O 451 52.51 -34.59 -70.41
CA SER O 451 51.83 -35.82 -70.01
C SER O 451 52.08 -36.15 -68.54
N LEU O 452 53.07 -35.48 -67.92
CA LEU O 452 53.32 -35.66 -66.50
C LEU O 452 52.73 -34.54 -65.64
N ILE O 453 52.77 -33.30 -66.11
CA ILE O 453 52.12 -32.23 -65.37
C ILE O 453 50.60 -32.39 -65.41
N ASN O 454 50.06 -32.84 -66.54
CA ASN O 454 48.64 -33.17 -66.61
C ASN O 454 48.31 -34.34 -65.69
N SER O 455 49.27 -35.22 -65.44
CA SER O 455 49.04 -36.29 -64.46
C SER O 455 48.76 -35.70 -63.08
N HIS O 456 49.54 -34.69 -62.68
CA HIS O 456 49.28 -34.03 -61.40
C HIS O 456 47.98 -33.25 -61.44
N LEU O 457 47.67 -32.61 -62.58
CA LEU O 457 46.37 -31.97 -62.75
C LEU O 457 45.23 -32.94 -62.45
N LYS O 458 45.27 -34.10 -63.10
CA LYS O 458 44.20 -35.09 -62.95
C LYS O 458 44.17 -35.67 -61.55
N ILE O 459 45.34 -35.92 -60.95
CA ILE O 459 45.33 -36.49 -59.60
C ILE O 459 44.81 -35.47 -58.59
N LEU O 460 45.11 -34.18 -58.78
CA LEU O 460 44.53 -33.16 -57.93
C LEU O 460 43.01 -33.11 -58.11
N ALA O 461 42.54 -33.23 -59.34
CA ALA O 461 41.09 -33.24 -59.56
C ALA O 461 40.43 -34.45 -58.91
N SER O 462 41.06 -35.62 -58.99
CA SER O 462 40.50 -36.86 -58.47
C SER O 462 40.84 -37.09 -57.00
N SER O 463 41.56 -36.16 -56.37
CA SER O 463 41.85 -36.28 -54.95
C SER O 463 40.58 -36.08 -54.12
N ASN O 464 40.60 -36.59 -52.89
CA ASN O 464 39.41 -36.61 -52.06
C ASN O 464 38.92 -35.19 -51.74
N PHE O 465 39.85 -34.27 -51.50
CA PHE O 465 39.48 -32.87 -51.37
C PHE O 465 39.37 -32.25 -52.75
N PRO O 466 38.18 -31.80 -53.16
CA PRO O 466 38.03 -31.29 -54.54
C PRO O 466 38.80 -30.01 -54.78
N PHE O 467 40.12 -30.13 -54.94
CA PHE O 467 40.95 -28.98 -55.26
C PHE O 467 40.56 -28.40 -56.61
N LEU O 468 40.42 -29.26 -57.62
CA LEU O 468 39.98 -28.86 -58.95
C LEU O 468 38.84 -29.77 -59.38
N ASN O 469 37.99 -29.26 -60.28
CA ASN O 469 36.91 -30.04 -60.86
C ASN O 469 37.13 -30.16 -62.36
N GLU O 470 36.73 -31.30 -62.91
CA GLU O 470 36.95 -31.62 -64.31
C GLU O 470 35.73 -31.19 -65.13
N THR O 471 35.89 -30.14 -65.92
CA THR O 471 34.85 -29.73 -66.85
C THR O 471 35.04 -30.34 -68.24
N LYS O 472 36.26 -30.29 -68.77
CA LYS O 472 36.59 -30.83 -70.08
C LYS O 472 37.78 -31.76 -69.94
N PRO O 473 37.87 -32.80 -70.79
CA PRO O 473 39.02 -33.70 -70.73
C PRO O 473 40.29 -33.04 -71.26
N GLY O 474 41.17 -32.63 -70.35
CA GLY O 474 42.39 -31.95 -70.73
C GLY O 474 42.61 -30.65 -69.99
N VAL O 475 41.54 -29.89 -69.77
CA VAL O 475 41.59 -28.61 -69.07
C VAL O 475 40.52 -28.62 -67.98
N TYR O 476 40.93 -28.31 -66.75
CA TYR O 476 40.04 -28.29 -65.59
C TYR O 476 40.04 -26.89 -64.97
N TYR O 477 39.44 -26.77 -63.79
CA TYR O 477 39.40 -25.50 -63.08
C TYR O 477 39.30 -25.75 -61.58
N VAL O 478 39.73 -24.76 -60.80
CA VAL O 478 39.69 -24.84 -59.34
C VAL O 478 38.36 -24.23 -58.88
N PRO O 479 37.52 -24.98 -58.17
CA PRO O 479 36.24 -24.43 -57.71
C PRO O 479 36.35 -23.83 -56.32
N TYR O 480 35.54 -22.80 -56.09
CA TYR O 480 35.38 -22.20 -54.78
C TYR O 480 33.96 -22.32 -54.27
N SER O 481 33.07 -22.96 -55.04
CA SER O 481 31.70 -23.17 -54.59
C SER O 481 31.64 -24.19 -53.46
N LYS O 482 32.36 -25.30 -53.61
CA LYS O 482 32.33 -26.39 -52.64
C LYS O 482 33.69 -26.68 -52.04
N LEU O 483 34.68 -25.82 -52.24
CA LEU O 483 36.00 -25.98 -51.65
C LEU O 483 36.14 -25.28 -50.30
N MET O 484 35.66 -24.04 -50.21
CA MET O 484 35.77 -23.29 -48.97
C MET O 484 35.06 -23.96 -47.80
N PRO O 485 33.82 -24.44 -47.92
CA PRO O 485 33.18 -25.09 -46.75
C PRO O 485 34.00 -26.25 -46.20
N VAL O 486 34.43 -27.17 -47.07
CA VAL O 486 35.15 -28.34 -46.58
C VAL O 486 36.54 -27.95 -46.06
N LEU O 487 37.20 -27.00 -46.72
CA LEU O 487 38.51 -26.55 -46.24
C LEU O 487 38.40 -25.92 -44.87
N LYS O 488 37.43 -25.02 -44.70
CA LYS O 488 37.27 -24.35 -43.42
C LYS O 488 36.89 -25.34 -42.33
N SER O 489 36.05 -26.33 -42.66
CA SER O 489 35.69 -27.35 -41.69
C SER O 489 36.90 -28.18 -41.30
N SER O 490 37.77 -28.49 -42.26
CA SER O 490 39.01 -29.19 -41.93
C SER O 490 39.87 -28.35 -40.99
N VAL O 491 39.97 -27.05 -41.26
CA VAL O 491 40.78 -26.18 -40.41
C VAL O 491 40.18 -26.09 -39.01
N TYR O 492 38.86 -25.92 -38.93
CA TYR O 492 38.19 -25.86 -37.63
C TYR O 492 38.40 -27.15 -36.85
N GLU O 493 38.25 -28.29 -37.53
CA GLU O 493 38.44 -29.58 -36.87
C GLU O 493 39.86 -29.74 -36.36
N TYR O 494 40.85 -29.38 -37.17
CA TYR O 494 42.23 -29.58 -36.73
C TYR O 494 42.65 -28.56 -35.68
N VAL O 495 42.07 -27.36 -35.68
CA VAL O 495 42.33 -26.42 -34.60
C VAL O 495 41.77 -26.96 -33.29
N ILE O 496 40.54 -27.48 -33.32
CA ILE O 496 39.98 -28.06 -32.11
C ILE O 496 40.81 -29.26 -31.67
N ALA O 497 41.30 -30.05 -32.62
CA ALA O 497 42.11 -31.23 -32.28
C ALA O 497 43.47 -30.83 -31.73
N SER O 498 44.06 -29.75 -32.23
CA SER O 498 45.33 -29.27 -31.71
C SER O 498 45.16 -28.71 -30.31
N THR O 499 44.05 -28.01 -30.06
CA THR O 499 43.80 -27.48 -28.73
C THR O 499 43.45 -28.59 -27.74
N LEU O 500 42.79 -29.64 -28.21
CA LEU O 500 42.26 -30.73 -27.39
C LEU O 500 42.98 -32.03 -27.77
N GLY O 501 42.42 -33.15 -27.30
CA GLY O 501 43.04 -34.44 -27.51
C GLY O 501 42.54 -35.18 -28.74
N PRO O 502 43.23 -36.27 -29.08
CA PRO O 502 42.77 -37.12 -30.19
C PRO O 502 41.38 -37.69 -29.99
N SER O 503 41.02 -38.03 -28.75
CA SER O 503 39.65 -38.50 -28.49
C SER O 503 38.63 -37.40 -28.71
N ALA O 504 39.00 -36.16 -28.36
CA ALA O 504 38.12 -35.03 -28.67
C ALA O 504 37.96 -34.87 -30.17
N MET O 505 39.05 -35.04 -30.93
CA MET O 505 38.95 -35.00 -32.38
C MET O 505 38.04 -36.11 -32.89
N ARG O 506 38.17 -37.32 -32.33
CA ARG O 506 37.33 -38.44 -32.74
C ARG O 506 35.86 -38.12 -32.50
N LEU O 507 35.55 -37.54 -31.34
CA LEU O 507 34.16 -37.24 -31.02
C LEU O 507 33.60 -36.13 -31.90
N SER O 508 34.38 -35.06 -32.10
CA SER O 508 33.91 -33.99 -32.96
C SER O 508 33.73 -34.50 -34.39
N ARG O 509 34.60 -35.40 -34.84
CA ARG O 509 34.45 -35.98 -36.16
C ARG O 509 33.22 -36.87 -36.23
N CYS O 510 32.92 -37.59 -35.16
CA CYS O 510 31.70 -38.40 -35.12
C CYS O 510 30.47 -37.52 -35.23
N ILE O 511 30.45 -36.40 -34.50
CA ILE O 511 29.32 -35.48 -34.57
C ILE O 511 29.25 -34.84 -35.94
N ARG O 512 30.40 -34.57 -36.57
CA ARG O 512 30.41 -33.96 -37.90
C ARG O 512 29.90 -34.92 -38.97
N ASP O 513 30.61 -36.03 -39.15
CA ASP O 513 30.28 -37.00 -40.19
C ASP O 513 29.02 -37.81 -39.90
N ASN O 514 28.47 -37.68 -38.69
CA ASN O 514 27.18 -38.29 -38.36
C ASN O 514 26.28 -37.16 -37.87
N LYS O 515 25.34 -36.73 -38.71
CA LYS O 515 24.39 -35.71 -38.27
C LYS O 515 23.41 -36.31 -37.28
N LEU O 516 23.02 -35.51 -36.30
CA LEU O 516 22.03 -35.89 -35.28
C LEU O 516 22.50 -37.11 -34.48
N VAL O 517 23.68 -36.97 -33.87
CA VAL O 517 24.18 -38.00 -32.97
C VAL O 517 23.35 -38.02 -31.70
N SER O 518 23.38 -39.15 -31.01
CA SER O 518 22.68 -39.32 -29.75
C SER O 518 23.62 -39.96 -28.74
N GLU O 519 23.12 -40.07 -27.50
CA GLU O 519 23.90 -40.64 -26.40
C GLU O 519 24.18 -42.12 -26.58
N LYS O 520 23.52 -42.78 -27.55
CA LYS O 520 23.87 -44.15 -27.93
C LYS O 520 24.56 -44.22 -29.27
N ILE O 521 24.24 -43.33 -30.21
CA ILE O 521 24.95 -43.34 -31.48
C ILE O 521 26.41 -42.95 -31.27
N ILE O 522 26.72 -42.22 -30.20
CA ILE O 522 28.12 -41.97 -29.88
C ILE O 522 28.85 -43.30 -29.63
N ASN O 523 28.26 -44.19 -28.83
CA ASN O 523 28.91 -45.47 -28.58
C ASN O 523 28.86 -46.37 -29.81
N SER O 524 27.81 -46.26 -30.61
CA SER O 524 27.71 -47.06 -31.83
C SER O 524 28.79 -46.68 -32.83
N THR O 525 29.09 -45.39 -32.96
CA THR O 525 30.02 -44.91 -33.97
C THR O 525 31.41 -44.57 -33.41
N ALA O 526 31.65 -44.80 -32.12
CA ALA O 526 32.94 -44.49 -31.52
C ALA O 526 33.64 -45.68 -30.89
N LEU O 527 32.94 -46.45 -30.04
CA LEU O 527 33.51 -47.61 -29.36
C LEU O 527 34.76 -47.22 -28.56
N MET O 528 34.71 -46.07 -27.90
CA MET O 528 35.76 -45.62 -27.00
C MET O 528 35.19 -45.48 -25.58
N LYS O 529 36.08 -45.56 -24.60
CA LYS O 529 35.66 -45.70 -23.22
C LYS O 529 34.86 -44.49 -22.77
N GLU O 530 33.74 -44.76 -22.10
CA GLU O 530 32.70 -43.76 -21.91
C GLU O 530 33.19 -42.58 -21.08
N LYS O 531 33.97 -42.83 -20.03
CA LYS O 531 34.45 -41.74 -19.19
C LYS O 531 35.25 -40.74 -20.00
N ASP O 532 36.21 -41.23 -20.78
CA ASP O 532 37.03 -40.35 -21.61
C ASP O 532 36.19 -39.63 -22.66
N ILE O 533 35.27 -40.35 -23.32
CA ILE O 533 34.50 -39.71 -24.37
C ILE O 533 33.61 -38.62 -23.79
N ARG O 534 33.03 -38.85 -22.60
CA ARG O 534 32.14 -37.85 -22.03
C ARG O 534 32.92 -36.68 -21.41
N SER O 535 34.15 -36.92 -20.96
CA SER O 535 35.01 -35.80 -20.60
C SER O 535 35.28 -34.91 -21.81
N THR O 536 35.62 -35.52 -22.95
CA THR O 536 35.82 -34.74 -24.17
C THR O 536 34.52 -34.06 -24.61
N LEU O 537 33.38 -34.75 -24.43
CA LEU O 537 32.09 -34.16 -24.74
C LEU O 537 31.83 -32.91 -23.91
N ALA O 538 32.00 -33.01 -22.59
CA ALA O 538 31.79 -31.87 -21.72
C ALA O 538 32.72 -30.73 -22.07
N SER O 539 33.99 -31.05 -22.36
CA SER O 539 34.93 -30.00 -22.75
C SER O 539 34.51 -29.31 -24.04
N LEU O 540 33.98 -30.07 -25.00
CA LEU O 540 33.58 -29.49 -26.27
C LEU O 540 32.22 -28.81 -26.23
N ILE O 541 31.43 -29.04 -25.18
CA ILE O 541 30.13 -28.38 -25.07
C ILE O 541 30.29 -26.87 -24.88
N ARG O 542 31.33 -26.45 -24.15
CA ARG O 542 31.47 -25.04 -23.77
C ARG O 542 31.49 -24.11 -24.97
N TYR O 543 31.93 -24.58 -26.13
CA TYR O 543 32.11 -23.74 -27.29
C TYR O 543 30.82 -23.73 -28.12
N ASN O 544 30.91 -23.26 -29.36
CA ASN O 544 29.81 -23.30 -30.30
C ASN O 544 29.91 -24.47 -31.27
N SER O 545 30.77 -25.44 -30.99
CA SER O 545 30.88 -26.60 -31.87
C SER O 545 29.61 -27.44 -31.86
N VAL O 546 29.12 -27.80 -30.68
CA VAL O 546 28.05 -28.78 -30.54
C VAL O 546 26.84 -28.14 -29.89
N GLU O 547 25.73 -28.11 -30.62
CA GLU O 547 24.46 -27.59 -30.12
C GLU O 547 23.62 -28.76 -29.63
N ILE O 548 22.94 -28.58 -28.50
CA ILE O 548 22.23 -29.65 -27.85
C ILE O 548 20.74 -29.29 -27.80
N GLN O 549 19.91 -30.29 -28.06
CA GLN O 549 18.47 -30.09 -28.15
C GLN O 549 17.78 -30.66 -26.92
N GLU O 550 16.82 -29.90 -26.41
CA GLU O 550 15.97 -30.35 -25.32
C GLU O 550 14.81 -31.12 -25.92
N VAL O 551 14.57 -32.33 -25.39
CA VAL O 551 13.54 -33.23 -25.92
C VAL O 551 12.30 -33.08 -25.04
N PRO O 552 11.21 -32.50 -25.55
CA PRO O 552 9.98 -32.37 -24.76
C PRO O 552 9.21 -33.68 -24.70
N ARG O 553 8.85 -34.10 -23.50
CA ARG O 553 8.11 -35.34 -23.31
C ARG O 553 6.68 -35.12 -22.82
N THR O 554 6.45 -34.09 -22.00
CA THR O 554 5.10 -33.73 -21.57
C THR O 554 4.85 -32.27 -21.90
N ALA O 555 3.63 -31.80 -21.61
CA ALA O 555 3.23 -30.46 -22.01
C ALA O 555 4.20 -29.41 -21.46
N ASP O 556 4.81 -29.69 -20.31
CA ASP O 556 5.90 -28.87 -19.81
C ASP O 556 7.24 -29.33 -20.40
N ARG O 557 8.07 -28.36 -20.78
CA ARG O 557 9.36 -28.66 -21.39
C ARG O 557 10.42 -28.77 -20.28
N SER O 558 10.93 -29.99 -20.07
CA SER O 558 11.95 -30.22 -19.06
C SER O 558 12.97 -31.21 -19.59
N ALA O 559 14.24 -30.87 -19.45
CA ALA O 559 15.35 -31.80 -19.69
C ALA O 559 15.83 -32.44 -18.40
N SER O 560 14.90 -33.04 -17.67
CA SER O 560 15.24 -33.69 -16.41
C SER O 560 14.53 -35.03 -16.24
N ARG O 561 13.75 -35.47 -17.21
CA ARG O 561 12.98 -36.69 -17.12
C ARG O 561 13.25 -37.56 -18.34
N ALA O 562 13.57 -36.92 -19.46
CA ALA O 562 13.75 -37.58 -20.74
C ALA O 562 15.21 -37.48 -21.17
N VAL O 563 15.50 -38.13 -22.30
CA VAL O 563 16.82 -38.12 -22.90
C VAL O 563 16.96 -36.84 -23.73
N PHE O 564 18.17 -36.55 -24.21
CA PHE O 564 18.37 -35.40 -25.07
C PHE O 564 19.56 -35.69 -25.99
N LEU O 565 19.32 -35.56 -27.29
CA LEU O 565 20.32 -35.85 -28.32
C LEU O 565 20.94 -34.55 -28.81
N PHE O 566 21.87 -34.67 -29.76
CA PHE O 566 22.80 -33.60 -30.06
C PHE O 566 22.54 -33.05 -31.47
N ARG O 567 23.30 -32.01 -31.82
CA ARG O 567 23.18 -31.33 -33.09
C ARG O 567 24.51 -30.63 -33.37
N CYS O 568 24.71 -30.23 -34.62
CA CYS O 568 25.94 -29.52 -34.99
C CYS O 568 25.75 -28.01 -35.06
N LYS O 569 24.88 -27.53 -35.95
CA LYS O 569 24.69 -26.10 -36.21
C LYS O 569 26.03 -25.38 -36.35
N GLU O 570 26.73 -25.74 -37.44
CA GLU O 570 28.12 -25.38 -37.62
C GLU O 570 28.38 -23.88 -37.70
N THR O 571 27.38 -23.08 -38.07
CA THR O 571 27.63 -21.65 -38.28
C THR O 571 28.08 -20.97 -37.00
N HIS O 572 27.45 -21.31 -35.87
CA HIS O 572 27.89 -20.77 -34.59
C HIS O 572 29.33 -21.16 -34.30
N SER O 573 29.72 -22.39 -34.67
CA SER O 573 31.08 -22.84 -34.48
C SER O 573 32.07 -21.95 -35.21
N TYR O 574 31.72 -21.52 -36.41
CA TYR O 574 32.55 -20.58 -37.16
C TYR O 574 32.54 -19.18 -36.55
N ASN O 575 31.41 -18.79 -35.96
CA ASN O 575 31.39 -17.53 -35.20
C ASN O 575 32.39 -17.55 -34.07
N PHE O 576 32.45 -18.66 -33.34
CA PHE O 576 33.24 -18.73 -32.12
C PHE O 576 34.74 -18.62 -32.40
N MET O 577 35.25 -19.36 -33.38
CA MET O 577 36.69 -19.32 -33.61
C MET O 577 37.16 -17.97 -34.16
N ARG O 578 36.26 -17.18 -34.73
CA ARG O 578 36.63 -15.83 -35.11
C ARG O 578 36.88 -14.95 -33.89
N GLN O 579 35.96 -14.97 -32.92
CA GLN O 579 36.04 -14.05 -31.81
C GLN O 579 37.17 -14.42 -30.84
N ASN O 580 37.38 -15.71 -30.56
CA ASN O 580 38.46 -16.09 -29.67
C ASN O 580 39.81 -15.66 -30.23
N LEU O 581 40.07 -15.97 -31.50
CA LEU O 581 41.35 -15.59 -32.10
C LEU O 581 41.50 -14.08 -32.18
N GLU O 582 40.42 -13.37 -32.54
CA GLU O 582 40.46 -11.92 -32.58
C GLU O 582 40.79 -11.37 -31.19
N TRP O 583 40.20 -11.96 -30.16
CA TRP O 583 40.46 -11.54 -28.78
C TRP O 583 41.91 -11.79 -28.39
N ASN O 584 42.47 -12.92 -28.82
CA ASN O 584 43.84 -13.23 -28.44
C ASN O 584 44.84 -12.30 -29.13
N MET O 585 44.60 -11.99 -30.40
CA MET O 585 45.42 -10.98 -31.07
C MET O 585 45.26 -9.62 -30.40
N ALA O 586 44.03 -9.29 -29.98
CA ALA O 586 43.82 -8.06 -29.23
C ALA O 586 44.63 -8.04 -27.95
N ASN O 587 44.64 -9.16 -27.23
CA ASN O 587 45.43 -9.28 -26.00
C ASN O 587 46.91 -9.09 -26.28
N LEU O 588 47.40 -9.67 -27.37
CA LEU O 588 48.82 -9.55 -27.69
C LEU O 588 49.20 -8.10 -27.98
N LEU O 589 48.36 -7.41 -28.77
CA LEU O 589 48.61 -6.00 -29.01
C LEU O 589 48.51 -5.19 -27.72
N PHE O 590 47.57 -5.57 -26.85
CA PHE O 590 47.43 -4.89 -25.57
C PHE O 590 48.67 -5.06 -24.71
N LYS O 591 49.25 -6.26 -24.71
CA LYS O 591 50.42 -6.52 -23.90
C LYS O 591 51.64 -5.80 -24.45
N LYS O 592 51.79 -5.75 -25.77
CA LYS O 592 52.92 -4.98 -26.31
C LYS O 592 52.76 -3.50 -26.04
N GLU O 593 51.53 -2.98 -26.08
CA GLU O 593 51.33 -1.57 -25.70
C GLU O 593 51.62 -1.35 -24.22
N LYS O 594 51.27 -2.33 -23.37
CA LYS O 594 51.66 -2.25 -21.97
C LYS O 594 53.16 -2.21 -21.80
N LEU O 595 53.88 -3.06 -22.53
CA LEU O 595 55.34 -3.10 -22.42
C LEU O 595 55.96 -1.79 -22.90
N LYS O 596 55.41 -1.22 -23.97
CA LYS O 596 55.85 0.09 -24.42
C LYS O 596 55.58 1.15 -23.35
N GLN O 597 54.43 1.06 -22.69
CA GLN O 597 54.13 2.02 -21.63
C GLN O 597 55.12 1.87 -20.48
N GLU O 598 55.50 0.64 -20.16
CA GLU O 598 56.41 0.36 -19.06
C GLU O 598 57.86 0.73 -19.38
N ASN O 599 58.24 0.77 -20.65
CA ASN O 599 59.61 1.09 -21.04
C ASN O 599 59.66 2.16 -22.13
N SER O 600 58.78 3.16 -22.05
CA SER O 600 58.76 4.24 -23.03
C SER O 600 60.08 4.99 -23.12
N THR O 601 60.68 5.32 -21.97
CA THR O 601 61.94 6.03 -21.99
C THR O 601 63.01 5.22 -22.71
N LEU O 602 63.07 3.92 -22.41
CA LEU O 602 64.08 3.06 -23.03
C LEU O 602 63.84 2.92 -24.53
N LEU O 603 62.57 2.79 -24.94
CA LEU O 603 62.30 2.64 -26.37
C LEU O 603 62.55 3.94 -27.13
N LYS O 604 62.24 5.08 -26.51
CA LYS O 604 62.55 6.36 -27.15
C LYS O 604 64.06 6.54 -27.28
N LYS O 605 64.81 6.17 -26.24
CA LYS O 605 66.26 6.20 -26.36
C LYS O 605 66.74 5.29 -27.47
N ALA O 606 66.13 4.11 -27.61
CA ALA O 606 66.55 3.17 -28.64
C ALA O 606 66.30 3.71 -30.04
N ASN O 607 65.16 4.36 -30.25
CA ASN O 607 64.85 4.85 -31.59
C ASN O 607 65.45 6.22 -31.87
N ARG O 608 66.73 6.40 -31.57
CA ARG O 608 67.41 7.66 -31.80
C ARG O 608 68.52 7.46 -32.82
N ASP O 609 68.84 8.53 -33.56
CA ASP O 609 69.74 8.42 -34.70
C ASP O 609 71.14 7.98 -34.27
N ASP O 610 71.67 8.55 -33.20
CA ASP O 610 72.99 8.18 -32.72
C ASP O 610 73.00 6.85 -32.00
N VAL O 611 71.92 6.49 -31.32
CA VAL O 611 71.86 5.20 -30.64
C VAL O 611 71.80 4.05 -31.63
N LYS O 612 71.08 4.23 -32.75
CA LYS O 612 71.00 3.19 -33.77
C LYS O 612 72.39 2.84 -34.30
N GLY O 613 72.74 1.56 -34.22
CA GLY O 613 74.00 1.05 -34.72
C GLY O 613 75.14 1.10 -33.73
N ARG O 614 75.03 1.87 -32.66
CA ARG O 614 76.07 1.99 -31.64
C ARG O 614 75.40 1.78 -30.29
N GLU O 615 75.30 0.52 -29.87
CA GLU O 615 74.64 0.17 -28.62
C GLU O 615 75.53 -0.62 -27.66
N ASN O 616 76.73 -1.02 -28.09
CA ASN O 616 77.59 -1.85 -27.25
C ASN O 616 78.40 -1.01 -26.28
N GLU O 617 79.06 0.04 -26.78
CA GLU O 617 79.85 0.90 -25.90
C GLU O 617 78.95 1.81 -25.09
N LEU O 618 77.93 2.40 -25.72
CA LEU O 618 77.10 3.41 -25.06
C LEU O 618 76.32 2.80 -23.90
N LEU O 619 75.63 1.69 -24.15
CA LEU O 619 74.74 1.11 -23.15
C LEU O 619 75.54 0.33 -22.11
N LEU O 620 75.42 0.73 -20.86
CA LEU O 620 76.10 0.06 -19.77
C LEU O 620 75.48 -1.33 -19.55
N PRO O 621 76.27 -2.31 -19.07
CA PRO O 621 75.83 -3.71 -19.16
C PRO O 621 74.47 -4.00 -18.54
N SER O 622 74.13 -3.40 -17.39
CA SER O 622 72.87 -3.73 -16.72
C SER O 622 71.66 -3.25 -17.51
N GLU O 623 71.65 -1.96 -17.87
CA GLU O 623 70.55 -1.43 -18.66
C GLU O 623 70.50 -2.02 -20.05
N LEU O 624 71.67 -2.34 -20.61
CA LEU O 624 71.74 -3.03 -21.89
C LEU O 624 71.11 -4.42 -21.79
N ASN O 625 71.34 -5.12 -20.68
CA ASN O 625 70.69 -6.40 -20.46
C ASN O 625 69.17 -6.25 -20.36
N GLN O 626 68.71 -5.24 -19.61
CA GLN O 626 67.26 -5.01 -19.53
C GLN O 626 66.67 -4.73 -20.91
N LEU O 627 67.33 -3.87 -21.69
CA LEU O 627 66.84 -3.52 -23.01
C LEU O 627 66.87 -4.72 -23.95
N LYS O 628 67.94 -5.51 -23.92
CA LYS O 628 68.01 -6.65 -24.82
C LYS O 628 66.97 -7.70 -24.47
N MET O 629 66.70 -7.89 -23.17
CA MET O 629 65.69 -8.87 -22.78
C MET O 629 64.29 -8.41 -23.17
N VAL O 630 63.98 -7.13 -22.97
CA VAL O 630 62.65 -6.67 -23.39
C VAL O 630 62.53 -6.69 -24.91
N ASN O 631 63.62 -6.40 -25.62
CA ASN O 631 63.60 -6.41 -27.08
C ASN O 631 63.42 -7.82 -27.63
N GLU O 632 64.12 -8.80 -27.06
CA GLU O 632 63.89 -10.17 -27.51
C GLU O 632 62.49 -10.66 -27.13
N ARG O 633 61.95 -10.15 -26.02
CA ARG O 633 60.57 -10.47 -25.66
C ARG O 633 59.60 -9.97 -26.73
N GLU O 634 59.79 -8.72 -27.18
CA GLU O 634 58.89 -8.19 -28.20
C GLU O 634 59.13 -8.86 -29.56
N LEU O 635 60.37 -9.24 -29.86
CA LEU O 635 60.65 -10.03 -31.06
C LEU O 635 59.85 -11.33 -31.04
N ASN O 636 59.90 -12.02 -29.91
CA ASN O 636 59.17 -13.28 -29.77
C ASN O 636 57.67 -13.05 -29.89
N VAL O 637 57.15 -11.98 -29.27
CA VAL O 637 55.71 -11.79 -29.31
C VAL O 637 55.24 -11.39 -30.71
N PHE O 638 56.06 -10.66 -31.46
CA PHE O 638 55.74 -10.42 -32.86
C PHE O 638 55.72 -11.72 -33.65
N ALA O 639 56.67 -12.62 -33.36
CA ALA O 639 56.64 -13.93 -34.01
C ALA O 639 55.36 -14.68 -33.66
N ARG O 640 54.94 -14.62 -32.40
CA ARG O 640 53.70 -15.26 -31.97
C ARG O 640 52.51 -14.70 -32.75
N LEU O 641 52.44 -13.37 -32.85
CA LEU O 641 51.35 -12.73 -33.56
C LEU O 641 51.34 -13.14 -35.03
N SER O 642 52.52 -13.16 -35.67
CA SER O 642 52.57 -13.56 -37.07
C SER O 642 52.14 -15.01 -37.25
N ARG O 643 52.53 -15.88 -36.31
CA ARG O 643 52.10 -17.28 -36.38
C ARG O 643 50.59 -17.40 -36.25
N LEU O 644 49.99 -16.61 -35.36
CA LEU O 644 48.54 -16.57 -35.26
C LEU O 644 47.90 -15.90 -36.47
N LEU O 645 48.68 -15.16 -37.26
CA LEU O 645 48.20 -14.51 -38.47
C LEU O 645 48.05 -15.48 -39.64
N SER O 646 48.02 -16.78 -39.38
CA SER O 646 47.84 -17.78 -40.42
C SER O 646 46.65 -18.69 -40.15
N LEU O 647 45.75 -18.28 -39.26
CA LEU O 647 44.61 -19.10 -38.88
C LEU O 647 43.27 -18.37 -38.82
N TRP O 648 43.27 -17.05 -38.64
CA TRP O 648 42.00 -16.35 -38.40
C TRP O 648 41.41 -15.76 -39.68
N GLU O 649 42.27 -15.27 -40.58
CA GLU O 649 41.79 -14.74 -41.85
C GLU O 649 41.13 -15.81 -42.69
N VAL O 650 41.57 -17.07 -42.56
CA VAL O 650 40.91 -18.15 -43.28
C VAL O 650 39.50 -18.37 -42.71
N PHE O 651 39.34 -18.25 -41.40
CA PHE O 651 38.01 -18.30 -40.80
C PHE O 651 37.16 -17.09 -41.18
N GLN O 652 37.79 -15.96 -41.50
CA GLN O 652 37.08 -14.75 -41.88
C GLN O 652 36.20 -14.94 -43.12
N MET O 653 36.50 -15.93 -43.96
CA MET O 653 35.74 -16.16 -45.17
C MET O 653 34.39 -16.79 -44.83
N ALA O 654 33.49 -16.80 -45.81
CA ALA O 654 32.12 -17.27 -45.60
C ALA O 654 31.90 -18.63 -46.26
N GLY P 162 29.11 -57.59 -31.12
CA GLY P 162 30.37 -58.27 -31.35
C GLY P 162 31.22 -58.44 -30.10
N PRO P 163 32.51 -58.72 -30.29
CA PRO P 163 33.39 -58.93 -29.12
C PRO P 163 33.59 -57.68 -28.28
N TRP P 164 33.12 -56.52 -28.76
CA TRP P 164 33.28 -55.28 -28.00
C TRP P 164 32.52 -55.32 -26.69
N PHE P 165 31.60 -56.28 -26.54
CA PHE P 165 30.92 -56.54 -25.27
C PHE P 165 31.72 -57.57 -24.49
N THR P 166 32.20 -57.20 -23.30
CA THR P 166 33.03 -58.12 -22.51
C THR P 166 33.18 -57.57 -21.10
N ASP P 167 32.90 -58.40 -20.09
CA ASP P 167 33.07 -58.07 -18.69
C ASP P 167 32.30 -56.81 -18.28
N GLY P 168 31.29 -56.43 -19.08
CA GLY P 168 30.53 -55.24 -18.83
C GLY P 168 31.17 -53.95 -19.30
N GLU P 169 32.40 -53.99 -19.80
CA GLU P 169 33.15 -52.81 -20.21
C GLU P 169 33.69 -53.01 -21.63
N LEU P 170 34.42 -52.02 -22.11
CA LEU P 170 34.74 -51.92 -23.53
C LEU P 170 36.21 -52.21 -23.86
N ASP P 171 36.94 -52.84 -22.93
CA ASP P 171 38.24 -53.45 -23.24
C ASP P 171 39.23 -52.41 -23.77
N ILE P 172 39.60 -51.49 -22.87
CA ILE P 172 40.35 -50.29 -23.27
C ILE P 172 41.62 -50.67 -24.01
N GLU P 173 42.40 -51.60 -23.44
CA GLU P 173 43.64 -52.02 -24.10
C GLU P 173 43.37 -52.80 -25.38
N PHE P 174 42.27 -53.55 -25.43
CA PHE P 174 42.01 -54.43 -26.57
C PHE P 174 41.58 -53.65 -27.81
N ILE P 175 40.77 -52.60 -27.63
CA ILE P 175 40.19 -51.91 -28.79
C ILE P 175 41.27 -51.17 -29.57
N ASN P 176 42.24 -50.58 -28.87
CA ASN P 176 43.33 -49.89 -29.57
C ASN P 176 44.17 -50.87 -30.38
N SER P 177 44.27 -52.13 -29.93
CA SER P 177 44.95 -53.13 -30.75
C SER P 177 44.18 -53.41 -32.03
N LEU P 178 42.84 -53.41 -31.98
CA LEU P 178 42.05 -53.59 -33.19
C LEU P 178 42.15 -52.39 -34.11
N LEU P 179 42.12 -51.18 -33.56
CA LEU P 179 41.99 -49.97 -34.37
C LEU P 179 43.31 -49.44 -34.89
N THR P 180 44.45 -50.06 -34.53
CA THR P 180 45.74 -49.66 -35.06
C THR P 180 46.26 -50.59 -36.14
N ILE P 181 45.83 -51.85 -36.15
CA ILE P 181 46.28 -52.80 -37.16
C ILE P 181 45.52 -52.63 -38.47
N VAL P 182 44.26 -52.19 -38.41
CA VAL P 182 43.44 -52.08 -39.61
C VAL P 182 44.09 -51.14 -40.63
N TRP P 183 44.69 -50.05 -40.15
CA TRP P 183 45.36 -49.13 -41.05
C TRP P 183 46.82 -49.49 -41.28
N ARG P 184 47.39 -50.39 -40.45
CA ARG P 184 48.81 -50.71 -40.61
C ARG P 184 49.10 -51.38 -41.94
N PHE P 185 48.25 -52.31 -42.36
CA PHE P 185 48.40 -52.87 -43.69
C PHE P 185 47.78 -52.00 -44.78
N ILE P 186 47.09 -50.92 -44.40
CA ILE P 186 46.63 -49.98 -45.41
C ILE P 186 47.81 -49.21 -46.01
N SER P 187 48.70 -48.68 -45.17
CA SER P 187 49.84 -47.91 -45.66
C SER P 187 50.84 -48.76 -46.42
N GLU P 188 50.99 -50.03 -46.05
CA GLU P 188 51.93 -50.93 -46.71
C GLU P 188 51.31 -51.63 -47.90
N ASN P 189 50.09 -51.27 -48.27
CA ASN P 189 49.43 -51.83 -49.44
C ASN P 189 48.94 -50.79 -50.43
N THR P 190 48.75 -49.54 -50.01
CA THR P 190 48.33 -48.45 -50.89
C THR P 190 49.49 -47.55 -51.32
N PHE P 191 50.40 -47.24 -50.40
CA PHE P 191 51.61 -46.53 -50.78
C PHE P 191 52.50 -47.43 -51.61
N PRO P 192 53.28 -46.86 -52.53
CA PRO P 192 54.10 -47.70 -53.43
C PRO P 192 55.04 -48.64 -52.70
N ASN P 193 55.67 -48.19 -51.61
CA ASN P 193 56.64 -49.01 -50.91
C ASN P 193 56.52 -48.86 -49.39
N GLY P 194 55.31 -48.62 -48.89
CA GLY P 194 55.13 -48.51 -47.45
C GLY P 194 55.78 -47.25 -46.87
N PHE P 195 56.28 -47.39 -45.64
CA PHE P 195 56.84 -46.25 -44.93
C PHE P 195 58.30 -45.95 -45.30
N LYS P 196 59.00 -46.87 -45.96
CA LYS P 196 60.38 -46.61 -46.34
C LYS P 196 60.51 -45.57 -47.44
N ASN P 197 59.41 -45.22 -48.12
CA ASN P 197 59.43 -44.11 -49.06
C ASN P 197 59.75 -42.80 -48.36
N PHE P 198 59.21 -42.59 -47.16
CA PHE P 198 59.43 -41.35 -46.43
C PHE P 198 60.69 -41.42 -45.56
N GLU P 199 61.47 -42.49 -45.67
CA GLU P 199 62.65 -42.67 -44.84
C GLU P 199 63.91 -42.09 -45.46
N ASN P 200 63.80 -41.43 -46.62
CA ASN P 200 64.95 -40.84 -47.29
C ASN P 200 64.86 -39.32 -47.44
N GLY P 201 63.66 -38.75 -47.36
CA GLY P 201 63.50 -37.33 -47.55
C GLY P 201 62.27 -37.01 -48.37
N PRO P 202 61.70 -35.81 -48.16
CA PRO P 202 60.45 -35.45 -48.84
C PRO P 202 60.56 -35.40 -50.35
N LYS P 203 61.71 -34.98 -50.90
CA LYS P 203 61.89 -34.83 -52.33
C LYS P 203 62.41 -36.11 -52.99
N LYS P 204 62.16 -37.27 -52.38
CA LYS P 204 62.58 -38.55 -52.96
C LYS P 204 61.48 -39.62 -52.98
N ASN P 205 60.47 -39.52 -52.13
CA ASN P 205 59.36 -40.47 -52.16
C ASN P 205 58.54 -40.29 -53.44
N VAL P 206 57.50 -41.10 -53.62
CA VAL P 206 56.73 -41.11 -54.85
C VAL P 206 55.25 -41.26 -54.56
N PHE P 207 54.44 -40.86 -55.55
CA PHE P 207 53.00 -41.09 -55.56
C PHE P 207 52.64 -41.92 -56.78
N TYR P 208 51.48 -42.57 -56.71
CA TYR P 208 51.04 -43.46 -57.77
C TYR P 208 50.38 -42.66 -58.89
N ALA P 209 50.12 -43.34 -60.01
CA ALA P 209 49.49 -42.74 -61.17
C ALA P 209 47.99 -42.55 -60.92
N PRO P 210 47.38 -41.57 -61.59
CA PRO P 210 45.93 -41.35 -61.38
C PRO P 210 45.05 -42.53 -61.77
N ASN P 211 45.42 -43.28 -62.81
CA ASN P 211 44.55 -44.30 -63.37
C ASN P 211 44.80 -45.70 -62.81
N VAL P 212 45.67 -45.85 -61.81
CA VAL P 212 45.95 -47.14 -61.21
C VAL P 212 45.02 -47.35 -60.03
N LYS P 213 44.78 -48.63 -59.69
CA LYS P 213 44.01 -48.98 -58.49
C LYS P 213 44.96 -49.02 -57.29
N ASN P 214 45.25 -47.83 -56.76
CA ASN P 214 46.17 -47.69 -55.64
C ASN P 214 45.54 -48.02 -54.31
N TYR P 215 44.20 -48.09 -54.25
CA TYR P 215 43.49 -48.10 -52.98
C TYR P 215 43.42 -49.49 -52.37
N SER P 216 42.82 -49.54 -51.19
CA SER P 216 42.36 -50.77 -50.55
C SER P 216 40.84 -50.85 -50.67
N THR P 217 40.27 -51.87 -50.03
CA THR P 217 38.83 -52.09 -50.06
C THR P 217 38.41 -52.94 -48.87
N THR P 218 37.10 -53.15 -48.76
CA THR P 218 36.56 -53.96 -47.68
C THR P 218 37.04 -55.40 -47.76
N GLN P 219 37.09 -55.97 -48.96
CA GLN P 219 37.50 -57.36 -49.12
C GLN P 219 38.91 -57.60 -48.58
N GLU P 220 39.84 -56.70 -48.92
CA GLU P 220 41.22 -56.85 -48.46
C GLU P 220 41.31 -56.84 -46.95
N ILE P 221 40.59 -55.91 -46.32
CA ILE P 221 40.65 -55.78 -44.86
C ILE P 221 40.02 -56.99 -44.20
N LEU P 222 38.92 -57.49 -44.76
CA LEU P 222 38.30 -58.70 -44.22
C LEU P 222 39.27 -59.88 -44.30
N GLU P 223 39.95 -60.05 -45.42
CA GLU P 223 40.93 -61.13 -45.56
C GLU P 223 42.06 -60.97 -44.55
N PHE P 224 42.59 -59.76 -44.41
CA PHE P 224 43.73 -59.55 -43.52
C PHE P 224 43.34 -59.79 -42.07
N ILE P 225 42.14 -59.35 -41.68
CA ILE P 225 41.68 -59.57 -40.32
C ILE P 225 41.46 -61.06 -40.05
N THR P 226 40.85 -61.77 -41.00
CA THR P 226 40.63 -63.20 -40.81
C THR P 226 41.94 -63.97 -40.69
N ALA P 227 42.91 -63.69 -41.57
CA ALA P 227 44.16 -64.43 -41.55
C ALA P 227 45.08 -63.99 -40.41
N ALA P 228 44.92 -62.76 -39.91
CA ALA P 228 45.82 -62.26 -38.87
C ALA P 228 45.74 -63.10 -37.61
N GLN P 229 44.52 -63.45 -37.19
CA GLN P 229 44.28 -64.18 -35.94
C GLN P 229 44.90 -63.44 -34.75
N VAL P 230 44.86 -62.12 -34.82
CA VAL P 230 45.43 -61.27 -33.77
C VAL P 230 44.46 -61.08 -32.62
N ALA P 231 43.15 -61.07 -32.89
CA ALA P 231 42.14 -61.06 -31.85
C ALA P 231 41.47 -62.41 -31.64
N ASN P 232 41.82 -63.42 -32.45
CA ASN P 232 41.30 -64.78 -32.34
C ASN P 232 39.80 -64.85 -32.54
N VAL P 233 39.22 -63.81 -33.15
CA VAL P 233 37.78 -63.69 -33.34
C VAL P 233 37.52 -63.35 -34.81
N GLU P 234 36.36 -63.76 -35.31
CA GLU P 234 35.94 -63.36 -36.65
C GLU P 234 35.29 -61.98 -36.63
N LEU P 235 35.05 -61.44 -37.82
CA LEU P 235 34.45 -60.12 -37.97
C LEU P 235 33.61 -60.07 -39.23
N THR P 236 32.30 -59.91 -39.07
CA THR P 236 31.40 -59.81 -40.20
C THR P 236 31.69 -58.55 -41.02
N PRO P 237 31.35 -58.55 -42.32
CA PRO P 237 31.60 -57.34 -43.12
C PRO P 237 31.00 -56.08 -42.53
N SER P 238 29.83 -56.18 -41.89
CA SER P 238 29.27 -55.02 -41.19
C SER P 238 30.20 -54.56 -40.08
N ASN P 239 30.78 -55.50 -39.32
CA ASN P 239 31.71 -55.12 -38.26
C ASN P 239 32.97 -54.47 -38.82
N ILE P 240 33.50 -54.99 -39.93
CA ILE P 240 34.70 -54.39 -40.49
C ILE P 240 34.39 -52.98 -41.02
N ARG P 241 33.20 -52.80 -41.59
CA ARG P 241 32.78 -51.45 -41.97
C ARG P 241 32.69 -50.54 -40.77
N SER P 242 32.15 -51.06 -39.65
CA SER P 242 32.04 -50.26 -38.44
C SER P 242 33.41 -49.87 -37.91
N LEU P 243 34.38 -50.77 -37.96
CA LEU P 243 35.73 -50.44 -37.50
C LEU P 243 36.36 -49.37 -38.39
N CYS P 244 36.32 -49.57 -39.71
CA CYS P 244 36.91 -48.60 -40.61
C CYS P 244 36.19 -47.26 -40.52
N GLU P 245 34.91 -47.26 -40.14
CA GLU P 245 34.17 -46.01 -39.93
C GLU P 245 34.54 -45.34 -38.62
N VAL P 246 34.76 -46.14 -37.58
CA VAL P 246 35.19 -45.59 -36.29
C VAL P 246 36.57 -44.96 -36.42
N LEU P 247 37.44 -45.55 -37.24
CA LEU P 247 38.77 -44.99 -37.39
C LEU P 247 38.87 -43.98 -38.54
N VAL P 248 37.79 -43.70 -39.26
CA VAL P 248 37.85 -42.57 -40.19
C VAL P 248 37.87 -41.25 -39.43
N TYR P 249 37.32 -41.24 -38.22
CA TYR P 249 37.58 -40.16 -37.29
C TYR P 249 39.03 -40.24 -36.84
N ASP P 250 39.52 -39.16 -36.22
CA ASP P 250 40.93 -38.95 -35.90
C ASP P 250 41.79 -38.75 -37.16
N ASP P 251 41.15 -38.54 -38.32
CA ASP P 251 41.84 -38.27 -39.58
C ASP P 251 42.83 -39.38 -39.92
N LYS P 252 42.38 -40.63 -39.77
CA LYS P 252 43.23 -41.79 -40.02
C LYS P 252 43.09 -42.34 -41.44
N LEU P 253 41.97 -42.06 -42.10
CA LEU P 253 41.73 -42.50 -43.47
C LEU P 253 40.87 -41.48 -44.18
N GLU P 254 40.79 -41.62 -45.51
CA GLU P 254 39.86 -40.85 -46.32
C GLU P 254 38.95 -41.80 -47.08
N LYS P 255 37.67 -41.81 -46.72
CA LYS P 255 36.69 -42.66 -47.38
C LYS P 255 36.37 -42.07 -48.74
N VAL P 256 36.64 -42.84 -49.80
CA VAL P 256 36.29 -42.47 -51.16
C VAL P 256 35.27 -43.49 -51.66
N THR P 257 34.80 -43.29 -52.89
CA THR P 257 33.76 -44.13 -53.46
C THR P 257 34.19 -45.60 -53.45
N HIS P 258 33.21 -46.49 -53.26
CA HIS P 258 33.41 -47.93 -53.18
C HIS P 258 34.19 -48.33 -51.92
N ASP P 259 34.01 -47.56 -50.85
CA ASP P 259 34.56 -47.89 -49.53
C ASP P 259 36.06 -48.12 -49.58
N CYS P 260 36.75 -47.35 -50.43
CA CYS P 260 38.18 -47.46 -50.58
C CYS P 260 38.87 -46.46 -49.64
N TYR P 261 40.06 -46.82 -49.18
CA TYR P 261 40.68 -46.16 -48.05
C TYR P 261 42.14 -45.84 -48.31
N ARG P 262 42.55 -44.65 -47.89
CA ARG P 262 43.93 -44.19 -48.03
C ARG P 262 44.27 -43.29 -46.85
N VAL P 263 45.57 -43.18 -46.56
CA VAL P 263 46.07 -42.28 -45.54
C VAL P 263 46.63 -41.04 -46.21
N THR P 264 46.84 -39.98 -45.43
CA THR P 264 47.39 -38.74 -45.95
C THR P 264 48.75 -38.40 -45.35
N LEU P 265 48.85 -38.29 -44.03
CA LEU P 265 50.05 -37.81 -43.37
C LEU P 265 50.43 -38.67 -42.16
N GLU P 266 50.17 -39.97 -42.25
CA GLU P 266 50.32 -40.83 -41.07
C GLU P 266 51.78 -40.91 -40.62
N SER P 267 52.71 -41.03 -41.56
CA SER P 267 54.12 -41.08 -41.19
C SER P 267 54.55 -39.78 -40.51
N ILE P 268 54.14 -38.63 -41.04
CA ILE P 268 54.52 -37.36 -40.45
C ILE P 268 53.93 -37.22 -39.04
N LEU P 269 52.66 -37.61 -38.88
CA LEU P 269 52.04 -37.48 -37.55
C LEU P 269 52.70 -38.42 -36.55
N GLN P 270 53.03 -39.64 -36.97
CA GLN P 270 53.71 -40.58 -36.08
C GLN P 270 55.11 -40.07 -35.72
N MET P 271 55.79 -39.48 -36.69
CA MET P 271 57.15 -38.97 -36.47
C MET P 271 57.13 -37.60 -35.80
N PHE P 291 51.38 -21.83 -41.20
CA PHE P 291 51.82 -22.48 -39.98
C PHE P 291 51.80 -24.00 -40.08
N SER P 292 51.00 -24.50 -41.03
CA SER P 292 50.69 -25.93 -41.14
C SER P 292 50.00 -26.43 -39.86
N ILE P 293 48.78 -25.90 -39.67
CA ILE P 293 47.92 -26.25 -38.55
C ILE P 293 47.60 -27.74 -38.48
N PHE P 294 47.99 -28.51 -39.49
CA PHE P 294 47.65 -29.91 -39.58
C PHE P 294 48.73 -30.82 -39.01
N ASN P 295 49.74 -30.26 -38.33
CA ASN P 295 50.78 -31.03 -37.66
C ASN P 295 51.53 -30.10 -36.72
N TYR P 296 51.61 -30.48 -35.45
CA TYR P 296 52.21 -29.60 -34.43
C TYR P 296 53.18 -30.31 -33.51
N PHE P 297 53.65 -31.51 -33.86
CA PHE P 297 54.69 -32.14 -33.07
C PHE P 297 56.07 -31.54 -33.35
N LYS P 298 56.30 -31.00 -34.54
CA LYS P 298 57.56 -30.32 -34.79
C LYS P 298 57.71 -29.08 -33.92
N MET P 299 56.65 -28.28 -33.81
CA MET P 299 56.68 -27.06 -33.02
C MET P 299 56.42 -27.41 -31.56
N PHE P 300 57.37 -27.10 -30.70
CA PHE P 300 57.14 -27.34 -29.30
C PHE P 300 56.88 -26.01 -28.58
N PRO P 301 55.95 -25.98 -27.63
CA PRO P 301 55.66 -24.74 -26.92
C PRO P 301 56.86 -24.29 -26.11
N ALA P 302 56.77 -23.05 -25.61
CA ALA P 302 57.92 -22.41 -24.98
C ALA P 302 58.41 -23.21 -23.78
N SER P 303 57.48 -23.65 -22.92
CA SER P 303 57.82 -24.39 -21.71
C SER P 303 58.76 -23.58 -20.81
N LYS P 304 58.60 -22.26 -20.83
CA LYS P 304 59.46 -21.35 -20.10
C LYS P 304 58.61 -20.45 -19.22
N HIS P 305 59.24 -19.87 -18.19
CA HIS P 305 58.60 -18.94 -17.28
C HIS P 305 58.31 -17.59 -17.94
N ASP P 306 58.43 -17.53 -19.26
CA ASP P 306 58.23 -16.29 -20.00
C ASP P 306 56.75 -15.89 -19.97
N LYS P 307 56.45 -14.74 -20.57
CA LYS P 307 55.11 -14.19 -20.62
C LYS P 307 54.65 -14.12 -22.07
N GLU P 308 53.50 -13.46 -22.28
CA GLU P 308 52.86 -13.30 -23.58
C GLU P 308 52.45 -14.64 -24.19
N VAL P 309 52.27 -15.66 -23.36
CA VAL P 309 51.84 -16.98 -23.82
C VAL P 309 50.35 -16.93 -24.13
N VAL P 310 49.98 -17.44 -25.29
CA VAL P 310 48.60 -17.48 -25.73
C VAL P 310 47.95 -18.78 -25.28
N TYR P 311 46.66 -18.71 -24.95
CA TYR P 311 45.86 -19.86 -24.57
C TYR P 311 44.54 -19.81 -25.33
N PHE P 312 43.89 -20.97 -25.45
CA PHE P 312 42.65 -21.07 -26.20
C PHE P 312 41.40 -21.04 -25.33
N ASP P 313 41.47 -21.63 -24.14
CA ASP P 313 40.36 -21.59 -23.18
C ASP P 313 40.33 -20.29 -22.38
N GLU P 314 41.40 -19.49 -22.47
CA GLU P 314 41.55 -18.31 -21.60
C GLU P 314 40.39 -17.34 -21.77
N TRP P 315 39.88 -17.20 -23.00
CA TRP P 315 38.79 -16.28 -23.25
C TRP P 315 37.55 -16.65 -22.46
N THR P 316 37.21 -17.93 -22.43
CA THR P 316 36.07 -18.39 -21.64
C THR P 316 36.55 -19.09 -20.38
N ASN Q 14 18.34 -32.06 1.13
CA ASN Q 14 18.68 -30.67 1.37
C ASN Q 14 19.82 -30.21 0.48
N TYR Q 15 19.78 -30.64 -0.78
CA TYR Q 15 20.73 -30.25 -1.82
C TYR Q 15 22.14 -30.74 -1.54
N MET Q 16 22.29 -31.81 -0.78
CA MET Q 16 23.60 -32.42 -0.54
C MET Q 16 23.55 -33.94 -0.72
N SER Q 17 22.47 -34.46 -1.28
CA SER Q 17 22.33 -35.87 -1.61
C SER Q 17 22.11 -36.11 -3.10
N ASN Q 18 22.20 -35.04 -3.91
CA ASN Q 18 22.02 -35.16 -5.35
C ASN Q 18 23.33 -35.50 -6.05
N LEU Q 19 24.05 -36.50 -5.54
CA LEU Q 19 25.39 -36.80 -6.01
C LEU Q 19 25.36 -37.99 -6.96
N PRO Q 20 25.75 -37.81 -8.23
CA PRO Q 20 25.81 -38.95 -9.14
C PRO Q 20 26.89 -39.95 -8.73
N PHE Q 21 26.70 -41.19 -9.20
CA PHE Q 21 27.48 -42.33 -8.70
C PHE Q 21 28.96 -42.21 -9.05
N GLY Q 22 29.27 -41.79 -10.27
CA GLY Q 22 30.66 -41.72 -10.69
C GLY Q 22 31.43 -40.53 -10.17
N LEU Q 23 30.91 -39.84 -9.16
CA LEU Q 23 31.47 -38.61 -8.65
C LEU Q 23 31.96 -38.82 -7.22
N GLY Q 24 33.24 -38.56 -6.97
CA GLY Q 24 33.79 -38.69 -5.63
C GLY Q 24 33.26 -37.60 -4.70
N TYR Q 25 33.39 -37.87 -3.40
CA TYR Q 25 32.83 -36.96 -2.40
C TYR Q 25 33.83 -35.93 -1.89
N GLY Q 26 35.13 -36.12 -2.12
CA GLY Q 26 36.11 -35.16 -1.64
C GLY Q 26 36.37 -34.02 -2.60
N ASP Q 27 36.12 -34.24 -3.89
CA ASP Q 27 36.46 -33.25 -4.91
C ASP Q 27 35.38 -32.18 -5.10
N VAL Q 28 34.29 -32.24 -4.33
CA VAL Q 28 33.26 -31.23 -4.37
C VAL Q 28 33.51 -30.26 -3.22
N GLY Q 29 32.86 -29.10 -3.30
CA GLY Q 29 32.94 -28.11 -2.25
C GLY Q 29 34.09 -27.15 -2.39
N LYS Q 30 35.23 -27.63 -2.90
CA LYS Q 30 36.39 -26.76 -3.05
C LYS Q 30 36.11 -25.62 -4.03
N ASN Q 31 35.46 -25.92 -5.15
CA ASN Q 31 35.26 -24.96 -6.23
C ASN Q 31 36.57 -24.27 -6.59
N HIS Q 32 36.56 -22.94 -6.62
CA HIS Q 32 37.77 -22.14 -6.77
C HIS Q 32 38.53 -22.52 -8.05
N ILE Q 33 37.85 -22.30 -9.19
CA ILE Q 33 38.47 -22.54 -10.49
C ILE Q 33 39.79 -21.80 -10.58
N THR Q 34 40.78 -22.42 -11.23
CA THR Q 34 42.10 -21.85 -11.31
C THR Q 34 42.05 -20.43 -11.85
N GLU Q 35 43.06 -19.63 -11.51
CA GLU Q 35 43.04 -18.21 -11.82
C GLU Q 35 42.85 -17.96 -13.31
N PHE Q 36 43.54 -18.73 -14.15
CA PHE Q 36 43.41 -18.60 -15.57
C PHE Q 36 43.54 -20.00 -16.16
N PRO Q 37 42.53 -20.47 -16.91
CA PRO Q 37 42.67 -21.78 -17.56
C PRO Q 37 43.81 -21.75 -18.56
N SER Q 38 44.70 -22.73 -18.45
CA SER Q 38 45.94 -22.74 -19.21
C SER Q 38 46.01 -23.98 -20.06
N ILE Q 39 46.13 -23.80 -21.37
CA ILE Q 39 46.38 -24.86 -22.33
C ILE Q 39 47.46 -24.37 -23.27
N PRO Q 40 48.66 -24.95 -23.25
CA PRO Q 40 49.73 -24.42 -24.10
C PRO Q 40 49.47 -24.67 -25.58
N LEU Q 41 49.13 -23.60 -26.30
CA LEU Q 41 48.90 -23.67 -27.74
C LEU Q 41 50.22 -23.87 -28.46
N PRO Q 42 50.20 -24.50 -29.64
CA PRO Q 42 51.42 -24.61 -30.45
C PRO Q 42 51.79 -23.37 -31.22
N ILE Q 43 51.26 -22.21 -30.85
CA ILE Q 43 51.50 -20.95 -31.55
C ILE Q 43 52.49 -20.15 -30.72
N ASN Q 44 53.28 -20.85 -29.90
CA ASN Q 44 54.32 -20.24 -29.10
C ASN Q 44 55.65 -20.93 -29.40
N GLY Q 45 55.91 -21.16 -30.69
CA GLY Q 45 57.08 -21.88 -31.13
C GLY Q 45 58.34 -21.04 -31.14
N PRO Q 46 59.43 -21.61 -31.63
CA PRO Q 46 60.72 -20.92 -31.58
C PRO Q 46 60.83 -19.83 -32.63
N ILE Q 47 62.04 -19.28 -32.75
CA ILE Q 47 62.31 -18.21 -33.69
C ILE Q 47 63.37 -18.67 -34.70
N THR Q 48 63.28 -18.13 -35.91
CA THR Q 48 64.22 -18.40 -36.98
C THR Q 48 64.74 -17.08 -37.54
N ASN Q 49 65.54 -17.18 -38.61
CA ASN Q 49 65.96 -15.98 -39.32
C ASN Q 49 64.76 -15.22 -39.86
N LYS Q 50 63.80 -15.94 -40.44
CA LYS Q 50 62.61 -15.28 -40.99
C LYS Q 50 61.77 -14.64 -39.90
N GLU Q 51 61.60 -15.31 -38.76
CA GLU Q 51 60.82 -14.73 -37.68
C GLU Q 51 61.52 -13.53 -37.06
N ARG Q 52 62.84 -13.58 -36.90
CA ARG Q 52 63.60 -12.43 -36.43
C ARG Q 52 63.46 -11.25 -37.38
N SER Q 53 63.59 -11.51 -38.68
CA SER Q 53 63.46 -10.42 -39.65
C SER Q 53 62.04 -9.87 -39.65
N LEU Q 54 61.04 -10.73 -39.43
CA LEU Q 54 59.65 -10.28 -39.35
C LEU Q 54 59.44 -9.37 -38.15
N ALA Q 55 60.03 -9.73 -37.00
CA ALA Q 55 59.96 -8.85 -35.85
C ALA Q 55 60.65 -7.51 -36.13
N VAL Q 56 61.80 -7.55 -36.81
CA VAL Q 56 62.53 -6.32 -37.10
C VAL Q 56 61.73 -5.43 -38.06
N LYS Q 57 61.07 -6.02 -39.05
CA LYS Q 57 60.29 -5.20 -39.97
C LYS Q 57 59.03 -4.66 -39.29
N TYR Q 58 58.45 -5.41 -38.35
CA TYR Q 58 57.40 -4.84 -37.52
C TYR Q 58 57.92 -3.67 -36.69
N ILE Q 59 59.16 -3.79 -36.21
CA ILE Q 59 59.75 -2.69 -35.44
C ILE Q 59 59.88 -1.44 -36.31
N ASN Q 60 60.36 -1.60 -37.54
CA ASN Q 60 60.50 -0.43 -38.39
C ASN Q 60 59.14 0.17 -38.74
N PHE Q 61 58.18 -0.68 -39.08
CA PHE Q 61 56.85 -0.22 -39.41
C PHE Q 61 56.13 0.25 -38.15
N GLY Q 62 55.13 1.11 -38.32
CA GLY Q 62 54.43 1.66 -37.16
C GLY Q 62 55.27 2.67 -36.45
N LYS Q 63 56.51 2.32 -36.12
CA LYS Q 63 57.47 3.33 -35.71
C LYS Q 63 57.65 4.37 -36.81
N THR Q 64 57.61 3.93 -38.07
CA THR Q 64 57.70 4.88 -39.17
C THR Q 64 56.53 5.86 -39.17
N VAL Q 65 55.32 5.38 -38.87
CA VAL Q 65 54.18 6.29 -38.88
C VAL Q 65 54.17 7.15 -37.62
N LYS Q 66 54.70 6.62 -36.51
CA LYS Q 66 54.86 7.45 -35.32
C LYS Q 66 55.82 8.61 -35.58
N ASP Q 67 56.93 8.33 -36.24
CA ASP Q 67 57.87 9.37 -36.65
C ASP Q 67 57.34 10.19 -37.82
N GLY Q 68 56.24 9.76 -38.45
CA GLY Q 68 55.59 10.53 -39.46
C GLY Q 68 54.59 11.51 -38.87
N PRO Q 69 53.74 12.11 -39.71
CA PRO Q 69 52.82 13.12 -39.20
C PRO Q 69 51.59 12.52 -38.53
N PHE Q 70 51.14 11.35 -38.98
CA PHE Q 70 49.90 10.75 -38.51
C PHE Q 70 50.09 10.20 -37.10
N TYR Q 71 50.04 11.11 -36.13
CA TYR Q 71 50.09 10.73 -34.72
C TYR Q 71 48.76 10.98 -34.04
N THR Q 72 48.27 12.22 -34.06
CA THR Q 72 46.99 12.62 -33.50
C THR Q 72 46.74 11.94 -32.15
N GLY Q 73 47.73 12.04 -31.26
CA GLY Q 73 47.63 11.42 -29.96
C GLY Q 73 48.12 12.30 -28.84
N SER Q 74 48.60 13.50 -29.17
CA SER Q 74 49.13 14.40 -28.17
C SER Q 74 48.01 15.11 -27.41
N MET Q 75 48.20 15.26 -26.11
CA MET Q 75 47.29 16.04 -25.28
C MET Q 75 47.91 17.39 -24.93
N THR Q 101 61.47 23.66 -20.76
CA THR Q 101 60.48 22.73 -20.25
C THR Q 101 59.22 23.46 -19.79
N ASN Q 102 58.57 24.13 -20.74
CA ASN Q 102 57.29 24.81 -20.50
C ASN Q 102 57.43 25.90 -19.45
N ASP Q 103 58.47 26.71 -19.57
CA ASP Q 103 58.72 27.83 -18.68
C ASP Q 103 58.23 29.13 -19.30
N GLY Q 104 58.15 30.16 -18.47
CA GLY Q 104 57.62 31.44 -18.93
C GLY Q 104 58.58 32.31 -19.71
N ILE Q 105 59.87 31.96 -19.73
CA ILE Q 105 60.91 32.79 -20.33
C ILE Q 105 61.79 31.92 -21.21
N GLU Q 106 62.15 32.43 -22.38
CA GLU Q 106 63.15 31.80 -23.24
C GLU Q 106 64.54 32.18 -22.73
N ARG Q 107 65.29 31.19 -22.24
CA ARG Q 107 66.58 31.47 -21.65
C ARG Q 107 67.59 31.90 -22.72
N TYR Q 108 68.63 32.60 -22.27
CA TYR Q 108 69.72 32.94 -23.17
C TYR Q 108 70.33 31.69 -23.79
N SER Q 109 70.36 30.58 -23.04
CA SER Q 109 70.75 29.31 -23.63
C SER Q 109 69.77 28.89 -24.72
N ASP Q 110 68.47 29.11 -24.49
CA ASP Q 110 67.48 28.84 -25.54
C ASP Q 110 67.58 29.83 -26.68
N LYS Q 111 68.08 31.04 -26.42
CA LYS Q 111 68.30 32.01 -27.48
C LYS Q 111 69.42 31.52 -28.40
N TYR Q 112 69.16 31.59 -29.71
CA TYR Q 112 70.11 31.12 -30.73
C TYR Q 112 70.46 29.64 -30.52
N LEU Q 113 69.43 28.80 -30.44
CA LEU Q 113 69.61 27.39 -30.10
C LEU Q 113 68.95 26.48 -31.13
N LYS Q 114 69.50 25.28 -31.26
CA LYS Q 114 68.96 24.31 -32.20
C LYS Q 114 67.59 23.83 -31.74
N LYS Q 115 66.70 23.58 -32.70
CA LYS Q 115 65.34 23.20 -32.37
C LYS Q 115 65.23 21.70 -32.17
N ARG Q 116 64.09 21.27 -31.60
CA ARG Q 116 63.82 19.85 -31.48
C ARG Q 116 63.73 19.19 -32.84
N LYS Q 117 62.73 19.59 -33.64
CA LYS Q 117 62.51 19.02 -34.95
C LYS Q 117 61.45 19.81 -35.71
N ILE Q 118 61.69 20.10 -37.00
CA ILE Q 118 60.69 20.74 -37.84
C ILE Q 118 59.88 19.60 -38.47
N GLY Q 119 58.90 19.10 -37.72
CA GLY Q 119 58.10 18.00 -38.21
C GLY Q 119 57.21 18.42 -39.37
N ILE Q 120 56.96 17.48 -40.27
CA ILE Q 120 56.09 17.73 -41.42
C ILE Q 120 54.64 17.59 -40.94
N SER Q 121 53.90 18.68 -40.95
CA SER Q 121 52.61 18.71 -40.27
C SER Q 121 51.54 18.01 -41.12
N ILE Q 122 50.35 17.91 -40.53
CA ILE Q 122 49.22 17.27 -41.20
C ILE Q 122 48.83 18.04 -42.46
N ASP Q 123 48.78 19.37 -42.35
CA ASP Q 123 48.50 20.21 -43.51
C ASP Q 123 49.67 20.34 -44.47
N ASP Q 124 50.89 20.08 -43.99
CA ASP Q 124 52.08 20.34 -44.81
C ASP Q 124 52.09 19.47 -46.07
N HIS Q 125 51.95 18.16 -45.89
CA HIS Q 125 52.04 17.26 -47.03
C HIS Q 125 50.85 17.45 -47.95
N PRO Q 126 51.07 17.58 -49.26
CA PRO Q 126 49.93 17.62 -50.19
C PRO Q 126 49.15 16.31 -50.18
N TYR Q 127 47.85 16.42 -50.41
CA TYR Q 127 46.95 15.29 -50.37
C TYR Q 127 46.04 15.28 -51.59
N ASN Q 128 44.99 14.46 -51.55
CA ASN Q 128 43.97 14.44 -52.60
C ASN Q 128 42.71 15.09 -52.07
N LEU Q 129 42.32 16.21 -52.69
CA LEU Q 129 41.16 16.97 -52.24
C LEU Q 129 39.87 16.19 -52.47
N ASN Q 130 39.73 15.57 -53.64
CA ASN Q 130 38.51 14.86 -53.99
C ASN Q 130 38.38 13.53 -53.27
N LEU Q 131 39.19 13.27 -52.24
CA LEU Q 131 39.12 12.04 -51.46
C LEU Q 131 38.76 12.27 -50.00
N PHE Q 132 38.20 13.44 -49.69
CA PHE Q 132 37.69 13.72 -48.35
C PHE Q 132 36.33 14.39 -48.44
N PRO Q 133 35.51 14.26 -47.41
CA PRO Q 133 34.25 15.01 -47.36
C PRO Q 133 34.52 16.50 -47.25
N ASN Q 134 33.54 17.29 -47.70
CA ASN Q 134 33.70 18.74 -47.72
C ASN Q 134 33.80 19.33 -46.33
N GLU Q 135 33.47 18.56 -45.29
CA GLU Q 135 33.54 19.04 -43.91
C GLU Q 135 34.95 19.08 -43.35
N LEU Q 136 35.94 18.55 -44.07
CA LEU Q 136 37.31 18.48 -43.57
C LEU Q 136 38.30 19.33 -44.34
N TYR Q 137 37.90 19.92 -45.46
CA TYR Q 137 38.86 20.64 -46.29
C TYR Q 137 39.43 21.86 -45.58
N ASN Q 138 38.70 22.42 -44.62
CA ASN Q 138 39.11 23.68 -44.00
C ASN Q 138 40.41 23.55 -43.22
N VAL Q 139 40.76 22.34 -42.75
CA VAL Q 139 42.03 22.15 -42.06
C VAL Q 139 43.20 22.03 -43.04
N MET Q 140 42.97 22.26 -44.33
CA MET Q 140 44.04 22.28 -45.31
C MET Q 140 44.44 23.71 -45.63
N GLY Q 141 45.74 23.90 -45.88
CA GLY Q 141 46.26 25.19 -46.26
C GLY Q 141 46.24 25.41 -47.75
N ILE Q 142 45.09 25.13 -48.37
CA ILE Q 142 44.89 25.31 -49.80
C ILE Q 142 45.15 26.76 -50.21
N VAL R 609 -23.57 18.95 74.44
CA VAL R 609 -23.57 20.04 73.47
C VAL R 609 -23.58 21.39 74.21
N SER R 610 -23.88 22.46 73.48
CA SER R 610 -23.93 23.82 74.00
C SER R 610 -22.60 24.25 74.60
N ARG R 611 -21.51 23.65 74.16
CA ARG R 611 -20.19 23.91 74.70
C ARG R 611 -19.33 24.62 73.67
N ASP R 612 -18.62 25.67 74.12
CA ASP R 612 -17.68 26.40 73.28
C ASP R 612 -16.32 25.71 73.34
N THR R 613 -16.26 24.53 72.70
CA THR R 613 -15.05 23.71 72.74
C THR R 613 -13.83 24.48 72.22
N TRP R 614 -14.04 25.39 71.27
CA TRP R 614 -12.92 26.07 70.64
C TRP R 614 -12.30 27.11 71.57
N ASN R 615 -13.11 27.76 72.40
CA ASN R 615 -12.56 28.69 73.38
C ASN R 615 -11.80 27.95 74.47
N THR R 616 -12.30 26.80 74.88
CA THR R 616 -11.67 26.04 75.97
C THR R 616 -10.30 25.52 75.56
N LYS R 617 -10.16 25.04 74.33
CA LYS R 617 -8.95 24.41 73.86
C LYS R 617 -8.13 25.40 73.03
N ASN R 618 -6.81 25.39 73.24
CA ASN R 618 -5.92 26.18 72.42
C ASN R 618 -5.52 25.37 71.20
N MET R 619 -6.02 25.77 70.02
CA MET R 619 -5.86 24.99 68.80
C MET R 619 -4.40 24.97 68.34
N ARG R 620 -4.02 23.88 67.71
CA ARG R 620 -2.69 23.77 67.10
C ARG R 620 -2.73 23.27 65.66
N SER R 621 -3.66 22.37 65.32
CA SER R 621 -3.74 21.84 63.96
C SER R 621 -4.11 22.94 62.97
N LEU R 622 -4.94 23.89 63.40
CA LEU R 622 -5.54 24.85 62.49
C LEU R 622 -4.51 25.82 61.91
N GLU R 623 -3.46 26.14 62.68
CA GLU R 623 -2.42 27.01 62.17
C GLU R 623 -1.69 26.34 61.01
N PRO R 624 -1.19 27.10 60.04
CA PRO R 624 -0.49 26.50 58.90
C PRO R 624 0.83 25.89 59.34
N PRO R 625 1.15 24.67 58.89
CA PRO R 625 2.39 23.97 59.25
C PRO R 625 3.65 24.74 58.91
N UNK S 1 -1.91 0.63 15.72
CA UNK S 1 -0.82 -0.27 15.40
C UNK S 1 0.49 0.50 15.22
N UNK S 2 0.81 1.35 16.19
CA UNK S 2 2.01 2.17 16.13
C UNK S 2 3.19 1.44 16.74
N UNK S 3 3.03 0.14 16.96
CA UNK S 3 4.06 -0.67 17.59
C UNK S 3 3.93 -2.13 17.19
N UNK S 4 4.83 -2.59 16.33
CA UNK S 4 4.77 -3.96 15.81
C UNK S 4 5.77 -4.87 16.51
N UNK S 8 13.80 -8.20 13.55
CA UNK S 8 15.25 -8.05 13.58
C UNK S 8 15.79 -8.13 15.01
N UNK S 9 17.10 -8.11 15.13
CA UNK S 9 17.76 -8.01 16.42
C UNK S 9 17.91 -6.54 16.76
N UNK S 10 18.13 -6.22 18.03
CA UNK S 10 18.30 -4.84 18.44
C UNK S 10 19.76 -4.41 18.33
N UNK S 11 20.02 -3.16 18.73
CA UNK S 11 21.35 -2.58 18.69
C UNK S 11 21.32 -1.24 19.44
N UNK S 12 21.67 -1.27 20.72
CA UNK S 12 21.61 -0.08 21.55
C UNK S 12 22.79 0.86 21.28
N UNK S 13 23.54 0.59 20.23
CA UNK S 13 24.66 1.44 19.85
C UNK S 13 24.17 2.80 19.36
ZN ZN T . 34.66 -4.50 6.92
ZN ZN U . 22.04 -14.25 -40.17
MG MG V . -12.18 8.86 20.01
ZN ZN W . 35.86 4.53 -8.20
ZN ZN X . -35.57 -42.28 -32.27
ZN ZN Y . -23.33 8.71 50.32
ZN ZN Z . 1.50 -30.96 50.83
#